data_4ZIV
#
_entry.id   4ZIV
#
_cell.length_a   152.278
_cell.length_b   157.491
_cell.length_c   219.155
_cell.angle_alpha   90.00
_cell.angle_beta   92.74
_cell.angle_gamma   90.00
#
_symmetry.space_group_name_H-M   'P 1 21 1'
#
loop_
_entity.id
_entity.type
_entity.pdbx_description
1 polymer 'Multidrug efflux pump subunit AcrB'
2 non-polymer DODECYL-BETA-D-MALTOSIDE
3 non-polymer 'NICKEL (II) ION'
#
_entity_poly.entity_id   1
_entity_poly.type   'polypeptide(L)'
_entity_poly.pdbx_seq_one_letter_code
;MPNFFIDRPIFAWVIAIIIMLAGGLAILKLPVAQYPTIAPPAVTISASYPGADAKTVQDTVTQVIEQNMNGIDNLMYMSS
NSDSTGTVQITLTFESGTDADIAQVQVQNKLQLAMPLLPQEVQQQGVSVEKSSSSFLMVVGVINTDGTMTQEDISDYVAA
NMKDAISRTSGVGDVQLFGSQYAMRIWMNPNELNKFQLTPVDVITAIKAQNAQVAAGQLGGTPPVKGQQLNASIIAQTRL
TSTEEFGKILLKVNQDGSRVLLRDVAKIELGGENYDIIAEFNGQPASGLGIKLATGANALDTAAAIRAELAKMEPFFPSG
LKIVYPYDTTPFVKISIHEVVKTLVEAIILVFLVMYLFLQNFRATLIPTIAVPVVLLGTFAVLAAFGFSINTLTMFGMVL
AIGLLVDDAIVVVENVERVMAEEGLPPKEATRKSMGQIQGALVGIAMVLSAVFVPMAFFGGSTGAIYRQFSITIVSAMAL
SVLVALILTPALCATMLKPIAKGDHGEGKKGFFGWFNRMFEKSTHHYTDSVGGILRSTGRYLVLYLIIVVGMAYLFVRLP
SSFLPDEDQGVFMTMVQLPAGATQERTQKVLNEVTHYYLTKEKNNVESVFAVNGAGAAGAGQNTGIAFVSLKDWADRPGE
ENKVEAITMRATRAFSQIKDAMVFAFNLPAIVELGTATGFDFELIDQAGLGHEKLTQARNQLLAEAAKHPDMLTSVRPNG
LEDTPQFKIDIDQEKAQALGVSINDINTTLGAAWGGSYVNDFIDRGRVKKVYVMSEAKYRMLPDDIGDWYVRAADGQMVP
FSAFSSSRWEYGSPRLERYNGLPSMEILGQAAPGKSTGEAMELMEQLASKLPTGVGYDWTGMSYQERLSGNQAPSLYAIS
LIVVFLCLAALYESWSIPFSVMLVVPLGVIGALLAATFRGLTNDVYFQVGLLTTIGLSAKNAILIVEFAKDLMDKEGKGL
IEATLDAVRMRLRPILMTSLAFILGVMPLVISTGAGSGAQNAVGTGVMGGMVTATVLAIFFVPVFFVVVRRRFSRKNEDI
EHSHTVDHH
;
_entity_poly.pdbx_strand_id   A,B,C,D,E,F
#
loop_
_chem_comp.id
_chem_comp.type
_chem_comp.name
_chem_comp.formula
LMT D-saccharide DODECYL-BETA-D-MALTOSIDE 'C24 H46 O11'
NI non-polymer 'NICKEL (II) ION' 'Ni 2'
#
# COMPACT_ATOMS: atom_id res chain seq x y z
N PRO A 2 -30.88 -12.65 -48.90
CA PRO A 2 -30.77 -13.14 -50.27
C PRO A 2 -30.00 -12.23 -51.23
N ASN A 3 -30.65 -11.87 -52.33
CA ASN A 3 -30.13 -10.87 -53.25
C ASN A 3 -30.07 -9.45 -52.64
N PHE A 4 -30.90 -9.18 -51.62
CA PHE A 4 -31.00 -7.83 -51.06
C PHE A 4 -29.62 -7.32 -50.73
N PHE A 5 -28.82 -8.23 -50.23
CA PHE A 5 -27.52 -7.88 -49.72
C PHE A 5 -26.44 -7.94 -50.79
N ILE A 6 -26.67 -8.72 -51.84
CA ILE A 6 -25.60 -8.96 -52.79
C ILE A 6 -25.28 -7.63 -53.46
N ASP A 7 -26.26 -6.71 -53.44
CA ASP A 7 -26.07 -5.33 -53.89
C ASP A 7 -26.09 -4.40 -52.71
N ARG A 8 -25.85 -4.92 -51.53
CA ARG A 8 -25.81 -4.04 -50.38
C ARG A 8 -24.83 -4.53 -49.33
N PRO A 9 -23.52 -4.46 -49.65
CA PRO A 9 -22.45 -4.97 -48.79
C PRO A 9 -22.39 -4.23 -47.45
N ILE A 10 -22.88 -2.97 -47.42
CA ILE A 10 -22.90 -2.24 -46.17
C ILE A 10 -24.06 -2.70 -45.29
N PHE A 11 -25.26 -2.90 -45.83
CA PHE A 11 -26.30 -3.39 -44.94
C PHE A 11 -25.81 -4.73 -44.36
N ALA A 12 -25.32 -5.62 -45.24
CA ALA A 12 -24.80 -6.97 -44.87
C ALA A 12 -23.71 -6.90 -43.79
N TRP A 13 -22.68 -6.10 -44.03
CA TRP A 13 -21.67 -5.83 -43.03
C TRP A 13 -22.29 -5.36 -41.70
N VAL A 14 -23.38 -4.59 -41.79
CA VAL A 14 -23.96 -4.06 -40.58
C VAL A 14 -24.68 -5.14 -39.80
N ILE A 15 -25.43 -5.99 -40.47
CA ILE A 15 -26.03 -7.14 -39.81
C ILE A 15 -24.95 -8.00 -39.15
N ALA A 16 -23.83 -8.19 -39.83
CA ALA A 16 -22.71 -8.91 -39.25
C ALA A 16 -22.20 -8.21 -37.98
N ILE A 17 -21.91 -6.92 -38.05
CA ILE A 17 -21.37 -6.16 -36.91
C ILE A 17 -22.32 -6.17 -35.70
N ILE A 18 -23.60 -6.05 -35.99
CA ILE A 18 -24.68 -6.14 -35.00
C ILE A 18 -24.76 -7.52 -34.31
N ILE A 19 -24.78 -8.58 -35.13
CA ILE A 19 -24.76 -9.96 -34.63
C ILE A 19 -23.51 -10.21 -33.79
N MET A 20 -22.37 -9.73 -34.27
CA MET A 20 -21.11 -9.88 -33.56
C MET A 20 -21.04 -9.19 -32.18
N LEU A 21 -21.50 -7.93 -32.12
CA LEU A 21 -21.48 -7.16 -30.88
C LEU A 21 -22.52 -7.69 -29.90
N ALA A 22 -23.63 -8.22 -30.41
CA ALA A 22 -24.58 -9.01 -29.60
C ALA A 22 -24.01 -10.34 -29.05
N GLY A 23 -23.18 -11.00 -29.85
CA GLY A 23 -22.52 -12.22 -29.44
C GLY A 23 -21.58 -11.94 -28.29
N GLY A 24 -20.68 -10.98 -28.53
CA GLY A 24 -19.72 -10.46 -27.56
C GLY A 24 -20.29 -9.80 -26.31
N LEU A 25 -21.42 -9.10 -26.47
CA LEU A 25 -22.11 -8.51 -25.32
C LEU A 25 -22.71 -9.63 -24.51
N ALA A 26 -23.31 -10.62 -25.18
CA ALA A 26 -23.84 -11.80 -24.52
C ALA A 26 -22.73 -12.68 -23.97
N ILE A 27 -21.48 -12.42 -24.36
CA ILE A 27 -20.31 -13.15 -23.83
C ILE A 27 -19.80 -12.44 -22.55
N LEU A 28 -19.90 -11.11 -22.52
CA LEU A 28 -19.53 -10.30 -21.35
C LEU A 28 -20.37 -10.61 -20.10
N LYS A 29 -21.69 -10.75 -20.30
CA LYS A 29 -22.70 -11.07 -19.26
C LYS A 29 -23.29 -12.50 -19.43
N LEU A 30 -22.50 -13.57 -19.42
CA LEU A 30 -23.07 -14.93 -19.64
C LEU A 30 -22.50 -15.94 -18.64
N PRO A 31 -23.40 -16.74 -18.02
CA PRO A 31 -23.06 -17.68 -16.93
C PRO A 31 -21.96 -18.63 -17.35
N VAL A 32 -21.18 -19.13 -16.39
CA VAL A 32 -20.18 -20.17 -16.67
C VAL A 32 -20.05 -21.22 -15.52
N ALA A 33 -20.08 -22.49 -15.87
CA ALA A 33 -19.82 -23.53 -14.89
C ALA A 33 -18.88 -24.56 -15.54
N GLN A 34 -18.33 -25.50 -14.76
CA GLN A 34 -17.43 -26.52 -15.32
C GLN A 34 -18.22 -27.33 -16.31
N TYR A 35 -19.37 -27.75 -15.82
CA TYR A 35 -20.38 -28.55 -16.51
C TYR A 35 -21.73 -27.88 -16.25
N PRO A 36 -22.81 -28.36 -16.90
CA PRO A 36 -23.97 -27.60 -16.47
C PRO A 36 -24.52 -27.98 -15.07
N THR A 37 -25.40 -27.13 -14.56
CA THR A 37 -26.16 -27.43 -13.36
C THR A 37 -26.90 -28.75 -13.59
N ILE A 38 -26.30 -29.83 -13.10
CA ILE A 38 -26.77 -31.19 -13.38
C ILE A 38 -27.09 -31.78 -12.03
N ALA A 39 -26.73 -31.01 -11.02
CA ALA A 39 -26.90 -31.38 -9.62
C ALA A 39 -28.35 -31.15 -9.16
N PRO A 40 -29.09 -32.26 -8.95
CA PRO A 40 -30.44 -32.36 -8.40
C PRO A 40 -30.57 -31.69 -7.08
N PRO A 41 -31.75 -31.19 -6.80
CA PRO A 41 -31.92 -30.47 -5.55
C PRO A 41 -32.12 -31.37 -4.35
N ALA A 42 -31.30 -31.15 -3.34
CA ALA A 42 -31.39 -31.88 -2.09
C ALA A 42 -31.46 -30.89 -0.97
N VAL A 43 -32.43 -31.06 -0.10
CA VAL A 43 -32.45 -30.26 1.10
C VAL A 43 -31.86 -31.07 2.26
N THR A 44 -31.01 -30.45 3.08
CA THR A 44 -30.42 -31.15 4.22
C THR A 44 -30.67 -30.46 5.57
N ILE A 45 -31.22 -31.21 6.50
CA ILE A 45 -31.37 -30.75 7.87
C ILE A 45 -30.24 -31.32 8.75
N SER A 46 -29.57 -30.45 9.50
CA SER A 46 -28.51 -30.91 10.39
C SER A 46 -28.88 -30.55 11.82
N ALA A 47 -28.80 -31.52 12.73
CA ALA A 47 -29.15 -31.26 14.13
C ALA A 47 -28.04 -31.77 15.04
N SER A 48 -27.71 -30.95 16.04
CA SER A 48 -26.64 -31.26 16.97
C SER A 48 -27.15 -31.52 18.40
N TYR A 49 -26.86 -32.70 18.94
CA TYR A 49 -27.29 -33.04 20.31
C TYR A 49 -26.11 -33.38 21.23
N PRO A 50 -25.35 -32.36 21.68
CA PRO A 50 -24.06 -32.60 22.36
C PRO A 50 -24.22 -33.55 23.55
N GLY A 51 -23.40 -34.60 23.57
CA GLY A 51 -23.50 -35.63 24.57
C GLY A 51 -24.26 -36.83 24.03
N ALA A 52 -25.19 -36.62 23.11
CA ALA A 52 -26.00 -37.73 22.62
C ALA A 52 -25.18 -38.74 21.86
N ASP A 53 -25.59 -40.00 21.94
CA ASP A 53 -24.98 -41.07 21.18
C ASP A 53 -25.85 -41.39 19.96
N ALA A 54 -25.36 -42.25 19.06
CA ALA A 54 -26.04 -42.48 17.79
C ALA A 54 -27.52 -42.83 17.96
N LYS A 55 -27.83 -43.76 18.85
CA LYS A 55 -29.22 -44.17 19.08
C LYS A 55 -30.08 -43.05 19.67
N THR A 56 -29.46 -42.19 20.46
CA THR A 56 -30.15 -41.04 21.08
C THR A 56 -30.43 -39.93 20.05
N VAL A 57 -29.49 -39.69 19.16
CA VAL A 57 -29.76 -38.74 18.09
C VAL A 57 -30.83 -39.32 17.18
N GLN A 58 -30.72 -40.59 16.79
CA GLN A 58 -31.74 -41.19 15.91
C GLN A 58 -33.13 -41.19 16.55
N ASP A 59 -33.21 -41.29 17.86
CA ASP A 59 -34.55 -41.43 18.40
C ASP A 59 -35.12 -40.18 19.07
N THR A 60 -34.28 -39.21 19.41
CA THR A 60 -34.82 -38.02 20.06
C THR A 60 -35.06 -36.89 19.04
N VAL A 61 -34.19 -36.80 18.05
CA VAL A 61 -34.32 -35.80 17.00
C VAL A 61 -34.73 -36.39 15.63
N THR A 62 -33.96 -37.36 15.10
CA THR A 62 -34.21 -37.88 13.76
C THR A 62 -35.66 -38.31 13.53
N GLN A 63 -36.15 -39.27 14.31
CA GLN A 63 -37.45 -39.82 13.98
C GLN A 63 -38.59 -38.83 14.23
N VAL A 64 -38.33 -37.81 15.05
CA VAL A 64 -39.36 -36.83 15.29
C VAL A 64 -39.39 -35.88 14.11
N ILE A 65 -38.30 -35.83 13.34
CA ILE A 65 -38.35 -35.01 12.14
C ILE A 65 -38.86 -35.75 10.89
N GLU A 66 -38.31 -36.93 10.62
CA GLU A 66 -38.75 -37.77 9.50
C GLU A 66 -40.25 -38.05 9.55
N GLN A 67 -40.84 -37.87 10.72
CA GLN A 67 -42.27 -38.10 10.86
C GLN A 67 -43.06 -36.88 10.51
N ASN A 68 -42.42 -35.73 10.49
CA ASN A 68 -43.14 -34.59 10.01
C ASN A 68 -42.87 -34.36 8.52
N MET A 69 -41.95 -35.14 7.95
CA MET A 69 -41.68 -35.03 6.53
C MET A 69 -42.67 -35.77 5.62
N ASN A 70 -43.79 -35.10 5.41
CA ASN A 70 -44.76 -35.50 4.41
C ASN A 70 -45.22 -34.18 3.81
N GLY A 71 -45.89 -34.21 2.65
CA GLY A 71 -46.39 -32.97 2.07
C GLY A 71 -45.29 -32.15 1.44
N ILE A 72 -44.10 -32.75 1.36
CA ILE A 72 -42.98 -32.18 0.63
C ILE A 72 -43.10 -32.49 -0.89
N ASP A 73 -43.02 -31.43 -1.72
CA ASP A 73 -43.29 -31.50 -3.16
C ASP A 73 -42.19 -32.23 -3.91
N ASN A 74 -42.54 -33.21 -4.75
CA ASN A 74 -41.53 -33.82 -5.61
C ASN A 74 -40.41 -34.44 -4.84
N LEU A 75 -40.76 -35.23 -3.85
CA LEU A 75 -39.76 -35.86 -3.03
C LEU A 75 -39.34 -37.16 -3.67
N MET A 76 -38.10 -37.25 -4.15
CA MET A 76 -37.58 -38.50 -4.72
C MET A 76 -37.22 -39.57 -3.67
N TYR A 77 -36.40 -39.19 -2.67
CA TYR A 77 -36.17 -40.06 -1.48
C TYR A 77 -35.67 -39.27 -0.28
N MET A 78 -35.83 -39.83 0.92
CA MET A 78 -35.22 -39.22 2.09
C MET A 78 -34.17 -40.21 2.65
N SER A 79 -32.98 -39.71 3.04
CA SER A 79 -31.94 -40.50 3.74
C SER A 79 -31.23 -39.79 4.93
N SER A 80 -31.18 -40.42 6.12
CA SER A 80 -30.60 -39.74 7.29
C SER A 80 -29.52 -40.51 8.11
N ASN A 81 -28.41 -39.80 8.37
CA ASN A 81 -27.29 -40.25 9.21
C ASN A 81 -27.43 -39.81 10.66
N SER A 82 -27.51 -40.80 11.54
CA SER A 82 -27.65 -40.52 12.94
C SER A 82 -26.40 -40.98 13.69
N ASP A 83 -25.53 -40.01 13.98
CA ASP A 83 -24.19 -40.21 14.53
C ASP A 83 -23.99 -40.16 16.04
N SER A 84 -22.93 -40.83 16.45
CA SER A 84 -22.47 -40.78 17.83
C SER A 84 -21.58 -39.56 17.99
N THR A 85 -21.92 -38.47 17.31
CA THR A 85 -21.33 -37.16 17.57
C THR A 85 -22.44 -36.19 17.81
N GLY A 86 -23.59 -36.75 18.16
CA GLY A 86 -24.77 -35.99 18.53
C GLY A 86 -25.51 -35.49 17.31
N THR A 87 -24.85 -35.55 16.17
CA THR A 87 -25.38 -34.95 14.96
C THR A 87 -26.18 -35.91 14.06
N VAL A 88 -27.28 -35.38 13.52
CA VAL A 88 -28.07 -36.04 12.51
C VAL A 88 -28.22 -35.21 11.23
N GLN A 89 -28.05 -35.85 10.08
CA GLN A 89 -28.33 -35.19 8.81
C GLN A 89 -29.38 -35.94 8.02
N ILE A 90 -30.51 -35.26 7.82
CA ILE A 90 -31.58 -35.77 6.99
C ILE A 90 -31.50 -35.10 5.64
N THR A 91 -31.38 -35.93 4.60
CA THR A 91 -31.22 -35.47 3.23
C THR A 91 -32.40 -35.89 2.34
N LEU A 92 -33.21 -34.92 1.91
CA LEU A 92 -34.33 -35.20 0.98
C LEU A 92 -33.92 -34.82 -0.43
N THR A 93 -33.80 -35.82 -1.30
CA THR A 93 -33.42 -35.63 -2.70
C THR A 93 -34.66 -35.55 -3.62
N PHE A 94 -34.69 -34.48 -4.41
CA PHE A 94 -35.82 -34.04 -5.21
C PHE A 94 -35.66 -34.35 -6.70
N GLU A 95 -36.82 -34.37 -7.38
CA GLU A 95 -36.87 -34.39 -8.83
C GLU A 95 -35.94 -33.29 -9.31
N SER A 96 -35.19 -33.52 -10.40
CA SER A 96 -34.15 -32.55 -10.79
C SER A 96 -34.73 -31.22 -11.25
N GLY A 97 -34.06 -30.12 -10.95
CA GLY A 97 -34.60 -28.83 -11.31
C GLY A 97 -35.87 -28.39 -10.56
N THR A 98 -36.23 -29.05 -9.43
CA THR A 98 -37.34 -28.55 -8.60
C THR A 98 -36.84 -27.25 -7.99
N ASP A 99 -37.73 -26.31 -7.70
CA ASP A 99 -37.37 -25.01 -7.15
C ASP A 99 -36.74 -25.19 -5.80
N ALA A 100 -35.46 -24.82 -5.70
CA ALA A 100 -34.72 -25.05 -4.48
C ALA A 100 -35.40 -24.35 -3.35
N ASP A 101 -35.62 -23.05 -3.54
CA ASP A 101 -36.18 -22.23 -2.49
C ASP A 101 -37.53 -22.76 -1.96
N ILE A 102 -38.44 -23.12 -2.85
CA ILE A 102 -39.76 -23.57 -2.44
C ILE A 102 -39.68 -24.84 -1.57
N ALA A 103 -38.88 -25.79 -2.03
CA ALA A 103 -38.64 -27.02 -1.31
C ALA A 103 -38.05 -26.70 0.05
N GLN A 104 -37.08 -25.78 0.11
CA GLN A 104 -36.46 -25.44 1.39
C GLN A 104 -37.54 -25.00 2.35
N VAL A 105 -38.38 -24.11 1.87
CA VAL A 105 -39.42 -23.59 2.73
C VAL A 105 -40.44 -24.66 3.15
N GLN A 106 -40.84 -25.56 2.25
CA GLN A 106 -41.77 -26.63 2.67
C GLN A 106 -41.22 -27.64 3.68
N VAL A 107 -40.00 -28.10 3.44
CA VAL A 107 -39.33 -29.03 4.36
C VAL A 107 -39.20 -28.34 5.73
N GLN A 108 -38.75 -27.08 5.69
CA GLN A 108 -38.58 -26.33 6.92
C GLN A 108 -39.95 -26.07 7.57
N ASN A 109 -41.02 -26.10 6.77
CA ASN A 109 -42.38 -25.95 7.28
C ASN A 109 -42.85 -27.18 8.01
N LYS A 110 -42.27 -28.33 7.68
CA LYS A 110 -42.56 -29.50 8.52
C LYS A 110 -41.63 -29.55 9.73
N LEU A 111 -40.43 -29.02 9.57
CA LEU A 111 -39.50 -28.84 10.68
C LEU A 111 -40.13 -27.97 11.76
N GLN A 112 -40.96 -27.00 11.37
CA GLN A 112 -41.67 -26.20 12.39
C GLN A 112 -42.79 -26.97 13.12
N LEU A 113 -43.20 -28.11 12.57
CA LEU A 113 -44.15 -29.00 13.25
C LEU A 113 -43.42 -30.00 14.15
N ALA A 114 -42.14 -30.27 13.84
CA ALA A 114 -41.32 -31.07 14.74
C ALA A 114 -40.63 -30.23 15.85
N MET A 115 -40.53 -28.92 15.67
CA MET A 115 -39.68 -28.14 16.57
C MET A 115 -39.99 -28.21 18.08
N PRO A 116 -41.26 -28.15 18.49
CA PRO A 116 -41.46 -28.23 19.95
C PRO A 116 -41.20 -29.61 20.56
N LEU A 117 -41.18 -30.65 19.74
CA LEU A 117 -41.06 -32.04 20.19
C LEU A 117 -39.58 -32.43 20.22
N LEU A 118 -38.72 -31.45 20.07
CA LEU A 118 -37.32 -31.70 20.23
C LEU A 118 -36.89 -31.11 21.56
N PRO A 119 -35.84 -31.69 22.12
CA PRO A 119 -35.16 -31.25 23.35
C PRO A 119 -34.70 -29.79 23.30
N GLN A 120 -34.40 -29.21 24.47
CA GLN A 120 -33.98 -27.82 24.56
C GLN A 120 -32.48 -27.64 24.37
N GLU A 121 -31.72 -28.71 24.59
CA GLU A 121 -30.30 -28.70 24.24
C GLU A 121 -30.14 -28.66 22.71
N VAL A 122 -30.94 -29.43 21.99
CA VAL A 122 -30.93 -29.43 20.52
C VAL A 122 -31.44 -28.09 19.95
N GLN A 123 -32.61 -27.67 20.42
CA GLN A 123 -33.20 -26.41 20.03
C GLN A 123 -32.27 -25.25 20.30
N GLN A 124 -31.39 -25.35 21.29
CA GLN A 124 -30.53 -24.19 21.55
C GLN A 124 -29.18 -24.37 20.85
N GLN A 125 -28.91 -25.60 20.41
CA GLN A 125 -27.65 -25.85 19.73
C GLN A 125 -27.78 -25.36 18.29
N GLY A 126 -29.02 -25.42 17.83
CA GLY A 126 -29.42 -24.95 16.52
C GLY A 126 -29.69 -26.11 15.60
N VAL A 127 -30.85 -26.10 14.96
CA VAL A 127 -31.14 -27.01 13.87
C VAL A 127 -31.01 -26.22 12.59
N SER A 128 -30.41 -26.80 11.56
CA SER A 128 -30.23 -26.05 10.32
C SER A 128 -30.91 -26.68 9.11
N VAL A 129 -31.65 -25.87 8.38
CA VAL A 129 -32.21 -26.30 7.10
C VAL A 129 -31.45 -25.68 5.95
N GLU A 130 -30.89 -26.50 5.05
CA GLU A 130 -30.04 -25.94 4.00
C GLU A 130 -30.26 -26.50 2.59
N LYS A 131 -29.86 -25.70 1.61
CA LYS A 131 -29.75 -26.15 0.24
C LYS A 131 -28.28 -26.08 -0.04
N SER A 132 -27.72 -27.18 -0.54
CA SER A 132 -26.29 -27.23 -0.68
C SER A 132 -25.80 -28.50 -1.34
N SER A 133 -25.01 -28.28 -2.40
CA SER A 133 -24.19 -29.30 -3.04
C SER A 133 -23.51 -30.17 -2.01
N SER A 134 -23.49 -31.47 -2.26
CA SER A 134 -22.85 -32.41 -1.36
C SER A 134 -21.32 -32.37 -1.44
N SER A 135 -20.78 -31.47 -2.26
CA SER A 135 -19.33 -31.32 -2.41
C SER A 135 -18.81 -29.97 -2.00
N PHE A 136 -17.51 -29.93 -1.73
CA PHE A 136 -16.85 -28.68 -1.41
C PHE A 136 -16.57 -27.84 -2.65
N LEU A 137 -17.14 -26.64 -2.68
CA LEU A 137 -16.79 -25.64 -3.66
C LEU A 137 -15.32 -25.18 -3.51
N MET A 138 -14.91 -24.87 -2.29
CA MET A 138 -13.51 -24.50 -2.01
C MET A 138 -13.19 -24.56 -0.51
N VAL A 139 -11.90 -24.64 -0.20
CA VAL A 139 -11.44 -24.50 1.17
C VAL A 139 -10.54 -23.28 1.36
N VAL A 140 -11.03 -22.25 2.06
CA VAL A 140 -10.22 -21.07 2.33
C VAL A 140 -9.47 -21.20 3.65
N GLY A 141 -8.16 -21.00 3.65
CA GLY A 141 -7.37 -21.20 4.86
C GLY A 141 -6.74 -19.98 5.47
N VAL A 142 -6.62 -19.91 6.80
CA VAL A 142 -5.85 -18.85 7.47
C VAL A 142 -4.83 -19.37 8.48
N ILE A 143 -3.61 -18.86 8.40
CA ILE A 143 -2.59 -19.26 9.36
C ILE A 143 -1.87 -18.02 9.82
N ASN A 144 -0.89 -18.23 10.70
CA ASN A 144 0.01 -17.19 11.13
C ASN A 144 1.44 -17.67 10.93
N THR A 145 2.21 -16.89 10.17
CA THR A 145 3.53 -17.28 9.68
C THR A 145 4.54 -17.41 10.81
N ASP A 146 4.39 -16.53 11.79
CA ASP A 146 5.28 -16.47 12.94
C ASP A 146 5.00 -17.58 13.95
N GLY A 147 3.74 -17.73 14.34
CA GLY A 147 3.42 -18.68 15.37
C GLY A 147 2.93 -17.84 16.52
N THR A 148 2.76 -16.55 16.24
CA THR A 148 2.48 -15.56 17.27
C THR A 148 1.16 -15.87 18.02
N MET A 149 0.44 -16.90 17.56
CA MET A 149 -0.77 -17.39 18.21
C MET A 149 -0.95 -18.87 17.88
N THR A 150 -1.66 -19.59 18.73
CA THR A 150 -1.86 -21.02 18.53
C THR A 150 -3.00 -21.23 17.59
N GLN A 151 -3.40 -22.48 17.43
CA GLN A 151 -4.53 -22.81 16.60
C GLN A 151 -5.87 -22.12 17.00
N GLU A 152 -6.36 -22.31 18.22
CA GLU A 152 -7.69 -21.83 18.62
C GLU A 152 -7.80 -20.30 18.65
N ASP A 153 -6.66 -19.64 18.81
CA ASP A 153 -6.58 -18.19 18.80
C ASP A 153 -7.09 -17.72 17.46
N ILE A 154 -6.37 -18.21 16.43
CA ILE A 154 -6.74 -18.08 15.03
C ILE A 154 -8.18 -18.51 14.79
N SER A 155 -8.47 -19.81 14.95
CA SER A 155 -9.81 -20.34 14.74
C SER A 155 -10.86 -19.42 15.28
N ASP A 156 -10.62 -18.84 16.44
CA ASP A 156 -11.53 -17.83 16.96
C ASP A 156 -11.57 -16.59 16.04
N TYR A 157 -10.42 -16.09 15.58
CA TYR A 157 -10.49 -14.91 14.71
C TYR A 157 -11.30 -15.25 13.44
N VAL A 158 -11.09 -16.46 12.92
CA VAL A 158 -11.83 -16.96 11.77
C VAL A 158 -13.33 -16.96 12.01
N ALA A 159 -13.78 -17.66 13.04
CA ALA A 159 -15.22 -17.74 13.36
C ALA A 159 -15.88 -16.41 13.81
N ALA A 160 -15.09 -15.46 14.33
CA ALA A 160 -15.63 -14.22 14.95
C ALA A 160 -15.37 -12.92 14.14
N ASN A 161 -14.63 -13.04 13.04
CA ASN A 161 -14.35 -11.90 12.16
C ASN A 161 -14.83 -12.09 10.69
N MET A 162 -14.77 -13.34 10.22
CA MET A 162 -14.94 -13.61 8.81
C MET A 162 -16.20 -14.41 8.56
N LYS A 163 -16.23 -15.64 9.06
CA LYS A 163 -17.25 -16.65 8.79
C LYS A 163 -18.68 -16.16 8.66
N ASP A 164 -19.04 -15.08 9.37
CA ASP A 164 -20.42 -14.59 9.32
C ASP A 164 -20.74 -13.99 7.96
N ALA A 165 -19.70 -13.44 7.32
CA ALA A 165 -19.87 -12.84 5.99
C ALA A 165 -19.66 -13.79 4.84
N ILE A 166 -18.78 -14.76 4.98
CA ILE A 166 -18.73 -15.77 3.95
C ILE A 166 -20.03 -16.52 3.94
N SER A 167 -20.60 -16.76 5.11
CA SER A 167 -21.85 -17.51 5.18
C SER A 167 -23.08 -16.68 4.85
N ARG A 168 -22.96 -15.35 4.72
CA ARG A 168 -24.12 -14.59 4.17
C ARG A 168 -24.04 -14.43 2.66
N THR A 169 -22.83 -14.35 2.09
CA THR A 169 -22.63 -14.20 0.65
C THR A 169 -23.63 -15.07 -0.10
N SER A 170 -24.33 -14.43 -1.05
CA SER A 170 -25.39 -15.08 -1.83
C SER A 170 -24.76 -16.14 -2.73
N GLY A 171 -25.18 -17.38 -2.57
CA GLY A 171 -24.65 -18.45 -3.39
C GLY A 171 -23.87 -19.45 -2.57
N VAL A 172 -23.67 -19.14 -1.28
CA VAL A 172 -22.96 -20.04 -0.35
C VAL A 172 -24.04 -20.74 0.44
N GLY A 173 -24.00 -22.06 0.40
CA GLY A 173 -24.93 -22.89 1.12
C GLY A 173 -24.24 -23.15 2.42
N ASP A 174 -23.59 -24.30 2.52
CA ASP A 174 -22.98 -24.71 3.78
C ASP A 174 -21.58 -24.10 4.02
N VAL A 175 -21.31 -23.52 5.19
CA VAL A 175 -19.91 -23.23 5.56
C VAL A 175 -19.53 -24.13 6.72
N GLN A 176 -18.39 -24.79 6.63
CA GLN A 176 -18.01 -25.68 7.71
C GLN A 176 -16.66 -25.17 8.19
N LEU A 177 -16.52 -24.96 9.49
CA LEU A 177 -15.24 -24.47 9.96
C LEU A 177 -14.46 -25.65 10.46
N PHE A 178 -13.16 -25.63 10.14
CA PHE A 178 -12.26 -26.63 10.66
C PHE A 178 -11.69 -25.97 11.90
N GLY A 179 -12.26 -26.34 13.04
CA GLY A 179 -11.94 -25.72 14.31
C GLY A 179 -13.10 -25.02 15.00
N SER A 180 -12.78 -24.17 15.98
CA SER A 180 -13.81 -23.59 16.86
C SER A 180 -13.61 -22.16 17.38
N GLN A 181 -14.74 -21.47 17.57
CA GLN A 181 -14.78 -20.12 18.12
C GLN A 181 -14.61 -20.09 19.64
N TYR A 182 -14.08 -18.99 20.19
CA TYR A 182 -13.87 -18.93 21.62
C TYR A 182 -15.15 -18.92 22.47
N ALA A 183 -15.10 -19.77 23.49
CA ALA A 183 -16.10 -19.85 24.54
C ALA A 183 -15.40 -19.68 25.87
N MET A 184 -16.16 -19.30 26.90
CA MET A 184 -15.66 -19.28 28.28
C MET A 184 -15.62 -20.71 28.75
N ARG A 185 -14.50 -21.37 28.54
CA ARG A 185 -14.37 -22.76 28.90
C ARG A 185 -13.95 -22.96 30.36
N ILE A 186 -14.87 -23.56 31.13
CA ILE A 186 -14.76 -23.73 32.58
C ILE A 186 -14.66 -25.18 32.97
N TRP A 187 -13.50 -25.59 33.45
CA TRP A 187 -13.22 -27.01 33.65
C TRP A 187 -13.28 -27.42 35.13
N MET A 188 -14.40 -28.04 35.48
CA MET A 188 -14.67 -28.45 36.84
C MET A 188 -13.64 -29.46 37.29
N ASN A 189 -13.37 -29.44 38.59
CA ASN A 189 -12.53 -30.42 39.27
C ASN A 189 -13.45 -31.18 40.22
N PRO A 190 -13.56 -32.51 40.04
CA PRO A 190 -14.54 -33.36 40.76
C PRO A 190 -14.19 -33.52 42.22
N ASN A 191 -12.89 -33.57 42.46
CA ASN A 191 -12.32 -33.54 43.77
C ASN A 191 -12.62 -32.18 44.41
N GLU A 192 -12.11 -31.11 43.80
CA GLU A 192 -12.33 -29.75 44.31
C GLU A 192 -13.80 -29.38 44.40
N LEU A 193 -14.66 -30.30 43.96
CA LEU A 193 -16.11 -30.12 44.07
C LEU A 193 -16.68 -30.96 45.18
N ASN A 194 -16.07 -32.12 45.40
CA ASN A 194 -16.48 -33.00 46.49
C ASN A 194 -16.08 -32.40 47.82
N LYS A 195 -14.97 -31.68 47.77
CA LYS A 195 -14.45 -30.95 48.89
C LYS A 195 -15.53 -30.08 49.53
N PHE A 196 -15.91 -29.01 48.86
CA PHE A 196 -16.86 -28.05 49.41
C PHE A 196 -18.30 -28.56 49.23
N GLN A 197 -18.44 -29.85 48.94
CA GLN A 197 -19.78 -30.45 48.82
C GLN A 197 -20.65 -29.82 47.72
N LEU A 198 -20.16 -29.81 46.48
CA LEU A 198 -20.83 -29.15 45.36
C LEU A 198 -20.90 -30.04 44.13
N THR A 199 -21.97 -29.92 43.38
CA THR A 199 -22.10 -30.64 42.11
C THR A 199 -22.09 -29.64 40.96
N PRO A 200 -21.83 -30.12 39.73
CA PRO A 200 -22.05 -29.34 38.52
C PRO A 200 -23.32 -28.49 38.56
N VAL A 201 -24.46 -29.03 38.96
CA VAL A 201 -25.73 -28.30 39.09
C VAL A 201 -25.61 -26.94 39.80
N ASP A 202 -24.72 -26.87 40.77
CA ASP A 202 -24.55 -25.63 41.49
C ASP A 202 -23.75 -24.70 40.60
N VAL A 203 -22.81 -25.26 39.82
CA VAL A 203 -22.09 -24.42 38.88
C VAL A 203 -23.08 -23.80 37.96
N ILE A 204 -23.93 -24.64 37.40
CA ILE A 204 -24.94 -24.22 36.43
C ILE A 204 -25.87 -23.15 36.99
N THR A 205 -26.56 -23.43 38.09
CA THR A 205 -27.56 -22.46 38.55
C THR A 205 -26.89 -21.17 38.99
N ALA A 206 -25.64 -21.30 39.46
CA ALA A 206 -24.86 -20.13 39.82
C ALA A 206 -24.59 -19.24 38.62
N ILE A 207 -24.00 -19.86 37.58
CA ILE A 207 -23.62 -19.17 36.36
C ILE A 207 -24.83 -18.58 35.64
N LYS A 208 -25.95 -19.29 35.70
CA LYS A 208 -27.22 -18.81 35.14
C LYS A 208 -27.72 -17.58 35.88
N ALA A 209 -27.73 -17.65 37.21
CA ALA A 209 -28.20 -16.54 38.01
C ALA A 209 -27.28 -15.30 37.98
N GLN A 210 -25.96 -15.50 38.06
CA GLN A 210 -25.01 -14.39 38.21
C GLN A 210 -24.68 -13.68 36.92
N ASN A 211 -24.78 -14.41 35.82
CA ASN A 211 -24.37 -13.93 34.51
C ASN A 211 -25.53 -13.71 33.57
N ALA A 212 -26.12 -12.52 33.63
CA ALA A 212 -27.20 -12.21 32.74
C ALA A 212 -27.38 -10.72 32.64
N GLN A 213 -28.18 -10.30 31.68
CA GLN A 213 -28.60 -8.92 31.52
C GLN A 213 -29.92 -8.77 32.23
N VAL A 214 -30.33 -7.56 32.58
CA VAL A 214 -31.64 -7.46 33.19
C VAL A 214 -32.44 -6.29 32.68
N ALA A 215 -33.70 -6.58 32.38
CA ALA A 215 -34.72 -5.62 32.04
C ALA A 215 -34.96 -4.68 33.21
N ALA A 216 -34.46 -3.46 33.10
CA ALA A 216 -34.45 -2.59 34.23
C ALA A 216 -35.56 -1.54 34.13
N GLY A 217 -35.53 -0.69 33.13
CA GLY A 217 -36.58 0.30 33.06
C GLY A 217 -36.03 1.69 32.96
N GLN A 218 -36.91 2.66 33.12
CA GLN A 218 -36.50 4.05 32.98
C GLN A 218 -36.96 4.90 34.15
N LEU A 219 -36.04 5.71 34.63
CA LEU A 219 -36.39 6.75 35.54
C LEU A 219 -37.33 7.63 34.75
N GLY A 220 -38.42 8.08 35.36
CA GLY A 220 -39.30 9.05 34.74
C GLY A 220 -40.01 8.52 33.50
N GLY A 221 -40.14 7.19 33.51
CA GLY A 221 -40.68 6.44 32.39
C GLY A 221 -42.11 6.71 31.96
N THR A 222 -42.51 5.90 31.00
CA THR A 222 -43.83 5.92 30.45
C THR A 222 -44.72 4.81 31.04
N PRO A 223 -45.90 5.19 31.54
CA PRO A 223 -46.38 6.58 31.67
C PRO A 223 -45.89 7.30 32.93
N PRO A 224 -45.50 8.58 32.80
CA PRO A 224 -44.90 9.42 33.85
C PRO A 224 -45.90 10.17 34.76
N VAL A 225 -45.37 10.93 35.72
CA VAL A 225 -46.17 11.83 36.54
C VAL A 225 -46.01 13.28 36.10
N LYS A 226 -47.05 14.06 36.33
CA LYS A 226 -47.11 15.43 35.85
C LYS A 226 -46.00 16.26 36.47
N GLY A 227 -45.50 17.22 35.70
CA GLY A 227 -44.41 18.07 36.15
C GLY A 227 -43.03 17.42 36.11
N GLN A 228 -42.96 16.24 35.51
CA GLN A 228 -41.69 15.51 35.39
C GLN A 228 -40.65 16.27 34.57
N GLN A 229 -39.39 15.86 34.68
CA GLN A 229 -38.36 16.50 33.89
C GLN A 229 -37.14 15.62 33.64
N LEU A 230 -37.08 14.45 34.28
CA LEU A 230 -35.99 13.50 34.04
C LEU A 230 -36.40 12.15 33.45
N ASN A 231 -35.64 11.73 32.45
CA ASN A 231 -35.87 10.48 31.74
C ASN A 231 -34.49 9.92 31.34
N ALA A 232 -34.16 8.72 31.81
CA ALA A 232 -32.86 8.11 31.54
C ALA A 232 -32.90 6.62 31.84
N SER A 233 -31.85 5.90 31.46
CA SER A 233 -31.88 4.43 31.45
C SER A 233 -31.35 3.73 32.68
N ILE A 234 -32.22 2.98 33.35
CA ILE A 234 -31.77 2.20 34.50
C ILE A 234 -30.97 1.02 33.98
N ILE A 235 -29.69 0.97 34.31
CA ILE A 235 -28.87 -0.21 34.00
C ILE A 235 -28.79 -1.16 35.20
N ALA A 236 -29.13 -2.43 34.99
CA ALA A 236 -29.04 -3.43 36.06
C ALA A 236 -27.85 -4.34 35.83
N GLN A 237 -28.03 -5.63 36.16
CA GLN A 237 -27.00 -6.69 36.06
C GLN A 237 -26.49 -6.88 34.63
N THR A 238 -25.18 -6.74 34.41
CA THR A 238 -24.60 -6.94 33.08
C THR A 238 -23.83 -8.23 32.96
N ARG A 239 -23.74 -8.77 31.75
CA ARG A 239 -23.04 -10.03 31.49
C ARG A 239 -21.58 -9.95 31.92
N LEU A 240 -20.96 -11.10 32.19
CA LEU A 240 -19.60 -11.13 32.73
C LEU A 240 -18.58 -11.02 31.61
N THR A 241 -17.96 -9.84 31.49
CA THR A 241 -17.19 -9.48 30.30
C THR A 241 -15.93 -10.30 30.15
N SER A 242 -15.20 -10.49 31.23
CA SER A 242 -13.85 -11.04 31.13
C SER A 242 -13.70 -12.45 31.69
N THR A 243 -12.48 -12.99 31.60
CA THR A 243 -12.16 -14.29 32.17
C THR A 243 -11.94 -14.35 33.70
N GLU A 244 -11.35 -13.31 34.29
CA GLU A 244 -11.17 -13.28 35.76
C GLU A 244 -12.51 -13.27 36.49
N GLU A 245 -13.32 -12.23 36.23
CA GLU A 245 -14.58 -12.03 36.94
C GLU A 245 -15.48 -13.26 36.86
N PHE A 246 -15.03 -14.26 36.11
CA PHE A 246 -15.66 -15.56 36.10
C PHE A 246 -15.17 -16.43 37.26
N GLY A 247 -13.92 -16.24 37.66
CA GLY A 247 -13.43 -16.92 38.85
C GLY A 247 -14.16 -16.45 40.09
N LYS A 248 -14.36 -15.14 40.17
CA LYS A 248 -15.02 -14.50 41.31
C LYS A 248 -16.49 -14.87 41.41
N ILE A 249 -16.95 -15.79 40.57
CA ILE A 249 -18.35 -16.16 40.64
C ILE A 249 -18.55 -16.87 41.96
N LEU A 250 -19.59 -16.47 42.69
CA LEU A 250 -19.77 -16.88 44.08
C LEU A 250 -20.73 -18.07 44.24
N LEU A 251 -20.15 -19.21 44.61
CA LEU A 251 -20.88 -20.48 44.62
C LEU A 251 -21.57 -20.75 45.94
N LYS A 252 -20.86 -20.43 47.03
CA LYS A 252 -21.29 -20.70 48.41
C LYS A 252 -20.39 -20.05 49.46
N VAL A 253 -20.99 -19.51 50.51
CA VAL A 253 -20.23 -18.99 51.66
C VAL A 253 -20.12 -20.03 52.77
N ASN A 254 -18.90 -20.22 53.28
CA ASN A 254 -18.67 -21.04 54.46
C ASN A 254 -19.29 -20.35 55.67
N GLN A 255 -19.48 -21.09 56.76
CA GLN A 255 -20.19 -20.55 57.92
C GLN A 255 -19.44 -19.37 58.48
N ASP A 256 -18.14 -19.35 58.23
CA ASP A 256 -17.21 -18.36 58.78
C ASP A 256 -16.88 -17.17 57.87
N GLY A 257 -17.43 -17.17 56.66
CA GLY A 257 -17.23 -16.08 55.71
C GLY A 257 -16.15 -16.30 54.63
N SER A 258 -15.33 -17.34 54.81
CA SER A 258 -14.38 -17.74 53.78
C SER A 258 -15.17 -18.37 52.66
N ARG A 259 -15.20 -17.73 51.50
CA ARG A 259 -16.13 -18.12 50.44
C ARG A 259 -15.59 -19.19 49.50
N VAL A 260 -16.50 -19.79 48.75
CA VAL A 260 -16.14 -20.72 47.69
C VAL A 260 -16.50 -20.10 46.34
N LEU A 261 -15.51 -19.58 45.65
CA LEU A 261 -15.71 -19.01 44.33
C LEU A 261 -15.53 -20.08 43.26
N LEU A 262 -15.97 -19.74 42.07
CA LEU A 262 -15.83 -20.62 40.93
C LEU A 262 -14.35 -20.93 40.64
N ARG A 263 -13.53 -19.89 40.81
CA ARG A 263 -12.07 -19.95 40.65
C ARG A 263 -11.44 -21.18 41.29
N ASP A 264 -12.02 -21.60 42.41
CA ASP A 264 -11.48 -22.66 43.27
C ASP A 264 -11.86 -24.05 42.79
N VAL A 265 -13.06 -24.17 42.26
CA VAL A 265 -13.61 -25.48 41.99
C VAL A 265 -13.34 -25.94 40.57
N ALA A 266 -12.80 -25.03 39.77
CA ALA A 266 -12.60 -25.26 38.33
C ALA A 266 -11.53 -24.35 37.76
N LYS A 267 -10.93 -24.76 36.64
CA LYS A 267 -10.01 -23.90 35.92
C LYS A 267 -10.77 -23.04 34.90
N ILE A 268 -10.38 -21.79 34.75
CA ILE A 268 -11.12 -20.92 33.83
C ILE A 268 -10.25 -20.40 32.67
N GLU A 269 -10.70 -20.69 31.44
CA GLU A 269 -9.94 -20.28 30.27
C GLU A 269 -10.78 -20.02 28.99
N LEU A 270 -10.37 -19.02 28.24
CA LEU A 270 -10.91 -18.75 26.91
C LEU A 270 -10.46 -19.85 25.93
N GLY A 271 -11.36 -20.77 25.59
CA GLY A 271 -11.02 -21.91 24.75
C GLY A 271 -12.09 -22.26 23.72
N GLY A 272 -11.85 -23.24 22.87
CA GLY A 272 -12.82 -23.59 21.85
C GLY A 272 -14.18 -24.11 22.32
N GLU A 273 -15.20 -23.98 21.46
CA GLU A 273 -16.55 -24.45 21.81
C GLU A 273 -16.65 -25.96 21.68
N ASN A 274 -15.64 -26.56 21.06
CA ASN A 274 -15.50 -28.03 20.99
C ASN A 274 -14.09 -28.31 20.44
N TYR A 275 -13.53 -29.47 20.76
CA TYR A 275 -12.14 -29.72 20.40
C TYR A 275 -11.99 -30.96 19.54
N ASP A 276 -12.98 -31.17 18.69
CA ASP A 276 -13.06 -32.34 17.79
C ASP A 276 -12.16 -32.29 16.57
N ILE A 277 -11.92 -31.09 16.08
CA ILE A 277 -11.24 -30.93 14.82
C ILE A 277 -9.97 -30.12 14.96
N ILE A 278 -8.86 -30.63 14.44
CA ILE A 278 -7.64 -29.83 14.50
C ILE A 278 -7.11 -29.61 13.12
N ALA A 279 -6.90 -28.34 12.85
CA ALA A 279 -6.60 -27.91 11.53
C ALA A 279 -5.16 -27.50 11.41
N GLU A 280 -4.39 -28.30 10.69
CA GLU A 280 -3.01 -27.92 10.42
C GLU A 280 -2.74 -27.76 8.92
N PHE A 281 -1.93 -26.76 8.61
CA PHE A 281 -1.45 -26.42 7.27
C PHE A 281 0.07 -26.52 7.19
N ASN A 282 0.57 -27.59 6.60
CA ASN A 282 2.01 -27.81 6.49
C ASN A 282 2.68 -27.93 7.85
N GLY A 283 1.95 -28.50 8.80
CA GLY A 283 2.48 -28.71 10.14
C GLY A 283 2.20 -27.57 11.08
N GLN A 284 2.06 -26.38 10.51
CA GLN A 284 1.79 -25.21 11.33
C GLN A 284 0.29 -25.14 11.65
N PRO A 285 -0.06 -24.76 12.88
CA PRO A 285 -1.47 -24.68 13.22
C PRO A 285 -2.19 -23.65 12.37
N ALA A 286 -3.42 -24.01 11.98
CA ALA A 286 -4.19 -23.26 11.00
C ALA A 286 -5.70 -23.31 11.20
N SER A 287 -6.40 -22.28 10.74
CA SER A 287 -7.85 -22.46 10.62
C SER A 287 -8.31 -22.22 9.18
N GLY A 288 -9.49 -22.73 8.85
CA GLY A 288 -9.98 -22.69 7.50
C GLY A 288 -11.47 -22.50 7.39
N LEU A 289 -11.95 -22.48 6.16
CA LEU A 289 -13.36 -22.47 5.85
C LEU A 289 -13.62 -23.41 4.73
N GLY A 290 -14.44 -24.42 4.98
CA GLY A 290 -14.87 -25.33 3.93
C GLY A 290 -16.22 -24.90 3.37
N ILE A 291 -16.16 -24.20 2.22
CA ILE A 291 -17.34 -23.64 1.59
C ILE A 291 -17.96 -24.60 0.59
N LYS A 292 -19.23 -24.95 0.83
CA LYS A 292 -20.05 -25.76 -0.07
C LYS A 292 -21.10 -24.89 -0.74
N LEU A 293 -21.15 -25.03 -2.08
CA LEU A 293 -21.96 -24.30 -3.05
C LEU A 293 -23.46 -24.59 -3.07
N ALA A 294 -24.30 -23.55 -3.12
CA ALA A 294 -25.76 -23.70 -3.07
C ALA A 294 -26.33 -24.30 -4.34
N THR A 295 -27.47 -24.98 -4.21
CA THR A 295 -28.06 -25.74 -5.33
C THR A 295 -28.34 -24.82 -6.48
N GLY A 296 -27.46 -24.82 -7.45
CA GLY A 296 -27.69 -24.02 -8.64
C GLY A 296 -26.98 -22.69 -8.77
N ALA A 297 -26.54 -22.09 -7.67
CA ALA A 297 -25.89 -20.79 -7.77
C ALA A 297 -24.61 -20.94 -8.63
N ASN A 298 -24.07 -19.85 -9.17
CA ASN A 298 -22.89 -20.00 -10.04
C ASN A 298 -21.63 -20.15 -9.23
N ALA A 299 -20.91 -21.23 -9.49
CA ALA A 299 -19.64 -21.48 -8.82
C ALA A 299 -18.61 -20.32 -8.91
N LEU A 300 -18.27 -19.93 -10.14
CA LEU A 300 -17.15 -19.01 -10.40
C LEU A 300 -17.45 -17.62 -9.78
N ASP A 301 -18.76 -17.36 -9.63
CA ASP A 301 -19.28 -16.10 -9.10
C ASP A 301 -19.45 -16.03 -7.57
N THR A 302 -19.81 -17.16 -6.95
CA THR A 302 -19.80 -17.28 -5.50
C THR A 302 -18.38 -17.08 -5.03
N ALA A 303 -17.46 -17.68 -5.77
CA ALA A 303 -16.02 -17.52 -5.54
C ALA A 303 -15.56 -16.07 -5.70
N ALA A 304 -16.05 -15.37 -6.73
CA ALA A 304 -15.70 -13.93 -6.82
C ALA A 304 -16.23 -13.11 -5.61
N ALA A 305 -17.46 -13.41 -5.16
CA ALA A 305 -18.08 -12.70 -4.03
C ALA A 305 -17.31 -12.90 -2.73
N ILE A 306 -16.87 -14.14 -2.55
CA ILE A 306 -16.02 -14.60 -1.43
C ILE A 306 -14.59 -13.98 -1.46
N ARG A 307 -13.98 -13.88 -2.65
CA ARG A 307 -12.70 -13.17 -2.76
C ARG A 307 -12.86 -11.70 -2.37
N ALA A 308 -14.01 -11.13 -2.72
CA ALA A 308 -14.29 -9.74 -2.34
C ALA A 308 -14.50 -9.55 -0.84
N GLU A 309 -15.23 -10.49 -0.20
CA GLU A 309 -15.52 -10.40 1.24
C GLU A 309 -14.23 -10.54 2.08
N LEU A 310 -13.42 -11.52 1.70
CA LEU A 310 -12.11 -11.75 2.30
C LEU A 310 -11.16 -10.56 2.11
N ALA A 311 -11.20 -9.95 0.92
CA ALA A 311 -10.40 -8.76 0.66
C ALA A 311 -10.88 -7.56 1.48
N LYS A 312 -12.16 -7.53 1.90
CA LYS A 312 -12.66 -6.49 2.84
C LYS A 312 -12.13 -6.71 4.25
N MET A 313 -11.93 -7.98 4.58
CA MET A 313 -11.43 -8.36 5.91
C MET A 313 -9.92 -8.32 6.07
N GLU A 314 -9.21 -8.17 4.96
CA GLU A 314 -7.75 -8.17 5.00
C GLU A 314 -7.09 -7.12 5.87
N PRO A 315 -7.58 -5.86 5.89
CA PRO A 315 -6.84 -4.84 6.67
C PRO A 315 -6.99 -4.75 8.22
N PHE A 316 -7.86 -5.56 8.83
CA PHE A 316 -8.12 -5.50 10.29
C PHE A 316 -7.77 -6.83 10.94
N PHE A 317 -6.92 -7.53 10.22
CA PHE A 317 -6.37 -8.79 10.64
C PHE A 317 -5.24 -8.49 11.62
N PRO A 318 -5.06 -9.37 12.63
CA PRO A 318 -3.97 -9.25 13.61
C PRO A 318 -2.58 -9.43 12.98
N SER A 319 -1.55 -9.59 13.81
CA SER A 319 -0.18 -9.69 13.32
C SER A 319 0.09 -10.97 12.52
N GLY A 320 0.44 -10.81 11.24
CA GLY A 320 0.87 -11.92 10.39
C GLY A 320 -0.08 -13.02 9.88
N LEU A 321 -1.36 -12.71 9.78
CA LEU A 321 -2.36 -13.70 9.37
C LEU A 321 -2.60 -13.84 7.87
N LYS A 322 -1.99 -14.85 7.23
CA LYS A 322 -2.14 -14.97 5.77
C LYS A 322 -3.12 -16.11 5.36
N ILE A 323 -3.90 -15.82 4.33
CA ILE A 323 -4.82 -16.80 3.79
C ILE A 323 -4.02 -17.66 2.85
N VAL A 324 -4.43 -18.91 2.72
CA VAL A 324 -3.76 -19.85 1.87
C VAL A 324 -4.82 -20.72 1.21
N TYR A 325 -4.47 -21.26 0.05
CA TYR A 325 -5.47 -21.83 -0.82
C TYR A 325 -5.19 -23.28 -1.17
N PRO A 326 -5.71 -24.18 -0.33
CA PRO A 326 -5.60 -25.63 -0.40
C PRO A 326 -6.48 -26.33 -1.41
N TYR A 327 -7.61 -25.73 -1.79
CA TYR A 327 -8.58 -26.46 -2.61
C TYR A 327 -9.65 -25.61 -3.34
N ASP A 328 -9.70 -25.70 -4.66
CA ASP A 328 -10.59 -24.85 -5.44
C ASP A 328 -10.97 -25.49 -6.79
N THR A 329 -12.23 -25.92 -6.99
CA THR A 329 -12.63 -26.46 -8.31
C THR A 329 -12.64 -25.37 -9.39
N THR A 330 -12.51 -24.12 -8.95
CA THR A 330 -12.69 -22.91 -9.75
C THR A 330 -11.59 -22.61 -10.84
N PRO A 331 -10.30 -22.53 -10.42
CA PRO A 331 -9.29 -22.11 -11.41
C PRO A 331 -9.21 -23.08 -12.60
N PHE A 332 -9.52 -24.34 -12.35
CA PHE A 332 -9.63 -25.34 -13.39
C PHE A 332 -10.78 -25.07 -14.37
N VAL A 333 -11.95 -24.67 -13.88
CA VAL A 333 -13.05 -24.39 -14.81
C VAL A 333 -12.65 -23.26 -15.76
N LYS A 334 -12.03 -22.22 -15.19
CA LYS A 334 -11.50 -21.10 -16.01
C LYS A 334 -10.37 -21.46 -17.00
N ILE A 335 -9.39 -22.23 -16.54
CA ILE A 335 -8.24 -22.52 -17.38
C ILE A 335 -8.56 -23.60 -18.43
N SER A 336 -9.39 -24.57 -18.06
CA SER A 336 -9.94 -25.57 -18.99
C SER A 336 -10.79 -24.98 -20.14
N ILE A 337 -11.79 -24.18 -19.77
CA ILE A 337 -12.60 -23.54 -20.80
C ILE A 337 -11.72 -22.50 -21.59
N HIS A 338 -10.77 -21.80 -20.92
CA HIS A 338 -9.75 -20.94 -21.62
C HIS A 338 -8.85 -21.66 -22.67
N GLU A 339 -8.51 -22.91 -22.40
CA GLU A 339 -7.72 -23.71 -23.34
C GLU A 339 -8.67 -24.06 -24.49
N VAL A 340 -9.98 -24.23 -24.20
CA VAL A 340 -10.94 -24.43 -25.30
C VAL A 340 -11.02 -23.15 -26.18
N VAL A 341 -10.83 -21.97 -25.57
CA VAL A 341 -10.71 -20.71 -26.35
C VAL A 341 -9.43 -20.57 -27.20
N LYS A 342 -8.28 -20.83 -26.58
CA LYS A 342 -7.01 -20.83 -27.29
C LYS A 342 -7.18 -21.67 -28.55
N THR A 343 -7.75 -22.86 -28.37
CA THR A 343 -8.07 -23.73 -29.51
C THR A 343 -9.00 -23.05 -30.54
N LEU A 344 -10.17 -22.53 -30.16
CA LEU A 344 -11.00 -21.88 -31.18
C LEU A 344 -10.18 -20.88 -31.99
N VAL A 345 -9.47 -19.98 -31.32
CA VAL A 345 -8.73 -18.99 -32.08
C VAL A 345 -7.63 -19.54 -33.00
N GLU A 346 -6.84 -20.46 -32.48
CA GLU A 346 -5.80 -21.08 -33.30
C GLU A 346 -6.41 -21.73 -34.54
N ALA A 347 -7.35 -22.65 -34.32
CA ALA A 347 -8.08 -23.37 -35.38
C ALA A 347 -8.56 -22.38 -36.43
N ILE A 348 -9.13 -21.26 -36.00
CA ILE A 348 -9.50 -20.22 -36.96
C ILE A 348 -8.30 -19.90 -37.83
N ILE A 349 -7.16 -19.66 -37.19
CA ILE A 349 -5.98 -19.26 -37.97
C ILE A 349 -5.48 -20.36 -38.92
N LEU A 350 -5.50 -21.61 -38.47
CA LEU A 350 -5.13 -22.73 -39.33
C LEU A 350 -5.97 -22.77 -40.58
N VAL A 351 -7.29 -22.79 -40.37
CA VAL A 351 -8.26 -22.84 -41.43
C VAL A 351 -7.94 -21.73 -42.42
N PHE A 352 -7.61 -20.55 -41.91
CA PHE A 352 -7.15 -19.49 -42.81
C PHE A 352 -5.94 -19.94 -43.67
N LEU A 353 -4.97 -20.63 -43.07
CA LEU A 353 -3.83 -21.07 -43.87
C LEU A 353 -4.21 -22.05 -44.98
N VAL A 354 -5.04 -23.02 -44.65
CA VAL A 354 -5.57 -23.88 -45.70
C VAL A 354 -6.23 -23.05 -46.81
N MET A 355 -6.91 -22.00 -46.40
CA MET A 355 -7.68 -21.19 -47.33
C MET A 355 -6.77 -20.35 -48.22
N TYR A 356 -5.62 -19.93 -47.71
CA TYR A 356 -4.64 -19.34 -48.63
C TYR A 356 -3.98 -20.37 -49.57
N LEU A 357 -3.66 -21.55 -49.09
CA LEU A 357 -2.95 -22.52 -49.93
C LEU A 357 -3.85 -23.16 -50.93
N PHE A 358 -5.08 -22.69 -50.99
CA PHE A 358 -5.91 -23.18 -52.05
C PHE A 358 -6.46 -22.03 -52.84
N LEU A 359 -6.41 -20.82 -52.29
CA LEU A 359 -7.06 -19.74 -52.98
C LEU A 359 -6.06 -18.68 -53.34
N GLN A 360 -4.84 -18.87 -52.88
CA GLN A 360 -3.69 -18.04 -53.25
C GLN A 360 -3.91 -16.52 -53.35
N ASN A 361 -5.10 -16.05 -52.98
CA ASN A 361 -5.42 -14.63 -52.89
C ASN A 361 -5.81 -14.22 -51.48
N PHE A 362 -4.89 -13.52 -50.84
CA PHE A 362 -4.88 -13.17 -49.43
C PHE A 362 -6.11 -12.42 -48.94
N ARG A 363 -6.58 -11.46 -49.74
CA ARG A 363 -7.72 -10.65 -49.35
C ARG A 363 -9.02 -11.45 -49.46
N ALA A 364 -9.09 -12.25 -50.50
CA ALA A 364 -10.24 -13.10 -50.75
C ALA A 364 -10.39 -14.22 -49.73
N THR A 365 -9.25 -14.69 -49.22
CA THR A 365 -9.20 -15.87 -48.37
C THR A 365 -9.94 -15.50 -47.10
N LEU A 366 -10.00 -14.19 -46.82
CA LEU A 366 -10.73 -13.65 -45.66
C LEU A 366 -12.21 -13.95 -45.65
N ILE A 367 -12.77 -14.28 -46.80
CA ILE A 367 -14.22 -14.50 -46.90
C ILE A 367 -14.69 -15.64 -46.00
N PRO A 368 -14.09 -16.84 -46.08
CA PRO A 368 -14.53 -17.73 -45.00
C PRO A 368 -13.90 -17.44 -43.60
N THR A 369 -12.71 -16.83 -43.54
CA THR A 369 -12.04 -16.55 -42.26
C THR A 369 -12.80 -15.51 -41.40
N ILE A 370 -13.50 -14.59 -42.04
CA ILE A 370 -14.27 -13.61 -41.31
C ILE A 370 -15.64 -14.20 -40.98
N ALA A 371 -16.04 -15.18 -41.78
CA ALA A 371 -17.38 -15.82 -41.68
C ALA A 371 -17.64 -16.56 -40.39
N VAL A 372 -16.57 -17.09 -39.79
CA VAL A 372 -16.65 -17.92 -38.60
C VAL A 372 -16.68 -17.13 -37.26
N PRO A 373 -15.82 -16.07 -37.06
CA PRO A 373 -16.04 -15.20 -35.89
C PRO A 373 -17.49 -14.79 -35.72
N VAL A 374 -18.13 -14.50 -36.85
CA VAL A 374 -19.50 -14.06 -36.93
C VAL A 374 -20.58 -15.05 -36.49
N VAL A 375 -20.63 -16.24 -37.08
CA VAL A 375 -21.67 -17.25 -36.82
C VAL A 375 -21.51 -17.81 -35.42
N LEU A 376 -20.28 -17.84 -34.95
CA LEU A 376 -20.05 -18.29 -33.59
C LEU A 376 -20.58 -17.26 -32.59
N LEU A 377 -20.01 -16.04 -32.56
CA LEU A 377 -20.45 -14.97 -31.64
C LEU A 377 -21.96 -14.90 -31.49
N GLY A 378 -22.64 -14.92 -32.62
CA GLY A 378 -24.09 -14.89 -32.67
C GLY A 378 -24.71 -16.05 -31.94
N THR A 379 -24.08 -17.22 -32.06
CA THR A 379 -24.51 -18.44 -31.36
C THR A 379 -24.47 -18.22 -29.84
N PHE A 380 -23.42 -17.56 -29.31
CA PHE A 380 -23.34 -17.18 -27.88
C PHE A 380 -24.49 -16.38 -27.39
N ALA A 381 -24.94 -15.48 -28.25
CA ALA A 381 -26.09 -14.67 -27.95
C ALA A 381 -27.39 -15.46 -28.12
N VAL A 382 -27.51 -16.33 -29.13
CA VAL A 382 -28.72 -17.20 -29.29
C VAL A 382 -28.85 -18.17 -28.12
N LEU A 383 -27.71 -18.62 -27.62
CA LEU A 383 -27.64 -19.45 -26.42
C LEU A 383 -27.99 -18.52 -25.23
N ALA A 384 -27.41 -17.31 -25.16
CA ALA A 384 -27.69 -16.32 -24.08
C ALA A 384 -29.18 -16.03 -23.96
N ALA A 385 -29.83 -15.99 -25.11
CA ALA A 385 -31.25 -15.76 -25.24
C ALA A 385 -32.05 -16.99 -24.88
N PHE A 386 -31.50 -18.16 -25.15
CA PHE A 386 -32.23 -19.41 -24.88
C PHE A 386 -31.95 -20.04 -23.48
N GLY A 387 -31.22 -19.32 -22.61
CA GLY A 387 -31.05 -19.70 -21.20
C GLY A 387 -29.86 -20.52 -20.74
N PHE A 388 -28.91 -20.69 -21.63
CA PHE A 388 -27.78 -21.52 -21.40
C PHE A 388 -26.62 -20.80 -20.73
N SER A 389 -25.52 -21.53 -20.56
CA SER A 389 -24.28 -20.99 -20.01
C SER A 389 -23.08 -21.26 -20.92
N ILE A 390 -22.02 -20.47 -20.73
CA ILE A 390 -20.76 -20.79 -21.36
C ILE A 390 -20.17 -21.92 -20.52
N ASN A 391 -20.40 -23.16 -20.91
CA ASN A 391 -19.82 -24.26 -20.15
C ASN A 391 -18.91 -25.07 -21.03
N THR A 392 -18.46 -26.21 -20.54
CA THR A 392 -17.59 -27.03 -21.34
C THR A 392 -18.35 -27.60 -22.52
N LEU A 393 -19.52 -28.17 -22.26
CA LEU A 393 -20.28 -28.90 -23.30
C LEU A 393 -20.56 -28.01 -24.53
N THR A 394 -21.03 -26.79 -24.28
CA THR A 394 -21.39 -25.89 -25.36
C THR A 394 -20.08 -25.35 -26.02
N MET A 395 -19.00 -25.13 -25.26
CA MET A 395 -17.69 -24.75 -25.87
C MET A 395 -17.18 -25.76 -26.89
N PHE A 396 -17.22 -27.02 -26.50
CA PHE A 396 -16.81 -28.08 -27.40
C PHE A 396 -17.81 -28.18 -28.51
N GLY A 397 -19.03 -27.72 -28.26
CA GLY A 397 -19.99 -27.55 -29.33
C GLY A 397 -19.51 -26.50 -30.33
N MET A 398 -18.77 -25.51 -29.82
CA MET A 398 -18.30 -24.41 -30.66
C MET A 398 -17.28 -24.96 -31.61
N VAL A 399 -16.27 -25.55 -31.00
CA VAL A 399 -15.21 -26.16 -31.76
C VAL A 399 -15.78 -27.16 -32.76
N LEU A 400 -16.65 -28.04 -32.31
CA LEU A 400 -17.25 -29.07 -33.16
C LEU A 400 -18.11 -28.55 -34.29
N ALA A 401 -18.63 -27.33 -34.18
CA ALA A 401 -19.46 -26.84 -35.27
C ALA A 401 -18.67 -25.89 -36.17
N ILE A 402 -17.36 -25.70 -35.90
CA ILE A 402 -16.53 -24.99 -36.88
C ILE A 402 -16.51 -25.73 -38.21
N GLY A 403 -16.57 -27.06 -38.16
CA GLY A 403 -16.49 -27.88 -39.37
C GLY A 403 -17.66 -27.69 -40.31
N LEU A 404 -18.82 -27.47 -39.72
CA LEU A 404 -20.04 -27.19 -40.45
C LEU A 404 -20.03 -25.70 -40.95
N LEU A 405 -19.53 -24.76 -40.12
CA LEU A 405 -19.50 -23.33 -40.52
C LEU A 405 -18.55 -23.05 -41.70
N VAL A 406 -17.34 -23.57 -41.53
CA VAL A 406 -16.30 -23.54 -42.54
C VAL A 406 -16.82 -24.22 -43.80
N ASP A 407 -17.50 -25.38 -43.63
CA ASP A 407 -18.01 -26.12 -44.78
C ASP A 407 -18.87 -25.13 -45.57
N ASP A 408 -19.84 -24.47 -44.90
CA ASP A 408 -20.71 -23.49 -45.63
C ASP A 408 -19.97 -22.33 -46.38
N ALA A 409 -19.17 -21.58 -45.62
CA ALA A 409 -18.41 -20.49 -46.19
C ALA A 409 -17.67 -20.93 -47.45
N ILE A 410 -16.95 -22.03 -47.30
CA ILE A 410 -16.19 -22.61 -48.39
C ILE A 410 -17.04 -23.03 -49.59
N VAL A 411 -18.11 -23.79 -49.37
CA VAL A 411 -18.97 -24.23 -50.49
C VAL A 411 -19.31 -23.02 -51.31
N VAL A 412 -19.69 -21.92 -50.64
CA VAL A 412 -20.02 -20.71 -51.39
C VAL A 412 -18.84 -20.06 -52.17
N VAL A 413 -17.78 -19.69 -51.46
CA VAL A 413 -16.69 -19.04 -52.15
C VAL A 413 -16.21 -19.88 -53.31
N GLU A 414 -16.08 -21.17 -53.06
CA GLU A 414 -15.63 -22.08 -54.07
C GLU A 414 -16.53 -22.09 -55.26
N ASN A 415 -17.82 -22.34 -55.06
CA ASN A 415 -18.73 -22.49 -56.22
C ASN A 415 -18.63 -21.25 -57.12
N VAL A 416 -18.46 -20.09 -56.47
CA VAL A 416 -18.20 -18.81 -57.15
C VAL A 416 -16.97 -18.93 -58.03
N GLU A 417 -15.86 -19.27 -57.40
CA GLU A 417 -14.65 -19.42 -58.15
C GLU A 417 -14.89 -20.31 -59.34
N ARG A 418 -15.07 -21.60 -59.06
CA ARG A 418 -15.36 -22.66 -60.03
C ARG A 418 -16.09 -22.10 -61.26
N VAL A 419 -17.14 -21.28 -60.99
CA VAL A 419 -17.86 -20.52 -62.05
C VAL A 419 -16.99 -19.49 -62.77
N MET A 420 -16.13 -18.80 -62.04
CA MET A 420 -15.28 -17.84 -62.71
C MET A 420 -14.26 -18.58 -63.56
N ALA A 421 -13.78 -19.71 -63.08
CA ALA A 421 -12.80 -20.47 -63.81
C ALA A 421 -13.40 -21.27 -64.98
N GLU A 422 -14.72 -21.45 -65.02
CA GLU A 422 -15.32 -22.25 -66.10
C GLU A 422 -15.83 -21.30 -67.20
N GLU A 423 -16.29 -20.10 -66.85
CA GLU A 423 -16.96 -19.19 -67.81
C GLU A 423 -16.38 -17.79 -67.93
N GLY A 424 -15.63 -17.36 -66.93
CA GLY A 424 -15.04 -16.03 -66.99
C GLY A 424 -15.86 -14.82 -66.56
N LEU A 425 -17.01 -15.11 -65.98
CA LEU A 425 -17.93 -14.13 -65.43
C LEU A 425 -17.26 -13.24 -64.39
N PRO A 426 -17.62 -11.96 -64.31
CA PRO A 426 -17.07 -11.14 -63.22
C PRO A 426 -17.67 -11.50 -61.89
N PRO A 427 -16.92 -11.30 -60.79
CA PRO A 427 -17.29 -11.72 -59.44
C PRO A 427 -18.77 -11.50 -59.11
N LYS A 428 -19.32 -10.33 -59.43
CA LYS A 428 -20.72 -10.08 -59.14
C LYS A 428 -21.59 -11.20 -59.73
N GLU A 429 -21.40 -11.44 -61.02
CA GLU A 429 -22.19 -12.42 -61.79
C GLU A 429 -21.92 -13.85 -61.34
N ALA A 430 -20.67 -14.12 -60.99
CA ALA A 430 -20.30 -15.42 -60.45
C ALA A 430 -21.08 -15.65 -59.16
N THR A 431 -21.26 -14.60 -58.37
CA THR A 431 -21.99 -14.73 -57.13
C THR A 431 -23.44 -15.03 -57.36
N ARG A 432 -24.10 -14.22 -58.19
CA ARG A 432 -25.51 -14.52 -58.37
C ARG A 432 -25.67 -15.91 -58.93
N LYS A 433 -24.83 -16.30 -59.88
CA LYS A 433 -24.89 -17.67 -60.44
C LYS A 433 -24.66 -18.78 -59.43
N SER A 434 -23.64 -18.65 -58.59
CA SER A 434 -23.31 -19.73 -57.68
C SER A 434 -24.42 -19.82 -56.67
N MET A 435 -24.94 -18.68 -56.21
CA MET A 435 -26.03 -18.78 -55.25
C MET A 435 -27.24 -19.43 -55.89
N GLY A 436 -27.49 -19.11 -57.15
CA GLY A 436 -28.56 -19.76 -57.86
C GLY A 436 -28.35 -21.26 -57.78
N GLN A 437 -27.09 -21.67 -57.79
CA GLN A 437 -26.76 -23.09 -57.70
C GLN A 437 -26.83 -23.73 -56.28
N ILE A 438 -26.26 -23.08 -55.28
CA ILE A 438 -26.11 -23.68 -53.96
C ILE A 438 -26.96 -23.13 -52.80
N GLN A 439 -27.65 -22.02 -53.00
CA GLN A 439 -28.41 -21.35 -51.93
C GLN A 439 -29.44 -22.24 -51.20
N GLY A 440 -30.35 -22.78 -52.02
CA GLY A 440 -31.41 -23.68 -51.57
C GLY A 440 -30.77 -24.87 -50.91
N ALA A 441 -29.69 -25.34 -51.53
CA ALA A 441 -28.92 -26.44 -51.00
C ALA A 441 -28.51 -26.13 -49.56
N LEU A 442 -27.88 -24.98 -49.33
CA LEU A 442 -27.45 -24.63 -47.98
C LEU A 442 -28.60 -24.69 -47.02
N VAL A 443 -29.78 -24.27 -47.47
CA VAL A 443 -30.91 -24.42 -46.57
C VAL A 443 -31.29 -25.90 -46.25
N GLY A 444 -31.41 -26.71 -47.31
CA GLY A 444 -31.61 -28.15 -47.23
C GLY A 444 -30.63 -28.89 -46.31
N ILE A 445 -29.33 -28.61 -46.46
CA ILE A 445 -28.33 -29.20 -45.58
C ILE A 445 -28.56 -28.77 -44.14
N ALA A 446 -28.87 -27.50 -43.88
CA ALA A 446 -29.03 -27.15 -42.46
C ALA A 446 -30.20 -27.87 -41.81
N MET A 447 -31.32 -27.97 -42.52
CA MET A 447 -32.51 -28.58 -41.92
C MET A 447 -32.64 -30.14 -42.06
N VAL A 448 -31.81 -30.75 -42.92
CA VAL A 448 -31.65 -32.23 -42.97
C VAL A 448 -30.63 -32.60 -41.86
N LEU A 449 -29.78 -31.64 -41.49
CA LEU A 449 -28.79 -31.78 -40.41
C LEU A 449 -29.38 -31.64 -39.00
N SER A 450 -30.38 -30.76 -38.88
CA SER A 450 -31.04 -30.65 -37.60
C SER A 450 -31.90 -31.91 -37.40
N ALA A 451 -32.16 -32.63 -38.50
CA ALA A 451 -32.84 -33.93 -38.47
C ALA A 451 -31.98 -35.00 -37.79
N VAL A 452 -30.72 -34.69 -37.53
CA VAL A 452 -29.90 -35.56 -36.70
C VAL A 452 -29.50 -34.92 -35.36
N PHE A 453 -29.33 -33.60 -35.28
CA PHE A 453 -28.76 -33.02 -34.04
C PHE A 453 -29.77 -32.78 -32.95
N VAL A 454 -31.03 -32.88 -33.31
CA VAL A 454 -32.10 -32.70 -32.37
C VAL A 454 -32.38 -33.94 -31.52
N PRO A 455 -32.48 -35.16 -32.13
CA PRO A 455 -32.84 -36.28 -31.26
C PRO A 455 -31.93 -36.47 -30.03
N MET A 456 -30.66 -36.09 -30.10
CA MET A 456 -29.86 -36.21 -28.89
C MET A 456 -30.22 -35.06 -27.94
N ALA A 457 -31.25 -34.28 -28.27
CA ALA A 457 -31.71 -33.26 -27.35
C ALA A 457 -32.81 -33.87 -26.48
N PHE A 458 -33.31 -35.05 -26.87
CA PHE A 458 -34.45 -35.65 -26.16
C PHE A 458 -34.12 -36.83 -25.21
N PHE A 459 -32.83 -37.04 -24.91
CA PHE A 459 -32.43 -38.13 -23.99
C PHE A 459 -32.78 -37.74 -22.55
N GLY A 460 -32.75 -38.70 -21.63
CA GLY A 460 -33.26 -38.45 -20.29
C GLY A 460 -32.27 -38.26 -19.15
N GLY A 461 -32.68 -37.47 -18.16
CA GLY A 461 -31.87 -37.17 -16.98
C GLY A 461 -30.87 -36.01 -17.06
N SER A 462 -29.87 -36.03 -16.19
CA SER A 462 -28.81 -35.02 -16.18
C SER A 462 -27.93 -35.26 -17.41
N THR A 463 -27.93 -36.52 -17.85
CA THR A 463 -27.30 -36.91 -19.12
C THR A 463 -27.98 -36.15 -20.28
N GLY A 464 -29.29 -36.00 -20.20
CA GLY A 464 -30.05 -35.20 -21.16
C GLY A 464 -29.55 -33.76 -21.18
N ALA A 465 -29.19 -33.23 -20.02
CA ALA A 465 -28.61 -31.88 -19.93
C ALA A 465 -27.33 -31.88 -20.73
N ILE A 466 -26.51 -32.87 -20.43
CA ILE A 466 -25.27 -33.03 -21.16
C ILE A 466 -25.41 -33.01 -22.67
N TYR A 467 -26.29 -33.84 -23.22
CA TYR A 467 -26.49 -33.93 -24.67
C TYR A 467 -27.18 -32.71 -25.33
N ARG A 468 -28.17 -32.19 -24.64
CA ARG A 468 -28.97 -31.09 -25.14
C ARG A 468 -28.15 -29.80 -25.27
N GLN A 469 -27.19 -29.56 -24.35
CA GLN A 469 -26.29 -28.39 -24.49
C GLN A 469 -25.61 -28.34 -25.89
N PHE A 470 -25.10 -29.51 -26.29
CA PHE A 470 -24.56 -29.77 -27.62
C PHE A 470 -25.58 -29.70 -28.74
N SER A 471 -26.70 -30.40 -28.58
CA SER A 471 -27.76 -30.44 -29.59
C SER A 471 -28.14 -29.00 -29.99
N ILE A 472 -28.35 -28.13 -28.98
CA ILE A 472 -28.74 -26.71 -29.12
C ILE A 472 -27.62 -25.74 -29.62
N THR A 473 -26.41 -25.86 -29.07
CA THR A 473 -25.31 -25.04 -29.57
C THR A 473 -25.07 -25.35 -31.04
N ILE A 474 -25.07 -26.64 -31.38
CA ILE A 474 -24.73 -27.04 -32.73
C ILE A 474 -25.85 -26.77 -33.73
N VAL A 475 -27.12 -27.09 -33.43
CA VAL A 475 -28.21 -26.72 -34.37
C VAL A 475 -28.29 -25.18 -34.53
N SER A 476 -27.98 -24.43 -33.46
CA SER A 476 -28.07 -22.95 -33.51
C SER A 476 -26.91 -22.30 -34.30
N ALA A 477 -25.68 -22.72 -34.02
CA ALA A 477 -24.56 -22.31 -34.84
C ALA A 477 -24.89 -22.70 -36.28
N MET A 478 -25.57 -23.83 -36.47
CA MET A 478 -25.90 -24.33 -37.81
C MET A 478 -26.87 -23.40 -38.57
N ALA A 479 -27.95 -23.00 -37.89
CA ALA A 479 -28.88 -22.00 -38.44
C ALA A 479 -28.14 -20.72 -38.79
N LEU A 480 -27.45 -20.16 -37.81
CA LEU A 480 -26.72 -18.93 -38.03
C LEU A 480 -25.73 -18.98 -39.18
N SER A 481 -25.12 -20.13 -39.38
CA SER A 481 -24.11 -20.27 -40.42
C SER A 481 -24.79 -20.25 -41.79
N VAL A 482 -25.95 -20.91 -41.90
CA VAL A 482 -26.72 -20.75 -43.14
C VAL A 482 -27.20 -19.26 -43.31
N LEU A 483 -27.52 -18.58 -42.21
CA LEU A 483 -27.91 -17.17 -42.25
C LEU A 483 -26.81 -16.29 -42.82
N VAL A 484 -25.62 -16.40 -42.25
CA VAL A 484 -24.49 -15.62 -42.73
C VAL A 484 -24.15 -15.98 -44.16
N ALA A 485 -24.17 -17.27 -44.43
CA ALA A 485 -23.98 -17.74 -45.78
C ALA A 485 -24.96 -17.08 -46.76
N LEU A 486 -26.16 -16.70 -46.30
CA LEU A 486 -27.12 -16.08 -47.22
C LEU A 486 -26.96 -14.56 -47.30
N ILE A 487 -26.31 -13.94 -46.31
CA ILE A 487 -26.22 -12.47 -46.28
C ILE A 487 -24.80 -11.93 -46.45
N LEU A 488 -23.93 -12.32 -45.53
CA LEU A 488 -22.62 -11.72 -45.46
C LEU A 488 -21.68 -12.19 -46.54
N THR A 489 -21.50 -13.50 -46.65
CA THR A 489 -20.59 -14.07 -47.63
C THR A 489 -20.92 -13.79 -49.10
N PRO A 490 -22.16 -14.02 -49.58
CA PRO A 490 -22.31 -13.73 -51.02
C PRO A 490 -22.02 -12.25 -51.32
N ALA A 491 -22.31 -11.40 -50.34
CA ALA A 491 -22.00 -9.99 -50.43
C ALA A 491 -20.47 -9.81 -50.50
N LEU A 492 -19.73 -10.45 -49.61
CA LEU A 492 -18.30 -10.28 -49.69
C LEU A 492 -17.73 -11.02 -50.85
N CYS A 493 -18.54 -11.74 -51.59
CA CYS A 493 -17.98 -12.62 -52.60
C CYS A 493 -18.05 -11.81 -53.87
N ALA A 494 -19.16 -11.09 -53.98
CA ALA A 494 -19.34 -10.18 -55.08
C ALA A 494 -18.44 -8.97 -54.82
N THR A 495 -17.85 -8.89 -53.62
CA THR A 495 -17.17 -7.66 -53.19
C THR A 495 -15.65 -7.68 -53.02
N MET A 496 -15.06 -8.81 -52.69
CA MET A 496 -13.63 -8.78 -52.49
C MET A 496 -12.92 -9.88 -53.25
N LEU A 497 -13.70 -10.77 -53.82
CA LEU A 497 -13.20 -11.84 -54.65
C LEU A 497 -12.66 -11.22 -55.97
N LYS A 498 -11.42 -11.53 -56.30
CA LYS A 498 -10.72 -10.97 -57.49
C LYS A 498 -11.13 -11.65 -58.82
N PRO A 499 -11.32 -10.87 -59.88
CA PRO A 499 -11.88 -11.54 -61.07
C PRO A 499 -10.91 -12.47 -61.79
N ILE A 500 -11.45 -13.60 -62.18
CA ILE A 500 -10.69 -14.65 -62.82
C ILE A 500 -11.10 -14.78 -64.25
N ALA A 501 -10.11 -14.82 -65.13
CA ALA A 501 -10.36 -14.98 -66.56
C ALA A 501 -10.85 -16.39 -66.89
N LYS A 502 -11.77 -16.50 -67.85
CA LYS A 502 -12.37 -17.78 -68.17
C LYS A 502 -11.29 -18.84 -68.41
N GLY A 503 -11.38 -19.92 -67.63
CA GLY A 503 -10.37 -20.97 -67.64
C GLY A 503 -8.99 -20.53 -67.19
N ASP A 504 -8.89 -19.71 -66.14
CA ASP A 504 -7.59 -19.22 -65.64
C ASP A 504 -6.87 -20.29 -64.84
N HIS A 505 -7.40 -20.68 -63.68
CA HIS A 505 -6.82 -21.79 -62.90
C HIS A 505 -5.35 -21.66 -62.50
N GLY A 506 -4.66 -20.62 -62.96
CA GLY A 506 -3.29 -20.32 -62.58
C GLY A 506 -2.38 -21.52 -62.54
N GLU A 507 -2.66 -22.46 -63.45
CA GLU A 507 -1.89 -23.72 -63.61
C GLU A 507 -0.41 -23.57 -63.97
N GLY A 508 0.42 -23.23 -62.99
CA GLY A 508 1.83 -23.02 -63.24
C GLY A 508 2.09 -21.54 -63.29
N LYS A 509 1.08 -20.79 -63.71
CA LYS A 509 1.19 -19.38 -64.07
C LYS A 509 2.36 -18.66 -63.38
N LYS A 510 2.40 -18.57 -62.06
CA LYS A 510 3.61 -17.94 -61.52
C LYS A 510 4.58 -18.94 -60.90
N GLY A 511 4.21 -20.21 -60.89
CA GLY A 511 5.14 -21.22 -60.44
C GLY A 511 5.20 -21.43 -58.95
N PHE A 512 5.53 -20.36 -58.23
CA PHE A 512 5.81 -20.41 -56.79
C PHE A 512 4.75 -21.27 -56.06
N PHE A 513 3.48 -21.04 -56.43
CA PHE A 513 2.34 -21.63 -55.74
C PHE A 513 1.56 -22.37 -56.81
N GLY A 514 2.10 -22.51 -58.02
CA GLY A 514 1.32 -23.19 -59.02
C GLY A 514 2.06 -24.38 -59.55
N TRP A 515 3.23 -24.62 -58.97
CA TRP A 515 3.82 -25.94 -59.08
C TRP A 515 2.82 -26.77 -58.27
N PHE A 516 2.11 -26.16 -57.30
CA PHE A 516 0.94 -26.78 -56.62
C PHE A 516 -0.26 -27.00 -57.52
N ASN A 517 -0.66 -25.94 -58.22
CA ASN A 517 -1.84 -25.97 -59.07
C ASN A 517 -1.76 -27.03 -60.13
N ARG A 518 -0.62 -27.13 -60.79
CA ARG A 518 -0.40 -28.20 -61.72
C ARG A 518 -0.60 -29.56 -61.05
N MET A 519 0.07 -29.83 -59.93
CA MET A 519 -0.08 -31.11 -59.19
C MET A 519 -1.56 -31.38 -58.82
N PHE A 520 -2.33 -30.32 -58.59
CA PHE A 520 -3.67 -30.55 -58.10
C PHE A 520 -4.54 -30.86 -59.27
N GLU A 521 -4.39 -30.09 -60.33
CA GLU A 521 -5.27 -30.22 -61.46
C GLU A 521 -5.05 -31.56 -62.09
N LYS A 522 -3.79 -31.95 -62.17
CA LYS A 522 -3.43 -33.26 -62.71
C LYS A 522 -4.12 -34.33 -61.85
N SER A 523 -3.88 -34.26 -60.55
CA SER A 523 -4.39 -35.29 -59.64
C SER A 523 -5.91 -35.35 -59.59
N THR A 524 -6.56 -34.22 -59.73
CA THR A 524 -7.98 -34.22 -59.65
C THR A 524 -8.49 -34.93 -60.92
N HIS A 525 -7.81 -34.74 -62.03
CA HIS A 525 -8.16 -35.57 -63.16
C HIS A 525 -7.90 -37.06 -62.83
N HIS A 526 -6.78 -37.34 -62.16
CA HIS A 526 -6.54 -38.71 -61.70
C HIS A 526 -7.81 -39.23 -61.01
N TYR A 527 -8.35 -38.37 -60.16
CA TYR A 527 -9.45 -38.69 -59.32
C TYR A 527 -10.68 -39.09 -60.10
N THR A 528 -10.96 -38.28 -61.12
CA THR A 528 -12.18 -38.48 -61.87
C THR A 528 -12.05 -39.68 -62.73
N ASP A 529 -10.87 -39.85 -63.33
CA ASP A 529 -10.54 -41.08 -64.04
C ASP A 529 -10.80 -42.31 -63.18
N SER A 530 -10.48 -42.21 -61.89
CA SER A 530 -10.65 -43.34 -60.99
C SER A 530 -12.14 -43.58 -60.70
N VAL A 531 -12.88 -42.56 -60.29
CA VAL A 531 -14.31 -42.74 -60.02
C VAL A 531 -14.96 -43.41 -61.23
N GLY A 532 -14.63 -42.90 -62.40
CA GLY A 532 -15.11 -43.48 -63.61
C GLY A 532 -14.65 -44.92 -63.72
N GLY A 533 -13.45 -45.21 -63.21
CA GLY A 533 -12.95 -46.58 -63.26
C GLY A 533 -13.80 -47.54 -62.45
N ILE A 534 -14.14 -47.13 -61.23
CA ILE A 534 -14.90 -47.97 -60.32
C ILE A 534 -16.39 -48.03 -60.71
N LEU A 535 -16.85 -47.06 -61.50
CA LEU A 535 -18.23 -47.08 -61.93
C LEU A 535 -18.43 -48.17 -62.94
N ARG A 536 -17.31 -48.54 -63.55
CA ARG A 536 -17.26 -49.55 -64.59
C ARG A 536 -17.44 -50.96 -64.04
N SER A 537 -17.25 -51.10 -62.72
CA SER A 537 -17.53 -52.34 -62.00
C SER A 537 -18.16 -52.06 -60.65
N THR A 538 -19.48 -52.11 -60.54
CA THR A 538 -20.09 -51.71 -59.27
C THR A 538 -20.03 -52.79 -58.14
N GLY A 539 -20.17 -54.06 -58.51
CA GLY A 539 -20.20 -55.16 -57.55
C GLY A 539 -19.17 -55.11 -56.43
N ARG A 540 -17.91 -55.06 -56.85
CA ARG A 540 -16.77 -55.14 -55.94
C ARG A 540 -16.87 -54.19 -54.76
N TYR A 541 -17.25 -52.95 -55.07
CA TYR A 541 -17.26 -51.88 -54.10
C TYR A 541 -18.45 -52.04 -53.21
N LEU A 542 -19.46 -52.74 -53.71
CA LEU A 542 -20.61 -53.07 -52.90
C LEU A 542 -20.17 -54.05 -51.81
N VAL A 543 -19.39 -55.05 -52.24
CA VAL A 543 -18.81 -55.98 -51.30
C VAL A 543 -18.00 -55.22 -50.26
N LEU A 544 -17.02 -54.45 -50.71
CA LEU A 544 -16.19 -53.71 -49.77
C LEU A 544 -17.04 -52.86 -48.86
N TYR A 545 -18.13 -52.35 -49.38
CA TYR A 545 -19.00 -51.58 -48.53
C TYR A 545 -19.46 -52.46 -47.38
N LEU A 546 -20.08 -53.59 -47.69
CA LEU A 546 -20.53 -54.47 -46.60
C LEU A 546 -19.40 -54.82 -45.61
N ILE A 547 -18.18 -55.01 -46.12
CA ILE A 547 -17.02 -55.17 -45.25
C ILE A 547 -16.86 -54.00 -44.29
N ILE A 548 -16.82 -52.77 -44.82
CA ILE A 548 -16.70 -51.56 -44.01
C ILE A 548 -17.79 -51.49 -42.96
N VAL A 549 -18.98 -51.85 -43.40
CA VAL A 549 -20.14 -51.85 -42.55
C VAL A 549 -19.91 -52.76 -41.35
N VAL A 550 -19.59 -54.02 -41.64
CA VAL A 550 -19.34 -55.01 -40.60
C VAL A 550 -18.23 -54.57 -39.67
N GLY A 551 -17.08 -54.19 -40.22
CA GLY A 551 -15.98 -53.72 -39.39
C GLY A 551 -16.44 -52.61 -38.46
N MET A 552 -17.22 -51.69 -39.02
CA MET A 552 -17.79 -50.63 -38.26
C MET A 552 -18.50 -51.21 -37.09
N ALA A 553 -19.28 -52.23 -37.39
CA ALA A 553 -20.12 -52.84 -36.39
C ALA A 553 -19.32 -53.49 -35.24
N TYR A 554 -18.52 -54.51 -35.54
CA TYR A 554 -17.72 -55.22 -34.51
C TYR A 554 -16.86 -54.25 -33.71
N LEU A 555 -16.06 -53.45 -34.42
CA LEU A 555 -15.25 -52.45 -33.79
C LEU A 555 -16.09 -51.61 -32.83
N PHE A 556 -17.35 -51.39 -33.19
CA PHE A 556 -18.20 -50.58 -32.31
C PHE A 556 -18.60 -51.27 -31.02
N VAL A 557 -19.09 -52.49 -31.19
CA VAL A 557 -19.57 -53.27 -30.06
C VAL A 557 -18.48 -53.53 -29.04
N ARG A 558 -17.28 -53.81 -29.54
CA ARG A 558 -16.09 -54.16 -28.75
C ARG A 558 -15.35 -52.93 -28.28
N LEU A 559 -15.99 -51.78 -28.36
CA LEU A 559 -15.33 -50.64 -27.81
C LEU A 559 -16.12 -50.40 -26.54
N PRO A 560 -15.43 -50.49 -25.39
CA PRO A 560 -15.99 -50.23 -24.06
C PRO A 560 -16.47 -48.79 -23.95
N SER A 561 -17.38 -48.54 -23.00
CA SER A 561 -18.27 -47.39 -23.02
C SER A 561 -18.19 -46.45 -21.79
N SER A 562 -17.18 -45.60 -21.70
CA SER A 562 -17.06 -44.73 -20.51
C SER A 562 -18.09 -43.62 -20.46
N PHE A 563 -17.89 -42.68 -19.55
CA PHE A 563 -18.81 -41.55 -19.51
C PHE A 563 -18.15 -40.17 -19.42
N LEU A 564 -17.09 -40.00 -18.63
CA LEU A 564 -16.53 -38.66 -18.42
C LEU A 564 -15.08 -38.59 -17.91
N PRO A 565 -14.33 -37.56 -18.36
CA PRO A 565 -12.89 -37.47 -18.15
C PRO A 565 -12.38 -37.17 -16.76
N ASP A 566 -11.41 -37.95 -16.31
CA ASP A 566 -10.72 -37.63 -15.08
C ASP A 566 -9.65 -36.60 -15.45
N GLU A 567 -9.74 -35.41 -14.90
CA GLU A 567 -8.81 -34.36 -15.30
C GLU A 567 -7.94 -33.95 -14.13
N ASP A 568 -6.65 -33.74 -14.37
CA ASP A 568 -5.80 -33.12 -13.36
C ASP A 568 -6.33 -31.72 -13.13
N GLN A 569 -7.00 -31.51 -12.01
CA GLN A 569 -7.66 -30.24 -11.77
C GLN A 569 -6.74 -29.28 -10.99
N GLY A 570 -5.51 -29.72 -10.69
CA GLY A 570 -4.45 -28.93 -10.07
C GLY A 570 -4.30 -28.89 -8.55
N VAL A 571 -5.09 -29.74 -7.91
CA VAL A 571 -5.35 -29.75 -6.48
C VAL A 571 -5.99 -31.09 -6.21
N PHE A 572 -5.47 -31.87 -5.26
CA PHE A 572 -6.19 -33.10 -4.94
C PHE A 572 -6.12 -33.41 -3.47
N MET A 573 -6.88 -34.41 -3.04
CA MET A 573 -6.97 -34.67 -1.61
C MET A 573 -6.79 -36.13 -1.30
N THR A 574 -6.36 -36.41 -0.08
CA THR A 574 -6.10 -37.76 0.39
C THR A 574 -6.72 -37.94 1.79
N MET A 575 -7.32 -39.09 2.04
CA MET A 575 -8.06 -39.32 3.26
C MET A 575 -7.45 -40.35 4.20
N VAL A 576 -7.72 -40.18 5.49
CA VAL A 576 -7.18 -41.02 6.53
C VAL A 576 -8.32 -41.64 7.36
N GLN A 577 -8.33 -42.95 7.50
CA GLN A 577 -9.30 -43.56 8.40
C GLN A 577 -8.60 -44.48 9.39
N LEU A 578 -8.67 -44.14 10.68
CA LEU A 578 -8.00 -44.90 11.73
C LEU A 578 -8.98 -45.99 12.18
N PRO A 579 -8.47 -47.07 12.79
CA PRO A 579 -9.40 -48.10 13.28
C PRO A 579 -10.30 -47.58 14.41
N ALA A 580 -11.37 -48.28 14.75
CA ALA A 580 -12.32 -47.77 15.75
C ALA A 580 -11.66 -47.42 17.11
N GLY A 581 -12.06 -46.28 17.65
CA GLY A 581 -11.65 -45.85 18.97
C GLY A 581 -10.34 -45.09 19.08
N ALA A 582 -9.66 -44.84 17.97
CA ALA A 582 -8.38 -44.14 18.02
C ALA A 582 -8.57 -42.73 18.50
N THR A 583 -7.48 -42.05 18.78
CA THR A 583 -7.65 -40.76 19.40
C THR A 583 -7.09 -39.67 18.54
N GLN A 584 -7.51 -38.46 18.85
CA GLN A 584 -7.00 -37.28 18.21
C GLN A 584 -5.49 -37.31 18.04
N GLU A 585 -4.79 -37.88 19.01
CA GLU A 585 -3.33 -37.94 18.94
C GLU A 585 -2.80 -38.93 17.93
N ARG A 586 -3.45 -40.10 17.86
CA ARG A 586 -3.03 -41.14 16.93
C ARG A 586 -3.23 -40.69 15.52
N THR A 587 -4.44 -40.22 15.27
CA THR A 587 -4.83 -39.67 14.00
C THR A 587 -3.91 -38.54 13.59
N GLN A 588 -3.68 -37.60 14.51
CA GLN A 588 -2.73 -36.50 14.27
C GLN A 588 -1.34 -37.03 13.94
N LYS A 589 -0.97 -38.17 14.51
CA LYS A 589 0.26 -38.89 14.09
C LYS A 589 0.24 -39.35 12.61
N VAL A 590 -0.81 -40.08 12.18
CA VAL A 590 -0.91 -40.55 10.78
C VAL A 590 -0.93 -39.38 9.78
N LEU A 591 -1.67 -38.34 10.15
CA LEU A 591 -1.73 -37.12 9.37
C LEU A 591 -0.34 -36.48 9.25
N ASN A 592 0.41 -36.48 10.35
CA ASN A 592 1.79 -36.05 10.28
C ASN A 592 2.48 -36.85 9.19
N GLU A 593 2.21 -38.16 9.15
CA GLU A 593 2.82 -39.03 8.12
C GLU A 593 2.54 -38.63 6.68
N VAL A 594 1.25 -38.53 6.36
CA VAL A 594 0.83 -38.12 5.02
C VAL A 594 1.49 -36.81 4.60
N THR A 595 1.43 -35.83 5.50
CA THR A 595 2.04 -34.54 5.24
C THR A 595 3.54 -34.67 4.90
N HIS A 596 4.27 -35.47 5.67
CA HIS A 596 5.71 -35.68 5.43
C HIS A 596 6.02 -36.35 4.07
N TYR A 597 5.31 -37.45 3.77
CA TYR A 597 5.44 -38.14 2.47
C TYR A 597 5.30 -37.17 1.32
N TYR A 598 4.21 -36.39 1.34
CA TYR A 598 3.96 -35.42 0.28
C TYR A 598 5.05 -34.36 0.22
N LEU A 599 5.41 -33.78 1.35
CA LEU A 599 6.36 -32.69 1.30
C LEU A 599 7.78 -33.20 1.03
N THR A 600 7.97 -34.51 0.92
CA THR A 600 9.31 -35.01 0.62
C THR A 600 9.45 -35.74 -0.73
N LYS A 601 8.97 -36.98 -0.84
CA LYS A 601 9.11 -37.75 -2.09
C LYS A 601 8.20 -37.32 -3.25
N GLU A 602 7.50 -36.21 -3.09
CA GLU A 602 6.62 -35.68 -4.12
C GLU A 602 6.63 -34.16 -3.92
N LYS A 603 7.81 -33.63 -3.62
CA LYS A 603 7.98 -32.22 -3.27
C LYS A 603 7.83 -31.38 -4.53
N ASN A 604 8.15 -31.97 -5.68
CA ASN A 604 8.05 -31.33 -6.99
C ASN A 604 6.60 -31.13 -7.45
N ASN A 605 5.69 -31.92 -6.89
CA ASN A 605 4.26 -31.79 -7.20
C ASN A 605 3.55 -30.97 -6.10
N VAL A 606 3.65 -31.44 -4.87
CA VAL A 606 2.97 -30.82 -3.74
C VAL A 606 3.45 -29.38 -3.54
N GLU A 607 2.51 -28.52 -3.15
CA GLU A 607 2.78 -27.14 -2.83
C GLU A 607 2.36 -26.86 -1.39
N SER A 608 1.31 -27.57 -0.95
CA SER A 608 0.74 -27.36 0.37
C SER A 608 -0.09 -28.56 0.80
N VAL A 609 0.09 -29.00 2.03
CA VAL A 609 -0.86 -29.94 2.60
C VAL A 609 -1.70 -29.33 3.73
N PHE A 610 -3.01 -29.57 3.66
CA PHE A 610 -3.96 -29.14 4.69
C PHE A 610 -4.51 -30.37 5.39
N ALA A 611 -3.84 -30.75 6.46
CA ALA A 611 -4.30 -31.83 7.28
C ALA A 611 -5.49 -31.32 8.08
N VAL A 612 -6.61 -32.03 7.98
CA VAL A 612 -7.76 -31.73 8.78
C VAL A 612 -8.07 -33.00 9.52
N ASN A 613 -7.82 -32.95 10.83
CA ASN A 613 -8.10 -34.08 11.73
C ASN A 613 -9.45 -33.98 12.44
N GLY A 614 -10.20 -35.08 12.48
CA GLY A 614 -11.45 -35.08 13.22
C GLY A 614 -12.57 -35.14 12.23
N ALA A 615 -12.37 -34.40 11.14
CA ALA A 615 -13.31 -34.42 10.03
C ALA A 615 -12.79 -35.41 9.01
N GLY A 616 -13.69 -36.23 8.49
CA GLY A 616 -13.35 -37.10 7.39
C GLY A 616 -14.44 -37.06 6.35
N ALA A 617 -14.19 -37.66 5.20
CA ALA A 617 -15.18 -37.71 4.14
C ALA A 617 -16.35 -38.57 4.57
N ALA A 618 -16.05 -39.61 5.37
CA ALA A 618 -17.06 -40.52 5.89
C ALA A 618 -18.06 -39.83 6.84
N GLY A 619 -17.55 -39.00 7.74
CA GLY A 619 -18.33 -38.33 8.76
C GLY A 619 -17.37 -37.88 9.86
N ALA A 620 -17.89 -37.60 11.07
CA ALA A 620 -17.04 -37.15 12.18
C ALA A 620 -16.58 -38.24 13.18
N GLY A 621 -15.48 -37.94 13.87
CA GLY A 621 -14.86 -38.82 14.85
C GLY A 621 -13.33 -38.69 14.86
N GLN A 622 -12.72 -38.85 16.03
CA GLN A 622 -11.26 -38.76 16.13
C GLN A 622 -10.49 -39.68 15.20
N ASN A 623 -10.98 -40.90 15.01
CA ASN A 623 -10.35 -41.83 14.08
C ASN A 623 -10.16 -41.24 12.69
N THR A 624 -11.15 -40.49 12.21
CA THR A 624 -11.14 -40.08 10.82
C THR A 624 -10.36 -38.78 10.60
N GLY A 625 -9.85 -38.65 9.38
CA GLY A 625 -9.09 -37.50 8.99
C GLY A 625 -9.15 -37.32 7.49
N ILE A 626 -8.87 -36.10 7.04
CA ILE A 626 -8.87 -35.79 5.62
C ILE A 626 -7.84 -34.69 5.39
N ALA A 627 -7.21 -34.79 4.23
CA ALA A 627 -6.13 -33.90 3.83
C ALA A 627 -6.31 -33.30 2.43
N PHE A 628 -6.38 -31.98 2.39
CA PHE A 628 -6.41 -31.24 1.16
C PHE A 628 -4.98 -30.89 0.77
N VAL A 629 -4.58 -31.35 -0.40
CA VAL A 629 -3.26 -31.04 -0.92
C VAL A 629 -3.28 -30.11 -2.13
N SER A 630 -2.60 -28.98 -2.01
CA SER A 630 -2.41 -28.08 -3.12
C SER A 630 -1.25 -28.60 -3.94
N LEU A 631 -1.40 -28.60 -5.26
CA LEU A 631 -0.28 -28.95 -6.13
C LEU A 631 0.41 -27.66 -6.57
N LYS A 632 1.69 -27.74 -6.94
CA LYS A 632 2.39 -26.58 -7.49
C LYS A 632 1.84 -26.28 -8.88
N ASP A 633 2.29 -25.18 -9.48
CA ASP A 633 1.74 -24.77 -10.75
C ASP A 633 2.06 -25.77 -11.86
N TRP A 634 1.03 -26.08 -12.66
CA TRP A 634 1.09 -27.13 -13.70
C TRP A 634 2.20 -26.87 -14.72
N ALA A 635 2.65 -25.62 -14.82
CA ALA A 635 3.68 -25.25 -15.80
C ALA A 635 5.06 -25.74 -15.42
N ASP A 636 5.15 -26.56 -14.37
CA ASP A 636 6.40 -27.21 -14.00
C ASP A 636 6.27 -28.74 -13.79
N ARG A 637 5.12 -29.34 -14.17
CA ARG A 637 4.93 -30.79 -13.99
C ARG A 637 4.73 -31.59 -15.30
N PRO A 638 5.84 -31.93 -16.00
CA PRO A 638 5.75 -32.51 -17.35
C PRO A 638 5.05 -33.87 -17.52
N GLY A 639 5.62 -34.94 -16.97
CA GLY A 639 5.23 -36.30 -17.31
C GLY A 639 3.80 -36.69 -16.97
N GLU A 640 3.48 -37.97 -17.18
CA GLU A 640 2.18 -38.51 -16.79
C GLU A 640 2.21 -38.90 -15.31
N GLU A 641 3.42 -39.20 -14.82
CA GLU A 641 3.59 -39.60 -13.43
C GLU A 641 3.77 -38.36 -12.54
N ASN A 642 3.72 -37.18 -13.14
CA ASN A 642 3.66 -35.94 -12.37
C ASN A 642 2.24 -35.47 -12.22
N LYS A 643 1.30 -36.36 -12.52
CA LYS A 643 -0.12 -36.05 -12.48
C LYS A 643 -0.85 -36.84 -11.44
N VAL A 644 -1.81 -36.17 -10.82
CA VAL A 644 -2.73 -36.77 -9.87
C VAL A 644 -3.07 -38.26 -10.07
N GLU A 645 -3.20 -38.74 -11.31
CA GLU A 645 -3.47 -40.17 -11.54
C GLU A 645 -2.41 -41.04 -10.84
N ALA A 646 -1.18 -40.91 -11.31
CA ALA A 646 -0.06 -41.70 -10.79
C ALA A 646 0.36 -41.23 -9.40
N ILE A 647 0.13 -39.95 -9.09
CA ILE A 647 0.43 -39.41 -7.77
C ILE A 647 -0.42 -40.13 -6.73
N THR A 648 -1.73 -40.18 -6.97
CA THR A 648 -2.66 -40.87 -6.10
C THR A 648 -2.37 -42.35 -6.07
N MET A 649 -1.96 -42.90 -7.21
CA MET A 649 -1.63 -44.32 -7.31
C MET A 649 -0.40 -44.77 -6.47
N ARG A 650 0.66 -43.97 -6.51
CA ARG A 650 1.88 -44.27 -5.76
C ARG A 650 1.80 -43.80 -4.31
N ALA A 651 0.96 -42.81 -4.06
CA ALA A 651 0.70 -42.35 -2.70
C ALA A 651 -0.11 -43.46 -2.03
N THR A 652 -1.08 -44.02 -2.76
CA THR A 652 -1.81 -45.17 -2.25
C THR A 652 -0.83 -46.32 -2.10
N ARG A 653 0.21 -46.36 -2.94
CA ARG A 653 1.27 -47.36 -2.72
C ARG A 653 1.93 -47.22 -1.36
N ALA A 654 2.46 -46.03 -1.09
CA ALA A 654 3.12 -45.81 0.19
C ALA A 654 2.15 -46.17 1.30
N PHE A 655 0.96 -45.58 1.26
CA PHE A 655 0.07 -45.62 2.40
C PHE A 655 -0.78 -46.88 2.53
N SER A 656 -0.62 -47.81 1.61
CA SER A 656 -1.40 -49.04 1.68
C SER A 656 -0.83 -50.06 2.67
N GLN A 657 0.31 -50.66 2.33
CA GLN A 657 0.82 -51.80 3.09
C GLN A 657 1.61 -51.46 4.34
N ILE A 658 2.14 -50.23 4.41
CA ILE A 658 3.12 -49.92 5.47
C ILE A 658 2.55 -48.92 6.48
N LYS A 659 1.23 -48.99 6.66
CA LYS A 659 0.54 -48.26 7.69
C LYS A 659 -0.49 -49.20 8.34
N ASP A 660 -1.00 -48.82 9.52
CA ASP A 660 -1.94 -49.64 10.27
C ASP A 660 -3.40 -49.33 10.00
N ALA A 661 -3.61 -48.25 9.26
CA ALA A 661 -4.95 -47.86 8.86
C ALA A 661 -4.95 -47.42 7.38
N MET A 662 -6.10 -47.50 6.71
CA MET A 662 -6.11 -47.15 5.29
C MET A 662 -6.22 -45.69 5.00
N VAL A 663 -5.24 -45.26 4.22
CA VAL A 663 -5.04 -43.88 3.83
C VAL A 663 -5.00 -43.81 2.29
N PHE A 664 -6.04 -43.19 1.70
CA PHE A 664 -6.28 -43.12 0.24
C PHE A 664 -5.91 -41.81 -0.40
N ALA A 665 -5.37 -41.82 -1.60
CA ALA A 665 -5.10 -40.57 -2.26
C ALA A 665 -5.99 -40.49 -3.48
N PHE A 666 -6.63 -39.34 -3.70
CA PHE A 666 -7.51 -39.20 -4.87
C PHE A 666 -7.82 -37.78 -5.41
N ASN A 667 -8.34 -37.79 -6.64
CA ASN A 667 -9.07 -36.68 -7.26
C ASN A 667 -10.49 -37.21 -7.47
N LEU A 668 -11.50 -36.37 -7.26
CA LEU A 668 -12.88 -36.78 -7.46
C LEU A 668 -13.03 -36.72 -8.96
N PRO A 669 -14.02 -37.44 -9.52
CA PRO A 669 -14.18 -37.31 -10.97
C PRO A 669 -14.54 -35.87 -11.38
N ALA A 670 -14.67 -35.61 -12.68
CA ALA A 670 -14.99 -34.26 -13.17
C ALA A 670 -16.40 -33.89 -12.73
N ILE A 671 -17.34 -34.82 -12.95
CA ILE A 671 -18.71 -34.63 -12.48
C ILE A 671 -18.74 -34.63 -10.99
N VAL A 672 -18.91 -33.46 -10.41
CA VAL A 672 -18.90 -33.35 -8.99
C VAL A 672 -20.22 -34.02 -8.54
N GLU A 673 -20.09 -35.08 -7.76
CA GLU A 673 -21.15 -35.87 -7.10
C GLU A 673 -22.29 -36.57 -7.88
N LEU A 674 -22.11 -37.00 -9.14
CA LEU A 674 -23.17 -37.80 -9.77
C LEU A 674 -22.60 -39.10 -10.36
N GLY A 675 -22.56 -40.11 -9.51
CA GLY A 675 -22.06 -41.44 -9.82
C GLY A 675 -20.71 -41.69 -10.48
N THR A 676 -20.08 -42.79 -10.05
CA THR A 676 -18.87 -43.29 -10.65
C THR A 676 -19.25 -44.09 -11.90
N ALA A 677 -18.26 -44.59 -12.65
CA ALA A 677 -18.52 -45.30 -13.91
C ALA A 677 -19.16 -46.68 -13.73
N THR A 678 -18.33 -47.73 -13.70
CA THR A 678 -18.83 -49.10 -13.53
C THR A 678 -19.18 -49.36 -12.06
N GLY A 679 -20.43 -49.10 -11.68
CA GLY A 679 -20.84 -49.29 -10.29
C GLY A 679 -22.15 -48.70 -9.78
N PHE A 680 -22.50 -49.12 -8.56
CA PHE A 680 -23.82 -48.89 -7.94
C PHE A 680 -23.84 -48.51 -6.46
N ASP A 681 -25.06 -48.34 -5.95
CA ASP A 681 -25.36 -47.89 -4.59
C ASP A 681 -26.65 -48.50 -4.00
N PHE A 682 -26.55 -49.70 -3.42
CA PHE A 682 -27.70 -50.52 -2.97
C PHE A 682 -28.07 -50.15 -1.54
N GLU A 683 -29.36 -50.08 -1.25
CA GLU A 683 -29.79 -49.75 0.10
C GLU A 683 -30.54 -50.91 0.68
N LEU A 684 -29.99 -51.47 1.76
CA LEU A 684 -30.64 -52.58 2.43
C LEU A 684 -31.49 -52.00 3.52
N ILE A 685 -32.75 -52.42 3.55
CA ILE A 685 -33.77 -51.75 4.33
C ILE A 685 -34.47 -52.68 5.29
N ASP A 686 -34.88 -52.15 6.43
CA ASP A 686 -35.70 -52.91 7.37
C ASP A 686 -37.16 -52.52 7.20
N GLN A 687 -37.90 -53.36 6.48
CA GLN A 687 -39.29 -53.06 6.19
C GLN A 687 -40.22 -53.91 7.05
N ALA A 688 -39.84 -54.12 8.31
CA ALA A 688 -40.64 -54.94 9.23
C ALA A 688 -40.25 -54.76 10.69
N GLY A 689 -39.09 -54.19 10.95
CA GLY A 689 -38.64 -54.00 12.33
C GLY A 689 -37.94 -55.21 12.90
N LEU A 690 -36.70 -55.45 12.48
CA LEU A 690 -35.93 -56.59 12.94
C LEU A 690 -34.69 -56.14 13.74
N GLY A 691 -34.65 -54.85 14.02
CA GLY A 691 -33.60 -54.26 14.83
C GLY A 691 -32.20 -54.25 14.26
N HIS A 692 -31.39 -53.33 14.78
CA HIS A 692 -30.07 -53.08 14.26
C HIS A 692 -29.29 -54.34 14.09
N GLU A 693 -29.43 -55.20 15.07
CA GLU A 693 -28.71 -56.45 15.11
C GLU A 693 -29.01 -57.28 13.85
N LYS A 694 -30.29 -57.60 13.61
CA LYS A 694 -30.62 -58.42 12.43
C LYS A 694 -30.38 -57.71 11.11
N LEU A 695 -30.56 -56.38 11.11
CA LEU A 695 -30.33 -55.64 9.87
C LEU A 695 -28.86 -55.76 9.46
N THR A 696 -28.00 -55.42 10.39
CA THR A 696 -26.55 -55.49 10.21
C THR A 696 -26.14 -56.91 9.79
N GLN A 697 -26.75 -57.90 10.42
CA GLN A 697 -26.45 -59.27 10.07
C GLN A 697 -26.84 -59.61 8.63
N ALA A 698 -28.03 -59.20 8.22
CA ALA A 698 -28.47 -59.43 6.85
C ALA A 698 -27.50 -58.77 5.89
N ARG A 699 -26.90 -57.66 6.32
CA ARG A 699 -25.89 -56.99 5.51
C ARG A 699 -24.63 -57.82 5.37
N ASN A 700 -24.18 -58.41 6.47
CA ASN A 700 -23.04 -59.31 6.41
C ASN A 700 -23.32 -60.49 5.47
N GLN A 701 -24.56 -60.98 5.51
CA GLN A 701 -25.00 -62.00 4.55
C GLN A 701 -24.90 -61.59 3.09
N LEU A 702 -25.48 -60.45 2.71
CA LEU A 702 -25.43 -60.07 1.31
C LEU A 702 -23.99 -59.76 0.92
N LEU A 703 -23.18 -59.40 1.91
CA LEU A 703 -21.78 -59.12 1.68
C LEU A 703 -21.00 -60.38 1.32
N ALA A 704 -21.26 -61.48 2.03
CA ALA A 704 -20.62 -62.77 1.72
C ALA A 704 -21.20 -63.44 0.46
N GLU A 705 -22.51 -63.33 0.27
CA GLU A 705 -23.20 -63.88 -0.90
C GLU A 705 -22.78 -63.12 -2.16
N ALA A 706 -22.28 -61.91 -1.98
CA ALA A 706 -21.79 -61.11 -3.12
C ALA A 706 -20.31 -61.39 -3.37
N ALA A 707 -19.65 -62.05 -2.43
CA ALA A 707 -18.25 -62.45 -2.61
C ALA A 707 -18.15 -63.69 -3.50
N LYS A 708 -19.28 -64.33 -3.79
CA LYS A 708 -19.32 -65.51 -4.65
C LYS A 708 -19.30 -65.17 -6.13
N HIS A 709 -19.28 -63.88 -6.43
CA HIS A 709 -19.22 -63.45 -7.81
C HIS A 709 -18.05 -62.52 -8.08
N PRO A 710 -16.85 -63.09 -8.26
CA PRO A 710 -15.72 -62.24 -8.64
C PRO A 710 -15.74 -61.96 -10.13
N ASP A 711 -16.71 -62.56 -10.82
CA ASP A 711 -16.90 -62.46 -12.27
C ASP A 711 -17.92 -61.39 -12.62
N MET A 712 -18.58 -60.87 -11.59
CA MET A 712 -19.68 -59.94 -11.76
C MET A 712 -19.43 -58.62 -11.02
N LEU A 713 -19.12 -58.76 -9.74
CA LEU A 713 -18.98 -57.64 -8.82
C LEU A 713 -17.52 -57.31 -8.49
N THR A 714 -17.29 -56.07 -8.06
CA THR A 714 -15.96 -55.58 -7.69
C THR A 714 -16.10 -54.68 -6.46
N SER A 715 -15.36 -55.03 -5.40
CA SER A 715 -15.40 -54.30 -4.13
C SER A 715 -16.82 -54.20 -3.56
N VAL A 716 -17.54 -55.32 -3.46
CA VAL A 716 -18.87 -55.25 -2.88
C VAL A 716 -18.66 -55.08 -1.38
N ARG A 717 -18.85 -53.83 -0.95
CA ARG A 717 -18.59 -53.38 0.41
C ARG A 717 -19.73 -52.57 0.99
N PRO A 718 -19.83 -52.50 2.32
CA PRO A 718 -20.74 -51.52 2.91
C PRO A 718 -20.02 -50.20 3.16
N ASN A 719 -20.71 -49.06 3.02
CA ASN A 719 -20.14 -47.76 3.38
C ASN A 719 -20.77 -47.25 4.65
N GLY A 720 -20.14 -47.56 5.78
CA GLY A 720 -20.65 -47.12 7.05
C GLY A 720 -19.66 -47.40 8.15
N LEU A 721 -20.12 -47.29 9.37
CA LEU A 721 -19.25 -47.47 10.49
C LEU A 721 -19.69 -48.72 11.16
N GLU A 722 -18.72 -49.58 11.39
CA GLU A 722 -19.03 -50.87 11.93
C GLU A 722 -19.35 -50.62 13.39
N ASP A 723 -20.17 -51.48 13.97
CA ASP A 723 -20.51 -51.35 15.37
C ASP A 723 -19.25 -51.35 16.24
N THR A 724 -19.09 -50.31 17.05
CA THR A 724 -17.93 -50.19 17.93
C THR A 724 -18.36 -50.47 19.37
N PRO A 725 -17.39 -50.67 20.28
CA PRO A 725 -17.85 -50.93 21.64
C PRO A 725 -18.26 -49.67 22.40
N GLN A 726 -19.37 -49.75 23.13
CA GLN A 726 -19.82 -48.70 24.02
C GLN A 726 -19.91 -49.19 25.47
N PHE A 727 -20.25 -48.29 26.38
CA PHE A 727 -20.21 -48.52 27.82
C PHE A 727 -21.52 -48.19 28.58
N LYS A 728 -22.29 -49.18 29.00
CA LYS A 728 -23.57 -48.91 29.70
C LYS A 728 -23.42 -48.62 31.18
N ILE A 729 -23.94 -47.47 31.59
CA ILE A 729 -24.03 -47.08 32.98
C ILE A 729 -25.48 -47.06 33.43
N ASP A 730 -25.97 -48.20 33.90
CA ASP A 730 -27.35 -48.27 34.37
C ASP A 730 -27.45 -47.69 35.78
N ILE A 731 -28.22 -46.63 35.89
CA ILE A 731 -28.55 -46.02 37.15
C ILE A 731 -29.70 -46.87 37.72
N ASP A 732 -29.52 -47.51 38.88
CA ASP A 732 -30.66 -48.22 39.51
C ASP A 732 -31.45 -47.18 40.32
N GLN A 733 -32.49 -46.63 39.68
CA GLN A 733 -33.33 -45.56 40.23
C GLN A 733 -33.74 -45.74 41.68
N GLU A 734 -33.88 -47.01 42.06
CA GLU A 734 -34.31 -47.39 43.40
C GLU A 734 -33.30 -46.88 44.44
N LYS A 735 -32.02 -47.15 44.21
CA LYS A 735 -30.97 -46.86 45.17
C LYS A 735 -30.87 -45.37 45.45
N ALA A 736 -31.12 -44.57 44.41
CA ALA A 736 -30.99 -43.13 44.52
C ALA A 736 -32.30 -42.55 45.04
N GLN A 737 -33.39 -43.27 44.83
CA GLN A 737 -34.66 -42.94 45.45
C GLN A 737 -34.62 -43.16 46.95
N ALA A 738 -33.76 -44.10 47.37
CA ALA A 738 -33.53 -44.37 48.79
C ALA A 738 -32.63 -43.32 49.42
N LEU A 739 -31.40 -43.19 48.93
CA LEU A 739 -30.39 -42.35 49.59
C LEU A 739 -30.71 -40.85 49.65
N GLY A 740 -31.74 -40.43 48.92
CA GLY A 740 -32.19 -39.05 48.93
C GLY A 740 -31.58 -38.11 47.91
N VAL A 741 -31.00 -38.68 46.85
CA VAL A 741 -30.54 -37.92 45.69
C VAL A 741 -31.61 -37.88 44.59
N SER A 742 -31.56 -36.83 43.78
CA SER A 742 -32.44 -36.70 42.62
C SER A 742 -31.77 -37.23 41.37
N ILE A 743 -32.46 -38.12 40.66
CA ILE A 743 -31.90 -38.73 39.45
C ILE A 743 -31.61 -37.66 38.41
N ASN A 744 -32.47 -36.64 38.36
CA ASN A 744 -32.24 -35.49 37.51
C ASN A 744 -30.79 -34.98 37.66
N ASP A 745 -30.40 -34.62 38.88
CA ASP A 745 -29.08 -34.05 39.17
C ASP A 745 -27.97 -35.03 38.91
N ILE A 746 -28.31 -36.31 39.00
CA ILE A 746 -27.37 -37.35 38.71
C ILE A 746 -27.03 -37.29 37.24
N ASN A 747 -28.06 -37.30 36.40
CA ASN A 747 -27.89 -37.15 34.96
C ASN A 747 -27.18 -35.88 34.64
N THR A 748 -27.78 -34.75 34.98
CA THR A 748 -27.26 -33.47 34.55
C THR A 748 -25.83 -33.24 35.06
N THR A 749 -25.41 -33.99 36.08
CA THR A 749 -24.00 -33.94 36.44
C THR A 749 -23.19 -34.89 35.51
N LEU A 750 -23.68 -36.11 35.26
CA LEU A 750 -22.96 -37.06 34.39
C LEU A 750 -22.72 -36.45 33.01
N GLY A 751 -23.77 -35.79 32.54
CA GLY A 751 -23.73 -34.89 31.40
C GLY A 751 -22.72 -33.78 31.66
N ALA A 752 -23.15 -32.66 32.25
CA ALA A 752 -22.32 -31.44 32.28
C ALA A 752 -20.83 -31.70 32.61
N ALA A 753 -20.52 -32.84 33.22
CA ALA A 753 -19.14 -33.24 33.37
C ALA A 753 -18.62 -33.79 32.05
N TRP A 754 -19.25 -34.85 31.55
CA TRP A 754 -18.70 -35.62 30.43
C TRP A 754 -19.18 -35.27 28.98
N GLY A 755 -20.37 -34.69 28.86
CA GLY A 755 -20.87 -34.22 27.58
C GLY A 755 -20.68 -32.73 27.49
N GLY A 756 -20.94 -32.06 28.61
CA GLY A 756 -20.79 -30.62 28.71
C GLY A 756 -22.09 -29.86 28.82
N SER A 757 -21.97 -28.58 29.16
CA SER A 757 -23.16 -27.73 29.21
C SER A 757 -22.92 -26.32 28.69
N TYR A 758 -23.60 -26.06 27.59
CA TYR A 758 -23.79 -24.72 27.13
C TYR A 758 -24.78 -24.26 28.15
N VAL A 759 -24.42 -23.22 28.88
CA VAL A 759 -25.27 -22.76 29.95
C VAL A 759 -25.81 -21.39 29.61
N ASN A 760 -24.89 -20.47 29.35
CA ASN A 760 -25.23 -19.07 29.20
C ASN A 760 -24.27 -18.38 28.23
N ASP A 761 -24.51 -17.10 27.92
CA ASP A 761 -23.69 -16.34 26.96
C ASP A 761 -22.87 -15.18 27.57
N PHE A 762 -21.67 -14.92 27.06
CA PHE A 762 -20.96 -13.71 27.49
C PHE A 762 -20.48 -12.78 26.36
N ILE A 763 -19.67 -11.78 26.71
CA ILE A 763 -19.30 -10.74 25.75
C ILE A 763 -17.77 -10.62 25.55
N ASP A 764 -17.26 -11.22 24.46
CA ASP A 764 -15.82 -11.25 24.20
C ASP A 764 -15.35 -10.18 23.18
N ARG A 765 -14.66 -9.15 23.69
CA ARG A 765 -14.05 -8.07 22.89
C ARG A 765 -15.05 -7.33 21.98
N GLY A 766 -16.33 -7.58 22.21
CA GLY A 766 -17.39 -6.98 21.41
C GLY A 766 -18.38 -7.98 20.83
N ARG A 767 -18.04 -9.27 20.88
CA ARG A 767 -18.89 -10.31 20.30
C ARG A 767 -19.45 -11.33 21.28
N VAL A 768 -20.78 -11.48 21.27
CA VAL A 768 -21.40 -12.49 22.08
C VAL A 768 -20.87 -13.88 21.76
N LYS A 769 -20.48 -14.65 22.76
CA LYS A 769 -20.02 -16.02 22.53
C LYS A 769 -20.55 -16.95 23.64
N LYS A 770 -20.25 -18.23 23.53
CA LYS A 770 -20.87 -19.20 24.42
C LYS A 770 -20.12 -19.32 25.77
N VAL A 771 -20.78 -19.96 26.75
CA VAL A 771 -20.16 -20.39 28.02
C VAL A 771 -20.41 -21.85 28.40
N TYR A 772 -19.36 -22.66 28.36
CA TYR A 772 -19.48 -24.09 28.64
C TYR A 772 -18.84 -24.50 29.98
N VAL A 773 -19.46 -25.46 30.67
CA VAL A 773 -18.86 -25.95 31.90
C VAL A 773 -18.81 -27.47 31.85
N MET A 774 -17.59 -28.00 31.82
CA MET A 774 -17.36 -29.41 31.58
C MET A 774 -16.29 -29.93 32.50
N SER A 775 -16.28 -31.25 32.74
CA SER A 775 -15.23 -31.86 33.55
C SER A 775 -13.86 -31.59 32.94
N GLU A 776 -12.85 -31.44 33.77
CA GLU A 776 -11.48 -31.22 33.32
C GLU A 776 -10.92 -32.41 32.53
N ALA A 777 -9.72 -32.20 32.01
CA ALA A 777 -9.04 -33.15 31.16
C ALA A 777 -8.96 -34.56 31.77
N LYS A 778 -8.48 -34.63 33.01
CA LYS A 778 -8.03 -35.88 33.65
C LYS A 778 -9.10 -36.77 34.30
N TYR A 779 -10.31 -36.27 34.38
CA TYR A 779 -11.36 -36.94 35.14
C TYR A 779 -12.41 -37.59 34.25
N ARG A 780 -12.03 -37.90 33.01
CA ARG A 780 -12.95 -38.54 32.05
C ARG A 780 -12.29 -39.24 30.85
N MET A 781 -11.30 -40.09 31.09
CA MET A 781 -10.64 -40.80 30.00
C MET A 781 -10.95 -42.28 30.15
N LEU A 782 -10.73 -42.76 31.37
CA LEU A 782 -11.01 -44.14 31.74
C LEU A 782 -12.06 -44.18 32.86
N PRO A 783 -12.88 -45.24 32.87
CA PRO A 783 -14.03 -45.49 33.77
C PRO A 783 -13.70 -45.41 35.27
N ASP A 784 -12.41 -45.44 35.65
CA ASP A 784 -12.04 -45.18 37.04
C ASP A 784 -12.64 -43.85 37.44
N ASP A 785 -12.57 -42.91 36.49
CA ASP A 785 -13.07 -41.56 36.64
C ASP A 785 -14.59 -41.53 36.85
N ILE A 786 -15.28 -42.62 36.51
CA ILE A 786 -16.71 -42.73 36.80
C ILE A 786 -16.92 -42.65 38.29
N GLY A 787 -16.05 -43.32 39.05
CA GLY A 787 -16.15 -43.28 40.49
C GLY A 787 -15.98 -41.88 41.05
N ASP A 788 -15.02 -41.13 40.53
CA ASP A 788 -14.62 -39.87 41.15
C ASP A 788 -15.69 -38.80 41.22
N TRP A 789 -16.92 -39.10 40.82
CA TRP A 789 -17.91 -38.03 40.68
C TRP A 789 -19.06 -38.18 41.67
N TYR A 790 -19.36 -37.09 42.36
CA TYR A 790 -20.25 -37.20 43.51
C TYR A 790 -21.51 -36.36 43.37
N VAL A 791 -22.64 -36.96 43.72
CA VAL A 791 -23.92 -36.26 43.74
C VAL A 791 -24.44 -36.04 45.18
N ARG A 792 -24.85 -34.81 45.47
CA ARG A 792 -25.26 -34.42 46.82
C ARG A 792 -26.76 -34.58 47.10
N ALA A 793 -27.09 -35.34 48.14
CA ALA A 793 -28.48 -35.63 48.50
C ALA A 793 -29.15 -34.50 49.27
N ALA A 794 -30.42 -34.72 49.62
CA ALA A 794 -31.23 -33.75 50.35
C ALA A 794 -30.70 -33.49 51.76
N ASP A 795 -29.93 -34.45 52.27
CA ASP A 795 -29.35 -34.38 53.61
C ASP A 795 -28.00 -33.65 53.72
N GLY A 796 -27.42 -33.30 52.58
CA GLY A 796 -26.17 -32.54 52.56
C GLY A 796 -24.95 -33.41 52.32
N GLN A 797 -25.13 -34.73 52.30
CA GLN A 797 -23.96 -35.63 52.21
C GLN A 797 -23.80 -36.16 50.79
N MET A 798 -22.59 -36.06 50.25
CA MET A 798 -22.33 -36.52 48.88
C MET A 798 -22.52 -38.03 48.77
N VAL A 799 -22.71 -38.51 47.54
CA VAL A 799 -22.85 -39.94 47.22
C VAL A 799 -22.00 -40.20 45.97
N PRO A 800 -21.11 -41.23 46.00
CA PRO A 800 -20.28 -41.50 44.82
C PRO A 800 -21.08 -42.15 43.72
N PHE A 801 -20.53 -42.23 42.51
CA PHE A 801 -21.27 -42.89 41.46
C PHE A 801 -21.39 -44.37 41.74
N SER A 802 -20.28 -44.97 42.15
CA SER A 802 -20.28 -46.40 42.43
C SER A 802 -21.28 -46.82 43.51
N ALA A 803 -21.90 -45.82 44.15
CA ALA A 803 -22.95 -46.03 45.15
C ALA A 803 -24.33 -46.32 44.56
N PHE A 804 -24.54 -45.92 43.32
CA PHE A 804 -25.80 -46.22 42.65
C PHE A 804 -25.71 -46.50 41.15
N SER A 805 -24.52 -46.88 40.68
CA SER A 805 -24.36 -47.12 39.26
C SER A 805 -23.83 -48.52 38.96
N SER A 806 -24.67 -49.35 38.35
CA SER A 806 -24.14 -50.59 37.81
C SER A 806 -23.49 -50.21 36.47
N SER A 807 -22.35 -50.83 36.12
CA SER A 807 -21.65 -50.43 34.90
C SER A 807 -21.02 -51.60 34.15
N ARG A 808 -21.24 -51.69 32.83
CA ARG A 808 -20.59 -52.74 32.07
C ARG A 808 -20.23 -52.24 30.68
N TRP A 809 -19.55 -53.09 29.90
CA TRP A 809 -19.28 -52.82 28.49
C TRP A 809 -20.19 -53.62 27.58
N GLU A 810 -20.46 -53.04 26.43
CA GLU A 810 -21.32 -53.63 25.42
C GLU A 810 -20.93 -53.11 24.04
N TYR A 811 -21.74 -53.42 23.04
CA TYR A 811 -21.54 -52.85 21.71
C TYR A 811 -22.52 -51.72 21.48
N GLY A 812 -22.35 -51.05 20.34
CA GLY A 812 -23.28 -50.02 19.91
C GLY A 812 -22.91 -49.53 18.54
N SER A 813 -23.88 -48.99 17.84
CA SER A 813 -23.66 -48.50 16.51
C SER A 813 -23.28 -47.03 16.57
N PRO A 814 -22.21 -46.68 15.86
CA PRO A 814 -21.66 -45.31 15.76
C PRO A 814 -22.25 -44.51 14.59
N ARG A 815 -23.06 -45.19 13.76
CA ARG A 815 -23.67 -44.59 12.57
C ARG A 815 -24.97 -45.31 12.21
N LEU A 816 -26.11 -44.70 12.55
CA LEU A 816 -27.41 -45.30 12.25
C LEU A 816 -28.07 -44.65 11.03
N GLU A 817 -28.13 -45.43 9.95
CA GLU A 817 -28.65 -44.95 8.67
C GLU A 817 -30.13 -45.21 8.48
N ARG A 818 -30.77 -44.31 7.74
CA ARG A 818 -32.18 -44.49 7.38
C ARG A 818 -32.46 -44.12 5.91
N TYR A 819 -33.25 -44.96 5.23
CA TYR A 819 -33.67 -44.69 3.86
C TYR A 819 -35.18 -44.69 3.71
N ASN A 820 -35.75 -43.53 3.41
CA ASN A 820 -37.19 -43.40 3.22
C ASN A 820 -37.89 -43.65 4.54
N GLY A 821 -37.30 -43.18 5.63
CA GLY A 821 -38.04 -43.14 6.87
C GLY A 821 -37.70 -44.27 7.81
N LEU A 822 -37.06 -45.29 7.24
CA LEU A 822 -36.83 -46.55 7.96
C LEU A 822 -35.35 -46.87 8.13
N PRO A 823 -35.02 -47.69 9.16
CA PRO A 823 -33.64 -48.10 9.42
C PRO A 823 -33.07 -48.84 8.21
N SER A 824 -31.85 -48.47 7.80
CA SER A 824 -31.22 -49.01 6.61
C SER A 824 -29.69 -49.05 6.71
N MET A 825 -29.07 -49.86 5.86
CA MET A 825 -27.61 -49.88 5.74
C MET A 825 -27.20 -49.90 4.27
N GLU A 826 -26.28 -48.99 3.96
CA GLU A 826 -25.84 -48.69 2.61
C GLU A 826 -24.67 -49.53 2.08
N ILE A 827 -24.88 -50.11 0.92
CA ILE A 827 -23.89 -50.92 0.26
C ILE A 827 -23.38 -50.30 -1.04
N LEU A 828 -22.11 -49.92 -1.06
CA LEU A 828 -21.50 -49.49 -2.30
C LEU A 828 -21.10 -50.75 -3.05
N GLY A 829 -20.67 -50.62 -4.30
CA GLY A 829 -20.26 -51.78 -5.05
C GLY A 829 -20.03 -51.48 -6.52
N GLN A 830 -19.29 -52.33 -7.22
CA GLN A 830 -19.08 -52.15 -8.65
C GLN A 830 -19.39 -53.38 -9.50
N ALA A 831 -19.36 -53.18 -10.81
CA ALA A 831 -19.56 -54.24 -11.76
C ALA A 831 -18.18 -54.58 -12.24
N ALA A 832 -17.98 -55.83 -12.67
CA ALA A 832 -16.68 -56.23 -13.21
C ALA A 832 -16.20 -55.20 -14.25
N PRO A 833 -14.87 -55.09 -14.44
CA PRO A 833 -14.28 -54.02 -15.27
C PRO A 833 -14.95 -53.66 -16.61
N GLY A 834 -15.24 -54.64 -17.48
CA GLY A 834 -15.94 -54.35 -18.73
C GLY A 834 -17.41 -54.71 -18.72
N LYS A 835 -18.07 -54.37 -17.63
CA LYS A 835 -19.44 -54.81 -17.34
C LYS A 835 -20.43 -53.65 -17.37
N SER A 836 -21.64 -53.92 -17.84
CA SER A 836 -22.73 -52.94 -17.74
C SER A 836 -23.24 -52.92 -16.32
N THR A 837 -23.44 -51.72 -15.79
CA THR A 837 -23.91 -51.55 -14.42
C THR A 837 -25.25 -52.24 -14.23
N GLY A 838 -26.05 -52.25 -15.30
CA GLY A 838 -27.38 -52.84 -15.27
C GLY A 838 -27.32 -54.34 -15.06
N GLU A 839 -26.31 -54.98 -15.63
CA GLU A 839 -26.13 -56.39 -15.37
C GLU A 839 -25.89 -56.60 -13.87
N ALA A 840 -24.95 -55.83 -13.32
CA ALA A 840 -24.59 -55.94 -11.92
C ALA A 840 -25.78 -55.70 -11.00
N MET A 841 -26.59 -54.74 -11.40
CA MET A 841 -27.77 -54.42 -10.65
C MET A 841 -28.75 -55.56 -10.68
N GLU A 842 -28.89 -56.22 -11.83
CA GLU A 842 -29.81 -57.35 -11.94
C GLU A 842 -29.35 -58.49 -11.01
N LEU A 843 -28.05 -58.80 -11.03
CA LEU A 843 -27.50 -59.80 -10.12
C LEU A 843 -27.73 -59.44 -8.66
N MET A 844 -27.50 -58.18 -8.33
CA MET A 844 -27.71 -57.70 -6.97
C MET A 844 -29.13 -57.94 -6.51
N GLU A 845 -30.07 -57.59 -7.39
CA GLU A 845 -31.49 -57.75 -7.09
C GLU A 845 -31.85 -59.22 -6.95
N GLN A 846 -31.09 -60.08 -7.63
CA GLN A 846 -31.29 -61.52 -7.55
C GLN A 846 -30.68 -62.20 -6.30
N LEU A 847 -29.66 -61.58 -5.70
CA LEU A 847 -29.11 -62.00 -4.39
C LEU A 847 -29.96 -61.55 -3.22
N ALA A 848 -30.36 -60.28 -3.26
CA ALA A 848 -31.09 -59.68 -2.17
C ALA A 848 -32.47 -60.29 -2.00
N SER A 849 -32.89 -61.10 -2.96
CA SER A 849 -34.17 -61.78 -2.87
C SER A 849 -34.16 -63.04 -2.02
N LYS A 850 -32.97 -63.51 -1.64
CA LYS A 850 -32.81 -64.63 -0.70
C LYS A 850 -32.42 -64.16 0.72
N LEU A 851 -32.95 -63.01 1.14
CA LEU A 851 -32.62 -62.41 2.43
C LEU A 851 -33.80 -62.60 3.39
N PRO A 852 -33.58 -62.40 4.72
CA PRO A 852 -34.68 -62.66 5.67
C PRO A 852 -35.98 -61.94 5.32
N THR A 853 -37.11 -62.55 5.70
CA THR A 853 -38.43 -61.96 5.46
C THR A 853 -38.51 -60.66 6.24
N GLY A 854 -38.93 -59.60 5.58
CA GLY A 854 -39.02 -58.30 6.20
C GLY A 854 -37.86 -57.35 5.92
N VAL A 855 -36.93 -57.80 5.11
CA VAL A 855 -35.82 -56.95 4.69
C VAL A 855 -36.03 -56.60 3.23
N GLY A 856 -35.97 -55.32 2.90
CA GLY A 856 -36.20 -54.95 1.51
C GLY A 856 -34.98 -54.27 0.93
N TYR A 857 -35.10 -53.87 -0.32
CA TYR A 857 -33.99 -53.28 -1.05
C TYR A 857 -34.49 -52.05 -1.77
N ASP A 858 -33.60 -51.11 -2.08
CA ASP A 858 -34.00 -49.97 -2.90
C ASP A 858 -32.74 -49.30 -3.44
N TRP A 859 -32.89 -48.44 -4.45
CA TRP A 859 -31.72 -47.80 -5.06
C TRP A 859 -31.71 -46.27 -4.87
N THR A 860 -30.51 -45.70 -4.77
CA THR A 860 -30.35 -44.29 -4.49
C THR A 860 -29.21 -43.66 -5.30
N GLY A 861 -29.19 -42.33 -5.34
CA GLY A 861 -28.15 -41.57 -6.01
C GLY A 861 -27.94 -42.04 -7.44
N MET A 862 -26.70 -42.38 -7.74
CA MET A 862 -26.33 -42.75 -9.10
C MET A 862 -27.25 -43.78 -9.73
N SER A 863 -27.39 -44.92 -9.09
CA SER A 863 -28.12 -46.05 -9.66
C SER A 863 -29.63 -45.80 -9.74
N TYR A 864 -30.09 -44.71 -9.14
CA TYR A 864 -31.49 -44.32 -9.26
C TYR A 864 -31.66 -43.65 -10.62
N GLN A 865 -30.76 -42.69 -10.89
CA GLN A 865 -30.77 -41.86 -12.09
C GLN A 865 -30.63 -42.62 -13.42
N GLU A 866 -29.80 -43.67 -13.40
CA GLU A 866 -29.54 -44.50 -14.58
C GLU A 866 -30.61 -45.57 -14.87
N ARG A 867 -31.33 -46.00 -13.83
CA ARG A 867 -32.33 -47.06 -13.91
C ARG A 867 -33.71 -46.59 -14.37
N LEU A 868 -33.91 -45.27 -14.49
CA LEU A 868 -35.18 -44.72 -14.96
C LEU A 868 -35.49 -44.97 -16.43
N SER A 869 -34.53 -44.70 -17.31
CA SER A 869 -34.76 -44.97 -18.71
C SER A 869 -33.53 -45.58 -19.34
N GLY A 870 -32.75 -44.78 -20.08
CA GLY A 870 -31.54 -45.32 -20.68
C GLY A 870 -32.02 -46.25 -21.76
N ASN A 871 -31.09 -46.84 -22.52
CA ASN A 871 -31.48 -47.80 -23.56
C ASN A 871 -32.14 -47.07 -24.73
N GLN A 872 -32.03 -45.74 -24.69
CA GLN A 872 -32.75 -44.80 -25.56
C GLN A 872 -32.18 -44.53 -26.95
N ALA A 873 -30.86 -44.59 -27.06
CA ALA A 873 -30.15 -44.29 -28.31
C ALA A 873 -30.74 -44.93 -29.59
N PRO A 874 -31.05 -46.24 -29.55
CA PRO A 874 -31.53 -46.82 -30.81
C PRO A 874 -32.85 -46.20 -31.31
N SER A 875 -33.80 -45.97 -30.42
CA SER A 875 -35.06 -45.37 -30.83
C SER A 875 -34.89 -43.93 -31.32
N LEU A 876 -33.98 -43.19 -30.68
CA LEU A 876 -33.85 -41.79 -31.01
C LEU A 876 -33.21 -41.61 -32.36
N TYR A 877 -32.32 -42.53 -32.71
CA TYR A 877 -31.67 -42.47 -34.02
C TYR A 877 -32.42 -43.29 -35.12
N ALA A 878 -33.42 -44.09 -34.73
CA ALA A 878 -34.34 -44.70 -35.70
C ALA A 878 -35.29 -43.58 -36.16
N ILE A 879 -35.74 -42.78 -35.19
CA ILE A 879 -36.45 -41.54 -35.48
C ILE A 879 -35.60 -40.58 -36.34
N SER A 880 -34.37 -40.30 -35.89
CA SER A 880 -33.49 -39.38 -36.58
C SER A 880 -33.28 -39.82 -38.01
N LEU A 881 -33.05 -41.13 -38.21
CA LEU A 881 -32.83 -41.72 -39.56
C LEU A 881 -34.06 -41.67 -40.46
N ILE A 882 -35.27 -41.84 -39.90
CA ILE A 882 -36.48 -41.66 -40.71
C ILE A 882 -36.68 -40.18 -41.09
N VAL A 883 -36.32 -39.27 -40.18
CA VAL A 883 -36.49 -37.84 -40.44
C VAL A 883 -35.51 -37.42 -41.56
N VAL A 884 -34.24 -37.80 -41.42
CA VAL A 884 -33.23 -37.62 -42.45
C VAL A 884 -33.72 -38.15 -43.78
N PHE A 885 -34.22 -39.38 -43.75
CA PHE A 885 -34.66 -40.01 -44.98
C PHE A 885 -35.70 -39.18 -45.64
N LEU A 886 -36.70 -38.81 -44.86
CA LEU A 886 -37.84 -38.05 -45.36
C LEU A 886 -37.41 -36.69 -45.98
N CYS A 887 -36.54 -35.97 -45.27
CA CYS A 887 -35.98 -34.69 -45.72
C CYS A 887 -35.27 -34.81 -47.07
N LEU A 888 -34.52 -35.90 -47.25
CA LEU A 888 -33.84 -36.22 -48.53
C LEU A 888 -34.86 -36.58 -49.65
N ALA A 889 -35.89 -37.38 -49.37
CA ALA A 889 -36.96 -37.57 -50.36
C ALA A 889 -37.58 -36.23 -50.71
N ALA A 890 -37.54 -35.25 -49.79
CA ALA A 890 -38.05 -33.90 -50.11
C ALA A 890 -37.14 -33.21 -51.11
N LEU A 891 -35.88 -33.08 -50.71
CA LEU A 891 -34.88 -32.40 -51.51
C LEU A 891 -34.69 -32.99 -52.89
N TYR A 892 -34.62 -34.32 -52.98
CA TYR A 892 -34.42 -35.03 -54.26
C TYR A 892 -35.73 -35.34 -55.05
N GLU A 893 -36.81 -35.54 -54.29
CA GLU A 893 -38.17 -35.75 -54.82
C GLU A 893 -38.24 -37.15 -55.44
N SER A 894 -37.81 -38.12 -54.63
CA SER A 894 -37.65 -39.53 -54.95
C SER A 894 -37.68 -40.31 -53.62
N TRP A 895 -38.17 -41.54 -53.66
CA TRP A 895 -38.08 -42.43 -52.50
C TRP A 895 -36.86 -43.31 -52.58
N SER A 896 -36.24 -43.36 -53.75
CA SER A 896 -35.07 -44.22 -53.95
C SER A 896 -33.77 -43.44 -53.75
N ILE A 897 -33.70 -42.24 -54.33
CA ILE A 897 -32.49 -41.42 -54.25
C ILE A 897 -31.94 -41.02 -52.84
N PRO A 898 -32.82 -40.66 -51.87
CA PRO A 898 -32.33 -40.37 -50.52
C PRO A 898 -31.32 -41.43 -50.01
N PHE A 899 -31.56 -42.70 -50.33
CA PHE A 899 -30.72 -43.80 -49.87
C PHE A 899 -29.27 -43.63 -50.28
N SER A 900 -29.03 -43.21 -51.52
CA SER A 900 -27.66 -43.05 -52.01
C SER A 900 -26.88 -41.93 -51.32
N VAL A 901 -27.49 -41.17 -50.38
CA VAL A 901 -26.63 -40.34 -49.51
C VAL A 901 -26.62 -40.89 -48.13
N MET A 902 -27.69 -41.51 -47.68
CA MET A 902 -27.68 -42.03 -46.29
C MET A 902 -26.64 -43.12 -46.01
N LEU A 903 -26.32 -43.89 -47.05
CA LEU A 903 -25.29 -44.91 -46.99
C LEU A 903 -23.95 -44.36 -46.56
N VAL A 904 -23.80 -43.04 -46.62
CA VAL A 904 -22.55 -42.43 -46.24
C VAL A 904 -22.26 -42.54 -44.75
N VAL A 905 -23.29 -42.75 -43.92
CA VAL A 905 -23.09 -42.60 -42.46
C VAL A 905 -21.86 -43.32 -41.86
N PRO A 906 -21.67 -44.64 -42.14
CA PRO A 906 -20.48 -45.39 -41.68
C PRO A 906 -19.15 -44.80 -42.06
N LEU A 907 -18.97 -44.49 -43.33
CA LEU A 907 -17.66 -44.08 -43.83
C LEU A 907 -16.96 -43.06 -42.91
N GLY A 908 -17.70 -42.45 -41.99
CA GLY A 908 -17.13 -41.48 -41.08
C GLY A 908 -17.12 -42.11 -39.71
N VAL A 909 -18.11 -42.96 -39.46
CA VAL A 909 -18.19 -43.68 -38.19
C VAL A 909 -16.93 -44.53 -37.93
N ILE A 910 -16.60 -45.37 -38.92
CA ILE A 910 -15.49 -46.33 -38.87
C ILE A 910 -14.15 -45.69 -38.55
N GLY A 911 -13.86 -44.52 -39.11
CA GLY A 911 -12.64 -43.84 -38.80
C GLY A 911 -12.63 -43.34 -37.38
N ALA A 912 -13.82 -42.99 -36.88
CA ALA A 912 -13.91 -42.49 -35.51
C ALA A 912 -13.63 -43.61 -34.49
N LEU A 913 -14.22 -44.77 -34.73
CA LEU A 913 -14.05 -45.94 -33.88
C LEU A 913 -12.62 -46.45 -33.89
N LEU A 914 -12.11 -46.68 -35.11
CA LEU A 914 -10.73 -47.03 -35.38
C LEU A 914 -9.78 -46.07 -34.67
N ALA A 915 -9.98 -44.78 -34.91
CA ALA A 915 -9.14 -43.79 -34.25
C ALA A 915 -9.38 -43.83 -32.76
N ALA A 916 -10.60 -44.14 -32.38
CA ALA A 916 -10.97 -44.17 -30.96
C ALA A 916 -10.18 -45.22 -30.18
N THR A 917 -10.10 -46.41 -30.75
CA THR A 917 -9.46 -47.53 -30.09
C THR A 917 -7.94 -47.44 -30.15
N PHE A 918 -7.41 -46.91 -31.24
CA PHE A 918 -5.96 -46.86 -31.41
C PHE A 918 -5.33 -45.80 -30.50
N ARG A 919 -6.14 -44.92 -29.94
CA ARG A 919 -5.64 -44.13 -28.83
C ARG A 919 -6.40 -44.72 -27.65
N GLY A 920 -5.94 -44.47 -26.44
CA GLY A 920 -6.55 -45.10 -25.27
C GLY A 920 -7.91 -44.61 -24.85
N LEU A 921 -8.70 -44.15 -25.80
CA LEU A 921 -9.99 -43.56 -25.45
C LEU A 921 -11.16 -44.55 -25.49
N THR A 922 -12.33 -44.03 -25.13
CA THR A 922 -13.53 -44.83 -24.88
C THR A 922 -14.80 -44.17 -25.40
N ASN A 923 -15.82 -44.98 -25.70
CA ASN A 923 -17.10 -44.50 -26.24
C ASN A 923 -17.91 -43.65 -25.26
N ASP A 924 -17.38 -42.49 -24.87
CA ASP A 924 -18.08 -41.61 -23.96
C ASP A 924 -18.90 -40.58 -24.72
N VAL A 925 -19.46 -39.61 -24.00
CA VAL A 925 -20.31 -38.57 -24.58
C VAL A 925 -19.64 -37.83 -25.72
N TYR A 926 -18.43 -37.34 -25.45
CA TYR A 926 -17.71 -36.61 -26.47
C TYR A 926 -17.49 -37.38 -27.77
N PHE A 927 -17.07 -38.64 -27.64
CA PHE A 927 -16.85 -39.47 -28.83
C PHE A 927 -18.10 -39.47 -29.67
N GLN A 928 -19.25 -39.41 -29.02
CA GLN A 928 -20.50 -39.44 -29.77
C GLN A 928 -20.84 -38.09 -30.39
N VAL A 929 -20.67 -37.00 -29.64
CA VAL A 929 -20.92 -35.67 -30.21
C VAL A 929 -20.13 -35.52 -31.51
N GLY A 930 -18.84 -35.81 -31.39
CA GLY A 930 -17.96 -35.84 -32.54
C GLY A 930 -18.46 -36.79 -33.60
N LEU A 931 -18.85 -38.00 -33.22
CA LEU A 931 -19.36 -38.94 -34.21
C LEU A 931 -20.53 -38.32 -35.04
N LEU A 932 -21.50 -37.70 -34.36
CA LEU A 932 -22.62 -37.02 -35.01
C LEU A 932 -22.10 -36.05 -36.03
N THR A 933 -21.26 -35.12 -35.56
CA THR A 933 -20.61 -34.17 -36.43
C THR A 933 -20.08 -34.77 -37.72
N THR A 934 -19.37 -35.88 -37.55
CA THR A 934 -18.78 -36.60 -38.65
C THR A 934 -19.84 -37.14 -39.64
N ILE A 935 -20.91 -37.72 -39.14
CA ILE A 935 -22.00 -38.12 -40.05
C ILE A 935 -22.54 -36.83 -40.72
N GLY A 936 -22.50 -35.71 -40.00
CA GLY A 936 -23.02 -34.46 -40.52
C GLY A 936 -22.31 -34.05 -41.80
N LEU A 937 -21.01 -33.86 -41.63
CA LEU A 937 -20.22 -33.45 -42.72
C LEU A 937 -20.30 -34.48 -43.86
N SER A 938 -20.17 -35.76 -43.52
CA SER A 938 -20.27 -36.78 -44.58
C SER A 938 -21.52 -36.69 -45.46
N ALA A 939 -22.69 -36.58 -44.81
CA ALA A 939 -23.97 -36.46 -45.52
C ALA A 939 -24.00 -35.17 -46.32
N LYS A 940 -23.41 -34.10 -45.75
CA LYS A 940 -23.37 -32.79 -46.38
C LYS A 940 -22.78 -32.93 -47.79
N ASN A 941 -21.54 -33.39 -47.82
CA ASN A 941 -20.78 -33.57 -49.06
C ASN A 941 -21.44 -34.54 -50.07
N ALA A 942 -21.95 -35.65 -49.52
CA ALA A 942 -22.71 -36.59 -50.32
C ALA A 942 -23.88 -35.93 -51.07
N ILE A 943 -24.64 -35.17 -50.28
CA ILE A 943 -25.88 -34.49 -50.69
C ILE A 943 -25.55 -33.52 -51.82
N LEU A 944 -24.48 -32.75 -51.63
CA LEU A 944 -23.96 -31.90 -52.69
C LEU A 944 -23.58 -32.62 -53.97
N ILE A 945 -22.84 -33.74 -53.88
CA ILE A 945 -22.51 -34.54 -55.09
C ILE A 945 -23.76 -35.06 -55.85
N VAL A 946 -24.65 -35.77 -55.13
CA VAL A 946 -25.88 -36.36 -55.72
C VAL A 946 -26.82 -35.26 -56.25
N GLU A 947 -26.88 -34.17 -55.51
CA GLU A 947 -27.65 -33.02 -55.95
C GLU A 947 -27.09 -32.51 -57.29
N PHE A 948 -25.78 -32.25 -57.38
CA PHE A 948 -25.23 -31.73 -58.63
C PHE A 948 -25.43 -32.65 -59.79
N ALA A 949 -25.23 -33.94 -59.56
CA ALA A 949 -25.53 -34.98 -60.57
C ALA A 949 -27.00 -34.88 -61.01
N LYS A 950 -27.90 -34.86 -60.04
CA LYS A 950 -29.34 -34.76 -60.24
C LYS A 950 -29.60 -33.59 -61.17
N ASP A 951 -29.00 -32.46 -60.83
CA ASP A 951 -29.10 -31.25 -61.63
C ASP A 951 -28.67 -31.46 -63.07
N LEU A 952 -27.61 -32.24 -63.27
CA LEU A 952 -27.09 -32.48 -64.63
C LEU A 952 -28.00 -33.39 -65.47
N MET A 953 -28.32 -34.54 -64.89
CA MET A 953 -29.16 -35.54 -65.50
C MET A 953 -30.51 -34.93 -65.90
N ASP A 954 -31.05 -34.13 -64.99
CA ASP A 954 -32.38 -33.54 -65.12
C ASP A 954 -32.36 -32.18 -65.79
N LYS A 955 -31.71 -31.22 -65.17
CA LYS A 955 -31.60 -29.86 -65.72
C LYS A 955 -30.47 -29.67 -66.75
N GLU A 956 -29.95 -30.73 -67.36
CA GLU A 956 -28.97 -30.54 -68.43
C GLU A 956 -29.08 -31.61 -69.47
N GLY A 957 -29.69 -32.73 -69.11
CA GLY A 957 -29.92 -33.79 -70.06
C GLY A 957 -28.93 -34.93 -70.10
N LYS A 958 -27.95 -34.85 -69.21
CA LYS A 958 -26.92 -35.87 -69.11
C LYS A 958 -27.47 -37.25 -68.80
N GLY A 959 -26.60 -38.24 -68.95
CA GLY A 959 -26.89 -39.62 -68.62
C GLY A 959 -26.36 -39.86 -67.23
N LEU A 960 -26.68 -40.99 -66.62
CA LEU A 960 -26.22 -41.27 -65.26
C LEU A 960 -24.70 -41.04 -65.13
N ILE A 961 -23.92 -41.92 -65.76
CA ILE A 961 -22.47 -41.94 -65.58
C ILE A 961 -21.85 -40.56 -65.82
N GLU A 962 -22.22 -39.96 -66.94
CA GLU A 962 -21.70 -38.67 -67.37
C GLU A 962 -21.93 -37.58 -66.29
N ALA A 963 -23.12 -37.61 -65.74
CA ALA A 963 -23.53 -36.59 -64.81
C ALA A 963 -22.91 -36.79 -63.44
N THR A 964 -22.86 -38.04 -63.00
CA THR A 964 -22.23 -38.29 -61.72
C THR A 964 -20.74 -38.00 -61.78
N LEU A 965 -20.12 -38.27 -62.93
CA LEU A 965 -18.70 -37.94 -63.12
C LEU A 965 -18.45 -36.46 -63.11
N ASP A 966 -19.30 -35.69 -63.81
CA ASP A 966 -19.06 -34.24 -63.80
C ASP A 966 -19.22 -33.73 -62.37
N ALA A 967 -20.27 -34.24 -61.74
CA ALA A 967 -20.63 -33.89 -60.40
C ALA A 967 -19.44 -34.08 -59.51
N VAL A 968 -19.02 -35.33 -59.43
CA VAL A 968 -17.92 -35.71 -58.58
C VAL A 968 -16.68 -34.87 -58.89
N ARG A 969 -16.50 -34.53 -60.16
CA ARG A 969 -15.33 -33.77 -60.56
C ARG A 969 -15.31 -32.39 -59.99
N MET A 970 -16.38 -31.65 -60.16
CA MET A 970 -16.29 -30.26 -59.77
C MET A 970 -16.27 -30.14 -58.28
N ARG A 971 -16.70 -31.18 -57.60
CA ARG A 971 -16.79 -31.00 -56.18
C ARG A 971 -15.76 -31.73 -55.32
N LEU A 972 -14.64 -32.20 -55.89
CA LEU A 972 -13.53 -32.82 -55.13
C LEU A 972 -12.78 -31.72 -54.30
N ARG A 973 -12.44 -30.62 -54.96
CA ARG A 973 -11.84 -29.47 -54.29
C ARG A 973 -12.58 -28.91 -53.06
N PRO A 974 -13.91 -28.82 -53.13
CA PRO A 974 -14.63 -28.34 -51.94
C PRO A 974 -14.53 -29.27 -50.72
N ILE A 975 -14.71 -30.56 -51.00
CA ILE A 975 -14.58 -31.61 -49.99
C ILE A 975 -13.22 -31.52 -49.31
N LEU A 976 -12.18 -31.49 -50.13
CA LEU A 976 -10.80 -31.47 -49.65
C LEU A 976 -10.46 -30.20 -48.89
N MET A 977 -10.98 -29.06 -49.33
CA MET A 977 -10.69 -27.84 -48.61
C MET A 977 -11.29 -27.87 -47.23
N THR A 978 -12.56 -28.27 -47.14
CA THR A 978 -13.21 -28.39 -45.83
C THR A 978 -12.37 -29.27 -44.95
N SER A 979 -12.19 -30.49 -45.43
CA SER A 979 -11.59 -31.57 -44.66
C SER A 979 -10.13 -31.33 -44.23
N LEU A 980 -9.32 -30.76 -45.11
CA LEU A 980 -7.97 -30.38 -44.76
C LEU A 980 -8.08 -29.29 -43.67
N ALA A 981 -8.93 -28.29 -43.92
CA ALA A 981 -9.14 -27.24 -42.93
C ALA A 981 -9.57 -27.74 -41.54
N PHE A 982 -10.37 -28.78 -41.54
CA PHE A 982 -10.99 -29.27 -40.31
C PHE A 982 -10.00 -30.13 -39.55
N ILE A 983 -9.49 -31.18 -40.19
CA ILE A 983 -8.49 -32.03 -39.56
C ILE A 983 -7.32 -31.18 -39.01
N LEU A 984 -6.88 -30.17 -39.77
CA LEU A 984 -5.89 -29.25 -39.20
C LEU A 984 -6.39 -28.37 -38.07
N GLY A 985 -7.68 -28.06 -38.02
CA GLY A 985 -8.22 -27.27 -36.92
C GLY A 985 -8.31 -28.06 -35.63
N VAL A 986 -8.69 -29.31 -35.77
CA VAL A 986 -8.87 -30.24 -34.66
C VAL A 986 -7.55 -30.71 -34.14
N MET A 987 -6.50 -30.64 -34.96
CA MET A 987 -5.19 -31.13 -34.55
C MET A 987 -4.79 -30.70 -33.13
N PRO A 988 -4.80 -29.39 -32.82
CA PRO A 988 -4.38 -28.92 -31.50
C PRO A 988 -5.01 -29.67 -30.32
N LEU A 989 -6.27 -30.06 -30.45
CA LEU A 989 -6.92 -30.91 -29.45
C LEU A 989 -6.18 -32.24 -29.23
N VAL A 990 -5.90 -32.95 -30.31
CA VAL A 990 -5.37 -34.31 -30.17
C VAL A 990 -4.04 -34.19 -29.45
N ILE A 991 -3.28 -33.17 -29.85
CA ILE A 991 -2.01 -32.81 -29.23
C ILE A 991 -2.17 -32.38 -27.81
N SER A 992 -3.19 -31.55 -27.60
CA SER A 992 -3.41 -30.85 -26.33
C SER A 992 -3.04 -31.71 -25.12
N THR A 993 -1.98 -31.25 -24.45
CA THR A 993 -1.58 -31.73 -23.13
C THR A 993 -1.62 -30.52 -22.18
N GLY A 994 -2.35 -30.65 -21.08
CA GLY A 994 -2.68 -29.47 -20.28
C GLY A 994 -4.11 -29.52 -19.77
N ALA A 995 -4.49 -28.56 -18.95
CA ALA A 995 -5.73 -28.66 -18.23
C ALA A 995 -6.89 -29.02 -19.14
N GLY A 996 -7.57 -30.10 -18.80
CA GLY A 996 -8.75 -30.55 -19.52
C GLY A 996 -8.40 -31.26 -20.80
N SER A 997 -7.13 -31.63 -20.93
CA SER A 997 -6.69 -32.30 -22.15
C SER A 997 -7.33 -33.66 -22.27
N GLY A 998 -7.94 -34.18 -21.21
CA GLY A 998 -8.63 -35.45 -21.31
C GLY A 998 -9.78 -35.30 -22.28
N ALA A 999 -10.58 -34.27 -22.04
CA ALA A 999 -11.67 -33.85 -22.91
C ALA A 999 -11.15 -33.56 -24.33
N GLN A 1000 -10.27 -32.58 -24.41
CA GLN A 1000 -9.73 -32.12 -25.68
C GLN A 1000 -9.26 -33.27 -26.52
N ASN A 1001 -8.49 -34.16 -25.94
CA ASN A 1001 -8.00 -35.32 -26.65
C ASN A 1001 -9.17 -36.15 -27.07
N ALA A 1002 -10.12 -36.31 -26.16
CA ALA A 1002 -11.28 -37.12 -26.45
C ALA A 1002 -12.08 -36.60 -27.66
N VAL A 1003 -12.20 -35.29 -27.80
CA VAL A 1003 -12.90 -34.65 -28.92
C VAL A 1003 -12.13 -34.75 -30.24
N GLY A 1004 -10.97 -34.09 -30.21
CA GLY A 1004 -10.08 -34.05 -31.34
C GLY A 1004 -9.89 -35.42 -31.96
N THR A 1005 -9.60 -36.43 -31.15
CA THR A 1005 -9.36 -37.75 -31.71
C THR A 1005 -10.50 -38.31 -32.58
N GLY A 1006 -11.60 -38.68 -31.94
CA GLY A 1006 -12.73 -39.30 -32.64
C GLY A 1006 -13.09 -38.50 -33.86
N VAL A 1007 -13.03 -37.16 -33.69
CA VAL A 1007 -13.34 -36.24 -34.77
C VAL A 1007 -12.41 -36.50 -35.94
N MET A 1008 -11.12 -36.51 -35.65
CA MET A 1008 -10.13 -36.59 -36.70
C MET A 1008 -10.20 -37.87 -37.48
N GLY A 1009 -10.24 -38.99 -36.78
CA GLY A 1009 -10.30 -40.27 -37.45
C GLY A 1009 -11.52 -40.40 -38.34
N GLY A 1010 -12.64 -39.99 -37.74
CA GLY A 1010 -13.90 -39.97 -38.45
C GLY A 1010 -13.70 -39.19 -39.75
N MET A 1011 -13.07 -38.01 -39.64
CA MET A 1011 -12.92 -37.11 -40.76
C MET A 1011 -12.11 -37.67 -41.91
N VAL A 1012 -10.95 -38.20 -41.55
CA VAL A 1012 -10.03 -38.85 -42.49
C VAL A 1012 -10.68 -39.97 -43.29
N THR A 1013 -11.22 -41.00 -42.61
CA THR A 1013 -11.82 -42.08 -43.44
C THR A 1013 -13.11 -41.63 -44.11
N ALA A 1014 -13.79 -40.65 -43.52
CA ALA A 1014 -15.01 -40.14 -44.13
C ALA A 1014 -14.70 -39.57 -45.50
N THR A 1015 -13.94 -38.49 -45.54
CA THR A 1015 -13.72 -37.86 -46.81
C THR A 1015 -13.03 -38.87 -47.74
N VAL A 1016 -11.89 -39.36 -47.27
CA VAL A 1016 -11.03 -40.18 -48.11
C VAL A 1016 -11.65 -41.55 -48.53
N LEU A 1017 -12.80 -41.92 -47.97
CA LEU A 1017 -13.55 -43.08 -48.52
C LEU A 1017 -14.78 -42.67 -49.39
N ALA A 1018 -15.49 -41.62 -48.93
CA ALA A 1018 -16.75 -41.12 -49.52
C ALA A 1018 -16.54 -40.62 -50.91
N ILE A 1019 -15.45 -39.88 -51.13
CA ILE A 1019 -15.22 -39.37 -52.47
C ILE A 1019 -14.98 -40.52 -53.43
N PHE A 1020 -14.99 -41.76 -52.94
CA PHE A 1020 -14.91 -42.92 -53.81
C PHE A 1020 -16.20 -43.74 -53.71
N PHE A 1021 -16.99 -43.54 -52.66
CA PHE A 1021 -18.19 -44.36 -52.51
C PHE A 1021 -19.49 -43.67 -52.97
N VAL A 1022 -19.62 -42.35 -52.73
CA VAL A 1022 -20.84 -41.61 -53.06
C VAL A 1022 -21.29 -41.86 -54.54
N PRO A 1023 -20.37 -41.78 -55.52
CA PRO A 1023 -20.80 -42.01 -56.90
C PRO A 1023 -21.22 -43.43 -57.25
N VAL A 1024 -20.88 -44.40 -56.40
CA VAL A 1024 -21.30 -45.77 -56.67
C VAL A 1024 -22.70 -45.84 -56.10
N PHE A 1025 -22.87 -45.32 -54.87
CA PHE A 1025 -24.19 -45.17 -54.21
C PHE A 1025 -25.21 -44.61 -55.20
N PHE A 1026 -24.98 -43.37 -55.61
CA PHE A 1026 -25.90 -42.71 -56.52
C PHE A 1026 -26.18 -43.52 -57.78
N VAL A 1027 -25.11 -44.01 -58.44
CA VAL A 1027 -25.20 -44.84 -59.66
C VAL A 1027 -25.96 -46.18 -59.46
N VAL A 1028 -25.65 -46.91 -58.39
CA VAL A 1028 -26.42 -48.11 -58.05
C VAL A 1028 -27.88 -47.75 -57.74
N VAL A 1029 -28.10 -46.79 -56.85
CA VAL A 1029 -29.46 -46.37 -56.52
C VAL A 1029 -30.30 -45.90 -57.72
N ARG A 1030 -29.71 -45.16 -58.63
CA ARG A 1030 -30.50 -44.65 -59.75
C ARG A 1030 -30.82 -45.75 -60.75
N ARG A 1031 -30.10 -46.86 -60.69
CA ARG A 1031 -30.36 -47.94 -61.64
C ARG A 1031 -31.30 -48.96 -61.00
N ARG A 1032 -31.80 -48.63 -59.78
CA ARG A 1032 -32.94 -49.33 -59.15
C ARG A 1032 -34.11 -48.37 -58.78
N PHE A 1033 -34.70 -47.80 -59.83
CA PHE A 1033 -35.84 -46.90 -59.77
C PHE A 1033 -36.17 -46.56 -61.25
N SER A 1034 -36.81 -45.41 -61.49
CA SER A 1034 -37.02 -44.85 -62.83
C SER A 1034 -35.71 -44.97 -63.64
N ARG A 1035 -35.68 -45.15 -64.97
CA ARG A 1035 -36.68 -45.17 -66.09
C ARG A 1035 -36.64 -43.75 -66.68
N LYS A 1036 -36.20 -43.66 -67.95
CA LYS A 1036 -35.90 -42.42 -68.68
C LYS A 1036 -34.53 -41.92 -68.23
N ASN A 1037 -34.15 -42.28 -66.99
CA ASN A 1037 -32.93 -41.81 -66.30
C ASN A 1037 -32.11 -42.91 -65.59
N GLU A 1038 -31.68 -44.02 -66.21
CA GLU A 1038 -31.42 -44.27 -67.64
C GLU A 1038 -30.58 -43.15 -68.23
N ASP A 1039 -29.34 -43.53 -68.44
CA ASP A 1039 -28.25 -42.73 -68.96
C ASP A 1039 -28.37 -42.45 -70.45
N ILE A 1040 -28.80 -41.22 -70.77
CA ILE A 1040 -29.38 -40.88 -72.06
C ILE A 1040 -29.12 -39.38 -72.45
N GLU A 1041 -30.18 -38.69 -72.88
CA GLU A 1041 -30.20 -37.29 -73.23
C GLU A 1041 -31.54 -36.66 -72.70
N HIS A 1042 -31.49 -35.49 -72.07
CA HIS A 1042 -32.72 -34.75 -71.75
C HIS A 1042 -32.66 -33.32 -72.33
N SER A 1043 -33.34 -32.37 -71.68
CA SER A 1043 -33.38 -30.97 -72.13
C SER A 1043 -34.11 -30.83 -73.45
N PRO B 2 -47.66 -1.85 -46.35
CA PRO B 2 -47.21 -0.51 -46.73
C PRO B 2 -47.97 0.01 -47.96
N ASN B 3 -47.43 -0.34 -49.11
CA ASN B 3 -48.08 -0.08 -50.37
C ASN B 3 -49.36 -0.89 -50.33
N PHE B 4 -49.30 -2.01 -49.61
CA PHE B 4 -50.39 -3.00 -49.42
C PHE B 4 -51.71 -2.44 -48.92
N PHE B 5 -51.63 -1.64 -47.86
CA PHE B 5 -52.83 -1.13 -47.19
C PHE B 5 -53.41 0.10 -47.87
N ILE B 6 -52.77 0.50 -48.96
CA ILE B 6 -53.28 1.59 -49.76
C ILE B 6 -54.53 0.97 -50.40
N ASP B 7 -54.33 -0.26 -50.85
CA ASP B 7 -55.35 -0.94 -51.60
C ASP B 7 -56.15 -1.82 -50.70
N ARG B 8 -56.01 -1.55 -49.43
CA ARG B 8 -56.75 -2.25 -48.41
C ARG B 8 -57.08 -1.28 -47.28
N PRO B 9 -57.98 -0.31 -47.53
CA PRO B 9 -58.25 0.62 -46.44
C PRO B 9 -58.96 -0.08 -45.29
N ILE B 10 -59.73 -1.11 -45.63
CA ILE B 10 -60.50 -1.75 -44.63
C ILE B 10 -59.62 -2.62 -43.74
N PHE B 11 -58.71 -3.40 -44.31
CA PHE B 11 -57.77 -4.19 -43.48
C PHE B 11 -57.02 -3.25 -42.52
N ALA B 12 -56.60 -2.08 -43.02
CA ALA B 12 -56.01 -1.04 -42.16
C ALA B 12 -56.95 -0.62 -40.99
N TRP B 13 -58.20 -0.25 -41.33
CA TRP B 13 -59.22 0.06 -40.32
C TRP B 13 -59.29 -1.04 -39.31
N VAL B 14 -59.18 -2.29 -39.76
CA VAL B 14 -59.37 -3.40 -38.84
C VAL B 14 -58.19 -3.50 -37.87
N ILE B 15 -56.97 -3.40 -38.34
CA ILE B 15 -55.84 -3.32 -37.41
C ILE B 15 -56.01 -2.14 -36.40
N ALA B 16 -56.50 -1.00 -36.92
CA ALA B 16 -56.72 0.21 -36.10
C ALA B 16 -57.65 -0.07 -34.98
N ILE B 17 -58.82 -0.55 -35.37
CA ILE B 17 -59.92 -0.84 -34.50
C ILE B 17 -59.56 -1.87 -33.46
N ILE B 18 -58.85 -2.91 -33.87
CA ILE B 18 -58.35 -3.95 -32.96
C ILE B 18 -57.43 -3.38 -31.87
N ILE B 19 -56.45 -2.58 -32.30
CA ILE B 19 -55.56 -1.86 -31.39
C ILE B 19 -56.32 -0.85 -30.45
N MET B 20 -57.31 -0.15 -31.00
CA MET B 20 -58.16 0.76 -30.22
C MET B 20 -58.96 0.05 -29.14
N LEU B 21 -59.53 -1.10 -29.50
CA LEU B 21 -60.33 -1.88 -28.57
C LEU B 21 -59.44 -2.41 -27.48
N ALA B 22 -58.24 -2.85 -27.85
CA ALA B 22 -57.21 -3.26 -26.88
C ALA B 22 -56.78 -2.11 -25.98
N GLY B 23 -56.77 -0.92 -26.55
CA GLY B 23 -56.43 0.28 -25.81
C GLY B 23 -57.47 0.56 -24.76
N GLY B 24 -58.72 0.80 -25.18
CA GLY B 24 -59.83 1.08 -24.27
C GLY B 24 -60.05 -0.02 -23.24
N LEU B 25 -59.82 -1.26 -23.65
CA LEU B 25 -59.90 -2.39 -22.73
C LEU B 25 -58.76 -2.36 -21.73
N ALA B 26 -57.54 -2.09 -22.20
CA ALA B 26 -56.37 -2.00 -21.31
C ALA B 26 -56.39 -0.75 -20.45
N ILE B 27 -57.23 0.20 -20.85
CA ILE B 27 -57.34 1.50 -20.21
C ILE B 27 -58.35 1.45 -19.08
N LEU B 28 -59.41 0.69 -19.28
CA LEU B 28 -60.40 0.48 -18.22
C LEU B 28 -59.78 -0.27 -17.08
N LYS B 29 -59.12 -1.36 -17.41
CA LYS B 29 -58.61 -2.21 -16.38
C LYS B 29 -57.09 -2.16 -16.31
N LEU B 30 -56.58 -0.98 -16.00
CA LEU B 30 -55.16 -0.75 -15.82
C LEU B 30 -55.00 -0.03 -14.53
N PRO B 31 -54.09 -0.53 -13.71
CA PRO B 31 -53.80 0.02 -12.38
C PRO B 31 -53.55 1.52 -12.45
N VAL B 32 -53.64 2.17 -11.31
CA VAL B 32 -53.20 3.55 -11.19
C VAL B 32 -52.50 3.61 -9.83
N ALA B 33 -51.23 4.00 -9.83
CA ALA B 33 -50.43 4.19 -8.61
C ALA B 33 -49.67 5.51 -8.81
N GLN B 34 -49.05 6.07 -7.80
CA GLN B 34 -48.36 7.31 -8.08
C GLN B 34 -47.03 7.14 -8.80
N TYR B 35 -46.19 6.23 -8.30
CA TYR B 35 -44.93 5.92 -8.95
C TYR B 35 -44.87 4.40 -8.97
N PRO B 36 -44.00 3.81 -9.79
CA PRO B 36 -43.83 2.36 -9.75
C PRO B 36 -42.84 1.95 -8.68
N THR B 37 -42.85 0.66 -8.38
CA THR B 37 -41.92 0.06 -7.45
C THR B 37 -40.45 0.38 -7.79
N ILE B 38 -39.75 1.08 -6.89
CA ILE B 38 -38.40 1.57 -7.19
C ILE B 38 -37.26 1.18 -6.20
N ALA B 39 -37.59 0.88 -4.93
CA ALA B 39 -36.58 0.54 -3.90
C ALA B 39 -36.14 -0.94 -3.84
N PRO B 40 -34.81 -1.18 -3.91
CA PRO B 40 -34.15 -2.50 -3.81
C PRO B 40 -34.50 -3.28 -2.55
N PRO B 41 -35.57 -4.08 -2.62
CA PRO B 41 -36.28 -4.80 -1.56
C PRO B 41 -35.55 -5.10 -0.25
N ALA B 42 -36.22 -4.67 0.82
CA ALA B 42 -35.75 -4.81 2.19
C ALA B 42 -36.81 -5.40 3.12
N VAL B 43 -36.44 -6.47 3.81
CA VAL B 43 -37.28 -7.07 4.82
C VAL B 43 -36.82 -6.56 6.16
N THR B 44 -37.75 -6.37 7.08
CA THR B 44 -37.42 -5.90 8.43
C THR B 44 -37.81 -6.90 9.52
N ILE B 45 -36.84 -7.26 10.35
CA ILE B 45 -37.09 -8.01 11.55
C ILE B 45 -37.16 -7.07 12.73
N SER B 46 -38.27 -7.07 13.44
CA SER B 46 -38.38 -6.23 14.62
C SER B 46 -38.81 -6.99 15.86
N ALA B 47 -38.09 -6.77 16.96
CA ALA B 47 -38.45 -7.40 18.23
C ALA B 47 -38.45 -6.41 19.39
N SER B 48 -39.50 -6.47 20.20
CA SER B 48 -39.60 -5.56 21.32
C SER B 48 -39.34 -6.37 22.57
N TYR B 49 -38.32 -5.93 23.32
CA TYR B 49 -37.84 -6.56 24.56
C TYR B 49 -38.07 -5.63 25.75
N PRO B 50 -39.35 -5.54 26.21
CA PRO B 50 -39.83 -4.48 27.12
C PRO B 50 -38.98 -4.34 28.38
N GLY B 51 -38.53 -3.11 28.59
CA GLY B 51 -37.67 -2.82 29.71
C GLY B 51 -36.22 -2.74 29.27
N ALA B 52 -35.84 -3.48 28.23
CA ALA B 52 -34.40 -3.61 27.88
C ALA B 52 -33.71 -2.32 27.46
N ASP B 53 -32.44 -2.22 27.79
CA ASP B 53 -31.64 -1.06 27.45
C ASP B 53 -30.98 -1.38 26.15
N ALA B 54 -30.26 -0.42 25.57
CA ALA B 54 -29.70 -0.62 24.24
C ALA B 54 -28.82 -1.87 24.14
N LYS B 55 -27.89 -2.02 25.06
CA LYS B 55 -26.93 -3.12 25.06
C LYS B 55 -27.60 -4.49 25.30
N THR B 56 -28.70 -4.50 26.03
CA THR B 56 -29.40 -5.76 26.36
C THR B 56 -30.12 -6.35 25.14
N VAL B 57 -30.79 -5.50 24.37
CA VAL B 57 -31.35 -5.94 23.08
C VAL B 57 -30.25 -6.20 22.07
N GLN B 58 -29.19 -5.37 22.03
CA GLN B 58 -28.11 -5.61 21.07
C GLN B 58 -27.44 -6.96 21.33
N ASP B 59 -27.38 -7.40 22.59
CA ASP B 59 -26.64 -8.63 22.90
C ASP B 59 -27.47 -9.87 23.05
N THR B 60 -28.73 -9.71 23.36
CA THR B 60 -29.55 -10.89 23.60
C THR B 60 -30.37 -11.33 22.39
N VAL B 61 -30.83 -10.33 21.66
CA VAL B 61 -31.64 -10.52 20.46
C VAL B 61 -30.86 -10.17 19.18
N THR B 62 -30.36 -8.93 19.07
CA THR B 62 -29.75 -8.44 17.82
C THR B 62 -28.69 -9.38 17.28
N GLN B 63 -27.66 -9.64 18.07
CA GLN B 63 -26.52 -10.41 17.59
C GLN B 63 -26.84 -11.90 17.38
N VAL B 64 -27.86 -12.43 18.05
CA VAL B 64 -28.18 -13.85 17.91
C VAL B 64 -28.90 -14.08 16.57
N ILE B 65 -29.60 -13.04 16.13
CA ILE B 65 -30.29 -13.09 14.84
C ILE B 65 -29.31 -12.73 13.69
N GLU B 66 -28.46 -11.71 13.88
CA GLU B 66 -27.39 -11.46 12.90
C GLU B 66 -26.46 -12.63 12.63
N GLN B 67 -26.35 -13.53 13.61
CA GLN B 67 -25.55 -14.74 13.45
C GLN B 67 -26.33 -15.93 12.85
N ASN B 68 -27.65 -15.96 12.98
CA ASN B 68 -28.40 -17.04 12.30
C ASN B 68 -28.98 -16.68 10.91
N MET B 69 -28.82 -15.40 10.51
CA MET B 69 -29.15 -14.94 9.16
C MET B 69 -28.00 -15.34 8.30
N ASN B 70 -28.27 -16.26 7.41
CA ASN B 70 -27.34 -16.71 6.39
C ASN B 70 -28.06 -17.73 5.52
N GLY B 71 -27.55 -17.97 4.31
CA GLY B 71 -28.18 -18.92 3.42
C GLY B 71 -29.44 -18.38 2.76
N ILE B 72 -29.76 -17.10 3.02
CA ILE B 72 -30.83 -16.39 2.30
C ILE B 72 -30.31 -15.85 0.96
N ASP B 73 -31.06 -16.12 -0.10
CA ASP B 73 -30.61 -15.80 -1.45
C ASP B 73 -30.58 -14.26 -1.72
N ASN B 74 -29.49 -13.78 -2.36
CA ASN B 74 -29.32 -12.40 -2.85
C ASN B 74 -29.15 -11.28 -1.81
N LEU B 75 -28.28 -11.45 -0.83
CA LEU B 75 -28.19 -10.46 0.24
C LEU B 75 -27.24 -9.31 -0.11
N MET B 76 -27.80 -8.12 -0.23
CA MET B 76 -27.04 -6.88 -0.45
C MET B 76 -26.36 -6.35 0.84
N TYR B 77 -27.15 -6.08 1.89
CA TYR B 77 -26.58 -5.80 3.23
C TYR B 77 -27.57 -5.93 4.42
N MET B 78 -26.97 -5.96 5.61
CA MET B 78 -27.66 -5.98 6.90
C MET B 78 -27.44 -4.61 7.59
N SER B 79 -28.51 -4.03 8.17
CA SER B 79 -28.40 -2.78 8.94
C SER B 79 -29.15 -3.01 10.25
N SER B 80 -28.56 -2.70 11.41
CA SER B 80 -29.28 -3.03 12.66
C SER B 80 -29.37 -1.91 13.70
N ASN B 81 -30.61 -1.62 14.10
CA ASN B 81 -30.94 -0.71 15.20
C ASN B 81 -31.18 -1.45 16.50
N SER B 82 -30.41 -1.13 17.53
CA SER B 82 -30.68 -1.70 18.84
C SER B 82 -31.07 -0.51 19.73
N ASP B 83 -32.37 -0.28 19.83
CA ASP B 83 -32.90 0.93 20.44
C ASP B 83 -33.19 0.73 21.94
N SER B 84 -32.90 1.78 22.71
CA SER B 84 -33.08 1.79 24.16
C SER B 84 -34.50 2.13 24.54
N THR B 85 -35.42 1.61 23.78
CA THR B 85 -36.78 1.54 24.21
C THR B 85 -37.08 0.08 24.06
N GLY B 86 -36.02 -0.72 24.08
CA GLY B 86 -36.12 -2.17 24.01
C GLY B 86 -36.24 -2.75 22.62
N THR B 87 -36.36 -1.90 21.61
CA THR B 87 -36.70 -2.40 20.28
C THR B 87 -35.50 -2.71 19.42
N VAL B 88 -35.58 -3.79 18.66
CA VAL B 88 -34.56 -4.08 17.65
C VAL B 88 -35.16 -4.08 16.25
N GLN B 89 -34.49 -3.40 15.32
CA GLN B 89 -34.90 -3.37 13.91
C GLN B 89 -33.73 -3.81 13.03
N ILE B 90 -33.80 -5.03 12.49
CA ILE B 90 -32.78 -5.48 11.57
C ILE B 90 -33.37 -5.37 10.19
N THR B 91 -32.72 -4.59 9.35
CA THR B 91 -33.21 -4.30 8.02
C THR B 91 -32.26 -4.92 7.02
N LEU B 92 -32.75 -5.97 6.35
CA LEU B 92 -31.99 -6.64 5.30
C LEU B 92 -32.45 -6.15 3.96
N THR B 93 -31.57 -5.42 3.30
CA THR B 93 -31.85 -4.87 1.98
C THR B 93 -31.24 -5.78 0.91
N PHE B 94 -32.06 -6.19 -0.06
CA PHE B 94 -31.67 -7.21 -1.04
C PHE B 94 -31.37 -6.60 -2.44
N GLU B 95 -30.60 -7.34 -3.24
CA GLU B 95 -30.34 -7.01 -4.64
C GLU B 95 -31.63 -6.77 -5.40
N SER B 96 -31.66 -5.75 -6.27
CA SER B 96 -32.90 -5.20 -6.83
C SER B 96 -33.67 -6.18 -7.68
N GLY B 97 -34.99 -6.11 -7.67
CA GLY B 97 -35.78 -7.08 -8.40
C GLY B 97 -35.78 -8.53 -7.92
N THR B 98 -35.22 -8.79 -6.74
CA THR B 98 -35.32 -10.09 -6.07
C THR B 98 -36.78 -10.37 -5.67
N ASP B 99 -37.17 -11.63 -5.59
CA ASP B 99 -38.51 -11.94 -5.14
C ASP B 99 -38.67 -11.52 -3.70
N ALA B 100 -39.52 -10.53 -3.50
CA ALA B 100 -39.82 -10.03 -2.19
C ALA B 100 -40.29 -11.25 -1.42
N ASP B 101 -41.26 -11.99 -1.99
CA ASP B 101 -41.88 -13.14 -1.31
C ASP B 101 -40.82 -14.12 -0.78
N ILE B 102 -39.86 -14.48 -1.63
CA ILE B 102 -38.82 -15.40 -1.21
C ILE B 102 -37.94 -14.78 -0.16
N ALA B 103 -37.54 -13.54 -0.35
CA ALA B 103 -36.67 -12.89 0.63
C ALA B 103 -37.31 -12.90 2.02
N GLN B 104 -38.58 -12.47 2.10
CA GLN B 104 -39.28 -12.47 3.37
C GLN B 104 -39.39 -13.84 3.99
N VAL B 105 -39.86 -14.82 3.24
CA VAL B 105 -40.03 -16.14 3.83
C VAL B 105 -38.66 -16.74 4.26
N GLN B 106 -37.63 -16.67 3.41
CA GLN B 106 -36.33 -17.27 3.75
C GLN B 106 -35.67 -16.61 4.94
N VAL B 107 -35.78 -15.29 4.98
CA VAL B 107 -35.27 -14.59 6.11
C VAL B 107 -35.97 -15.12 7.35
N GLN B 108 -37.30 -15.16 7.31
CA GLN B 108 -38.05 -15.62 8.48
C GLN B 108 -37.86 -17.09 8.87
N ASN B 109 -37.56 -17.93 7.90
CA ASN B 109 -37.29 -19.31 8.17
C ASN B 109 -35.89 -19.49 8.73
N LYS B 110 -34.95 -18.58 8.51
CA LYS B 110 -33.71 -18.69 9.29
C LYS B 110 -33.89 -18.08 10.71
N LEU B 111 -34.77 -17.10 10.79
CA LEU B 111 -35.18 -16.50 12.07
C LEU B 111 -35.88 -17.45 13.06
N GLN B 112 -36.77 -18.31 12.56
CA GLN B 112 -37.45 -19.29 13.40
C GLN B 112 -36.49 -20.39 13.83
N LEU B 113 -35.33 -20.41 13.20
CA LEU B 113 -34.28 -21.34 13.58
C LEU B 113 -33.53 -20.68 14.71
N ALA B 114 -33.51 -19.36 14.71
CA ALA B 114 -32.87 -18.66 15.83
C ALA B 114 -33.81 -18.49 17.04
N MET B 115 -35.10 -18.72 16.84
CA MET B 115 -36.12 -18.38 17.84
C MET B 115 -35.90 -18.94 19.27
N PRO B 116 -35.49 -20.22 19.40
CA PRO B 116 -35.30 -20.74 20.76
C PRO B 116 -34.10 -20.16 21.52
N LEU B 117 -33.23 -19.47 20.80
CA LEU B 117 -31.99 -18.95 21.36
C LEU B 117 -32.20 -17.50 21.83
N LEU B 118 -33.46 -17.13 21.93
CA LEU B 118 -33.84 -15.81 22.39
C LEU B 118 -34.30 -15.92 23.84
N PRO B 119 -34.33 -14.80 24.57
CA PRO B 119 -34.99 -14.70 25.87
C PRO B 119 -36.47 -14.98 25.69
N GLN B 120 -37.21 -15.32 26.75
CA GLN B 120 -38.61 -15.67 26.60
C GLN B 120 -39.51 -14.44 26.61
N GLU B 121 -39.01 -13.34 27.13
CA GLU B 121 -39.74 -12.09 26.98
C GLU B 121 -39.82 -11.68 25.51
N VAL B 122 -38.71 -11.77 24.79
CA VAL B 122 -38.68 -11.48 23.35
C VAL B 122 -39.45 -12.50 22.57
N GLN B 123 -39.22 -13.76 22.88
CA GLN B 123 -39.97 -14.81 22.23
C GLN B 123 -41.47 -14.64 22.33
N GLN B 124 -41.96 -14.09 23.42
CA GLN B 124 -43.40 -14.02 23.53
C GLN B 124 -43.93 -12.68 23.05
N GLN B 125 -43.05 -11.68 23.00
CA GLN B 125 -43.47 -10.33 22.63
C GLN B 125 -43.63 -10.29 21.12
N GLY B 126 -42.85 -11.15 20.46
CA GLY B 126 -42.96 -11.29 19.03
C GLY B 126 -41.79 -10.71 18.31
N VAL B 127 -41.23 -11.54 17.44
CA VAL B 127 -40.30 -11.08 16.46
C VAL B 127 -41.11 -11.08 15.16
N SER B 128 -41.09 -9.97 14.42
CA SER B 128 -41.87 -9.86 13.19
C SER B 128 -41.03 -9.56 11.96
N VAL B 129 -41.28 -10.33 10.91
CA VAL B 129 -40.66 -10.14 9.61
C VAL B 129 -41.63 -9.46 8.65
N GLU B 130 -41.23 -8.33 8.08
CA GLU B 130 -42.14 -7.55 7.25
C GLU B 130 -41.48 -7.02 5.98
N LYS B 131 -42.29 -6.56 5.03
CA LYS B 131 -41.75 -5.95 3.81
C LYS B 131 -41.85 -4.47 4.01
N SER B 132 -40.76 -3.77 3.79
CA SER B 132 -40.69 -2.38 4.19
C SER B 132 -41.10 -1.43 3.07
N SER B 133 -42.13 -0.66 3.38
CA SER B 133 -42.55 0.47 2.57
C SER B 133 -43.05 1.56 3.52
N SER B 134 -42.35 2.69 3.49
CA SER B 134 -42.71 3.88 4.25
C SER B 134 -43.80 4.69 3.53
N SER B 135 -44.32 4.11 2.45
CA SER B 135 -45.29 4.79 1.59
C SER B 135 -46.66 4.22 1.82
N PHE B 136 -47.30 4.83 2.80
CA PHE B 136 -48.68 4.54 3.13
C PHE B 136 -49.54 5.32 2.15
N LEU B 137 -50.45 4.65 1.45
CA LEU B 137 -51.42 5.31 0.55
C LEU B 137 -52.15 6.41 1.32
N MET B 138 -52.42 6.10 2.57
CA MET B 138 -53.16 6.96 3.46
C MET B 138 -52.86 6.77 4.94
N VAL B 139 -52.97 7.85 5.70
CA VAL B 139 -53.04 7.74 7.15
C VAL B 139 -54.41 8.33 7.48
N VAL B 140 -55.35 7.48 7.87
CA VAL B 140 -56.68 7.91 8.25
C VAL B 140 -56.73 8.18 9.72
N GLY B 141 -57.32 9.30 10.08
CA GLY B 141 -57.34 9.65 11.47
C GLY B 141 -58.71 9.44 12.07
N VAL B 142 -58.71 9.00 13.33
CA VAL B 142 -59.93 8.86 14.12
C VAL B 142 -59.75 9.77 15.32
N ILE B 143 -60.76 10.58 15.55
CA ILE B 143 -60.72 11.56 16.61
C ILE B 143 -61.98 11.54 17.41
N ASN B 144 -61.99 12.25 18.54
CA ASN B 144 -63.26 12.41 19.26
C ASN B 144 -63.56 13.86 19.64
N THR B 145 -64.67 14.40 19.13
CA THR B 145 -65.03 15.82 19.31
C THR B 145 -65.65 16.09 20.68
N ASP B 146 -66.52 15.18 21.13
CA ASP B 146 -67.23 15.32 22.40
C ASP B 146 -66.19 15.63 23.47
N GLY B 147 -65.05 14.95 23.38
CA GLY B 147 -63.95 15.15 24.30
C GLY B 147 -63.95 13.88 25.10
N THR B 148 -64.87 13.02 24.71
CA THR B 148 -65.21 11.82 25.47
C THR B 148 -64.04 10.90 25.65
N MET B 149 -63.35 10.59 24.56
CA MET B 149 -62.39 9.50 24.62
C MET B 149 -60.93 9.93 24.69
N THR B 150 -60.13 9.05 25.29
CA THR B 150 -58.70 9.23 25.44
C THR B 150 -58.06 8.66 24.18
N GLN B 151 -56.73 8.70 24.10
CA GLN B 151 -56.04 8.09 22.97
C GLN B 151 -56.39 6.60 22.92
N GLU B 152 -56.15 5.88 24.01
CA GLU B 152 -56.30 4.42 24.05
C GLU B 152 -57.74 3.97 23.89
N ASP B 153 -58.66 4.83 24.32
CA ASP B 153 -60.07 4.56 24.21
C ASP B 153 -60.38 4.42 22.73
N ILE B 154 -60.11 5.51 22.02
CA ILE B 154 -60.17 5.57 20.56
C ILE B 154 -59.42 4.43 19.89
N SER B 155 -58.12 4.33 20.14
CA SER B 155 -57.28 3.24 19.63
C SER B 155 -57.95 1.90 19.68
N ASP B 156 -58.56 1.61 20.83
CA ASP B 156 -59.25 0.35 21.04
C ASP B 156 -60.42 0.26 20.07
N TYR B 157 -61.19 1.35 19.95
CA TYR B 157 -62.31 1.32 19.03
C TYR B 157 -61.79 1.02 17.64
N VAL B 158 -60.64 1.60 17.32
CA VAL B 158 -59.99 1.43 16.03
C VAL B 158 -59.79 -0.06 15.83
N ALA B 159 -59.10 -0.70 16.78
CA ALA B 159 -58.75 -2.10 16.67
C ALA B 159 -59.93 -3.04 16.62
N ALA B 160 -61.02 -2.70 17.28
CA ALA B 160 -62.09 -3.68 17.44
C ALA B 160 -63.36 -3.39 16.65
N ASN B 161 -63.41 -2.24 15.97
CA ASN B 161 -64.58 -1.94 15.14
C ASN B 161 -64.28 -1.67 13.66
N MET B 162 -63.14 -1.03 13.42
CA MET B 162 -62.84 -0.55 12.09
C MET B 162 -61.68 -1.29 11.49
N LYS B 163 -60.50 -1.16 12.11
CA LYS B 163 -59.23 -1.65 11.58
C LYS B 163 -59.35 -2.73 10.53
N ASP B 164 -60.25 -3.68 10.75
CA ASP B 164 -60.35 -4.76 9.79
C ASP B 164 -61.60 -4.78 8.85
N ALA B 165 -62.45 -3.75 8.89
CA ALA B 165 -63.58 -3.64 7.97
C ALA B 165 -63.13 -2.87 6.74
N ILE B 166 -62.25 -1.91 7.02
CA ILE B 166 -61.50 -1.14 6.03
C ILE B 166 -60.54 -2.06 5.31
N SER B 167 -60.01 -3.02 6.06
CA SER B 167 -59.01 -3.96 5.60
C SER B 167 -59.64 -4.98 4.66
N ARG B 168 -60.93 -4.76 4.35
CA ARG B 168 -61.66 -5.57 3.40
C ARG B 168 -61.61 -4.98 2.00
N THR B 169 -61.88 -3.68 1.96
CA THR B 169 -62.02 -2.89 0.73
C THR B 169 -61.01 -3.18 -0.38
N SER B 170 -61.53 -3.21 -1.61
CA SER B 170 -60.76 -3.57 -2.79
C SER B 170 -59.63 -2.56 -3.00
N GLY B 171 -58.41 -3.07 -2.89
CA GLY B 171 -57.22 -2.26 -3.06
C GLY B 171 -56.39 -2.17 -1.81
N VAL B 172 -56.84 -2.80 -0.75
CA VAL B 172 -56.11 -2.69 0.49
C VAL B 172 -55.24 -3.92 0.75
N GLY B 173 -53.95 -3.67 0.94
CA GLY B 173 -52.93 -4.67 1.25
C GLY B 173 -52.66 -4.75 2.74
N ASP B 174 -51.60 -4.07 3.18
CA ASP B 174 -51.23 -4.00 4.60
C ASP B 174 -52.13 -2.97 5.34
N VAL B 175 -52.68 -3.32 6.52
CA VAL B 175 -53.35 -2.32 7.39
C VAL B 175 -52.54 -2.16 8.67
N GLN B 176 -52.26 -0.92 9.09
CA GLN B 176 -51.52 -0.71 10.34
C GLN B 176 -52.15 0.27 11.31
N LEU B 177 -52.22 -0.07 12.60
CA LEU B 177 -52.77 0.85 13.62
C LEU B 177 -51.70 1.74 14.31
N PHE B 178 -52.06 3.00 14.49
CA PHE B 178 -51.24 4.00 15.18
C PHE B 178 -51.72 4.26 16.59
N GLY B 179 -50.89 3.92 17.57
CA GLY B 179 -51.26 3.94 18.98
C GLY B 179 -51.09 2.58 19.68
N SER B 180 -51.90 2.33 20.73
CA SER B 180 -51.88 1.06 21.48
C SER B 180 -53.28 0.58 21.95
N GLN B 181 -53.52 -0.72 21.80
CA GLN B 181 -54.78 -1.38 22.16
C GLN B 181 -54.94 -1.64 23.67
N TYR B 182 -56.18 -1.82 24.15
CA TYR B 182 -56.42 -2.04 25.59
C TYR B 182 -55.81 -3.31 26.17
N ALA B 183 -55.07 -3.12 27.26
CA ALA B 183 -54.52 -4.21 28.01
C ALA B 183 -54.92 -4.04 29.44
N MET B 184 -54.84 -5.16 30.17
CA MET B 184 -55.06 -5.18 31.60
C MET B 184 -53.89 -4.53 32.31
N ARG B 185 -54.04 -3.24 32.60
CA ARG B 185 -52.99 -2.47 33.30
C ARG B 185 -53.20 -2.47 34.83
N ILE B 186 -52.28 -3.15 35.54
CA ILE B 186 -52.39 -3.35 37.00
C ILE B 186 -51.21 -2.70 37.72
N TRP B 187 -51.49 -1.60 38.42
CA TRP B 187 -50.43 -0.72 38.89
C TRP B 187 -50.14 -0.89 40.38
N MET B 188 -49.07 -1.62 40.67
CA MET B 188 -48.72 -1.94 42.03
C MET B 188 -48.41 -0.68 42.87
N ASN B 189 -48.71 -0.77 44.17
CA ASN B 189 -48.43 0.26 45.18
C ASN B 189 -47.37 -0.24 46.16
N PRO B 190 -46.25 0.50 46.29
CA PRO B 190 -45.06 0.07 47.05
C PRO B 190 -45.28 0.05 48.56
N ASN B 191 -46.05 1.02 49.02
CA ASN B 191 -46.52 1.02 50.38
C ASN B 191 -47.47 -0.15 50.57
N GLU B 192 -48.61 -0.14 49.88
CA GLU B 192 -49.59 -1.22 49.97
C GLU B 192 -49.09 -2.59 49.56
N LEU B 193 -47.81 -2.69 49.21
CA LEU B 193 -47.19 -3.98 48.96
C LEU B 193 -46.28 -4.38 50.12
N ASN B 194 -45.67 -3.39 50.77
CA ASN B 194 -44.90 -3.67 51.97
C ASN B 194 -45.85 -3.97 53.12
N LYS B 195 -47.03 -3.34 53.07
CA LYS B 195 -48.12 -3.54 54.03
C LYS B 195 -48.43 -5.01 54.24
N PHE B 196 -49.00 -5.65 53.23
CA PHE B 196 -49.37 -7.04 53.38
C PHE B 196 -48.18 -7.99 53.12
N GLN B 197 -46.95 -7.44 53.11
CA GLN B 197 -45.71 -8.23 52.92
C GLN B 197 -45.60 -9.04 51.61
N LEU B 198 -45.72 -8.35 50.46
CA LEU B 198 -45.73 -8.96 49.13
C LEU B 198 -44.84 -8.23 48.11
N THR B 199 -44.24 -9.00 47.20
CA THR B 199 -43.43 -8.46 46.09
C THR B 199 -44.14 -8.74 44.76
N PRO B 200 -43.76 -8.02 43.69
CA PRO B 200 -44.24 -8.36 42.34
C PRO B 200 -44.37 -9.85 42.04
N VAL B 201 -43.35 -10.69 42.26
CA VAL B 201 -43.44 -12.14 41.95
C VAL B 201 -44.72 -12.83 42.42
N ASP B 202 -45.23 -12.38 43.55
CA ASP B 202 -46.38 -13.00 44.14
C ASP B 202 -47.64 -12.52 43.44
N VAL B 203 -47.61 -11.24 43.03
CA VAL B 203 -48.66 -10.67 42.19
C VAL B 203 -48.74 -11.50 40.92
N ILE B 204 -47.57 -11.68 40.33
CA ILE B 204 -47.41 -12.40 39.08
C ILE B 204 -48.00 -13.81 39.13
N THR B 205 -47.51 -14.67 40.03
CA THR B 205 -47.99 -16.06 40.02
C THR B 205 -49.45 -16.09 40.36
N ALA B 206 -49.90 -15.08 41.12
CA ALA B 206 -51.32 -15.01 41.43
C ALA B 206 -52.09 -14.88 40.13
N ILE B 207 -51.72 -13.86 39.35
CA ILE B 207 -52.40 -13.57 38.09
C ILE B 207 -52.27 -14.71 37.04
N LYS B 208 -51.15 -15.41 36.99
CA LYS B 208 -51.04 -16.56 36.11
C LYS B 208 -52.00 -17.62 36.53
N ALA B 209 -51.99 -17.95 37.81
CA ALA B 209 -52.80 -19.05 38.27
C ALA B 209 -54.29 -18.80 38.10
N GLN B 210 -54.79 -17.63 38.47
CA GLN B 210 -56.25 -17.49 38.50
C GLN B 210 -56.87 -17.19 37.14
N ASN B 211 -56.10 -16.62 36.24
CA ASN B 211 -56.65 -16.17 34.97
C ASN B 211 -56.12 -17.00 33.82
N ALA B 212 -56.74 -18.15 33.58
CA ALA B 212 -56.29 -19.09 32.55
C ALA B 212 -57.35 -20.09 32.08
N GLN B 213 -57.03 -20.78 31.00
CA GLN B 213 -57.85 -21.85 30.50
C GLN B 213 -57.26 -23.10 31.09
N VAL B 214 -58.00 -24.19 31.07
CA VAL B 214 -57.41 -25.41 31.59
C VAL B 214 -57.69 -26.57 30.67
N ALA B 215 -56.65 -27.37 30.43
CA ALA B 215 -56.76 -28.60 29.66
C ALA B 215 -57.73 -29.50 30.34
N ALA B 216 -58.94 -29.53 29.79
CA ALA B 216 -60.07 -30.09 30.47
C ALA B 216 -60.24 -31.51 30.01
N GLY B 217 -61.47 -31.93 29.77
CA GLY B 217 -61.70 -33.29 29.37
C GLY B 217 -63.09 -33.43 28.80
N GLN B 218 -63.54 -34.66 28.58
CA GLN B 218 -64.90 -34.81 28.12
C GLN B 218 -65.64 -35.99 28.76
N LEU B 219 -66.91 -35.74 29.08
CA LEU B 219 -67.84 -36.79 29.41
C LEU B 219 -68.08 -37.69 28.20
N GLY B 220 -68.12 -39.00 28.45
CA GLY B 220 -68.49 -39.99 27.46
C GLY B 220 -67.50 -40.13 26.34
N GLY B 221 -66.26 -39.75 26.65
CA GLY B 221 -65.22 -39.74 25.65
C GLY B 221 -64.90 -41.09 25.06
N THR B 222 -63.91 -41.08 24.19
CA THR B 222 -63.45 -42.30 23.54
C THR B 222 -62.20 -42.73 24.28
N PRO B 223 -62.06 -44.03 24.53
CA PRO B 223 -63.09 -45.02 24.23
C PRO B 223 -64.09 -45.02 25.34
N PRO B 224 -65.33 -45.32 25.02
CA PRO B 224 -66.40 -45.32 26.03
C PRO B 224 -66.53 -46.65 26.79
N VAL B 225 -67.54 -46.67 27.67
CA VAL B 225 -68.06 -47.89 28.22
C VAL B 225 -69.38 -48.19 27.47
N LYS B 226 -69.72 -49.46 27.35
CA LYS B 226 -70.84 -49.90 26.53
C LYS B 226 -72.17 -49.36 27.01
N GLY B 227 -73.08 -49.14 26.07
CA GLY B 227 -74.39 -48.62 26.43
C GLY B 227 -74.35 -47.14 26.75
N GLN B 228 -73.26 -46.47 26.38
CA GLN B 228 -73.10 -45.04 26.69
C GLN B 228 -74.18 -44.18 26.02
N GLN B 229 -74.36 -42.95 26.48
CA GLN B 229 -75.48 -42.14 26.01
C GLN B 229 -75.29 -40.63 26.11
N LEU B 230 -74.33 -40.19 26.91
CA LEU B 230 -74.05 -38.76 27.06
C LEU B 230 -72.61 -38.35 26.71
N ASN B 231 -72.51 -37.28 25.93
CA ASN B 231 -71.24 -36.76 25.46
C ASN B 231 -71.32 -35.24 25.47
N ALA B 232 -70.41 -34.61 26.19
CA ALA B 232 -70.40 -33.16 26.32
C ALA B 232 -69.03 -32.72 26.82
N SER B 233 -68.78 -31.42 26.73
CA SER B 233 -67.43 -30.93 27.01
C SER B 233 -67.31 -30.35 28.43
N ILE B 234 -66.39 -30.89 29.20
CA ILE B 234 -66.11 -30.34 30.51
C ILE B 234 -65.56 -28.94 30.30
N ILE B 235 -66.31 -27.95 30.77
CA ILE B 235 -65.80 -26.59 30.75
C ILE B 235 -65.05 -26.38 32.03
N ALA B 236 -63.78 -26.05 31.91
CA ALA B 236 -62.97 -25.89 33.09
C ALA B 236 -62.76 -24.42 33.35
N GLN B 237 -61.60 -24.09 33.87
CA GLN B 237 -61.31 -22.73 34.28
C GLN B 237 -61.31 -21.76 33.09
N THR B 238 -62.14 -20.73 33.21
CA THR B 238 -62.19 -19.71 32.17
C THR B 238 -61.51 -18.44 32.66
N ARG B 239 -60.83 -17.77 31.72
CA ARG B 239 -60.12 -16.52 31.93
C ARG B 239 -61.08 -15.38 32.25
N LEU B 240 -60.53 -14.39 32.91
CA LEU B 240 -61.26 -13.29 33.55
C LEU B 240 -61.64 -12.09 32.65
N THR B 241 -62.94 -11.89 32.47
CA THR B 241 -63.50 -10.91 31.56
C THR B 241 -63.32 -9.44 31.97
N SER B 242 -63.54 -9.12 33.24
CA SER B 242 -63.61 -7.71 33.66
C SER B 242 -62.42 -7.25 34.47
N THR B 243 -62.39 -5.94 34.74
CA THR B 243 -61.36 -5.34 35.59
C THR B 243 -61.68 -5.60 37.05
N GLU B 244 -62.97 -5.64 37.33
CA GLU B 244 -63.46 -5.94 38.65
C GLU B 244 -62.91 -7.30 39.03
N GLU B 245 -63.24 -8.31 38.21
CA GLU B 245 -62.81 -9.68 38.47
C GLU B 245 -61.28 -9.82 38.58
N PHE B 246 -60.56 -8.82 38.12
CA PHE B 246 -59.13 -8.81 38.35
C PHE B 246 -58.82 -8.22 39.72
N GLY B 247 -59.67 -7.30 40.17
CA GLY B 247 -59.54 -6.78 41.53
C GLY B 247 -59.63 -7.89 42.56
N LYS B 248 -60.51 -8.85 42.26
CA LYS B 248 -60.79 -9.99 43.14
C LYS B 248 -59.69 -11.03 43.29
N ILE B 249 -58.57 -10.92 42.57
CA ILE B 249 -57.60 -12.02 42.62
C ILE B 249 -56.77 -12.06 43.90
N LEU B 250 -56.65 -13.28 44.44
CA LEU B 250 -56.18 -13.52 45.82
C LEU B 250 -54.70 -13.75 45.98
N LEU B 251 -54.05 -12.81 46.65
CA LEU B 251 -52.61 -12.81 46.72
C LEU B 251 -52.12 -13.68 47.87
N LYS B 252 -52.80 -13.52 49.00
CA LYS B 252 -52.43 -14.15 50.29
C LYS B 252 -53.54 -13.96 51.29
N VAL B 253 -53.79 -14.97 52.13
CA VAL B 253 -54.75 -14.83 53.22
C VAL B 253 -54.01 -14.46 54.50
N ASN B 254 -54.45 -13.39 55.18
CA ASN B 254 -53.93 -13.06 56.50
C ASN B 254 -54.44 -14.03 57.58
N GLN B 255 -53.73 -14.02 58.71
CA GLN B 255 -53.95 -14.96 59.80
C GLN B 255 -55.33 -14.88 60.45
N ASP B 256 -55.94 -13.71 60.43
CA ASP B 256 -57.21 -13.56 61.12
C ASP B 256 -58.36 -13.67 60.13
N GLY B 257 -58.01 -13.90 58.87
CA GLY B 257 -59.04 -14.10 57.87
C GLY B 257 -59.38 -12.87 57.05
N SER B 258 -58.88 -11.71 57.46
CA SER B 258 -59.05 -10.52 56.62
C SER B 258 -58.19 -10.81 55.44
N ARG B 259 -58.80 -11.05 54.28
CA ARG B 259 -58.07 -11.53 53.13
C ARG B 259 -57.57 -10.37 52.26
N VAL B 260 -56.59 -10.65 51.40
CA VAL B 260 -56.05 -9.64 50.49
C VAL B 260 -56.33 -9.93 49.01
N LEU B 261 -57.28 -9.19 48.46
CA LEU B 261 -57.56 -9.31 47.04
C LEU B 261 -56.60 -8.34 46.34
N LEU B 262 -56.35 -8.52 45.06
CA LEU B 262 -55.38 -7.66 44.37
C LEU B 262 -55.70 -6.17 44.40
N ARG B 263 -56.98 -5.85 44.22
CA ARG B 263 -57.46 -4.47 44.24
C ARG B 263 -56.87 -3.63 45.36
N ASP B 264 -56.55 -4.28 46.47
CA ASP B 264 -56.14 -3.55 47.67
C ASP B 264 -54.71 -3.04 47.54
N VAL B 265 -53.86 -3.80 46.87
CA VAL B 265 -52.44 -3.48 46.81
C VAL B 265 -52.04 -2.68 45.56
N ALA B 266 -53.00 -2.46 44.68
CA ALA B 266 -52.71 -1.89 43.37
C ALA B 266 -53.94 -1.21 42.76
N LYS B 267 -53.69 -0.27 41.87
CA LYS B 267 -54.80 0.33 41.13
C LYS B 267 -55.05 -0.51 39.89
N ILE B 268 -56.31 -0.74 39.54
CA ILE B 268 -56.59 -1.61 38.39
C ILE B 268 -57.43 -0.95 37.29
N GLU B 269 -56.95 -1.03 36.04
CA GLU B 269 -57.73 -0.46 34.93
C GLU B 269 -57.45 -1.01 33.54
N LEU B 270 -58.48 -0.94 32.73
CA LEU B 270 -58.34 -1.11 31.29
C LEU B 270 -57.49 0.04 30.81
N GLY B 271 -56.26 -0.22 30.43
CA GLY B 271 -55.37 0.86 30.08
C GLY B 271 -54.67 0.55 28.78
N GLY B 272 -53.80 1.47 28.32
CA GLY B 272 -53.00 1.21 27.13
C GLY B 272 -51.91 0.15 27.32
N GLU B 273 -51.58 -0.55 26.23
CA GLU B 273 -50.58 -1.60 26.29
C GLU B 273 -49.21 -1.03 26.27
N ASN B 274 -49.18 0.25 25.93
CA ASN B 274 -47.94 0.98 25.91
C ASN B 274 -48.29 2.44 25.86
N TYR B 275 -47.49 3.29 26.50
CA TYR B 275 -47.80 4.71 26.56
C TYR B 275 -46.66 5.59 26.06
N ASP B 276 -45.93 5.10 25.05
CA ASP B 276 -44.79 5.82 24.51
C ASP B 276 -45.11 7.00 23.62
N ILE B 277 -46.19 6.87 22.85
CA ILE B 277 -46.53 7.86 21.84
C ILE B 277 -47.91 8.49 22.07
N ILE B 278 -47.99 9.83 22.02
CA ILE B 278 -49.29 10.48 22.13
C ILE B 278 -49.64 11.34 20.91
N ALA B 279 -50.82 11.01 20.42
CA ALA B 279 -51.33 11.45 19.16
C ALA B 279 -52.42 12.45 19.35
N GLU B 280 -52.13 13.68 18.94
CA GLU B 280 -53.12 14.74 18.97
C GLU B 280 -53.46 15.22 17.54
N PHE B 281 -54.74 15.46 17.33
CA PHE B 281 -55.20 15.98 16.06
C PHE B 281 -55.82 17.33 16.31
N ASN B 282 -55.03 18.38 16.12
CA ASN B 282 -55.46 19.73 16.45
C ASN B 282 -55.78 19.85 17.95
N GLY B 283 -55.05 19.08 18.75
CA GLY B 283 -55.27 19.06 20.19
C GLY B 283 -56.23 17.96 20.56
N GLN B 284 -57.05 17.55 19.60
CA GLN B 284 -58.11 16.56 19.80
C GLN B 284 -57.58 15.15 19.97
N PRO B 285 -58.24 14.36 20.83
CA PRO B 285 -57.73 13.00 21.01
C PRO B 285 -57.88 12.19 19.73
N ALA B 286 -56.80 11.50 19.36
CA ALA B 286 -56.80 10.76 18.11
C ALA B 286 -55.87 9.53 18.05
N SER B 287 -56.35 8.52 17.33
CA SER B 287 -55.54 7.37 16.93
C SER B 287 -55.56 7.23 15.42
N GLY B 288 -54.68 6.42 14.86
CA GLY B 288 -54.71 6.42 13.42
C GLY B 288 -54.68 5.04 12.78
N LEU B 289 -54.81 5.02 11.46
CA LEU B 289 -54.69 3.80 10.66
C LEU B 289 -54.01 4.07 9.31
N GLY B 290 -52.88 3.43 9.08
CA GLY B 290 -52.16 3.53 7.82
C GLY B 290 -52.47 2.41 6.84
N ILE B 291 -53.26 2.74 5.83
CA ILE B 291 -53.68 1.79 4.80
C ILE B 291 -52.68 1.85 3.64
N LYS B 292 -52.31 0.68 3.10
CA LYS B 292 -51.47 0.52 1.88
C LYS B 292 -52.29 0.09 0.63
N LEU B 293 -51.98 0.65 -0.54
CA LEU B 293 -52.62 0.26 -1.79
C LEU B 293 -52.21 -1.17 -1.92
N ALA B 294 -53.14 -2.03 -2.32
CA ALA B 294 -52.83 -3.46 -2.43
C ALA B 294 -51.79 -3.65 -3.52
N THR B 295 -51.07 -4.75 -3.43
CA THR B 295 -49.89 -4.98 -4.26
C THR B 295 -50.20 -4.97 -5.79
N GLY B 296 -50.49 -3.78 -6.31
CA GLY B 296 -50.78 -3.57 -7.72
C GLY B 296 -52.27 -3.44 -8.02
N ALA B 297 -52.82 -2.27 -7.70
CA ALA B 297 -54.24 -2.03 -7.82
C ALA B 297 -54.52 -0.56 -7.93
N ASN B 298 -55.80 -0.20 -8.05
CA ASN B 298 -56.24 1.17 -8.25
C ASN B 298 -56.12 2.05 -7.00
N ALA B 299 -55.09 2.89 -6.96
CA ALA B 299 -54.87 3.81 -5.84
C ALA B 299 -56.11 4.64 -5.56
N LEU B 300 -56.64 5.25 -6.61
CA LEU B 300 -57.75 6.18 -6.51
C LEU B 300 -59.08 5.49 -6.19
N ASP B 301 -59.22 4.23 -6.58
CA ASP B 301 -60.44 3.45 -6.32
C ASP B 301 -60.34 2.69 -4.98
N THR B 302 -59.13 2.35 -4.58
CA THR B 302 -58.87 1.88 -3.22
C THR B 302 -59.24 3.02 -2.25
N ALA B 303 -58.86 4.24 -2.61
CA ALA B 303 -59.20 5.43 -1.85
C ALA B 303 -60.71 5.71 -1.83
N ALA B 304 -61.37 5.66 -2.99
CA ALA B 304 -62.82 5.87 -3.09
C ALA B 304 -63.63 4.82 -2.33
N ALA B 305 -63.17 3.57 -2.42
CA ALA B 305 -63.77 2.44 -1.73
C ALA B 305 -63.59 2.49 -0.22
N ILE B 306 -62.38 2.85 0.23
CA ILE B 306 -62.08 2.96 1.66
C ILE B 306 -62.84 4.10 2.31
N ARG B 307 -62.83 5.28 1.67
CA ARG B 307 -63.63 6.40 2.17
C ARG B 307 -65.16 6.15 2.15
N ALA B 308 -65.64 5.43 1.13
CA ALA B 308 -67.06 5.03 1.08
C ALA B 308 -67.46 4.00 2.16
N GLU B 309 -66.54 3.06 2.43
CA GLU B 309 -66.65 2.01 3.48
C GLU B 309 -66.60 2.52 4.90
N LEU B 310 -65.74 3.50 5.11
CA LEU B 310 -65.61 4.12 6.40
C LEU B 310 -66.94 4.78 6.81
N ALA B 311 -67.58 5.46 5.85
CA ALA B 311 -68.88 6.13 6.05
C ALA B 311 -70.09 5.19 6.23
N LYS B 312 -70.00 3.94 5.81
CA LYS B 312 -71.07 2.98 6.09
C LYS B 312 -71.03 2.68 7.59
N MET B 313 -69.84 2.81 8.16
CA MET B 313 -69.67 2.66 9.59
C MET B 313 -69.97 3.99 10.30
N GLU B 314 -70.21 5.05 9.55
CA GLU B 314 -70.55 6.35 10.15
C GLU B 314 -71.87 6.34 10.98
N PRO B 315 -72.92 5.61 10.54
CA PRO B 315 -74.10 5.64 11.41
C PRO B 315 -74.00 4.78 12.69
N PHE B 316 -72.91 4.02 12.85
CA PHE B 316 -72.77 3.14 14.00
C PHE B 316 -71.53 3.50 14.83
N PHE B 317 -71.00 4.69 14.58
CA PHE B 317 -69.84 5.20 15.31
C PHE B 317 -70.35 5.82 16.59
N PRO B 318 -69.60 5.65 17.68
CA PRO B 318 -70.02 6.18 18.97
C PRO B 318 -70.07 7.70 19.01
N SER B 319 -70.23 8.24 20.21
CA SER B 319 -70.49 9.65 20.41
C SER B 319 -69.38 10.59 19.97
N GLY B 320 -69.70 11.45 19.01
CA GLY B 320 -68.79 12.50 18.61
C GLY B 320 -67.53 11.98 17.95
N LEU B 321 -67.61 10.79 17.38
CA LEU B 321 -66.46 10.16 16.72
C LEU B 321 -66.35 10.46 15.24
N LYS B 322 -65.55 11.46 14.87
CA LYS B 322 -65.44 11.85 13.46
C LYS B 322 -64.13 11.41 12.78
N ILE B 323 -64.24 10.96 11.53
CA ILE B 323 -63.08 10.50 10.76
C ILE B 323 -62.35 11.65 10.06
N VAL B 324 -61.03 11.49 9.91
CA VAL B 324 -60.19 12.49 9.24
C VAL B 324 -58.96 11.95 8.46
N TYR B 325 -58.51 12.72 7.47
CA TYR B 325 -57.50 12.31 6.49
C TYR B 325 -56.28 13.25 6.48
N PRO B 326 -55.31 12.97 7.35
CA PRO B 326 -54.10 13.79 7.46
C PRO B 326 -53.17 13.59 6.31
N TYR B 327 -53.24 12.44 5.64
CA TYR B 327 -52.21 12.11 4.65
C TYR B 327 -52.85 11.28 3.56
N ASP B 328 -52.80 11.84 2.36
CA ASP B 328 -53.62 11.35 1.29
C ASP B 328 -52.90 11.50 -0.04
N THR B 329 -52.41 10.39 -0.58
CA THR B 329 -51.70 10.37 -1.85
C THR B 329 -52.68 10.66 -3.01
N THR B 330 -53.95 10.46 -2.69
CA THR B 330 -54.99 10.35 -3.67
C THR B 330 -55.31 11.61 -4.45
N PRO B 331 -55.61 12.75 -3.79
CA PRO B 331 -55.93 13.88 -4.67
C PRO B 331 -54.73 14.41 -5.52
N PHE B 332 -53.50 14.30 -5.01
CA PHE B 332 -52.32 14.70 -5.76
C PHE B 332 -52.18 13.80 -7.03
N VAL B 333 -52.35 12.48 -6.87
CA VAL B 333 -52.34 11.58 -8.04
C VAL B 333 -53.51 11.84 -9.03
N LYS B 334 -54.71 12.07 -8.50
CA LYS B 334 -55.88 12.34 -9.34
C LYS B 334 -55.61 13.56 -10.20
N ILE B 335 -54.98 14.57 -9.59
CA ILE B 335 -54.68 15.83 -10.28
C ILE B 335 -53.49 15.71 -11.25
N SER B 336 -52.49 14.92 -10.88
CA SER B 336 -51.42 14.55 -11.82
C SER B 336 -52.07 14.01 -13.10
N ILE B 337 -52.96 13.03 -12.95
CA ILE B 337 -53.62 12.40 -14.10
C ILE B 337 -54.50 13.37 -14.86
N HIS B 338 -55.22 14.23 -14.15
CA HIS B 338 -56.02 15.21 -14.87
C HIS B 338 -55.15 16.05 -15.78
N GLU B 339 -53.96 16.44 -15.30
CA GLU B 339 -53.09 17.23 -16.17
C GLU B 339 -52.40 16.43 -17.29
N VAL B 340 -52.12 15.12 -17.13
CA VAL B 340 -51.60 14.38 -18.29
C VAL B 340 -52.65 14.20 -19.38
N VAL B 341 -53.89 13.96 -18.99
CA VAL B 341 -54.92 13.87 -20.01
C VAL B 341 -55.14 15.25 -20.66
N LYS B 342 -55.22 16.30 -19.82
CA LYS B 342 -55.29 17.65 -20.35
C LYS B 342 -54.18 17.90 -21.35
N THR B 343 -52.94 17.62 -20.98
CA THR B 343 -51.85 17.85 -21.91
C THR B 343 -52.01 17.05 -23.21
N LEU B 344 -52.03 15.72 -23.18
CA LEU B 344 -52.10 14.99 -24.45
C LEU B 344 -53.22 15.52 -25.34
N VAL B 345 -54.45 15.62 -24.82
CA VAL B 345 -55.51 16.12 -25.70
C VAL B 345 -55.20 17.59 -26.11
N GLU B 346 -54.68 18.44 -25.22
CA GLU B 346 -54.33 19.80 -25.64
C GLU B 346 -53.34 19.81 -26.81
N ALA B 347 -52.23 19.13 -26.62
CA ALA B 347 -51.22 18.98 -27.65
C ALA B 347 -51.88 18.56 -28.99
N ILE B 348 -52.71 17.53 -28.96
CA ILE B 348 -53.45 17.09 -30.13
C ILE B 348 -54.30 18.24 -30.76
N ILE B 349 -55.02 19.01 -29.94
CA ILE B 349 -55.84 20.07 -30.53
C ILE B 349 -54.95 21.07 -31.27
N LEU B 350 -53.82 21.38 -30.65
CA LEU B 350 -52.84 22.29 -31.22
C LEU B 350 -52.43 21.81 -32.57
N VAL B 351 -52.08 20.54 -32.64
CA VAL B 351 -51.78 19.94 -33.91
C VAL B 351 -52.90 20.19 -34.94
N PHE B 352 -54.17 20.06 -34.56
CA PHE B 352 -55.22 20.44 -35.52
C PHE B 352 -55.13 21.92 -35.93
N LEU B 353 -54.87 22.82 -35.01
CA LEU B 353 -54.74 24.20 -35.47
C LEU B 353 -53.53 24.43 -36.40
N VAL B 354 -52.36 23.97 -36.01
CA VAL B 354 -51.21 24.01 -36.90
C VAL B 354 -51.49 23.34 -38.24
N MET B 355 -52.24 22.25 -38.27
CA MET B 355 -52.43 21.51 -39.52
C MET B 355 -53.46 22.19 -40.43
N TYR B 356 -54.50 22.75 -39.83
CA TYR B 356 -55.46 23.46 -40.64
C TYR B 356 -54.92 24.78 -41.14
N LEU B 357 -54.44 25.57 -40.19
CA LEU B 357 -53.99 26.91 -40.46
C LEU B 357 -52.63 26.77 -41.09
N PHE B 358 -52.55 25.84 -42.06
CA PHE B 358 -51.35 25.52 -42.85
C PHE B 358 -51.59 24.63 -44.08
N LEU B 359 -52.70 23.92 -44.06
CA LEU B 359 -53.06 23.00 -45.14
C LEU B 359 -54.52 23.25 -45.50
N GLN B 360 -55.19 24.05 -44.68
CA GLN B 360 -56.57 24.46 -44.87
C GLN B 360 -57.56 23.42 -45.54
N ASN B 361 -57.25 22.13 -45.43
CA ASN B 361 -58.05 21.04 -45.97
C ASN B 361 -58.56 20.24 -44.79
N PHE B 362 -59.86 20.31 -44.52
CA PHE B 362 -60.43 19.70 -43.33
C PHE B 362 -60.18 18.17 -43.24
N ARG B 363 -60.28 17.51 -44.39
CA ARG B 363 -60.04 16.07 -44.46
C ARG B 363 -58.54 15.69 -44.28
N ALA B 364 -57.62 16.56 -44.65
CA ALA B 364 -56.21 16.31 -44.34
C ALA B 364 -55.97 16.46 -42.82
N THR B 365 -56.73 17.39 -42.25
CA THR B 365 -56.58 17.75 -40.86
C THR B 365 -57.11 16.64 -39.98
N LEU B 366 -58.13 15.93 -40.45
CA LEU B 366 -58.66 14.85 -39.65
C LEU B 366 -57.74 13.65 -39.53
N ILE B 367 -56.82 13.45 -40.47
CA ILE B 367 -56.02 12.22 -40.48
C ILE B 367 -55.13 12.06 -39.28
N PRO B 368 -54.32 13.09 -38.94
CA PRO B 368 -53.51 12.77 -37.76
C PRO B 368 -54.38 12.63 -36.52
N THR B 369 -55.55 13.26 -36.57
CA THR B 369 -56.50 13.28 -35.48
C THR B 369 -56.97 11.85 -35.21
N ILE B 370 -56.94 11.01 -36.23
CA ILE B 370 -57.22 9.60 -36.06
C ILE B 370 -55.92 8.81 -35.78
N ALA B 371 -54.81 9.36 -36.28
CA ALA B 371 -53.51 8.66 -36.24
C ALA B 371 -52.87 8.44 -34.86
N VAL B 372 -52.70 9.48 -34.05
CA VAL B 372 -52.01 9.31 -32.75
C VAL B 372 -52.97 8.82 -31.62
N PRO B 373 -54.28 9.23 -31.60
CA PRO B 373 -55.22 8.59 -30.65
C PRO B 373 -55.06 7.09 -30.69
N VAL B 374 -54.94 6.59 -31.90
CA VAL B 374 -54.76 5.18 -32.17
C VAL B 374 -53.41 4.71 -31.61
N VAL B 375 -52.36 5.50 -31.77
CA VAL B 375 -51.05 5.11 -31.25
C VAL B 375 -51.10 5.22 -29.74
N LEU B 376 -51.95 6.12 -29.27
CA LEU B 376 -52.11 6.33 -27.85
C LEU B 376 -52.66 5.08 -27.25
N LEU B 377 -53.91 4.79 -27.60
CA LEU B 377 -54.56 3.59 -27.11
C LEU B 377 -53.65 2.37 -27.11
N GLY B 378 -53.02 2.13 -28.25
CA GLY B 378 -52.12 1.02 -28.42
C GLY B 378 -50.92 1.03 -27.52
N THR B 379 -50.35 2.21 -27.36
CA THR B 379 -49.19 2.30 -26.52
C THR B 379 -49.60 1.79 -25.14
N PHE B 380 -50.80 2.21 -24.70
CA PHE B 380 -51.38 1.77 -23.44
C PHE B 380 -51.42 0.27 -23.39
N ALA B 381 -51.80 -0.33 -24.51
CA ALA B 381 -51.96 -1.77 -24.59
C ALA B 381 -50.61 -2.50 -24.51
N VAL B 382 -49.57 -1.97 -25.15
CA VAL B 382 -48.24 -2.56 -25.00
C VAL B 382 -47.69 -2.45 -23.58
N LEU B 383 -47.94 -1.35 -22.90
CA LEU B 383 -47.52 -1.23 -21.51
C LEU B 383 -48.38 -2.13 -20.64
N ALA B 384 -49.68 -2.21 -20.96
CA ALA B 384 -50.57 -3.09 -20.23
C ALA B 384 -50.00 -4.50 -20.25
N ALA B 385 -49.47 -4.90 -21.40
CA ALA B 385 -48.96 -6.25 -21.63
C ALA B 385 -47.65 -6.48 -20.93
N PHE B 386 -46.86 -5.44 -20.76
CA PHE B 386 -45.54 -5.60 -20.15
C PHE B 386 -45.65 -5.52 -18.60
N GLY B 387 -46.88 -5.34 -18.11
CA GLY B 387 -47.17 -5.40 -16.70
C GLY B 387 -47.17 -4.06 -16.00
N PHE B 388 -47.07 -2.96 -16.76
CA PHE B 388 -46.89 -1.67 -16.10
C PHE B 388 -48.21 -1.07 -15.67
N SER B 389 -48.09 0.09 -15.02
CA SER B 389 -49.24 0.81 -14.52
C SER B 389 -49.18 2.25 -14.92
N ILE B 390 -50.33 2.90 -14.78
CA ILE B 390 -50.41 4.35 -14.91
C ILE B 390 -49.88 5.03 -13.67
N ASN B 391 -48.60 5.38 -13.68
CA ASN B 391 -48.04 6.17 -12.58
C ASN B 391 -47.49 7.45 -13.20
N THR B 392 -46.73 8.22 -12.45
CA THR B 392 -46.18 9.47 -12.95
C THR B 392 -45.13 9.26 -14.04
N LEU B 393 -44.16 8.40 -13.75
CA LEU B 393 -43.06 8.12 -14.66
C LEU B 393 -43.51 7.61 -16.02
N THR B 394 -44.49 6.72 -16.06
CA THR B 394 -44.94 6.19 -17.33
C THR B 394 -45.86 7.14 -18.17
N MET B 395 -46.77 7.86 -17.52
CA MET B 395 -47.60 8.85 -18.20
C MET B 395 -46.80 10.04 -18.73
N PHE B 396 -45.88 10.57 -17.92
CA PHE B 396 -44.95 11.57 -18.44
C PHE B 396 -43.91 10.94 -19.35
N GLY B 397 -43.74 9.64 -19.25
CA GLY B 397 -42.94 8.90 -20.21
C GLY B 397 -43.61 9.02 -21.57
N MET B 398 -44.94 9.05 -21.58
CA MET B 398 -45.72 9.20 -22.84
C MET B 398 -45.86 10.63 -23.39
N VAL B 399 -46.20 11.55 -22.52
CA VAL B 399 -46.22 12.95 -22.90
C VAL B 399 -44.88 13.36 -23.51
N LEU B 400 -43.83 12.87 -22.87
CA LEU B 400 -42.46 13.20 -23.22
C LEU B 400 -42.21 12.91 -24.69
N ALA B 401 -43.02 12.00 -25.25
CA ALA B 401 -42.98 11.64 -26.65
C ALA B 401 -44.29 11.97 -27.35
N ILE B 402 -44.94 13.09 -27.03
CA ILE B 402 -46.07 13.50 -27.87
C ILE B 402 -45.57 13.83 -29.27
N GLY B 403 -44.36 14.37 -29.28
CA GLY B 403 -43.69 14.86 -30.50
C GLY B 403 -43.28 13.90 -31.58
N LEU B 404 -42.79 12.72 -31.22
CA LEU B 404 -42.35 11.74 -32.21
C LEU B 404 -43.58 11.19 -32.93
N LEU B 405 -44.68 11.08 -32.19
CA LEU B 405 -45.99 10.63 -32.71
C LEU B 405 -46.70 11.64 -33.63
N VAL B 406 -46.69 12.87 -33.14
CA VAL B 406 -47.25 13.97 -33.89
C VAL B 406 -46.51 14.04 -35.22
N ASP B 407 -45.17 14.01 -35.09
CA ASP B 407 -44.24 14.06 -36.22
C ASP B 407 -44.53 12.97 -37.21
N ASP B 408 -44.65 11.74 -36.72
CA ASP B 408 -44.89 10.57 -37.57
C ASP B 408 -46.09 10.85 -38.48
N ALA B 409 -47.24 11.19 -37.89
CA ALA B 409 -48.39 11.52 -38.76
C ALA B 409 -48.13 12.64 -39.81
N ILE B 410 -47.61 13.76 -39.27
CA ILE B 410 -47.39 14.95 -40.07
C ILE B 410 -46.54 14.64 -41.25
N VAL B 411 -45.44 13.94 -41.03
CA VAL B 411 -44.49 13.64 -42.09
C VAL B 411 -45.12 13.15 -43.42
N VAL B 412 -45.96 12.12 -43.24
CA VAL B 412 -46.71 11.42 -44.29
C VAL B 412 -47.80 12.29 -44.93
N VAL B 413 -48.71 12.84 -44.12
CA VAL B 413 -49.79 13.65 -44.73
C VAL B 413 -49.18 14.78 -45.56
N GLU B 414 -48.14 15.39 -44.99
CA GLU B 414 -47.46 16.46 -45.67
C GLU B 414 -46.95 15.98 -46.97
N ASN B 415 -46.14 14.94 -46.94
CA ASN B 415 -45.46 14.48 -48.15
C ASN B 415 -46.40 14.18 -49.31
N VAL B 416 -47.55 13.58 -48.98
CA VAL B 416 -48.62 13.35 -49.95
C VAL B 416 -49.19 14.67 -50.55
N GLU B 417 -49.63 15.58 -49.67
CA GLU B 417 -50.17 16.87 -50.12
C GLU B 417 -49.16 17.55 -51.02
N ARG B 418 -47.90 17.28 -50.73
CA ARG B 418 -46.85 17.88 -51.50
C ARG B 418 -46.82 17.29 -52.85
N VAL B 419 -46.85 15.97 -52.91
CA VAL B 419 -46.79 15.24 -54.18
C VAL B 419 -47.92 15.68 -55.09
N MET B 420 -49.08 15.93 -54.52
CA MET B 420 -50.18 16.38 -55.32
C MET B 420 -49.98 17.81 -55.78
N ALA B 421 -49.48 18.66 -54.88
CA ALA B 421 -49.36 20.07 -55.22
C ALA B 421 -48.23 20.29 -56.21
N GLU B 422 -47.38 19.30 -56.32
CA GLU B 422 -46.18 19.39 -57.13
C GLU B 422 -46.32 18.72 -58.46
N GLU B 423 -47.08 17.63 -58.49
CA GLU B 423 -47.06 16.72 -59.64
C GLU B 423 -48.42 16.55 -60.27
N GLY B 424 -49.46 16.81 -59.50
CA GLY B 424 -50.85 16.75 -59.98
C GLY B 424 -51.58 15.41 -59.97
N LEU B 425 -50.88 14.41 -59.45
CA LEU B 425 -51.40 13.06 -59.30
C LEU B 425 -52.64 13.03 -58.41
N PRO B 426 -53.60 12.15 -58.73
CA PRO B 426 -54.73 11.93 -57.82
C PRO B 426 -54.23 11.27 -56.56
N PRO B 427 -54.95 11.48 -55.47
CA PRO B 427 -54.56 11.06 -54.13
C PRO B 427 -53.97 9.63 -53.99
N LYS B 428 -54.61 8.57 -54.54
CA LYS B 428 -54.05 7.22 -54.38
C LYS B 428 -52.62 7.16 -54.90
N GLU B 429 -52.42 7.55 -56.16
CA GLU B 429 -51.11 7.44 -56.77
C GLU B 429 -50.12 8.37 -56.04
N ALA B 430 -50.68 9.44 -55.51
CA ALA B 430 -49.92 10.35 -54.69
C ALA B 430 -49.35 9.72 -53.39
N THR B 431 -50.16 8.91 -52.68
CA THR B 431 -49.73 8.29 -51.41
C THR B 431 -48.72 7.17 -51.69
N ARG B 432 -48.94 6.38 -52.74
CA ARG B 432 -47.86 5.45 -53.15
C ARG B 432 -46.55 6.16 -53.53
N LYS B 433 -46.59 7.27 -54.26
CA LYS B 433 -45.34 7.98 -54.58
C LYS B 433 -44.66 8.44 -53.30
N SER B 434 -45.47 8.99 -52.41
CA SER B 434 -44.96 9.50 -51.13
C SER B 434 -44.47 8.44 -50.09
N MET B 435 -45.21 7.34 -49.90
CA MET B 435 -44.75 6.27 -49.02
C MET B 435 -43.53 5.67 -49.65
N GLY B 436 -43.57 5.57 -50.97
CA GLY B 436 -42.44 5.14 -51.77
C GLY B 436 -41.25 6.01 -51.43
N GLN B 437 -41.52 7.28 -51.14
CA GLN B 437 -40.48 8.21 -50.75
C GLN B 437 -39.97 8.10 -49.26
N ILE B 438 -40.87 7.92 -48.29
CA ILE B 438 -40.44 7.99 -46.91
C ILE B 438 -40.31 6.67 -46.13
N GLN B 439 -40.77 5.57 -46.72
CA GLN B 439 -40.80 4.24 -46.07
C GLN B 439 -39.50 3.76 -45.41
N GLY B 440 -38.44 3.66 -46.22
CA GLY B 440 -37.15 3.21 -45.71
C GLY B 440 -36.61 4.11 -44.62
N ALA B 441 -36.71 5.42 -44.84
CA ALA B 441 -36.26 6.39 -43.87
C ALA B 441 -36.95 6.06 -42.56
N LEU B 442 -38.29 5.97 -42.57
CA LEU B 442 -39.09 5.66 -41.38
C LEU B 442 -38.72 4.35 -40.64
N VAL B 443 -38.43 3.29 -41.38
CA VAL B 443 -37.95 2.08 -40.69
C VAL B 443 -36.60 2.44 -40.02
N GLY B 444 -35.76 3.16 -40.74
CA GLY B 444 -34.56 3.70 -40.15
C GLY B 444 -34.73 4.50 -38.87
N ILE B 445 -35.69 5.44 -38.85
CA ILE B 445 -35.93 6.28 -37.67
C ILE B 445 -36.34 5.36 -36.54
N ALA B 446 -37.12 4.33 -36.85
CA ALA B 446 -37.50 3.37 -35.82
C ALA B 446 -36.25 2.66 -35.26
N MET B 447 -35.26 2.40 -36.10
CA MET B 447 -34.09 1.69 -35.61
C MET B 447 -33.12 2.62 -34.87
N VAL B 448 -33.08 3.92 -35.21
CA VAL B 448 -32.22 4.85 -34.47
C VAL B 448 -32.88 5.31 -33.14
N LEU B 449 -34.20 5.40 -33.16
CA LEU B 449 -34.93 5.84 -32.00
C LEU B 449 -34.94 4.74 -30.95
N SER B 450 -35.10 3.48 -31.36
CA SER B 450 -34.98 2.43 -30.34
C SER B 450 -33.49 2.16 -30.04
N ALA B 451 -32.59 2.61 -30.91
CA ALA B 451 -31.16 2.53 -30.57
C ALA B 451 -30.74 3.57 -29.51
N VAL B 452 -31.53 4.64 -29.31
CA VAL B 452 -31.17 5.58 -28.27
C VAL B 452 -31.97 5.34 -27.02
N PHE B 453 -33.20 4.84 -27.19
CA PHE B 453 -34.17 4.69 -26.09
C PHE B 453 -34.10 3.38 -25.30
N VAL B 454 -33.47 2.37 -25.90
CA VAL B 454 -33.27 1.09 -25.23
C VAL B 454 -32.00 1.11 -24.34
N PRO B 455 -30.89 1.72 -24.79
CA PRO B 455 -29.77 1.74 -23.83
C PRO B 455 -30.17 2.36 -22.49
N MET B 456 -31.09 3.32 -22.51
CA MET B 456 -31.57 3.95 -21.26
C MET B 456 -32.56 3.08 -20.43
N ALA B 457 -32.78 1.82 -20.84
CA ALA B 457 -33.62 0.87 -20.10
C ALA B 457 -32.82 -0.05 -19.24
N PHE B 458 -31.51 0.03 -19.43
CA PHE B 458 -30.65 -0.94 -18.82
C PHE B 458 -29.91 -0.44 -17.59
N PHE B 459 -30.29 0.69 -17.01
CA PHE B 459 -29.47 1.08 -15.87
C PHE B 459 -29.80 0.20 -14.67
N GLY B 460 -28.85 0.19 -13.74
CA GLY B 460 -28.85 -0.70 -12.60
C GLY B 460 -29.16 0.03 -11.30
N GLY B 461 -29.74 -0.68 -10.32
CA GLY B 461 -30.13 -0.07 -9.06
C GLY B 461 -31.51 0.56 -9.18
N SER B 462 -31.84 1.49 -8.30
CA SER B 462 -33.12 2.18 -8.35
C SER B 462 -33.23 3.20 -9.52
N THR B 463 -32.10 3.76 -9.97
CA THR B 463 -32.10 4.65 -11.15
C THR B 463 -32.60 3.94 -12.40
N GLY B 464 -32.09 2.73 -12.60
CA GLY B 464 -32.47 1.90 -13.72
C GLY B 464 -33.96 1.66 -13.81
N ALA B 465 -34.61 1.53 -12.66
CA ALA B 465 -36.07 1.36 -12.61
C ALA B 465 -36.80 2.58 -13.18
N ILE B 466 -36.42 3.74 -12.64
CA ILE B 466 -36.98 5.01 -13.06
C ILE B 466 -36.92 5.06 -14.57
N TYR B 467 -35.72 4.78 -15.08
CA TYR B 467 -35.52 4.80 -16.52
C TYR B 467 -36.29 3.77 -17.33
N ARG B 468 -36.43 2.56 -16.81
CA ARG B 468 -37.07 1.49 -17.55
C ARG B 468 -38.49 1.85 -17.87
N GLN B 469 -39.13 2.51 -16.93
CA GLN B 469 -40.48 3.01 -17.22
C GLN B 469 -40.56 3.95 -18.49
N PHE B 470 -39.63 4.90 -18.56
CA PHE B 470 -39.49 5.79 -19.70
C PHE B 470 -39.14 5.07 -21.01
N SER B 471 -38.12 4.23 -20.95
CA SER B 471 -37.65 3.46 -22.09
C SER B 471 -38.78 2.73 -22.80
N ILE B 472 -39.52 1.95 -22.02
CA ILE B 472 -40.59 1.14 -22.61
C ILE B 472 -41.81 2.01 -23.02
N THR B 473 -42.18 3.02 -22.23
CA THR B 473 -43.31 3.82 -22.65
C THR B 473 -42.99 4.42 -24.00
N ILE B 474 -41.80 4.95 -24.12
CA ILE B 474 -41.45 5.69 -25.30
C ILE B 474 -41.13 4.83 -26.51
N VAL B 475 -40.40 3.75 -26.28
CA VAL B 475 -40.10 2.83 -27.37
C VAL B 475 -41.39 2.25 -27.93
N SER B 476 -42.40 2.02 -27.08
CA SER B 476 -43.71 1.46 -27.50
C SER B 476 -44.62 2.49 -28.18
N ALA B 477 -44.68 3.70 -27.63
CA ALA B 477 -45.39 4.74 -28.34
C ALA B 477 -44.81 4.79 -29.73
N MET B 478 -43.47 4.80 -29.82
CA MET B 478 -42.75 4.92 -31.09
C MET B 478 -42.91 3.75 -32.04
N ALA B 479 -42.73 2.55 -31.53
CA ALA B 479 -42.90 1.34 -32.33
C ALA B 479 -44.27 1.29 -32.96
N LEU B 480 -45.29 1.33 -32.11
CA LEU B 480 -46.65 1.39 -32.60
C LEU B 480 -46.85 2.63 -33.51
N SER B 481 -46.09 3.68 -33.26
CA SER B 481 -46.24 4.89 -34.02
C SER B 481 -45.81 4.69 -35.48
N VAL B 482 -44.60 4.20 -35.73
CA VAL B 482 -44.15 3.92 -37.11
C VAL B 482 -44.97 2.80 -37.80
N LEU B 483 -45.46 1.84 -37.00
CA LEU B 483 -46.41 0.83 -37.50
C LEU B 483 -47.70 1.48 -38.00
N VAL B 484 -48.27 2.40 -37.24
CA VAL B 484 -49.47 3.11 -37.69
C VAL B 484 -49.14 3.90 -38.94
N ALA B 485 -47.97 4.56 -38.88
CA ALA B 485 -47.39 5.34 -39.97
C ALA B 485 -47.30 4.51 -41.27
N LEU B 486 -47.09 3.21 -41.14
CA LEU B 486 -46.99 2.29 -42.29
C LEU B 486 -48.25 1.53 -42.70
N ILE B 487 -49.25 1.47 -41.84
CA ILE B 487 -50.42 0.65 -42.17
C ILE B 487 -51.68 1.47 -42.38
N LEU B 488 -52.02 2.28 -41.40
CA LEU B 488 -53.27 3.02 -41.47
C LEU B 488 -53.21 4.34 -42.17
N THR B 489 -52.39 5.24 -41.64
CA THR B 489 -52.35 6.58 -42.18
C THR B 489 -52.03 6.58 -43.69
N PRO B 490 -51.10 5.72 -44.18
CA PRO B 490 -51.00 5.76 -45.64
C PRO B 490 -52.32 5.41 -46.30
N ALA B 491 -53.08 4.49 -45.69
CA ALA B 491 -54.44 4.13 -46.15
C ALA B 491 -55.38 5.31 -45.94
N LEU B 492 -55.23 6.04 -44.83
CA LEU B 492 -56.05 7.23 -44.60
C LEU B 492 -55.70 8.44 -45.51
N CYS B 493 -54.63 8.33 -46.30
CA CYS B 493 -54.19 9.46 -47.10
C CYS B 493 -54.66 9.15 -48.46
N ALA B 494 -54.58 7.88 -48.76
CA ALA B 494 -55.02 7.41 -50.03
C ALA B 494 -56.52 7.37 -50.08
N THR B 495 -57.18 7.56 -48.95
CA THR B 495 -58.64 7.31 -48.93
C THR B 495 -59.53 8.49 -48.56
N MET B 496 -59.03 9.49 -47.84
CA MET B 496 -59.90 10.60 -47.51
C MET B 496 -59.28 11.92 -47.92
N LEU B 497 -58.04 11.87 -48.38
CA LEU B 497 -57.33 13.04 -48.92
C LEU B 497 -57.80 13.56 -50.30
N LYS B 498 -58.01 14.89 -50.41
CA LYS B 498 -58.45 15.63 -51.64
C LYS B 498 -57.40 15.82 -52.76
N PRO B 499 -57.78 15.68 -54.06
CA PRO B 499 -56.75 15.89 -55.10
C PRO B 499 -56.43 17.39 -55.27
N ILE B 500 -55.15 17.70 -55.45
CA ILE B 500 -54.73 19.08 -55.51
C ILE B 500 -54.36 19.35 -56.95
N ALA B 501 -54.83 20.47 -57.53
CA ALA B 501 -54.54 20.76 -58.96
C ALA B 501 -53.06 20.99 -59.08
N LYS B 502 -52.47 20.49 -60.16
CA LYS B 502 -51.02 20.47 -60.25
C LYS B 502 -50.40 21.86 -60.13
N GLY B 503 -49.47 22.03 -59.21
CA GLY B 503 -48.90 23.33 -59.01
C GLY B 503 -49.97 24.29 -58.54
N ASP B 504 -50.80 23.87 -57.57
CA ASP B 504 -51.86 24.74 -57.04
C ASP B 504 -51.28 25.72 -56.02
N HIS B 505 -50.87 25.23 -54.86
CA HIS B 505 -50.30 26.09 -53.82
C HIS B 505 -51.21 27.19 -53.32
N GLY B 506 -52.37 27.39 -53.94
CA GLY B 506 -53.35 28.35 -53.49
C GLY B 506 -52.84 29.74 -53.14
N GLU B 507 -51.84 30.25 -53.87
CA GLU B 507 -51.36 31.62 -53.64
C GLU B 507 -52.54 32.53 -53.85
N GLY B 508 -52.67 33.54 -53.01
CA GLY B 508 -53.88 34.36 -53.03
C GLY B 508 -55.11 33.47 -53.00
N LYS B 509 -55.60 33.16 -54.20
CA LYS B 509 -56.86 32.45 -54.47
C LYS B 509 -58.03 32.61 -53.46
N LYS B 510 -57.79 33.15 -52.26
CA LYS B 510 -58.85 33.41 -51.25
C LYS B 510 -58.63 34.68 -50.39
N GLY B 511 -59.68 35.49 -50.29
CA GLY B 511 -59.69 36.70 -49.47
C GLY B 511 -59.65 36.58 -47.94
N PHE B 512 -60.62 35.89 -47.33
CA PHE B 512 -60.89 35.92 -45.87
C PHE B 512 -60.04 34.96 -45.02
N PHE B 513 -58.94 34.47 -45.58
CA PHE B 513 -58.16 33.43 -44.95
C PHE B 513 -56.79 33.23 -45.63
N GLY B 514 -55.75 33.54 -44.88
CA GLY B 514 -54.42 33.24 -45.33
C GLY B 514 -54.08 33.64 -46.74
N TRP B 515 -53.86 34.94 -46.86
CA TRP B 515 -53.10 35.48 -47.98
C TRP B 515 -51.70 34.87 -47.70
N PHE B 516 -51.45 34.58 -46.39
CA PHE B 516 -50.41 33.70 -45.78
C PHE B 516 -49.64 32.80 -46.72
N ASN B 517 -50.35 32.13 -47.62
CA ASN B 517 -49.71 31.23 -48.56
C ASN B 517 -48.62 31.93 -49.36
N ARG B 518 -48.90 33.09 -49.95
CA ARG B 518 -47.84 33.88 -50.56
C ARG B 518 -46.80 34.21 -49.51
N MET B 519 -47.32 34.75 -48.40
CA MET B 519 -46.51 35.15 -47.27
C MET B 519 -45.64 33.94 -46.80
N PHE B 520 -46.05 32.72 -47.09
CA PHE B 520 -45.26 31.54 -46.68
C PHE B 520 -44.24 31.33 -47.78
N GLU B 521 -44.75 31.41 -49.01
CA GLU B 521 -44.06 31.02 -50.23
C GLU B 521 -42.82 31.81 -50.54
N LYS B 522 -42.98 33.13 -50.42
CA LYS B 522 -41.91 34.08 -50.69
C LYS B 522 -40.80 33.64 -49.77
N SER B 523 -41.23 33.48 -48.52
CA SER B 523 -40.31 33.18 -47.48
C SER B 523 -39.62 31.86 -47.65
N THR B 524 -40.33 30.85 -48.18
CA THR B 524 -39.66 29.55 -48.23
C THR B 524 -38.58 29.66 -49.32
N HIS B 525 -38.82 30.49 -50.35
CA HIS B 525 -37.76 30.80 -51.34
C HIS B 525 -36.59 31.55 -50.70
N HIS B 526 -36.92 32.53 -49.87
CA HIS B 526 -35.92 33.17 -49.05
C HIS B 526 -35.11 32.12 -48.35
N TYR B 527 -35.76 31.11 -47.83
CA TYR B 527 -35.03 30.14 -47.07
C TYR B 527 -33.93 29.49 -47.93
N THR B 528 -34.29 29.10 -49.15
CA THR B 528 -33.35 28.42 -50.09
C THR B 528 -32.47 29.43 -50.87
N ASP B 529 -33.02 30.60 -51.24
CA ASP B 529 -32.16 31.69 -51.73
C ASP B 529 -31.01 31.77 -50.78
N SER B 530 -31.37 31.69 -49.52
CA SER B 530 -30.39 31.84 -48.53
C SER B 530 -29.41 30.71 -48.54
N VAL B 531 -29.92 29.49 -48.43
CA VAL B 531 -29.09 28.36 -47.97
C VAL B 531 -27.84 28.08 -48.79
N GLY B 532 -27.96 28.16 -50.12
CA GLY B 532 -26.85 27.97 -51.04
C GLY B 532 -25.69 28.91 -50.81
N GLY B 533 -26.00 30.15 -50.45
CA GLY B 533 -25.01 31.14 -50.11
C GLY B 533 -24.28 30.66 -48.88
N ILE B 534 -25.03 30.10 -47.95
CA ILE B 534 -24.39 29.64 -46.73
C ILE B 534 -23.65 28.33 -47.08
N LEU B 535 -24.06 27.66 -48.16
CA LEU B 535 -23.24 26.55 -48.62
C LEU B 535 -22.08 27.12 -49.41
N ARG B 536 -22.28 28.30 -50.01
CA ARG B 536 -21.32 28.84 -50.96
C ARG B 536 -20.03 29.23 -50.30
N SER B 537 -20.09 29.44 -48.98
CA SER B 537 -18.88 29.52 -48.17
C SER B 537 -19.24 28.82 -46.87
N THR B 538 -18.97 27.51 -46.80
CA THR B 538 -19.41 26.71 -45.67
C THR B 538 -18.54 27.03 -44.49
N GLY B 539 -17.31 27.43 -44.77
CA GLY B 539 -16.29 27.63 -43.75
C GLY B 539 -16.74 28.20 -42.42
N ARG B 540 -17.32 29.40 -42.46
CA ARG B 540 -17.69 30.08 -41.23
C ARG B 540 -18.47 29.15 -40.31
N TYR B 541 -19.35 28.36 -40.89
CA TYR B 541 -20.29 27.63 -40.09
C TYR B 541 -19.67 26.48 -39.33
N LEU B 542 -18.63 25.91 -39.90
CA LEU B 542 -17.89 24.85 -39.21
C LEU B 542 -17.21 25.44 -37.96
N VAL B 543 -16.77 26.69 -38.09
CA VAL B 543 -16.33 27.48 -36.94
C VAL B 543 -17.49 27.60 -35.97
N LEU B 544 -18.59 28.17 -36.47
CA LEU B 544 -19.73 28.44 -35.63
C LEU B 544 -20.18 27.19 -34.91
N TYR B 545 -20.19 26.11 -35.66
CA TYR B 545 -20.57 24.82 -35.13
C TYR B 545 -19.72 24.49 -33.92
N LEU B 546 -18.40 24.41 -34.11
CA LEU B 546 -17.51 24.09 -32.99
C LEU B 546 -17.72 25.07 -31.84
N ILE B 547 -17.94 26.34 -32.18
CA ILE B 547 -18.23 27.33 -31.17
C ILE B 547 -19.37 26.81 -30.33
N ILE B 548 -20.48 26.57 -31.02
CA ILE B 548 -21.67 26.05 -30.37
C ILE B 548 -21.38 24.76 -29.63
N VAL B 549 -20.64 23.86 -30.27
CA VAL B 549 -20.38 22.58 -29.63
C VAL B 549 -19.64 22.85 -28.32
N VAL B 550 -18.57 23.64 -28.36
CA VAL B 550 -17.82 23.95 -27.14
C VAL B 550 -18.79 24.56 -26.13
N GLY B 551 -19.59 25.53 -26.57
CA GLY B 551 -20.56 26.13 -25.68
C GLY B 551 -21.48 25.10 -25.04
N MET B 552 -21.97 24.19 -25.86
CA MET B 552 -22.91 23.20 -25.36
C MET B 552 -22.27 22.53 -24.16
N ALA B 553 -20.99 22.19 -24.29
CA ALA B 553 -20.29 21.54 -23.20
C ALA B 553 -20.26 22.45 -21.97
N TYR B 554 -19.73 23.67 -22.10
CA TYR B 554 -19.65 24.56 -20.92
C TYR B 554 -20.96 24.67 -20.19
N LEU B 555 -21.96 25.19 -20.89
CA LEU B 555 -23.30 25.40 -20.40
C LEU B 555 -23.79 24.14 -19.67
N PHE B 556 -23.36 23.00 -20.19
CA PHE B 556 -23.70 21.66 -19.69
C PHE B 556 -22.99 21.27 -18.39
N VAL B 557 -21.65 21.42 -18.39
CA VAL B 557 -20.81 21.10 -17.22
C VAL B 557 -21.25 21.96 -16.02
N ARG B 558 -21.86 23.09 -16.31
CA ARG B 558 -22.35 23.92 -15.23
C ARG B 558 -23.69 23.46 -14.71
N LEU B 559 -24.56 22.90 -15.55
CA LEU B 559 -25.85 22.42 -15.05
C LEU B 559 -25.69 21.41 -13.91
N PRO B 560 -26.27 21.75 -12.76
CA PRO B 560 -26.37 21.01 -11.51
C PRO B 560 -27.10 19.69 -11.71
N SER B 561 -26.92 18.76 -10.80
CA SER B 561 -27.18 17.36 -11.05
C SER B 561 -28.31 16.80 -10.21
N SER B 562 -29.56 17.12 -10.57
CA SER B 562 -30.73 16.71 -9.79
C SER B 562 -31.08 15.25 -9.95
N PHE B 563 -32.15 14.80 -9.29
CA PHE B 563 -32.64 13.41 -9.40
C PHE B 563 -34.10 13.53 -9.76
N LEU B 564 -34.80 14.45 -9.08
CA LEU B 564 -36.22 14.72 -9.29
C LEU B 564 -36.66 16.03 -8.61
N PRO B 565 -37.64 16.73 -9.18
CA PRO B 565 -38.17 17.97 -8.61
C PRO B 565 -39.02 17.75 -7.33
N ASP B 566 -38.81 18.59 -6.32
CA ASP B 566 -39.57 18.52 -5.08
C ASP B 566 -40.98 19.02 -5.30
N GLU B 567 -41.98 18.23 -4.92
CA GLU B 567 -43.32 18.63 -5.24
C GLU B 567 -44.13 19.05 -4.03
N ASP B 568 -44.87 20.14 -4.20
CA ASP B 568 -45.87 20.55 -3.22
C ASP B 568 -46.99 19.52 -3.29
N GLN B 569 -47.03 18.63 -2.30
CA GLN B 569 -47.96 17.50 -2.26
C GLN B 569 -49.28 17.73 -1.49
N GLY B 570 -49.50 18.95 -0.97
CA GLY B 570 -50.72 19.32 -0.24
C GLY B 570 -50.53 19.01 1.24
N VAL B 571 -49.28 18.68 1.56
CA VAL B 571 -48.91 17.99 2.76
C VAL B 571 -47.41 18.19 3.01
N PHE B 572 -47.05 18.71 4.17
CA PHE B 572 -45.63 18.72 4.53
C PHE B 572 -45.50 18.54 6.02
N MET B 573 -44.30 18.32 6.51
CA MET B 573 -44.17 18.03 7.93
C MET B 573 -43.03 18.68 8.68
N THR B 574 -43.18 18.77 9.99
CA THR B 574 -42.14 19.38 10.79
C THR B 574 -41.82 18.50 11.99
N MET B 575 -40.53 18.26 12.24
CA MET B 575 -40.10 17.37 13.31
C MET B 575 -39.27 18.09 14.39
N VAL B 576 -39.36 17.56 15.62
CA VAL B 576 -38.83 18.17 16.83
C VAL B 576 -37.83 17.26 17.52
N GLN B 577 -36.68 17.81 17.84
CA GLN B 577 -35.67 17.11 18.62
C GLN B 577 -35.36 17.96 19.86
N LEU B 578 -35.66 17.37 21.03
CA LEU B 578 -35.47 17.95 22.36
C LEU B 578 -34.07 17.64 22.85
N PRO B 579 -33.59 18.38 23.87
CA PRO B 579 -32.24 18.06 24.36
C PRO B 579 -32.21 16.66 24.95
N ALA B 580 -31.02 16.11 25.18
CA ALA B 580 -30.85 14.73 25.63
C ALA B 580 -31.60 14.37 26.91
N GLY B 581 -32.33 13.26 26.90
CA GLY B 581 -32.92 12.78 28.13
C GLY B 581 -34.20 13.47 28.58
N ALA B 582 -34.74 14.36 27.74
CA ALA B 582 -35.94 15.15 28.06
C ALA B 582 -37.20 14.34 28.29
N THR B 583 -38.28 14.99 28.68
CA THR B 583 -39.45 14.22 29.10
C THR B 583 -40.62 14.44 28.18
N GLN B 584 -41.55 13.50 28.24
CA GLN B 584 -42.79 13.59 27.49
C GLN B 584 -43.47 14.97 27.55
N GLU B 585 -43.36 15.63 28.69
CA GLU B 585 -44.03 16.90 28.94
C GLU B 585 -43.44 18.08 28.17
N ARG B 586 -42.12 18.11 28.08
CA ARG B 586 -41.42 19.18 27.39
C ARG B 586 -41.72 19.15 25.89
N THR B 587 -41.43 18.00 25.32
CA THR B 587 -41.67 17.74 23.91
C THR B 587 -43.11 18.06 23.58
N GLN B 588 -44.03 17.55 24.39
CA GLN B 588 -45.45 17.81 24.17
C GLN B 588 -45.81 19.31 24.17
N LYS B 589 -45.07 20.06 24.99
CA LYS B 589 -45.21 21.51 24.96
C LYS B 589 -44.88 22.03 23.55
N VAL B 590 -43.70 21.63 23.06
CA VAL B 590 -43.22 22.12 21.75
C VAL B 590 -44.20 21.80 20.61
N LEU B 591 -44.71 20.58 20.61
CA LEU B 591 -45.66 20.22 19.57
C LEU B 591 -46.91 21.10 19.63
N ASN B 592 -47.40 21.35 20.86
CA ASN B 592 -48.51 22.28 21.05
C ASN B 592 -48.28 23.67 20.46
N GLU B 593 -47.08 24.21 20.69
CA GLU B 593 -46.71 25.51 20.10
C GLU B 593 -46.71 25.51 18.58
N VAL B 594 -45.99 24.54 18.02
CA VAL B 594 -45.93 24.38 16.57
C VAL B 594 -47.35 24.35 15.99
N THR B 595 -48.20 23.50 16.56
CA THR B 595 -49.58 23.43 16.10
C THR B 595 -50.30 24.75 16.12
N HIS B 596 -50.13 25.51 17.21
CA HIS B 596 -50.78 26.83 17.26
C HIS B 596 -50.29 27.73 16.12
N TYR B 597 -48.98 27.80 15.95
CA TYR B 597 -48.38 28.55 14.86
C TYR B 597 -49.00 28.18 13.52
N TYR B 598 -49.12 26.89 13.23
CA TYR B 598 -49.71 26.51 11.97
C TYR B 598 -51.17 26.95 11.88
N LEU B 599 -51.96 26.59 12.88
CA LEU B 599 -53.41 26.81 12.77
C LEU B 599 -53.81 28.28 12.92
N THR B 600 -52.87 29.14 13.25
CA THR B 600 -53.18 30.53 13.45
C THR B 600 -52.41 31.44 12.51
N LYS B 601 -51.10 31.51 12.74
CA LYS B 601 -50.18 32.38 12.04
C LYS B 601 -49.98 31.87 10.60
N GLU B 602 -50.80 30.90 10.25
CA GLU B 602 -50.86 30.25 8.94
C GLU B 602 -52.29 29.77 8.78
N LYS B 603 -53.24 30.63 9.15
CA LYS B 603 -54.66 30.28 9.19
C LYS B 603 -55.25 30.20 7.80
N ASN B 604 -54.66 30.94 6.85
CA ASN B 604 -55.10 30.85 5.45
C ASN B 604 -54.71 29.51 4.83
N ASN B 605 -53.61 28.93 5.30
CA ASN B 605 -53.07 27.74 4.67
C ASN B 605 -53.39 26.41 5.33
N VAL B 606 -52.97 26.26 6.58
CA VAL B 606 -53.04 24.97 7.28
C VAL B 606 -54.47 24.47 7.42
N GLU B 607 -54.62 23.15 7.39
CA GLU B 607 -55.90 22.50 7.61
C GLU B 607 -55.85 21.57 8.78
N SER B 608 -54.68 20.99 9.01
CA SER B 608 -54.60 20.01 10.08
C SER B 608 -53.19 19.82 10.59
N VAL B 609 -52.99 19.76 11.91
CA VAL B 609 -51.74 19.20 12.41
C VAL B 609 -51.99 17.86 13.11
N PHE B 610 -51.14 16.89 12.82
CA PHE B 610 -51.16 15.60 13.49
C PHE B 610 -49.91 15.68 14.32
N ALA B 611 -50.07 16.17 15.54
CA ALA B 611 -48.97 16.20 16.43
C ALA B 611 -48.78 14.77 16.90
N VAL B 612 -47.57 14.27 16.77
CA VAL B 612 -47.21 12.98 17.31
C VAL B 612 -46.00 13.11 18.21
N ASN B 613 -46.22 12.87 19.50
CA ASN B 613 -45.16 12.88 20.52
C ASN B 613 -44.65 11.47 20.72
N GLY B 614 -43.32 11.32 20.72
CA GLY B 614 -42.69 10.05 20.98
C GLY B 614 -42.03 9.53 19.74
N ALA B 615 -42.74 9.63 18.62
CA ALA B 615 -42.15 9.23 17.35
C ALA B 615 -41.59 10.48 16.76
N GLY B 616 -40.32 10.39 16.45
CA GLY B 616 -39.60 11.47 15.81
C GLY B 616 -38.72 10.94 14.72
N ALA B 617 -38.09 11.86 14.00
CA ALA B 617 -37.19 11.49 12.94
C ALA B 617 -35.91 10.81 13.47
N ALA B 618 -35.42 11.23 14.63
CA ALA B 618 -34.17 10.65 15.15
C ALA B 618 -34.24 9.15 15.44
N GLY B 619 -35.35 8.72 16.04
CA GLY B 619 -35.51 7.34 16.47
C GLY B 619 -36.64 7.37 17.48
N ALA B 620 -36.76 6.36 18.35
CA ALA B 620 -37.84 6.40 19.35
C ALA B 620 -37.33 7.01 20.65
N GLY B 621 -38.24 7.56 21.44
CA GLY B 621 -37.89 8.18 22.71
C GLY B 621 -38.73 9.42 23.00
N GLN B 622 -39.03 9.69 24.29
CA GLN B 622 -39.85 10.84 24.72
C GLN B 622 -39.28 12.08 24.08
N ASN B 623 -37.95 12.02 24.04
CA ASN B 623 -37.06 12.97 23.43
C ASN B 623 -37.62 13.58 22.11
N THR B 624 -38.11 12.73 21.20
CA THR B 624 -38.49 13.14 19.84
C THR B 624 -39.99 13.45 19.58
N GLY B 625 -40.25 14.25 18.56
CA GLY B 625 -41.62 14.59 18.23
C GLY B 625 -41.70 14.86 16.75
N ILE B 626 -42.89 14.75 16.19
CA ILE B 626 -43.09 14.86 14.75
C ILE B 626 -44.52 15.32 14.43
N ALA B 627 -44.69 16.17 13.43
CA ALA B 627 -46.02 16.68 13.10
C ALA B 627 -46.31 16.61 11.61
N PHE B 628 -47.42 15.94 11.26
CA PHE B 628 -47.89 15.93 9.88
C PHE B 628 -48.77 17.14 9.67
N VAL B 629 -48.34 18.03 8.78
CA VAL B 629 -49.11 19.23 8.60
C VAL B 629 -49.83 19.21 7.23
N SER B 630 -51.16 19.18 7.30
CA SER B 630 -51.99 19.26 6.13
C SER B 630 -52.45 20.66 5.75
N LEU B 631 -52.28 20.99 4.47
CA LEU B 631 -52.73 22.25 3.90
C LEU B 631 -54.05 22.05 3.20
N LYS B 632 -54.78 23.14 2.97
CA LYS B 632 -56.01 23.13 2.19
C LYS B 632 -55.77 22.86 0.72
N ASP B 633 -56.86 22.82 -0.02
CA ASP B 633 -56.77 22.48 -1.44
C ASP B 633 -56.28 23.73 -2.19
N TRP B 634 -55.37 23.49 -3.13
CA TRP B 634 -54.57 24.51 -3.82
C TRP B 634 -55.37 25.65 -4.42
N ALA B 635 -56.67 25.44 -4.65
CA ALA B 635 -57.56 26.50 -5.14
C ALA B 635 -57.92 27.47 -4.01
N ASP B 636 -57.27 27.28 -2.86
CA ASP B 636 -57.39 28.17 -1.70
C ASP B 636 -55.99 28.64 -1.22
N ARG B 637 -54.96 28.25 -1.96
CA ARG B 637 -53.60 28.71 -1.73
C ARG B 637 -53.02 29.33 -3.01
N PRO B 638 -53.33 30.61 -3.28
CA PRO B 638 -52.96 31.27 -4.54
C PRO B 638 -51.49 31.53 -4.78
N GLY B 639 -50.99 32.47 -4.00
CA GLY B 639 -49.71 33.14 -4.19
C GLY B 639 -48.48 32.28 -4.10
N GLU B 640 -47.32 32.92 -4.12
CA GLU B 640 -46.07 32.18 -4.00
C GLU B 640 -45.76 31.91 -2.53
N GLU B 641 -46.18 32.83 -1.65
CA GLU B 641 -45.90 32.66 -0.23
C GLU B 641 -47.01 31.87 0.48
N ASN B 642 -47.99 31.41 -0.30
CA ASN B 642 -48.99 30.47 0.19
C ASN B 642 -48.74 29.01 -0.20
N LYS B 643 -47.55 28.67 -0.69
CA LYS B 643 -47.31 27.27 -1.05
C LYS B 643 -46.03 26.71 -0.41
N VAL B 644 -46.10 25.47 0.07
CA VAL B 644 -45.01 24.66 0.68
C VAL B 644 -43.55 25.17 0.70
N GLU B 645 -43.13 25.76 -0.40
CA GLU B 645 -41.84 26.41 -0.45
C GLU B 645 -41.71 27.43 0.68
N ALA B 646 -42.50 28.50 0.55
CA ALA B 646 -42.45 29.61 1.47
C ALA B 646 -43.08 29.24 2.80
N ILE B 647 -44.03 28.32 2.81
CA ILE B 647 -44.58 27.88 4.08
C ILE B 647 -43.52 27.19 4.93
N THR B 648 -42.83 26.19 4.37
CA THR B 648 -41.80 25.53 5.16
C THR B 648 -40.69 26.50 5.55
N MET B 649 -40.36 27.39 4.61
CA MET B 649 -39.30 28.35 4.86
C MET B 649 -39.66 29.28 6.06
N ARG B 650 -40.92 29.71 6.13
CA ARG B 650 -41.33 30.61 7.20
C ARG B 650 -41.60 29.86 8.52
N ALA B 651 -41.86 28.55 8.42
CA ALA B 651 -41.99 27.72 9.60
C ALA B 651 -40.66 27.46 10.30
N THR B 652 -39.61 27.07 9.56
CA THR B 652 -38.29 26.95 10.19
C THR B 652 -37.81 28.34 10.57
N ARG B 653 -38.26 29.35 9.83
CA ARG B 653 -37.97 30.72 10.19
C ARG B 653 -38.47 30.93 11.59
N ALA B 654 -39.72 30.59 11.82
CA ALA B 654 -40.29 30.72 13.15
C ALA B 654 -39.47 29.94 14.16
N PHE B 655 -39.29 28.63 13.96
CA PHE B 655 -38.83 27.75 15.05
C PHE B 655 -37.32 27.66 15.33
N SER B 656 -36.52 28.33 14.50
CA SER B 656 -35.07 28.31 14.65
C SER B 656 -34.59 29.24 15.77
N GLN B 657 -34.93 30.50 15.54
CA GLN B 657 -34.45 31.66 16.27
C GLN B 657 -35.18 31.82 17.59
N ILE B 658 -36.27 31.09 17.77
CA ILE B 658 -37.11 31.29 18.94
C ILE B 658 -37.19 30.11 19.93
N LYS B 659 -36.29 29.12 19.89
CA LYS B 659 -36.44 28.00 20.85
C LYS B 659 -35.21 27.43 21.60
N ASP B 660 -35.51 26.59 22.60
CA ASP B 660 -34.52 25.89 23.41
C ASP B 660 -34.29 24.49 22.85
N ALA B 661 -35.10 24.13 21.85
CA ALA B 661 -34.97 22.85 21.14
C ALA B 661 -35.04 23.06 19.62
N MET B 662 -34.38 22.20 18.86
CA MET B 662 -34.36 22.39 17.40
C MET B 662 -35.52 21.71 16.73
N VAL B 663 -36.30 22.52 16.04
CA VAL B 663 -37.54 22.10 15.41
C VAL B 663 -37.53 22.50 13.93
N PHE B 664 -37.38 21.52 13.04
CA PHE B 664 -37.30 21.83 11.60
C PHE B 664 -38.49 21.36 10.75
N ALA B 665 -38.85 22.19 9.78
CA ALA B 665 -39.97 21.91 8.89
C ALA B 665 -39.51 21.70 7.47
N PHE B 666 -40.09 20.71 6.79
CA PHE B 666 -39.78 20.42 5.38
C PHE B 666 -40.97 19.75 4.66
N ASN B 667 -40.87 19.67 3.33
CA ASN B 667 -41.83 18.94 2.50
C ASN B 667 -41.22 17.63 2.05
N LEU B 668 -42.06 16.63 1.86
CA LEU B 668 -41.58 15.30 1.51
C LEU B 668 -41.01 15.28 0.10
N PRO B 669 -40.01 14.41 -0.14
CA PRO B 669 -39.39 14.25 -1.47
C PRO B 669 -40.40 13.65 -2.47
N ALA B 670 -40.08 13.52 -3.75
CA ALA B 670 -41.12 13.01 -4.63
C ALA B 670 -41.31 11.53 -4.40
N ILE B 671 -40.32 10.75 -4.80
CA ILE B 671 -40.28 9.31 -4.54
C ILE B 671 -39.92 9.08 -3.08
N VAL B 672 -40.88 8.58 -2.32
CA VAL B 672 -40.81 8.49 -0.85
C VAL B 672 -39.80 7.52 -0.20
N GLU B 673 -38.51 7.63 -0.56
CA GLU B 673 -37.43 6.80 0.00
C GLU B 673 -36.06 6.89 -0.71
N LEU B 674 -35.67 8.02 -1.30
CA LEU B 674 -34.47 7.93 -2.14
C LEU B 674 -33.30 8.87 -1.83
N GLY B 675 -32.24 8.75 -2.64
CA GLY B 675 -31.02 9.51 -2.46
C GLY B 675 -31.19 11.01 -2.50
N THR B 676 -30.39 11.71 -1.68
CA THR B 676 -30.39 13.17 -1.67
C THR B 676 -29.54 13.68 -2.81
N ALA B 677 -29.48 12.91 -3.91
CA ALA B 677 -28.68 13.23 -5.11
C ALA B 677 -27.21 13.66 -4.89
N THR B 678 -27.01 14.91 -4.44
CA THR B 678 -25.66 15.44 -4.23
C THR B 678 -24.99 14.93 -2.94
N GLY B 679 -25.32 13.69 -2.51
CA GLY B 679 -24.71 13.13 -1.31
C GLY B 679 -24.62 11.62 -1.04
N PHE B 680 -24.29 11.33 0.20
CA PHE B 680 -23.93 9.98 0.65
C PHE B 680 -24.47 9.57 2.00
N ASP B 681 -24.12 8.34 2.38
CA ASP B 681 -24.54 7.71 3.63
C ASP B 681 -23.43 6.78 4.17
N PHE B 682 -22.49 7.36 4.91
CA PHE B 682 -21.24 6.69 5.31
C PHE B 682 -21.44 5.93 6.61
N GLU B 683 -21.00 4.68 6.62
CA GLU B 683 -21.12 3.86 7.81
C GLU B 683 -19.69 3.53 8.22
N LEU B 684 -19.29 4.01 9.40
CA LEU B 684 -17.97 3.73 9.93
C LEU B 684 -18.01 2.47 10.76
N ILE B 685 -17.08 1.56 10.51
CA ILE B 685 -17.19 0.21 11.03
C ILE B 685 -16.01 -0.17 11.89
N ASP B 686 -16.30 -0.99 12.91
CA ASP B 686 -15.31 -1.59 13.77
C ASP B 686 -15.11 -3.06 13.37
N GLN B 687 -13.96 -3.39 12.79
CA GLN B 687 -13.70 -4.74 12.30
C GLN B 687 -12.84 -5.59 13.25
N ALA B 688 -12.00 -4.92 14.04
CA ALA B 688 -11.15 -5.58 15.05
C ALA B 688 -11.88 -5.57 16.40
N GLY B 689 -11.34 -6.24 17.40
CA GLY B 689 -12.05 -6.32 18.67
C GLY B 689 -12.07 -5.11 19.60
N LEU B 690 -12.83 -4.06 19.25
CA LEU B 690 -12.98 -2.88 20.11
C LEU B 690 -14.43 -2.59 20.55
N GLY B 691 -14.54 -1.90 21.68
CA GLY B 691 -15.81 -1.46 22.27
C GLY B 691 -16.25 -0.07 21.88
N HIS B 692 -17.50 0.25 22.19
CA HIS B 692 -18.19 1.49 21.76
C HIS B 692 -17.35 2.78 21.90
N GLU B 693 -16.57 2.87 22.97
CA GLU B 693 -15.73 4.05 23.23
C GLU B 693 -14.82 4.40 22.06
N LYS B 694 -14.03 3.42 21.62
CA LYS B 694 -13.05 3.65 20.57
C LYS B 694 -13.67 3.98 19.21
N LEU B 695 -14.80 3.32 18.90
CA LEU B 695 -15.47 3.55 17.63
C LEU B 695 -16.05 4.97 17.61
N THR B 696 -16.82 5.35 18.63
CA THR B 696 -17.34 6.74 18.70
C THR B 696 -16.21 7.77 18.62
N GLN B 697 -15.09 7.45 19.26
CA GLN B 697 -13.94 8.34 19.24
C GLN B 697 -13.47 8.53 17.79
N ALA B 698 -13.36 7.42 17.07
CA ALA B 698 -12.98 7.46 15.66
C ALA B 698 -13.98 8.28 14.84
N ARG B 699 -15.24 8.21 15.25
CA ARG B 699 -16.31 8.93 14.58
C ARG B 699 -16.16 10.43 14.72
N ASN B 700 -15.84 10.85 15.94
CA ASN B 700 -15.60 12.25 16.21
C ASN B 700 -14.37 12.79 15.50
N GLN B 701 -13.34 11.95 15.44
CA GLN B 701 -12.12 12.25 14.69
C GLN B 701 -12.45 12.53 13.21
N LEU B 702 -13.20 11.62 12.58
CA LEU B 702 -13.62 11.82 11.18
C LEU B 702 -14.63 12.98 11.04
N LEU B 703 -15.36 13.30 12.12
CA LEU B 703 -16.36 14.38 12.12
C LEU B 703 -15.67 15.72 12.05
N ALA B 704 -14.56 15.83 12.78
CA ALA B 704 -13.70 17.02 12.71
C ALA B 704 -12.88 17.09 11.41
N GLU B 705 -12.39 15.93 10.95
CA GLU B 705 -11.57 15.87 9.72
C GLU B 705 -12.34 16.26 8.46
N ALA B 706 -13.66 16.11 8.51
CA ALA B 706 -14.52 16.53 7.41
C ALA B 706 -15.10 17.93 7.59
N ALA B 707 -15.04 18.46 8.81
CA ALA B 707 -15.46 19.84 9.06
C ALA B 707 -14.33 20.77 8.60
N LYS B 708 -13.17 20.16 8.34
CA LYS B 708 -11.98 20.84 7.86
C LYS B 708 -12.01 21.05 6.34
N HIS B 709 -12.99 20.45 5.68
CA HIS B 709 -13.18 20.64 4.23
C HIS B 709 -14.60 21.07 3.89
N PRO B 710 -14.89 22.38 4.05
CA PRO B 710 -16.19 22.94 3.68
C PRO B 710 -16.22 23.23 2.17
N ASP B 711 -15.10 22.92 1.51
CA ASP B 711 -14.94 23.16 0.09
C ASP B 711 -15.30 21.94 -0.75
N MET B 712 -15.41 20.78 -0.08
CA MET B 712 -15.79 19.52 -0.71
C MET B 712 -16.94 18.88 0.04
N LEU B 713 -16.77 18.80 1.36
CA LEU B 713 -17.74 18.12 2.20
C LEU B 713 -18.60 19.17 2.89
N THR B 714 -19.85 18.84 3.21
CA THR B 714 -20.74 19.79 3.90
C THR B 714 -21.74 19.11 4.85
N SER B 715 -21.78 19.60 6.10
CA SER B 715 -22.69 19.10 7.14
C SER B 715 -22.57 17.59 7.34
N VAL B 716 -21.35 17.13 7.58
CA VAL B 716 -21.12 15.72 7.86
C VAL B 716 -21.58 15.40 9.30
N ARG B 717 -22.68 14.65 9.41
CA ARG B 717 -23.27 14.32 10.71
C ARG B 717 -23.59 12.81 10.91
N PRO B 718 -23.66 12.35 12.18
CA PRO B 718 -24.15 10.99 12.45
C PRO B 718 -25.67 10.93 12.52
N ASN B 719 -26.29 9.85 12.08
CA ASN B 719 -27.74 9.76 12.14
C ASN B 719 -28.19 8.84 13.25
N GLY B 720 -28.27 9.42 14.43
CA GLY B 720 -28.62 8.68 15.63
C GLY B 720 -28.70 9.56 16.88
N LEU B 721 -28.62 8.92 18.03
CA LEU B 721 -28.68 9.59 19.31
C LEU B 721 -27.32 9.47 19.98
N GLU B 722 -26.76 10.60 20.42
CA GLU B 722 -25.48 10.60 21.12
C GLU B 722 -25.65 10.07 22.54
N ASP B 723 -24.56 9.58 23.13
CA ASP B 723 -24.61 9.00 24.47
C ASP B 723 -25.32 9.89 25.50
N THR B 724 -26.33 9.31 26.14
CA THR B 724 -27.03 10.04 27.20
C THR B 724 -26.61 9.47 28.56
N PRO B 725 -26.93 10.17 29.64
CA PRO B 725 -26.51 9.55 30.89
C PRO B 725 -27.48 8.46 31.36
N GLN B 726 -26.93 7.34 31.83
CA GLN B 726 -27.72 6.25 32.39
C GLN B 726 -27.44 6.03 33.90
N PHE B 727 -28.19 5.11 34.50
CA PHE B 727 -28.23 4.92 35.96
C PHE B 727 -27.95 3.48 36.33
N LYS B 728 -26.73 3.20 36.75
CA LYS B 728 -26.36 1.84 37.09
C LYS B 728 -26.72 1.43 38.52
N ILE B 729 -27.44 0.31 38.62
CA ILE B 729 -27.79 -0.32 39.88
C ILE B 729 -26.96 -1.57 40.07
N ASP B 730 -25.80 -1.42 40.69
CA ASP B 730 -24.93 -2.56 40.96
C ASP B 730 -25.52 -3.30 42.15
N ILE B 731 -25.99 -4.52 41.90
CA ILE B 731 -26.47 -5.39 42.98
C ILE B 731 -25.26 -6.02 43.61
N ASP B 732 -25.02 -5.74 44.90
CA ASP B 732 -23.93 -6.46 45.57
C ASP B 732 -24.50 -7.78 46.08
N GLN B 733 -24.38 -8.80 45.24
CA GLN B 733 -24.92 -10.13 45.50
C GLN B 733 -24.59 -10.64 46.90
N GLU B 734 -23.48 -10.15 47.45
CA GLU B 734 -23.05 -10.53 48.78
C GLU B 734 -24.13 -10.17 49.78
N LYS B 735 -24.54 -8.91 49.75
CA LYS B 735 -25.48 -8.39 50.75
C LYS B 735 -26.83 -9.10 50.73
N ALA B 736 -27.28 -9.48 49.54
CA ALA B 736 -28.57 -10.15 49.37
C ALA B 736 -28.47 -11.68 49.51
N GLN B 737 -27.25 -12.18 49.33
CA GLN B 737 -26.90 -13.57 49.60
C GLN B 737 -26.99 -13.79 51.08
N ALA B 738 -26.78 -12.72 51.84
CA ALA B 738 -26.94 -12.82 53.29
C ALA B 738 -28.41 -12.87 53.67
N LEU B 739 -29.15 -11.81 53.32
CA LEU B 739 -30.50 -11.55 53.84
C LEU B 739 -31.53 -12.63 53.55
N GLY B 740 -31.18 -13.58 52.71
CA GLY B 740 -32.10 -14.67 52.44
C GLY B 740 -33.07 -14.34 51.34
N VAL B 741 -32.71 -13.36 50.50
CA VAL B 741 -33.43 -13.05 49.26
C VAL B 741 -32.82 -13.77 48.07
N SER B 742 -33.66 -14.04 47.06
CA SER B 742 -33.25 -14.61 45.75
C SER B 742 -32.95 -13.52 44.70
N ILE B 743 -31.79 -13.62 44.06
CA ILE B 743 -31.33 -12.57 43.13
C ILE B 743 -32.36 -12.43 42.02
N ASN B 744 -32.95 -13.56 41.63
CA ASN B 744 -34.02 -13.57 40.65
C ASN B 744 -35.06 -12.56 41.02
N ASP B 745 -35.59 -12.70 42.23
CA ASP B 745 -36.70 -11.90 42.66
C ASP B 745 -36.35 -10.44 42.79
N ILE B 746 -35.07 -10.17 43.04
CA ILE B 746 -34.58 -8.79 43.13
C ILE B 746 -34.57 -8.08 41.77
N ASN B 747 -33.95 -8.77 40.81
CA ASN B 747 -33.92 -8.37 39.39
C ASN B 747 -35.33 -8.17 38.88
N THR B 748 -36.14 -9.23 38.93
CA THR B 748 -37.51 -9.22 38.40
C THR B 748 -38.55 -8.36 39.16
N THR B 749 -38.30 -8.01 40.41
CA THR B 749 -39.19 -7.06 41.08
C THR B 749 -38.79 -5.65 40.62
N LEU B 750 -37.48 -5.40 40.55
CA LEU B 750 -36.97 -4.15 39.99
C LEU B 750 -37.50 -3.92 38.58
N GLY B 751 -37.45 -4.98 37.79
CA GLY B 751 -38.09 -5.07 36.48
C GLY B 751 -39.54 -4.68 36.63
N ALA B 752 -40.41 -5.66 36.93
CA ALA B 752 -41.86 -5.46 36.88
C ALA B 752 -42.30 -4.15 37.55
N ALA B 753 -41.43 -3.60 38.36
CA ALA B 753 -41.69 -2.28 38.90
C ALA B 753 -41.46 -1.19 37.86
N TRP B 754 -40.22 -1.06 37.39
CA TRP B 754 -39.85 0.12 36.62
C TRP B 754 -39.89 -0.04 35.07
N GLY B 755 -39.75 -1.27 34.59
CA GLY B 755 -39.90 -1.58 33.18
C GLY B 755 -41.24 -2.22 32.87
N GLY B 756 -41.70 -3.09 33.77
CA GLY B 756 -42.99 -3.75 33.62
C GLY B 756 -42.87 -5.21 33.32
N SER B 757 -44.01 -5.91 33.38
CA SER B 757 -44.06 -7.30 32.97
C SER B 757 -45.37 -7.67 32.29
N TYR B 758 -45.29 -8.01 31.01
CA TYR B 758 -46.37 -8.66 30.33
C TYR B 758 -46.37 -10.04 30.95
N VAL B 759 -47.48 -10.42 31.59
CA VAL B 759 -47.51 -11.68 32.32
C VAL B 759 -48.46 -12.75 31.75
N ASN B 760 -49.71 -12.38 31.46
CA ASN B 760 -50.78 -13.34 31.11
C ASN B 760 -51.78 -12.80 30.08
N ASP B 761 -52.71 -13.63 29.62
CA ASP B 761 -53.69 -13.18 28.61
C ASP B 761 -55.19 -13.24 28.98
N PHE B 762 -56.02 -12.26 28.59
CA PHE B 762 -57.47 -12.41 28.77
C PHE B 762 -58.40 -12.16 27.58
N ILE B 763 -59.71 -12.11 27.84
CA ILE B 763 -60.70 -11.97 26.76
C ILE B 763 -61.72 -10.83 26.95
N ASP B 764 -61.43 -9.68 26.32
CA ASP B 764 -62.20 -8.44 26.48
C ASP B 764 -63.31 -8.34 25.43
N ARG B 765 -64.56 -8.53 25.84
CA ARG B 765 -65.72 -8.31 24.96
C ARG B 765 -65.72 -9.17 23.68
N GLY B 766 -64.86 -10.18 23.62
CA GLY B 766 -64.80 -11.07 22.47
C GLY B 766 -63.43 -11.08 21.82
N ARG B 767 -62.61 -10.09 22.15
CA ARG B 767 -61.31 -9.95 21.52
C ARG B 767 -60.16 -10.14 22.54
N VAL B 768 -59.33 -11.14 22.30
CA VAL B 768 -58.19 -11.43 23.14
C VAL B 768 -57.26 -10.26 23.33
N LYS B 769 -56.87 -9.94 24.57
CA LYS B 769 -55.89 -8.88 24.83
C LYS B 769 -54.92 -9.15 25.99
N LYS B 770 -53.99 -8.23 26.19
CA LYS B 770 -52.89 -8.48 27.11
C LYS B 770 -53.20 -8.20 28.57
N VAL B 771 -52.31 -8.72 29.44
CA VAL B 771 -52.28 -8.43 30.89
C VAL B 771 -50.90 -7.92 31.36
N TYR B 772 -50.83 -6.64 31.67
CA TYR B 772 -49.58 -6.03 32.10
C TYR B 772 -49.56 -5.67 33.56
N VAL B 773 -48.41 -5.88 34.18
CA VAL B 773 -48.24 -5.50 35.56
C VAL B 773 -46.97 -4.66 35.74
N MET B 774 -47.17 -3.40 36.08
CA MET B 774 -46.10 -2.46 36.22
C MET B 774 -46.40 -1.59 37.43
N SER B 775 -45.36 -1.06 38.07
CA SER B 775 -45.58 -0.11 39.16
C SER B 775 -46.41 1.09 38.74
N GLU B 776 -47.13 1.64 39.70
CA GLU B 776 -47.89 2.84 39.50
C GLU B 776 -46.94 4.03 39.21
N ALA B 777 -47.51 5.14 38.78
CA ALA B 777 -46.78 6.35 38.37
C ALA B 777 -45.84 7.00 39.38
N LYS B 778 -46.36 7.33 40.57
CA LYS B 778 -45.66 8.24 41.47
C LYS B 778 -44.54 7.52 42.24
N TYR B 779 -44.44 6.21 42.07
CA TYR B 779 -43.51 5.39 42.81
C TYR B 779 -42.38 4.87 41.95
N ARG B 780 -42.15 5.49 40.78
CA ARG B 780 -41.10 5.06 39.84
C ARG B 780 -40.71 6.16 38.86
N MET B 781 -40.42 7.34 39.35
CA MET B 781 -40.05 8.47 38.50
C MET B 781 -38.62 8.99 38.69
N LEU B 782 -38.25 9.22 39.95
CA LEU B 782 -36.95 9.79 40.34
C LEU B 782 -36.17 8.77 41.17
N PRO B 783 -34.82 8.79 41.08
CA PRO B 783 -34.02 7.71 41.68
C PRO B 783 -34.31 7.46 43.17
N ASP B 784 -34.84 8.48 43.85
CA ASP B 784 -35.32 8.35 45.24
C ASP B 784 -36.38 7.25 45.40
N ASP B 785 -37.29 7.14 44.42
CA ASP B 785 -38.34 6.13 44.52
C ASP B 785 -37.77 4.73 44.64
N ILE B 786 -36.49 4.57 44.27
CA ILE B 786 -35.86 3.26 44.39
C ILE B 786 -36.01 2.74 45.80
N GLY B 787 -35.84 3.64 46.76
CA GLY B 787 -35.93 3.27 48.16
C GLY B 787 -37.28 2.68 48.55
N ASP B 788 -38.36 3.24 48.04
CA ASP B 788 -39.70 2.88 48.50
C ASP B 788 -40.10 1.43 48.19
N TRP B 789 -39.14 0.65 47.70
CA TRP B 789 -39.41 -0.67 47.15
C TRP B 789 -38.80 -1.84 47.92
N TYR B 790 -39.60 -2.84 48.23
CA TYR B 790 -39.15 -3.89 49.15
C TYR B 790 -39.20 -5.31 48.58
N VAL B 791 -38.12 -6.06 48.85
CA VAL B 791 -38.00 -7.48 48.52
C VAL B 791 -38.04 -8.41 49.75
N ARG B 792 -38.88 -9.44 49.70
CA ARG B 792 -39.10 -10.35 50.83
C ARG B 792 -38.27 -11.63 50.79
N ALA B 793 -37.54 -11.88 51.88
CA ALA B 793 -36.65 -13.04 51.96
C ALA B 793 -37.44 -14.29 52.25
N ALA B 794 -36.78 -15.44 52.26
CA ALA B 794 -37.46 -16.68 52.57
C ALA B 794 -37.85 -16.75 54.06
N ASP B 795 -37.13 -16.02 54.91
CA ASP B 795 -37.35 -16.04 56.36
C ASP B 795 -38.46 -15.08 56.79
N GLY B 796 -39.07 -14.40 55.83
CA GLY B 796 -40.20 -13.54 56.14
C GLY B 796 -39.86 -12.07 56.23
N GLN B 797 -38.58 -11.73 56.03
CA GLN B 797 -38.13 -10.36 56.27
C GLN B 797 -37.98 -9.51 54.99
N MET B 798 -38.66 -8.35 54.97
CA MET B 798 -38.57 -7.39 53.87
C MET B 798 -37.17 -6.79 53.80
N VAL B 799 -36.81 -6.26 52.64
CA VAL B 799 -35.53 -5.56 52.52
C VAL B 799 -35.67 -4.31 51.67
N PRO B 800 -35.18 -3.17 52.17
CA PRO B 800 -35.25 -2.06 51.22
C PRO B 800 -34.19 -2.30 50.17
N PHE B 801 -34.29 -1.58 49.05
CA PHE B 801 -33.32 -1.71 47.99
C PHE B 801 -32.01 -1.11 48.45
N SER B 802 -32.12 0.05 49.10
CA SER B 802 -30.98 0.81 49.59
C SER B 802 -30.12 0.00 50.55
N ALA B 803 -30.62 -1.18 50.91
CA ALA B 803 -29.87 -2.13 51.71
C ALA B 803 -28.86 -2.97 50.90
N PHE B 804 -29.10 -3.10 49.59
CA PHE B 804 -28.17 -3.85 48.74
C PHE B 804 -28.02 -3.32 47.31
N SER B 805 -28.41 -2.07 47.08
CA SER B 805 -28.37 -1.53 45.72
C SER B 805 -27.44 -0.34 45.63
N SER B 806 -26.28 -0.55 45.03
CA SER B 806 -25.36 0.56 44.75
C SER B 806 -25.83 1.32 43.52
N SER B 807 -25.67 2.64 43.50
CA SER B 807 -26.24 3.39 42.40
C SER B 807 -25.41 4.54 41.87
N ARG B 808 -25.19 4.61 40.56
CA ARG B 808 -24.49 5.78 40.03
C ARG B 808 -24.97 6.25 38.67
N TRP B 809 -24.49 7.42 38.29
CA TRP B 809 -24.74 7.95 36.97
C TRP B 809 -23.50 7.82 36.14
N GLU B 810 -23.72 7.54 34.87
CA GLU B 810 -22.64 7.36 33.93
C GLU B 810 -23.19 7.68 32.58
N TYR B 811 -22.44 7.39 31.55
CA TYR B 811 -22.99 7.59 30.24
C TYR B 811 -23.38 6.21 29.74
N GLY B 812 -24.03 6.18 28.58
CA GLY B 812 -24.35 4.95 27.88
C GLY B 812 -24.91 5.34 26.53
N SER B 813 -24.84 4.41 25.58
CA SER B 813 -25.44 4.70 24.27
C SER B 813 -26.86 4.15 24.30
N PRO B 814 -27.80 5.00 23.90
CA PRO B 814 -29.22 4.71 23.86
C PRO B 814 -29.63 4.10 22.52
N ARG B 815 -28.67 4.02 21.59
CA ARG B 815 -28.98 3.52 20.27
C ARG B 815 -27.74 2.87 19.66
N LEU B 816 -27.72 1.53 19.65
CA LEU B 816 -26.57 0.78 19.13
C LEU B 816 -26.77 0.22 17.72
N GLU B 817 -26.04 0.80 16.78
CA GLU B 817 -26.10 0.44 15.36
C GLU B 817 -25.04 -0.60 14.99
N ARG B 818 -25.40 -1.45 14.04
CA ARG B 818 -24.50 -2.49 13.50
C ARG B 818 -24.60 -2.49 11.98
N TYR B 819 -23.46 -2.67 11.30
CA TYR B 819 -23.45 -2.80 9.84
C TYR B 819 -22.83 -4.11 9.37
N ASN B 820 -23.72 -4.97 8.87
CA ASN B 820 -23.43 -6.32 8.34
C ASN B 820 -22.86 -7.24 9.41
N GLY B 821 -23.40 -7.10 10.62
CA GLY B 821 -23.10 -8.02 11.69
C GLY B 821 -22.18 -7.47 12.76
N LEU B 822 -21.48 -6.37 12.47
CA LEU B 822 -20.46 -5.82 13.36
C LEU B 822 -20.81 -4.39 13.81
N PRO B 823 -20.26 -3.95 14.97
CA PRO B 823 -20.59 -2.61 15.47
C PRO B 823 -20.22 -1.48 14.51
N SER B 824 -21.14 -0.53 14.31
CA SER B 824 -20.91 0.54 13.33
C SER B 824 -21.59 1.83 13.75
N MET B 825 -21.13 2.94 13.18
CA MET B 825 -21.76 4.23 13.42
C MET B 825 -21.96 4.90 12.08
N GLU B 826 -23.21 5.27 11.81
CA GLU B 826 -23.63 5.74 10.49
C GLU B 826 -23.41 7.24 10.37
N ILE B 827 -22.69 7.64 9.32
CA ILE B 827 -22.38 9.04 9.06
C ILE B 827 -23.11 9.50 7.81
N LEU B 828 -24.04 10.43 7.93
CA LEU B 828 -24.66 11.01 6.76
C LEU B 828 -23.81 12.14 6.23
N GLY B 829 -24.09 12.61 5.02
CA GLY B 829 -23.36 13.74 4.49
C GLY B 829 -23.57 13.96 3.01
N GLN B 830 -23.37 15.19 2.57
CA GLN B 830 -23.48 15.56 1.16
C GLN B 830 -22.24 16.33 0.73
N ALA B 831 -22.15 16.70 -0.54
CA ALA B 831 -20.96 17.41 -1.00
C ALA B 831 -21.17 18.90 -1.03
N ALA B 832 -20.10 19.65 -0.78
CA ALA B 832 -20.12 21.10 -0.89
C ALA B 832 -20.74 21.42 -2.26
N PRO B 833 -21.36 22.61 -2.38
CA PRO B 833 -22.26 22.95 -3.49
C PRO B 833 -21.96 22.40 -4.89
N GLY B 834 -21.08 23.02 -5.67
CA GLY B 834 -20.82 22.53 -7.01
C GLY B 834 -19.63 21.62 -7.14
N LYS B 835 -19.59 20.67 -6.22
CA LYS B 835 -18.54 19.67 -6.20
C LYS B 835 -19.28 18.31 -6.40
N SER B 836 -18.71 17.39 -7.17
CA SER B 836 -19.29 16.06 -7.36
C SER B 836 -19.53 15.23 -6.10
N THR B 837 -20.64 14.52 -6.08
CA THR B 837 -20.95 13.64 -4.97
C THR B 837 -19.83 12.61 -4.84
N GLY B 838 -19.35 12.15 -6.00
CA GLY B 838 -18.33 11.12 -6.05
C GLY B 838 -16.99 11.60 -5.55
N GLU B 839 -16.72 12.88 -5.79
CA GLU B 839 -15.53 13.53 -5.27
C GLU B 839 -15.62 13.53 -3.75
N ALA B 840 -16.77 13.93 -3.22
CA ALA B 840 -16.95 13.96 -1.78
C ALA B 840 -16.73 12.58 -1.23
N MET B 841 -17.18 11.57 -1.98
CA MET B 841 -16.96 10.20 -1.57
C MET B 841 -15.48 9.83 -1.53
N GLU B 842 -14.72 10.32 -2.51
CA GLU B 842 -13.29 10.06 -2.57
C GLU B 842 -12.53 10.71 -1.37
N LEU B 843 -12.82 11.99 -1.13
CA LEU B 843 -12.26 12.73 0.00
C LEU B 843 -12.64 12.07 1.33
N MET B 844 -13.88 11.57 1.41
CA MET B 844 -14.36 10.82 2.56
C MET B 844 -13.51 9.59 2.82
N GLU B 845 -13.22 8.83 1.77
CA GLU B 845 -12.41 7.62 1.89
C GLU B 845 -10.96 7.91 2.28
N GLN B 846 -10.47 9.06 1.84
CA GLN B 846 -9.12 9.50 2.14
C GLN B 846 -8.98 10.09 3.56
N LEU B 847 -10.10 10.58 4.09
CA LEU B 847 -10.18 11.09 5.48
C LEU B 847 -10.34 9.97 6.51
N ALA B 848 -11.28 9.06 6.23
CA ALA B 848 -11.56 7.95 7.12
C ALA B 848 -10.38 6.99 7.02
N SER B 849 -9.54 7.21 6.01
CA SER B 849 -8.34 6.40 5.93
C SER B 849 -7.33 6.97 6.94
N LYS B 850 -7.67 8.08 7.56
CA LYS B 850 -6.78 8.66 8.56
C LYS B 850 -7.23 8.18 9.94
N LEU B 851 -7.83 6.99 9.99
CA LEU B 851 -8.35 6.45 11.26
C LEU B 851 -7.62 5.19 11.72
N PRO B 852 -7.68 4.88 13.03
CA PRO B 852 -7.01 3.70 13.61
C PRO B 852 -7.46 2.37 13.02
N THR B 853 -6.56 1.38 13.01
CA THR B 853 -6.90 0.02 12.58
C THR B 853 -7.90 -0.53 13.61
N GLY B 854 -8.96 -1.13 13.10
CA GLY B 854 -10.05 -1.60 13.92
C GLY B 854 -11.14 -0.59 13.69
N VAL B 855 -10.82 0.41 12.87
CA VAL B 855 -11.81 1.31 12.31
C VAL B 855 -11.74 1.21 10.78
N GLY B 856 -12.79 0.73 10.14
CA GLY B 856 -12.78 0.61 8.69
C GLY B 856 -14.00 1.31 8.17
N TYR B 857 -14.22 1.31 6.87
CA TYR B 857 -15.40 2.00 6.37
C TYR B 857 -16.08 1.15 5.29
N ASP B 858 -17.33 1.50 4.99
CA ASP B 858 -18.04 0.89 3.87
C ASP B 858 -19.24 1.76 3.50
N TRP B 859 -19.85 1.51 2.34
CA TRP B 859 -20.94 2.34 1.81
C TRP B 859 -22.31 1.66 1.73
N THR B 860 -23.37 2.44 1.89
CA THR B 860 -24.72 1.89 1.90
C THR B 860 -25.78 2.71 1.14
N GLY B 861 -26.91 2.08 0.84
CA GLY B 861 -28.01 2.75 0.20
C GLY B 861 -27.60 3.53 -1.03
N MET B 862 -27.86 4.82 -0.97
CA MET B 862 -27.62 5.77 -2.05
C MET B 862 -26.20 5.68 -2.61
N SER B 863 -25.21 5.90 -1.75
CA SER B 863 -23.79 5.89 -2.15
C SER B 863 -23.29 4.45 -2.41
N TYR B 864 -24.12 3.48 -2.07
CA TYR B 864 -23.85 2.08 -2.40
C TYR B 864 -24.10 1.83 -3.89
N GLN B 865 -25.33 2.15 -4.28
CA GLN B 865 -25.72 1.99 -5.68
C GLN B 865 -24.90 2.97 -6.53
N GLU B 866 -24.52 4.10 -5.96
CA GLU B 866 -23.68 5.07 -6.69
C GLU B 866 -22.23 4.62 -6.83
N ARG B 867 -21.73 3.83 -5.89
CA ARG B 867 -20.36 3.41 -6.07
C ARG B 867 -20.28 2.18 -6.97
N LEU B 868 -21.33 1.38 -7.05
CA LEU B 868 -21.25 0.30 -8.05
C LEU B 868 -21.63 0.70 -9.49
N SER B 869 -22.83 1.25 -9.67
CA SER B 869 -23.32 1.70 -10.98
C SER B 869 -23.11 3.21 -11.25
N GLY B 870 -22.07 3.56 -12.00
CA GLY B 870 -21.82 4.96 -12.37
C GLY B 870 -20.95 5.10 -13.61
N ASN B 871 -20.45 3.94 -14.05
CA ASN B 871 -19.62 3.80 -15.24
C ASN B 871 -20.48 3.32 -16.43
N GLN B 872 -21.79 3.28 -16.22
CA GLN B 872 -22.75 2.79 -17.19
C GLN B 872 -23.14 3.89 -18.17
N ALA B 873 -23.29 5.11 -17.65
CA ALA B 873 -23.68 6.26 -18.49
C ALA B 873 -22.86 6.40 -19.78
N PRO B 874 -21.52 6.25 -19.71
CA PRO B 874 -20.76 6.30 -20.96
C PRO B 874 -20.97 5.08 -21.87
N SER B 875 -20.89 3.88 -21.31
CA SER B 875 -20.97 2.63 -22.08
C SER B 875 -22.30 2.38 -22.79
N LEU B 876 -23.40 2.78 -22.16
CA LEU B 876 -24.71 2.53 -22.77
C LEU B 876 -24.96 3.52 -23.92
N TYR B 877 -24.41 4.72 -23.80
CA TYR B 877 -24.59 5.70 -24.87
C TYR B 877 -23.50 5.49 -25.91
N ALA B 878 -22.53 4.64 -25.58
CA ALA B 878 -21.52 4.17 -26.53
C ALA B 878 -22.13 3.08 -27.40
N ILE B 879 -22.83 2.15 -26.75
CA ILE B 879 -23.59 1.16 -27.48
C ILE B 879 -24.54 1.94 -28.35
N SER B 880 -25.23 2.92 -27.77
CA SER B 880 -26.21 3.76 -28.46
C SER B 880 -25.67 4.47 -29.70
N LEU B 881 -24.49 5.04 -29.57
CA LEU B 881 -23.82 5.75 -30.65
C LEU B 881 -23.45 4.83 -31.78
N ILE B 882 -22.92 3.68 -31.40
CA ILE B 882 -22.50 2.68 -32.36
C ILE B 882 -23.67 2.02 -33.08
N VAL B 883 -24.71 1.74 -32.33
CA VAL B 883 -25.87 1.07 -32.87
C VAL B 883 -26.59 2.01 -33.82
N VAL B 884 -26.82 3.26 -33.41
CA VAL B 884 -27.38 4.24 -34.35
C VAL B 884 -26.54 4.40 -35.67
N PHE B 885 -25.22 4.61 -35.51
CA PHE B 885 -24.32 4.82 -36.67
C PHE B 885 -24.40 3.66 -37.65
N LEU B 886 -24.34 2.46 -37.08
CA LEU B 886 -24.50 1.23 -37.84
C LEU B 886 -25.91 1.20 -38.55
N CYS B 887 -26.98 1.57 -37.81
CA CYS B 887 -28.32 1.58 -38.42
C CYS B 887 -28.47 2.48 -39.61
N LEU B 888 -27.90 3.68 -39.51
CA LEU B 888 -27.97 4.62 -40.61
C LEU B 888 -27.14 4.14 -41.77
N ALA B 889 -25.96 3.60 -41.45
CA ALA B 889 -25.08 3.05 -42.47
C ALA B 889 -25.83 2.03 -43.31
N ALA B 890 -26.74 1.31 -42.64
CA ALA B 890 -27.58 0.32 -43.29
C ALA B 890 -28.64 1.01 -44.11
N LEU B 891 -29.38 1.95 -43.50
CA LEU B 891 -30.45 2.65 -44.20
C LEU B 891 -29.93 3.31 -45.49
N TYR B 892 -28.75 3.91 -45.44
CA TYR B 892 -28.17 4.45 -46.66
C TYR B 892 -27.40 3.30 -47.26
N GLU B 893 -26.18 3.54 -47.65
CA GLU B 893 -25.36 2.42 -48.04
C GLU B 893 -24.00 3.06 -47.94
N SER B 894 -23.72 3.55 -46.74
CA SER B 894 -22.59 4.44 -46.51
C SER B 894 -22.01 4.29 -45.10
N TRP B 895 -20.69 4.36 -45.00
CA TRP B 895 -20.01 4.40 -43.73
C TRP B 895 -19.74 5.88 -43.41
N SER B 896 -19.86 6.77 -44.42
CA SER B 896 -19.65 8.22 -44.21
C SER B 896 -20.98 9.04 -44.07
N ILE B 897 -21.97 8.80 -44.91
CA ILE B 897 -23.16 9.64 -44.85
C ILE B 897 -23.81 9.71 -43.48
N PRO B 898 -23.90 8.57 -42.73
CA PRO B 898 -24.44 8.68 -41.36
C PRO B 898 -23.90 9.89 -40.56
N PHE B 899 -22.64 10.30 -40.78
CA PHE B 899 -22.04 11.45 -40.08
C PHE B 899 -22.75 12.80 -40.27
N SER B 900 -23.22 13.10 -41.47
CA SER B 900 -23.93 14.33 -41.66
C SER B 900 -25.26 14.36 -40.93
N VAL B 901 -25.71 13.22 -40.43
CA VAL B 901 -26.94 13.29 -39.64
C VAL B 901 -26.69 13.13 -38.15
N MET B 902 -25.70 12.34 -37.77
CA MET B 902 -25.37 12.20 -36.36
C MET B 902 -24.82 13.52 -35.85
N LEU B 903 -24.16 14.30 -36.72
CA LEU B 903 -23.66 15.66 -36.37
C LEU B 903 -24.70 16.68 -35.91
N VAL B 904 -25.96 16.43 -36.21
CA VAL B 904 -27.08 17.29 -35.85
C VAL B 904 -27.36 17.29 -34.34
N VAL B 905 -26.93 16.22 -33.65
CA VAL B 905 -27.23 16.00 -32.24
C VAL B 905 -26.89 17.17 -31.30
N PRO B 906 -25.68 17.78 -31.43
CA PRO B 906 -25.37 18.98 -30.62
C PRO B 906 -26.39 20.09 -30.77
N LEU B 907 -26.76 20.39 -32.01
CA LEU B 907 -27.66 21.47 -32.32
C LEU B 907 -28.94 21.51 -31.45
N GLY B 908 -29.26 20.41 -30.77
CA GLY B 908 -30.51 20.36 -30.07
C GLY B 908 -30.35 20.43 -28.57
N VAL B 909 -29.29 19.79 -28.10
CA VAL B 909 -28.88 19.73 -26.71
C VAL B 909 -28.65 21.13 -26.19
N ILE B 910 -28.01 21.94 -27.00
CA ILE B 910 -27.66 23.32 -26.66
C ILE B 910 -28.84 24.19 -26.16
N GLY B 911 -29.96 24.19 -26.88
CA GLY B 911 -31.10 24.98 -26.49
C GLY B 911 -31.74 24.52 -25.21
N ALA B 912 -31.66 23.23 -24.97
CA ALA B 912 -32.24 22.72 -23.77
C ALA B 912 -31.42 23.22 -22.60
N LEU B 913 -30.10 23.23 -22.75
CA LEU B 913 -29.19 23.75 -21.73
C LEU B 913 -29.37 25.26 -21.57
N LEU B 914 -29.47 25.94 -22.71
CA LEU B 914 -29.94 27.33 -22.78
C LEU B 914 -31.15 27.49 -21.89
N ALA B 915 -32.15 26.67 -22.18
CA ALA B 915 -33.43 26.72 -21.48
C ALA B 915 -33.36 26.38 -19.99
N ALA B 916 -32.47 25.47 -19.62
CA ALA B 916 -32.36 25.04 -18.24
C ALA B 916 -31.91 26.21 -17.44
N THR B 917 -30.91 26.87 -17.97
CA THR B 917 -30.29 27.91 -17.24
C THR B 917 -31.14 29.20 -17.19
N PHE B 918 -31.80 29.55 -18.28
CA PHE B 918 -32.59 30.77 -18.32
C PHE B 918 -33.90 30.58 -17.56
N ARG B 919 -34.19 29.32 -17.21
CA ARG B 919 -35.30 28.99 -16.31
C ARG B 919 -34.81 28.50 -14.96
N GLY B 920 -33.50 28.58 -14.74
CA GLY B 920 -32.86 28.13 -13.53
C GLY B 920 -33.17 26.73 -13.02
N LEU B 921 -33.49 25.83 -13.94
CA LEU B 921 -33.89 24.44 -13.64
C LEU B 921 -32.65 23.60 -13.56
N THR B 922 -32.84 22.30 -13.38
CA THR B 922 -31.68 21.46 -13.16
C THR B 922 -31.73 20.17 -14.01
N ASN B 923 -30.54 19.62 -14.25
CA ASN B 923 -30.35 18.38 -14.98
C ASN B 923 -30.88 17.18 -14.23
N ASP B 924 -32.21 17.15 -14.11
CA ASP B 924 -32.90 16.04 -13.47
C ASP B 924 -33.29 14.99 -14.50
N VAL B 925 -33.94 13.91 -14.06
CA VAL B 925 -34.28 12.83 -14.97
C VAL B 925 -35.11 13.30 -16.13
N TYR B 926 -36.16 14.04 -15.82
CA TYR B 926 -37.07 14.55 -16.82
C TYR B 926 -36.39 15.36 -17.92
N PHE B 927 -35.47 16.25 -17.54
CA PHE B 927 -34.69 17.04 -18.49
C PHE B 927 -33.96 16.16 -19.45
N GLN B 928 -33.57 15.00 -18.95
CA GLN B 928 -32.76 14.07 -19.69
C GLN B 928 -33.49 13.15 -20.67
N VAL B 929 -34.57 12.53 -20.21
CA VAL B 929 -35.46 11.81 -21.12
C VAL B 929 -35.83 12.85 -22.19
N GLY B 930 -36.08 14.08 -21.75
CA GLY B 930 -36.25 15.18 -22.67
C GLY B 930 -35.10 15.42 -23.65
N LEU B 931 -33.87 15.34 -23.13
CA LEU B 931 -32.70 15.58 -23.95
C LEU B 931 -32.81 14.67 -25.10
N LEU B 932 -32.95 13.40 -24.75
CA LEU B 932 -33.05 12.35 -25.74
C LEU B 932 -34.14 12.65 -26.74
N THR B 933 -35.37 12.84 -26.29
CA THR B 933 -36.49 13.19 -27.18
C THR B 933 -36.09 14.25 -28.22
N THR B 934 -35.43 15.27 -27.75
CA THR B 934 -35.07 16.32 -28.66
C THR B 934 -34.08 15.81 -29.66
N ILE B 935 -33.08 15.10 -29.16
CA ILE B 935 -32.05 14.59 -30.04
C ILE B 935 -32.71 13.77 -31.10
N GLY B 936 -33.80 13.11 -30.67
CA GLY B 936 -34.62 12.18 -31.44
C GLY B 936 -35.23 12.86 -32.62
N LEU B 937 -36.04 13.89 -32.39
CA LEU B 937 -36.63 14.61 -33.53
C LEU B 937 -35.59 15.25 -34.41
N SER B 938 -34.65 15.94 -33.80
CA SER B 938 -33.60 16.57 -34.58
C SER B 938 -32.99 15.57 -35.57
N ALA B 939 -32.65 14.40 -35.06
CA ALA B 939 -32.07 13.35 -35.86
C ALA B 939 -33.01 12.84 -36.93
N LYS B 940 -34.28 12.65 -36.58
CA LYS B 940 -35.27 12.18 -37.55
C LYS B 940 -35.26 13.13 -38.77
N ASN B 941 -35.41 14.44 -38.51
CA ASN B 941 -35.39 15.50 -39.51
C ASN B 941 -34.14 15.51 -40.34
N ALA B 942 -33.00 15.35 -39.66
CA ALA B 942 -31.72 15.17 -40.37
C ALA B 942 -31.84 14.01 -41.35
N ILE B 943 -32.41 12.89 -40.88
CA ILE B 943 -32.55 11.64 -41.65
C ILE B 943 -33.42 11.86 -42.88
N LEU B 944 -34.57 12.51 -42.75
CA LEU B 944 -35.41 12.83 -43.91
C LEU B 944 -34.76 13.81 -44.91
N ILE B 945 -34.11 14.86 -44.42
CA ILE B 945 -33.37 15.76 -45.32
C ILE B 945 -32.23 15.02 -46.08
N VAL B 946 -31.37 14.33 -45.34
CA VAL B 946 -30.24 13.57 -45.89
C VAL B 946 -30.74 12.53 -46.91
N GLU B 947 -31.84 11.88 -46.56
CA GLU B 947 -32.47 10.98 -47.50
C GLU B 947 -32.91 11.69 -48.79
N PHE B 948 -33.72 12.76 -48.70
CA PHE B 948 -34.26 13.38 -49.92
C PHE B 948 -33.14 13.84 -50.78
N ALA B 949 -32.12 14.40 -50.15
CA ALA B 949 -30.91 14.82 -50.87
C ALA B 949 -30.33 13.67 -51.69
N LYS B 950 -29.97 12.59 -51.00
CA LYS B 950 -29.45 11.41 -51.70
C LYS B 950 -30.41 10.92 -52.80
N ASP B 951 -31.68 10.82 -52.48
CA ASP B 951 -32.67 10.34 -53.41
C ASP B 951 -32.69 11.14 -54.68
N LEU B 952 -32.46 12.44 -54.57
CA LEU B 952 -32.40 13.24 -55.79
C LEU B 952 -31.13 12.90 -56.51
N MET B 953 -30.04 12.99 -55.76
CA MET B 953 -28.72 12.78 -56.29
C MET B 953 -28.64 11.50 -57.11
N ASP B 954 -29.24 10.44 -56.61
CA ASP B 954 -29.19 9.14 -57.27
C ASP B 954 -30.33 8.99 -58.23
N LYS B 955 -31.54 8.89 -57.69
CA LYS B 955 -32.70 8.46 -58.46
C LYS B 955 -33.34 9.59 -59.29
N GLU B 956 -32.58 10.66 -59.51
CA GLU B 956 -33.01 11.71 -60.43
C GLU B 956 -31.82 12.25 -61.16
N GLY B 957 -30.65 11.99 -60.60
CA GLY B 957 -29.43 12.31 -61.27
C GLY B 957 -28.95 13.68 -60.90
N LYS B 958 -29.73 14.38 -60.08
CA LYS B 958 -29.42 15.74 -59.67
C LYS B 958 -28.04 15.80 -59.04
N GLY B 959 -27.47 16.99 -58.92
CA GLY B 959 -26.13 17.14 -58.40
C GLY B 959 -26.07 17.38 -56.91
N LEU B 960 -24.89 17.39 -56.29
CA LEU B 960 -24.86 17.63 -54.86
C LEU B 960 -25.68 18.90 -54.49
N ILE B 961 -25.14 20.12 -54.71
CA ILE B 961 -25.80 21.36 -54.19
C ILE B 961 -27.25 21.56 -54.64
N GLU B 962 -27.50 21.33 -55.93
CA GLU B 962 -28.83 21.52 -56.48
C GLU B 962 -29.84 20.68 -55.66
N ALA B 963 -29.43 19.44 -55.38
CA ALA B 963 -30.29 18.44 -54.73
C ALA B 963 -30.42 18.62 -53.22
N THR B 964 -29.34 19.03 -52.53
CA THR B 964 -29.45 19.39 -51.11
C THR B 964 -30.38 20.62 -50.96
N LEU B 965 -30.32 21.51 -51.94
CA LEU B 965 -31.22 22.66 -52.00
C LEU B 965 -32.63 22.19 -52.18
N ASP B 966 -32.82 21.27 -53.12
CA ASP B 966 -34.15 20.79 -53.41
C ASP B 966 -34.75 20.08 -52.19
N ALA B 967 -33.92 19.25 -51.58
CA ALA B 967 -34.26 18.47 -50.40
C ALA B 967 -34.73 19.35 -49.25
N VAL B 968 -33.81 20.20 -48.82
CA VAL B 968 -34.10 21.09 -47.71
C VAL B 968 -35.38 21.89 -48.04
N ARG B 969 -35.55 22.22 -49.32
CA ARG B 969 -36.68 23.01 -49.77
C ARG B 969 -37.94 22.24 -49.45
N MET B 970 -38.04 20.98 -49.84
CA MET B 970 -39.32 20.30 -49.65
C MET B 970 -39.55 19.88 -48.19
N ARG B 971 -38.48 19.89 -47.41
CA ARG B 971 -38.62 19.43 -46.05
C ARG B 971 -38.79 20.66 -45.14
N LEU B 972 -38.89 21.87 -45.69
CA LEU B 972 -39.01 23.07 -44.81
C LEU B 972 -40.34 23.14 -44.09
N ARG B 973 -41.41 23.15 -44.85
CA ARG B 973 -42.78 23.15 -44.32
C ARG B 973 -43.17 22.12 -43.26
N PRO B 974 -42.80 20.84 -43.44
CA PRO B 974 -43.20 19.89 -42.38
C PRO B 974 -42.44 20.05 -41.06
N ILE B 975 -41.13 20.32 -41.11
CA ILE B 975 -40.36 20.60 -39.89
C ILE B 975 -41.06 21.75 -39.20
N LEU B 976 -41.41 22.76 -39.98
CA LEU B 976 -42.04 23.90 -39.37
C LEU B 976 -43.41 23.54 -38.81
N MET B 977 -44.18 22.68 -39.49
CA MET B 977 -45.49 22.33 -38.97
C MET B 977 -45.35 21.55 -37.68
N THR B 978 -44.51 20.51 -37.74
CA THR B 978 -44.25 19.63 -36.59
C THR B 978 -43.83 20.52 -35.41
N SER B 979 -42.82 21.36 -35.60
CA SER B 979 -42.27 22.15 -34.52
C SER B 979 -43.26 23.12 -33.92
N LEU B 980 -44.12 23.71 -34.73
CA LEU B 980 -45.13 24.58 -34.12
C LEU B 980 -46.11 23.86 -33.25
N ALA B 981 -46.72 22.80 -33.76
CA ALA B 981 -47.65 22.00 -32.93
C ALA B 981 -46.97 21.48 -31.68
N PHE B 982 -45.67 21.31 -31.77
CA PHE B 982 -45.03 20.73 -30.67
C PHE B 982 -44.82 21.84 -29.72
N ILE B 983 -44.01 22.83 -30.09
CA ILE B 983 -43.69 23.89 -29.15
C ILE B 983 -44.98 24.42 -28.53
N LEU B 984 -46.04 24.56 -29.31
CA LEU B 984 -47.35 24.93 -28.76
C LEU B 984 -48.06 23.86 -27.90
N GLY B 985 -47.77 22.58 -28.06
CA GLY B 985 -48.36 21.63 -27.12
C GLY B 985 -47.64 21.62 -25.75
N VAL B 986 -46.31 21.66 -25.82
CA VAL B 986 -45.46 21.60 -24.66
C VAL B 986 -45.54 22.90 -23.87
N MET B 987 -45.98 23.94 -24.56
CA MET B 987 -45.96 25.26 -23.99
C MET B 987 -46.60 25.28 -22.59
N PRO B 988 -47.87 24.83 -22.44
CA PRO B 988 -48.52 24.81 -21.11
C PRO B 988 -47.76 24.14 -19.99
N LEU B 989 -47.00 23.09 -20.27
CA LEU B 989 -46.21 22.51 -19.21
C LEU B 989 -45.32 23.57 -18.60
N VAL B 990 -44.58 24.25 -19.46
CA VAL B 990 -43.50 25.14 -19.06
C VAL B 990 -43.99 26.27 -18.19
N ILE B 991 -45.19 26.76 -18.49
CA ILE B 991 -45.76 27.78 -17.62
C ILE B 991 -47.08 27.27 -17.07
N SER B 992 -46.97 26.67 -15.88
CA SER B 992 -48.10 26.04 -15.20
C SER B 992 -47.79 25.75 -13.76
N THR B 993 -48.55 26.35 -12.86
CA THR B 993 -48.45 25.94 -11.47
C THR B 993 -49.74 25.26 -11.06
N GLY B 994 -49.61 24.40 -10.06
CA GLY B 994 -50.63 23.49 -9.62
C GLY B 994 -49.83 22.22 -9.45
N ALA B 995 -50.42 21.24 -8.77
CA ALA B 995 -49.68 20.05 -8.39
C ALA B 995 -48.98 19.38 -9.58
N GLY B 996 -47.68 19.07 -9.39
CA GLY B 996 -46.90 18.38 -10.39
C GLY B 996 -46.34 19.32 -11.43
N SER B 997 -46.37 20.61 -11.08
CA SER B 997 -45.77 21.65 -11.91
C SER B 997 -44.27 21.48 -11.88
N GLY B 998 -43.77 20.77 -10.88
CA GLY B 998 -42.35 20.53 -10.78
C GLY B 998 -41.89 19.72 -11.95
N ALA B 999 -42.57 18.60 -12.15
CA ALA B 999 -42.36 17.74 -13.30
C ALA B 999 -42.59 18.50 -14.59
N GLN B 1000 -43.83 18.94 -14.81
CA GLN B 1000 -44.25 19.61 -16.06
C GLN B 1000 -43.24 20.65 -16.48
N ASN B 1001 -42.76 21.44 -15.54
CA ASN B 1001 -41.71 22.42 -15.85
C ASN B 1001 -40.38 21.74 -16.24
N ALA B 1002 -40.00 20.69 -15.49
CA ALA B 1002 -38.74 19.98 -15.78
C ALA B 1002 -38.66 19.48 -17.23
N VAL B 1003 -39.82 18.98 -17.69
CA VAL B 1003 -40.06 18.47 -19.02
C VAL B 1003 -40.08 19.57 -20.09
N GLY B 1004 -41.12 20.37 -19.93
CA GLY B 1004 -41.39 21.46 -20.81
C GLY B 1004 -40.19 22.32 -21.10
N THR B 1005 -39.45 22.73 -20.08
CA THR B 1005 -38.36 23.63 -20.35
C THR B 1005 -37.43 23.06 -21.39
N GLY B 1006 -36.79 21.96 -21.05
CA GLY B 1006 -35.81 21.34 -21.91
C GLY B 1006 -36.36 21.12 -23.29
N VAL B 1007 -37.58 20.60 -23.36
CA VAL B 1007 -38.12 20.35 -24.68
C VAL B 1007 -38.25 21.64 -25.47
N MET B 1008 -38.94 22.65 -24.94
CA MET B 1008 -39.28 23.82 -25.73
C MET B 1008 -37.97 24.47 -26.19
N GLY B 1009 -37.04 24.67 -25.27
CA GLY B 1009 -35.77 25.28 -25.67
C GLY B 1009 -35.05 24.46 -26.72
N GLY B 1010 -34.99 23.15 -26.45
CA GLY B 1010 -34.39 22.19 -27.36
C GLY B 1010 -34.98 22.25 -28.76
N MET B 1011 -36.31 22.27 -28.85
CA MET B 1011 -37.03 22.30 -30.11
C MET B 1011 -36.71 23.57 -30.86
N VAL B 1012 -36.73 24.67 -30.14
CA VAL B 1012 -36.38 25.95 -30.72
C VAL B 1012 -35.00 25.93 -31.39
N THR B 1013 -33.95 25.66 -30.61
CA THR B 1013 -32.60 25.69 -31.19
C THR B 1013 -32.31 24.62 -32.19
N ALA B 1014 -32.98 23.48 -32.04
CA ALA B 1014 -32.95 22.39 -33.03
C ALA B 1014 -33.60 22.80 -34.37
N THR B 1015 -34.88 23.19 -34.43
CA THR B 1015 -35.40 23.49 -35.76
C THR B 1015 -34.64 24.67 -36.35
N VAL B 1016 -34.60 25.77 -35.61
CA VAL B 1016 -34.02 26.96 -36.20
C VAL B 1016 -32.53 26.77 -36.44
N LEU B 1017 -31.91 25.74 -35.88
CA LEU B 1017 -30.54 25.54 -36.31
C LEU B 1017 -30.46 24.62 -37.51
N ALA B 1018 -31.25 23.56 -37.41
CA ALA B 1018 -31.17 22.46 -38.31
C ALA B 1018 -31.43 22.97 -39.68
N ILE B 1019 -32.41 23.87 -39.82
CA ILE B 1019 -32.75 24.29 -41.16
C ILE B 1019 -31.62 25.09 -41.80
N PHE B 1020 -30.51 25.28 -41.09
CA PHE B 1020 -29.38 25.89 -41.76
C PHE B 1020 -28.16 25.01 -41.72
N PHE B 1021 -28.10 24.08 -40.80
CA PHE B 1021 -26.87 23.29 -40.70
C PHE B 1021 -26.93 21.96 -41.41
N VAL B 1022 -28.10 21.31 -41.41
CA VAL B 1022 -28.24 20.00 -42.07
C VAL B 1022 -27.71 19.99 -43.49
N PRO B 1023 -28.01 21.03 -44.28
CA PRO B 1023 -27.42 20.91 -45.63
C PRO B 1023 -25.93 21.10 -45.61
N VAL B 1024 -25.40 21.61 -44.54
CA VAL B 1024 -24.01 21.89 -44.59
C VAL B 1024 -23.30 20.62 -44.20
N PHE B 1025 -23.74 19.99 -43.12
CA PHE B 1025 -23.27 18.65 -42.71
C PHE B 1025 -23.25 17.77 -43.95
N PHE B 1026 -24.44 17.61 -44.53
CA PHE B 1026 -24.59 16.82 -45.76
C PHE B 1026 -23.64 17.20 -46.89
N VAL B 1027 -23.65 18.47 -47.29
CA VAL B 1027 -22.75 18.93 -48.32
C VAL B 1027 -21.26 18.80 -47.96
N VAL B 1028 -20.88 19.25 -46.78
CA VAL B 1028 -19.48 19.12 -46.45
C VAL B 1028 -19.00 17.69 -46.40
N VAL B 1029 -19.64 16.86 -45.57
CA VAL B 1029 -19.23 15.46 -45.37
C VAL B 1029 -19.10 14.68 -46.72
N ARG B 1030 -19.97 15.00 -47.67
CA ARG B 1030 -20.09 14.30 -48.94
C ARG B 1030 -18.92 14.57 -49.87
N ARG B 1031 -18.06 15.49 -49.49
CA ARG B 1031 -16.95 15.86 -50.32
C ARG B 1031 -15.71 15.07 -49.91
N ARG B 1032 -15.90 14.13 -48.98
CA ARG B 1032 -14.91 13.11 -48.65
C ARG B 1032 -15.55 11.75 -48.98
N PHE B 1033 -15.75 11.58 -50.30
CA PHE B 1033 -16.42 10.47 -51.00
C PHE B 1033 -17.08 11.05 -52.25
N SER B 1034 -16.72 10.57 -53.44
CA SER B 1034 -15.76 9.50 -53.64
C SER B 1034 -14.43 10.10 -54.05
N ARG B 1035 -14.17 10.09 -55.36
CA ARG B 1035 -12.97 10.67 -55.94
C ARG B 1035 -13.33 11.28 -57.30
N LYS B 1036 -14.55 10.95 -57.73
CA LYS B 1036 -15.10 11.36 -59.01
C LYS B 1036 -16.53 10.84 -59.09
N ASN B 1037 -17.34 11.53 -59.89
CA ASN B 1037 -18.68 11.11 -60.33
C ASN B 1037 -19.85 11.40 -59.34
N GLU B 1038 -20.12 12.63 -58.88
CA GLU B 1038 -19.29 13.87 -58.82
C GLU B 1038 -20.14 15.08 -58.33
N ASP B 1039 -20.67 15.86 -59.27
CA ASP B 1039 -21.43 17.04 -58.92
C ASP B 1039 -22.66 17.58 -59.68
N ILE B 1040 -23.31 16.94 -60.66
CA ILE B 1040 -22.95 15.77 -61.47
C ILE B 1040 -23.97 15.76 -62.62
N GLU B 1041 -25.24 15.59 -62.23
CA GLU B 1041 -26.43 15.55 -63.08
C GLU B 1041 -26.34 14.83 -64.43
N HIS B 1042 -27.35 15.12 -65.25
CA HIS B 1042 -27.61 14.47 -66.53
C HIS B 1042 -27.33 12.93 -66.53
N SER B 1043 -28.13 12.19 -65.75
CA SER B 1043 -27.99 10.74 -65.59
C SER B 1043 -29.28 10.23 -64.98
N HIS B 1044 -29.86 9.09 -65.39
CA HIS B 1044 -29.43 8.21 -66.50
C HIS B 1044 -30.53 7.20 -66.87
N THR B 1045 -30.86 6.29 -65.96
CA THR B 1045 -31.79 5.22 -66.30
C THR B 1045 -33.20 5.33 -65.70
N VAL B 1046 -33.28 4.97 -64.41
CA VAL B 1046 -34.50 4.66 -63.63
C VAL B 1046 -34.65 3.13 -63.64
N ASP B 1047 -34.00 2.49 -64.63
CA ASP B 1047 -33.91 1.04 -64.71
C ASP B 1047 -33.26 0.45 -63.45
N PRO C 2 -48.22 -21.77 -53.81
CA PRO C 2 -48.02 -22.69 -52.69
C PRO C 2 -48.27 -24.13 -53.10
N ASN C 3 -49.50 -24.39 -53.52
CA ASN C 3 -49.83 -25.67 -54.10
C ASN C 3 -49.21 -25.96 -55.44
N PHE C 4 -49.12 -24.92 -56.29
CA PHE C 4 -48.57 -25.03 -57.63
C PHE C 4 -47.11 -25.54 -57.48
N PHE C 5 -46.55 -25.34 -56.28
CA PHE C 5 -45.20 -25.79 -55.93
C PHE C 5 -45.37 -27.21 -55.54
N ILE C 6 -46.53 -27.53 -54.98
CA ILE C 6 -46.65 -28.89 -54.53
C ILE C 6 -47.50 -29.71 -55.54
N ASP C 7 -47.13 -29.61 -56.82
CA ASP C 7 -47.15 -30.80 -57.70
C ASP C 7 -45.69 -31.29 -57.76
N ARG C 8 -45.30 -31.61 -56.53
CA ARG C 8 -44.08 -32.24 -56.01
C ARG C 8 -44.76 -33.06 -54.89
N PRO C 9 -45.47 -34.16 -55.28
CA PRO C 9 -46.32 -34.95 -54.38
C PRO C 9 -45.53 -35.59 -53.27
N ILE C 10 -44.24 -35.85 -53.52
CA ILE C 10 -43.42 -36.49 -52.52
C ILE C 10 -43.06 -35.46 -51.44
N PHE C 11 -42.72 -34.24 -51.83
CA PHE C 11 -42.52 -33.19 -50.83
C PHE C 11 -43.77 -32.94 -49.97
N ALA C 12 -44.96 -32.85 -50.58
CA ALA C 12 -46.18 -32.82 -49.77
C ALA C 12 -46.33 -34.05 -48.81
N TRP C 13 -46.33 -35.26 -49.34
CA TRP C 13 -46.36 -36.47 -48.53
C TRP C 13 -45.34 -36.48 -47.44
N VAL C 14 -44.19 -35.85 -47.66
CA VAL C 14 -43.17 -35.77 -46.61
C VAL C 14 -43.55 -34.74 -45.50
N ILE C 15 -44.03 -33.57 -45.90
CA ILE C 15 -44.53 -32.63 -44.92
C ILE C 15 -45.56 -33.34 -44.06
N ALA C 16 -46.44 -34.08 -44.72
CA ALA C 16 -47.46 -34.87 -44.04
C ALA C 16 -46.86 -35.91 -43.06
N ILE C 17 -46.04 -36.86 -43.53
CA ILE C 17 -45.49 -37.92 -42.65
C ILE C 17 -44.70 -37.37 -41.41
N ILE C 18 -43.89 -36.32 -41.60
CA ILE C 18 -43.24 -35.68 -40.47
C ILE C 18 -44.29 -35.12 -39.52
N ILE C 19 -45.33 -34.51 -40.08
CA ILE C 19 -46.42 -34.02 -39.22
C ILE C 19 -47.11 -35.15 -38.37
N MET C 20 -47.43 -36.27 -39.02
CA MET C 20 -47.99 -37.48 -38.38
C MET C 20 -47.06 -38.13 -37.30
N LEU C 21 -45.78 -38.31 -37.61
CA LEU C 21 -44.83 -38.90 -36.66
C LEU C 21 -44.46 -37.99 -35.48
N ALA C 22 -44.36 -36.68 -35.71
CA ALA C 22 -44.21 -35.75 -34.60
C ALA C 22 -45.42 -35.91 -33.72
N GLY C 23 -46.55 -36.18 -34.36
CA GLY C 23 -47.74 -36.39 -33.57
C GLY C 23 -47.79 -37.62 -32.67
N GLY C 24 -47.75 -38.82 -33.27
CA GLY C 24 -47.80 -40.10 -32.55
C GLY C 24 -46.67 -40.30 -31.53
N LEU C 25 -45.52 -39.78 -31.89
CA LEU C 25 -44.43 -39.82 -30.96
C LEU C 25 -44.77 -38.87 -29.80
N ALA C 26 -45.36 -37.71 -30.10
CA ALA C 26 -45.77 -36.80 -29.01
C ALA C 26 -46.96 -37.32 -28.16
N ILE C 27 -47.69 -38.33 -28.67
CA ILE C 27 -48.79 -38.91 -27.89
C ILE C 27 -48.25 -40.02 -27.01
N LEU C 28 -47.16 -40.66 -27.43
CA LEU C 28 -46.55 -41.69 -26.57
C LEU C 28 -46.15 -41.10 -25.19
N LYS C 29 -45.55 -39.90 -25.14
CA LYS C 29 -45.17 -39.26 -23.85
C LYS C 29 -46.12 -38.11 -23.57
N LEU C 30 -47.40 -38.43 -23.37
CA LEU C 30 -48.39 -37.39 -23.19
C LEU C 30 -49.24 -37.69 -21.93
N PRO C 31 -49.36 -36.72 -20.98
CA PRO C 31 -50.14 -36.97 -19.76
C PRO C 31 -51.56 -37.45 -20.06
N VAL C 32 -52.20 -38.12 -19.11
CA VAL C 32 -53.61 -38.48 -19.27
C VAL C 32 -54.39 -38.29 -17.97
N ALA C 33 -55.45 -37.47 -18.04
CA ALA C 33 -56.31 -37.22 -16.90
C ALA C 33 -57.80 -37.24 -17.29
N GLN C 34 -58.67 -37.22 -16.28
CA GLN C 34 -60.12 -37.17 -16.52
C GLN C 34 -60.47 -35.79 -17.08
N TYR C 35 -60.08 -34.80 -16.30
CA TYR C 35 -60.23 -33.42 -16.68
C TYR C 35 -58.87 -32.84 -16.40
N PRO C 36 -58.60 -31.69 -16.99
CA PRO C 36 -57.37 -31.04 -16.59
C PRO C 36 -57.59 -30.29 -15.27
N THR C 37 -56.51 -29.77 -14.71
CA THR C 37 -56.57 -28.93 -13.54
C THR C 37 -57.61 -27.86 -13.79
N ILE C 38 -58.70 -27.93 -13.04
CA ILE C 38 -59.89 -27.10 -13.28
C ILE C 38 -60.19 -26.26 -12.06
N ALA C 39 -59.69 -26.74 -10.95
CA ALA C 39 -60.00 -26.17 -9.68
C ALA C 39 -59.13 -24.98 -9.34
N PRO C 40 -59.72 -23.91 -8.81
CA PRO C 40 -58.94 -22.90 -8.10
C PRO C 40 -58.16 -23.48 -6.91
N PRO C 41 -56.91 -23.05 -6.74
CA PRO C 41 -56.04 -23.60 -5.71
C PRO C 41 -56.41 -23.09 -4.35
N ALA C 42 -56.30 -23.99 -3.39
CA ALA C 42 -56.63 -23.71 -1.99
C ALA C 42 -55.45 -23.99 -1.04
N VAL C 43 -55.16 -23.03 -0.16
CA VAL C 43 -54.24 -23.21 0.98
C VAL C 43 -54.96 -23.23 2.32
N THR C 44 -54.57 -24.14 3.21
CA THR C 44 -55.21 -24.25 4.53
C THR C 44 -54.22 -24.05 5.69
N ILE C 45 -54.63 -23.20 6.63
CA ILE C 45 -53.94 -23.04 7.91
C ILE C 45 -54.62 -23.97 8.89
N SER C 46 -53.84 -24.85 9.52
CA SER C 46 -54.39 -25.79 10.49
C SER C 46 -53.70 -25.64 11.83
N ALA C 47 -54.47 -25.47 12.90
CA ALA C 47 -53.91 -25.32 14.25
C ALA C 47 -54.65 -26.13 15.31
N SER C 48 -53.91 -26.74 16.24
CA SER C 48 -54.53 -27.54 17.31
C SER C 48 -54.42 -26.87 18.71
N TYR C 49 -55.57 -26.64 19.36
CA TYR C 49 -55.68 -25.98 20.68
C TYR C 49 -56.35 -26.88 21.76
N PRO C 50 -55.69 -27.96 22.20
CA PRO C 50 -56.32 -29.05 22.98
C PRO C 50 -57.06 -28.61 24.24
N GLY C 51 -58.33 -29.03 24.34
CA GLY C 51 -59.27 -28.74 25.43
C GLY C 51 -60.32 -27.63 25.29
N ALA C 52 -59.96 -26.54 24.62
CA ALA C 52 -60.82 -25.34 24.48
C ALA C 52 -62.08 -25.62 23.69
N ASP C 53 -63.13 -24.86 23.94
CA ASP C 53 -64.38 -25.06 23.20
C ASP C 53 -64.36 -24.14 21.97
N ALA C 54 -65.33 -24.29 21.05
CA ALA C 54 -65.35 -23.61 19.72
C ALA C 54 -65.25 -22.10 19.75
N LYS C 55 -66.02 -21.47 20.63
CA LYS C 55 -66.02 -20.01 20.77
C LYS C 55 -64.66 -19.53 21.30
N THR C 56 -64.00 -20.38 22.09
CA THR C 56 -62.70 -20.06 22.68
C THR C 56 -61.58 -20.05 21.62
N VAL C 57 -61.58 -21.03 20.73
CA VAL C 57 -60.63 -21.03 19.62
C VAL C 57 -60.99 -19.92 18.60
N GLN C 58 -62.27 -19.75 18.29
CA GLN C 58 -62.68 -18.75 17.30
C GLN C 58 -62.40 -17.30 17.78
N ASP C 59 -62.36 -17.08 19.10
CA ASP C 59 -62.10 -15.73 19.63
C ASP C 59 -60.64 -15.51 20.04
N THR C 60 -59.91 -16.61 20.30
CA THR C 60 -58.49 -16.47 20.63
C THR C 60 -57.55 -16.80 19.45
N VAL C 61 -57.90 -17.79 18.64
CA VAL C 61 -57.01 -18.19 17.57
C VAL C 61 -57.51 -17.84 16.14
N THR C 62 -58.71 -18.27 15.74
CA THR C 62 -59.23 -18.07 14.36
C THR C 62 -59.22 -16.65 13.85
N GLN C 63 -60.03 -15.76 14.43
CA GLN C 63 -60.15 -14.42 13.87
C GLN C 63 -58.91 -13.54 14.09
N VAL C 64 -57.94 -14.01 14.90
CA VAL C 64 -56.63 -13.31 15.07
C VAL C 64 -55.76 -13.66 13.86
N ILE C 65 -56.11 -14.75 13.17
CA ILE C 65 -55.47 -15.13 11.91
C ILE C 65 -56.11 -14.51 10.63
N GLU C 66 -57.45 -14.53 10.52
CA GLU C 66 -58.17 -13.84 9.43
C GLU C 66 -57.89 -12.32 9.34
N GLN C 67 -57.34 -11.71 10.39
CA GLN C 67 -57.03 -10.26 10.40
C GLN C 67 -55.78 -9.92 9.61
N ASN C 68 -54.94 -10.94 9.44
CA ASN C 68 -53.70 -10.86 8.68
C ASN C 68 -53.79 -11.35 7.22
N MET C 69 -54.89 -12.01 6.86
CA MET C 69 -55.09 -12.54 5.50
C MET C 69 -55.59 -11.49 4.49
N ASN C 70 -55.47 -10.21 4.86
CA ASN C 70 -55.75 -9.13 3.92
C ASN C 70 -54.61 -8.85 2.93
N GLY C 71 -54.97 -8.34 1.76
CA GLY C 71 -53.97 -7.95 0.78
C GLY C 71 -53.20 -9.06 0.12
N ILE C 72 -53.51 -10.31 0.44
CA ILE C 72 -52.87 -11.41 -0.27
C ILE C 72 -53.51 -11.58 -1.64
N ASP C 73 -52.63 -11.63 -2.64
CA ASP C 73 -52.98 -11.61 -4.04
C ASP C 73 -53.61 -12.86 -4.60
N ASN C 74 -54.69 -12.62 -5.35
CA ASN C 74 -55.43 -13.60 -6.12
C ASN C 74 -56.20 -14.60 -5.26
N LEU C 75 -56.82 -14.01 -4.24
CA LEU C 75 -57.68 -14.66 -3.25
C LEU C 75 -59.14 -14.49 -3.60
N MET C 76 -59.80 -15.58 -3.91
CA MET C 76 -61.21 -15.55 -4.24
C MET C 76 -62.16 -15.47 -3.08
N TYR C 77 -61.95 -16.37 -2.12
CA TYR C 77 -62.66 -16.30 -0.83
C TYR C 77 -61.95 -17.01 0.32
N MET C 78 -62.32 -16.62 1.51
CA MET C 78 -61.78 -17.22 2.70
C MET C 78 -62.92 -17.89 3.41
N SER C 79 -62.72 -19.09 3.95
CA SER C 79 -63.73 -19.66 4.87
C SER C 79 -63.05 -20.35 6.08
N SER C 80 -63.49 -20.08 7.31
CA SER C 80 -62.82 -20.71 8.47
C SER C 80 -63.76 -21.41 9.46
N ASN C 81 -63.38 -22.65 9.80
CA ASN C 81 -63.98 -23.52 10.83
C ASN C 81 -63.33 -23.45 12.19
N SER C 82 -64.17 -23.23 13.20
CA SER C 82 -63.69 -23.20 14.57
C SER C 82 -64.31 -24.32 15.43
N ASP C 83 -63.54 -25.41 15.62
CA ASP C 83 -64.01 -26.66 16.26
C ASP C 83 -63.74 -26.68 17.78
N SER C 84 -64.63 -27.33 18.52
CA SER C 84 -64.50 -27.49 19.98
C SER C 84 -63.78 -28.77 20.37
N THR C 85 -62.76 -29.14 19.61
CA THR C 85 -61.86 -30.17 20.06
C THR C 85 -60.48 -29.61 19.94
N GLY C 86 -60.40 -28.30 20.06
CA GLY C 86 -59.15 -27.59 20.00
C GLY C 86 -58.72 -27.27 18.57
N THR C 87 -59.43 -27.82 17.60
CA THR C 87 -58.96 -27.69 16.26
C THR C 87 -59.53 -26.40 15.64
N VAL C 88 -58.65 -25.65 14.98
CA VAL C 88 -59.03 -24.50 14.15
C VAL C 88 -58.50 -24.59 12.70
N GLN C 89 -59.42 -24.46 11.74
CA GLN C 89 -59.10 -24.72 10.34
C GLN C 89 -59.55 -23.65 9.32
N ILE C 90 -58.59 -22.97 8.70
CA ILE C 90 -58.84 -21.91 7.70
C ILE C 90 -58.53 -22.25 6.23
N THR C 91 -59.48 -22.06 5.32
CA THR C 91 -59.26 -22.36 3.90
C THR C 91 -59.30 -21.13 2.93
N LEU C 92 -58.15 -20.81 2.33
CA LEU C 92 -58.00 -19.71 1.38
C LEU C 92 -58.08 -20.22 -0.04
N THR C 93 -59.17 -19.87 -0.74
CA THR C 93 -59.42 -20.30 -2.14
C THR C 93 -59.04 -19.20 -3.15
N PHE C 94 -58.16 -19.54 -4.09
CA PHE C 94 -57.51 -18.53 -4.88
C PHE C 94 -58.07 -18.44 -6.30
N GLU C 95 -57.89 -17.28 -6.95
CA GLU C 95 -58.25 -17.13 -8.35
C GLU C 95 -57.58 -18.24 -9.13
N SER C 96 -58.32 -18.78 -10.10
CA SER C 96 -57.89 -20.00 -10.79
C SER C 96 -56.66 -19.68 -11.61
N GLY C 97 -55.76 -20.66 -11.73
CA GLY C 97 -54.45 -20.48 -12.34
C GLY C 97 -53.42 -19.68 -11.56
N THR C 98 -53.71 -19.36 -10.28
CA THR C 98 -52.77 -18.71 -9.37
C THR C 98 -51.60 -19.65 -8.99
N ASP C 99 -50.39 -19.12 -8.82
CA ASP C 99 -49.25 -19.98 -8.45
C ASP C 99 -49.41 -20.51 -7.03
N ALA C 100 -49.67 -21.82 -6.89
CA ALA C 100 -49.97 -22.45 -5.59
C ALA C 100 -48.85 -22.34 -4.52
N ASP C 101 -47.63 -22.74 -4.87
CA ASP C 101 -46.52 -22.62 -3.93
C ASP C 101 -46.40 -21.17 -3.53
N ILE C 102 -46.54 -20.30 -4.53
CA ILE C 102 -46.42 -18.87 -4.30
C ILE C 102 -47.48 -18.45 -3.26
N ALA C 103 -48.69 -18.91 -3.45
CA ALA C 103 -49.71 -18.64 -2.46
C ALA C 103 -49.29 -19.19 -1.08
N GLN C 104 -48.78 -20.42 -1.02
CA GLN C 104 -48.35 -20.99 0.27
C GLN C 104 -47.35 -20.08 0.93
N VAL C 105 -46.44 -19.54 0.13
CA VAL C 105 -45.43 -18.67 0.63
C VAL C 105 -46.04 -17.42 1.25
N GLN C 106 -46.97 -16.80 0.53
CA GLN C 106 -47.63 -15.58 1.02
C GLN C 106 -48.50 -15.75 2.28
N VAL C 107 -49.26 -16.83 2.26
CA VAL C 107 -50.12 -17.23 3.37
C VAL C 107 -49.29 -17.60 4.60
N GLN C 108 -48.25 -18.40 4.41
CA GLN C 108 -47.40 -18.78 5.52
C GLN C 108 -46.81 -17.48 6.07
N ASN C 109 -46.64 -16.50 5.19
CA ASN C 109 -46.13 -15.18 5.55
C ASN C 109 -47.06 -14.23 6.33
N LYS C 110 -48.37 -14.29 6.06
CA LYS C 110 -49.34 -13.50 6.83
C LYS C 110 -49.77 -14.21 8.13
N LEU C 111 -49.61 -15.54 8.12
CA LEU C 111 -49.75 -16.38 9.30
C LEU C 111 -48.75 -15.89 10.33
N GLN C 112 -47.63 -15.42 9.83
CA GLN C 112 -46.59 -14.83 10.65
C GLN C 112 -46.95 -13.50 11.28
N LEU C 113 -48.04 -12.85 10.88
CA LEU C 113 -48.42 -11.61 11.55
C LEU C 113 -49.20 -11.94 12.82
N ALA C 114 -49.91 -13.07 12.80
CA ALA C 114 -50.55 -13.56 14.01
C ALA C 114 -49.59 -14.47 14.79
N MET C 115 -48.46 -14.84 14.18
CA MET C 115 -47.56 -15.89 14.72
C MET C 115 -47.20 -15.67 16.20
N PRO C 116 -46.89 -14.42 16.60
CA PRO C 116 -46.72 -14.13 18.03
C PRO C 116 -48.02 -13.95 18.86
N LEU C 117 -49.15 -13.71 18.19
CA LEU C 117 -50.41 -13.35 18.86
C LEU C 117 -51.52 -14.43 19.12
N LEU C 118 -51.18 -15.71 19.02
CA LEU C 118 -52.11 -16.78 19.40
C LEU C 118 -51.62 -17.43 20.70
N PRO C 119 -52.49 -18.19 21.42
CA PRO C 119 -52.05 -18.93 22.61
C PRO C 119 -50.87 -19.89 22.32
N GLN C 120 -50.11 -20.28 23.35
CA GLN C 120 -48.91 -21.08 23.14
C GLN C 120 -49.03 -22.62 23.20
N GLU C 121 -50.15 -23.14 23.70
CA GLU C 121 -50.47 -24.55 23.56
C GLU C 121 -50.69 -24.90 22.08
N VAL C 122 -51.27 -23.90 21.40
CA VAL C 122 -51.52 -23.93 19.96
C VAL C 122 -50.14 -24.04 19.27
N GLN C 123 -49.21 -23.18 19.68
CA GLN C 123 -47.80 -23.25 19.27
C GLN C 123 -47.07 -24.57 19.66
N GLN C 124 -47.49 -25.26 20.73
CA GLN C 124 -46.77 -26.45 21.22
C GLN C 124 -47.28 -27.75 20.62
N GLN C 125 -48.50 -27.72 20.11
CA GLN C 125 -49.05 -28.85 19.38
C GLN C 125 -48.66 -28.80 17.88
N GLY C 126 -48.39 -27.60 17.39
CA GLY C 126 -47.92 -27.43 16.03
C GLY C 126 -48.95 -26.78 15.15
N VAL C 127 -48.54 -25.71 14.49
CA VAL C 127 -49.35 -25.08 13.45
C VAL C 127 -48.80 -25.35 12.05
N SER C 128 -49.66 -25.72 11.11
CA SER C 128 -49.20 -26.01 9.77
C SER C 128 -49.88 -25.12 8.74
N VAL C 129 -49.08 -24.59 7.83
CA VAL C 129 -49.66 -23.98 6.66
C VAL C 129 -49.39 -24.99 5.55
N GLU C 130 -50.42 -25.44 4.86
CA GLU C 130 -50.24 -26.48 3.84
C GLU C 130 -51.12 -26.23 2.61
N LYS C 131 -50.85 -26.91 1.50
CA LYS C 131 -51.70 -26.78 0.32
C LYS C 131 -52.78 -27.82 0.45
N SER C 132 -54.02 -27.41 0.23
CA SER C 132 -55.11 -28.33 0.50
C SER C 132 -56.13 -28.41 -0.60
N SER C 133 -56.29 -29.61 -1.15
CA SER C 133 -57.37 -29.94 -2.06
C SER C 133 -58.61 -30.09 -1.21
N SER C 134 -59.39 -31.15 -1.42
CA SER C 134 -60.59 -31.43 -0.61
C SER C 134 -61.35 -32.63 -1.15
N SER C 135 -60.72 -33.28 -2.11
CA SER C 135 -61.24 -34.49 -2.74
C SER C 135 -60.30 -35.64 -2.41
N PHE C 136 -60.84 -36.78 -1.96
CA PHE C 136 -59.98 -37.93 -1.79
C PHE C 136 -59.69 -38.52 -3.17
N LEU C 137 -58.42 -38.56 -3.57
CA LEU C 137 -58.07 -39.24 -4.82
C LEU C 137 -58.45 -40.69 -4.65
N MET C 138 -58.08 -41.26 -3.51
CA MET C 138 -58.51 -42.63 -3.22
C MET C 138 -58.50 -42.96 -1.70
N VAL C 139 -59.30 -43.96 -1.35
CA VAL C 139 -59.22 -44.53 -0.02
C VAL C 139 -58.71 -45.93 -0.23
N VAL C 140 -57.47 -46.15 0.20
CA VAL C 140 -56.91 -47.50 0.16
C VAL C 140 -57.24 -48.18 1.47
N GLY C 141 -57.79 -49.38 1.37
CA GLY C 141 -58.28 -50.04 2.55
C GLY C 141 -57.41 -51.19 2.99
N VAL C 142 -57.36 -51.38 4.29
CA VAL C 142 -56.66 -52.52 4.81
C VAL C 142 -57.62 -53.30 5.70
N ILE C 143 -57.74 -54.60 5.43
CA ILE C 143 -58.59 -55.49 6.19
C ILE C 143 -57.88 -56.80 6.47
N ASN C 144 -58.53 -57.65 7.28
CA ASN C 144 -58.02 -58.99 7.59
C ASN C 144 -58.98 -60.14 7.32
N THR C 145 -58.53 -61.07 6.48
CA THR C 145 -59.39 -62.14 5.99
C THR C 145 -59.62 -63.19 7.06
N ASP C 146 -58.58 -63.54 7.82
CA ASP C 146 -58.67 -64.61 8.81
C ASP C 146 -58.72 -64.12 10.28
N GLY C 147 -57.79 -64.61 11.11
CA GLY C 147 -57.67 -64.26 12.52
C GLY C 147 -57.60 -62.75 12.66
N THR C 148 -58.78 -62.15 12.42
CA THR C 148 -58.98 -60.72 12.15
C THR C 148 -58.52 -59.75 13.25
N MET C 149 -57.36 -59.12 13.02
CA MET C 149 -56.81 -58.18 13.98
C MET C 149 -57.81 -57.04 14.11
N THR C 150 -57.69 -56.27 15.18
CA THR C 150 -58.63 -55.19 15.43
C THR C 150 -58.33 -53.86 14.73
N GLN C 151 -59.15 -52.87 15.06
CA GLN C 151 -59.03 -51.53 14.51
C GLN C 151 -57.67 -50.95 14.74
N GLU C 152 -57.25 -50.88 15.99
CA GLU C 152 -56.01 -50.26 16.36
C GLU C 152 -54.85 -51.11 15.83
N ASP C 153 -55.09 -52.41 15.71
CA ASP C 153 -54.08 -53.33 15.20
C ASP C 153 -53.67 -52.96 13.79
N ILE C 154 -54.62 -53.15 12.88
CA ILE C 154 -54.49 -52.78 11.48
C ILE C 154 -53.96 -51.37 11.42
N SER C 155 -54.72 -50.43 11.96
CA SER C 155 -54.35 -49.03 12.03
C SER C 155 -52.89 -48.80 12.34
N ASP C 156 -52.36 -49.56 13.29
CA ASP C 156 -50.95 -49.43 13.57
C ASP C 156 -50.14 -49.96 12.39
N TYR C 157 -50.52 -51.11 11.84
CA TYR C 157 -49.67 -51.58 10.75
C TYR C 157 -49.63 -50.57 9.60
N VAL C 158 -50.79 -50.03 9.28
CA VAL C 158 -50.91 -49.01 8.26
C VAL C 158 -50.03 -47.85 8.62
N ALA C 159 -50.22 -47.32 9.82
CA ALA C 159 -49.50 -46.15 10.31
C ALA C 159 -47.97 -46.28 10.44
N ALA C 160 -47.46 -47.50 10.64
CA ALA C 160 -46.02 -47.69 10.91
C ALA C 160 -45.29 -48.37 9.75
N ASN C 161 -46.06 -48.80 8.75
CA ASN C 161 -45.48 -49.38 7.54
C ASN C 161 -45.80 -48.65 6.23
N MET C 162 -47.03 -48.17 6.10
CA MET C 162 -47.49 -47.70 4.80
C MET C 162 -47.65 -46.17 4.84
N LYS C 163 -48.62 -45.65 5.60
CA LYS C 163 -48.93 -44.22 5.67
C LYS C 163 -47.77 -43.26 5.56
N ASP C 164 -46.57 -43.72 5.78
CA ASP C 164 -45.44 -42.80 5.77
C ASP C 164 -44.73 -42.83 4.43
N ALA C 165 -44.91 -43.91 3.66
CA ALA C 165 -44.35 -43.97 2.30
C ALA C 165 -45.34 -43.37 1.29
N ILE C 166 -46.63 -43.57 1.57
CA ILE C 166 -47.74 -42.94 0.87
C ILE C 166 -47.82 -41.42 1.11
N SER C 167 -47.44 -40.96 2.28
CA SER C 167 -47.59 -39.55 2.51
C SER C 167 -46.52 -38.77 1.79
N ARG C 168 -45.52 -39.47 1.28
CA ARG C 168 -44.50 -38.84 0.49
C ARG C 168 -44.70 -39.13 -0.99
N THR C 169 -45.22 -40.34 -1.25
CA THR C 169 -45.45 -40.88 -2.59
C THR C 169 -45.95 -39.82 -3.63
N SER C 170 -45.45 -40.00 -4.85
CA SER C 170 -45.59 -39.07 -5.98
C SER C 170 -47.01 -38.87 -6.46
N GLY C 171 -47.47 -37.64 -6.26
CA GLY C 171 -48.78 -37.20 -6.69
C GLY C 171 -49.70 -36.97 -5.51
N VAL C 172 -49.20 -37.29 -4.32
CA VAL C 172 -49.97 -37.30 -3.07
C VAL C 172 -49.76 -36.10 -2.16
N GLY C 173 -50.86 -35.47 -1.73
CA GLY C 173 -50.79 -34.40 -0.76
C GLY C 173 -51.07 -34.87 0.64
N ASP C 174 -52.26 -34.51 1.14
CA ASP C 174 -52.66 -34.80 2.52
C ASP C 174 -53.16 -36.24 2.67
N VAL C 175 -52.61 -36.92 3.67
CA VAL C 175 -53.03 -38.27 4.03
C VAL C 175 -53.72 -38.23 5.36
N GLN C 176 -54.86 -38.90 5.43
CA GLN C 176 -55.62 -38.97 6.66
C GLN C 176 -55.80 -40.41 7.02
N LEU C 177 -55.55 -40.76 8.26
CA LEU C 177 -55.73 -42.15 8.66
C LEU C 177 -57.08 -42.35 9.30
N PHE C 178 -57.73 -43.45 8.94
CA PHE C 178 -58.95 -43.82 9.63
C PHE C 178 -58.54 -44.81 10.72
N GLY C 179 -58.51 -44.34 11.96
CA GLY C 179 -58.01 -45.11 13.08
C GLY C 179 -56.79 -44.46 13.70
N SER C 180 -55.97 -45.24 14.42
CA SER C 180 -54.77 -44.69 15.08
C SER C 180 -53.56 -45.59 15.19
N GLN C 181 -52.42 -44.94 15.14
CA GLN C 181 -51.15 -45.61 15.36
C GLN C 181 -51.09 -45.90 16.87
N TYR C 182 -50.31 -46.90 17.22
CA TYR C 182 -50.12 -47.27 18.61
C TYR C 182 -49.38 -46.22 19.45
N ALA C 183 -49.97 -45.99 20.62
CA ALA C 183 -49.45 -45.20 21.73
C ALA C 183 -49.42 -46.09 22.95
N MET C 184 -48.59 -45.73 23.92
CA MET C 184 -48.58 -46.43 25.19
C MET C 184 -49.81 -45.96 25.97
N ARG C 185 -50.92 -46.67 25.85
CA ARG C 185 -52.14 -46.28 26.52
C ARG C 185 -52.17 -46.84 27.93
N ILE C 186 -52.06 -45.93 28.89
CA ILE C 186 -51.94 -46.21 30.33
C ILE C 186 -53.11 -45.66 31.17
N TRP C 187 -53.91 -46.59 31.67
CA TRP C 187 -55.22 -46.29 32.25
C TRP C 187 -55.25 -46.34 33.79
N MET C 188 -55.21 -45.16 34.39
CA MET C 188 -55.20 -44.99 35.84
C MET C 188 -56.47 -45.49 36.48
N ASN C 189 -56.35 -45.96 37.73
CA ASN C 189 -57.50 -46.27 38.55
C ASN C 189 -57.58 -45.32 39.73
N PRO C 190 -58.69 -44.60 39.85
CA PRO C 190 -58.89 -43.54 40.85
C PRO C 190 -58.98 -44.12 42.26
N ASN C 191 -59.54 -45.33 42.35
CA ASN C 191 -59.53 -46.07 43.59
C ASN C 191 -58.06 -46.32 43.89
N GLU C 192 -57.43 -47.15 43.06
CA GLU C 192 -56.01 -47.47 43.14
C GLU C 192 -55.09 -46.27 43.00
N LEU C 193 -55.68 -45.09 42.80
CA LEU C 193 -54.91 -43.87 42.84
C LEU C 193 -55.17 -43.18 44.15
N ASN C 194 -56.38 -43.32 44.69
CA ASN C 194 -56.69 -42.78 46.01
C ASN C 194 -56.05 -43.65 47.10
N LYS C 195 -55.92 -44.94 46.78
CA LYS C 195 -55.27 -45.94 47.65
C LYS C 195 -53.89 -45.53 48.15
N PHE C 196 -52.88 -45.54 47.30
CA PHE C 196 -51.53 -45.29 47.76
C PHE C 196 -51.25 -43.80 47.91
N GLN C 197 -52.32 -43.00 47.97
CA GLN C 197 -52.22 -41.56 48.16
C GLN C 197 -51.41 -40.84 47.06
N LEU C 198 -51.79 -41.13 45.82
CA LEU C 198 -51.07 -40.70 44.64
C LEU C 198 -51.98 -40.07 43.61
N THR C 199 -51.46 -39.06 42.95
CA THR C 199 -52.23 -38.44 41.90
C THR C 199 -51.60 -38.71 40.57
N PRO C 200 -52.39 -38.58 39.51
CA PRO C 200 -51.86 -38.52 38.15
C PRO C 200 -50.53 -37.74 38.09
N VAL C 201 -50.44 -36.56 38.70
CA VAL C 201 -49.20 -35.75 38.69
C VAL C 201 -47.87 -36.50 38.94
N ASP C 202 -47.89 -37.44 39.87
CA ASP C 202 -46.69 -38.19 40.19
C ASP C 202 -46.52 -39.30 39.17
N VAL C 203 -47.63 -39.84 38.66
CA VAL C 203 -47.52 -40.81 37.58
C VAL C 203 -46.79 -40.09 36.45
N ILE C 204 -47.21 -38.87 36.21
CA ILE C 204 -46.63 -38.02 35.20
C ILE C 204 -45.13 -37.95 35.44
N THR C 205 -44.71 -37.46 36.61
CA THR C 205 -43.26 -37.24 36.82
C THR C 205 -42.47 -38.54 36.77
N ALA C 206 -43.14 -39.62 37.15
CA ALA C 206 -42.56 -40.97 37.11
C ALA C 206 -42.24 -41.36 35.70
N ILE C 207 -43.23 -41.28 34.83
CA ILE C 207 -43.00 -41.65 33.46
C ILE C 207 -41.99 -40.71 32.80
N LYS C 208 -42.01 -39.43 33.15
CA LYS C 208 -41.01 -38.55 32.57
C LYS C 208 -39.58 -38.95 32.95
N ALA C 209 -39.32 -39.09 34.24
CA ALA C 209 -37.96 -39.38 34.71
C ALA C 209 -37.42 -40.77 34.36
N GLN C 210 -38.27 -41.78 34.49
CA GLN C 210 -37.79 -43.15 34.44
C GLN C 210 -37.55 -43.64 33.01
N ASN C 211 -38.35 -43.09 32.10
CA ASN C 211 -38.39 -43.49 30.68
C ASN C 211 -37.96 -42.37 29.73
N ALA C 212 -36.66 -42.21 29.50
CA ALA C 212 -36.16 -41.16 28.61
C ALA C 212 -34.74 -41.42 28.12
N GLN C 213 -34.28 -40.63 27.18
CA GLN C 213 -32.91 -40.73 26.71
C GLN C 213 -32.07 -39.77 27.50
N VAL C 214 -30.76 -39.95 27.57
CA VAL C 214 -29.97 -38.98 28.30
C VAL C 214 -28.66 -38.61 27.62
N ALA C 215 -28.34 -37.31 27.69
CA ALA C 215 -27.03 -36.79 27.31
C ALA C 215 -26.00 -37.43 28.20
N ALA C 216 -25.33 -38.45 27.67
CA ALA C 216 -24.52 -39.34 28.47
C ALA C 216 -23.00 -39.15 28.39
N GLY C 217 -22.55 -38.05 27.79
CA GLY C 217 -21.14 -37.77 27.60
C GLY C 217 -20.41 -38.94 26.99
N GLN C 218 -19.10 -38.86 26.91
CA GLN C 218 -18.36 -40.00 26.36
C GLN C 218 -16.94 -40.20 26.94
N LEU C 219 -16.50 -41.45 26.99
CA LEU C 219 -15.10 -41.75 27.29
C LEU C 219 -14.13 -41.16 26.28
N GLY C 220 -13.04 -40.59 26.77
CA GLY C 220 -11.94 -40.18 25.93
C GLY C 220 -12.32 -39.10 24.95
N GLY C 221 -13.33 -38.33 25.33
CA GLY C 221 -13.85 -37.29 24.46
C GLY C 221 -12.84 -36.22 24.11
N THR C 222 -13.32 -35.19 23.43
CA THR C 222 -12.46 -34.07 23.10
C THR C 222 -12.71 -33.00 24.13
N PRO C 223 -11.63 -32.43 24.69
CA PRO C 223 -10.23 -32.85 24.44
C PRO C 223 -9.75 -34.01 25.32
N PRO C 224 -8.94 -34.92 24.76
CA PRO C 224 -8.42 -36.04 25.56
C PRO C 224 -7.11 -35.65 26.28
N VAL C 225 -6.51 -36.57 27.04
CA VAL C 225 -5.19 -36.35 27.62
C VAL C 225 -4.17 -37.09 26.77
N LYS C 226 -2.95 -36.58 26.75
CA LYS C 226 -1.96 -37.03 25.78
C LYS C 226 -1.68 -38.49 26.01
N GLY C 227 -1.37 -39.18 24.92
CA GLY C 227 -1.10 -40.60 24.94
C GLY C 227 -2.32 -41.52 25.08
N GLN C 228 -3.53 -40.96 24.99
CA GLN C 228 -4.77 -41.74 25.13
C GLN C 228 -4.91 -42.82 24.07
N GLN C 229 -5.79 -43.79 24.30
CA GLN C 229 -5.93 -44.91 23.38
C GLN C 229 -7.34 -45.53 23.38
N LEU C 230 -8.20 -45.08 24.27
CA LEU C 230 -9.59 -45.53 24.21
C LEU C 230 -10.56 -44.37 24.01
N ASN C 231 -11.49 -44.56 23.07
CA ASN C 231 -12.47 -43.53 22.74
C ASN C 231 -13.80 -44.20 22.45
N ALA C 232 -14.81 -43.89 23.27
CA ALA C 232 -16.14 -44.52 23.15
C ALA C 232 -17.25 -43.80 23.91
N SER C 233 -18.48 -44.15 23.58
CA SER C 233 -19.66 -43.44 24.04
C SER C 233 -20.37 -44.09 25.22
N ILE C 234 -20.52 -43.36 26.31
CA ILE C 234 -21.31 -43.87 27.42
C ILE C 234 -22.78 -43.96 27.05
N ILE C 235 -23.34 -45.16 27.12
CA ILE C 235 -24.78 -45.33 26.97
C ILE C 235 -25.47 -45.25 28.31
N ALA C 236 -26.42 -44.34 28.39
CA ALA C 236 -27.16 -44.10 29.60
C ALA C 236 -28.56 -44.68 29.53
N GLN C 237 -29.48 -43.91 30.11
CA GLN C 237 -30.88 -44.26 30.21
C GLN C 237 -31.49 -44.44 28.82
N THR C 238 -32.07 -45.62 28.59
CA THR C 238 -32.74 -45.89 27.32
C THR C 238 -34.26 -45.87 27.54
N ARG C 239 -35.02 -45.42 26.55
CA ARG C 239 -36.46 -45.40 26.66
C ARG C 239 -36.99 -46.84 26.77
N LEU C 240 -38.16 -47.00 27.38
CA LEU C 240 -38.68 -48.34 27.73
C LEU C 240 -39.50 -49.09 26.66
N THR C 241 -38.97 -50.22 26.22
CA THR C 241 -39.48 -51.00 25.09
C THR C 241 -40.84 -51.72 25.22
N SER C 242 -41.11 -52.34 26.36
CA SER C 242 -42.25 -53.25 26.45
C SER C 242 -43.40 -52.77 27.31
N THR C 243 -44.49 -53.54 27.27
CA THR C 243 -45.65 -53.28 28.11
C THR C 243 -45.31 -53.72 29.53
N GLU C 244 -44.51 -54.79 29.63
CA GLU C 244 -44.02 -55.24 30.91
C GLU C 244 -43.13 -54.16 31.52
N GLU C 245 -42.01 -53.83 30.88
CA GLU C 245 -41.10 -52.87 31.50
C GLU C 245 -41.79 -51.54 31.86
N PHE C 246 -42.96 -51.32 31.26
CA PHE C 246 -43.76 -50.15 31.62
C PHE C 246 -44.62 -50.44 32.85
N GLY C 247 -45.02 -51.70 33.02
CA GLY C 247 -45.70 -52.10 34.24
C GLY C 247 -44.82 -51.95 35.48
N LYS C 248 -43.55 -52.34 35.34
CA LYS C 248 -42.58 -52.34 36.43
C LYS C 248 -42.21 -50.95 36.94
N ILE C 249 -42.88 -49.92 36.46
CA ILE C 249 -42.55 -48.53 36.80
C ILE C 249 -42.85 -48.17 38.27
N LEU C 250 -41.87 -47.57 38.94
CA LEU C 250 -41.92 -47.39 40.39
C LEU C 250 -42.46 -46.01 40.77
N LEU C 251 -43.64 -46.03 41.38
CA LEU C 251 -44.41 -44.83 41.64
C LEU C 251 -44.09 -44.17 42.97
N LYS C 252 -43.92 -45.01 43.98
CA LYS C 252 -43.66 -44.58 45.37
C LYS C 252 -43.33 -45.84 46.18
N VAL C 253 -42.33 -45.79 47.06
CA VAL C 253 -42.06 -46.92 47.97
C VAL C 253 -42.66 -46.69 49.36
N ASN C 254 -43.38 -47.69 49.87
CA ASN C 254 -43.89 -47.64 51.23
C ASN C 254 -42.71 -47.82 52.21
N GLN C 255 -42.89 -47.43 53.49
CA GLN C 255 -41.79 -47.50 54.47
C GLN C 255 -41.37 -48.94 54.73
N ASP C 256 -42.29 -49.88 54.48
CA ASP C 256 -42.08 -51.28 54.82
C ASP C 256 -41.53 -52.16 53.69
N GLY C 257 -41.18 -51.55 52.55
CA GLY C 257 -40.54 -52.30 51.47
C GLY C 257 -41.52 -52.72 50.40
N SER C 258 -42.81 -52.58 50.69
CA SER C 258 -43.82 -52.82 49.68
C SER C 258 -43.77 -51.70 48.69
N ARG C 259 -43.41 -52.01 47.45
CA ARG C 259 -43.27 -50.98 46.44
C ARG C 259 -44.60 -50.84 45.66
N VAL C 260 -44.81 -49.70 45.01
CA VAL C 260 -45.99 -49.48 44.19
C VAL C 260 -45.62 -49.32 42.72
N LEU C 261 -45.86 -50.35 41.92
CA LEU C 261 -45.55 -50.26 40.50
C LEU C 261 -46.70 -49.69 39.69
N LEU C 262 -46.38 -49.24 38.48
CA LEU C 262 -47.35 -48.65 37.58
C LEU C 262 -48.44 -49.66 37.28
N ARG C 263 -47.99 -50.90 37.17
CA ARG C 263 -48.88 -52.04 37.00
C ARG C 263 -50.03 -52.05 37.99
N ASP C 264 -49.77 -51.59 39.21
CA ASP C 264 -50.72 -51.74 40.30
C ASP C 264 -51.81 -50.68 40.28
N VAL C 265 -51.47 -49.48 39.84
CA VAL C 265 -52.40 -48.36 39.86
C VAL C 265 -53.11 -48.21 38.53
N ALA C 266 -52.72 -49.01 37.53
CA ALA C 266 -53.23 -48.81 36.18
C ALA C 266 -53.19 -50.03 35.29
N LYS C 267 -54.08 -50.06 34.31
CA LYS C 267 -54.02 -51.10 33.31
C LYS C 267 -53.10 -50.57 32.20
N ILE C 268 -52.19 -51.41 31.72
CA ILE C 268 -51.22 -50.91 30.75
C ILE C 268 -51.32 -51.66 29.44
N GLU C 269 -51.49 -50.91 28.34
CA GLU C 269 -51.60 -51.53 27.01
C GLU C 269 -51.14 -50.68 25.86
N LEU C 270 -50.62 -51.39 24.86
CA LEU C 270 -50.34 -50.88 23.53
C LEU C 270 -51.71 -50.52 22.97
N GLY C 271 -52.01 -49.23 22.88
CA GLY C 271 -53.34 -48.81 22.44
C GLY C 271 -53.34 -47.65 21.46
N GLY C 272 -54.52 -47.24 21.00
CA GLY C 272 -54.63 -46.11 20.08
C GLY C 272 -54.18 -44.78 20.66
N GLU C 273 -53.81 -43.84 19.79
CA GLU C 273 -53.37 -42.52 20.25
C GLU C 273 -54.59 -41.66 20.50
N ASN C 274 -55.72 -42.16 20.01
CA ASN C 274 -57.06 -41.60 20.22
C ASN C 274 -58.07 -42.61 19.65
N TYR C 275 -59.32 -42.62 20.12
CA TYR C 275 -60.25 -43.63 19.62
C TYR C 275 -61.48 -43.01 18.99
N ASP C 276 -61.27 -41.89 18.31
CA ASP C 276 -62.34 -41.13 17.64
C ASP C 276 -62.88 -41.75 16.38
N ILE C 277 -62.02 -42.43 15.65
CA ILE C 277 -62.43 -42.84 14.34
C ILE C 277 -62.42 -44.37 14.17
N ILE C 278 -63.56 -44.92 13.72
CA ILE C 278 -63.66 -46.35 13.43
C ILE C 278 -64.15 -46.73 12.04
N ALA C 279 -63.38 -47.59 11.40
CA ALA C 279 -63.56 -47.94 10.02
C ALA C 279 -64.05 -49.37 9.82
N GLU C 280 -65.26 -49.53 9.31
CA GLU C 280 -65.71 -50.88 8.99
C GLU C 280 -65.95 -51.04 7.48
N PHE C 281 -65.54 -52.19 6.96
CA PHE C 281 -65.61 -52.48 5.54
C PHE C 281 -66.52 -53.67 5.29
N ASN C 282 -67.76 -53.41 4.89
CA ASN C 282 -68.79 -54.46 4.76
C ASN C 282 -68.99 -55.18 6.10
N GLY C 283 -68.78 -54.47 7.20
CA GLY C 283 -68.86 -55.08 8.50
C GLY C 283 -67.54 -55.61 9.03
N GLN C 284 -66.61 -55.93 8.13
CA GLN C 284 -65.31 -56.49 8.54
C GLN C 284 -64.47 -55.38 9.15
N PRO C 285 -63.75 -55.66 10.25
CA PRO C 285 -62.96 -54.55 10.80
C PRO C 285 -61.86 -54.12 9.84
N ALA C 286 -61.70 -52.81 9.69
CA ALA C 286 -60.78 -52.30 8.69
C ALA C 286 -60.22 -50.94 9.03
N SER C 287 -59.03 -50.67 8.52
CA SER C 287 -58.52 -49.32 8.57
C SER C 287 -58.23 -48.87 7.16
N GLY C 288 -57.94 -47.59 7.02
CA GLY C 288 -57.72 -47.04 5.70
C GLY C 288 -56.66 -45.97 5.64
N LEU C 289 -56.47 -45.49 4.41
CA LEU C 289 -55.64 -44.36 4.09
C LEU C 289 -56.49 -43.52 3.19
N GLY C 290 -56.74 -42.29 3.65
CA GLY C 290 -57.44 -41.31 2.86
C GLY C 290 -56.44 -40.42 2.15
N ILE C 291 -56.16 -40.77 0.89
CA ILE C 291 -55.22 -40.05 0.04
C ILE C 291 -55.96 -38.99 -0.78
N LYS C 292 -55.45 -37.76 -0.70
CA LYS C 292 -55.95 -36.64 -1.49
C LYS C 292 -54.95 -36.38 -2.63
N LEU C 293 -55.45 -36.16 -3.85
CA LEU C 293 -54.58 -35.79 -5.00
C LEU C 293 -54.02 -34.36 -4.81
N ALA C 294 -52.71 -34.20 -5.01
CA ALA C 294 -52.01 -32.92 -4.74
C ALA C 294 -52.29 -31.80 -5.76
N THR C 295 -52.12 -30.54 -5.32
CA THR C 295 -52.43 -29.39 -6.18
C THR C 295 -51.53 -29.46 -7.41
N GLY C 296 -52.10 -30.00 -8.47
CA GLY C 296 -51.46 -30.13 -9.77
C GLY C 296 -50.90 -31.50 -10.19
N ALA C 297 -51.43 -32.60 -9.69
CA ALA C 297 -50.83 -33.88 -10.06
C ALA C 297 -51.72 -34.67 -10.98
N ASN C 298 -51.12 -35.66 -11.64
CA ASN C 298 -51.82 -36.49 -12.59
C ASN C 298 -52.59 -37.60 -11.90
N ALA C 299 -53.83 -37.81 -12.30
CA ALA C 299 -54.67 -38.89 -11.78
C ALA C 299 -54.07 -40.31 -11.90
N LEU C 300 -53.91 -40.81 -13.14
CA LEU C 300 -53.50 -42.21 -13.35
C LEU C 300 -52.06 -42.41 -12.89
N ASP C 301 -51.29 -41.34 -12.79
CA ASP C 301 -49.88 -41.47 -12.41
C ASP C 301 -49.65 -41.47 -10.88
N THR C 302 -50.40 -40.66 -10.16
CA THR C 302 -50.43 -40.76 -8.71
C THR C 302 -50.97 -42.14 -8.32
N ALA C 303 -52.03 -42.57 -9.02
CA ALA C 303 -52.66 -43.88 -8.78
C ALA C 303 -51.74 -45.07 -9.05
N ALA C 304 -51.04 -45.04 -10.17
CA ALA C 304 -50.08 -46.08 -10.53
C ALA C 304 -48.94 -46.12 -9.52
N ALA C 305 -48.51 -44.95 -9.03
CA ALA C 305 -47.43 -44.83 -8.00
C ALA C 305 -47.82 -45.34 -6.60
N ILE C 306 -49.04 -45.02 -6.19
CA ILE C 306 -49.56 -45.50 -4.93
C ILE C 306 -49.79 -47.03 -4.99
N ARG C 307 -50.39 -47.50 -6.09
CA ARG C 307 -50.60 -48.94 -6.39
C ARG C 307 -49.30 -49.79 -6.51
N ALA C 308 -48.26 -49.18 -7.09
CA ALA C 308 -46.91 -49.77 -7.14
C ALA C 308 -46.25 -49.79 -5.74
N GLU C 309 -46.47 -48.73 -4.97
CA GLU C 309 -45.95 -48.61 -3.61
C GLU C 309 -46.56 -49.72 -2.73
N LEU C 310 -47.87 -49.97 -2.91
CA LEU C 310 -48.55 -51.10 -2.27
C LEU C 310 -48.07 -52.46 -2.73
N ALA C 311 -47.82 -52.62 -4.02
CA ALA C 311 -47.31 -53.90 -4.52
C ALA C 311 -45.90 -54.15 -3.99
N LYS C 312 -45.20 -53.07 -3.63
CA LYS C 312 -43.90 -53.14 -2.94
C LYS C 312 -44.07 -53.53 -1.48
N MET C 313 -45.19 -53.10 -0.89
CA MET C 313 -45.41 -53.42 0.50
C MET C 313 -46.07 -54.78 0.71
N GLU C 314 -46.52 -55.41 -0.38
CA GLU C 314 -47.20 -56.72 -0.36
C GLU C 314 -46.38 -57.94 0.12
N PRO C 315 -45.08 -58.05 -0.23
CA PRO C 315 -44.32 -59.23 0.24
C PRO C 315 -43.90 -59.19 1.73
N PHE C 316 -44.20 -58.09 2.41
CA PHE C 316 -43.79 -57.95 3.80
C PHE C 316 -45.03 -57.76 4.67
N PHE C 317 -46.18 -58.09 4.08
CA PHE C 317 -47.46 -58.02 4.76
C PHE C 317 -47.67 -59.23 5.65
N PRO C 318 -48.24 -59.03 6.83
CA PRO C 318 -48.57 -60.18 7.68
C PRO C 318 -49.72 -61.00 7.12
N SER C 319 -50.16 -61.95 7.93
CA SER C 319 -51.17 -62.91 7.55
C SER C 319 -52.52 -62.25 7.42
N GLY C 320 -53.09 -62.33 6.24
CA GLY C 320 -54.43 -61.78 6.02
C GLY C 320 -54.46 -60.26 6.02
N LEU C 321 -53.34 -59.62 5.74
CA LEU C 321 -53.31 -58.17 5.69
C LEU C 321 -53.64 -57.82 4.24
N LYS C 322 -54.92 -57.62 3.94
CA LYS C 322 -55.37 -57.46 2.54
C LYS C 322 -55.66 -56.02 2.12
N ILE C 323 -55.24 -55.64 0.92
CA ILE C 323 -55.50 -54.31 0.43
C ILE C 323 -56.83 -54.33 -0.27
N VAL C 324 -57.59 -53.24 -0.19
CA VAL C 324 -58.88 -53.16 -0.85
C VAL C 324 -59.07 -51.73 -1.27
N TYR C 325 -59.85 -51.54 -2.31
CA TYR C 325 -60.00 -50.22 -2.90
C TYR C 325 -61.49 -49.92 -2.87
N PRO C 326 -61.97 -49.40 -1.74
CA PRO C 326 -63.39 -49.08 -1.55
C PRO C 326 -63.77 -47.85 -2.36
N TYR C 327 -62.78 -47.07 -2.72
CA TYR C 327 -63.01 -45.77 -3.30
C TYR C 327 -61.91 -45.35 -4.25
N ASP C 328 -62.25 -45.38 -5.54
CA ASP C 328 -61.28 -45.10 -6.60
C ASP C 328 -61.94 -44.44 -7.82
N THR C 329 -61.58 -43.19 -8.04
CA THR C 329 -62.03 -42.44 -9.20
C THR C 329 -61.42 -42.92 -10.52
N THR C 330 -60.42 -43.80 -10.46
CA THR C 330 -59.63 -44.17 -11.63
C THR C 330 -60.31 -44.97 -12.77
N PRO C 331 -61.01 -46.07 -12.46
CA PRO C 331 -61.61 -46.85 -13.55
C PRO C 331 -62.51 -46.00 -14.43
N PHE C 332 -63.04 -44.96 -13.80
CA PHE C 332 -63.84 -43.92 -14.41
C PHE C 332 -63.04 -43.14 -15.47
N VAL C 333 -61.84 -42.72 -15.14
CA VAL C 333 -60.98 -42.03 -16.09
C VAL C 333 -60.73 -42.95 -17.28
N LYS C 334 -60.50 -44.22 -16.96
CA LYS C 334 -60.22 -45.20 -18.02
C LYS C 334 -61.39 -45.33 -19.01
N ILE C 335 -62.62 -45.40 -18.49
CA ILE C 335 -63.77 -45.56 -19.38
C ILE C 335 -64.22 -44.25 -20.06
N SER C 336 -64.08 -43.10 -19.39
CA SER C 336 -64.29 -41.80 -20.01
C SER C 336 -63.45 -41.69 -21.25
N ILE C 337 -62.14 -41.93 -21.08
CA ILE C 337 -61.31 -41.81 -22.26
C ILE C 337 -61.55 -42.87 -23.31
N HIS C 338 -61.72 -44.13 -22.91
CA HIS C 338 -62.03 -45.17 -23.90
C HIS C 338 -63.30 -44.86 -24.68
N GLU C 339 -64.31 -44.28 -24.04
CA GLU C 339 -65.52 -43.89 -24.75
C GLU C 339 -65.33 -42.68 -25.65
N VAL C 340 -64.46 -41.76 -25.27
CA VAL C 340 -64.25 -40.67 -26.20
C VAL C 340 -63.48 -41.18 -27.44
N VAL C 341 -62.57 -42.12 -27.26
CA VAL C 341 -61.91 -42.70 -28.42
C VAL C 341 -62.88 -43.52 -29.29
N LYS C 342 -63.72 -44.36 -28.67
CA LYS C 342 -64.76 -45.13 -29.39
C LYS C 342 -65.53 -44.15 -30.29
N THR C 343 -65.94 -43.03 -29.68
CA THR C 343 -66.60 -41.93 -30.40
C THR C 343 -65.75 -41.34 -31.53
N LEU C 344 -64.55 -40.87 -31.24
CA LEU C 344 -63.67 -40.30 -32.23
C LEU C 344 -63.57 -41.19 -33.47
N VAL C 345 -63.31 -42.48 -33.25
CA VAL C 345 -63.23 -43.49 -34.32
C VAL C 345 -64.55 -43.66 -35.06
N GLU C 346 -65.63 -43.68 -34.29
CA GLU C 346 -66.95 -43.73 -34.89
C GLU C 346 -67.16 -42.54 -35.85
N ALA C 347 -66.89 -41.34 -35.34
CA ALA C 347 -66.98 -40.10 -36.11
C ALA C 347 -66.24 -40.19 -37.41
N ILE C 348 -64.95 -40.55 -37.33
CA ILE C 348 -64.11 -40.71 -38.53
C ILE C 348 -64.72 -41.66 -39.53
N ILE C 349 -65.13 -42.84 -39.07
CA ILE C 349 -65.73 -43.81 -39.98
C ILE C 349 -66.97 -43.21 -40.63
N LEU C 350 -67.82 -42.59 -39.83
CA LEU C 350 -69.03 -41.95 -40.31
C LEU C 350 -68.77 -40.87 -41.36
N VAL C 351 -67.85 -39.93 -41.07
CA VAL C 351 -67.43 -38.88 -42.01
C VAL C 351 -66.94 -39.41 -43.35
N PHE C 352 -66.10 -40.44 -43.27
CA PHE C 352 -65.63 -41.16 -44.44
C PHE C 352 -66.79 -41.72 -45.24
N LEU C 353 -67.79 -42.26 -44.54
CA LEU C 353 -68.98 -42.76 -45.25
C LEU C 353 -69.81 -41.69 -45.96
N VAL C 354 -69.98 -40.55 -45.31
CA VAL C 354 -70.59 -39.42 -45.98
C VAL C 354 -69.82 -39.00 -47.25
N MET C 355 -68.50 -38.86 -47.12
CA MET C 355 -67.73 -38.45 -48.27
C MET C 355 -67.75 -39.52 -49.32
N TYR C 356 -67.85 -40.78 -48.93
CA TYR C 356 -67.95 -41.81 -49.94
C TYR C 356 -69.30 -41.85 -50.66
N LEU C 357 -70.39 -41.73 -49.92
CA LEU C 357 -71.68 -41.81 -50.57
C LEU C 357 -71.91 -40.44 -51.19
N PHE C 358 -70.86 -39.62 -51.28
CA PHE C 358 -70.91 -38.33 -52.00
C PHE C 358 -69.84 -38.09 -53.07
N LEU C 359 -68.79 -38.90 -53.09
CA LEU C 359 -67.63 -38.73 -53.98
C LEU C 359 -67.33 -40.01 -54.69
N GLN C 360 -68.10 -41.04 -54.33
CA GLN C 360 -68.17 -42.38 -54.98
C GLN C 360 -66.95 -43.04 -55.66
N ASN C 361 -65.78 -42.43 -55.53
CA ASN C 361 -64.52 -42.95 -56.07
C ASN C 361 -63.62 -43.21 -54.87
N PHE C 362 -63.32 -44.45 -54.57
CA PHE C 362 -62.71 -44.76 -53.27
C PHE C 362 -61.44 -43.96 -52.94
N ARG C 363 -60.55 -43.80 -53.90
CA ARG C 363 -59.32 -43.08 -53.61
C ARG C 363 -59.57 -41.58 -53.43
N ALA C 364 -60.53 -41.11 -54.21
CA ALA C 364 -60.88 -39.70 -54.16
C ALA C 364 -61.35 -39.42 -52.75
N THR C 365 -62.08 -40.40 -52.21
CA THR C 365 -62.66 -40.31 -50.86
C THR C 365 -61.58 -40.48 -49.80
N LEU C 366 -60.49 -41.19 -50.12
CA LEU C 366 -59.37 -41.26 -49.16
C LEU C 366 -58.65 -39.92 -49.05
N ILE C 367 -58.78 -39.10 -50.09
CA ILE C 367 -58.03 -37.83 -50.16
C ILE C 367 -58.39 -36.89 -49.00
N PRO C 368 -59.68 -36.71 -48.72
CA PRO C 368 -59.98 -35.87 -47.56
C PRO C 368 -59.82 -36.63 -46.23
N THR C 369 -59.99 -37.94 -46.32
CA THR C 369 -59.90 -38.80 -45.17
C THR C 369 -58.46 -38.83 -44.62
N ILE C 370 -57.48 -38.55 -45.48
CA ILE C 370 -56.09 -38.57 -45.08
C ILE C 370 -55.84 -37.27 -44.35
N ALA C 371 -56.71 -36.29 -44.62
CA ALA C 371 -56.58 -35.02 -43.95
C ALA C 371 -56.80 -35.26 -42.47
N VAL C 372 -57.38 -36.41 -42.11
CA VAL C 372 -57.78 -36.68 -40.71
C VAL C 372 -56.68 -37.16 -39.69
N PRO C 373 -55.94 -38.27 -40.00
CA PRO C 373 -54.81 -38.58 -39.12
C PRO C 373 -53.83 -37.43 -39.02
N VAL C 374 -53.49 -36.88 -40.19
CA VAL C 374 -52.48 -35.84 -40.31
C VAL C 374 -52.86 -34.61 -39.49
N VAL C 375 -54.14 -34.23 -39.51
CA VAL C 375 -54.53 -33.13 -38.65
C VAL C 375 -54.62 -33.58 -37.19
N LEU C 376 -55.07 -34.82 -36.94
CA LEU C 376 -55.15 -35.26 -35.54
C LEU C 376 -53.75 -35.44 -34.96
N LEU C 377 -53.01 -36.38 -35.55
CA LEU C 377 -51.63 -36.63 -35.18
C LEU C 377 -50.94 -35.28 -35.03
N GLY C 378 -51.13 -34.38 -36.00
CA GLY C 378 -50.54 -33.06 -35.89
C GLY C 378 -50.99 -32.33 -34.65
N THR C 379 -52.28 -32.41 -34.35
CA THR C 379 -52.77 -31.73 -33.17
C THR C 379 -52.13 -32.24 -31.88
N PHE C 380 -52.01 -33.56 -31.74
CA PHE C 380 -51.39 -34.15 -30.52
C PHE C 380 -49.98 -33.62 -30.32
N ALA C 381 -49.29 -33.40 -31.44
CA ALA C 381 -47.96 -32.87 -31.39
C ALA C 381 -48.11 -31.42 -30.95
N VAL C 382 -49.16 -30.73 -31.41
CA VAL C 382 -49.39 -29.36 -30.91
C VAL C 382 -49.75 -29.35 -29.43
N LEU C 383 -50.57 -30.30 -28.99
CA LEU C 383 -50.97 -30.38 -27.61
C LEU C 383 -49.75 -30.65 -26.71
N ALA C 384 -48.90 -31.60 -27.09
CA ALA C 384 -47.67 -31.92 -26.35
C ALA C 384 -46.78 -30.70 -26.19
N ALA C 385 -46.83 -29.81 -27.17
CA ALA C 385 -46.01 -28.60 -27.14
C ALA C 385 -46.50 -27.48 -26.20
N PHE C 386 -47.82 -27.33 -26.06
CA PHE C 386 -48.31 -26.24 -25.25
C PHE C 386 -48.47 -26.68 -23.81
N GLY C 387 -48.12 -27.95 -23.55
CA GLY C 387 -48.05 -28.44 -22.18
C GLY C 387 -49.31 -29.09 -21.65
N PHE C 388 -50.25 -29.31 -22.55
CA PHE C 388 -51.52 -29.86 -22.15
C PHE C 388 -51.51 -31.40 -22.14
N SER C 389 -52.66 -31.98 -21.76
CA SER C 389 -52.84 -33.42 -21.60
C SER C 389 -54.02 -34.02 -22.40
N ILE C 390 -54.00 -35.35 -22.68
CA ILE C 390 -55.15 -36.05 -23.30
C ILE C 390 -56.19 -36.27 -22.24
N ASN C 391 -57.15 -35.36 -22.15
CA ASN C 391 -58.23 -35.46 -21.21
C ASN C 391 -59.55 -35.56 -21.99
N THR C 392 -60.67 -35.52 -21.29
CA THR C 392 -61.94 -35.66 -21.98
C THR C 392 -62.15 -34.45 -22.91
N LEU C 393 -61.83 -33.25 -22.42
CA LEU C 393 -62.07 -32.03 -23.19
C LEU C 393 -61.35 -31.98 -24.56
N THR C 394 -60.07 -32.27 -24.57
CA THR C 394 -59.27 -32.13 -25.78
C THR C 394 -59.68 -33.20 -26.80
N MET C 395 -60.01 -34.35 -26.25
CA MET C 395 -60.65 -35.41 -27.00
C MET C 395 -61.99 -34.96 -27.65
N PHE C 396 -62.77 -34.18 -26.88
CA PHE C 396 -64.08 -33.68 -27.33
C PHE C 396 -64.01 -32.65 -28.45
N GLY C 397 -62.96 -31.85 -28.37
CA GLY C 397 -62.60 -30.90 -29.40
C GLY C 397 -62.23 -31.64 -30.64
N MET C 398 -61.59 -32.80 -30.46
CA MET C 398 -61.16 -33.58 -31.61
C MET C 398 -62.34 -34.25 -32.32
N VAL C 399 -63.18 -34.92 -31.55
CA VAL C 399 -64.44 -35.46 -32.08
C VAL C 399 -65.21 -34.31 -32.79
N LEU C 400 -65.21 -33.14 -32.15
CA LEU C 400 -65.86 -31.93 -32.65
C LEU C 400 -65.27 -31.49 -33.97
N ALA C 401 -63.99 -31.76 -34.18
CA ALA C 401 -63.42 -31.24 -35.38
C ALA C 401 -63.11 -32.29 -36.43
N ILE C 402 -63.55 -33.53 -36.24
CA ILE C 402 -63.44 -34.47 -37.37
C ILE C 402 -64.30 -33.93 -38.53
N GLY C 403 -65.44 -33.33 -38.18
CA GLY C 403 -66.32 -32.72 -39.16
C GLY C 403 -65.73 -31.47 -39.78
N LEU C 404 -64.98 -30.75 -38.95
CA LEU C 404 -64.43 -29.48 -39.36
C LEU C 404 -63.21 -29.51 -40.28
N LEU C 405 -62.23 -30.35 -39.96
CA LEU C 405 -61.01 -30.32 -40.73
C LEU C 405 -61.26 -30.77 -42.18
N VAL C 406 -62.04 -31.83 -42.37
CA VAL C 406 -62.37 -32.35 -43.70
C VAL C 406 -63.02 -31.34 -44.71
N ASP C 407 -63.55 -30.22 -44.21
CA ASP C 407 -64.21 -29.22 -45.04
C ASP C 407 -63.40 -28.82 -46.23
N ASP C 408 -62.23 -28.34 -45.92
CA ASP C 408 -61.27 -27.82 -46.88
C ASP C 408 -60.91 -28.88 -47.91
N ALA C 409 -60.52 -30.04 -47.38
CA ALA C 409 -60.17 -31.22 -48.18
C ALA C 409 -61.25 -31.51 -49.22
N ILE C 410 -62.49 -31.54 -48.70
CA ILE C 410 -63.70 -31.80 -49.44
C ILE C 410 -63.96 -30.75 -50.51
N VAL C 411 -63.94 -29.50 -50.06
CA VAL C 411 -64.20 -28.31 -50.86
C VAL C 411 -63.34 -28.43 -52.11
N VAL C 412 -62.08 -28.79 -51.88
CA VAL C 412 -61.14 -28.96 -52.96
C VAL C 412 -61.44 -30.15 -53.85
N VAL C 413 -61.50 -31.37 -53.31
CA VAL C 413 -61.70 -32.60 -54.15
C VAL C 413 -62.92 -32.52 -55.01
N GLU C 414 -64.01 -32.06 -54.39
CA GLU C 414 -65.24 -31.82 -55.08
C GLU C 414 -65.07 -30.73 -56.16
N ASN C 415 -64.52 -29.56 -55.78
CA ASN C 415 -64.38 -28.48 -56.76
C ASN C 415 -63.66 -28.91 -58.01
N VAL C 416 -62.60 -29.68 -57.80
CA VAL C 416 -61.85 -30.34 -58.88
C VAL C 416 -62.67 -31.29 -59.72
N GLU C 417 -63.38 -32.23 -59.06
CA GLU C 417 -64.24 -33.18 -59.79
C GLU C 417 -65.24 -32.41 -60.66
N ARG C 418 -65.68 -31.25 -60.15
CA ARG C 418 -66.65 -30.45 -60.87
C ARG C 418 -65.98 -29.89 -62.08
N VAL C 419 -64.77 -29.37 -61.90
CA VAL C 419 -64.05 -28.83 -63.02
C VAL C 419 -63.83 -29.93 -64.09
N MET C 420 -63.58 -31.18 -63.70
CA MET C 420 -63.40 -32.26 -64.71
C MET C 420 -64.70 -32.67 -65.47
N ALA C 421 -65.80 -32.86 -64.75
CA ALA C 421 -67.07 -33.30 -65.37
C ALA C 421 -67.74 -32.14 -66.11
N GLU C 422 -67.21 -30.96 -65.87
CA GLU C 422 -67.76 -29.74 -66.38
C GLU C 422 -67.00 -29.39 -67.64
N GLU C 423 -65.70 -29.67 -67.65
CA GLU C 423 -64.86 -29.20 -68.74
C GLU C 423 -64.12 -30.30 -69.46
N GLY C 424 -63.97 -31.44 -68.80
CA GLY C 424 -63.24 -32.52 -69.40
C GLY C 424 -61.74 -32.42 -69.19
N LEU C 425 -61.31 -31.46 -68.35
CA LEU C 425 -59.89 -31.30 -68.00
C LEU C 425 -59.29 -32.57 -67.39
N PRO C 426 -57.98 -32.77 -67.59
CA PRO C 426 -57.26 -33.85 -66.89
C PRO C 426 -57.09 -33.52 -65.40
N PRO C 427 -57.12 -34.54 -64.51
CA PRO C 427 -57.08 -34.35 -63.06
C PRO C 427 -56.10 -33.28 -62.59
N LYS C 428 -54.88 -33.40 -63.08
CA LYS C 428 -53.80 -32.48 -62.78
C LYS C 428 -54.17 -31.06 -63.17
N GLU C 429 -54.60 -30.91 -64.42
CA GLU C 429 -54.91 -29.63 -65.01
C GLU C 429 -56.12 -29.02 -64.35
N ALA C 430 -57.07 -29.86 -63.99
CA ALA C 430 -58.24 -29.44 -63.24
C ALA C 430 -57.84 -28.94 -61.87
N THR C 431 -56.88 -29.62 -61.25
CA THR C 431 -56.45 -29.31 -59.89
C THR C 431 -55.81 -27.96 -59.80
N ARG C 432 -54.85 -27.76 -60.70
CA ARG C 432 -54.16 -26.50 -60.75
C ARG C 432 -55.18 -25.41 -61.06
N LYS C 433 -56.14 -25.71 -61.93
CA LYS C 433 -57.14 -24.70 -62.35
C LYS C 433 -57.95 -24.21 -61.14
N SER C 434 -58.41 -25.18 -60.38
CA SER C 434 -59.31 -24.98 -59.25
C SER C 434 -58.65 -24.35 -58.05
N MET C 435 -57.38 -24.68 -57.83
CA MET C 435 -56.73 -24.18 -56.65
C MET C 435 -56.76 -22.69 -56.58
N GLY C 436 -56.50 -22.07 -57.72
CA GLY C 436 -56.64 -20.63 -57.82
C GLY C 436 -58.03 -20.19 -57.41
N GLN C 437 -59.05 -20.98 -57.77
CA GLN C 437 -60.45 -20.63 -57.48
C GLN C 437 -60.90 -20.73 -56.00
N ILE C 438 -60.57 -21.82 -55.34
CA ILE C 438 -61.14 -22.03 -54.02
C ILE C 438 -60.24 -21.62 -52.88
N GLN C 439 -58.96 -21.38 -53.17
CA GLN C 439 -58.00 -21.19 -52.06
C GLN C 439 -58.50 -20.11 -51.08
N GLY C 440 -58.97 -18.98 -51.59
CA GLY C 440 -59.47 -17.89 -50.75
C GLY C 440 -60.60 -18.34 -49.85
N ALA C 441 -61.47 -19.17 -50.41
CA ALA C 441 -62.56 -19.81 -49.65
C ALA C 441 -61.98 -20.63 -48.45
N LEU C 442 -60.99 -21.48 -48.74
CA LEU C 442 -60.32 -22.32 -47.72
C LEU C 442 -59.78 -21.47 -46.54
N VAL C 443 -59.19 -20.33 -46.88
CA VAL C 443 -58.73 -19.36 -45.89
C VAL C 443 -59.86 -18.83 -45.03
N GLY C 444 -60.95 -18.45 -45.67
CA GLY C 444 -62.16 -18.10 -44.92
C GLY C 444 -62.73 -19.11 -43.91
N ILE C 445 -62.93 -20.37 -44.34
CA ILE C 445 -63.49 -21.42 -43.47
C ILE C 445 -62.68 -21.60 -42.23
N ALA C 446 -61.37 -21.79 -42.45
CA ALA C 446 -60.49 -21.99 -41.32
C ALA C 446 -60.40 -20.72 -40.45
N MET C 447 -60.43 -19.54 -41.05
CA MET C 447 -60.17 -18.32 -40.29
C MET C 447 -61.35 -17.82 -39.48
N VAL C 448 -62.54 -18.21 -39.93
CA VAL C 448 -63.82 -17.96 -39.24
C VAL C 448 -64.16 -19.03 -38.13
N LEU C 449 -63.78 -20.30 -38.32
CA LEU C 449 -64.02 -21.30 -37.28
C LEU C 449 -63.02 -21.19 -36.15
N SER C 450 -61.76 -20.88 -36.42
CA SER C 450 -60.88 -20.65 -35.28
C SER C 450 -61.02 -19.23 -34.70
N ALA C 451 -61.61 -18.28 -35.42
CA ALA C 451 -61.80 -16.92 -34.88
C ALA C 451 -62.76 -16.82 -33.70
N VAL C 452 -63.46 -17.89 -33.38
CA VAL C 452 -64.37 -17.89 -32.22
C VAL C 452 -63.76 -18.54 -30.97
N PHE C 453 -62.82 -19.45 -31.17
CA PHE C 453 -62.22 -20.20 -30.07
C PHE C 453 -61.09 -19.41 -29.49
N VAL C 454 -60.75 -18.31 -30.15
CA VAL C 454 -59.66 -17.49 -29.67
C VAL C 454 -60.07 -16.61 -28.46
N PRO C 455 -61.21 -15.87 -28.57
CA PRO C 455 -61.54 -14.99 -27.43
C PRO C 455 -61.72 -15.72 -26.11
N MET C 456 -62.26 -16.94 -26.23
CA MET C 456 -62.64 -17.74 -25.08
C MET C 456 -61.53 -18.45 -24.38
N ALA C 457 -60.31 -18.25 -24.86
CA ALA C 457 -59.21 -18.92 -24.21
C ALA C 457 -58.69 -18.01 -23.14
N PHE C 458 -59.09 -16.74 -23.19
CA PHE C 458 -58.55 -15.78 -22.27
C PHE C 458 -59.55 -15.52 -21.15
N PHE C 459 -60.67 -16.23 -21.18
CA PHE C 459 -61.71 -16.05 -20.19
C PHE C 459 -61.36 -16.72 -18.87
N GLY C 460 -62.17 -16.48 -17.84
CA GLY C 460 -61.86 -16.87 -16.48
C GLY C 460 -62.54 -18.02 -15.76
N GLY C 461 -61.80 -18.55 -14.78
CA GLY C 461 -62.21 -19.66 -13.96
C GLY C 461 -61.92 -21.01 -14.58
N SER C 462 -62.67 -21.99 -14.08
CA SER C 462 -62.64 -23.39 -14.49
C SER C 462 -63.26 -23.52 -15.87
N THR C 463 -64.16 -22.58 -16.10
CA THR C 463 -64.81 -22.35 -17.37
C THR C 463 -63.71 -21.99 -18.39
N GLY C 464 -62.76 -21.20 -17.94
CA GLY C 464 -61.59 -20.85 -18.72
C GLY C 464 -60.75 -22.05 -19.12
N ALA C 465 -60.63 -23.00 -18.21
CA ALA C 465 -59.91 -24.25 -18.48
C ALA C 465 -60.59 -25.11 -19.56
N ILE C 466 -61.87 -25.41 -19.32
CA ILE C 466 -62.72 -26.14 -20.28
C ILE C 466 -62.75 -25.52 -21.69
N TYR C 467 -62.88 -24.19 -21.74
CA TYR C 467 -62.94 -23.45 -22.99
C TYR C 467 -61.59 -23.62 -23.66
N ARG C 468 -60.54 -23.47 -22.86
CA ARG C 468 -59.17 -23.44 -23.37
C ARG C 468 -58.70 -24.73 -24.03
N GLN C 469 -59.11 -25.88 -23.47
CA GLN C 469 -58.79 -27.19 -24.07
C GLN C 469 -59.29 -27.30 -25.55
N PHE C 470 -60.54 -26.91 -25.73
CA PHE C 470 -61.14 -26.76 -27.05
C PHE C 470 -60.40 -25.71 -27.90
N SER C 471 -60.08 -24.55 -27.30
CA SER C 471 -59.37 -23.49 -28.03
C SER C 471 -58.18 -24.05 -28.71
N ILE C 472 -57.32 -24.72 -27.95
CA ILE C 472 -56.09 -25.17 -28.57
C ILE C 472 -56.35 -26.33 -29.58
N THR C 473 -57.23 -27.27 -29.22
CA THR C 473 -57.43 -28.39 -30.14
C THR C 473 -58.00 -27.91 -31.49
N ILE C 474 -59.09 -27.14 -31.47
CA ILE C 474 -59.79 -26.78 -32.71
C ILE C 474 -59.05 -25.65 -33.47
N VAL C 475 -58.49 -24.66 -32.75
CA VAL C 475 -57.72 -23.67 -33.50
C VAL C 475 -56.60 -24.38 -34.23
N SER C 476 -56.06 -25.43 -33.60
CA SER C 476 -54.96 -26.14 -34.23
C SER C 476 -55.42 -27.04 -35.41
N ALA C 477 -56.47 -27.83 -35.17
CA ALA C 477 -57.00 -28.66 -36.24
C ALA C 477 -57.32 -27.86 -37.49
N MET C 478 -57.99 -26.71 -37.35
CA MET C 478 -58.33 -25.87 -38.51
C MET C 478 -57.10 -25.23 -39.17
N ALA C 479 -56.18 -24.70 -38.38
CA ALA C 479 -54.93 -24.17 -38.98
C ALA C 479 -54.25 -25.27 -39.88
N LEU C 480 -54.00 -26.43 -39.29
CA LEU C 480 -53.47 -27.60 -40.01
C LEU C 480 -54.31 -28.04 -41.18
N SER C 481 -55.63 -27.88 -41.03
CA SER C 481 -56.59 -28.32 -42.03
C SER C 481 -56.39 -27.52 -43.31
N VAL C 482 -56.29 -26.19 -43.21
CA VAL C 482 -55.95 -25.44 -44.41
C VAL C 482 -54.57 -25.80 -44.89
N LEU C 483 -53.65 -26.10 -43.98
CA LEU C 483 -52.33 -26.48 -44.43
C LEU C 483 -52.33 -27.68 -45.36
N VAL C 484 -53.07 -28.69 -44.94
CA VAL C 484 -53.24 -29.91 -45.71
C VAL C 484 -54.00 -29.66 -47.03
N ALA C 485 -55.08 -28.90 -46.98
CA ALA C 485 -55.81 -28.55 -48.20
C ALA C 485 -54.94 -27.83 -49.19
N LEU C 486 -54.01 -27.05 -48.69
CA LEU C 486 -53.22 -26.18 -49.55
C LEU C 486 -52.12 -27.00 -50.10
N ILE C 487 -51.73 -28.05 -49.38
CA ILE C 487 -50.50 -28.73 -49.68
C ILE C 487 -50.69 -30.14 -50.25
N LEU C 488 -51.34 -30.98 -49.44
CA LEU C 488 -51.44 -32.41 -49.71
C LEU C 488 -52.55 -32.71 -50.70
N THR C 489 -53.74 -32.23 -50.44
CA THR C 489 -54.85 -32.55 -51.34
C THR C 489 -54.64 -32.18 -52.81
N PRO C 490 -54.19 -30.97 -53.12
CA PRO C 490 -54.03 -30.68 -54.54
C PRO C 490 -53.05 -31.63 -55.15
N ALA C 491 -52.10 -32.08 -54.35
CA ALA C 491 -51.13 -33.07 -54.78
C ALA C 491 -51.75 -34.46 -55.09
N LEU C 492 -52.66 -34.94 -54.23
CA LEU C 492 -53.34 -36.24 -54.39
C LEU C 492 -54.49 -36.28 -55.40
N CYS C 493 -54.78 -35.17 -56.06
CA CYS C 493 -55.91 -35.09 -56.97
C CYS C 493 -55.35 -35.26 -58.36
N ALA C 494 -54.15 -34.71 -58.55
CA ALA C 494 -53.41 -34.85 -59.78
C ALA C 494 -52.83 -36.27 -59.89
N THR C 495 -52.87 -37.03 -58.79
CA THR C 495 -52.12 -38.29 -58.74
C THR C 495 -52.91 -39.58 -58.52
N MET C 496 -54.06 -39.52 -57.85
CA MET C 496 -54.82 -40.76 -57.64
C MET C 496 -56.25 -40.60 -58.16
N LEU C 497 -56.62 -39.35 -58.49
CA LEU C 497 -57.95 -39.02 -59.02
C LEU C 497 -58.20 -39.59 -60.39
N LYS C 498 -59.37 -40.22 -60.52
CA LYS C 498 -59.75 -40.82 -61.78
C LYS C 498 -60.00 -39.72 -62.78
N PRO C 499 -59.53 -39.90 -64.01
CA PRO C 499 -59.79 -38.80 -64.92
C PRO C 499 -61.27 -38.81 -65.26
N ILE C 500 -61.89 -37.64 -65.31
CA ILE C 500 -63.31 -37.59 -65.59
C ILE C 500 -63.55 -36.97 -66.95
N ALA C 501 -64.34 -37.68 -67.76
CA ALA C 501 -64.75 -37.26 -69.09
C ALA C 501 -65.81 -36.14 -69.06
N LYS C 502 -65.70 -35.16 -69.96
CA LYS C 502 -66.58 -33.97 -70.03
C LYS C 502 -68.07 -34.28 -70.08
N GLY C 503 -68.84 -33.55 -69.29
CA GLY C 503 -70.27 -33.75 -69.20
C GLY C 503 -70.57 -35.07 -68.52
N ASP C 504 -69.85 -35.29 -67.42
CA ASP C 504 -70.07 -36.47 -66.58
C ASP C 504 -71.11 -36.30 -65.48
N HIS C 505 -70.66 -35.88 -64.31
CA HIS C 505 -71.55 -35.81 -63.16
C HIS C 505 -72.14 -37.20 -62.86
N GLY C 506 -71.73 -38.21 -63.62
CA GLY C 506 -72.12 -39.58 -63.37
C GLY C 506 -73.57 -39.91 -63.14
N GLU C 507 -74.47 -39.19 -63.81
CA GLU C 507 -75.88 -39.56 -63.72
C GLU C 507 -76.05 -41.02 -64.21
N GLY C 508 -75.08 -41.54 -64.96
CA GLY C 508 -75.10 -42.92 -65.42
C GLY C 508 -74.88 -43.92 -64.30
N LYS C 509 -75.72 -44.97 -64.32
CA LYS C 509 -75.91 -46.06 -63.32
C LYS C 509 -77.34 -45.96 -62.74
N LYS C 510 -78.12 -47.05 -62.84
CA LYS C 510 -79.50 -47.08 -62.32
C LYS C 510 -79.57 -47.82 -61.00
N GLY C 511 -80.81 -48.01 -60.52
CA GLY C 511 -81.06 -48.83 -59.34
C GLY C 511 -80.51 -48.39 -57.98
N PHE C 512 -79.18 -48.23 -57.90
CA PHE C 512 -78.53 -48.11 -56.60
C PHE C 512 -77.56 -46.89 -56.41
N PHE C 513 -76.92 -46.39 -57.46
CA PHE C 513 -75.87 -45.39 -57.21
C PHE C 513 -75.91 -44.13 -58.04
N GLY C 514 -76.85 -44.02 -58.94
CA GLY C 514 -76.91 -42.78 -59.66
C GLY C 514 -78.33 -42.35 -59.54
N TRP C 515 -79.12 -43.09 -58.74
CA TRP C 515 -80.39 -42.53 -58.34
C TRP C 515 -79.95 -41.35 -57.54
N PHE C 516 -78.84 -41.52 -56.82
CA PHE C 516 -78.33 -40.43 -56.02
C PHE C 516 -77.71 -39.30 -56.84
N ASN C 517 -76.84 -39.59 -57.80
CA ASN C 517 -76.29 -38.49 -58.56
C ASN C 517 -77.36 -37.68 -59.27
N ARG C 518 -78.27 -38.39 -59.92
CA ARG C 518 -79.39 -37.80 -60.60
C ARG C 518 -80.22 -37.00 -59.63
N MET C 519 -80.62 -37.60 -58.53
CA MET C 519 -81.41 -36.86 -57.54
C MET C 519 -80.72 -35.64 -57.01
N PHE C 520 -79.40 -35.64 -56.98
CA PHE C 520 -78.74 -34.58 -56.28
C PHE C 520 -78.67 -33.41 -57.21
N GLU C 521 -78.39 -33.75 -58.47
CA GLU C 521 -78.17 -32.77 -59.50
C GLU C 521 -79.50 -32.09 -59.68
N LYS C 522 -80.52 -32.95 -59.65
CA LYS C 522 -81.93 -32.49 -59.77
C LYS C 522 -82.41 -31.60 -58.67
N SER C 523 -82.24 -32.05 -57.46
CA SER C 523 -82.76 -31.29 -56.36
C SER C 523 -82.01 -30.01 -56.24
N THR C 524 -80.74 -30.04 -56.60
CA THR C 524 -79.96 -28.84 -56.37
C THR C 524 -80.53 -27.82 -57.37
N HIS C 525 -80.98 -28.31 -58.52
CA HIS C 525 -81.75 -27.43 -59.41
C HIS C 525 -83.10 -26.94 -58.81
N HIS C 526 -83.85 -27.86 -58.22
CA HIS C 526 -85.06 -27.52 -57.48
C HIS C 526 -84.75 -26.29 -56.61
N TYR C 527 -83.63 -26.44 -55.91
CA TYR C 527 -83.15 -25.53 -54.91
C TYR C 527 -82.88 -24.20 -55.49
N THR C 528 -82.25 -24.18 -56.65
CA THR C 528 -81.85 -22.90 -57.19
C THR C 528 -83.02 -22.20 -57.81
N ASP C 529 -83.91 -22.92 -58.50
CA ASP C 529 -85.20 -22.36 -59.00
C ASP C 529 -85.88 -21.67 -57.80
N SER C 530 -85.75 -22.35 -56.67
CA SER C 530 -86.38 -21.98 -55.44
C SER C 530 -85.77 -20.71 -54.85
N VAL C 531 -84.46 -20.71 -54.73
CA VAL C 531 -83.79 -19.54 -54.17
C VAL C 531 -84.18 -18.35 -55.07
N GLY C 532 -84.20 -18.58 -56.38
CA GLY C 532 -84.61 -17.58 -57.37
C GLY C 532 -86.03 -17.08 -57.15
N GLY C 533 -86.92 -18.00 -56.74
CA GLY C 533 -88.29 -17.66 -56.39
C GLY C 533 -88.33 -16.79 -55.17
N ILE C 534 -87.50 -17.13 -54.16
CA ILE C 534 -87.53 -16.39 -52.88
C ILE C 534 -86.82 -15.05 -52.97
N LEU C 535 -85.93 -14.87 -53.95
CA LEU C 535 -85.30 -13.57 -54.14
C LEU C 535 -86.29 -12.65 -54.81
N ARG C 536 -87.34 -13.20 -55.35
CA ARG C 536 -88.32 -12.35 -56.01
C ARG C 536 -89.24 -11.63 -55.02
N SER C 537 -89.32 -12.11 -53.79
CA SER C 537 -90.00 -11.31 -52.79
C SER C 537 -89.24 -11.46 -51.51
N THR C 538 -88.48 -10.43 -51.16
CA THR C 538 -87.65 -10.48 -49.96
C THR C 538 -88.41 -10.23 -48.62
N GLY C 539 -89.42 -9.38 -48.67
CA GLY C 539 -90.22 -8.98 -47.52
C GLY C 539 -90.69 -10.05 -46.56
N ARG C 540 -91.47 -11.01 -47.07
CA ARG C 540 -92.07 -12.05 -46.21
C ARG C 540 -90.99 -12.69 -45.34
N TYR C 541 -89.86 -12.98 -45.97
CA TYR C 541 -88.80 -13.77 -45.36
C TYR C 541 -88.03 -13.00 -44.33
N LEU C 542 -87.99 -11.67 -44.45
CA LEU C 542 -87.47 -10.82 -43.34
C LEU C 542 -88.45 -10.79 -42.17
N VAL C 543 -89.74 -10.75 -42.46
CA VAL C 543 -90.71 -10.93 -41.39
C VAL C 543 -90.40 -12.25 -40.68
N LEU C 544 -90.35 -13.34 -41.44
CA LEU C 544 -90.03 -14.66 -40.90
C LEU C 544 -88.71 -14.67 -40.15
N TYR C 545 -87.76 -13.90 -40.66
CA TYR C 545 -86.50 -13.81 -39.99
C TYR C 545 -86.79 -13.34 -38.60
N LEU C 546 -87.43 -12.18 -38.49
CA LEU C 546 -87.71 -11.60 -37.18
C LEU C 546 -88.45 -12.57 -36.28
N ILE C 547 -89.40 -13.30 -36.83
CA ILE C 547 -90.01 -14.34 -36.04
C ILE C 547 -88.96 -15.29 -35.45
N ILE C 548 -88.11 -15.85 -36.32
CA ILE C 548 -87.05 -16.75 -35.88
C ILE C 548 -86.17 -16.15 -34.78
N VAL C 549 -85.72 -14.93 -34.97
CA VAL C 549 -84.92 -14.34 -33.95
C VAL C 549 -85.66 -14.24 -32.61
N VAL C 550 -86.88 -13.71 -32.65
CA VAL C 550 -87.68 -13.54 -31.44
C VAL C 550 -87.73 -14.86 -30.72
N GLY C 551 -88.08 -15.89 -31.50
CA GLY C 551 -88.17 -17.25 -30.97
C GLY C 551 -86.90 -17.68 -30.26
N MET C 552 -85.78 -17.37 -30.90
CA MET C 552 -84.48 -17.66 -30.39
C MET C 552 -84.34 -17.06 -29.01
N ALA C 553 -84.69 -15.79 -28.88
CA ALA C 553 -84.53 -15.07 -27.61
C ALA C 553 -85.36 -15.63 -26.45
N TYR C 554 -86.68 -15.68 -26.63
CA TYR C 554 -87.53 -16.22 -25.57
C TYR C 554 -86.98 -17.59 -25.19
N LEU C 555 -86.80 -18.46 -26.19
CA LEU C 555 -86.27 -19.77 -25.98
C LEU C 555 -85.04 -19.78 -25.09
N PHE C 556 -84.21 -18.76 -25.30
CA PHE C 556 -82.93 -18.66 -24.60
C PHE C 556 -83.18 -18.37 -23.15
N VAL C 557 -84.02 -17.38 -22.87
CA VAL C 557 -84.34 -17.02 -21.47
C VAL C 557 -84.98 -18.15 -20.68
N ARG C 558 -85.78 -18.95 -21.38
CA ARG C 558 -86.52 -20.03 -20.76
C ARG C 558 -85.79 -21.37 -20.69
N LEU C 559 -84.49 -21.35 -20.91
CA LEU C 559 -83.71 -22.57 -20.77
C LEU C 559 -82.92 -22.41 -19.51
N PRO C 560 -83.14 -23.31 -18.54
CA PRO C 560 -82.48 -23.36 -17.23
C PRO C 560 -80.96 -23.60 -17.28
N SER C 561 -80.27 -23.13 -16.26
CA SER C 561 -78.87 -22.82 -16.39
C SER C 561 -77.87 -23.51 -15.48
N SER C 562 -77.59 -24.78 -15.77
CA SER C 562 -76.68 -25.63 -15.01
C SER C 562 -75.22 -25.27 -15.21
N PHE C 563 -74.35 -26.17 -14.77
CA PHE C 563 -72.91 -25.96 -14.90
C PHE C 563 -72.18 -27.07 -15.60
N LEU C 564 -72.45 -28.29 -15.21
CA LEU C 564 -71.83 -29.48 -15.79
C LEU C 564 -72.68 -30.68 -15.49
N PRO C 565 -72.76 -31.60 -16.44
CA PRO C 565 -73.61 -32.73 -16.15
C PRO C 565 -73.01 -33.58 -15.02
N ASP C 566 -73.89 -33.93 -14.09
CA ASP C 566 -73.60 -34.77 -12.95
C ASP C 566 -73.51 -36.23 -13.41
N GLU C 567 -72.38 -36.86 -13.12
CA GLU C 567 -72.00 -38.19 -13.63
C GLU C 567 -72.02 -39.31 -12.60
N ASP C 568 -72.40 -40.51 -13.06
CA ASP C 568 -72.19 -41.77 -12.32
C ASP C 568 -70.71 -42.12 -12.33
N GLN C 569 -70.02 -41.93 -11.22
CA GLN C 569 -68.60 -42.18 -11.30
C GLN C 569 -68.26 -43.58 -10.86
N GLY C 570 -69.28 -44.37 -10.54
CA GLY C 570 -69.08 -45.77 -10.17
C GLY C 570 -68.87 -45.87 -8.66
N VAL C 571 -69.10 -44.76 -8.01
CA VAL C 571 -68.68 -44.54 -6.65
C VAL C 571 -69.54 -43.46 -6.13
N PHE C 572 -70.19 -43.69 -5.02
CA PHE C 572 -70.89 -42.58 -4.40
C PHE C 572 -70.83 -42.71 -2.89
N MET C 573 -71.34 -41.73 -2.18
CA MET C 573 -71.25 -41.86 -0.74
C MET C 573 -72.52 -41.40 -0.07
N THR C 574 -72.69 -41.85 1.18
CA THR C 574 -73.87 -41.49 1.92
C THR C 574 -73.46 -41.09 3.33
N MET C 575 -74.06 -40.03 3.85
CA MET C 575 -73.62 -39.53 5.13
C MET C 575 -74.70 -39.71 6.16
N VAL C 576 -74.24 -39.89 7.41
CA VAL C 576 -75.02 -40.17 8.61
C VAL C 576 -74.76 -39.10 9.63
N GLN C 577 -75.77 -38.39 10.12
CA GLN C 577 -75.51 -37.44 11.21
C GLN C 577 -76.55 -37.48 12.34
N LEU C 578 -76.07 -37.70 13.55
CA LEU C 578 -76.89 -37.84 14.76
C LEU C 578 -77.25 -36.51 15.45
N PRO C 579 -78.30 -36.53 16.27
CA PRO C 579 -78.71 -35.38 17.08
C PRO C 579 -77.66 -35.05 18.13
N ALA C 580 -77.79 -33.90 18.77
CA ALA C 580 -76.83 -33.42 19.75
C ALA C 580 -76.60 -34.45 20.88
N GLY C 581 -75.33 -34.62 21.24
CA GLY C 581 -74.90 -35.42 22.36
C GLY C 581 -74.84 -36.91 22.11
N ALA C 582 -75.25 -37.40 20.95
CA ALA C 582 -75.31 -38.84 20.73
C ALA C 582 -73.94 -39.47 20.84
N THR C 583 -73.86 -40.79 20.88
CA THR C 583 -72.59 -41.42 21.12
C THR C 583 -72.20 -42.36 20.03
N GLN C 584 -70.91 -42.63 19.99
CA GLN C 584 -70.31 -43.55 19.06
C GLN C 584 -71.14 -44.80 18.82
N GLU C 585 -71.77 -45.32 19.86
CA GLU C 585 -72.44 -46.61 19.73
C GLU C 585 -73.74 -46.46 18.93
N ARG C 586 -74.41 -45.34 19.13
CA ARG C 586 -75.67 -45.04 18.45
C ARG C 586 -75.47 -44.89 16.95
N THR C 587 -74.51 -44.05 16.60
CA THR C 587 -74.12 -43.87 15.23
C THR C 587 -73.69 -45.18 14.60
N GLN C 588 -72.85 -45.93 15.30
CA GLN C 588 -72.42 -47.21 14.78
C GLN C 588 -73.62 -48.11 14.48
N LYS C 589 -74.67 -47.96 15.27
CA LYS C 589 -75.94 -48.62 14.97
C LYS C 589 -76.38 -48.10 13.60
N VAL C 590 -76.39 -46.78 13.42
CA VAL C 590 -76.88 -46.22 12.15
C VAL C 590 -76.12 -46.72 10.92
N LEU C 591 -74.79 -46.74 11.00
CA LEU C 591 -73.99 -47.27 9.91
C LEU C 591 -74.23 -48.75 9.65
N ASN C 592 -74.39 -49.54 10.71
CA ASN C 592 -74.80 -50.92 10.49
C ASN C 592 -76.08 -50.97 9.66
N GLU C 593 -77.03 -50.11 10.00
CA GLU C 593 -78.27 -50.04 9.23
C GLU C 593 -78.04 -49.69 7.74
N VAL C 594 -77.37 -48.57 7.47
CA VAL C 594 -77.04 -48.16 6.10
C VAL C 594 -76.33 -49.23 5.32
N THR C 595 -75.26 -49.75 5.90
CA THR C 595 -74.44 -50.79 5.30
C THR C 595 -75.28 -51.98 4.95
N HIS C 596 -76.16 -52.34 5.87
CA HIS C 596 -77.05 -53.47 5.64
C HIS C 596 -77.97 -53.19 4.43
N TYR C 597 -78.58 -52.01 4.40
CA TYR C 597 -79.41 -51.61 3.27
C TYR C 597 -78.68 -51.79 1.95
N TYR C 598 -77.46 -51.26 1.84
CA TYR C 598 -76.73 -51.38 0.57
C TYR C 598 -76.42 -52.83 0.25
N LEU C 599 -75.90 -53.56 1.23
CA LEU C 599 -75.42 -54.90 0.94
C LEU C 599 -76.52 -55.93 0.74
N THR C 600 -77.77 -55.52 0.99
CA THR C 600 -78.92 -56.42 0.91
C THR C 600 -79.82 -56.03 -0.23
N LYS C 601 -80.51 -54.92 -0.01
CA LYS C 601 -81.48 -54.42 -0.95
C LYS C 601 -80.84 -53.83 -2.21
N GLU C 602 -79.51 -53.91 -2.31
CA GLU C 602 -78.81 -53.42 -3.50
C GLU C 602 -77.52 -54.21 -3.65
N LYS C 603 -77.65 -55.51 -3.53
CA LYS C 603 -76.57 -56.48 -3.58
C LYS C 603 -75.97 -56.59 -4.97
N ASN C 604 -76.83 -56.34 -5.97
CA ASN C 604 -76.45 -56.35 -7.40
C ASN C 604 -75.60 -55.16 -7.88
N ASN C 605 -75.77 -54.02 -7.23
CA ASN C 605 -75.06 -52.81 -7.60
C ASN C 605 -73.83 -52.65 -6.73
N VAL C 606 -74.03 -52.66 -5.41
CA VAL C 606 -72.95 -52.48 -4.45
C VAL C 606 -71.92 -53.62 -4.47
N GLU C 607 -70.66 -53.28 -4.24
CA GLU C 607 -69.58 -54.24 -3.98
C GLU C 607 -68.94 -53.97 -2.58
N SER C 608 -68.99 -52.70 -2.14
CA SER C 608 -68.34 -52.34 -0.88
C SER C 608 -68.95 -51.12 -0.22
N VAL C 609 -69.23 -51.23 1.08
CA VAL C 609 -69.46 -50.03 1.84
C VAL C 609 -68.33 -49.83 2.84
N PHE C 610 -67.83 -48.60 2.89
CA PHE C 610 -66.81 -48.19 3.83
C PHE C 610 -67.43 -47.27 4.84
N ALA C 611 -67.96 -47.86 5.88
CA ALA C 611 -68.52 -47.05 6.91
C ALA C 611 -67.36 -46.45 7.63
N VAL C 612 -67.37 -45.13 7.79
CA VAL C 612 -66.41 -44.49 8.67
C VAL C 612 -67.27 -43.81 9.69
N ASN C 613 -67.16 -44.29 10.92
CA ASN C 613 -67.88 -43.72 12.04
C ASN C 613 -67.00 -42.75 12.81
N GLY C 614 -67.56 -41.57 13.07
CA GLY C 614 -66.84 -40.56 13.84
C GLY C 614 -66.53 -39.33 13.01
N ALA C 615 -66.19 -39.58 11.75
CA ALA C 615 -65.94 -38.52 10.77
C ALA C 615 -67.10 -38.22 9.82
N GLY C 616 -67.41 -36.95 9.65
CA GLY C 616 -68.33 -36.56 8.60
C GLY C 616 -67.78 -35.31 7.96
N ALA C 617 -68.38 -34.88 6.86
CA ALA C 617 -67.97 -33.63 6.24
C ALA C 617 -68.39 -32.51 7.17
N ALA C 618 -69.50 -32.75 7.87
CA ALA C 618 -70.09 -31.80 8.80
C ALA C 618 -69.02 -31.49 9.81
N GLY C 619 -68.32 -32.54 10.20
CA GLY C 619 -67.20 -32.42 11.09
C GLY C 619 -66.94 -33.77 11.71
N ALA C 620 -66.13 -33.75 12.76
CA ALA C 620 -65.80 -34.94 13.51
C ALA C 620 -66.73 -35.03 14.69
N GLY C 621 -66.86 -36.21 15.28
CA GLY C 621 -67.73 -36.35 16.41
C GLY C 621 -68.40 -37.70 16.45
N GLN C 622 -68.68 -38.17 17.67
CA GLN C 622 -69.33 -39.45 17.88
C GLN C 622 -70.57 -39.54 17.04
N ASN C 623 -71.35 -38.46 17.02
CA ASN C 623 -72.52 -38.33 16.16
C ASN C 623 -72.31 -38.49 14.62
N THR C 624 -71.21 -38.01 14.03
CA THR C 624 -71.16 -37.97 12.57
C THR C 624 -70.60 -39.26 11.97
N GLY C 625 -71.02 -39.54 10.74
CA GLY C 625 -70.62 -40.75 10.06
C GLY C 625 -70.68 -40.59 8.57
N ILE C 626 -69.96 -41.46 7.86
CA ILE C 626 -69.85 -41.42 6.42
C ILE C 626 -69.61 -42.81 5.88
N ALA C 627 -70.21 -43.10 4.73
CA ALA C 627 -70.06 -44.41 4.16
C ALA C 627 -69.69 -44.22 2.70
N PHE C 628 -68.55 -44.79 2.32
CA PHE C 628 -68.12 -44.82 0.92
C PHE C 628 -68.62 -46.10 0.19
N VAL C 629 -69.42 -45.91 -0.85
CA VAL C 629 -69.96 -47.03 -1.59
C VAL C 629 -69.31 -47.19 -2.94
N SER C 630 -68.59 -48.31 -3.11
CA SER C 630 -68.07 -48.71 -4.41
C SER C 630 -69.06 -49.67 -5.09
N LEU C 631 -69.43 -49.40 -6.33
CA LEU C 631 -70.37 -50.25 -7.05
C LEU C 631 -69.63 -51.22 -7.94
N LYS C 632 -70.34 -52.22 -8.44
CA LYS C 632 -69.76 -53.16 -9.38
C LYS C 632 -69.46 -52.33 -10.59
N ASP C 633 -68.75 -52.83 -11.58
CA ASP C 633 -68.44 -51.85 -12.62
C ASP C 633 -69.61 -51.86 -13.58
N TRP C 634 -69.87 -50.68 -14.14
CA TRP C 634 -71.04 -50.36 -14.94
C TRP C 634 -71.33 -51.41 -16.02
N ALA C 635 -70.32 -52.17 -16.40
CA ALA C 635 -70.52 -53.23 -17.36
C ALA C 635 -71.29 -54.40 -16.69
N ASP C 636 -71.80 -54.16 -15.49
CA ASP C 636 -72.65 -55.09 -14.77
C ASP C 636 -73.94 -54.40 -14.35
N ARG C 637 -74.10 -53.14 -14.74
CA ARG C 637 -75.27 -52.34 -14.38
C ARG C 637 -76.05 -51.79 -15.56
N PRO C 638 -76.98 -52.59 -16.07
CA PRO C 638 -77.75 -52.26 -17.27
C PRO C 638 -78.62 -51.02 -17.10
N GLY C 639 -79.58 -51.05 -16.18
CA GLY C 639 -80.63 -50.06 -16.17
C GLY C 639 -80.27 -48.61 -15.92
N GLU C 640 -81.32 -47.78 -15.96
CA GLU C 640 -81.23 -46.37 -15.68
C GLU C 640 -81.36 -46.19 -14.17
N GLU C 641 -82.05 -47.15 -13.56
CA GLU C 641 -82.27 -47.17 -12.12
C GLU C 641 -81.15 -47.94 -11.40
N ASN C 642 -80.26 -48.57 -12.16
CA ASN C 642 -79.04 -49.19 -11.63
C ASN C 642 -77.84 -48.27 -11.74
N LYS C 643 -78.14 -46.99 -11.92
CA LYS C 643 -77.16 -45.95 -12.10
C LYS C 643 -77.23 -45.02 -10.90
N VAL C 644 -76.06 -44.64 -10.40
CA VAL C 644 -75.87 -43.73 -9.26
C VAL C 644 -76.99 -42.76 -8.90
N GLU C 645 -77.58 -42.10 -9.90
CA GLU C 645 -78.68 -41.16 -9.65
C GLU C 645 -79.82 -41.80 -8.85
N ALA C 646 -80.44 -42.82 -9.44
CA ALA C 646 -81.64 -43.43 -8.85
C ALA C 646 -81.29 -44.18 -7.58
N ILE C 647 -80.08 -44.71 -7.49
CA ILE C 647 -79.67 -45.35 -6.26
C ILE C 647 -79.64 -44.33 -5.14
N THR C 648 -79.00 -43.18 -5.34
CA THR C 648 -78.97 -42.18 -4.28
C THR C 648 -80.36 -41.69 -3.91
N MET C 649 -81.21 -41.56 -4.93
CA MET C 649 -82.54 -41.03 -4.67
C MET C 649 -83.32 -42.04 -3.82
N ARG C 650 -83.16 -43.33 -4.10
CA ARG C 650 -83.92 -44.35 -3.38
C ARG C 650 -83.32 -44.68 -2.01
N ALA C 651 -82.04 -44.45 -1.84
CA ALA C 651 -81.40 -44.61 -0.54
C ALA C 651 -81.85 -43.47 0.35
N THR C 652 -81.89 -42.26 -0.22
CA THR C 652 -82.44 -41.10 0.49
C THR C 652 -83.95 -41.26 0.71
N ARG C 653 -84.60 -42.04 -0.16
CA ARG C 653 -85.99 -42.40 0.03
C ARG C 653 -86.14 -43.22 1.33
N ALA C 654 -85.41 -44.34 1.40
CA ALA C 654 -85.47 -45.17 2.59
C ALA C 654 -85.04 -44.42 3.87
N PHE C 655 -83.84 -43.88 3.89
CA PHE C 655 -83.23 -43.44 5.14
C PHE C 655 -83.84 -42.14 5.64
N SER C 656 -84.86 -41.69 4.96
CA SER C 656 -85.43 -40.39 5.28
C SER C 656 -86.31 -40.32 6.53
N GLN C 657 -87.55 -40.78 6.42
CA GLN C 657 -88.53 -40.56 7.48
C GLN C 657 -88.35 -41.59 8.56
N ILE C 658 -87.59 -42.64 8.25
CA ILE C 658 -87.60 -43.83 9.07
C ILE C 658 -86.34 -44.00 9.93
N LYS C 659 -85.77 -42.88 10.36
CA LYS C 659 -84.62 -42.89 11.26
C LYS C 659 -84.86 -41.92 12.41
N ASP C 660 -84.02 -42.00 13.44
CA ASP C 660 -84.08 -41.02 14.52
C ASP C 660 -83.00 -39.95 14.28
N ALA C 661 -82.19 -40.15 13.24
CA ALA C 661 -81.11 -39.22 12.84
C ALA C 661 -81.12 -38.95 11.34
N MET C 662 -80.58 -37.81 10.91
CA MET C 662 -80.70 -37.41 9.52
C MET C 662 -79.64 -38.07 8.66
N VAL C 663 -80.08 -38.87 7.69
CA VAL C 663 -79.17 -39.64 6.84
C VAL C 663 -79.44 -39.48 5.36
N PHE C 664 -78.51 -38.79 4.68
CA PHE C 664 -78.70 -38.43 3.28
C PHE C 664 -77.72 -39.19 2.38
N ALA C 665 -78.16 -39.57 1.19
CA ALA C 665 -77.27 -40.25 0.26
C ALA C 665 -77.00 -39.34 -0.92
N PHE C 666 -75.75 -39.30 -1.39
CA PHE C 666 -75.47 -38.45 -2.55
C PHE C 666 -74.33 -38.86 -3.45
N ASN C 667 -74.37 -38.23 -4.63
CA ASN C 667 -73.33 -38.26 -5.63
C ASN C 667 -72.61 -36.91 -5.76
N LEU C 668 -71.32 -36.96 -6.08
CA LEU C 668 -70.48 -35.77 -6.35
C LEU C 668 -70.54 -35.20 -7.82
N PRO C 669 -70.25 -33.90 -8.00
CA PRO C 669 -70.18 -33.20 -9.29
C PRO C 669 -68.97 -33.57 -10.13
N ALA C 670 -68.82 -32.90 -11.27
CA ALA C 670 -67.66 -33.10 -12.11
C ALA C 670 -66.40 -32.50 -11.48
N ILE C 671 -66.41 -31.22 -11.13
CA ILE C 671 -65.22 -30.64 -10.52
C ILE C 671 -65.15 -31.38 -9.22
N VAL C 672 -64.19 -32.28 -9.12
CA VAL C 672 -64.12 -33.16 -7.97
C VAL C 672 -63.73 -32.38 -6.71
N GLU C 673 -63.05 -31.25 -6.85
CA GLU C 673 -62.69 -30.50 -5.64
C GLU C 673 -63.23 -29.06 -5.50
N LEU C 674 -64.44 -28.82 -6.00
CA LEU C 674 -65.13 -27.57 -5.71
C LEU C 674 -66.50 -27.84 -5.10
N GLY C 675 -66.89 -29.10 -5.09
CA GLY C 675 -68.14 -29.46 -4.46
C GLY C 675 -67.98 -30.83 -3.87
N THR C 676 -68.55 -31.03 -2.69
CA THR C 676 -68.51 -32.33 -2.02
C THR C 676 -69.58 -33.19 -2.69
N ALA C 677 -70.59 -32.53 -3.29
CA ALA C 677 -71.74 -33.21 -3.89
C ALA C 677 -72.32 -32.49 -5.10
N THR C 678 -73.33 -33.13 -5.69
CA THR C 678 -74.01 -32.64 -6.87
C THR C 678 -74.97 -31.50 -6.51
N GLY C 679 -75.16 -30.54 -7.43
CA GLY C 679 -76.03 -29.41 -7.18
C GLY C 679 -75.35 -28.15 -6.66
N PHE C 680 -75.74 -27.70 -5.47
CA PHE C 680 -75.27 -26.42 -4.99
C PHE C 680 -74.81 -26.43 -3.55
N ASP C 681 -74.19 -25.33 -3.14
CA ASP C 681 -73.76 -25.15 -1.75
C ASP C 681 -73.74 -23.66 -1.48
N PHE C 682 -74.83 -23.27 -0.84
CA PHE C 682 -75.26 -21.92 -0.56
C PHE C 682 -74.64 -21.39 0.74
N GLU C 683 -74.39 -20.11 0.79
CA GLU C 683 -73.82 -19.52 1.99
C GLU C 683 -74.77 -18.52 2.58
N LEU C 684 -75.18 -18.77 3.82
CA LEU C 684 -75.98 -17.84 4.60
C LEU C 684 -75.01 -17.02 5.47
N ILE C 685 -75.07 -15.69 5.42
CA ILE C 685 -74.03 -14.89 6.09
C ILE C 685 -74.65 -13.88 7.07
N ASP C 686 -73.94 -13.64 8.17
CA ASP C 686 -74.28 -12.61 9.16
C ASP C 686 -73.43 -11.36 8.97
N GLN C 687 -74.07 -10.26 8.57
CA GLN C 687 -73.38 -9.04 8.18
C GLN C 687 -73.26 -8.02 9.33
N ALA C 688 -74.38 -7.49 9.80
CA ALA C 688 -74.33 -6.50 10.86
C ALA C 688 -74.43 -7.17 12.22
N GLY C 689 -74.56 -6.34 13.26
CA GLY C 689 -74.67 -6.83 14.61
C GLY C 689 -75.90 -7.71 14.80
N LEU C 690 -75.85 -8.96 14.32
CA LEU C 690 -76.99 -9.90 14.48
C LEU C 690 -76.77 -11.24 15.26
N GLY C 691 -75.58 -11.47 15.82
CA GLY C 691 -75.26 -12.64 16.67
C GLY C 691 -75.70 -14.08 16.37
N HIS C 692 -75.00 -15.04 16.96
CA HIS C 692 -75.19 -16.46 16.66
C HIS C 692 -76.64 -16.98 16.69
N GLU C 693 -77.36 -16.55 17.70
CA GLU C 693 -78.73 -16.99 17.97
C GLU C 693 -79.63 -16.76 16.76
N LYS C 694 -79.65 -15.51 16.33
CA LYS C 694 -80.48 -15.04 15.25
C LYS C 694 -80.03 -15.64 13.93
N LEU C 695 -78.74 -15.93 13.83
CA LEU C 695 -78.18 -16.56 12.64
C LEU C 695 -78.75 -17.97 12.49
N THR C 696 -78.62 -18.78 13.55
CA THR C 696 -79.16 -20.15 13.56
C THR C 696 -80.68 -20.09 13.28
N GLN C 697 -81.34 -19.07 13.86
CA GLN C 697 -82.77 -18.89 13.66
C GLN C 697 -83.16 -18.56 12.21
N ALA C 698 -82.46 -17.63 11.60
CA ALA C 698 -82.66 -17.30 10.20
C ALA C 698 -82.39 -18.53 9.31
N ARG C 699 -81.45 -19.39 9.69
CA ARG C 699 -81.19 -20.61 8.88
C ARG C 699 -82.31 -21.65 8.98
N ASN C 700 -82.83 -21.90 10.18
CA ASN C 700 -84.01 -22.77 10.30
C ASN C 700 -85.20 -22.16 9.59
N GLN C 701 -85.25 -20.83 9.61
CA GLN C 701 -86.22 -20.06 8.83
C GLN C 701 -86.12 -20.42 7.33
N LEU C 702 -84.90 -20.36 6.77
CA LEU C 702 -84.66 -20.67 5.35
C LEU C 702 -84.82 -22.13 4.95
N LEU C 703 -84.50 -23.04 5.86
CA LEU C 703 -84.63 -24.45 5.58
C LEU C 703 -86.08 -24.90 5.63
N ALA C 704 -86.79 -24.40 6.63
CA ALA C 704 -88.21 -24.74 6.75
C ALA C 704 -89.02 -24.08 5.63
N GLU C 705 -88.72 -22.83 5.31
CA GLU C 705 -89.41 -22.15 4.21
C GLU C 705 -89.00 -22.68 2.83
N ALA C 706 -87.86 -23.36 2.76
CA ALA C 706 -87.41 -23.96 1.49
C ALA C 706 -87.91 -25.37 1.29
N ALA C 707 -88.34 -26.02 2.38
CA ALA C 707 -88.81 -27.41 2.31
C ALA C 707 -90.20 -27.58 1.68
N LYS C 708 -90.89 -26.46 1.45
CA LYS C 708 -92.25 -26.47 0.88
C LYS C 708 -92.25 -26.68 -0.64
N HIS C 709 -91.09 -26.97 -1.21
CA HIS C 709 -90.97 -27.21 -2.64
C HIS C 709 -90.37 -28.59 -2.99
N PRO C 710 -91.23 -29.62 -3.12
CA PRO C 710 -90.72 -30.93 -3.51
C PRO C 710 -90.51 -31.03 -5.01
N ASP C 711 -90.89 -29.95 -5.70
CA ASP C 711 -90.84 -29.85 -7.15
C ASP C 711 -89.60 -29.14 -7.69
N MET C 712 -88.85 -28.52 -6.78
CA MET C 712 -87.66 -27.73 -7.09
C MET C 712 -86.41 -28.19 -6.37
N LEU C 713 -86.50 -28.22 -5.04
CA LEU C 713 -85.36 -28.57 -4.22
C LEU C 713 -85.56 -29.96 -3.63
N THR C 714 -84.45 -30.63 -3.32
CA THR C 714 -84.47 -31.98 -2.76
C THR C 714 -83.31 -32.09 -1.76
N SER C 715 -83.60 -32.53 -0.54
CA SER C 715 -82.56 -32.72 0.47
C SER C 715 -81.68 -31.49 0.69
N VAL C 716 -82.32 -30.35 0.89
CA VAL C 716 -81.61 -29.13 1.27
C VAL C 716 -81.32 -29.33 2.76
N ARG C 717 -80.04 -29.42 3.09
CA ARG C 717 -79.61 -29.66 4.47
C ARG C 717 -78.62 -28.57 4.91
N PRO C 718 -78.44 -28.35 6.23
CA PRO C 718 -77.30 -27.53 6.62
C PRO C 718 -76.07 -28.46 6.78
N ASN C 719 -74.90 -27.93 6.48
CA ASN C 719 -73.68 -28.72 6.59
C ASN C 719 -72.92 -28.28 7.82
N GLY C 720 -73.29 -28.83 8.97
CA GLY C 720 -72.62 -28.51 10.21
C GLY C 720 -73.17 -29.25 11.43
N LEU C 721 -72.72 -28.82 12.61
CA LEU C 721 -73.11 -29.41 13.88
C LEU C 721 -73.85 -28.41 14.79
N GLU C 722 -75.01 -28.82 15.30
CA GLU C 722 -75.84 -27.94 16.13
C GLU C 722 -75.36 -27.78 17.58
N ASP C 723 -75.77 -26.69 18.22
CA ASP C 723 -75.44 -26.37 19.61
C ASP C 723 -75.73 -27.53 20.57
N THR C 724 -74.71 -27.95 21.31
CA THR C 724 -74.89 -29.01 22.33
C THR C 724 -74.76 -28.45 23.76
N PRO C 725 -75.24 -29.20 24.75
CA PRO C 725 -75.06 -28.71 26.13
C PRO C 725 -73.67 -29.05 26.70
N GLN C 726 -73.06 -28.11 27.42
CA GLN C 726 -71.77 -28.35 28.07
C GLN C 726 -71.91 -28.38 29.60
N PHE C 727 -70.86 -28.79 30.29
CA PHE C 727 -70.90 -28.98 31.74
C PHE C 727 -69.76 -28.24 32.40
N LYS C 728 -70.05 -27.09 32.98
CA LYS C 728 -68.98 -26.30 33.58
C LYS C 728 -68.73 -26.79 34.99
N ILE C 729 -67.46 -27.06 35.25
CA ILE C 729 -66.99 -27.47 36.57
C ILE C 729 -66.28 -26.31 37.24
N ASP C 730 -67.01 -25.53 38.03
CA ASP C 730 -66.41 -24.38 38.71
C ASP C 730 -65.64 -24.73 39.96
N ILE C 731 -64.32 -24.62 39.87
CA ILE C 731 -63.46 -24.79 41.03
C ILE C 731 -63.25 -23.44 41.76
N ASP C 732 -63.65 -23.40 43.03
CA ASP C 732 -63.48 -22.23 43.91
C ASP C 732 -62.09 -22.17 44.54
N GLN C 733 -61.19 -21.38 43.95
CA GLN C 733 -59.80 -21.27 44.42
C GLN C 733 -59.66 -21.11 45.94
N GLU C 734 -60.63 -20.43 46.55
CA GLU C 734 -60.62 -20.14 48.00
C GLU C 734 -60.60 -21.42 48.83
N LYS C 735 -61.54 -22.30 48.54
CA LYS C 735 -61.69 -23.52 49.33
C LYS C 735 -60.46 -24.42 49.26
N ALA C 736 -59.82 -24.48 48.09
CA ALA C 736 -58.68 -25.38 47.91
C ALA C 736 -57.34 -24.76 48.30
N GLN C 737 -57.27 -23.43 48.25
CA GLN C 737 -56.13 -22.70 48.82
C GLN C 737 -56.20 -22.85 50.33
N ALA C 738 -57.41 -23.09 50.82
CA ALA C 738 -57.62 -23.37 52.25
C ALA C 738 -57.18 -24.81 52.61
N LEU C 739 -57.78 -25.83 51.98
CA LEU C 739 -57.50 -27.20 52.41
C LEU C 739 -56.05 -27.61 52.21
N GLY C 740 -55.29 -26.79 51.49
CA GLY C 740 -53.88 -27.05 51.30
C GLY C 740 -53.57 -27.94 50.11
N VAL C 741 -54.51 -28.02 49.16
CA VAL C 741 -54.26 -28.73 47.90
C VAL C 741 -53.73 -27.74 46.86
N SER C 742 -52.92 -28.26 45.92
CA SER C 742 -52.34 -27.44 44.87
C SER C 742 -53.22 -27.38 43.63
N ILE C 743 -53.52 -26.15 43.19
CA ILE C 743 -54.41 -25.95 42.05
C ILE C 743 -53.85 -26.52 40.76
N ASN C 744 -52.53 -26.46 40.63
CA ASN C 744 -51.85 -27.08 39.52
C ASN C 744 -52.29 -28.54 39.40
N ASP C 745 -52.11 -29.29 40.48
CA ASP C 745 -52.39 -30.74 40.52
C ASP C 745 -53.87 -31.08 40.34
N ILE C 746 -54.77 -30.18 40.75
CA ILE C 746 -56.22 -30.34 40.55
C ILE C 746 -56.58 -30.11 39.08
N ASN C 747 -56.02 -29.03 38.50
CA ASN C 747 -56.18 -28.74 37.09
C ASN C 747 -55.76 -29.96 36.31
N THR C 748 -54.49 -30.32 36.43
CA THR C 748 -53.97 -31.41 35.63
C THR C 748 -54.50 -32.81 36.01
N THR C 749 -55.09 -33.01 37.17
CA THR C 749 -55.68 -34.34 37.37
C THR C 749 -57.02 -34.37 36.67
N LEU C 750 -57.79 -33.28 36.77
CA LEU C 750 -59.06 -33.22 36.04
C LEU C 750 -58.76 -33.44 34.54
N GLY C 751 -57.69 -32.78 34.11
CA GLY C 751 -57.07 -33.00 32.83
C GLY C 751 -56.75 -34.48 32.69
N ALA C 752 -55.48 -34.85 32.85
CA ALA C 752 -54.98 -36.16 32.43
C ALA C 752 -55.90 -37.34 32.71
N ALA C 753 -56.83 -37.17 33.66
CA ALA C 753 -57.86 -38.18 33.86
C ALA C 753 -58.87 -38.09 32.73
N TRP C 754 -59.45 -36.93 32.54
CA TRP C 754 -60.60 -36.82 31.64
C TRP C 754 -60.26 -36.44 30.17
N GLY C 755 -59.12 -35.80 29.96
CA GLY C 755 -58.63 -35.57 28.62
C GLY C 755 -57.54 -36.53 28.20
N GLY C 756 -56.59 -36.76 29.11
CA GLY C 756 -55.45 -37.61 28.83
C GLY C 756 -54.20 -36.76 28.83
N SER C 757 -53.05 -37.38 28.82
CA SER C 757 -51.86 -36.57 28.71
C SER C 757 -50.83 -37.23 27.86
N TYR C 758 -50.57 -36.57 26.75
CA TYR C 758 -49.40 -36.90 25.97
C TYR C 758 -48.33 -36.40 26.93
N VAL C 759 -47.43 -37.28 27.33
CA VAL C 759 -46.37 -36.86 28.23
C VAL C 759 -45.06 -36.87 27.49
N ASN C 760 -44.60 -38.04 27.10
CA ASN C 760 -43.29 -38.10 26.49
C ASN C 760 -43.27 -39.33 25.57
N ASP C 761 -42.14 -39.63 24.94
CA ASP C 761 -42.11 -40.62 23.85
C ASP C 761 -41.51 -42.01 24.22
N PHE C 762 -42.01 -43.09 23.61
CA PHE C 762 -41.31 -44.37 23.75
C PHE C 762 -40.95 -45.04 22.40
N ILE C 763 -40.44 -46.26 22.44
CA ILE C 763 -39.95 -46.87 21.21
C ILE C 763 -40.52 -48.28 20.94
N ASP C 764 -41.53 -48.36 20.09
CA ASP C 764 -42.21 -49.62 19.77
C ASP C 764 -41.70 -50.27 18.48
N ARG C 765 -41.07 -51.43 18.61
CA ARG C 765 -40.67 -52.22 17.44
C ARG C 765 -39.71 -51.52 16.49
N GLY C 766 -39.20 -50.36 16.89
CA GLY C 766 -38.28 -49.61 16.05
C GLY C 766 -38.74 -48.18 15.78
N ARG C 767 -40.00 -47.89 16.08
CA ARG C 767 -40.57 -46.56 15.80
C ARG C 767 -41.03 -45.74 17.00
N VAL C 768 -40.48 -44.56 17.13
CA VAL C 768 -40.86 -43.66 18.19
C VAL C 768 -42.36 -43.45 18.14
N LYS C 769 -43.01 -43.56 19.30
CA LYS C 769 -44.45 -43.34 19.42
C LYS C 769 -44.75 -42.58 20.71
N LYS C 770 -46.02 -42.27 20.90
CA LYS C 770 -46.44 -41.39 21.97
C LYS C 770 -46.73 -42.17 23.25
N VAL C 771 -46.79 -41.46 24.38
CA VAL C 771 -47.27 -42.04 25.63
C VAL C 771 -48.36 -41.20 26.26
N TYR C 772 -49.58 -41.73 26.28
CA TYR C 772 -50.73 -41.02 26.85
C TYR C 772 -51.17 -41.70 28.17
N VAL C 773 -51.59 -40.91 29.16
CA VAL C 773 -52.06 -41.53 30.40
C VAL C 773 -53.42 -41.00 30.78
N MET C 774 -54.39 -41.88 30.73
CA MET C 774 -55.70 -41.36 30.90
C MET C 774 -56.52 -42.30 31.78
N SER C 775 -57.51 -41.72 32.45
CA SER C 775 -58.42 -42.48 33.30
C SER C 775 -59.13 -43.60 32.54
N GLU C 776 -59.35 -44.73 33.20
CA GLU C 776 -60.04 -45.85 32.57
C GLU C 776 -61.46 -45.48 32.14
N ALA C 777 -62.05 -46.42 31.43
CA ALA C 777 -63.36 -46.30 30.81
C ALA C 777 -64.36 -45.81 31.81
N LYS C 778 -64.40 -46.50 32.96
CA LYS C 778 -65.51 -46.37 33.91
C LYS C 778 -65.49 -45.17 34.84
N TYR C 779 -64.42 -44.39 34.87
CA TYR C 779 -64.34 -43.31 35.84
C TYR C 779 -64.48 -41.92 35.23
N ARG C 780 -65.09 -41.83 34.04
CA ARG C 780 -65.34 -40.54 33.39
C ARG C 780 -66.44 -40.58 32.33
N MET C 781 -67.59 -41.19 32.64
CA MET C 781 -68.72 -41.31 31.71
C MET C 781 -69.86 -40.40 32.12
N LEU C 782 -70.25 -40.46 33.39
CA LEU C 782 -71.30 -39.61 33.96
C LEU C 782 -70.70 -38.76 35.09
N PRO C 783 -71.21 -37.52 35.29
CA PRO C 783 -70.60 -36.52 36.19
C PRO C 783 -70.33 -36.98 37.64
N ASP C 784 -71.01 -38.03 38.09
CA ASP C 784 -70.75 -38.61 39.39
C ASP C 784 -69.28 -39.00 39.56
N ASP C 785 -68.69 -39.51 38.50
CA ASP C 785 -67.30 -39.96 38.55
C ASP C 785 -66.34 -38.82 38.90
N ILE C 786 -66.78 -37.58 38.69
CA ILE C 786 -65.97 -36.42 39.03
C ILE C 786 -65.61 -36.50 40.50
N GLY C 787 -66.57 -36.94 41.32
CA GLY C 787 -66.39 -37.13 42.75
C GLY C 787 -65.28 -38.11 43.08
N ASP C 788 -65.17 -39.20 42.33
CA ASP C 788 -64.20 -40.27 42.64
C ASP C 788 -62.71 -39.95 42.52
N TRP C 789 -62.36 -38.69 42.29
CA TRP C 789 -60.96 -38.37 41.98
C TRP C 789 -60.35 -37.47 43.06
N TYR C 790 -59.18 -37.86 43.56
CA TYR C 790 -58.60 -37.23 44.75
C TYR C 790 -57.23 -36.65 44.47
N VAL C 791 -57.02 -35.45 45.03
CA VAL C 791 -55.72 -34.78 44.97
C VAL C 791 -55.00 -34.72 46.33
N ARG C 792 -53.70 -35.00 46.32
CA ARG C 792 -52.94 -35.06 47.56
C ARG C 792 -52.42 -33.69 47.93
N ALA C 793 -52.80 -33.23 49.11
CA ALA C 793 -52.47 -31.87 49.53
C ALA C 793 -51.04 -31.72 50.04
N ALA C 794 -50.65 -30.48 50.31
CA ALA C 794 -49.33 -30.21 50.85
C ALA C 794 -49.31 -30.72 52.28
N ASP C 795 -50.50 -30.82 52.88
CA ASP C 795 -50.64 -31.29 54.26
C ASP C 795 -50.73 -32.82 54.38
N GLY C 796 -50.70 -33.53 53.26
CA GLY C 796 -50.61 -34.98 53.27
C GLY C 796 -51.91 -35.75 53.08
N GLN C 797 -53.03 -35.03 53.07
CA GLN C 797 -54.38 -35.63 53.01
C GLN C 797 -55.11 -35.56 51.65
N MET C 798 -55.68 -36.68 51.21
CA MET C 798 -56.47 -36.70 49.97
C MET C 798 -57.74 -35.83 50.15
N VAL C 799 -58.28 -35.33 49.04
CA VAL C 799 -59.50 -34.51 49.03
C VAL C 799 -60.35 -34.88 47.82
N PRO C 800 -61.66 -35.11 48.01
CA PRO C 800 -62.52 -35.43 46.86
C PRO C 800 -62.77 -34.20 46.01
N PHE C 801 -63.31 -34.36 44.81
CA PHE C 801 -63.62 -33.18 44.01
C PHE C 801 -64.77 -32.38 44.59
N SER C 802 -65.82 -33.07 45.00
CA SER C 802 -67.02 -32.43 45.53
C SER C 802 -66.77 -31.54 46.74
N ALA C 803 -65.52 -31.58 47.24
CA ALA C 803 -65.08 -30.71 48.33
C ALA C 803 -64.76 -29.29 47.83
N PHE C 804 -64.46 -29.15 46.54
CA PHE C 804 -64.25 -27.83 45.93
C PHE C 804 -64.76 -27.69 44.51
N SER C 805 -65.71 -28.54 44.11
CA SER C 805 -66.23 -28.52 42.76
C SER C 805 -67.73 -28.23 42.67
N SER C 806 -68.08 -27.03 42.24
CA SER C 806 -69.46 -26.73 41.85
C SER C 806 -69.69 -27.22 40.42
N SER C 807 -70.90 -27.64 40.07
CA SER C 807 -71.12 -28.24 38.76
C SER C 807 -72.44 -27.83 38.10
N ARG C 808 -72.42 -27.43 36.83
CA ARG C 808 -73.70 -27.09 36.15
C ARG C 808 -73.76 -27.35 34.64
N TRP C 809 -74.96 -27.19 34.06
CA TRP C 809 -75.12 -27.30 32.60
C TRP C 809 -75.33 -25.95 31.92
N GLU C 810 -74.82 -25.84 30.69
CA GLU C 810 -74.89 -24.61 29.91
C GLU C 810 -75.00 -25.07 28.49
N TYR C 811 -75.04 -24.14 27.55
CA TYR C 811 -75.05 -24.55 26.17
C TYR C 811 -73.72 -24.22 25.54
N GLY C 812 -73.60 -24.55 24.26
CA GLY C 812 -72.43 -24.15 23.49
C GLY C 812 -72.50 -24.50 22.02
N SER C 813 -71.68 -23.79 21.25
CA SER C 813 -71.49 -24.10 19.85
C SER C 813 -70.26 -24.99 19.78
N PRO C 814 -70.37 -26.14 19.10
CA PRO C 814 -69.21 -27.03 18.97
C PRO C 814 -68.42 -26.81 17.69
N ARG C 815 -69.02 -26.09 16.77
CA ARG C 815 -68.46 -25.89 15.45
C ARG C 815 -68.99 -24.60 14.85
N LEU C 816 -68.12 -23.61 14.81
CA LEU C 816 -68.43 -22.27 14.36
C LEU C 816 -68.02 -22.04 12.90
N GLU C 817 -68.99 -21.82 12.00
CA GLU C 817 -68.70 -21.62 10.57
C GLU C 817 -68.49 -20.14 10.23
N ARG C 818 -67.53 -19.86 9.34
CA ARG C 818 -67.26 -18.50 8.85
C ARG C 818 -67.03 -18.44 7.33
N TYR C 819 -67.68 -17.51 6.65
CA TYR C 819 -67.41 -17.23 5.24
C TYR C 819 -67.01 -15.76 5.05
N ASN C 820 -65.73 -15.56 4.73
CA ASN C 820 -65.15 -14.24 4.46
C ASN C 820 -65.15 -13.32 5.66
N GLY C 821 -64.86 -13.89 6.82
CA GLY C 821 -64.55 -13.10 7.99
C GLY C 821 -65.59 -12.96 9.08
N LEU C 822 -66.86 -13.20 8.75
CA LEU C 822 -67.95 -13.04 9.72
C LEU C 822 -68.77 -14.35 9.86
N PRO C 823 -69.41 -14.58 11.03
CA PRO C 823 -70.12 -15.85 11.27
C PRO C 823 -71.21 -16.15 10.25
N SER C 824 -71.20 -17.41 9.78
CA SER C 824 -72.02 -17.84 8.66
C SER C 824 -72.47 -19.29 8.77
N MET C 825 -73.48 -19.67 7.98
CA MET C 825 -73.89 -21.06 7.89
C MET C 825 -74.12 -21.53 6.45
N GLU C 826 -73.45 -22.64 6.12
CA GLU C 826 -73.41 -23.23 4.78
C GLU C 826 -74.60 -24.16 4.60
N ILE C 827 -75.36 -23.98 3.53
CA ILE C 827 -76.49 -24.85 3.28
C ILE C 827 -76.23 -25.68 2.01
N LEU C 828 -76.13 -27.00 2.14
CA LEU C 828 -76.02 -27.85 0.95
C LEU C 828 -77.41 -28.08 0.37
N GLY C 829 -77.50 -28.66 -0.81
CA GLY C 829 -78.80 -28.92 -1.43
C GLY C 829 -78.73 -29.31 -2.90
N GLN C 830 -79.78 -29.94 -3.40
CA GLN C 830 -79.80 -30.39 -4.78
C GLN C 830 -81.04 -29.91 -5.53
N ALA C 831 -81.12 -30.21 -6.82
CA ALA C 831 -82.30 -29.86 -7.60
C ALA C 831 -83.16 -31.13 -7.76
N ALA C 832 -84.47 -30.95 -7.82
CA ALA C 832 -85.42 -32.05 -7.98
C ALA C 832 -85.04 -32.98 -9.12
N PRO C 833 -85.48 -34.26 -9.05
CA PRO C 833 -85.17 -35.28 -10.05
C PRO C 833 -85.20 -34.77 -11.51
N GLY C 834 -86.15 -33.88 -11.84
CA GLY C 834 -86.20 -33.27 -13.16
C GLY C 834 -85.36 -32.03 -13.00
N LYS C 835 -84.09 -32.19 -13.37
CA LYS C 835 -83.00 -31.42 -12.78
C LYS C 835 -82.32 -30.31 -13.55
N SER C 836 -82.06 -29.23 -12.83
CA SER C 836 -81.15 -28.20 -13.30
C SER C 836 -80.63 -27.50 -12.07
N THR C 837 -79.31 -27.39 -12.01
CA THR C 837 -78.63 -26.79 -10.89
C THR C 837 -79.08 -25.33 -10.79
N GLY C 838 -79.29 -24.72 -11.95
CA GLY C 838 -79.64 -23.31 -12.02
C GLY C 838 -81.03 -22.99 -11.49
N GLU C 839 -81.95 -23.91 -11.70
CA GLU C 839 -83.27 -23.75 -11.15
C GLU C 839 -83.22 -23.72 -9.63
N ALA C 840 -82.52 -24.69 -9.04
CA ALA C 840 -82.40 -24.78 -7.59
C ALA C 840 -81.69 -23.56 -7.00
N MET C 841 -80.64 -23.09 -7.68
CA MET C 841 -79.91 -21.90 -7.23
C MET C 841 -80.85 -20.68 -7.32
N GLU C 842 -81.69 -20.64 -8.35
CA GLU C 842 -82.65 -19.53 -8.54
C GLU C 842 -83.75 -19.47 -7.48
N LEU C 843 -84.41 -20.60 -7.26
CA LEU C 843 -85.45 -20.71 -6.26
C LEU C 843 -84.83 -20.36 -4.93
N MET C 844 -83.62 -20.87 -4.71
CA MET C 844 -82.91 -20.59 -3.47
C MET C 844 -82.67 -19.11 -3.23
N GLU C 845 -82.11 -18.37 -4.20
CA GLU C 845 -81.91 -16.92 -3.98
C GLU C 845 -83.27 -16.20 -3.88
N GLN C 846 -84.35 -16.84 -4.35
CA GLN C 846 -85.69 -16.29 -4.18
C GLN C 846 -86.17 -16.53 -2.73
N LEU C 847 -85.56 -17.52 -2.09
CA LEU C 847 -85.75 -17.73 -0.67
C LEU C 847 -84.90 -16.78 0.18
N ALA C 848 -83.63 -16.61 -0.18
CA ALA C 848 -82.63 -15.90 0.64
C ALA C 848 -82.64 -14.34 0.83
N SER C 849 -83.36 -13.58 0.02
CA SER C 849 -83.47 -12.13 0.31
C SER C 849 -84.67 -11.87 1.25
N LYS C 850 -85.40 -12.96 1.56
CA LYS C 850 -86.61 -12.95 2.39
C LYS C 850 -86.36 -13.28 3.91
N LEU C 851 -85.17 -12.90 4.38
CA LEU C 851 -84.81 -13.07 5.79
C LEU C 851 -84.69 -11.67 6.40
N PRO C 852 -84.64 -11.56 7.74
CA PRO C 852 -84.54 -10.26 8.42
C PRO C 852 -83.42 -9.33 7.91
N THR C 853 -83.53 -8.02 8.17
CA THR C 853 -82.52 -7.05 7.73
C THR C 853 -81.16 -7.44 8.27
N GLY C 854 -80.18 -7.57 7.37
CA GLY C 854 -78.85 -7.96 7.82
C GLY C 854 -78.44 -9.42 7.72
N VAL C 855 -79.29 -10.28 7.18
CA VAL C 855 -78.89 -11.67 6.92
C VAL C 855 -78.82 -11.84 5.40
N GLY C 856 -77.66 -12.25 4.90
CA GLY C 856 -77.45 -12.32 3.45
C GLY C 856 -77.03 -13.63 2.82
N TYR C 857 -76.75 -13.61 1.52
CA TYR C 857 -76.43 -14.84 0.80
C TYR C 857 -75.16 -14.71 -0.05
N ASP C 858 -74.57 -15.85 -0.39
CA ASP C 858 -73.39 -15.88 -1.26
C ASP C 858 -73.25 -17.30 -1.78
N TRP C 859 -72.47 -17.49 -2.83
CA TRP C 859 -72.21 -18.81 -3.38
C TRP C 859 -70.72 -19.13 -3.38
N THR C 860 -70.38 -20.39 -3.17
CA THR C 860 -68.99 -20.76 -3.06
C THR C 860 -68.78 -22.06 -3.78
N GLY C 861 -67.52 -22.42 -4.04
CA GLY C 861 -67.15 -23.65 -4.71
C GLY C 861 -67.92 -23.82 -6.01
N MET C 862 -68.57 -24.97 -6.15
CA MET C 862 -69.29 -25.34 -7.36
C MET C 862 -70.24 -24.28 -7.83
N SER C 863 -71.12 -23.83 -6.96
CA SER C 863 -72.10 -22.90 -7.46
C SER C 863 -71.55 -21.50 -7.72
N TYR C 864 -70.35 -21.22 -7.19
CA TYR C 864 -69.66 -19.95 -7.43
C TYR C 864 -69.09 -20.01 -8.86
N GLN C 865 -68.41 -21.11 -9.17
CA GLN C 865 -67.89 -21.34 -10.50
C GLN C 865 -69.03 -21.38 -11.58
N GLU C 866 -70.22 -21.85 -11.20
CA GLU C 866 -71.34 -21.86 -12.13
C GLU C 866 -71.98 -20.47 -12.33
N ARG C 867 -71.85 -19.63 -11.30
CA ARG C 867 -72.38 -18.28 -11.38
C ARG C 867 -71.41 -17.44 -12.19
N LEU C 868 -70.15 -17.86 -12.21
CA LEU C 868 -69.15 -17.19 -13.03
C LEU C 868 -69.39 -17.61 -14.50
N SER C 869 -69.58 -18.91 -14.77
CA SER C 869 -69.87 -19.38 -16.13
C SER C 869 -71.06 -18.69 -16.80
N GLY C 870 -72.12 -18.49 -16.04
CA GLY C 870 -73.26 -17.77 -16.58
C GLY C 870 -73.10 -16.25 -16.67
N ASN C 871 -72.44 -15.66 -15.69
CA ASN C 871 -72.25 -14.19 -15.72
C ASN C 871 -71.24 -13.77 -16.78
N GLN C 872 -70.47 -14.74 -17.26
CA GLN C 872 -69.47 -14.54 -18.31
C GLN C 872 -70.03 -14.85 -19.70
N ALA C 873 -70.94 -15.85 -19.80
CA ALA C 873 -71.56 -16.28 -21.08
C ALA C 873 -71.96 -15.18 -22.11
N PRO C 874 -72.55 -14.03 -21.67
CA PRO C 874 -72.91 -12.97 -22.62
C PRO C 874 -71.72 -12.23 -23.29
N SER C 875 -70.75 -11.80 -22.48
CA SER C 875 -69.58 -11.09 -23.01
C SER C 875 -68.79 -12.02 -23.97
N LEU C 876 -68.85 -13.33 -23.73
CA LEU C 876 -68.14 -14.29 -24.57
C LEU C 876 -68.83 -14.34 -25.90
N TYR C 877 -70.14 -14.13 -25.92
CA TYR C 877 -70.79 -14.20 -27.21
C TYR C 877 -70.75 -12.85 -27.93
N ALA C 878 -70.46 -11.78 -27.20
CA ALA C 878 -70.26 -10.51 -27.86
C ALA C 878 -68.87 -10.40 -28.48
N ILE C 879 -67.83 -10.70 -27.71
CA ILE C 879 -66.48 -10.66 -28.25
C ILE C 879 -66.21 -11.61 -29.44
N SER C 880 -66.57 -12.88 -29.32
CA SER C 880 -66.41 -13.86 -30.41
C SER C 880 -67.21 -13.46 -31.65
N LEU C 881 -68.40 -12.93 -31.48
CA LEU C 881 -69.12 -12.44 -32.64
C LEU C 881 -68.37 -11.27 -33.30
N ILE C 882 -67.85 -10.34 -32.49
CA ILE C 882 -67.14 -9.17 -33.01
C ILE C 882 -65.83 -9.54 -33.70
N VAL C 883 -65.13 -10.55 -33.19
CA VAL C 883 -63.89 -11.00 -33.81
C VAL C 883 -64.18 -11.64 -35.14
N VAL C 884 -65.15 -12.53 -35.22
CA VAL C 884 -65.47 -13.11 -36.51
C VAL C 884 -65.71 -11.98 -37.55
N PHE C 885 -66.49 -10.95 -37.16
CA PHE C 885 -66.84 -9.79 -38.01
C PHE C 885 -65.64 -8.97 -38.49
N LEU C 886 -64.77 -8.56 -37.56
CA LEU C 886 -63.57 -7.86 -37.97
C LEU C 886 -62.78 -8.77 -38.87
N CYS C 887 -62.61 -10.00 -38.43
CA CYS C 887 -61.82 -10.97 -39.16
C CYS C 887 -62.32 -11.08 -40.56
N LEU C 888 -63.63 -11.15 -40.74
CA LEU C 888 -64.15 -11.24 -42.11
C LEU C 888 -64.01 -9.93 -42.89
N ALA C 889 -64.31 -8.81 -42.24
CA ALA C 889 -64.15 -7.50 -42.86
C ALA C 889 -62.73 -7.31 -43.38
N ALA C 890 -61.77 -7.92 -42.70
CA ALA C 890 -60.39 -7.88 -43.12
C ALA C 890 -60.12 -8.81 -44.29
N LEU C 891 -60.41 -10.10 -44.13
CA LEU C 891 -60.09 -11.06 -45.19
C LEU C 891 -60.82 -10.68 -46.48
N TYR C 892 -62.13 -10.49 -46.39
CA TYR C 892 -62.91 -10.10 -47.56
C TYR C 892 -63.12 -8.59 -47.74
N GLU C 893 -62.12 -7.79 -47.40
CA GLU C 893 -62.08 -6.33 -47.63
C GLU C 893 -63.45 -5.62 -47.80
N SER C 894 -64.34 -5.85 -46.86
CA SER C 894 -65.71 -5.40 -47.02
C SER C 894 -66.43 -5.16 -45.70
N TRP C 895 -67.45 -4.33 -45.75
CA TRP C 895 -68.42 -4.23 -44.67
C TRP C 895 -69.73 -4.97 -44.99
N SER C 896 -69.89 -5.42 -46.22
CA SER C 896 -71.15 -6.00 -46.60
C SER C 896 -71.11 -7.48 -46.28
N ILE C 897 -69.99 -8.14 -46.60
CA ILE C 897 -69.87 -9.58 -46.35
C ILE C 897 -70.11 -9.79 -44.86
N PRO C 898 -69.47 -8.95 -43.98
CA PRO C 898 -69.83 -9.13 -42.58
C PRO C 898 -71.32 -9.00 -42.21
N PHE C 899 -72.08 -7.96 -42.55
CA PHE C 899 -73.46 -7.86 -42.06
C PHE C 899 -74.34 -8.98 -42.63
N SER C 900 -74.14 -9.27 -43.90
CA SER C 900 -74.86 -10.35 -44.52
C SER C 900 -74.38 -11.76 -44.07
N VAL C 901 -73.28 -11.85 -43.31
CA VAL C 901 -72.88 -13.15 -42.81
C VAL C 901 -73.25 -13.24 -41.37
N MET C 902 -73.20 -12.11 -40.69
CA MET C 902 -73.48 -11.98 -39.28
C MET C 902 -74.91 -12.25 -39.02
N LEU C 903 -75.75 -11.87 -39.96
CA LEU C 903 -77.18 -12.17 -39.80
C LEU C 903 -77.53 -13.68 -39.68
N VAL C 904 -76.64 -14.57 -40.09
CA VAL C 904 -76.86 -16.02 -40.05
C VAL C 904 -76.88 -16.67 -38.67
N VAL C 905 -76.22 -16.02 -37.71
CA VAL C 905 -75.96 -16.57 -36.37
C VAL C 905 -77.24 -17.08 -35.64
N PRO C 906 -78.34 -16.28 -35.63
CA PRO C 906 -79.60 -16.81 -35.13
C PRO C 906 -80.01 -18.12 -35.79
N LEU C 907 -80.00 -18.14 -37.11
CA LEU C 907 -80.43 -19.28 -37.91
C LEU C 907 -79.87 -20.61 -37.47
N GLY C 908 -78.82 -20.55 -36.66
CA GLY C 908 -78.19 -21.73 -36.11
C GLY C 908 -78.44 -21.80 -34.62
N VAL C 909 -78.49 -20.65 -33.94
CA VAL C 909 -78.67 -20.62 -32.49
C VAL C 909 -79.94 -21.34 -32.11
N ILE C 910 -81.00 -21.01 -32.85
CA ILE C 910 -82.37 -21.52 -32.61
C ILE C 910 -82.43 -23.04 -32.62
N GLY C 911 -81.73 -23.67 -33.56
CA GLY C 911 -81.61 -25.11 -33.61
C GLY C 911 -80.85 -25.70 -32.42
N ALA C 912 -79.90 -24.96 -31.87
CA ALA C 912 -79.16 -25.37 -30.68
C ALA C 912 -80.07 -25.32 -29.45
N LEU C 913 -80.83 -24.23 -29.33
CA LEU C 913 -81.79 -24.06 -28.26
C LEU C 913 -82.93 -25.04 -28.45
N LEU C 914 -83.44 -25.19 -29.66
CA LEU C 914 -84.43 -26.25 -29.96
C LEU C 914 -84.01 -27.59 -29.38
N ALA C 915 -82.86 -28.05 -29.86
CA ALA C 915 -82.28 -29.32 -29.46
C ALA C 915 -81.93 -29.34 -27.99
N ALA C 916 -81.61 -28.17 -27.46
CA ALA C 916 -81.31 -28.09 -26.05
C ALA C 916 -82.55 -28.45 -25.24
N THR C 917 -83.65 -27.79 -25.55
CA THR C 917 -84.87 -27.92 -24.75
C THR C 917 -85.73 -29.19 -25.05
N PHE C 918 -85.68 -29.69 -26.28
CA PHE C 918 -86.49 -30.86 -26.64
C PHE C 918 -85.87 -32.13 -26.05
N ARG C 919 -84.64 -32.00 -25.62
CA ARG C 919 -84.03 -33.01 -24.80
C ARG C 919 -83.94 -32.34 -23.43
N GLY C 920 -83.63 -33.05 -22.37
CA GLY C 920 -83.66 -32.43 -21.05
C GLY C 920 -82.46 -31.62 -20.62
N LEU C 921 -81.83 -30.96 -21.58
CA LEU C 921 -80.52 -30.35 -21.36
C LEU C 921 -80.53 -28.90 -20.82
N THR C 922 -79.36 -28.35 -20.60
CA THR C 922 -79.34 -27.07 -19.93
C THR C 922 -78.22 -26.11 -20.45
N ASN C 923 -78.40 -24.78 -20.31
CA ASN C 923 -77.39 -23.80 -20.71
C ASN C 923 -76.16 -23.90 -19.79
N ASP C 924 -75.48 -25.05 -19.83
CA ASP C 924 -74.31 -25.31 -19.02
C ASP C 924 -73.02 -24.92 -19.75
N VAL C 925 -71.86 -25.19 -19.17
CA VAL C 925 -70.60 -24.83 -19.79
C VAL C 925 -70.44 -25.44 -21.17
N TYR C 926 -70.65 -26.73 -21.26
CA TYR C 926 -70.53 -27.39 -22.53
C TYR C 926 -71.47 -26.77 -23.57
N PHE C 927 -72.71 -26.50 -23.19
CA PHE C 927 -73.66 -25.92 -24.12
C PHE C 927 -73.15 -24.60 -24.67
N GLN C 928 -72.39 -23.88 -23.85
CA GLN C 928 -71.87 -22.56 -24.23
C GLN C 928 -70.72 -22.73 -25.23
N VAL C 929 -69.81 -23.67 -24.96
CA VAL C 929 -68.85 -24.01 -26.01
C VAL C 929 -69.51 -24.41 -27.32
N GLY C 930 -70.48 -25.32 -27.25
CA GLY C 930 -71.26 -25.76 -28.39
C GLY C 930 -71.86 -24.61 -29.16
N LEU C 931 -72.41 -23.64 -28.44
CA LEU C 931 -72.93 -22.44 -29.08
C LEU C 931 -71.91 -21.68 -29.89
N LEU C 932 -70.77 -21.38 -29.27
CA LEU C 932 -69.70 -20.70 -30.01
C LEU C 932 -69.44 -21.44 -31.29
N THR C 933 -69.15 -22.72 -31.14
CA THR C 933 -69.01 -23.60 -32.28
C THR C 933 -70.07 -23.31 -33.32
N THR C 934 -71.32 -23.23 -32.89
CA THR C 934 -72.40 -23.07 -33.85
C THR C 934 -72.32 -21.70 -34.57
N ILE C 935 -71.90 -20.67 -33.85
CA ILE C 935 -71.61 -19.40 -34.53
C ILE C 935 -70.53 -19.62 -35.59
N GLY C 936 -69.61 -20.53 -35.27
CA GLY C 936 -68.53 -20.82 -36.16
C GLY C 936 -69.11 -21.36 -37.44
N LEU C 937 -69.77 -22.50 -37.36
CA LEU C 937 -70.22 -23.17 -38.54
C LEU C 937 -71.19 -22.39 -39.35
N SER C 938 -72.22 -21.86 -38.71
CA SER C 938 -73.14 -21.01 -39.44
C SER C 938 -72.34 -19.94 -40.26
N ALA C 939 -71.36 -19.27 -39.64
CA ALA C 939 -70.54 -18.31 -40.39
C ALA C 939 -69.80 -19.00 -41.53
N LYS C 940 -69.26 -20.16 -41.27
CA LYS C 940 -68.53 -20.88 -42.30
C LYS C 940 -69.36 -21.02 -43.57
N ASN C 941 -70.51 -21.66 -43.45
CA ASN C 941 -71.33 -21.84 -44.66
C ASN C 941 -71.73 -20.55 -45.37
N ALA C 942 -72.15 -19.55 -44.59
CA ALA C 942 -72.49 -18.26 -45.19
C ALA C 942 -71.29 -17.82 -46.01
N ILE C 943 -70.09 -17.98 -45.47
CA ILE C 943 -68.84 -17.62 -46.15
C ILE C 943 -68.61 -18.32 -47.50
N LEU C 944 -68.88 -19.62 -47.57
CA LEU C 944 -68.81 -20.24 -48.88
C LEU C 944 -69.68 -19.45 -49.83
N ILE C 945 -70.96 -19.29 -49.46
CA ILE C 945 -71.89 -18.60 -50.39
C ILE C 945 -71.52 -17.18 -50.77
N VAL C 946 -71.33 -16.37 -49.75
CA VAL C 946 -71.07 -14.96 -49.92
C VAL C 946 -69.77 -14.68 -50.65
N GLU C 947 -68.71 -15.37 -50.25
CA GLU C 947 -67.42 -15.16 -50.89
C GLU C 947 -67.59 -15.45 -52.41
N PHE C 948 -68.13 -16.62 -52.75
CA PHE C 948 -68.24 -16.99 -54.16
C PHE C 948 -69.05 -15.94 -54.91
N ALA C 949 -70.17 -15.56 -54.31
CA ALA C 949 -71.00 -14.54 -54.91
C ALA C 949 -70.25 -13.22 -55.25
N LYS C 950 -69.63 -12.53 -54.28
CA LYS C 950 -68.89 -11.30 -54.60
C LYS C 950 -67.81 -11.61 -55.64
N ASP C 951 -67.14 -12.77 -55.57
CA ASP C 951 -66.09 -13.11 -56.56
C ASP C 951 -66.59 -13.00 -57.95
N LEU C 952 -67.81 -13.45 -58.14
CA LEU C 952 -68.40 -13.39 -59.46
C LEU C 952 -68.70 -11.92 -59.79
N MET C 953 -69.42 -11.28 -58.90
CA MET C 953 -69.82 -9.89 -59.10
C MET C 953 -68.65 -9.03 -59.49
N ASP C 954 -67.51 -9.30 -58.87
CA ASP C 954 -66.35 -8.44 -59.06
C ASP C 954 -65.52 -8.94 -60.19
N LYS C 955 -64.87 -10.08 -60.01
CA LYS C 955 -63.94 -10.56 -61.02
C LYS C 955 -64.54 -11.39 -62.15
N GLU C 956 -65.82 -11.26 -62.40
CA GLU C 956 -66.40 -11.96 -63.54
C GLU C 956 -67.45 -11.08 -64.23
N GLY C 957 -67.90 -10.05 -63.51
CA GLY C 957 -68.75 -9.02 -64.08
C GLY C 957 -70.23 -9.21 -63.89
N LYS C 958 -70.60 -10.29 -63.22
CA LYS C 958 -72.02 -10.62 -63.04
C LYS C 958 -72.76 -9.53 -62.30
N GLY C 959 -74.08 -9.66 -62.35
CA GLY C 959 -74.97 -8.74 -61.69
C GLY C 959 -75.30 -9.34 -60.34
N LEU C 960 -75.90 -8.57 -59.46
CA LEU C 960 -76.17 -9.07 -58.12
C LEU C 960 -76.89 -10.43 -58.17
N ILE C 961 -78.16 -10.42 -58.58
CA ILE C 961 -78.97 -11.63 -58.49
C ILE C 961 -78.34 -12.83 -59.20
N GLU C 962 -77.88 -12.63 -60.44
CA GLU C 962 -77.28 -13.73 -61.19
C GLU C 962 -76.12 -14.41 -60.50
N ALA C 963 -75.25 -13.61 -59.91
CA ALA C 963 -74.07 -14.15 -59.27
C ALA C 963 -74.38 -14.76 -57.93
N THR C 964 -75.25 -14.14 -57.11
CA THR C 964 -75.57 -14.75 -55.82
C THR C 964 -76.28 -16.06 -56.06
N LEU C 965 -77.10 -16.09 -57.10
CA LEU C 965 -77.77 -17.32 -57.46
C LEU C 965 -76.77 -18.35 -57.93
N ASP C 966 -75.80 -17.90 -58.70
CA ASP C 966 -74.78 -18.79 -59.26
C ASP C 966 -73.92 -19.41 -58.16
N ALA C 967 -73.56 -18.58 -57.20
CA ALA C 967 -72.81 -19.05 -56.10
C ALA C 967 -73.65 -20.15 -55.55
N VAL C 968 -74.81 -19.74 -55.07
CA VAL C 968 -75.71 -20.62 -54.33
C VAL C 968 -75.92 -21.94 -55.05
N ARG C 969 -75.93 -21.91 -56.37
CA ARG C 969 -75.97 -23.15 -57.08
C ARG C 969 -74.73 -23.97 -56.88
N MET C 970 -73.57 -23.40 -57.21
CA MET C 970 -72.40 -24.27 -57.39
C MET C 970 -71.83 -24.80 -56.09
N ARG C 971 -72.04 -24.09 -55.01
CA ARG C 971 -71.37 -24.42 -53.77
C ARG C 971 -72.37 -24.99 -52.73
N LEU C 972 -73.53 -25.42 -53.21
CA LEU C 972 -74.52 -26.04 -52.32
C LEU C 972 -73.99 -27.35 -51.81
N ARG C 973 -73.56 -28.18 -52.74
CA ARG C 973 -73.01 -29.47 -52.40
C ARG C 973 -71.90 -29.43 -51.33
N PRO C 974 -70.95 -28.49 -51.44
CA PRO C 974 -70.02 -28.57 -50.31
C PRO C 974 -70.66 -28.19 -48.99
N ILE C 975 -71.61 -27.27 -48.96
CA ILE C 975 -72.38 -27.04 -47.74
C ILE C 975 -73.04 -28.32 -47.21
N LEU C 976 -73.70 -29.04 -48.11
CA LEU C 976 -74.37 -30.27 -47.70
C LEU C 976 -73.39 -31.34 -47.25
N MET C 977 -72.31 -31.46 -47.98
CA MET C 977 -71.30 -32.47 -47.80
C MET C 977 -70.65 -32.27 -46.46
N THR C 978 -70.30 -31.02 -46.19
CA THR C 978 -69.79 -30.62 -44.88
C THR C 978 -70.67 -30.96 -43.72
N SER C 979 -71.86 -30.39 -43.79
CA SER C 979 -72.75 -30.40 -42.67
C SER C 979 -73.11 -31.79 -42.32
N LEU C 980 -73.23 -32.61 -43.34
CA LEU C 980 -73.52 -34.01 -43.11
C LEU C 980 -72.36 -34.65 -42.44
N ALA C 981 -71.15 -34.41 -42.96
CA ALA C 981 -69.97 -34.93 -42.28
C ALA C 981 -69.95 -34.51 -40.83
N PHE C 982 -70.55 -33.37 -40.51
CA PHE C 982 -70.48 -32.89 -39.16
C PHE C 982 -71.52 -33.49 -38.26
N ILE C 983 -72.77 -33.31 -38.66
CA ILE C 983 -73.91 -33.81 -37.94
C ILE C 983 -73.65 -35.24 -37.60
N LEU C 984 -73.12 -35.97 -38.58
CA LEU C 984 -72.70 -37.32 -38.31
C LEU C 984 -71.38 -37.47 -37.50
N GLY C 985 -70.53 -36.47 -37.46
CA GLY C 985 -69.36 -36.70 -36.65
C GLY C 985 -69.71 -36.58 -35.17
N VAL C 986 -70.50 -35.57 -34.88
CA VAL C 986 -70.92 -35.24 -33.53
C VAL C 986 -72.05 -36.15 -33.02
N MET C 987 -72.81 -36.74 -33.94
CA MET C 987 -73.97 -37.51 -33.49
C MET C 987 -73.61 -38.58 -32.45
N PRO C 988 -72.64 -39.46 -32.74
CA PRO C 988 -72.28 -40.53 -31.79
C PRO C 988 -72.21 -40.05 -30.34
N LEU C 989 -71.76 -38.82 -30.14
CA LEU C 989 -71.85 -38.22 -28.81
C LEU C 989 -73.30 -38.17 -28.38
N VAL C 990 -74.18 -37.72 -29.27
CA VAL C 990 -75.55 -37.39 -28.88
C VAL C 990 -76.31 -38.60 -28.37
N ILE C 991 -76.07 -39.72 -29.03
CA ILE C 991 -76.56 -40.99 -28.55
C ILE C 991 -75.47 -41.62 -27.69
N SER C 992 -75.52 -41.38 -26.40
CA SER C 992 -74.47 -41.99 -25.60
C SER C 992 -75.13 -42.77 -24.49
N THR C 993 -74.90 -44.06 -24.62
CA THR C 993 -75.34 -45.09 -23.70
C THR C 993 -74.06 -45.53 -23.04
N GLY C 994 -73.71 -44.95 -21.91
CA GLY C 994 -72.41 -45.29 -21.38
C GLY C 994 -71.75 -44.30 -20.48
N ALA C 995 -70.69 -44.78 -19.85
CA ALA C 995 -70.03 -44.05 -18.78
C ALA C 995 -69.57 -42.69 -19.27
N GLY C 996 -70.00 -41.64 -18.59
CA GLY C 996 -69.62 -40.31 -18.98
C GLY C 996 -70.48 -39.75 -20.10
N SER C 997 -71.65 -40.34 -20.33
CA SER C 997 -72.53 -39.82 -21.38
C SER C 997 -73.06 -38.42 -21.03
N GLY C 998 -72.97 -37.98 -19.79
CA GLY C 998 -73.51 -36.69 -19.45
C GLY C 998 -72.82 -35.63 -20.26
N ALA C 999 -71.51 -35.71 -20.22
CA ALA C 999 -70.64 -34.89 -21.02
C ALA C 999 -70.94 -35.00 -22.54
N GLN C 1000 -70.69 -36.18 -23.09
CA GLN C 1000 -70.89 -36.40 -24.52
C GLN C 1000 -72.25 -35.90 -25.07
N ASN C 1001 -73.33 -36.12 -24.33
CA ASN C 1001 -74.64 -35.57 -24.69
C ASN C 1001 -74.73 -34.04 -24.62
N ALA C 1002 -74.25 -33.42 -23.55
CA ALA C 1002 -74.28 -31.96 -23.52
C ALA C 1002 -73.49 -31.36 -24.68
N VAL C 1003 -72.35 -31.98 -25.01
CA VAL C 1003 -71.52 -31.52 -26.12
C VAL C 1003 -72.18 -31.77 -27.50
N GLY C 1004 -72.34 -33.04 -27.87
CA GLY C 1004 -72.97 -33.42 -29.12
C GLY C 1004 -74.32 -32.82 -29.46
N THR C 1005 -75.32 -32.88 -28.57
CA THR C 1005 -76.66 -32.37 -28.87
C THR C 1005 -76.80 -30.91 -29.34
N GLY C 1006 -76.48 -29.97 -28.47
CA GLY C 1006 -76.69 -28.57 -28.80
C GLY C 1006 -76.12 -28.23 -30.16
N VAL C 1007 -74.90 -28.67 -30.41
CA VAL C 1007 -74.25 -28.43 -31.69
C VAL C 1007 -74.99 -29.12 -32.81
N MET C 1008 -75.43 -30.33 -32.55
CA MET C 1008 -76.04 -31.08 -33.62
C MET C 1008 -77.22 -30.34 -34.15
N GLY C 1009 -78.09 -29.92 -33.25
CA GLY C 1009 -79.24 -29.15 -33.68
C GLY C 1009 -78.81 -27.88 -34.39
N GLY C 1010 -77.85 -27.18 -33.79
CA GLY C 1010 -77.33 -25.96 -34.37
C GLY C 1010 -76.93 -26.14 -35.83
N MET C 1011 -76.20 -27.20 -36.12
CA MET C 1011 -75.78 -27.41 -37.47
C MET C 1011 -77.02 -27.67 -38.30
N VAL C 1012 -77.92 -28.50 -37.78
CA VAL C 1012 -79.14 -28.81 -38.53
C VAL C 1012 -79.90 -27.57 -39.02
N THR C 1013 -80.40 -26.75 -38.12
CA THR C 1013 -81.10 -25.55 -38.58
C THR C 1013 -80.18 -24.54 -39.22
N ALA C 1014 -78.89 -24.57 -38.89
CA ALA C 1014 -77.97 -23.64 -39.52
C ALA C 1014 -77.97 -23.91 -40.99
N THR C 1015 -77.56 -25.09 -41.38
CA THR C 1015 -77.51 -25.39 -42.79
C THR C 1015 -78.89 -25.26 -43.44
N VAL C 1016 -79.88 -25.98 -42.95
CA VAL C 1016 -81.17 -25.96 -43.67
C VAL C 1016 -81.92 -24.64 -43.61
N LEU C 1017 -81.56 -23.72 -42.73
CA LEU C 1017 -82.23 -22.41 -42.76
C LEU C 1017 -81.41 -21.41 -43.54
N ALA C 1018 -80.10 -21.46 -43.35
CA ALA C 1018 -79.18 -20.55 -44.01
C ALA C 1018 -79.16 -20.75 -45.51
N ILE C 1019 -79.20 -22.00 -45.99
CA ILE C 1019 -79.03 -22.15 -47.44
C ILE C 1019 -80.14 -21.54 -48.24
N PHE C 1020 -81.13 -20.98 -47.56
CA PHE C 1020 -82.20 -20.24 -48.18
C PHE C 1020 -82.16 -18.82 -47.62
N PHE C 1021 -81.51 -18.65 -46.47
CA PHE C 1021 -81.59 -17.34 -45.86
C PHE C 1021 -80.36 -16.46 -46.19
N VAL C 1022 -79.18 -17.05 -46.27
CA VAL C 1022 -78.03 -16.25 -46.62
C VAL C 1022 -78.20 -15.42 -47.92
N PRO C 1023 -78.67 -16.02 -49.04
CA PRO C 1023 -78.70 -15.15 -50.20
C PRO C 1023 -79.76 -14.04 -50.09
N VAL C 1024 -80.61 -14.10 -49.08
CA VAL C 1024 -81.58 -13.04 -48.97
C VAL C 1024 -80.91 -11.87 -48.29
N PHE C 1025 -80.22 -12.17 -47.18
CA PHE C 1025 -79.38 -11.22 -46.47
C PHE C 1025 -78.53 -10.51 -47.47
N PHE C 1026 -77.62 -11.27 -48.07
CA PHE C 1026 -76.68 -10.72 -49.03
C PHE C 1026 -77.31 -9.87 -50.10
N VAL C 1027 -78.36 -10.36 -50.72
CA VAL C 1027 -79.02 -9.57 -51.74
C VAL C 1027 -79.52 -8.24 -51.15
N VAL C 1028 -80.25 -8.29 -50.06
CA VAL C 1028 -80.71 -7.08 -49.39
C VAL C 1028 -79.56 -6.19 -48.85
N VAL C 1029 -78.61 -6.79 -48.11
CA VAL C 1029 -77.46 -6.07 -47.54
C VAL C 1029 -76.75 -5.29 -48.64
N ARG C 1030 -76.65 -5.91 -49.81
CA ARG C 1030 -75.97 -5.28 -50.93
C ARG C 1030 -76.77 -4.11 -51.51
N ARG C 1031 -78.01 -3.95 -51.08
CA ARG C 1031 -78.86 -2.90 -51.61
C ARG C 1031 -78.93 -1.62 -50.74
N ARG C 1032 -78.11 -1.55 -49.70
CA ARG C 1032 -77.73 -0.26 -49.10
C ARG C 1032 -76.22 -0.19 -49.04
N PHE C 1033 -75.56 -0.10 -50.19
CA PHE C 1033 -74.10 -0.20 -50.26
C PHE C 1033 -73.30 0.23 -51.56
N SER C 1034 -73.79 0.55 -52.79
CA SER C 1034 -75.03 0.29 -53.59
C SER C 1034 -75.72 1.58 -54.05
N ARG C 1035 -77.05 1.43 -54.22
CA ARG C 1035 -78.05 2.44 -54.59
C ARG C 1035 -77.90 3.00 -56.02
N LYS C 1036 -78.91 3.73 -56.51
CA LYS C 1036 -78.92 4.32 -57.86
C LYS C 1036 -77.89 5.43 -58.02
N ASN C 1037 -77.31 5.52 -59.22
CA ASN C 1037 -75.96 6.03 -59.42
C ASN C 1037 -74.99 5.37 -58.46
N GLU C 1038 -74.40 4.28 -58.94
CA GLU C 1038 -73.37 3.41 -58.32
C GLU C 1038 -73.91 1.97 -58.37
N ASP C 1039 -73.98 1.34 -59.56
CA ASP C 1039 -74.39 -0.08 -59.71
C ASP C 1039 -75.90 -0.30 -59.34
N ILE C 1040 -76.45 -1.53 -59.28
CA ILE C 1040 -75.93 -2.81 -59.83
C ILE C 1040 -76.57 -3.33 -61.12
N GLU C 1041 -75.73 -4.03 -61.88
CA GLU C 1041 -76.07 -4.82 -63.06
C GLU C 1041 -74.71 -5.57 -63.17
N HIS C 1042 -73.96 -5.80 -64.27
CA HIS C 1042 -73.97 -5.30 -65.64
C HIS C 1042 -72.85 -6.05 -66.36
N SER C 1043 -71.61 -5.65 -66.02
CA SER C 1043 -70.44 -6.05 -66.80
C SER C 1043 -69.11 -5.96 -66.07
N HIS C 1044 -68.06 -6.02 -66.89
CA HIS C 1044 -66.73 -6.56 -66.57
C HIS C 1044 -65.63 -5.60 -66.13
N THR C 1045 -64.47 -5.78 -66.76
CA THR C 1045 -63.25 -5.05 -66.43
C THR C 1045 -62.95 -3.95 -67.46
N PRO D 2 54.96 9.85 48.39
CA PRO D 2 55.85 10.42 49.41
C PRO D 2 56.05 9.43 50.55
N ASN D 3 55.13 9.49 51.49
CA ASN D 3 55.09 8.48 52.52
C ASN D 3 54.72 7.11 51.92
N PHE D 4 53.97 7.05 50.80
CA PHE D 4 53.67 5.74 50.17
C PHE D 4 54.96 5.03 49.92
N PHE D 5 55.82 5.81 49.28
CA PHE D 5 56.94 5.27 48.58
C PHE D 5 58.13 5.03 49.48
N ILE D 6 58.25 5.77 50.55
CA ILE D 6 59.41 5.51 51.37
C ILE D 6 59.24 4.13 51.99
N ASP D 7 58.00 3.67 52.02
CA ASP D 7 57.63 2.36 52.54
C ASP D 7 57.39 1.38 51.42
N ARG D 8 57.51 1.88 50.21
CA ARG D 8 57.19 1.09 49.05
C ARG D 8 58.17 1.43 47.93
N PRO D 9 59.42 0.93 48.06
CA PRO D 9 60.55 1.19 47.15
C PRO D 9 60.29 0.56 45.76
N ILE D 10 59.56 -0.54 45.78
CA ILE D 10 59.27 -1.25 44.57
C ILE D 10 58.13 -0.60 43.80
N PHE D 11 57.03 -0.22 44.42
CA PHE D 11 56.00 0.52 43.67
C PHE D 11 56.63 1.80 43.01
N ALA D 12 57.44 2.54 43.77
CA ALA D 12 58.15 3.70 43.22
C ALA D 12 59.05 3.30 42.04
N TRP D 13 59.93 2.33 42.25
CA TRP D 13 60.79 1.80 41.20
C TRP D 13 60.01 1.40 39.95
N VAL D 14 58.80 0.90 40.16
CA VAL D 14 58.06 0.41 39.06
C VAL D 14 57.64 1.62 38.23
N ILE D 15 57.11 2.65 38.88
CA ILE D 15 56.80 3.90 38.17
C ILE D 15 58.06 4.47 37.48
N ALA D 16 59.22 4.35 38.11
CA ALA D 16 60.46 4.80 37.48
C ALA D 16 60.71 4.07 36.16
N ILE D 17 60.72 2.74 36.21
CA ILE D 17 60.98 1.90 35.04
C ILE D 17 59.99 2.12 33.94
N ILE D 18 58.70 2.18 34.27
CA ILE D 18 57.67 2.51 33.28
C ILE D 18 57.77 3.92 32.68
N ILE D 19 58.00 4.96 33.50
CA ILE D 19 58.22 6.29 32.91
C ILE D 19 59.42 6.21 31.97
N MET D 20 60.45 5.47 32.37
CA MET D 20 61.65 5.28 31.54
C MET D 20 61.30 4.65 30.20
N LEU D 21 60.44 3.64 30.21
CA LEU D 21 60.06 3.00 28.98
C LEU D 21 59.12 3.83 28.11
N ALA D 22 58.26 4.64 28.72
CA ALA D 22 57.50 5.64 27.96
C ALA D 22 58.48 6.59 27.29
N GLY D 23 59.60 6.84 27.96
CA GLY D 23 60.66 7.63 27.39
C GLY D 23 61.34 6.92 26.24
N GLY D 24 61.89 5.75 26.50
CA GLY D 24 62.61 4.96 25.51
C GLY D 24 61.79 4.65 24.28
N LEU D 25 60.50 4.41 24.48
CA LEU D 25 59.58 4.22 23.37
C LEU D 25 59.18 5.50 22.66
N ALA D 26 58.91 6.58 23.40
CA ALA D 26 58.61 7.86 22.76
C ALA D 26 59.86 8.42 22.09
N ILE D 27 61.00 7.76 22.29
CA ILE D 27 62.27 8.14 21.64
C ILE D 27 62.43 7.44 20.28
N LEU D 28 62.06 6.17 20.20
CA LEU D 28 62.08 5.42 18.94
C LEU D 28 61.09 5.96 17.89
N LYS D 29 59.87 6.29 18.34
CA LYS D 29 58.81 6.77 17.46
C LYS D 29 58.51 8.27 17.64
N LEU D 30 59.52 9.10 17.41
CA LEU D 30 59.37 10.55 17.53
C LEU D 30 60.16 11.18 16.39
N PRO D 31 59.56 12.18 15.72
CA PRO D 31 60.22 12.82 14.57
C PRO D 31 61.61 13.32 14.92
N VAL D 32 62.48 13.41 13.92
CA VAL D 32 63.78 14.03 14.10
C VAL D 32 64.10 14.90 12.88
N ALA D 33 64.14 16.21 13.10
CA ALA D 33 64.53 17.20 12.11
C ALA D 33 65.39 18.18 12.87
N GLN D 34 66.10 19.06 12.20
CA GLN D 34 66.86 20.02 12.98
C GLN D 34 65.84 20.95 13.62
N TYR D 35 64.81 21.34 12.87
CA TYR D 35 63.81 22.27 13.37
C TYR D 35 62.35 21.87 13.13
N PRO D 36 61.42 22.56 13.83
CA PRO D 36 59.96 22.55 13.69
C PRO D 36 59.43 23.52 12.62
N THR D 37 58.11 23.48 12.39
CA THR D 37 57.40 24.41 11.50
C THR D 37 57.67 25.90 11.80
N ILE D 38 58.45 26.49 10.93
CA ILE D 38 58.93 27.84 11.13
C ILE D 38 58.50 28.63 9.92
N ALA D 39 58.30 27.92 8.81
CA ALA D 39 57.90 28.56 7.58
C ALA D 39 56.40 28.74 7.53
N PRO D 40 55.93 29.99 7.35
CA PRO D 40 54.53 30.20 6.97
C PRO D 40 54.37 29.43 5.69
N PRO D 41 53.21 28.83 5.48
CA PRO D 41 53.17 28.00 4.28
C PRO D 41 53.05 28.82 3.01
N ALA D 42 53.83 28.41 2.01
CA ALA D 42 53.79 29.07 0.73
C ALA D 42 53.42 28.06 -0.32
N VAL D 43 52.33 28.38 -0.98
CA VAL D 43 51.89 27.63 -2.11
C VAL D 43 52.41 28.38 -3.34
N THR D 44 52.90 27.65 -4.33
CA THR D 44 53.47 28.23 -5.54
C THR D 44 52.72 27.73 -6.78
N ILE D 45 52.29 28.68 -7.60
CA ILE D 45 51.80 28.35 -8.94
C ILE D 45 52.90 28.62 -9.98
N SER D 46 53.19 27.64 -10.82
CA SER D 46 54.20 27.83 -11.86
C SER D 46 53.66 27.54 -13.27
N ALA D 47 53.93 28.46 -14.20
CA ALA D 47 53.48 28.31 -15.60
C ALA D 47 54.58 28.62 -16.60
N SER D 48 54.64 27.85 -17.68
CA SER D 48 55.65 28.06 -18.73
C SER D 48 55.02 28.55 -20.04
N TYR D 49 55.48 29.68 -20.57
CA TYR D 49 55.03 30.19 -21.87
C TYR D 49 56.20 30.38 -22.82
N PRO D 50 56.70 29.28 -23.41
CA PRO D 50 58.02 29.15 -24.06
C PRO D 50 58.33 30.20 -25.13
N GLY D 51 59.46 30.86 -24.94
CA GLY D 51 59.91 31.87 -25.88
C GLY D 51 59.54 33.26 -25.45
N ALA D 52 58.40 33.39 -24.78
CA ALA D 52 57.86 34.70 -24.44
C ALA D 52 58.80 35.46 -23.53
N ASP D 53 58.77 36.78 -23.59
CA ASP D 53 59.59 37.56 -22.67
C ASP D 53 58.69 37.95 -21.50
N ALA D 54 59.26 38.66 -20.52
CA ALA D 54 58.59 38.97 -19.27
C ALA D 54 57.19 39.60 -19.48
N LYS D 55 57.07 40.54 -20.40
CA LYS D 55 55.78 41.18 -20.60
C LYS D 55 54.69 40.23 -21.08
N THR D 56 55.07 39.26 -21.91
CA THR D 56 54.08 38.35 -22.49
C THR D 56 53.57 37.34 -21.46
N VAL D 57 54.50 36.85 -20.64
CA VAL D 57 54.17 35.94 -19.55
C VAL D 57 53.30 36.64 -18.53
N GLN D 58 53.70 37.87 -18.18
CA GLN D 58 52.92 38.65 -17.24
C GLN D 58 51.54 39.04 -17.75
N ASP D 59 51.36 39.21 -19.06
CA ASP D 59 50.09 39.76 -19.53
C ASP D 59 49.07 38.75 -20.07
N THR D 60 49.51 37.58 -20.49
CA THR D 60 48.52 36.62 -20.98
C THR D 60 48.18 35.55 -19.95
N VAL D 61 49.16 35.22 -19.10
CA VAL D 61 49.00 34.22 -18.06
C VAL D 61 48.96 34.81 -16.64
N THR D 62 50.04 35.51 -16.24
CA THR D 62 50.22 35.96 -14.86
C THR D 62 49.00 36.64 -14.35
N GLN D 63 48.64 37.73 -15.01
CA GLN D 63 47.57 38.57 -14.55
C GLN D 63 46.20 37.89 -14.68
N VAL D 64 46.10 36.84 -15.48
CA VAL D 64 44.85 36.09 -15.57
C VAL D 64 44.71 35.13 -14.40
N ILE D 65 45.84 34.77 -13.83
CA ILE D 65 45.81 33.93 -12.64
C ILE D 65 45.67 34.78 -11.36
N GLU D 66 46.45 35.85 -11.21
CA GLU D 66 46.30 36.75 -10.07
C GLU D 66 44.93 37.39 -9.91
N GLN D 67 44.14 37.47 -10.98
CA GLN D 67 42.78 38.03 -10.85
C GLN D 67 41.74 36.99 -10.43
N ASN D 68 42.03 35.70 -10.64
CA ASN D 68 41.11 34.65 -10.18
C ASN D 68 41.48 34.09 -8.81
N MET D 69 42.63 34.51 -8.29
CA MET D 69 42.96 34.16 -6.91
C MET D 69 42.28 35.12 -5.99
N ASN D 70 41.30 34.60 -5.26
CA ASN D 70 40.64 35.34 -4.20
C ASN D 70 39.72 34.37 -3.48
N GLY D 71 39.29 34.71 -2.27
CA GLY D 71 38.41 33.83 -1.53
C GLY D 71 39.20 32.68 -0.98
N ILE D 72 40.52 32.73 -1.19
CA ILE D 72 41.42 31.76 -0.58
C ILE D 72 41.65 32.19 0.88
N ASP D 73 41.40 31.28 1.84
CA ASP D 73 41.42 31.63 3.28
C ASP D 73 42.79 31.85 3.92
N ASN D 74 42.88 32.92 4.73
CA ASN D 74 44.06 33.27 5.53
C ASN D 74 45.22 33.62 4.61
N LEU D 75 44.95 34.49 3.65
CA LEU D 75 45.96 34.83 2.68
C LEU D 75 46.83 35.98 3.21
N MET D 76 48.08 35.66 3.56
CA MET D 76 49.01 36.66 4.11
C MET D 76 49.53 37.61 3.02
N TYR D 77 50.17 37.10 1.95
CA TYR D 77 50.47 37.95 0.77
C TYR D 77 50.74 37.17 -0.52
N MET D 78 50.54 37.86 -1.64
CA MET D 78 50.81 37.28 -2.95
C MET D 78 51.96 38.03 -3.67
N SER D 79 52.95 37.28 -4.16
CA SER D 79 54.04 37.87 -4.94
C SER D 79 54.37 37.05 -6.18
N SER D 80 54.46 37.68 -7.36
CA SER D 80 54.74 36.90 -8.58
C SER D 80 55.89 37.43 -9.43
N ASN D 81 56.73 36.48 -9.83
CA ASN D 81 57.81 36.69 -10.76
C ASN D 81 57.35 36.40 -12.19
N SER D 82 57.48 37.38 -13.08
CA SER D 82 57.14 37.18 -14.49
C SER D 82 58.44 37.26 -15.28
N ASP D 83 59.02 36.10 -15.50
CA ASP D 83 60.38 36.00 -15.99
C ASP D 83 60.40 35.98 -17.50
N SER D 84 61.51 36.46 -18.06
CA SER D 84 61.66 36.42 -19.49
C SER D 84 62.24 35.10 -19.94
N THR D 85 61.82 34.02 -19.30
CA THR D 85 62.08 32.70 -19.86
C THR D 85 60.75 31.96 -19.94
N GLY D 86 59.68 32.72 -20.02
CA GLY D 86 58.35 32.16 -20.20
C GLY D 86 57.73 31.68 -18.92
N THR D 87 58.55 31.62 -17.88
CA THR D 87 58.15 31.07 -16.61
C THR D 87 57.56 32.15 -15.70
N VAL D 88 56.41 31.87 -15.10
CA VAL D 88 55.85 32.73 -14.09
C VAL D 88 55.65 31.93 -12.84
N GLN D 89 56.12 32.50 -11.73
CA GLN D 89 56.02 31.87 -10.42
C GLN D 89 55.24 32.80 -9.52
N ILE D 90 54.00 32.43 -9.22
CA ILE D 90 53.18 33.17 -8.27
C ILE D 90 53.15 32.48 -6.93
N THR D 91 53.60 33.18 -5.91
CA THR D 91 53.72 32.62 -4.58
C THR D 91 52.77 33.26 -3.57
N LEU D 92 51.83 32.45 -3.11
CA LEU D 92 50.90 32.85 -2.07
C LEU D 92 51.41 32.32 -0.75
N THR D 93 51.86 33.23 0.10
CA THR D 93 52.39 32.87 1.42
C THR D 93 51.32 33.12 2.51
N PHE D 94 51.09 32.09 3.36
CA PHE D 94 49.98 32.01 4.32
C PHE D 94 50.31 32.22 5.83
N GLU D 95 49.31 32.59 6.64
CA GLU D 95 49.46 32.58 8.10
C GLU D 95 50.00 31.25 8.54
N SER D 96 50.95 31.20 9.48
CA SER D 96 51.58 29.93 9.84
C SER D 96 50.60 28.95 10.48
N GLY D 97 50.81 27.67 10.24
CA GLY D 97 49.91 26.64 10.73
C GLY D 97 48.49 26.59 10.14
N THR D 98 48.21 27.41 9.11
CA THR D 98 46.95 27.29 8.33
C THR D 98 47.09 25.94 7.57
N ASP D 99 45.97 25.27 7.33
CA ASP D 99 46.02 23.94 6.74
C ASP D 99 46.61 24.01 5.31
N ALA D 100 47.82 23.48 5.17
CA ALA D 100 48.57 23.59 3.92
C ALA D 100 47.71 23.04 2.83
N ASP D 101 47.29 21.82 3.08
CA ASP D 101 46.55 21.06 2.14
C ASP D 101 45.29 21.79 1.67
N ILE D 102 44.49 22.29 2.60
CA ILE D 102 43.26 23.01 2.28
C ILE D 102 43.54 24.30 1.53
N ALA D 103 44.54 25.04 1.99
CA ALA D 103 44.88 26.29 1.34
C ALA D 103 45.15 26.02 -0.12
N GLN D 104 46.00 25.03 -0.37
CA GLN D 104 46.34 24.63 -1.72
C GLN D 104 45.14 24.22 -2.56
N VAL D 105 44.23 23.49 -1.94
CA VAL D 105 43.02 23.04 -2.64
C VAL D 105 42.13 24.21 -3.04
N GLN D 106 41.98 25.21 -2.17
CA GLN D 106 41.23 26.42 -2.54
C GLN D 106 41.92 27.19 -3.67
N VAL D 107 43.23 27.29 -3.56
CA VAL D 107 44.01 27.96 -4.57
C VAL D 107 43.77 27.30 -5.91
N GLN D 108 43.94 25.98 -5.93
CA GLN D 108 43.77 25.18 -7.14
C GLN D 108 42.35 25.18 -7.70
N ASN D 109 41.37 25.38 -6.82
CA ASN D 109 40.01 25.43 -7.33
C ASN D 109 39.76 26.81 -7.98
N LYS D 110 40.51 27.85 -7.58
CA LYS D 110 40.46 29.12 -8.33
C LYS D 110 41.35 29.14 -9.59
N LEU D 111 42.43 28.39 -9.51
CA LEU D 111 43.34 28.19 -10.63
C LEU D 111 42.57 27.52 -11.78
N GLN D 112 41.67 26.58 -11.45
CA GLN D 112 40.85 26.00 -12.51
C GLN D 112 39.81 26.98 -13.05
N LEU D 113 39.59 28.09 -12.35
CA LEU D 113 38.75 29.15 -12.92
C LEU D 113 39.58 29.97 -13.86
N ALA D 114 40.89 29.96 -13.66
CA ALA D 114 41.79 30.65 -14.60
C ALA D 114 42.21 29.80 -15.82
N MET D 115 42.04 28.47 -15.75
CA MET D 115 42.55 27.55 -16.79
C MET D 115 42.07 27.75 -18.25
N PRO D 116 40.77 28.04 -18.47
CA PRO D 116 40.39 28.25 -19.88
C PRO D 116 40.86 29.59 -20.46
N LEU D 117 41.19 30.53 -19.58
CA LEU D 117 41.51 31.91 -19.98
C LEU D 117 43.02 32.10 -20.13
N LEU D 118 43.75 30.99 -20.13
CA LEU D 118 45.19 30.98 -20.39
C LEU D 118 45.44 30.39 -21.77
N PRO D 119 46.63 30.67 -22.34
CA PRO D 119 47.14 30.08 -23.58
C PRO D 119 47.24 28.54 -23.55
N GLN D 120 47.30 27.94 -24.73
CA GLN D 120 47.34 26.50 -24.91
C GLN D 120 48.75 25.96 -24.81
N GLU D 121 49.73 26.84 -25.05
CA GLU D 121 51.12 26.50 -24.82
C GLU D 121 51.38 26.29 -23.33
N VAL D 122 50.84 27.18 -22.52
CA VAL D 122 50.96 27.07 -21.08
C VAL D 122 50.22 25.85 -20.58
N GLN D 123 48.97 25.72 -21.02
CA GLN D 123 48.17 24.55 -20.69
C GLN D 123 48.80 23.23 -21.11
N GLN D 124 49.64 23.25 -22.13
CA GLN D 124 50.23 21.99 -22.59
C GLN D 124 51.60 21.74 -21.97
N GLN D 125 52.26 22.78 -21.46
CA GLN D 125 53.56 22.63 -20.78
C GLN D 125 53.40 22.21 -19.32
N GLY D 126 52.25 22.59 -18.77
CA GLY D 126 51.88 22.27 -17.40
C GLY D 126 51.88 23.49 -16.50
N VAL D 127 50.76 23.68 -15.81
CA VAL D 127 50.68 24.64 -14.75
C VAL D 127 50.71 23.81 -13.49
N SER D 128 51.53 24.18 -12.51
CA SER D 128 51.62 23.39 -11.27
C SER D 128 51.33 24.18 -9.99
N VAL D 129 50.47 23.65 -9.13
CA VAL D 129 50.33 24.23 -7.81
C VAL D 129 51.00 23.32 -6.81
N GLU D 130 52.03 23.80 -6.11
CA GLU D 130 52.76 22.94 -5.17
C GLU D 130 53.12 23.70 -3.87
N LYS D 131 53.19 23.00 -2.75
CA LYS D 131 53.59 23.68 -1.54
C LYS D 131 55.00 23.24 -1.21
N SER D 132 55.89 24.21 -1.02
CA SER D 132 57.29 23.87 -1.00
C SER D 132 58.25 24.98 -0.55
N SER D 133 59.01 24.64 0.48
CA SER D 133 60.17 25.39 0.97
C SER D 133 61.14 25.83 -0.13
N SER D 134 61.55 27.11 -0.09
CA SER D 134 62.48 27.65 -1.08
C SER D 134 63.97 27.23 -0.94
N SER D 135 64.28 26.36 0.01
CA SER D 135 65.67 25.91 0.22
C SER D 135 65.80 24.46 -0.16
N PHE D 136 66.96 24.07 -0.69
CA PHE D 136 67.13 22.68 -1.07
C PHE D 136 67.28 21.75 0.13
N LEU D 137 66.33 20.82 0.20
CA LEU D 137 66.38 19.71 1.10
C LEU D 137 67.62 18.85 0.79
N MET D 138 67.85 18.55 -0.48
CA MET D 138 69.02 17.73 -0.86
C MET D 138 69.43 17.79 -2.36
N VAL D 139 70.72 17.57 -2.69
CA VAL D 139 71.11 17.37 -4.10
C VAL D 139 71.84 16.07 -4.41
N VAL D 140 71.18 15.19 -5.17
CA VAL D 140 71.78 13.92 -5.58
C VAL D 140 72.52 14.10 -6.90
N GLY D 141 73.78 13.65 -6.97
CA GLY D 141 74.58 13.86 -8.17
C GLY D 141 74.89 12.62 -9.01
N VAL D 142 74.95 12.77 -10.33
CA VAL D 142 75.37 11.68 -11.22
C VAL D 142 76.51 12.11 -12.15
N ILE D 143 77.55 11.28 -12.20
CA ILE D 143 78.77 11.51 -12.98
C ILE D 143 79.24 10.28 -13.77
N ASN D 144 80.29 10.43 -14.59
CA ASN D 144 80.90 9.31 -15.32
C ASN D 144 82.44 9.19 -15.29
N THR D 145 82.95 8.00 -14.95
CA THR D 145 84.39 7.80 -14.73
C THR D 145 85.26 7.82 -16.00
N ASP D 146 84.79 7.19 -17.08
CA ASP D 146 85.60 7.09 -18.30
C ASP D 146 85.60 8.39 -19.11
N GLY D 147 84.56 9.20 -18.94
CA GLY D 147 84.47 10.49 -19.60
C GLY D 147 83.46 10.42 -20.72
N THR D 148 82.83 9.25 -20.81
CA THR D 148 82.05 8.87 -21.98
C THR D 148 80.87 9.78 -22.33
N MET D 149 79.97 10.05 -21.40
CA MET D 149 78.76 10.79 -21.77
C MET D 149 78.68 12.25 -21.32
N THR D 150 77.86 13.00 -22.06
CA THR D 150 77.62 14.42 -21.87
C THR D 150 76.54 14.71 -20.85
N GLN D 151 76.26 15.99 -20.64
CA GLN D 151 75.24 16.43 -19.68
C GLN D 151 73.92 15.80 -20.04
N GLU D 152 73.47 16.02 -21.27
CA GLU D 152 72.13 15.61 -21.66
C GLU D 152 72.00 14.08 -21.60
N ASP D 153 73.10 13.39 -21.82
CA ASP D 153 73.11 11.95 -21.75
C ASP D 153 72.73 11.45 -20.38
N ILE D 154 73.59 11.81 -19.44
CA ILE D 154 73.38 11.53 -18.04
C ILE D 154 71.96 11.93 -17.67
N SER D 155 71.67 13.23 -17.80
CA SER D 155 70.36 13.81 -17.50
C SER D 155 69.20 12.93 -17.93
N ASP D 156 69.34 12.37 -19.12
CA ASP D 156 68.34 11.43 -19.56
C ASP D 156 68.33 10.22 -18.65
N TYR D 157 69.50 9.66 -18.35
CA TYR D 157 69.48 8.46 -17.52
C TYR D 157 68.80 8.76 -16.16
N VAL D 158 69.09 9.94 -15.60
CA VAL D 158 68.45 10.41 -14.36
C VAL D 158 66.94 10.42 -14.51
N ALA D 159 66.45 11.13 -15.51
CA ALA D 159 65.02 11.25 -15.74
C ALA D 159 64.34 9.92 -16.07
N ALA D 160 65.09 8.96 -16.58
CA ALA D 160 64.53 7.74 -17.17
C ALA D 160 64.68 6.50 -16.32
N ASN D 161 65.40 6.65 -15.21
CA ASN D 161 65.52 5.55 -14.26
C ASN D 161 64.98 5.94 -12.85
N MET D 162 65.22 7.20 -12.47
CA MET D 162 65.09 7.68 -11.10
C MET D 162 64.04 8.77 -10.76
N LYS D 163 64.30 10.00 -11.22
CA LYS D 163 63.52 11.21 -10.91
C LYS D 163 61.98 11.15 -10.86
N ASP D 164 61.35 10.02 -11.16
CA ASP D 164 59.88 10.06 -11.18
C ASP D 164 59.26 9.55 -9.90
N ALA D 165 60.03 8.80 -9.11
CA ALA D 165 59.59 8.36 -7.78
C ALA D 165 59.96 9.37 -6.69
N ILE D 166 61.02 10.13 -6.92
CA ILE D 166 61.37 11.18 -6.00
C ILE D 166 60.20 12.17 -5.97
N SER D 167 59.53 12.40 -7.11
CA SER D 167 58.40 13.36 -7.15
C SER D 167 57.08 12.77 -6.65
N ARG D 168 57.03 11.46 -6.42
CA ARG D 168 55.89 10.81 -5.77
C ARG D 168 56.16 10.50 -4.29
N THR D 169 57.43 10.24 -3.97
CA THR D 169 57.88 9.94 -2.60
C THR D 169 57.16 10.85 -1.61
N SER D 170 56.50 10.27 -0.60
CA SER D 170 55.67 11.05 0.34
C SER D 170 56.49 11.98 1.26
N GLY D 171 56.21 13.28 1.18
CA GLY D 171 56.92 14.28 1.95
C GLY D 171 57.65 15.27 1.04
N VAL D 172 57.57 15.04 -0.27
CA VAL D 172 58.22 15.88 -1.27
C VAL D 172 57.25 16.81 -2.02
N GLY D 173 57.61 18.09 -2.12
CA GLY D 173 56.83 19.03 -2.91
C GLY D 173 57.47 19.10 -4.30
N ASP D 174 58.27 20.14 -4.56
CA ASP D 174 58.93 20.36 -5.86
C ASP D 174 60.28 19.62 -6.07
N VAL D 175 60.47 19.03 -7.26
CA VAL D 175 61.76 18.45 -7.69
C VAL D 175 62.42 19.23 -8.84
N GLN D 176 63.73 19.45 -8.76
CA GLN D 176 64.45 20.16 -9.82
C GLN D 176 65.52 19.27 -10.44
N LEU D 177 65.57 19.22 -11.77
CA LEU D 177 66.60 18.48 -12.48
C LEU D 177 67.67 19.44 -12.96
N PHE D 178 68.94 19.06 -12.84
CA PHE D 178 70.00 19.83 -13.48
C PHE D 178 70.34 19.14 -14.81
N GLY D 179 69.92 19.78 -15.91
CA GLY D 179 70.02 19.24 -17.26
C GLY D 179 68.61 18.98 -17.79
N SER D 180 68.49 18.13 -18.81
CA SER D 180 67.16 17.78 -19.32
C SER D 180 67.06 16.36 -19.89
N GLN D 181 65.87 15.78 -19.79
CA GLN D 181 65.59 14.46 -20.32
C GLN D 181 65.57 14.53 -21.84
N TYR D 182 65.84 13.41 -22.51
CA TYR D 182 65.90 13.41 -23.97
C TYR D 182 64.57 13.76 -24.60
N ALA D 183 64.71 14.67 -25.55
CA ALA D 183 63.68 15.15 -26.44
C ALA D 183 64.14 14.93 -27.87
N MET D 184 63.18 14.87 -28.77
CA MET D 184 63.49 14.83 -30.18
C MET D 184 63.85 16.26 -30.63
N ARG D 185 65.14 16.57 -30.63
CA ARG D 185 65.61 17.90 -31.04
C ARG D 185 65.82 17.97 -32.55
N ILE D 186 64.94 18.74 -33.21
CA ILE D 186 64.82 18.80 -34.67
C ILE D 186 65.18 20.19 -35.21
N TRP D 187 66.31 20.26 -35.89
CA TRP D 187 66.97 21.53 -36.23
C TRP D 187 66.85 21.98 -37.70
N MET D 188 65.90 22.88 -37.94
CA MET D 188 65.64 23.42 -39.27
C MET D 188 66.81 24.20 -39.87
N ASN D 189 66.88 24.19 -41.21
CA ASN D 189 67.81 25.05 -41.92
C ASN D 189 66.98 26.05 -42.67
N PRO D 190 67.19 27.34 -42.41
CA PRO D 190 66.34 28.42 -42.94
C PRO D 190 66.42 28.56 -44.46
N ASN D 191 67.61 28.34 -45.02
CA ASN D 191 67.76 28.15 -46.45
C ASN D 191 67.12 26.85 -46.91
N GLU D 192 67.58 25.70 -46.42
CA GLU D 192 67.01 24.42 -46.85
C GLU D 192 65.52 24.35 -46.58
N LEU D 193 65.01 25.42 -46.01
CA LEU D 193 63.59 25.61 -45.85
C LEU D 193 63.13 26.62 -46.89
N ASN D 194 64.01 27.57 -47.21
CA ASN D 194 63.76 28.56 -48.27
C ASN D 194 63.93 27.92 -49.64
N LYS D 195 64.85 26.94 -49.69
CA LYS D 195 65.13 26.12 -50.87
C LYS D 195 63.87 25.51 -51.45
N PHE D 196 63.27 24.55 -50.75
CA PHE D 196 62.10 23.86 -51.29
C PHE D 196 60.82 24.67 -51.08
N GLN D 197 60.94 25.98 -50.80
CA GLN D 197 59.76 26.85 -50.58
C GLN D 197 58.85 26.39 -49.43
N LEU D 198 59.44 26.21 -48.24
CA LEU D 198 58.74 25.66 -47.07
C LEU D 198 58.95 26.45 -45.77
N THR D 199 57.90 26.48 -44.94
CA THR D 199 58.01 27.09 -43.61
C THR D 199 57.82 26.09 -42.46
N PRO D 200 58.37 26.42 -41.28
CA PRO D 200 58.10 25.73 -40.02
C PRO D 200 56.65 25.25 -39.87
N VAL D 201 55.66 26.08 -40.19
CA VAL D 201 54.25 25.68 -40.14
C VAL D 201 53.94 24.30 -40.79
N ASP D 202 54.60 24.01 -41.90
CA ASP D 202 54.35 22.77 -42.61
C ASP D 202 55.06 21.64 -41.91
N VAL D 203 56.26 21.91 -41.38
CA VAL D 203 56.98 20.90 -40.62
C VAL D 203 56.10 20.46 -39.49
N ILE D 204 55.50 21.45 -38.83
CA ILE D 204 54.61 21.25 -37.71
C ILE D 204 53.46 20.32 -38.12
N THR D 205 52.69 20.69 -39.15
CA THR D 205 51.53 19.86 -39.47
C THR D 205 51.98 18.49 -39.88
N ALA D 206 53.19 18.42 -40.42
CA ALA D 206 53.78 17.17 -40.81
C ALA D 206 53.98 16.27 -39.60
N ILE D 207 54.73 16.76 -38.61
CA ILE D 207 55.04 15.95 -37.44
C ILE D 207 53.76 15.62 -36.66
N LYS D 208 52.79 16.52 -36.67
CA LYS D 208 51.51 16.21 -36.05
C LYS D 208 50.82 15.04 -36.78
N ALA D 209 50.74 15.11 -38.11
CA ALA D 209 50.03 14.08 -38.88
C ALA D 209 50.69 12.71 -38.89
N GLN D 210 52.00 12.66 -39.15
CA GLN D 210 52.62 11.36 -39.38
C GLN D 210 52.99 10.60 -38.09
N ASN D 211 53.34 11.33 -37.05
CA ASN D 211 53.94 10.71 -35.86
C ASN D 211 52.99 10.80 -34.66
N ALA D 212 52.04 9.89 -34.59
CA ALA D 212 51.03 9.94 -33.54
C ALA D 212 50.31 8.60 -33.32
N GLN D 213 49.50 8.54 -32.28
CA GLN D 213 48.63 7.38 -32.01
C GLN D 213 47.21 7.62 -32.55
N VAL D 214 46.42 6.57 -32.84
CA VAL D 214 45.07 6.77 -33.38
C VAL D 214 43.96 5.85 -32.89
N ALA D 215 42.77 6.42 -32.68
CA ALA D 215 41.55 5.65 -32.39
C ALA D 215 41.33 4.69 -33.51
N ALA D 216 41.67 3.42 -33.25
CA ALA D 216 41.77 2.40 -34.30
C ALA D 216 40.64 1.35 -34.38
N GLY D 217 39.60 1.51 -33.58
CA GLY D 217 38.53 0.53 -33.53
C GLY D 217 38.97 -0.89 -33.19
N GLN D 218 38.03 -1.83 -33.26
CA GLN D 218 38.37 -3.23 -32.98
C GLN D 218 37.65 -4.23 -33.88
N LEU D 219 38.36 -5.26 -34.33
CA LEU D 219 37.73 -6.41 -35.00
C LEU D 219 36.77 -7.15 -34.08
N GLY D 220 35.60 -7.50 -34.61
CA GLY D 220 34.63 -8.30 -33.88
C GLY D 220 34.14 -7.47 -32.72
N GLY D 221 34.17 -6.15 -32.90
CA GLY D 221 33.89 -5.20 -31.83
C GLY D 221 32.52 -5.26 -31.16
N THR D 222 32.27 -4.34 -30.24
CA THR D 222 30.98 -4.32 -29.52
C THR D 222 29.94 -3.35 -30.05
N PRO D 223 28.71 -3.86 -30.29
CA PRO D 223 28.38 -5.28 -30.22
C PRO D 223 28.71 -5.97 -31.54
N PRO D 224 29.19 -7.22 -31.51
CA PRO D 224 29.56 -7.97 -32.73
C PRO D 224 28.38 -8.71 -33.42
N VAL D 225 28.64 -9.44 -34.52
CA VAL D 225 27.59 -10.24 -35.17
C VAL D 225 27.58 -11.70 -34.75
N LYS D 226 26.38 -12.25 -34.80
CA LYS D 226 26.06 -13.52 -34.18
C LYS D 226 26.91 -14.68 -34.70
N GLY D 227 27.16 -15.64 -33.82
CA GLY D 227 27.91 -16.84 -34.12
C GLY D 227 29.39 -16.56 -34.31
N GLN D 228 29.81 -15.33 -34.00
CA GLN D 228 31.17 -14.87 -34.24
C GLN D 228 32.18 -15.75 -33.53
N GLN D 229 33.44 -15.63 -33.88
CA GLN D 229 34.45 -16.52 -33.31
C GLN D 229 35.81 -15.82 -33.29
N LEU D 230 35.89 -14.65 -33.94
CA LEU D 230 37.10 -13.84 -33.89
C LEU D 230 36.79 -12.48 -33.27
N ASN D 231 37.69 -12.06 -32.38
CA ASN D 231 37.57 -10.80 -31.63
C ASN D 231 38.98 -10.23 -31.43
N ALA D 232 39.27 -9.01 -31.88
CA ALA D 232 40.64 -8.48 -31.73
C ALA D 232 40.84 -6.97 -31.90
N SER D 233 42.02 -6.52 -31.48
CA SER D 233 42.34 -5.10 -31.41
C SER D 233 43.18 -4.66 -32.61
N ILE D 234 42.66 -3.71 -33.35
CA ILE D 234 43.35 -3.09 -34.47
C ILE D 234 44.51 -2.17 -34.10
N ILE D 235 45.72 -2.49 -34.55
CA ILE D 235 46.80 -1.54 -34.38
C ILE D 235 46.87 -0.57 -35.56
N ALA D 236 46.76 0.71 -35.24
CA ALA D 236 46.82 1.73 -36.25
C ALA D 236 48.13 2.47 -36.17
N GLN D 237 48.01 3.76 -36.43
CA GLN D 237 49.13 4.67 -36.50
C GLN D 237 49.84 4.77 -35.14
N THR D 238 51.10 4.34 -35.11
CA THR D 238 51.91 4.37 -33.89
C THR D 238 53.05 5.40 -33.99
N ARG D 239 53.47 5.96 -32.87
CA ARG D 239 54.56 6.92 -32.83
C ARG D 239 55.93 6.38 -33.26
N LEU D 240 56.82 7.27 -33.71
CA LEU D 240 58.13 6.89 -34.28
C LEU D 240 59.29 6.67 -33.30
N THR D 241 59.84 5.46 -33.31
CA THR D 241 60.87 5.03 -32.36
C THR D 241 62.29 5.67 -32.51
N SER D 242 62.85 5.79 -33.72
CA SER D 242 64.26 6.20 -33.83
C SER D 242 64.50 7.56 -34.46
N THR D 243 65.77 7.94 -34.52
CA THR D 243 66.20 9.18 -35.14
C THR D 243 66.16 9.12 -36.66
N GLU D 244 66.49 7.95 -37.21
CA GLU D 244 66.45 7.70 -38.66
C GLU D 244 65.05 7.88 -39.24
N GLU D 245 64.09 7.06 -38.83
CA GLU D 245 62.72 7.19 -39.34
C GLU D 245 62.10 8.56 -39.06
N PHE D 246 62.78 9.35 -38.23
CA PHE D 246 62.39 10.74 -38.01
C PHE D 246 62.95 11.62 -39.12
N GLY D 247 64.12 11.25 -39.64
CA GLY D 247 64.67 11.85 -40.85
C GLY D 247 63.75 11.53 -42.02
N LYS D 248 63.26 10.29 -42.04
CA LYS D 248 62.33 9.79 -43.05
C LYS D 248 60.93 10.37 -42.94
N ILE D 249 60.75 11.40 -42.12
CA ILE D 249 59.48 12.11 -42.10
C ILE D 249 59.37 12.94 -43.39
N LEU D 250 58.27 12.77 -44.10
CA LEU D 250 58.12 13.31 -45.46
C LEU D 250 57.36 14.64 -45.53
N LEU D 251 58.05 15.70 -45.94
CA LEU D 251 57.47 17.03 -45.86
C LEU D 251 56.66 17.41 -47.10
N LYS D 252 57.20 17.09 -48.28
CA LYS D 252 56.54 17.41 -49.55
C LYS D 252 57.26 16.76 -50.72
N VAL D 253 56.48 16.23 -51.66
CA VAL D 253 57.03 15.67 -52.91
C VAL D 253 56.96 16.66 -54.09
N ASN D 254 58.11 16.84 -54.75
CA ASN D 254 58.20 17.65 -55.96
C ASN D 254 57.50 16.94 -57.10
N GLN D 255 57.24 17.67 -58.19
CA GLN D 255 56.52 17.13 -59.33
C GLN D 255 57.30 16.00 -59.99
N ASP D 256 58.63 16.03 -59.85
CA ASP D 256 59.51 15.11 -60.57
C ASP D 256 59.86 13.83 -59.81
N GLY D 257 59.27 13.67 -58.62
CA GLY D 257 59.44 12.45 -57.85
C GLY D 257 60.53 12.55 -56.80
N SER D 258 61.34 13.59 -56.90
CA SER D 258 62.36 13.85 -55.89
C SER D 258 61.66 14.32 -54.64
N ARG D 259 61.75 13.51 -53.59
CA ARG D 259 61.01 13.75 -52.35
C ARG D 259 61.85 14.63 -51.43
N VAL D 260 61.20 15.27 -50.46
CA VAL D 260 61.89 16.03 -49.43
C VAL D 260 61.61 15.44 -48.03
N LEU D 261 62.58 14.72 -47.48
CA LEU D 261 62.40 14.17 -46.16
C LEU D 261 62.86 15.22 -45.16
N LEU D 262 62.45 15.03 -43.91
CA LEU D 262 62.80 15.95 -42.86
C LEU D 262 64.31 16.01 -42.77
N ARG D 263 64.94 14.87 -43.00
CA ARG D 263 66.40 14.73 -43.04
C ARG D 263 67.16 15.82 -43.83
N ASP D 264 66.56 16.27 -44.92
CA ASP D 264 67.25 17.18 -45.82
C ASP D 264 67.15 18.63 -45.34
N VAL D 265 66.01 18.96 -44.73
CA VAL D 265 65.71 20.34 -44.38
C VAL D 265 66.19 20.65 -42.97
N ALA D 266 66.65 19.61 -42.27
CA ALA D 266 66.99 19.72 -40.85
C ALA D 266 67.97 18.65 -40.38
N LYS D 267 68.72 18.99 -39.35
CA LYS D 267 69.58 18.03 -38.69
C LYS D 267 68.69 17.40 -37.61
N ILE D 268 68.72 16.09 -37.43
CA ILE D 268 67.83 15.52 -36.42
C ILE D 268 68.63 14.77 -35.35
N GLU D 269 68.41 15.13 -34.09
CA GLU D 269 69.16 14.51 -32.99
C GLU D 269 68.40 14.40 -31.68
N LEU D 270 68.72 13.33 -30.98
CA LEU D 270 68.29 13.10 -29.60
C LEU D 270 68.90 14.16 -28.69
N GLY D 271 68.13 15.17 -28.33
CA GLY D 271 68.69 16.27 -27.56
C GLY D 271 67.81 16.78 -26.45
N GLY D 272 68.30 17.74 -25.68
CA GLY D 272 67.57 18.31 -24.56
C GLY D 272 66.31 19.11 -24.84
N GLU D 273 65.44 19.20 -23.84
CA GLU D 273 64.19 19.96 -23.90
C GLU D 273 64.48 21.41 -23.63
N ASN D 274 65.69 21.66 -23.20
CA ASN D 274 66.22 23.01 -23.03
C ASN D 274 67.71 22.89 -22.75
N TYR D 275 68.50 23.91 -23.06
CA TYR D 275 69.93 23.79 -22.79
C TYR D 275 70.40 24.96 -21.90
N ASP D 276 69.54 25.35 -20.96
CA ASP D 276 69.85 26.43 -20.02
C ASP D 276 70.83 26.00 -18.92
N ILE D 277 70.72 24.78 -18.46
CA ILE D 277 71.47 24.45 -17.28
C ILE D 277 72.49 23.35 -17.51
N ILE D 278 73.72 23.66 -17.14
CA ILE D 278 74.85 22.74 -17.26
C ILE D 278 75.61 22.53 -15.96
N ALA D 279 75.76 21.27 -15.59
CA ALA D 279 76.34 20.93 -14.30
C ALA D 279 77.73 20.29 -14.43
N GLU D 280 78.77 20.99 -13.98
CA GLU D 280 80.14 20.44 -13.95
C GLU D 280 80.63 20.18 -12.53
N PHE D 281 81.29 19.05 -12.38
CA PHE D 281 81.82 18.61 -11.11
C PHE D 281 83.35 18.48 -11.29
N ASN D 282 84.05 19.51 -10.83
CA ASN D 282 85.52 19.64 -10.96
C ASN D 282 85.97 19.57 -12.43
N GLY D 283 85.14 20.09 -13.33
CA GLY D 283 85.39 20.06 -14.75
C GLY D 283 84.72 18.88 -15.48
N GLN D 284 84.46 17.79 -14.76
CA GLN D 284 83.86 16.58 -15.34
C GLN D 284 82.32 16.75 -15.47
N PRO D 285 81.71 16.26 -16.55
CA PRO D 285 80.26 16.41 -16.78
C PRO D 285 79.36 15.68 -15.81
N ALA D 286 78.27 16.31 -15.39
CA ALA D 286 77.39 15.73 -14.39
C ALA D 286 75.94 16.21 -14.49
N SER D 287 75.00 15.37 -14.05
CA SER D 287 73.64 15.84 -13.81
C SER D 287 73.21 15.57 -12.36
N GLY D 288 71.92 15.68 -12.04
CA GLY D 288 71.47 15.61 -10.66
C GLY D 288 70.01 15.85 -10.32
N LEU D 289 69.71 15.84 -9.02
CA LEU D 289 68.40 16.20 -8.46
C LEU D 289 68.44 17.11 -7.23
N GLY D 290 67.88 18.30 -7.38
CA GLY D 290 67.69 19.24 -6.29
C GLY D 290 66.27 19.15 -5.73
N ILE D 291 66.14 18.44 -4.61
CA ILE D 291 64.85 18.27 -3.98
C ILE D 291 64.60 19.32 -2.92
N LYS D 292 63.42 19.95 -2.98
CA LYS D 292 62.97 20.90 -1.96
C LYS D 292 61.90 20.25 -1.06
N LEU D 293 62.10 20.41 0.26
CA LEU D 293 61.25 19.82 1.32
C LEU D 293 59.85 20.43 1.45
N ALA D 294 58.84 19.56 1.54
CA ALA D 294 57.42 19.97 1.54
C ALA D 294 56.92 20.66 2.81
N THR D 295 55.88 21.47 2.62
CA THR D 295 55.31 22.30 3.69
C THR D 295 54.77 21.42 4.79
N GLY D 296 55.57 21.24 5.83
CA GLY D 296 55.12 20.51 6.99
C GLY D 296 55.54 19.06 6.95
N ALA D 297 56.61 18.75 6.23
CA ALA D 297 57.02 17.37 6.17
C ALA D 297 58.30 17.23 6.96
N ASN D 298 58.65 16.02 7.33
CA ASN D 298 59.86 15.81 8.09
C ASN D 298 61.04 15.81 7.17
N ALA D 299 62.03 16.65 7.46
CA ALA D 299 63.24 16.67 6.67
C ALA D 299 63.78 15.26 6.56
N LEU D 300 64.08 14.66 7.71
CA LEU D 300 64.70 13.33 7.74
C LEU D 300 63.80 12.17 7.34
N ASP D 301 62.48 12.34 7.37
CA ASP D 301 61.62 11.22 6.96
C ASP D 301 61.41 11.20 5.43
N THR D 302 61.33 12.39 4.84
CA THR D 302 61.40 12.53 3.38
C THR D 302 62.75 12.08 2.86
N ALA D 303 63.82 12.48 3.54
CA ALA D 303 65.19 12.10 3.19
C ALA D 303 65.42 10.60 3.32
N ALA D 304 64.91 9.98 4.37
CA ALA D 304 64.99 8.52 4.48
C ALA D 304 64.18 7.84 3.36
N ALA D 305 63.03 8.43 3.01
CA ALA D 305 62.20 7.88 1.93
C ALA D 305 62.91 7.96 0.56
N ILE D 306 63.57 9.09 0.29
CA ILE D 306 64.38 9.33 -0.91
C ILE D 306 65.73 8.53 -0.98
N ARG D 307 66.50 8.45 0.11
CA ARG D 307 67.71 7.60 0.17
C ARG D 307 67.32 6.16 -0.13
N ALA D 308 66.13 5.78 0.36
CA ALA D 308 65.58 4.45 0.04
C ALA D 308 65.22 4.31 -1.44
N GLU D 309 64.69 5.37 -2.04
CA GLU D 309 64.30 5.35 -3.45
C GLU D 309 65.51 5.14 -4.37
N LEU D 310 66.57 5.87 -4.05
CA LEU D 310 67.86 5.78 -4.74
C LEU D 310 68.58 4.42 -4.59
N ALA D 311 68.58 3.86 -3.38
CA ALA D 311 69.18 2.54 -3.19
C ALA D 311 68.33 1.47 -3.89
N LYS D 312 67.04 1.80 -4.10
CA LYS D 312 66.10 0.96 -4.84
C LYS D 312 66.34 0.98 -6.35
N MET D 313 66.80 2.13 -6.84
CA MET D 313 67.12 2.31 -8.26
C MET D 313 68.59 2.03 -8.67
N GLU D 314 69.46 1.84 -7.67
CA GLU D 314 70.87 1.51 -7.90
C GLU D 314 71.29 0.19 -8.58
N PRO D 315 70.50 -0.90 -8.48
CA PRO D 315 70.93 -2.20 -9.04
C PRO D 315 70.96 -2.33 -10.57
N PHE D 316 70.64 -1.27 -11.29
CA PHE D 316 70.57 -1.32 -12.73
C PHE D 316 71.56 -0.38 -13.42
N PHE D 317 72.63 0.03 -12.73
CA PHE D 317 73.61 1.00 -13.27
C PHE D 317 74.71 0.47 -14.22
N PRO D 318 74.96 1.23 -15.31
CA PRO D 318 75.97 1.10 -16.37
C PRO D 318 77.39 1.48 -15.99
N SER D 319 78.23 1.55 -17.01
CA SER D 319 79.65 1.88 -16.86
C SER D 319 79.85 3.33 -16.46
N GLY D 320 80.54 3.52 -15.34
CA GLY D 320 80.89 4.84 -14.87
C GLY D 320 79.76 5.68 -14.29
N LEU D 321 78.67 5.05 -13.85
CA LEU D 321 77.61 5.83 -13.22
C LEU D 321 77.69 5.89 -11.69
N LYS D 322 78.38 6.90 -11.16
CA LYS D 322 78.58 7.03 -9.70
C LYS D 322 77.71 8.12 -9.10
N ILE D 323 77.13 7.88 -7.94
CA ILE D 323 76.35 8.92 -7.30
C ILE D 323 77.34 9.80 -6.56
N VAL D 324 77.02 11.08 -6.44
CA VAL D 324 77.93 11.98 -5.76
C VAL D 324 77.05 12.90 -4.94
N TYR D 325 77.60 13.43 -3.87
CA TYR D 325 76.82 14.21 -2.91
C TYR D 325 77.43 15.57 -2.66
N PRO D 326 77.03 16.53 -3.49
CA PRO D 326 77.47 17.93 -3.43
C PRO D 326 76.79 18.70 -2.30
N TYR D 327 75.61 18.24 -1.89
CA TYR D 327 74.79 18.99 -0.95
C TYR D 327 73.92 18.04 -0.14
N ASP D 328 74.28 17.95 1.13
CA ASP D 328 73.76 16.96 2.05
C ASP D 328 73.69 17.57 3.46
N THR D 329 72.47 17.91 3.88
CA THR D 329 72.23 18.50 5.19
C THR D 329 72.39 17.50 6.34
N THR D 330 72.48 16.22 6.00
CA THR D 330 72.39 15.13 6.98
C THR D 330 73.54 14.93 7.99
N PRO D 331 74.82 14.82 7.53
CA PRO D 331 75.82 14.55 8.58
C PRO D 331 75.89 15.66 9.65
N PHE D 332 75.61 16.90 9.26
CA PHE D 332 75.51 18.01 10.21
C PHE D 332 74.39 17.88 11.24
N VAL D 333 73.14 17.65 10.82
CA VAL D 333 72.05 17.51 11.81
C VAL D 333 72.19 16.24 12.65
N LYS D 334 72.47 15.10 12.00
CA LYS D 334 72.66 13.83 12.71
C LYS D 334 73.85 13.88 13.69
N ILE D 335 74.99 14.41 13.28
CA ILE D 335 76.15 14.45 14.18
C ILE D 335 76.01 15.59 15.23
N SER D 336 75.35 16.70 14.86
CA SER D 336 75.01 17.77 15.83
C SER D 336 74.16 17.33 17.02
N ILE D 337 72.97 16.78 16.73
CA ILE D 337 72.09 16.31 17.83
C ILE D 337 72.79 15.10 18.52
N HIS D 338 73.52 14.27 17.77
CA HIS D 338 74.36 13.23 18.38
C HIS D 338 75.31 13.87 19.40
N GLU D 339 75.80 15.07 19.10
CA GLU D 339 76.68 15.78 20.03
C GLU D 339 75.94 16.36 21.23
N VAL D 340 74.70 16.80 21.04
CA VAL D 340 73.90 17.34 22.15
C VAL D 340 73.62 16.21 23.16
N VAL D 341 73.44 15.01 22.62
CA VAL D 341 73.32 13.84 23.46
C VAL D 341 74.64 13.53 24.15
N LYS D 342 75.74 13.57 23.41
CA LYS D 342 77.03 13.37 24.03
C LYS D 342 77.14 14.24 25.28
N THR D 343 76.77 15.51 25.14
CA THR D 343 76.77 16.41 26.29
C THR D 343 75.90 15.93 27.42
N LEU D 344 74.60 15.72 27.19
CA LEU D 344 73.73 15.29 28.29
C LEU D 344 74.42 14.17 29.09
N VAL D 345 74.93 13.15 28.41
CA VAL D 345 75.65 12.10 29.18
C VAL D 345 76.92 12.62 29.90
N GLU D 346 77.67 13.52 29.27
CA GLU D 346 78.83 14.12 29.95
C GLU D 346 78.44 14.83 31.25
N ALA D 347 77.41 15.68 31.19
CA ALA D 347 76.88 16.33 32.39
C ALA D 347 76.67 15.26 33.42
N ILE D 348 75.98 14.17 33.07
CA ILE D 348 75.80 13.09 34.03
C ILE D 348 77.09 12.59 34.72
N ILE D 349 78.08 12.16 33.92
CA ILE D 349 79.28 11.57 34.52
C ILE D 349 79.98 12.58 35.42
N LEU D 350 80.03 13.80 34.91
CA LEU D 350 80.60 14.93 35.62
C LEU D 350 79.95 15.16 37.01
N VAL D 351 78.62 15.25 37.00
CA VAL D 351 77.84 15.37 38.21
C VAL D 351 78.21 14.30 39.22
N PHE D 352 78.27 13.07 38.74
CA PHE D 352 78.71 12.00 39.61
C PHE D 352 80.09 12.26 40.24
N LEU D 353 81.08 12.74 39.50
CA LEU D 353 82.34 13.01 40.20
C LEU D 353 82.24 14.11 41.25
N VAL D 354 81.48 15.18 40.96
CA VAL D 354 81.24 16.19 42.01
C VAL D 354 80.63 15.57 43.27
N MET D 355 79.58 14.79 43.02
CA MET D 355 78.83 14.18 44.06
C MET D 355 79.69 13.23 44.85
N TYR D 356 80.64 12.58 44.21
CA TYR D 356 81.53 11.71 44.94
C TYR D 356 82.49 12.54 45.79
N LEU D 357 82.97 13.64 45.24
CA LEU D 357 83.92 14.46 46.01
C LEU D 357 83.20 15.33 47.03
N PHE D 358 81.93 15.05 47.26
CA PHE D 358 81.28 15.72 48.34
C PHE D 358 80.62 14.77 49.27
N LEU D 359 80.40 13.56 48.81
CA LEU D 359 79.57 12.67 49.59
C LEU D 359 80.34 11.38 49.78
N GLN D 360 81.45 11.29 49.08
CA GLN D 360 82.35 10.15 49.20
C GLN D 360 81.74 8.74 49.46
N ASN D 361 80.44 8.59 49.21
CA ASN D 361 79.73 7.30 49.30
C ASN D 361 79.15 6.83 47.96
N PHE D 362 79.78 5.80 47.40
CA PHE D 362 79.49 5.38 46.05
C PHE D 362 78.01 5.09 45.85
N ARG D 363 77.38 4.46 46.82
CA ARG D 363 75.96 4.21 46.67
C ARG D 363 75.10 5.47 46.88
N ALA D 364 75.52 6.36 47.77
CA ALA D 364 74.75 7.58 48.02
C ALA D 364 74.73 8.51 46.82
N THR D 365 75.86 8.57 46.16
CA THR D 365 76.01 9.50 45.08
C THR D 365 75.05 9.04 44.02
N LEU D 366 74.81 7.73 44.00
CA LEU D 366 73.97 7.17 42.99
C LEU D 366 72.53 7.62 43.03
N ILE D 367 72.02 8.16 44.14
CA ILE D 367 70.61 8.53 44.08
C ILE D 367 70.38 9.65 43.03
N PRO D 368 71.09 10.80 43.13
CA PRO D 368 70.83 11.71 42.00
C PRO D 368 71.51 11.24 40.69
N THR D 369 72.54 10.40 40.78
CA THR D 369 73.20 9.88 39.59
C THR D 369 72.20 9.03 38.79
N ILE D 370 71.26 8.40 39.49
CA ILE D 370 70.21 7.65 38.83
C ILE D 370 69.02 8.54 38.55
N ALA D 371 68.88 9.58 39.36
CA ALA D 371 67.64 10.35 39.33
C ALA D 371 67.38 11.06 38.02
N VAL D 372 68.44 11.45 37.31
CA VAL D 372 68.25 12.24 36.08
C VAL D 372 67.95 11.41 34.79
N PRO D 373 68.69 10.28 34.51
CA PRO D 373 68.33 9.41 33.39
C PRO D 373 66.83 9.25 33.29
N VAL D 374 66.20 9.10 34.44
CA VAL D 374 64.75 8.99 34.57
C VAL D 374 63.90 10.25 34.20
N VAL D 375 64.25 11.47 34.64
CA VAL D 375 63.38 12.63 34.34
C VAL D 375 63.49 13.02 32.84
N LEU D 376 64.64 12.73 32.25
CA LEU D 376 64.86 13.05 30.86
C LEU D 376 63.99 12.18 29.96
N LEU D 377 64.23 10.87 30.01
CA LEU D 377 63.47 9.90 29.24
C LEU D 377 62.02 10.25 29.18
N GLY D 378 61.48 10.44 30.37
CA GLY D 378 60.08 10.80 30.57
C GLY D 378 59.70 12.09 29.90
N THR D 379 60.59 13.08 29.94
CA THR D 379 60.35 14.39 29.31
C THR D 379 60.13 14.21 27.79
N PHE D 380 60.92 13.35 27.14
CA PHE D 380 60.70 12.97 25.73
C PHE D 380 59.31 12.43 25.54
N ALA D 381 58.85 11.69 26.53
CA ALA D 381 57.53 11.12 26.50
C ALA D 381 56.38 12.14 26.71
N VAL D 382 56.52 13.13 27.59
CA VAL D 382 55.45 14.17 27.73
C VAL D 382 55.32 15.02 26.48
N LEU D 383 56.44 15.31 25.83
CA LEU D 383 56.46 16.03 24.56
C LEU D 383 55.90 15.16 23.44
N ALA D 384 56.30 13.89 23.42
CA ALA D 384 55.81 12.97 22.41
C ALA D 384 54.29 12.94 22.34
N ALA D 385 53.64 13.05 23.49
CA ALA D 385 52.18 13.01 23.55
C ALA D 385 51.57 14.32 23.04
N PHE D 386 52.28 15.42 23.24
CA PHE D 386 51.81 16.76 22.86
C PHE D 386 52.15 17.06 21.39
N GLY D 387 52.84 16.11 20.75
CA GLY D 387 53.15 16.19 19.33
C GLY D 387 54.49 16.79 18.92
N PHE D 388 55.37 17.05 19.89
CA PHE D 388 56.65 17.68 19.59
C PHE D 388 57.69 16.64 19.24
N SER D 389 58.89 17.08 18.87
CA SER D 389 59.91 16.16 18.37
C SER D 389 61.26 16.29 19.03
N ILE D 390 62.12 15.29 18.80
CA ILE D 390 63.51 15.39 19.17
C ILE D 390 64.15 16.35 18.19
N ASN D 391 64.10 17.63 18.51
CA ASN D 391 64.70 18.62 17.63
C ASN D 391 65.76 19.38 18.38
N THR D 392 66.31 20.41 17.76
CA THR D 392 67.38 21.18 18.38
C THR D 392 66.87 21.98 19.58
N LEU D 393 65.77 22.72 19.38
CA LEU D 393 65.24 23.60 20.43
C LEU D 393 64.94 22.86 21.73
N THR D 394 64.21 21.76 21.64
CA THR D 394 63.81 21.02 22.81
C THR D 394 65.01 20.26 23.42
N MET D 395 65.98 19.82 22.60
CA MET D 395 67.26 19.24 23.08
C MET D 395 68.05 20.16 23.96
N PHE D 396 68.24 21.39 23.50
CA PHE D 396 68.96 22.36 24.33
C PHE D 396 68.06 22.82 25.46
N GLY D 397 66.75 22.66 25.29
CA GLY D 397 65.84 22.83 26.40
C GLY D 397 66.13 21.77 27.49
N MET D 398 66.56 20.59 27.05
CA MET D 398 66.88 19.50 27.96
C MET D 398 68.19 19.81 28.70
N VAL D 399 69.20 20.16 27.92
CA VAL D 399 70.49 20.51 28.48
C VAL D 399 70.38 21.59 29.53
N LEU D 400 69.64 22.63 29.18
CA LEU D 400 69.40 23.72 30.13
C LEU D 400 68.58 23.25 31.34
N ALA D 401 67.83 22.15 31.21
CA ALA D 401 67.06 21.73 32.38
C ALA D 401 67.72 20.55 33.14
N ILE D 402 68.94 20.18 32.76
CA ILE D 402 69.70 19.27 33.61
C ILE D 402 69.92 20.02 34.90
N GLY D 403 70.00 21.34 34.84
CA GLY D 403 70.24 22.12 36.05
C GLY D 403 69.12 22.00 37.05
N LEU D 404 67.89 21.97 36.57
CA LEU D 404 66.75 21.85 37.47
C LEU D 404 66.56 20.41 37.98
N LEU D 405 66.83 19.43 37.12
CA LEU D 405 66.70 18.03 37.57
C LEU D 405 67.79 17.65 38.61
N VAL D 406 69.02 18.02 38.28
CA VAL D 406 70.12 17.84 39.17
C VAL D 406 69.84 18.56 40.49
N ASP D 407 69.60 19.88 40.48
CA ASP D 407 69.31 20.60 41.73
C ASP D 407 68.16 20.03 42.56
N ASP D 408 66.99 19.71 41.98
CA ASP D 408 65.86 19.10 42.76
C ASP D 408 66.26 17.77 43.51
N ALA D 409 66.70 16.78 42.72
CA ALA D 409 67.15 15.53 43.30
C ALA D 409 68.16 15.80 44.43
N ILE D 410 69.12 16.63 44.08
CA ILE D 410 70.18 17.00 44.99
C ILE D 410 69.67 17.59 46.27
N VAL D 411 68.77 18.56 46.17
CA VAL D 411 68.22 19.22 47.35
C VAL D 411 67.72 18.17 48.34
N VAL D 412 66.92 17.22 47.84
CA VAL D 412 66.38 16.17 48.74
C VAL D 412 67.48 15.25 49.34
N VAL D 413 68.27 14.62 48.47
CA VAL D 413 69.28 13.70 48.95
C VAL D 413 70.15 14.37 49.99
N GLU D 414 70.54 15.60 49.70
CA GLU D 414 71.37 16.34 50.63
C GLU D 414 70.68 16.52 51.96
N ASN D 415 69.44 17.03 51.96
CA ASN D 415 68.72 17.37 53.21
C ASN D 415 68.64 16.17 54.16
N VAL D 416 68.44 15.01 53.55
CA VAL D 416 68.52 13.77 54.31
C VAL D 416 69.90 13.65 54.97
N GLU D 417 70.97 13.67 54.15
CA GLU D 417 72.36 13.52 54.64
C GLU D 417 72.63 14.50 55.77
N ARG D 418 71.92 15.61 55.71
CA ARG D 418 72.05 16.69 56.67
C ARG D 418 71.47 16.20 57.97
N VAL D 419 70.25 15.65 57.88
CA VAL D 419 69.52 15.15 59.05
C VAL D 419 70.24 13.97 59.73
N MET D 420 70.84 13.13 58.93
CA MET D 420 71.58 12.02 59.51
C MET D 420 72.85 12.52 60.17
N ALA D 421 73.48 13.50 59.55
CA ALA D 421 74.71 14.01 60.11
C ALA D 421 74.46 14.89 61.33
N GLU D 422 73.25 15.38 61.48
CA GLU D 422 72.96 16.31 62.53
C GLU D 422 72.31 15.68 63.73
N GLU D 423 71.47 14.66 63.51
CA GLU D 423 70.64 14.13 64.60
C GLU D 423 70.90 12.66 64.90
N GLY D 424 71.43 11.96 63.91
CA GLY D 424 71.73 10.53 64.02
C GLY D 424 70.58 9.56 63.76
N LEU D 425 69.43 10.12 63.34
CA LEU D 425 68.26 9.33 62.95
C LEU D 425 68.56 8.35 61.80
N PRO D 426 67.90 7.19 61.79
CA PRO D 426 68.09 6.20 60.73
C PRO D 426 67.64 6.73 59.40
N PRO D 427 68.16 6.16 58.31
CA PRO D 427 67.86 6.63 56.95
C PRO D 427 66.41 7.00 56.74
N LYS D 428 65.51 6.08 57.08
CA LYS D 428 64.08 6.27 56.85
C LYS D 428 63.53 7.56 57.47
N GLU D 429 63.68 7.70 58.78
CA GLU D 429 63.12 8.85 59.51
C GLU D 429 63.84 10.15 59.12
N ALA D 430 65.12 10.05 58.78
CA ALA D 430 65.87 11.19 58.26
C ALA D 430 65.19 11.66 56.99
N THR D 431 64.72 10.70 56.20
CA THR D 431 64.01 11.03 54.99
C THR D 431 62.67 11.68 55.23
N ARG D 432 61.85 11.07 56.09
CA ARG D 432 60.52 11.64 56.35
C ARG D 432 60.68 13.02 56.95
N LYS D 433 61.65 13.19 57.83
CA LYS D 433 61.94 14.48 58.44
C LYS D 433 62.33 15.49 57.36
N SER D 434 63.18 15.04 56.43
CA SER D 434 63.71 15.92 55.40
C SER D 434 62.58 16.33 54.47
N MET D 435 61.72 15.40 54.08
CA MET D 435 60.57 15.69 53.22
C MET D 435 59.67 16.67 53.95
N GLY D 436 59.54 16.50 55.27
CA GLY D 436 58.79 17.44 56.08
C GLY D 436 59.34 18.86 55.93
N GLN D 437 60.67 18.96 55.78
CA GLN D 437 61.34 20.25 55.56
C GLN D 437 61.20 20.84 54.13
N ILE D 438 61.34 20.01 53.10
CA ILE D 438 61.39 20.53 51.74
C ILE D 438 60.17 20.39 50.82
N GLN D 439 59.22 19.52 51.13
CA GLN D 439 58.13 19.24 50.17
C GLN D 439 57.40 20.46 49.64
N GLY D 440 56.94 21.28 50.58
CA GLY D 440 56.17 22.46 50.24
C GLY D 440 57.01 23.24 49.28
N ALA D 441 58.30 23.32 49.61
CA ALA D 441 59.24 23.98 48.71
C ALA D 441 59.25 23.37 47.30
N LEU D 442 59.52 22.07 47.14
CA LEU D 442 59.64 21.51 45.80
C LEU D 442 58.42 21.75 44.92
N VAL D 443 57.22 21.67 45.49
CA VAL D 443 56.02 22.04 44.68
C VAL D 443 56.01 23.54 44.34
N GLY D 444 56.31 24.35 45.34
CA GLY D 444 56.49 25.79 45.13
C GLY D 444 57.46 26.17 44.01
N ILE D 445 58.66 25.59 44.01
CA ILE D 445 59.66 25.85 42.97
C ILE D 445 59.13 25.38 41.64
N ALA D 446 58.45 24.25 41.56
CA ALA D 446 57.95 23.87 40.24
C ALA D 446 56.97 24.92 39.73
N MET D 447 56.20 25.53 40.64
CA MET D 447 55.19 26.53 40.26
C MET D 447 55.56 28.04 40.16
N VAL D 448 56.61 28.52 40.84
CA VAL D 448 57.09 29.92 40.73
C VAL D 448 58.06 30.05 39.53
N LEU D 449 58.68 28.90 39.22
CA LEU D 449 59.60 28.67 38.09
C LEU D 449 58.84 28.53 36.78
N SER D 450 57.62 28.03 36.88
CA SER D 450 56.81 28.02 35.70
C SER D 450 56.27 29.43 35.47
N ALA D 451 56.26 30.26 36.51
CA ALA D 451 55.79 31.64 36.36
C ALA D 451 56.76 32.44 35.51
N VAL D 452 57.98 31.92 35.31
CA VAL D 452 58.87 32.55 34.35
C VAL D 452 58.98 31.75 33.03
N PHE D 453 58.78 30.43 33.05
CA PHE D 453 58.97 29.70 31.79
C PHE D 453 57.77 29.60 30.87
N VAL D 454 56.60 29.95 31.38
CA VAL D 454 55.41 29.96 30.54
C VAL D 454 55.27 31.22 29.68
N PRO D 455 55.46 32.43 30.27
CA PRO D 455 55.25 33.64 29.46
C PRO D 455 56.04 33.66 28.14
N MET D 456 57.12 32.89 28.05
CA MET D 456 57.83 32.79 26.78
C MET D 456 57.13 31.79 25.84
N ALA D 457 55.99 31.24 26.27
CA ALA D 457 55.24 30.33 25.43
C ALA D 457 54.20 31.09 24.63
N PHE D 458 54.00 32.35 24.96
CA PHE D 458 52.94 33.17 24.32
C PHE D 458 53.47 34.08 23.21
N PHE D 459 54.71 33.90 22.76
CA PHE D 459 55.27 34.79 21.73
C PHE D 459 54.67 34.52 20.35
N GLY D 460 54.79 35.50 19.46
CA GLY D 460 54.13 35.45 18.16
C GLY D 460 55.06 35.23 16.97
N GLY D 461 54.54 34.61 15.92
CA GLY D 461 55.32 34.32 14.73
C GLY D 461 56.14 33.05 14.87
N SER D 462 57.14 32.87 14.01
CA SER D 462 57.98 31.67 14.09
C SER D 462 58.89 31.70 15.31
N THR D 463 59.24 32.94 15.70
CA THR D 463 60.02 33.20 16.91
C THR D 463 59.27 32.65 18.13
N GLY D 464 57.95 32.83 18.14
CA GLY D 464 57.11 32.28 19.19
C GLY D 464 57.22 30.77 19.31
N ALA D 465 57.33 30.08 18.17
CA ALA D 465 57.54 28.64 18.13
C ALA D 465 58.87 28.26 18.77
N ILE D 466 59.90 28.92 18.25
CA ILE D 466 61.26 28.75 18.73
C ILE D 466 61.39 28.92 20.26
N TYR D 467 60.77 29.95 20.84
CA TYR D 467 60.78 30.12 22.32
C TYR D 467 59.91 29.12 23.08
N ARG D 468 58.74 28.81 22.51
CA ARG D 468 57.80 27.90 23.16
C ARG D 468 58.27 26.44 23.28
N GLN D 469 58.94 25.90 22.26
CA GLN D 469 59.47 24.52 22.32
C GLN D 469 60.30 24.32 23.61
N PHE D 470 61.16 25.30 23.85
CA PHE D 470 61.91 25.38 25.09
C PHE D 470 60.96 25.54 26.27
N SER D 471 60.04 26.49 26.16
CA SER D 471 59.10 26.80 27.26
C SER D 471 58.43 25.54 27.82
N ILE D 472 57.85 24.73 26.92
CA ILE D 472 57.15 23.50 27.29
C ILE D 472 58.17 22.43 27.72
N THR D 473 59.32 22.35 27.04
CA THR D 473 60.33 21.37 27.43
C THR D 473 60.70 21.55 28.87
N ILE D 474 60.92 22.80 29.26
CA ILE D 474 61.38 23.11 30.60
C ILE D 474 60.28 23.06 31.67
N VAL D 475 59.11 23.68 31.46
CA VAL D 475 58.06 23.57 32.50
C VAL D 475 57.64 22.07 32.65
N SER D 476 57.68 21.29 31.57
CA SER D 476 57.31 19.87 31.70
C SER D 476 58.43 19.02 32.37
N ALA D 477 59.68 19.17 31.95
CA ALA D 477 60.80 18.49 32.62
C ALA D 477 60.71 18.82 34.09
N MET D 478 60.37 20.07 34.40
CA MET D 478 60.24 20.59 35.78
C MET D 478 59.14 19.96 36.63
N ALA D 479 57.93 19.83 36.07
CA ALA D 479 56.86 19.07 36.73
C ALA D 479 57.29 17.59 36.99
N LEU D 480 57.71 16.88 35.94
CA LEU D 480 58.19 15.51 36.15
C LEU D 480 59.30 15.47 37.18
N SER D 481 60.12 16.51 37.19
CA SER D 481 61.25 16.54 38.07
C SER D 481 60.74 16.55 39.49
N VAL D 482 59.76 17.41 39.73
CA VAL D 482 59.16 17.46 41.07
C VAL D 482 58.42 16.17 41.48
N LEU D 483 57.75 15.53 40.51
CA LEU D 483 57.12 14.24 40.76
C LEU D 483 58.18 13.19 41.14
N VAL D 484 59.27 13.10 40.38
CA VAL D 484 60.34 12.13 40.64
C VAL D 484 60.95 12.37 42.02
N ALA D 485 61.19 13.65 42.29
CA ALA D 485 61.66 14.11 43.57
C ALA D 485 60.72 13.69 44.70
N LEU D 486 59.43 13.62 44.41
CA LEU D 486 58.45 13.27 45.46
C LEU D 486 58.18 11.76 45.58
N ILE D 487 58.53 10.98 44.54
CA ILE D 487 58.25 9.53 44.49
C ILE D 487 59.50 8.62 44.47
N LEU D 488 60.35 8.77 43.49
CA LEU D 488 61.47 7.84 43.35
C LEU D 488 62.63 8.20 44.27
N THR D 489 63.01 9.46 44.19
CA THR D 489 64.10 9.96 44.98
C THR D 489 63.84 9.67 46.46
N PRO D 490 62.65 10.00 47.00
CA PRO D 490 62.54 9.70 48.43
C PRO D 490 62.55 8.20 48.72
N ALA D 491 62.01 7.40 47.81
CA ALA D 491 62.07 5.95 47.95
C ALA D 491 63.51 5.51 47.81
N LEU D 492 64.24 6.02 46.82
CA LEU D 492 65.65 5.66 46.70
C LEU D 492 66.52 6.31 47.76
N CYS D 493 65.92 7.03 48.66
CA CYS D 493 66.70 7.79 49.57
C CYS D 493 66.67 7.04 50.80
N ALA D 494 65.47 6.61 51.13
CA ALA D 494 65.24 5.85 52.34
C ALA D 494 65.82 4.46 52.18
N THR D 495 66.32 4.14 50.98
CA THR D 495 66.62 2.75 50.64
C THR D 495 68.05 2.32 50.28
N MET D 496 68.91 3.21 49.83
CA MET D 496 70.23 2.72 49.49
C MET D 496 71.28 3.46 50.28
N LEU D 497 70.81 4.50 50.93
CA LEU D 497 71.61 5.38 51.77
C LEU D 497 72.18 4.81 53.10
N LYS D 498 73.49 4.99 53.32
CA LYS D 498 74.14 4.49 54.54
C LYS D 498 73.74 5.39 55.70
N PRO D 499 73.41 4.79 56.89
CA PRO D 499 72.97 5.58 58.07
C PRO D 499 74.18 6.27 58.63
N ILE D 500 74.04 7.51 59.09
CA ILE D 500 75.16 8.28 59.64
C ILE D 500 75.01 8.54 61.13
N ALA D 501 76.07 8.25 61.89
CA ALA D 501 76.06 8.49 63.33
C ALA D 501 76.02 9.98 63.61
N LYS D 502 75.25 10.36 64.62
CA LYS D 502 75.01 11.77 64.89
C LYS D 502 76.30 12.57 65.04
N GLY D 503 76.38 13.67 64.28
CA GLY D 503 77.56 14.50 64.30
C GLY D 503 78.84 13.87 63.79
N ASP D 504 78.80 13.18 62.64
CA ASP D 504 80.03 12.58 62.09
C ASP D 504 80.92 13.50 61.26
N HIS D 505 80.48 13.79 60.04
CA HIS D 505 81.23 14.62 59.10
C HIS D 505 82.59 14.00 58.75
N GLY D 506 82.97 12.91 59.40
CA GLY D 506 84.19 12.18 59.08
C GLY D 506 85.40 13.06 58.87
N GLU D 507 85.42 14.16 59.61
CA GLU D 507 86.50 15.13 59.57
C GLU D 507 87.83 14.41 59.80
N GLY D 508 88.92 14.90 59.21
CA GLY D 508 90.25 14.28 59.30
C GLY D 508 90.39 12.76 59.16
N LYS D 509 89.26 12.07 59.39
CA LYS D 509 89.17 10.63 59.56
C LYS D 509 89.81 9.75 58.49
N LYS D 510 89.29 9.71 57.28
CA LYS D 510 89.94 8.86 56.28
C LYS D 510 90.81 9.63 55.26
N GLY D 511 91.98 10.03 55.72
CA GLY D 511 92.99 10.75 54.96
C GLY D 511 92.79 11.39 53.58
N PHE D 512 92.50 10.62 52.53
CA PHE D 512 92.63 11.21 51.18
C PHE D 512 91.37 11.94 50.78
N PHE D 513 90.25 11.50 51.33
CA PHE D 513 88.96 11.95 50.87
C PHE D 513 88.40 12.94 51.89
N GLY D 514 88.96 12.95 53.09
CA GLY D 514 88.47 13.85 54.12
C GLY D 514 89.43 14.76 54.85
N TRP D 515 90.68 14.85 54.41
CA TRP D 515 91.53 15.96 54.82
C TRP D 515 90.87 17.19 54.18
N PHE D 516 90.14 16.91 53.11
CA PHE D 516 89.18 17.80 52.45
C PHE D 516 88.00 18.20 53.36
N ASN D 517 87.42 17.22 54.05
CA ASN D 517 86.28 17.49 54.92
C ASN D 517 86.57 18.53 55.98
N ARG D 518 87.75 18.46 56.56
CA ARG D 518 88.20 19.45 57.53
C ARG D 518 88.12 20.81 56.90
N MET D 519 88.77 20.93 55.75
CA MET D 519 88.81 22.18 55.01
C MET D 519 87.41 22.71 54.61
N PHE D 520 86.44 21.83 54.42
CA PHE D 520 85.14 22.31 53.96
C PHE D 520 84.41 22.81 55.20
N GLU D 521 84.53 22.06 56.30
CA GLU D 521 83.79 22.33 57.53
C GLU D 521 84.24 23.68 58.03
N LYS D 522 85.56 23.84 57.93
CA LYS D 522 86.21 25.07 58.33
C LYS D 522 85.76 26.22 57.48
N SER D 523 85.83 26.03 56.20
CA SER D 523 85.50 27.15 55.35
C SER D 523 84.03 27.57 55.50
N THR D 524 83.15 26.61 55.70
CA THR D 524 81.74 26.93 55.82
C THR D 524 81.53 27.72 57.12
N HIS D 525 82.35 27.42 58.15
CA HIS D 525 82.36 28.31 59.32
C HIS D 525 82.86 29.73 58.99
N HIS D 526 83.93 29.83 58.19
CA HIS D 526 84.39 31.12 57.69
C HIS D 526 83.24 31.93 57.14
N TYR D 527 82.47 31.22 56.31
CA TYR D 527 81.37 31.78 55.56
C TYR D 527 80.28 32.34 56.46
N THR D 528 79.94 31.60 57.49
CA THR D 528 78.86 32.04 58.35
C THR D 528 79.39 33.15 59.26
N ASP D 529 80.65 33.07 59.69
CA ASP D 529 81.28 34.20 60.41
C ASP D 529 81.10 35.49 59.61
N SER D 530 81.27 35.31 58.31
CA SER D 530 81.25 36.38 57.33
C SER D 530 79.82 36.94 57.15
N VAL D 531 78.86 36.04 56.90
CA VAL D 531 77.48 36.44 56.67
C VAL D 531 77.02 37.24 57.88
N GLY D 532 77.35 36.72 59.07
CA GLY D 532 77.06 37.42 60.30
C GLY D 532 77.72 38.77 60.36
N GLY D 533 78.93 38.88 59.82
CA GLY D 533 79.57 40.18 59.83
C GLY D 533 78.82 41.19 59.02
N ILE D 534 78.40 40.80 57.80
CA ILE D 534 77.72 41.74 56.85
C ILE D 534 76.27 42.04 57.19
N LEU D 535 75.66 41.13 57.92
CA LEU D 535 74.33 41.35 58.44
C LEU D 535 74.45 42.35 59.58
N ARG D 536 75.65 42.66 60.03
CA ARG D 536 75.74 43.63 61.11
C ARG D 536 75.61 45.08 60.60
N SER D 537 75.87 45.28 59.30
CA SER D 537 75.62 46.56 58.66
C SER D 537 75.17 46.36 57.24
N THR D 538 73.88 46.49 56.97
CA THR D 538 73.33 46.19 55.65
C THR D 538 73.53 47.25 54.53
N GLY D 539 73.55 48.53 54.88
CA GLY D 539 73.62 49.63 53.95
C GLY D 539 74.56 49.55 52.75
N ARG D 540 75.86 49.47 53.02
CA ARG D 540 76.88 49.49 51.94
C ARG D 540 76.53 48.45 50.88
N TYR D 541 76.03 47.28 51.30
CA TYR D 541 75.76 46.16 50.39
C TYR D 541 74.48 46.36 49.61
N LEU D 542 73.55 47.12 50.15
CA LEU D 542 72.38 47.49 49.37
C LEU D 542 72.85 48.43 48.27
N VAL D 543 73.77 49.31 48.65
CA VAL D 543 74.44 50.15 47.67
C VAL D 543 75.08 49.28 46.58
N LEU D 544 75.97 48.37 46.99
CA LEU D 544 76.68 47.51 46.05
C LEU D 544 75.74 46.79 45.13
N TYR D 545 74.61 46.37 45.69
CA TYR D 545 73.59 45.74 44.91
C TYR D 545 73.22 46.68 43.78
N LEU D 546 72.83 47.90 44.15
CA LEU D 546 72.41 48.89 43.16
C LEU D 546 73.47 49.07 42.09
N ILE D 547 74.74 49.05 42.49
CA ILE D 547 75.82 49.07 41.51
C ILE D 547 75.70 47.87 40.53
N ILE D 548 75.65 46.66 41.09
CA ILE D 548 75.57 45.45 40.29
C ILE D 548 74.43 45.52 39.30
N VAL D 549 73.26 45.93 39.76
CA VAL D 549 72.12 46.07 38.87
C VAL D 549 72.38 47.12 37.79
N VAL D 550 72.85 48.30 38.16
CA VAL D 550 73.13 49.34 37.19
C VAL D 550 74.03 48.81 36.06
N GLY D 551 75.15 48.22 36.47
CA GLY D 551 76.08 47.60 35.53
C GLY D 551 75.38 46.58 34.65
N MET D 552 74.51 45.78 35.27
CA MET D 552 73.74 44.76 34.57
C MET D 552 72.95 45.34 33.44
N ALA D 553 72.25 46.43 33.70
CA ALA D 553 71.43 47.08 32.68
C ALA D 553 72.27 47.63 31.54
N TYR D 554 73.18 48.55 31.87
CA TYR D 554 74.03 49.17 30.84
C TYR D 554 74.60 48.06 30.00
N LEU D 555 75.25 47.11 30.63
CA LEU D 555 75.80 45.95 29.94
C LEU D 555 74.78 45.26 29.03
N PHE D 556 73.52 45.24 29.47
CA PHE D 556 72.52 44.48 28.69
C PHE D 556 72.23 45.23 27.39
N VAL D 557 72.01 46.54 27.48
CA VAL D 557 71.75 47.37 26.31
C VAL D 557 72.90 47.38 25.29
N ARG D 558 74.11 47.26 25.81
CA ARG D 558 75.33 47.32 25.04
C ARG D 558 75.71 45.95 24.47
N LEU D 559 74.79 44.99 24.46
CA LEU D 559 75.11 43.69 23.87
C LEU D 559 74.34 43.62 22.58
N PRO D 560 75.04 43.46 21.46
CA PRO D 560 74.42 43.30 20.13
C PRO D 560 73.51 42.06 20.08
N SER D 561 72.56 42.04 19.15
CA SER D 561 71.37 41.20 19.29
C SER D 561 71.06 40.18 18.17
N SER D 562 71.77 39.06 18.11
CA SER D 562 71.58 38.11 17.01
C SER D 562 70.26 37.36 17.05
N PHE D 563 70.15 36.36 16.18
CA PHE D 563 68.93 35.58 16.11
C PHE D 563 69.35 34.15 16.34
N LEU D 564 70.45 33.75 15.71
CA LEU D 564 70.99 32.40 15.82
C LEU D 564 72.43 32.36 15.36
N PRO D 565 73.26 31.51 15.97
CA PRO D 565 74.69 31.35 15.64
C PRO D 565 74.96 30.70 14.25
N ASP D 566 75.94 31.24 13.55
CA ASP D 566 76.38 30.73 12.24
C ASP D 566 77.28 29.49 12.28
N GLU D 567 76.87 28.47 11.54
CA GLU D 567 77.45 27.14 11.66
C GLU D 567 78.27 26.73 10.42
N ASP D 568 79.45 26.10 10.62
CA ASP D 568 80.12 25.37 9.52
C ASP D 568 79.34 24.09 9.26
N GLN D 569 78.56 24.00 8.21
CA GLN D 569 77.74 22.81 8.02
C GLN D 569 78.45 21.82 7.11
N GLY D 570 79.69 22.18 6.72
CA GLY D 570 80.58 21.33 5.93
C GLY D 570 80.43 21.50 4.44
N VAL D 571 79.65 22.51 4.09
CA VAL D 571 79.08 22.62 2.77
C VAL D 571 78.82 24.09 2.64
N PHE D 572 79.40 24.71 1.63
CA PHE D 572 79.10 26.12 1.43
C PHE D 572 79.01 26.47 -0.03
N MET D 573 78.49 27.66 -0.33
CA MET D 573 78.33 27.93 -1.73
C MET D 573 78.73 29.32 -2.11
N THR D 574 79.05 29.46 -3.38
CA THR D 574 79.54 30.72 -3.90
C THR D 574 78.77 31.05 -5.16
N MET D 575 78.38 32.31 -5.29
CA MET D 575 77.56 32.71 -6.42
C MET D 575 78.23 33.74 -7.34
N VAL D 576 77.87 33.63 -8.62
CA VAL D 576 78.41 34.38 -9.73
C VAL D 576 77.31 35.16 -10.42
N GLN D 577 77.46 36.48 -10.54
CA GLN D 577 76.50 37.26 -11.31
C GLN D 577 77.23 38.05 -12.34
N LEU D 578 76.94 37.75 -13.60
CA LEU D 578 77.62 38.33 -14.73
C LEU D 578 76.94 39.62 -15.10
N PRO D 579 77.68 40.51 -15.78
CA PRO D 579 77.02 41.75 -16.17
C PRO D 579 75.86 41.49 -17.15
N ALA D 580 75.04 42.51 -17.39
CA ALA D 580 73.84 42.38 -18.22
C ALA D 580 74.13 41.88 -19.66
N GLY D 581 73.36 40.90 -20.11
CA GLY D 581 73.44 40.43 -21.46
C GLY D 581 74.59 39.47 -21.76
N ALA D 582 75.39 39.14 -20.76
CA ALA D 582 76.54 38.27 -21.00
C ALA D 582 76.08 36.90 -21.46
N THR D 583 77.02 36.04 -21.83
CA THR D 583 76.64 34.73 -22.37
C THR D 583 77.16 33.54 -21.61
N GLN D 584 76.49 32.41 -21.84
CA GLN D 584 76.82 31.11 -21.26
C GLN D 584 78.30 30.82 -21.21
N GLU D 585 79.01 31.21 -22.26
CA GLU D 585 80.43 30.88 -22.41
C GLU D 585 81.27 31.69 -21.44
N ARG D 586 80.88 32.95 -21.26
CA ARG D 586 81.55 33.83 -20.32
C ARG D 586 81.33 33.25 -18.92
N THR D 587 80.09 32.93 -18.58
CA THR D 587 79.75 32.36 -17.28
C THR D 587 80.56 31.09 -16.97
N GLN D 588 80.56 30.15 -17.91
CA GLN D 588 81.32 28.92 -17.75
C GLN D 588 82.79 29.21 -17.57
N LYS D 589 83.26 30.27 -18.21
CA LYS D 589 84.63 30.74 -18.04
C LYS D 589 84.82 31.13 -16.55
N VAL D 590 83.88 31.92 -16.01
CA VAL D 590 83.95 32.35 -14.61
C VAL D 590 84.03 31.13 -13.68
N LEU D 591 83.17 30.15 -13.90
CA LEU D 591 83.22 28.92 -13.12
C LEU D 591 84.54 28.17 -13.28
N ASN D 592 85.13 28.20 -14.48
CA ASN D 592 86.48 27.66 -14.64
C ASN D 592 87.45 28.31 -13.64
N GLU D 593 87.40 29.64 -13.56
CA GLU D 593 88.25 30.39 -12.61
C GLU D 593 87.96 30.01 -11.14
N VAL D 594 86.69 30.13 -10.75
CA VAL D 594 86.19 29.81 -9.41
C VAL D 594 86.56 28.43 -8.93
N THR D 595 86.18 27.44 -9.74
CA THR D 595 86.46 26.06 -9.47
C THR D 595 87.99 25.86 -9.36
N HIS D 596 88.74 26.53 -10.24
CA HIS D 596 90.21 26.49 -10.21
C HIS D 596 90.76 27.01 -8.86
N TYR D 597 90.26 28.16 -8.42
CA TYR D 597 90.58 28.74 -7.11
C TYR D 597 90.35 27.76 -5.97
N TYR D 598 89.16 27.15 -5.95
CA TYR D 598 88.87 26.21 -4.87
C TYR D 598 89.83 25.06 -4.94
N LEU D 599 89.97 24.49 -6.13
CA LEU D 599 90.73 23.27 -6.30
C LEU D 599 92.26 23.44 -6.24
N THR D 600 92.72 24.68 -6.16
CA THR D 600 94.17 24.96 -6.14
C THR D 600 94.61 25.48 -4.79
N LYS D 601 94.21 26.72 -4.52
CA LYS D 601 94.57 27.40 -3.29
C LYS D 601 93.81 26.84 -2.09
N GLU D 602 93.07 25.76 -2.29
CA GLU D 602 92.30 25.17 -1.20
C GLU D 602 92.10 23.68 -1.43
N LYS D 603 93.16 23.00 -1.83
CA LYS D 603 93.09 21.59 -2.19
C LYS D 603 92.85 20.73 -0.97
N ASN D 604 93.38 21.18 0.17
CA ASN D 604 93.27 20.48 1.45
C ASN D 604 91.88 20.55 2.09
N ASN D 605 91.16 21.62 1.78
CA ASN D 605 89.81 21.86 2.30
C ASN D 605 88.75 21.43 1.30
N VAL D 606 88.82 22.01 0.09
CA VAL D 606 87.83 21.73 -0.93
C VAL D 606 87.95 20.26 -1.34
N GLU D 607 86.82 19.59 -1.54
CA GLU D 607 86.79 18.22 -2.08
C GLU D 607 85.94 18.08 -3.38
N SER D 608 84.90 18.90 -3.50
CA SER D 608 84.01 18.83 -4.65
C SER D 608 83.39 20.18 -4.89
N VAL D 609 83.48 20.64 -6.13
CA VAL D 609 82.70 21.78 -6.55
C VAL D 609 81.63 21.31 -7.55
N PHE D 610 80.40 21.74 -7.34
CA PHE D 610 79.30 21.46 -8.25
C PHE D 610 78.96 22.79 -8.87
N ALA D 611 79.68 23.14 -9.94
CA ALA D 611 79.38 24.35 -10.65
C ALA D 611 78.09 24.10 -11.40
N VAL D 612 77.12 24.98 -11.22
CA VAL D 612 75.91 24.87 -11.97
C VAL D 612 75.80 26.18 -12.72
N ASN D 613 75.99 26.10 -14.04
CA ASN D 613 75.93 27.29 -14.90
C ASN D 613 74.53 27.41 -15.53
N GLY D 614 74.03 28.65 -15.47
CA GLY D 614 72.75 29.01 -16.03
C GLY D 614 71.82 29.39 -14.90
N ALA D 615 71.89 28.62 -13.82
CA ALA D 615 71.12 28.86 -12.61
C ALA D 615 71.89 29.59 -11.50
N GLY D 616 71.24 30.58 -10.92
CA GLY D 616 71.75 31.24 -9.73
C GLY D 616 70.58 31.47 -8.80
N ALA D 617 70.86 31.93 -7.59
CA ALA D 617 69.81 32.28 -6.66
C ALA D 617 69.12 33.50 -7.19
N ALA D 618 69.89 34.32 -7.91
CA ALA D 618 69.38 35.55 -8.49
C ALA D 618 68.24 35.20 -9.42
N GLY D 619 68.41 34.11 -10.17
CA GLY D 619 67.40 33.66 -11.10
C GLY D 619 68.03 32.76 -12.14
N ALA D 620 67.33 32.60 -13.26
CA ALA D 620 67.83 31.81 -14.37
C ALA D 620 68.54 32.76 -15.35
N GLY D 621 69.42 32.21 -16.19
CA GLY D 621 70.08 33.04 -17.17
C GLY D 621 71.54 32.71 -17.47
N GLN D 622 71.94 32.95 -18.72
CA GLN D 622 73.31 32.72 -19.15
C GLN D 622 74.29 33.44 -18.24
N ASN D 623 73.96 34.69 -17.90
CA ASN D 623 74.75 35.49 -16.97
C ASN D 623 74.97 34.86 -15.59
N THR D 624 73.93 34.24 -15.03
CA THR D 624 73.96 33.82 -13.61
C THR D 624 74.60 32.44 -13.39
N GLY D 625 75.23 32.26 -12.24
CA GLY D 625 75.87 31.00 -11.92
C GLY D 625 76.02 30.74 -10.44
N ILE D 626 76.16 29.47 -10.07
CA ILE D 626 76.28 29.03 -8.68
C ILE D 626 77.15 27.80 -8.54
N ALA D 627 77.93 27.76 -7.47
CA ALA D 627 78.83 26.64 -7.23
C ALA D 627 78.68 26.12 -5.81
N PHE D 628 78.32 24.84 -5.72
CA PHE D 628 78.21 24.12 -4.47
C PHE D 628 79.55 23.47 -4.10
N VAL D 629 80.09 23.87 -2.95
CA VAL D 629 81.36 23.31 -2.50
C VAL D 629 81.19 22.40 -1.30
N SER D 630 81.50 21.13 -1.51
CA SER D 630 81.61 20.21 -0.41
C SER D 630 83.08 20.12 0.02
N LEU D 631 83.33 20.25 1.32
CA LEU D 631 84.68 20.18 1.86
C LEU D 631 85.01 18.79 2.36
N LYS D 632 86.30 18.52 2.59
CA LYS D 632 86.67 17.24 3.19
C LYS D 632 86.07 17.16 4.57
N ASP D 633 86.29 16.04 5.25
CA ASP D 633 85.61 15.86 6.51
C ASP D 633 86.33 16.74 7.55
N TRP D 634 85.54 17.44 8.38
CA TRP D 634 86.07 18.46 9.30
C TRP D 634 87.15 17.89 10.22
N ALA D 635 87.15 16.57 10.38
CA ALA D 635 88.19 15.87 11.15
C ALA D 635 89.49 15.76 10.33
N ASP D 636 89.55 16.47 9.21
CA ASP D 636 90.78 16.61 8.41
C ASP D 636 91.07 18.10 8.24
N ARG D 637 90.26 18.93 8.90
CA ARG D 637 90.40 20.39 8.85
C ARG D 637 90.63 21.03 10.23
N PRO D 638 91.90 21.06 10.67
CA PRO D 638 92.26 21.53 12.01
C PRO D 638 91.95 23.00 12.29
N GLY D 639 92.57 23.92 11.55
CA GLY D 639 92.59 25.30 11.98
C GLY D 639 91.26 26.01 12.17
N GLU D 640 91.39 27.27 12.55
CA GLU D 640 90.27 28.19 12.77
C GLU D 640 89.86 28.87 11.46
N GLU D 641 90.85 29.07 10.60
CA GLU D 641 90.68 29.68 9.30
C GLU D 641 90.43 28.62 8.21
N ASN D 642 90.43 27.35 8.61
CA ASN D 642 90.06 26.25 7.72
C ASN D 642 88.60 25.89 7.91
N LYS D 643 87.85 26.82 8.47
CA LYS D 643 86.45 26.61 8.76
C LYS D 643 85.63 27.50 7.87
N VAL D 644 84.54 26.94 7.35
CA VAL D 644 83.58 27.62 6.47
C VAL D 644 83.55 29.16 6.39
N GLU D 645 83.40 29.83 7.52
CA GLU D 645 83.36 31.29 7.54
C GLU D 645 84.55 31.97 6.87
N ALA D 646 85.76 31.74 7.40
CA ALA D 646 86.98 32.42 6.94
C ALA D 646 87.41 32.02 5.53
N ILE D 647 87.09 30.80 5.13
CA ILE D 647 87.29 30.37 3.76
C ILE D 647 86.39 31.21 2.86
N THR D 648 85.11 31.33 3.21
CA THR D 648 84.19 32.17 2.43
C THR D 648 84.63 33.63 2.39
N MET D 649 85.17 34.14 3.49
CA MET D 649 85.64 35.52 3.54
C MET D 649 86.86 35.73 2.63
N ARG D 650 87.77 34.75 2.59
CA ARG D 650 88.96 34.91 1.77
C ARG D 650 88.64 34.61 0.29
N ALA D 651 87.58 33.85 0.05
CA ALA D 651 87.08 33.59 -1.31
C ALA D 651 86.40 34.83 -1.86
N THR D 652 85.61 35.53 -1.04
CA THR D 652 85.05 36.83 -1.44
C THR D 652 86.17 37.85 -1.62
N ARG D 653 87.24 37.68 -0.84
CA ARG D 653 88.47 38.47 -1.00
C ARG D 653 89.09 38.32 -2.39
N ALA D 654 89.35 37.07 -2.79
CA ALA D 654 89.84 36.81 -4.13
C ALA D 654 88.83 37.31 -5.19
N PHE D 655 87.60 36.84 -5.11
CA PHE D 655 86.64 37.03 -6.20
C PHE D 655 85.93 38.38 -6.26
N SER D 656 86.22 39.28 -5.32
CA SER D 656 85.52 40.56 -5.36
C SER D 656 86.11 41.50 -6.37
N GLN D 657 87.29 42.02 -6.06
CA GLN D 657 87.87 43.15 -6.80
C GLN D 657 88.60 42.78 -8.10
N ILE D 658 88.99 41.53 -8.25
CA ILE D 658 89.87 41.18 -9.36
C ILE D 658 89.16 40.33 -10.43
N LYS D 659 87.85 40.57 -10.57
CA LYS D 659 87.08 39.91 -11.62
C LYS D 659 86.19 40.93 -12.32
N ASP D 660 85.66 40.55 -13.47
CA ASP D 660 84.87 41.46 -14.31
C ASP D 660 83.39 41.35 -13.98
N ALA D 661 83.08 40.41 -13.09
CA ALA D 661 81.72 40.22 -12.60
C ALA D 661 81.74 40.09 -11.08
N MET D 662 80.62 40.40 -10.44
CA MET D 662 80.56 40.41 -8.99
C MET D 662 80.37 38.98 -8.56
N VAL D 663 81.34 38.46 -7.83
CA VAL D 663 81.33 37.06 -7.39
C VAL D 663 81.55 36.97 -5.89
N PHE D 664 80.48 36.63 -5.17
CA PHE D 664 80.55 36.61 -3.70
C PHE D 664 80.42 35.17 -3.19
N ALA D 665 81.21 34.82 -2.18
CA ALA D 665 81.18 33.47 -1.61
C ALA D 665 80.68 33.49 -0.15
N PHE D 666 79.79 32.55 0.19
CA PHE D 666 79.23 32.54 1.54
C PHE D 666 78.74 31.20 2.11
N ASN D 667 78.46 31.30 3.41
CA ASN D 667 77.76 30.31 4.20
C ASN D 667 76.35 30.79 4.57
N LEU D 668 75.38 29.90 4.50
CA LEU D 668 74.00 30.21 4.87
C LEU D 668 73.84 30.08 6.38
N PRO D 669 72.90 30.83 6.95
CA PRO D 669 72.61 30.57 8.36
C PRO D 669 71.89 29.21 8.50
N ALA D 670 71.63 28.75 9.71
CA ALA D 670 70.87 27.51 9.89
C ALA D 670 69.42 27.76 9.49
N ILE D 671 68.89 28.87 10.03
CA ILE D 671 67.53 29.36 9.78
C ILE D 671 67.20 29.85 8.37
N VAL D 672 66.42 29.05 7.66
CA VAL D 672 66.00 29.41 6.32
C VAL D 672 64.91 30.51 6.39
N GLU D 673 65.15 31.61 5.69
CA GLU D 673 64.22 32.77 5.44
C GLU D 673 63.50 33.60 6.54
N LEU D 674 64.08 33.75 7.73
CA LEU D 674 63.52 34.66 8.74
C LEU D 674 64.55 35.66 9.27
N GLY D 675 64.10 36.90 9.48
CA GLY D 675 64.89 37.98 10.02
C GLY D 675 66.37 37.92 9.71
N THR D 676 66.77 38.47 8.57
CA THR D 676 68.17 38.48 8.20
C THR D 676 68.89 39.51 9.06
N ALA D 677 69.19 39.11 10.31
CA ALA D 677 69.82 39.98 11.30
C ALA D 677 69.12 41.34 11.35
N THR D 678 69.91 42.41 11.50
CA THR D 678 69.32 43.74 11.46
C THR D 678 69.07 44.06 9.97
N GLY D 679 67.91 43.63 9.46
CA GLY D 679 67.59 43.83 8.06
C GLY D 679 66.15 43.60 7.61
N PHE D 680 65.84 44.18 6.45
CA PHE D 680 64.50 44.22 5.89
C PHE D 680 64.45 43.98 4.37
N ASP D 681 63.21 44.01 3.89
CA ASP D 681 62.86 43.76 2.50
C ASP D 681 61.63 44.60 2.13
N PHE D 682 61.86 45.81 1.61
CA PHE D 682 60.81 46.81 1.33
C PHE D 682 60.17 46.67 -0.06
N GLU D 683 58.84 46.86 -0.13
CA GLU D 683 58.12 46.72 -1.40
C GLU D 683 57.49 48.01 -1.91
N LEU D 684 57.94 48.44 -3.09
CA LEU D 684 57.34 49.60 -3.71
C LEU D 684 56.24 49.15 -4.65
N ILE D 685 55.08 49.78 -4.54
CA ILE D 685 53.89 49.30 -5.22
C ILE D 685 53.29 50.39 -6.13
N ASP D 686 52.69 49.99 -7.24
CA ASP D 686 51.94 50.88 -8.11
C ASP D 686 50.44 50.75 -7.84
N GLN D 687 49.84 51.75 -7.19
CA GLN D 687 48.43 51.68 -6.78
C GLN D 687 47.42 52.48 -7.63
N ALA D 688 47.84 53.62 -8.17
CA ALA D 688 46.94 54.43 -9.00
C ALA D 688 47.15 54.22 -10.52
N GLY D 689 48.10 53.37 -10.89
CA GLY D 689 48.39 53.13 -12.30
C GLY D 689 49.38 54.07 -12.98
N LEU D 690 50.67 53.87 -12.70
CA LEU D 690 51.74 54.68 -13.29
C LEU D 690 52.69 53.90 -14.20
N GLY D 691 52.55 52.58 -14.26
CA GLY D 691 53.34 51.79 -15.18
C GLY D 691 54.83 51.68 -14.92
N HIS D 692 55.41 50.67 -15.58
CA HIS D 692 56.80 50.25 -15.40
C HIS D 692 57.79 51.40 -15.41
N GLU D 693 57.59 52.35 -16.32
CA GLU D 693 58.48 53.49 -16.42
C GLU D 693 58.55 54.24 -15.10
N LYS D 694 57.39 54.71 -14.67
CA LYS D 694 57.28 55.56 -13.51
C LYS D 694 57.63 54.87 -12.19
N LEU D 695 57.28 53.59 -12.07
CA LEU D 695 57.66 52.86 -10.87
C LEU D 695 59.16 52.55 -10.77
N THR D 696 59.75 51.95 -11.82
CA THR D 696 61.18 51.64 -11.79
C THR D 696 61.99 52.91 -11.55
N GLN D 697 61.60 54.00 -12.22
CA GLN D 697 62.30 55.25 -12.02
C GLN D 697 62.11 55.76 -10.59
N ALA D 698 60.88 55.67 -10.08
CA ALA D 698 60.63 56.05 -8.70
C ALA D 698 61.52 55.25 -7.77
N ARG D 699 61.80 54.02 -8.15
CA ARG D 699 62.68 53.18 -7.35
C ARG D 699 64.11 53.69 -7.38
N ASN D 700 64.57 54.11 -8.55
CA ASN D 700 65.91 54.69 -8.61
C ASN D 700 66.00 55.92 -7.74
N GLN D 701 64.90 56.66 -7.71
CA GLN D 701 64.76 57.80 -6.82
C GLN D 701 64.96 57.40 -5.38
N LEU D 702 64.24 56.37 -4.94
CA LEU D 702 64.37 55.92 -3.55
C LEU D 702 65.75 55.31 -3.28
N LEU D 703 66.42 54.80 -4.32
CA LEU D 703 67.74 54.17 -4.16
C LEU D 703 68.84 55.17 -3.89
N ALA D 704 68.84 56.24 -4.69
CA ALA D 704 69.81 57.30 -4.47
C ALA D 704 69.46 58.10 -3.23
N GLU D 705 68.17 58.35 -3.04
CA GLU D 705 67.70 59.11 -1.89
C GLU D 705 67.92 58.32 -0.61
N ALA D 706 68.07 57.01 -0.73
CA ALA D 706 68.37 56.17 0.43
C ALA D 706 69.87 56.01 0.58
N ALA D 707 70.62 56.33 -0.47
CA ALA D 707 72.07 56.36 -0.30
C ALA D 707 72.46 57.67 0.40
N LYS D 708 71.48 58.59 0.48
CA LYS D 708 71.65 59.92 1.09
C LYS D 708 71.49 59.90 2.62
N HIS D 709 71.10 58.74 3.15
CA HIS D 709 70.99 58.54 4.60
C HIS D 709 71.79 57.29 5.01
N PRO D 710 73.12 57.46 5.20
CA PRO D 710 74.04 56.39 5.59
C PRO D 710 74.00 56.11 7.09
N ASP D 711 73.18 56.87 7.81
CA ASP D 711 73.12 56.77 9.26
C ASP D 711 72.01 55.81 9.71
N MET D 712 71.18 55.35 8.79
CA MET D 712 70.11 54.44 9.15
C MET D 712 70.08 53.19 8.25
N LEU D 713 70.22 53.41 6.94
CA LEU D 713 70.06 52.37 5.92
C LEU D 713 71.38 51.76 5.44
N THR D 714 71.28 50.55 4.89
CA THR D 714 72.43 49.81 4.38
C THR D 714 72.07 48.91 3.16
N SER D 715 72.90 48.94 2.11
CA SER D 715 72.73 48.11 0.89
C SER D 715 71.45 48.31 0.08
N VAL D 716 71.18 49.54 -0.34
CA VAL D 716 70.03 49.80 -1.18
C VAL D 716 70.16 49.44 -2.70
N ARG D 717 69.57 48.31 -3.07
CA ARG D 717 69.55 47.82 -4.46
C ARG D 717 68.13 47.38 -4.80
N PRO D 718 67.84 47.15 -6.09
CA PRO D 718 66.61 46.43 -6.37
C PRO D 718 66.83 44.92 -6.27
N ASN D 719 65.81 44.15 -5.88
CA ASN D 719 65.94 42.70 -5.82
C ASN D 719 65.27 42.03 -7.00
N GLY D 720 65.98 42.03 -8.12
CA GLY D 720 65.52 41.44 -9.37
C GLY D 720 66.63 41.67 -10.37
N LEU D 721 66.32 41.55 -11.65
CA LEU D 721 67.32 41.83 -12.66
C LEU D 721 66.84 43.11 -13.33
N GLU D 722 67.75 44.08 -13.39
CA GLU D 722 67.43 45.39 -13.92
C GLU D 722 67.33 45.36 -15.44
N ASP D 723 66.65 46.36 -15.98
CA ASP D 723 66.39 46.48 -17.41
C ASP D 723 67.64 46.31 -18.27
N THR D 724 67.56 45.32 -19.15
CA THR D 724 68.59 45.03 -20.15
C THR D 724 68.02 45.45 -21.49
N PRO D 725 68.88 45.58 -22.52
CA PRO D 725 68.29 45.96 -23.81
C PRO D 725 67.61 44.81 -24.60
N GLN D 726 66.43 45.11 -25.15
CA GLN D 726 65.66 44.19 -25.97
C GLN D 726 65.60 44.66 -27.42
N PHE D 727 65.03 43.82 -28.27
CA PHE D 727 65.05 44.06 -29.71
C PHE D 727 63.62 43.97 -30.28
N LYS D 728 63.01 45.12 -30.55
CA LYS D 728 61.64 45.11 -31.06
C LYS D 728 61.59 44.88 -32.55
N ILE D 729 60.82 43.86 -32.91
CA ILE D 729 60.55 43.53 -34.30
C ILE D 729 59.09 43.87 -34.62
N ASP D 730 58.85 45.08 -35.11
CA ASP D 730 57.51 45.51 -35.49
C ASP D 730 57.12 44.92 -36.86
N ILE D 731 56.11 44.05 -36.85
CA ILE D 731 55.52 43.50 -38.07
C ILE D 731 54.40 44.43 -38.56
N ASP D 732 54.52 44.99 -39.75
CA ASP D 732 53.45 45.86 -40.26
C ASP D 732 52.34 45.08 -40.98
N GLN D 733 51.25 44.82 -40.27
CA GLN D 733 50.12 44.06 -40.81
C GLN D 733 49.74 44.50 -42.21
N GLU D 734 49.88 45.79 -42.50
CA GLU D 734 49.49 46.33 -43.81
C GLU D 734 50.29 45.71 -44.93
N LYS D 735 51.61 45.82 -44.79
CA LYS D 735 52.53 45.41 -45.83
C LYS D 735 52.47 43.92 -46.14
N ALA D 736 52.23 43.11 -45.12
CA ALA D 736 52.17 41.66 -45.33
C ALA D 736 50.74 41.20 -45.67
N GLN D 737 49.73 41.98 -45.29
CA GLN D 737 48.35 41.72 -45.71
C GLN D 737 48.25 41.95 -47.21
N ALA D 738 49.14 42.80 -47.71
CA ALA D 738 49.21 43.01 -49.15
C ALA D 738 49.87 41.81 -49.85
N LEU D 739 51.12 41.53 -49.48
CA LEU D 739 51.96 40.58 -50.19
C LEU D 739 51.37 39.16 -50.17
N GLY D 740 50.31 38.95 -49.40
CA GLY D 740 49.66 37.67 -49.38
C GLY D 740 50.26 36.68 -48.40
N VAL D 741 50.98 37.20 -47.39
CA VAL D 741 51.53 36.36 -46.32
C VAL D 741 50.51 36.21 -45.19
N SER D 742 50.58 35.09 -44.49
CA SER D 742 49.69 34.84 -43.36
C SER D 742 50.32 35.26 -42.03
N ILE D 743 49.57 36.07 -41.27
CA ILE D 743 50.05 36.58 -40.00
C ILE D 743 50.31 35.42 -39.06
N ASN D 744 49.44 34.41 -39.19
CA ASN D 744 49.54 33.14 -38.47
C ASN D 744 50.92 32.54 -38.64
N ASP D 745 51.26 32.29 -39.91
CA ASP D 745 52.49 31.64 -40.33
C ASP D 745 53.74 32.48 -40.04
N ILE D 746 53.58 33.80 -40.07
CA ILE D 746 54.64 34.76 -39.76
C ILE D 746 55.02 34.68 -38.29
N ASN D 747 53.98 34.77 -37.47
CA ASN D 747 54.12 34.64 -36.06
C ASN D 747 54.81 33.34 -35.74
N THR D 748 54.16 32.22 -36.07
CA THR D 748 54.70 30.94 -35.60
C THR D 748 56.02 30.58 -36.25
N THR D 749 56.39 31.20 -37.37
CA THR D 749 57.72 30.88 -37.86
C THR D 749 58.75 31.66 -37.07
N LEU D 750 58.50 32.94 -36.80
CA LEU D 750 59.45 33.70 -35.99
C LEU D 750 59.60 32.97 -34.64
N GLY D 751 58.45 32.51 -34.15
CA GLY D 751 58.37 31.60 -33.02
C GLY D 751 59.21 30.37 -33.27
N ALA D 752 58.58 29.28 -33.69
CA ALA D 752 59.19 27.96 -33.71
C ALA D 752 60.63 27.94 -34.22
N ALA D 753 61.02 29.00 -34.92
CA ALA D 753 62.42 29.17 -35.28
C ALA D 753 63.25 29.64 -34.08
N TRP D 754 62.91 30.79 -33.52
CA TRP D 754 63.79 31.41 -32.54
C TRP D 754 63.49 31.05 -31.05
N GLY D 755 62.24 30.68 -30.77
CA GLY D 755 61.91 30.18 -29.45
C GLY D 755 61.82 28.66 -29.43
N GLY D 756 61.21 28.08 -30.45
CA GLY D 756 61.06 26.64 -30.53
C GLY D 756 59.59 26.33 -30.38
N SER D 757 59.21 25.09 -30.67
CA SER D 757 57.83 24.66 -30.51
C SER D 757 57.71 23.24 -30.01
N TYR D 758 57.15 23.14 -28.82
CA TYR D 758 56.75 21.85 -28.31
C TYR D 758 55.56 21.50 -29.17
N VAL D 759 55.67 20.41 -29.90
CA VAL D 759 54.58 20.05 -30.76
C VAL D 759 53.92 18.77 -30.34
N ASN D 760 54.70 17.70 -30.33
CA ASN D 760 54.12 16.39 -30.32
C ASN D 760 55.05 15.48 -29.54
N ASP D 761 54.60 14.29 -29.20
CA ASP D 761 55.36 13.38 -28.33
C ASP D 761 55.89 12.14 -29.04
N PHE D 762 57.03 11.61 -28.63
CA PHE D 762 57.41 10.31 -29.16
C PHE D 762 57.72 9.27 -28.09
N ILE D 763 58.22 8.11 -28.50
CA ILE D 763 58.43 7.00 -27.59
C ILE D 763 59.87 6.48 -27.60
N ASP D 764 60.63 6.93 -26.59
CA ASP D 764 62.07 6.68 -26.47
C ASP D 764 62.41 5.53 -25.51
N ARG D 765 62.86 4.41 -26.06
CA ARG D 765 63.31 3.25 -25.27
C ARG D 765 62.26 2.69 -24.31
N GLY D 766 61.00 3.15 -24.47
CA GLY D 766 59.90 2.70 -23.63
C GLY D 766 59.16 3.82 -22.91
N ARG D 767 59.75 5.01 -22.92
CA ARG D 767 59.20 6.18 -22.21
C ARG D 767 58.77 7.33 -23.12
N VAL D 768 57.50 7.74 -23.00
CA VAL D 768 57.01 8.89 -23.74
C VAL D 768 57.84 10.14 -23.38
N LYS D 769 58.28 10.86 -24.40
CA LYS D 769 59.09 12.07 -24.22
C LYS D 769 58.70 13.13 -25.24
N LYS D 770 59.34 14.28 -25.16
CA LYS D 770 58.94 15.43 -25.97
C LYS D 770 59.59 15.49 -27.36
N VAL D 771 59.00 16.31 -28.24
CA VAL D 771 59.61 16.70 -29.53
C VAL D 771 59.63 18.23 -29.76
N TYR D 772 60.81 18.82 -29.76
CA TYR D 772 60.93 20.27 -29.97
C TYR D 772 61.48 20.55 -31.38
N VAL D 773 60.94 21.58 -32.04
CA VAL D 773 61.36 21.95 -33.39
C VAL D 773 61.78 23.41 -33.47
N MET D 774 63.07 23.59 -33.75
CA MET D 774 63.68 24.89 -33.65
C MET D 774 64.77 25.10 -34.70
N SER D 775 65.07 26.36 -35.00
CA SER D 775 66.19 26.70 -35.89
C SER D 775 67.52 26.17 -35.33
N GLU D 776 68.40 25.77 -36.23
CA GLU D 776 69.74 25.31 -35.87
C GLU D 776 70.53 26.43 -35.18
N ALA D 777 71.69 26.06 -34.65
CA ALA D 777 72.53 26.95 -33.85
C ALA D 777 72.86 28.26 -34.54
N LYS D 778 73.38 28.20 -35.76
CA LYS D 778 74.00 29.39 -36.39
C LYS D 778 73.03 30.40 -37.06
N TYR D 779 71.74 30.10 -37.10
CA TYR D 779 70.81 30.95 -37.86
C TYR D 779 69.90 31.81 -36.98
N ARG D 780 70.31 32.03 -35.73
CA ARG D 780 69.55 32.88 -34.83
C ARG D 780 70.43 33.37 -33.68
N MET D 781 71.61 33.90 -34.00
CA MET D 781 72.56 34.35 -32.98
C MET D 781 72.66 35.87 -32.99
N LEU D 782 72.82 36.44 -34.18
CA LEU D 782 72.91 37.88 -34.37
C LEU D 782 71.69 38.30 -35.21
N PRO D 783 71.16 39.52 -34.98
CA PRO D 783 69.87 39.95 -35.58
C PRO D 783 69.78 39.91 -37.12
N ASP D 784 70.91 39.97 -37.83
CA ASP D 784 70.90 39.81 -39.28
C ASP D 784 70.22 38.52 -39.71
N ASP D 785 70.38 37.45 -38.94
CA ASP D 785 69.79 36.17 -39.31
C ASP D 785 68.27 36.25 -39.44
N ILE D 786 67.69 37.30 -38.89
CA ILE D 786 66.25 37.52 -39.05
C ILE D 786 65.91 37.51 -40.53
N GLY D 787 66.78 38.13 -41.32
CA GLY D 787 66.62 38.19 -42.75
C GLY D 787 66.57 36.83 -43.41
N ASP D 788 67.38 35.88 -42.92
CA ASP D 788 67.51 34.58 -43.58
C ASP D 788 66.25 33.68 -43.57
N TRP D 789 65.12 34.21 -43.08
CA TRP D 789 63.92 33.38 -42.87
C TRP D 789 62.75 33.81 -43.75
N TYR D 790 62.16 32.84 -44.46
CA TYR D 790 61.17 33.17 -45.47
C TYR D 790 59.87 32.45 -45.18
N VAL D 791 58.77 33.20 -45.36
CA VAL D 791 57.42 32.66 -45.21
C VAL D 791 56.70 32.52 -46.55
N ARG D 792 56.03 31.40 -46.77
CA ARG D 792 55.39 31.16 -48.06
C ARG D 792 54.00 31.73 -48.07
N ALA D 793 53.76 32.64 -49.01
CA ALA D 793 52.52 33.40 -49.09
C ALA D 793 51.37 32.60 -49.72
N ALA D 794 50.19 33.22 -49.79
CA ALA D 794 49.04 32.55 -50.37
C ALA D 794 49.22 32.39 -51.88
N ASP D 795 50.01 33.29 -52.45
CA ASP D 795 50.28 33.29 -53.89
C ASP D 795 51.49 32.42 -54.26
N GLY D 796 52.13 31.82 -53.26
CA GLY D 796 53.20 30.87 -53.51
C GLY D 796 54.60 31.42 -53.32
N GLN D 797 54.70 32.71 -53.06
CA GLN D 797 56.00 33.40 -53.04
C GLN D 797 56.62 33.72 -51.66
N MET D 798 57.91 33.37 -51.52
CA MET D 798 58.67 33.62 -50.30
C MET D 798 58.75 35.13 -50.09
N VAL D 799 58.98 35.53 -48.85
CA VAL D 799 59.09 36.94 -48.49
C VAL D 799 60.24 37.08 -47.48
N PRO D 800 61.17 38.03 -47.70
CA PRO D 800 62.22 38.22 -46.69
C PRO D 800 61.61 38.91 -45.49
N PHE D 801 62.27 38.93 -44.34
CA PHE D 801 61.64 39.61 -43.20
C PHE D 801 61.59 41.14 -43.37
N SER D 802 62.68 41.73 -43.83
CA SER D 802 62.75 43.19 -44.02
C SER D 802 61.69 43.67 -45.02
N ALA D 803 60.93 42.74 -45.59
CA ALA D 803 59.82 43.08 -46.47
C ALA D 803 58.60 43.54 -45.66
N PHE D 804 58.54 43.16 -44.38
CA PHE D 804 57.49 43.63 -43.45
C PHE D 804 57.95 43.81 -41.98
N SER D 805 59.27 43.91 -41.74
CA SER D 805 59.79 44.04 -40.36
C SER D 805 60.68 45.25 -40.05
N SER D 806 60.17 46.20 -39.29
CA SER D 806 61.09 47.21 -38.73
C SER D 806 61.76 46.64 -37.48
N SER D 807 62.99 47.03 -37.22
CA SER D 807 63.70 46.44 -36.10
C SER D 807 64.46 47.50 -35.35
N ARG D 808 64.36 47.45 -34.03
CA ARG D 808 65.06 48.40 -33.18
C ARG D 808 65.56 47.83 -31.84
N TRP D 809 66.34 48.64 -31.14
CA TRP D 809 66.76 48.35 -29.77
C TRP D 809 66.06 49.25 -28.77
N GLU D 810 65.74 48.69 -27.61
CA GLU D 810 65.05 49.42 -26.57
C GLU D 810 65.47 48.79 -25.26
N TYR D 811 64.85 49.16 -24.16
CA TYR D 811 65.17 48.49 -22.91
C TYR D 811 64.03 47.53 -22.62
N GLY D 812 64.18 46.72 -21.58
CA GLY D 812 63.11 45.87 -21.14
C GLY D 812 63.49 45.12 -19.89
N SER D 813 62.48 44.68 -19.16
CA SER D 813 62.66 43.92 -17.92
C SER D 813 62.60 42.40 -18.15
N PRO D 814 63.57 41.68 -17.58
CA PRO D 814 63.68 40.22 -17.61
C PRO D 814 62.95 39.61 -16.43
N ARG D 815 62.43 40.47 -15.58
CA ARG D 815 61.75 40.11 -14.34
C ARG D 815 60.65 41.11 -14.01
N LEU D 816 59.41 40.74 -14.28
CA LEU D 816 58.29 41.63 -13.98
C LEU D 816 57.64 41.17 -12.68
N GLU D 817 57.82 41.96 -11.62
CA GLU D 817 57.35 41.59 -10.29
C GLU D 817 55.96 42.15 -9.97
N ARG D 818 55.20 41.41 -9.15
CA ARG D 818 53.89 41.91 -8.69
C ARG D 818 53.67 41.61 -7.19
N TYR D 819 53.15 42.59 -6.46
CA TYR D 819 52.81 42.34 -5.05
C TYR D 819 51.33 42.64 -4.83
N ASN D 820 50.53 41.59 -4.64
CA ASN D 820 49.07 41.67 -4.39
C ASN D 820 48.18 42.28 -5.47
N GLY D 821 48.42 41.95 -6.74
CA GLY D 821 47.45 42.26 -7.77
C GLY D 821 47.87 43.46 -8.58
N LEU D 822 48.78 44.25 -8.03
CA LEU D 822 49.22 45.45 -8.70
C LEU D 822 50.75 45.37 -8.90
N PRO D 823 51.28 46.01 -9.96
CA PRO D 823 52.71 45.99 -10.31
C PRO D 823 53.62 46.61 -9.22
N SER D 824 54.72 45.94 -8.89
CA SER D 824 55.60 46.35 -7.79
C SER D 824 57.07 46.01 -8.01
N MET D 825 57.95 46.63 -7.23
CA MET D 825 59.36 46.27 -7.25
C MET D 825 59.97 46.16 -5.84
N GLU D 826 60.67 45.04 -5.67
CA GLU D 826 61.25 44.57 -4.42
C GLU D 826 62.66 45.09 -4.16
N ILE D 827 62.85 45.74 -3.01
CA ILE D 827 64.14 46.29 -2.59
C ILE D 827 64.70 45.64 -1.32
N LEU D 828 65.87 45.02 -1.38
CA LEU D 828 66.46 44.49 -0.16
C LEU D 828 67.09 45.62 0.63
N GLY D 829 67.48 45.32 1.87
CA GLY D 829 68.18 46.34 2.63
C GLY D 829 68.40 45.98 4.07
N GLN D 830 69.40 46.59 4.70
CA GLN D 830 69.68 46.35 6.11
C GLN D 830 69.87 47.66 6.89
N ALA D 831 70.05 47.56 8.19
CA ALA D 831 70.12 48.74 9.05
C ALA D 831 71.53 49.21 9.33
N ALA D 832 71.64 50.50 9.62
CA ALA D 832 72.90 51.14 9.93
C ALA D 832 73.75 50.32 10.89
N PRO D 833 75.08 50.51 10.83
CA PRO D 833 76.04 49.71 11.59
C PRO D 833 75.65 49.36 13.03
N GLY D 834 75.23 50.35 13.80
CA GLY D 834 74.80 50.13 15.19
C GLY D 834 73.32 50.10 15.53
N LYS D 835 72.47 50.39 14.54
CA LYS D 835 71.08 50.76 14.83
C LYS D 835 70.02 49.70 14.48
N SER D 836 68.98 49.62 15.31
CA SER D 836 67.77 48.80 15.15
C SER D 836 67.13 48.76 13.76
N THR D 837 66.69 47.57 13.35
CA THR D 837 66.10 47.38 12.04
C THR D 837 64.85 48.21 11.81
N GLY D 838 64.00 48.28 12.85
CA GLY D 838 62.71 48.94 12.74
C GLY D 838 62.77 50.44 12.60
N GLU D 839 63.77 51.02 13.25
CA GLU D 839 64.04 52.45 13.15
C GLU D 839 64.41 52.75 11.70
N ALA D 840 65.29 51.91 11.15
CA ALA D 840 65.71 52.01 9.76
C ALA D 840 64.47 51.88 8.87
N MET D 841 63.55 51.03 9.30
CA MET D 841 62.28 50.83 8.60
C MET D 841 61.42 52.10 8.61
N GLU D 842 61.47 52.83 9.73
CA GLU D 842 60.73 54.07 9.93
C GLU D 842 61.27 55.16 8.98
N LEU D 843 62.60 55.25 8.94
CA LEU D 843 63.29 56.16 8.04
C LEU D 843 62.90 55.81 6.58
N MET D 844 62.83 54.51 6.31
CA MET D 844 62.38 53.99 5.01
C MET D 844 60.98 54.49 4.67
N GLU D 845 60.07 54.44 5.63
CA GLU D 845 58.72 54.93 5.36
C GLU D 845 58.77 56.42 5.08
N GLN D 846 59.73 57.11 5.68
CA GLN D 846 59.80 58.55 5.44
C GLN D 846 60.42 58.93 4.09
N LEU D 847 61.27 58.08 3.51
CA LEU D 847 61.73 58.35 2.14
C LEU D 847 60.64 57.96 1.18
N ALA D 848 60.07 56.80 1.42
CA ALA D 848 59.08 56.25 0.54
C ALA D 848 57.80 57.07 0.58
N SER D 849 57.65 57.93 1.57
CA SER D 849 56.46 58.77 1.64
C SER D 849 56.54 60.06 0.81
N LYS D 850 57.73 60.40 0.33
CA LYS D 850 57.94 61.56 -0.56
C LYS D 850 58.12 61.17 -2.03
N LEU D 851 57.37 60.16 -2.48
CA LEU D 851 57.48 59.63 -3.85
C LEU D 851 56.28 60.06 -4.71
N PRO D 852 56.37 59.92 -6.05
CA PRO D 852 55.30 60.36 -6.96
C PRO D 852 53.89 59.83 -6.69
N THR D 853 52.88 60.57 -7.15
CA THR D 853 51.47 60.22 -6.98
C THR D 853 51.12 58.90 -7.66
N GLY D 854 50.51 57.99 -6.89
CA GLY D 854 50.19 56.68 -7.39
C GLY D 854 51.21 55.63 -6.99
N VAL D 855 52.18 56.03 -6.17
CA VAL D 855 53.17 55.10 -5.65
C VAL D 855 52.95 54.84 -4.17
N GLY D 856 52.84 53.56 -3.80
CA GLY D 856 52.57 53.17 -2.43
C GLY D 856 53.62 52.22 -1.90
N TYR D 857 53.44 51.79 -0.66
CA TYR D 857 54.42 50.96 0.03
C TYR D 857 53.85 49.76 0.80
N ASP D 858 54.68 48.74 1.02
CA ASP D 858 54.27 47.57 1.81
C ASP D 858 55.48 46.73 2.27
N TRP D 859 55.24 45.83 3.23
CA TRP D 859 56.26 44.94 3.80
C TRP D 859 55.99 43.45 3.52
N THR D 860 57.08 42.69 3.38
CA THR D 860 57.02 41.29 3.00
C THR D 860 57.97 40.46 3.84
N GLY D 861 57.74 39.14 3.87
CA GLY D 861 58.64 38.20 4.51
C GLY D 861 59.14 38.51 5.91
N MET D 862 60.46 38.53 6.04
CA MET D 862 61.12 38.73 7.32
C MET D 862 60.58 39.98 8.00
N SER D 863 60.64 41.13 7.32
CA SER D 863 60.25 42.42 7.90
C SER D 863 58.72 42.56 8.09
N TYR D 864 57.96 41.61 7.56
CA TYR D 864 56.52 41.51 7.84
C TYR D 864 56.27 40.82 9.18
N GLN D 865 56.83 39.61 9.31
CA GLN D 865 56.70 38.83 10.55
C GLN D 865 57.32 39.60 11.72
N GLU D 866 58.34 40.41 11.43
CA GLU D 866 59.01 41.23 12.46
C GLU D 866 58.21 42.48 12.87
N ARG D 867 57.38 43.02 11.97
CA ARG D 867 56.57 44.17 12.37
C ARG D 867 55.30 43.65 13.06
N LEU D 868 55.04 42.35 12.92
CA LEU D 868 53.96 41.74 13.69
C LEU D 868 54.38 41.59 15.16
N SER D 869 55.61 41.14 15.39
CA SER D 869 56.17 40.97 16.75
C SER D 869 56.87 42.23 17.28
N GLY D 870 56.12 43.15 17.85
CA GLY D 870 56.66 44.36 18.45
C GLY D 870 56.34 44.54 19.93
N ASN D 871 57.37 44.68 20.75
CA ASN D 871 57.26 44.87 22.20
C ASN D 871 56.60 43.72 22.96
N GLN D 872 57.05 42.48 22.73
CA GLN D 872 56.44 41.34 23.40
C GLN D 872 57.10 40.99 24.74
N ALA D 873 58.43 40.93 24.72
CA ALA D 873 59.23 40.57 25.90
C ALA D 873 58.98 41.36 27.20
N PRO D 874 58.86 42.71 27.12
CA PRO D 874 58.69 43.46 28.38
C PRO D 874 57.37 43.16 29.10
N SER D 875 56.24 43.15 28.40
CA SER D 875 54.96 42.79 29.04
C SER D 875 54.90 41.32 29.50
N LEU D 876 55.58 40.42 28.79
CA LEU D 876 55.55 39.00 29.17
C LEU D 876 56.42 38.69 30.39
N TYR D 877 57.51 39.42 30.57
CA TYR D 877 58.33 39.20 31.76
C TYR D 877 57.90 40.13 32.90
N ALA D 878 57.02 41.09 32.58
CA ALA D 878 56.29 41.89 33.59
C ALA D 878 55.14 41.07 34.17
N ILE D 879 54.42 40.37 33.28
CA ILE D 879 53.43 39.37 33.70
C ILE D 879 54.12 38.33 34.57
N SER D 880 55.21 37.79 34.03
CA SER D 880 55.96 36.75 34.71
C SER D 880 56.43 37.21 36.07
N LEU D 881 56.92 38.44 36.13
CA LEU D 881 57.42 39.01 37.37
C LEU D 881 56.28 39.22 38.40
N ILE D 882 55.10 39.65 37.94
CA ILE D 882 53.96 39.82 38.86
C ILE D 882 53.44 38.47 39.37
N VAL D 883 53.42 37.44 38.52
CA VAL D 883 52.93 36.12 38.93
C VAL D 883 53.92 35.49 39.91
N VAL D 884 55.21 35.54 39.57
CA VAL D 884 56.25 35.08 40.47
C VAL D 884 56.13 35.73 41.86
N PHE D 885 56.00 37.06 41.89
CA PHE D 885 55.85 37.80 43.16
C PHE D 885 54.62 37.36 43.91
N LEU D 886 53.51 37.18 43.20
CA LEU D 886 52.29 36.68 43.83
C LEU D 886 52.51 35.28 44.47
N CYS D 887 53.19 34.37 43.77
CA CYS D 887 53.54 33.04 44.30
C CYS D 887 54.34 33.13 45.59
N LEU D 888 55.26 34.09 45.60
CA LEU D 888 56.08 34.39 46.75
C LEU D 888 55.18 34.91 47.89
N ALA D 889 54.18 35.71 47.55
CA ALA D 889 53.21 36.07 48.56
C ALA D 889 52.52 34.81 49.08
N ALA D 890 52.37 33.79 48.23
CA ALA D 890 51.69 32.56 48.68
C ALA D 890 52.52 31.70 49.61
N LEU D 891 53.65 31.19 49.12
CA LEU D 891 54.45 30.28 49.93
C LEU D 891 54.81 30.96 51.23
N TYR D 892 55.26 32.21 51.13
CA TYR D 892 55.69 32.97 52.30
C TYR D 892 54.54 33.59 53.04
N GLU D 893 53.33 33.49 52.47
CA GLU D 893 52.13 34.06 53.09
C GLU D 893 52.44 35.51 53.51
N SER D 894 53.00 36.28 52.57
CA SER D 894 53.54 37.64 52.84
C SER D 894 53.50 38.62 51.64
N TRP D 895 53.31 39.90 51.96
CA TRP D 895 53.50 40.98 50.98
C TRP D 895 54.87 41.67 51.05
N SER D 896 55.62 41.54 52.15
CA SER D 896 56.92 42.23 52.23
C SER D 896 58.03 41.26 51.86
N ILE D 897 57.93 40.05 52.41
CA ILE D 897 58.95 38.99 52.28
C ILE D 897 59.35 38.53 50.85
N PRO D 898 58.38 38.37 49.95
CA PRO D 898 58.73 38.03 48.56
C PRO D 898 59.91 38.78 47.84
N PHE D 899 60.04 40.09 48.04
CA PHE D 899 61.09 40.84 47.34
C PHE D 899 62.43 40.17 47.59
N SER D 900 62.58 39.60 48.78
CA SER D 900 63.86 39.07 49.17
C SER D 900 64.35 37.90 48.32
N VAL D 901 63.50 37.33 47.49
CA VAL D 901 64.02 36.31 46.60
C VAL D 901 64.05 36.89 45.18
N MET D 902 63.17 37.81 44.87
CA MET D 902 63.17 38.37 43.51
C MET D 902 64.45 39.14 43.19
N LEU D 903 64.97 39.82 44.20
CA LEU D 903 66.22 40.55 44.08
C LEU D 903 67.41 39.63 43.71
N VAL D 904 67.27 38.31 43.86
CA VAL D 904 68.39 37.47 43.46
C VAL D 904 68.58 37.44 41.96
N VAL D 905 67.50 37.71 41.22
CA VAL D 905 67.55 37.48 39.77
C VAL D 905 68.74 38.21 39.08
N PRO D 906 68.93 39.53 39.34
CA PRO D 906 70.11 40.24 38.81
C PRO D 906 71.45 39.53 39.11
N LEU D 907 71.62 39.07 40.34
CA LEU D 907 72.87 38.44 40.79
C LEU D 907 73.45 37.39 39.85
N GLY D 908 72.62 36.95 38.90
CA GLY D 908 73.00 35.93 37.96
C GLY D 908 73.05 36.49 36.56
N VAL D 909 72.17 37.44 36.30
CA VAL D 909 72.11 38.03 34.97
C VAL D 909 73.44 38.63 34.59
N ILE D 910 74.02 39.41 35.52
CA ILE D 910 75.30 40.13 35.35
C ILE D 910 76.44 39.18 34.98
N GLY D 911 76.54 38.06 35.67
CA GLY D 911 77.59 37.12 35.33
C GLY D 911 77.41 36.61 33.93
N ALA D 912 76.17 36.54 33.46
CA ALA D 912 75.88 36.15 32.08
C ALA D 912 76.24 37.23 31.08
N LEU D 913 75.96 38.47 31.41
CA LEU D 913 76.31 39.55 30.49
C LEU D 913 77.82 39.69 30.46
N LEU D 914 78.41 39.65 31.64
CA LEU D 914 79.83 39.56 31.86
C LEU D 914 80.45 38.46 30.97
N ALA D 915 79.96 37.24 31.12
CA ALA D 915 80.45 36.10 30.35
C ALA D 915 80.18 36.19 28.83
N ALA D 916 79.07 36.83 28.48
CA ALA D 916 78.70 36.96 27.09
C ALA D 916 79.68 37.86 26.42
N THR D 917 79.92 39.01 27.05
CA THR D 917 80.69 40.08 26.45
C THR D 917 82.22 39.83 26.47
N PHE D 918 82.76 39.16 27.48
CA PHE D 918 84.20 38.86 27.47
C PHE D 918 84.52 37.72 26.52
N ARG D 919 83.50 37.05 26.01
CA ARG D 919 83.70 36.16 24.88
C ARG D 919 82.97 36.84 23.71
N GLY D 920 83.01 36.24 22.52
CA GLY D 920 82.45 36.91 21.36
C GLY D 920 80.96 36.73 21.10
N LEU D 921 80.17 36.57 22.15
CA LEU D 921 78.78 36.22 21.92
C LEU D 921 77.81 37.37 21.82
N THR D 922 76.56 36.99 21.62
CA THR D 922 75.52 37.93 21.33
C THR D 922 74.19 37.54 22.02
N ASN D 923 73.31 38.53 22.23
CA ASN D 923 71.99 38.35 22.85
C ASN D 923 71.06 37.55 21.94
N ASP D 924 71.46 36.33 21.61
CA ASP D 924 70.69 35.50 20.69
C ASP D 924 69.70 34.62 21.45
N VAL D 925 69.04 33.73 20.72
CA VAL D 925 68.04 32.83 21.28
C VAL D 925 68.57 31.98 22.40
N TYR D 926 69.65 31.27 22.12
CA TYR D 926 70.25 30.39 23.11
C TYR D 926 70.65 31.15 24.36
N PHE D 927 71.26 32.32 24.20
CA PHE D 927 71.63 33.15 25.32
C PHE D 927 70.40 33.43 26.17
N GLN D 928 69.24 33.52 25.53
CA GLN D 928 68.00 33.81 26.26
C GLN D 928 67.39 32.60 26.99
N VAL D 929 67.34 31.45 26.34
CA VAL D 929 66.96 30.25 27.06
C VAL D 929 67.88 30.07 28.27
N GLY D 930 69.18 30.15 28.04
CA GLY D 930 70.20 30.09 29.10
C GLY D 930 69.95 31.12 30.19
N LEU D 931 69.58 32.32 29.79
CA LEU D 931 69.25 33.37 30.70
C LEU D 931 68.15 32.92 31.64
N LEU D 932 67.05 32.43 31.06
CA LEU D 932 65.94 31.94 31.89
C LEU D 932 66.38 30.85 32.84
N THR D 933 67.02 29.79 32.31
CA THR D 933 67.63 28.75 33.15
C THR D 933 68.30 29.33 34.38
N THR D 934 69.16 30.30 34.11
CA THR D 934 69.97 30.83 35.18
C THR D 934 69.08 31.47 36.23
N ILE D 935 68.05 32.18 35.78
CA ILE D 935 67.06 32.69 36.70
C ILE D 935 66.44 31.52 37.47
N GLY D 936 66.41 30.37 36.79
CA GLY D 936 65.81 29.22 37.39
C GLY D 936 66.58 28.85 38.63
N LEU D 937 67.82 28.43 38.45
CA LEU D 937 68.57 27.95 39.61
C LEU D 937 68.71 29.04 40.66
N SER D 938 69.10 30.24 40.24
CA SER D 938 69.23 31.34 41.19
C SER D 938 67.99 31.46 42.08
N ALA D 939 66.81 31.46 41.47
CA ALA D 939 65.60 31.52 42.28
C ALA D 939 65.45 30.30 43.18
N LYS D 940 65.74 29.13 42.64
CA LYS D 940 65.63 27.93 43.44
C LYS D 940 66.45 28.08 44.72
N ASN D 941 67.76 28.29 44.58
CA ASN D 941 68.65 28.43 45.73
C ASN D 941 68.20 29.53 46.74
N ALA D 942 67.80 30.68 46.22
CA ALA D 942 67.26 31.73 47.06
C ALA D 942 66.05 31.24 47.84
N ILE D 943 65.15 30.59 47.12
CA ILE D 943 63.87 30.09 47.66
C ILE D 943 64.04 29.10 48.79
N LEU D 944 64.93 28.12 48.61
CA LEU D 944 65.31 27.19 49.67
C LEU D 944 65.95 27.91 50.88
N ILE D 945 66.87 28.86 50.64
CA ILE D 945 67.44 29.59 51.77
C ILE D 945 66.35 30.25 52.58
N VAL D 946 65.48 31.01 51.94
CA VAL D 946 64.45 31.71 52.73
C VAL D 946 63.53 30.71 53.41
N GLU D 947 63.25 29.63 52.69
CA GLU D 947 62.41 28.57 53.25
C GLU D 947 63.03 28.13 54.56
N PHE D 948 64.27 27.64 54.55
CA PHE D 948 64.90 27.16 55.77
C PHE D 948 65.00 28.22 56.85
N ALA D 949 65.31 29.43 56.44
CA ALA D 949 65.36 30.51 57.39
C ALA D 949 64.06 30.68 58.19
N LYS D 950 62.98 31.01 57.47
CA LYS D 950 61.65 31.26 58.04
C LYS D 950 61.11 30.02 58.78
N ASP D 951 61.23 28.86 58.14
CA ASP D 951 60.81 27.59 58.75
C ASP D 951 61.51 27.38 60.09
N LEU D 952 62.77 27.79 60.21
CA LEU D 952 63.38 27.74 61.54
C LEU D 952 62.72 28.81 62.44
N MET D 953 62.67 30.05 61.98
CA MET D 953 62.15 31.15 62.80
C MET D 953 60.83 30.87 63.47
N ASP D 954 59.94 30.28 62.70
CA ASP D 954 58.59 30.07 63.15
C ASP D 954 58.48 28.71 63.77
N LYS D 955 58.75 27.67 62.99
CA LYS D 955 58.46 26.30 63.43
C LYS D 955 59.56 25.69 64.34
N GLU D 956 60.41 26.54 64.89
CA GLU D 956 61.40 26.11 65.87
C GLU D 956 61.59 27.27 66.84
N GLY D 957 61.13 28.46 66.45
CA GLY D 957 61.09 29.58 67.37
C GLY D 957 62.25 30.54 67.34
N LYS D 958 63.16 30.32 66.41
CA LYS D 958 64.37 31.13 66.34
C LYS D 958 64.08 32.61 66.13
N GLY D 959 65.08 33.44 66.37
CA GLY D 959 64.96 34.87 66.22
C GLY D 959 65.40 35.17 64.81
N LEU D 960 65.17 36.37 64.31
CA LEU D 960 65.52 36.65 62.92
C LEU D 960 66.95 36.24 62.55
N ILE D 961 67.92 37.05 62.97
CA ILE D 961 69.32 36.92 62.54
C ILE D 961 69.86 35.51 62.72
N GLU D 962 69.60 34.96 63.90
CA GLU D 962 70.12 33.67 64.28
C GLU D 962 69.75 32.58 63.28
N ALA D 963 68.49 32.63 62.86
CA ALA D 963 67.92 31.65 61.95
C ALA D 963 68.32 31.98 60.52
N THR D 964 68.45 33.25 60.18
CA THR D 964 68.88 33.56 58.82
C THR D 964 70.25 32.91 58.66
N LEU D 965 71.06 33.05 59.69
CA LEU D 965 72.41 32.47 59.67
C LEU D 965 72.45 30.95 59.71
N ASP D 966 71.59 30.35 60.52
CA ASP D 966 71.53 28.91 60.61
C ASP D 966 71.14 28.38 59.24
N ALA D 967 70.20 29.11 58.67
CA ALA D 967 69.68 28.78 57.36
C ALA D 967 70.81 28.72 56.40
N VAL D 968 71.38 29.90 56.13
CA VAL D 968 72.42 30.07 55.13
C VAL D 968 73.53 29.07 55.40
N ARG D 969 73.80 28.79 56.67
CA ARG D 969 74.79 27.80 57.02
C ARG D 969 74.45 26.44 56.51
N MET D 970 73.26 25.93 56.83
CA MET D 970 73.09 24.50 56.65
C MET D 970 72.93 24.01 55.20
N ARG D 971 72.43 24.85 54.33
CA ARG D 971 72.18 24.39 52.98
C ARG D 971 73.20 25.10 52.00
N LEU D 972 74.34 25.55 52.55
CA LEU D 972 75.45 26.14 51.76
C LEU D 972 76.06 25.06 50.94
N ARG D 973 76.42 23.96 51.60
CA ARG D 973 76.99 22.81 50.92
C ARG D 973 76.21 22.37 49.67
N PRO D 974 74.87 22.33 49.74
CA PRO D 974 74.10 22.02 48.53
C PRO D 974 74.21 23.07 47.45
N ILE D 975 74.21 24.33 47.82
CA ILE D 975 74.42 25.34 46.81
C ILE D 975 75.71 25.04 46.10
N LEU D 976 76.72 24.74 46.91
CA LEU D 976 78.02 24.47 46.35
C LEU D 976 78.09 23.22 45.50
N MET D 977 77.40 22.16 45.91
CA MET D 977 77.36 20.92 45.14
C MET D 977 76.61 21.07 43.84
N THR D 978 75.42 21.68 43.90
CA THR D 978 74.59 21.91 42.73
C THR D 978 75.48 22.52 41.75
N SER D 979 75.94 23.68 42.18
CA SER D 979 76.57 24.56 41.28
C SER D 979 77.83 24.03 40.70
N LEU D 980 78.62 23.34 41.49
CA LEU D 980 79.81 22.75 40.90
C LEU D 980 79.41 21.76 39.86
N ALA D 981 78.49 20.86 40.23
CA ALA D 981 77.98 19.90 39.27
C ALA D 981 77.42 20.58 38.00
N PHE D 982 76.96 21.80 38.11
CA PHE D 982 76.34 22.35 36.94
C PHE D 982 77.42 22.92 36.09
N ILE D 983 78.15 23.89 36.66
CA ILE D 983 79.19 24.58 35.94
C ILE D 983 80.01 23.56 35.23
N LEU D 984 80.36 22.49 35.92
CA LEU D 984 81.03 21.40 35.23
C LEU D 984 80.15 20.57 34.28
N GLY D 985 78.83 20.61 34.43
CA GLY D 985 78.05 19.88 33.44
C GLY D 985 78.05 20.64 32.12
N VAL D 986 77.82 21.93 32.20
CA VAL D 986 77.74 22.80 31.02
C VAL D 986 79.12 23.14 30.42
N MET D 987 80.18 23.00 31.20
CA MET D 987 81.50 23.42 30.72
C MET D 987 81.84 22.94 29.33
N PRO D 988 81.77 21.63 29.07
CA PRO D 988 82.20 21.10 27.76
C PRO D 988 81.68 21.83 26.53
N LEU D 989 80.43 22.31 26.61
CA LEU D 989 79.84 23.12 25.56
C LEU D 989 80.79 24.28 25.32
N VAL D 990 81.23 24.90 26.40
CA VAL D 990 82.03 26.12 26.35
C VAL D 990 83.40 25.92 25.68
N ILE D 991 83.85 24.67 25.60
CA ILE D 991 85.11 24.35 24.93
C ILE D 991 84.94 24.15 23.42
N SER D 992 84.09 23.19 23.06
CA SER D 992 83.76 22.77 21.70
C SER D 992 84.15 23.63 20.46
N THR D 993 84.93 23.01 19.57
CA THR D 993 84.84 23.28 18.11
C THR D 993 84.30 22.03 17.44
N GLY D 994 83.14 22.15 16.82
CA GLY D 994 82.46 20.94 16.38
C GLY D 994 81.07 21.28 15.91
N ALA D 995 80.38 20.30 15.34
CA ALA D 995 79.11 20.57 14.68
C ALA D 995 78.22 21.34 15.65
N GLY D 996 77.86 22.54 15.24
CA GLY D 996 76.98 23.37 16.04
C GLY D 996 77.65 24.05 17.22
N SER D 997 78.98 24.12 17.27
CA SER D 997 79.63 24.68 18.46
C SER D 997 79.22 26.14 18.63
N GLY D 998 78.60 26.71 17.60
CA GLY D 998 78.10 28.07 17.67
C GLY D 998 77.09 27.97 18.76
N ALA D 999 76.20 26.99 18.62
CA ALA D 999 75.20 26.68 19.65
C ALA D 999 75.82 26.33 21.01
N GLN D 1000 76.55 25.22 21.06
CA GLN D 1000 77.13 24.71 22.32
C GLN D 1000 77.84 25.84 23.11
N ASN D 1001 78.64 26.66 22.44
CA ASN D 1001 79.24 27.80 23.12
C ASN D 1001 78.20 28.84 23.51
N ALA D 1002 77.25 29.15 22.63
CA ALA D 1002 76.26 30.17 23.01
C ALA D 1002 75.47 29.79 24.27
N VAL D 1003 75.15 28.51 24.38
CA VAL D 1003 74.41 28.00 25.51
C VAL D 1003 75.27 28.02 26.75
N GLY D 1004 76.30 27.18 26.66
CA GLY D 1004 77.30 26.95 27.70
C GLY D 1004 77.91 28.19 28.32
N THR D 1005 78.42 29.12 27.51
CA THR D 1005 79.02 30.33 28.05
C THR D 1005 78.04 31.06 28.97
N GLY D 1006 76.98 31.62 28.38
CA GLY D 1006 76.06 32.44 29.13
C GLY D 1006 75.61 31.74 30.40
N VAL D 1007 75.29 30.47 30.29
CA VAL D 1007 74.89 29.75 31.48
C VAL D 1007 76.03 29.70 32.48
N MET D 1008 77.23 29.43 32.02
CA MET D 1008 78.32 29.27 32.96
C MET D 1008 78.59 30.49 33.75
N GLY D 1009 78.76 31.60 33.06
CA GLY D 1009 79.03 32.82 33.78
C GLY D 1009 77.89 33.18 34.71
N GLY D 1010 76.67 33.16 34.16
CA GLY D 1010 75.47 33.43 34.94
C GLY D 1010 75.51 32.58 36.20
N MET D 1011 75.80 31.30 36.08
CA MET D 1011 75.85 30.43 37.24
C MET D 1011 76.92 30.82 38.25
N VAL D 1012 78.15 31.06 37.75
CA VAL D 1012 79.29 31.45 38.60
C VAL D 1012 78.97 32.61 39.50
N THR D 1013 78.60 33.72 38.88
CA THR D 1013 78.26 34.87 39.71
C THR D 1013 76.97 34.66 40.50
N ALA D 1014 76.08 33.81 40.00
CA ALA D 1014 74.85 33.52 40.72
C ALA D 1014 75.16 32.93 42.08
N THR D 1015 75.84 31.81 42.12
CA THR D 1015 76.16 31.20 43.41
C THR D 1015 77.05 32.11 44.27
N VAL D 1016 78.18 32.57 43.74
CA VAL D 1016 79.09 33.33 44.59
C VAL D 1016 78.58 34.69 45.05
N LEU D 1017 77.54 35.22 44.40
CA LEU D 1017 76.97 36.50 44.84
C LEU D 1017 75.75 36.32 45.70
N ALA D 1018 74.95 35.32 45.35
CA ALA D 1018 73.74 35.03 46.12
C ALA D 1018 74.09 34.54 47.54
N ILE D 1019 75.10 33.70 47.65
CA ILE D 1019 75.32 33.13 48.96
C ILE D 1019 75.75 34.17 49.97
N PHE D 1020 75.90 35.41 49.56
CA PHE D 1020 76.21 36.45 50.53
C PHE D 1020 75.10 37.44 50.46
N PHE D 1021 74.37 37.40 49.34
CA PHE D 1021 73.35 38.41 49.13
C PHE D 1021 71.91 38.01 49.55
N VAL D 1022 71.51 36.76 49.36
CA VAL D 1022 70.20 36.36 49.81
C VAL D 1022 69.92 36.69 51.29
N PRO D 1023 70.87 36.40 52.18
CA PRO D 1023 70.44 36.73 53.54
C PRO D 1023 70.36 38.22 53.81
N VAL D 1024 70.84 39.06 52.90
CA VAL D 1024 70.83 40.50 53.14
C VAL D 1024 69.45 40.99 52.80
N PHE D 1025 68.96 40.56 51.64
CA PHE D 1025 67.59 40.83 51.25
C PHE D 1025 66.67 40.48 52.42
N PHE D 1026 66.60 39.20 52.73
CA PHE D 1026 65.72 38.71 53.77
C PHE D 1026 65.84 39.46 55.07
N VAL D 1027 67.05 39.70 55.55
CA VAL D 1027 67.20 40.44 56.79
C VAL D 1027 66.58 41.84 56.65
N VAL D 1028 66.92 42.56 55.59
CA VAL D 1028 66.35 43.90 55.37
C VAL D 1028 64.83 43.91 55.15
N VAL D 1029 64.42 43.07 54.20
CA VAL D 1029 63.03 42.87 53.78
C VAL D 1029 62.05 42.53 54.92
N ARG D 1030 62.52 41.69 55.86
CA ARG D 1030 61.72 41.24 56.98
C ARG D 1030 61.53 42.34 57.98
N ARG D 1031 62.40 43.35 57.94
CA ARG D 1031 62.38 44.38 58.96
C ARG D 1031 61.46 45.50 58.57
N ARG D 1032 60.67 45.23 57.55
CA ARG D 1032 59.48 46.03 57.27
C ARG D 1032 58.25 45.12 57.32
N PHE D 1033 57.95 44.62 58.53
CA PHE D 1033 56.86 43.65 58.74
C PHE D 1033 56.49 43.32 60.22
N SER D 1034 56.70 44.26 61.15
CA SER D 1034 56.24 44.14 62.55
C SER D 1034 56.46 45.50 63.28
N ARG D 1035 56.53 45.66 64.63
CA ARG D 1035 55.88 44.97 65.79
C ARG D 1035 56.80 44.03 66.58
N LYS D 1036 58.04 44.47 66.78
CA LYS D 1036 59.10 43.69 67.47
C LYS D 1036 59.35 42.34 66.80
N ASN D 1037 59.74 41.36 67.62
CA ASN D 1037 60.08 39.98 67.21
C ASN D 1037 60.85 39.85 65.87
N GLU D 1038 62.18 39.70 65.88
CA GLU D 1038 63.12 39.75 67.03
C GLU D 1038 62.92 38.72 68.16
N ASP D 1039 63.30 37.47 67.88
CA ASP D 1039 63.35 36.31 68.79
C ASP D 1039 62.10 35.41 69.00
N ILE D 1040 60.89 35.96 68.84
CA ILE D 1040 59.61 35.27 69.15
C ILE D 1040 59.73 34.43 70.45
N GLU D 1041 59.10 33.26 70.51
CA GLU D 1041 59.19 32.41 71.71
C GLU D 1041 59.28 30.94 71.34
N HIS D 1042 58.22 30.21 71.64
CA HIS D 1042 58.23 28.76 71.58
C HIS D 1042 57.31 28.21 70.53
N SER D 1043 56.87 26.97 70.73
CA SER D 1043 56.06 26.26 69.77
C SER D 1043 54.59 26.64 69.89
N PRO E 2 36.21 3.64 47.07
CA PRO E 2 36.41 2.27 47.56
C PRO E 2 35.66 1.99 48.86
N ASN E 3 36.25 2.34 49.98
CA ASN E 3 35.55 2.25 51.24
C ASN E 3 34.31 3.16 51.24
N PHE E 4 34.39 4.21 50.43
CA PHE E 4 33.41 5.31 50.32
C PHE E 4 31.92 5.00 50.03
N PHE E 5 31.68 4.16 49.03
CA PHE E 5 30.33 3.99 48.54
C PHE E 5 29.66 2.92 49.37
N ILE E 6 30.49 2.10 50.00
CA ILE E 6 30.02 0.99 50.83
C ILE E 6 28.99 1.52 51.79
N ASP E 7 29.21 2.70 52.33
CA ASP E 7 28.23 3.19 53.24
C ASP E 7 27.39 4.30 52.63
N ARG E 8 27.29 4.33 51.29
CA ARG E 8 26.48 5.32 50.55
C ARG E 8 25.81 4.75 49.29
N PRO E 9 24.70 4.04 49.50
CA PRO E 9 24.02 3.29 48.44
C PRO E 9 23.47 4.17 47.33
N ILE E 10 23.10 5.39 47.68
CA ILE E 10 22.49 6.28 46.73
C ILE E 10 23.51 6.92 45.81
N PHE E 11 24.63 7.43 46.32
CA PHE E 11 25.66 7.96 45.42
C PHE E 11 26.01 6.87 44.40
N ALA E 12 26.22 5.66 44.91
CA ALA E 12 26.51 4.52 44.07
C ALA E 12 25.45 4.38 43.00
N TRP E 13 24.21 4.33 43.47
CA TRP E 13 23.09 4.25 42.56
C TRP E 13 23.13 5.33 41.50
N VAL E 14 23.61 6.52 41.83
CA VAL E 14 23.61 7.61 40.85
C VAL E 14 24.69 7.38 39.77
N ILE E 15 25.90 6.99 40.16
CA ILE E 15 26.87 6.66 39.12
C ILE E 15 26.31 5.52 38.23
N ALA E 16 25.66 4.55 38.86
CA ALA E 16 25.07 3.43 38.13
C ALA E 16 24.08 3.94 37.10
N ILE E 17 23.06 4.60 37.63
CA ILE E 17 21.93 5.08 36.89
C ILE E 17 22.30 6.01 35.76
N ILE E 18 23.23 6.93 36.01
CA ILE E 18 23.66 7.80 34.92
C ILE E 18 24.37 7.00 33.82
N ILE E 19 25.26 6.09 34.21
CA ILE E 19 25.89 5.23 33.22
C ILE E 19 24.81 4.44 32.46
N MET E 20 23.77 3.99 33.14
CA MET E 20 22.66 3.31 32.48
C MET E 20 21.91 4.15 31.42
N LEU E 21 21.66 5.42 31.73
CA LEU E 21 20.99 6.28 30.75
C LEU E 21 21.93 6.68 29.58
N ALA E 22 23.23 6.87 29.87
CA ALA E 22 24.27 7.08 28.83
C ALA E 22 24.36 5.85 27.92
N GLY E 23 24.14 4.70 28.53
CA GLY E 23 24.12 3.42 27.86
C GLY E 23 22.94 3.34 26.92
N GLY E 24 21.73 3.58 27.46
CA GLY E 24 20.52 3.57 26.66
C GLY E 24 20.61 4.55 25.50
N LEU E 25 21.28 5.68 25.72
CA LEU E 25 21.54 6.64 24.63
C LEU E 25 22.60 6.20 23.60
N ALA E 26 23.71 5.60 24.02
CA ALA E 26 24.72 5.12 23.05
C ALA E 26 24.26 3.86 22.32
N ILE E 27 23.25 3.19 22.87
CA ILE E 27 22.72 1.99 22.25
C ILE E 27 21.63 2.44 21.30
N LEU E 28 20.91 3.49 21.67
CA LEU E 28 19.88 4.05 20.81
C LEU E 28 20.46 4.60 19.49
N LYS E 29 21.50 5.43 19.60
CA LYS E 29 22.14 6.02 18.45
C LYS E 29 23.61 5.62 18.19
N LEU E 30 23.84 4.38 17.82
CA LEU E 30 25.18 4.07 17.36
C LEU E 30 25.02 3.17 16.12
N PRO E 31 25.73 3.48 15.02
CA PRO E 31 25.64 2.80 13.72
C PRO E 31 25.77 1.28 13.79
N VAL E 32 25.28 0.58 12.78
CA VAL E 32 25.45 -0.86 12.69
C VAL E 32 25.83 -1.22 11.25
N ALA E 33 26.94 -1.96 11.13
CA ALA E 33 27.45 -2.41 9.85
C ALA E 33 27.94 -3.87 9.93
N GLN E 34 28.36 -4.42 8.80
CA GLN E 34 28.87 -5.77 8.77
C GLN E 34 30.17 -5.73 9.56
N TYR E 35 31.05 -4.80 9.18
CA TYR E 35 32.31 -4.55 9.89
C TYR E 35 32.61 -3.05 9.88
N PRO E 36 33.54 -2.57 10.72
CA PRO E 36 34.04 -1.20 10.62
C PRO E 36 35.17 -1.10 9.63
N THR E 37 35.53 0.11 9.19
CA THR E 37 36.62 0.36 8.21
C THR E 37 38.00 -0.22 8.55
N ILE E 38 38.49 -1.12 7.69
CA ILE E 38 39.70 -1.81 8.05
C ILE E 38 40.82 -1.68 6.97
N ALA E 39 40.43 -1.48 5.72
CA ALA E 39 41.35 -1.40 4.57
C ALA E 39 41.92 -0.02 4.31
N PRO E 40 43.25 0.11 4.06
CA PRO E 40 43.67 1.45 3.67
C PRO E 40 42.87 1.90 2.47
N PRO E 41 42.34 3.12 2.49
CA PRO E 41 41.46 3.52 1.40
C PRO E 41 42.23 3.88 0.13
N ALA E 42 41.64 3.51 -1.02
CA ALA E 42 42.24 3.75 -2.33
C ALA E 42 41.34 4.56 -3.26
N VAL E 43 41.93 5.58 -3.85
CA VAL E 43 41.28 6.42 -4.82
C VAL E 43 41.44 5.82 -6.21
N THR E 44 40.40 5.90 -7.02
CA THR E 44 40.50 5.34 -8.37
C THR E 44 40.28 6.43 -9.42
N ILE E 45 41.27 6.62 -10.30
CA ILE E 45 41.09 7.41 -11.50
C ILE E 45 40.83 6.46 -12.66
N SER E 46 39.72 6.62 -13.35
CA SER E 46 39.45 5.76 -14.48
C SER E 46 39.31 6.58 -15.74
N ALA E 47 40.00 6.16 -16.80
CA ALA E 47 39.97 6.94 -18.01
C ALA E 47 39.54 6.07 -19.18
N SER E 48 38.60 6.62 -19.94
CA SER E 48 38.04 5.91 -21.08
C SER E 48 38.45 6.57 -22.41
N TYR E 49 39.07 5.78 -23.27
CA TYR E 49 39.44 6.22 -24.62
C TYR E 49 38.84 5.24 -25.61
N PRO E 50 37.50 5.18 -25.70
CA PRO E 50 36.80 4.09 -26.41
C PRO E 50 37.31 3.97 -27.83
N GLY E 51 37.69 2.77 -28.22
CA GLY E 51 38.28 2.52 -29.50
C GLY E 51 39.78 2.32 -29.40
N ALA E 52 40.44 2.96 -28.42
CA ALA E 52 41.91 2.89 -28.33
C ALA E 52 42.40 1.46 -28.03
N ASP E 53 43.62 1.15 -28.47
CA ASP E 53 44.20 -0.16 -28.18
C ASP E 53 45.08 -0.07 -26.93
N ALA E 54 45.54 -1.22 -26.46
CA ALA E 54 46.21 -1.28 -25.16
C ALA E 54 47.34 -0.28 -25.07
N LYS E 55 48.21 -0.28 -26.07
CA LYS E 55 49.35 0.61 -26.11
C LYS E 55 48.89 2.08 -26.30
N THR E 56 47.74 2.29 -26.95
CA THR E 56 47.22 3.67 -27.17
C THR E 56 46.61 4.29 -25.89
N VAL E 57 45.84 3.53 -25.13
CA VAL E 57 45.37 4.04 -23.83
C VAL E 57 46.55 4.13 -22.85
N GLN E 58 47.43 3.13 -22.84
CA GLN E 58 48.56 3.13 -21.93
C GLN E 58 49.59 4.23 -22.24
N ASP E 59 49.75 4.63 -23.49
CA ASP E 59 50.81 5.61 -23.82
C ASP E 59 50.33 7.02 -24.04
N THR E 60 49.05 7.22 -24.31
CA THR E 60 48.59 8.57 -24.58
C THR E 60 48.01 9.23 -23.32
N VAL E 61 47.40 8.44 -22.44
CA VAL E 61 46.80 8.96 -21.20
C VAL E 61 47.65 8.61 -19.99
N THR E 62 47.82 7.30 -19.78
CA THR E 62 48.47 6.73 -18.60
C THR E 62 49.83 7.31 -18.31
N GLN E 63 50.78 7.28 -19.24
CA GLN E 63 52.13 7.71 -18.86
C GLN E 63 52.27 9.22 -18.62
N VAL E 64 51.40 10.01 -19.22
CA VAL E 64 51.47 11.45 -18.98
C VAL E 64 50.78 11.74 -17.64
N ILE E 65 49.88 10.84 -17.23
CA ILE E 65 49.23 10.97 -15.92
C ILE E 65 50.16 10.52 -14.79
N GLU E 66 50.79 9.38 -14.98
CA GLU E 66 51.80 8.89 -14.09
C GLU E 66 52.92 9.90 -13.95
N GLN E 67 53.11 10.77 -14.94
CA GLN E 67 54.12 11.80 -14.78
C GLN E 67 53.60 13.08 -14.12
N ASN E 68 52.30 13.35 -14.21
CA ASN E 68 51.78 14.55 -13.50
C ASN E 68 51.28 14.31 -12.06
N MET E 69 51.26 13.05 -11.65
CA MET E 69 51.01 12.67 -10.26
C MET E 69 52.28 12.87 -9.49
N ASN E 70 52.44 14.06 -8.92
CA ASN E 70 53.53 14.29 -7.99
C ASN E 70 53.06 15.14 -6.82
N GLY E 71 53.79 15.06 -5.72
CA GLY E 71 53.52 15.86 -4.54
C GLY E 71 52.29 15.55 -3.71
N ILE E 72 51.52 14.53 -4.09
CA ILE E 72 50.38 14.11 -3.25
C ILE E 72 50.89 13.28 -2.08
N ASP E 73 50.45 13.67 -0.89
CA ASP E 73 50.95 13.15 0.37
C ASP E 73 50.53 11.70 0.66
N ASN E 74 51.44 10.96 1.30
CA ASN E 74 51.22 9.57 1.69
C ASN E 74 51.22 8.61 0.51
N LEU E 75 52.36 8.54 -0.18
CA LEU E 75 52.48 7.64 -1.33
C LEU E 75 52.76 6.22 -0.88
N MET E 76 51.71 5.42 -0.75
CA MET E 76 51.94 4.00 -0.45
C MET E 76 52.33 3.32 -1.74
N TYR E 77 51.43 3.34 -2.72
CA TYR E 77 51.75 2.96 -4.11
C TYR E 77 50.72 3.41 -5.17
N MET E 78 51.20 3.39 -6.41
CA MET E 78 50.44 3.70 -7.63
C MET E 78 50.25 2.38 -8.41
N SER E 79 49.05 2.08 -8.89
CA SER E 79 48.90 0.89 -9.73
C SER E 79 48.05 1.24 -10.94
N SER E 80 48.49 0.83 -12.14
CA SER E 80 47.73 1.20 -13.33
C SER E 80 47.38 0.04 -14.23
N ASN E 81 46.08 -0.13 -14.45
CA ASN E 81 45.61 -1.06 -15.46
C ASN E 81 45.26 -0.30 -16.76
N SER E 82 45.95 -0.66 -17.84
CA SER E 82 45.70 -0.05 -19.14
C SER E 82 45.26 -1.08 -20.19
N ASP E 83 43.96 -1.15 -20.41
CA ASP E 83 43.34 -2.17 -21.26
C ASP E 83 43.10 -1.84 -22.72
N SER E 84 43.00 -2.90 -23.51
CA SER E 84 42.61 -2.76 -24.89
C SER E 84 41.07 -2.77 -24.95
N THR E 85 40.45 -2.16 -23.93
CA THR E 85 39.04 -1.81 -23.98
C THR E 85 39.00 -0.33 -23.73
N GLY E 86 40.15 0.30 -23.97
CA GLY E 86 40.30 1.73 -23.94
C GLY E 86 40.49 2.35 -22.58
N THR E 87 40.21 1.58 -21.53
CA THR E 87 40.12 2.12 -20.19
C THR E 87 41.46 2.16 -19.46
N VAL E 88 41.65 3.22 -18.68
CA VAL E 88 42.77 3.28 -17.74
C VAL E 88 42.25 3.44 -16.33
N GLN E 89 42.66 2.56 -15.41
CA GLN E 89 42.25 2.69 -14.02
C GLN E 89 43.50 2.71 -13.19
N ILE E 90 43.80 3.86 -12.60
CA ILE E 90 44.89 3.95 -11.67
C ILE E 90 44.29 3.97 -10.28
N THR E 91 44.78 3.05 -9.46
CA THR E 91 44.33 2.86 -8.10
C THR E 91 45.49 3.33 -7.26
N LEU E 92 45.22 4.43 -6.55
CA LEU E 92 46.13 5.02 -5.57
C LEU E 92 45.68 4.57 -4.19
N THR E 93 46.41 3.64 -3.60
CA THR E 93 46.03 3.12 -2.31
C THR E 93 46.86 3.85 -1.26
N PHE E 94 46.21 4.41 -0.24
CA PHE E 94 46.94 5.32 0.65
C PHE E 94 47.31 4.69 2.02
N GLU E 95 48.36 5.28 2.63
CA GLU E 95 48.83 4.96 3.98
C GLU E 95 47.64 4.83 4.88
N SER E 96 47.69 3.85 5.77
CA SER E 96 46.50 3.48 6.52
C SER E 96 46.06 4.62 7.44
N GLY E 97 44.74 4.75 7.60
CA GLY E 97 44.14 5.83 8.36
C GLY E 97 44.30 7.26 7.83
N THR E 98 44.86 7.44 6.63
CA THR E 98 45.04 8.78 6.04
C THR E 98 43.72 9.49 5.78
N ASP E 99 43.77 10.83 5.81
CA ASP E 99 42.58 11.58 5.55
C ASP E 99 42.21 11.19 4.16
N ALA E 100 41.17 10.36 4.10
CA ALA E 100 40.77 9.82 2.85
C ALA E 100 40.36 10.98 1.99
N ASP E 101 39.37 11.73 2.45
CA ASP E 101 38.80 12.75 1.58
C ASP E 101 39.85 13.72 1.05
N ILE E 102 40.81 14.16 1.87
CA ILE E 102 41.84 15.06 1.37
C ILE E 102 42.70 14.41 0.31
N ALA E 103 43.08 13.15 0.54
CA ALA E 103 43.86 12.43 -0.45
C ALA E 103 43.11 12.44 -1.79
N GLN E 104 41.81 12.13 -1.73
CA GLN E 104 40.94 12.08 -2.93
C GLN E 104 40.87 13.42 -3.70
N VAL E 105 40.69 14.51 -2.96
CA VAL E 105 40.63 15.85 -3.58
C VAL E 105 42.00 16.17 -4.21
N GLN E 106 43.09 15.83 -3.53
CA GLN E 106 44.42 16.09 -4.05
C GLN E 106 44.62 15.40 -5.37
N VAL E 107 44.15 14.16 -5.40
CA VAL E 107 44.19 13.34 -6.60
C VAL E 107 43.35 13.90 -7.76
N GLN E 108 42.09 14.21 -7.50
CA GLN E 108 41.18 14.75 -8.52
C GLN E 108 41.64 16.11 -9.05
N ASN E 109 42.33 16.89 -8.21
CA ASN E 109 42.89 18.16 -8.64
C ASN E 109 44.23 18.00 -9.40
N LYS E 110 44.99 16.94 -9.14
CA LYS E 110 46.19 16.74 -9.96
C LYS E 110 45.80 16.18 -11.33
N LEU E 111 44.72 15.40 -11.36
CA LEU E 111 44.14 14.95 -12.63
C LEU E 111 43.54 16.09 -13.45
N GLN E 112 42.82 17.02 -12.81
CA GLN E 112 42.28 18.15 -13.57
C GLN E 112 43.37 19.13 -13.94
N LEU E 113 44.54 19.02 -13.30
CA LEU E 113 45.70 19.83 -13.68
C LEU E 113 46.56 19.25 -14.79
N ALA E 114 46.51 17.93 -14.95
CA ALA E 114 47.23 17.23 -16.01
C ALA E 114 46.48 17.15 -17.30
N MET E 115 45.20 17.47 -17.26
CA MET E 115 44.25 17.15 -18.34
C MET E 115 44.55 17.60 -19.80
N PRO E 116 45.11 18.82 -20.02
CA PRO E 116 45.36 19.23 -21.42
C PRO E 116 46.37 18.38 -22.22
N LEU E 117 47.13 17.54 -21.55
CA LEU E 117 48.15 16.79 -22.24
C LEU E 117 47.55 15.46 -22.67
N LEU E 118 46.23 15.34 -22.51
CA LEU E 118 45.54 14.14 -22.97
C LEU E 118 44.73 14.38 -24.21
N PRO E 119 44.42 13.29 -24.92
CA PRO E 119 43.51 13.34 -26.05
C PRO E 119 42.14 13.88 -25.66
N GLN E 120 41.40 14.34 -26.67
CA GLN E 120 40.11 15.00 -26.52
C GLN E 120 38.98 13.99 -26.49
N GLU E 121 39.20 12.80 -27.03
CA GLU E 121 38.22 11.75 -26.81
C GLU E 121 38.22 11.40 -25.32
N VAL E 122 39.41 11.36 -24.70
CA VAL E 122 39.50 11.16 -23.26
C VAL E 122 38.98 12.33 -22.45
N GLN E 123 39.44 13.54 -22.75
CA GLN E 123 38.97 14.74 -22.06
C GLN E 123 37.46 14.91 -22.07
N GLN E 124 36.83 14.42 -23.12
CA GLN E 124 35.39 14.58 -23.22
C GLN E 124 34.74 13.31 -22.69
N GLN E 125 35.53 12.24 -22.59
CA GLN E 125 34.96 10.98 -22.15
C GLN E 125 34.81 11.05 -20.65
N GLY E 126 35.71 11.78 -20.04
CA GLY E 126 35.66 11.96 -18.62
C GLY E 126 36.72 11.05 -18.03
N VAL E 127 37.50 11.59 -17.11
CA VAL E 127 38.32 10.75 -16.27
C VAL E 127 37.54 10.80 -14.95
N SER E 128 37.36 9.68 -14.25
CA SER E 128 36.56 9.69 -13.02
C SER E 128 37.38 9.33 -11.76
N VAL E 129 37.32 10.21 -10.75
CA VAL E 129 38.01 9.98 -9.47
C VAL E 129 37.09 9.60 -8.28
N GLU E 130 37.31 8.41 -7.70
CA GLU E 130 36.49 7.90 -6.59
C GLU E 130 37.32 7.18 -5.49
N LYS E 131 36.70 6.34 -4.68
CA LYS E 131 37.47 5.57 -3.69
C LYS E 131 37.09 4.11 -3.53
N SER E 132 38.11 3.26 -3.54
CA SER E 132 37.98 1.78 -3.62
C SER E 132 37.25 1.06 -2.49
N SER E 133 36.02 1.46 -2.17
CA SER E 133 35.20 0.62 -1.33
C SER E 133 34.73 -0.53 -2.22
N SER E 134 35.38 -1.69 -2.07
CA SER E 134 35.03 -2.89 -2.84
C SER E 134 33.79 -3.57 -2.21
N SER E 135 33.22 -2.89 -1.21
CA SER E 135 32.08 -3.37 -0.41
C SER E 135 30.75 -2.60 -0.58
N PHE E 136 29.88 -3.18 -1.40
CA PHE E 136 28.52 -2.71 -1.61
C PHE E 136 27.55 -3.22 -0.50
N LEU E 137 26.83 -2.32 0.17
CA LEU E 137 25.79 -2.69 1.16
C LEU E 137 24.80 -3.64 0.57
N MET E 138 24.43 -3.35 -0.67
CA MET E 138 23.44 -4.13 -1.40
C MET E 138 23.76 -4.00 -2.88
N VAL E 139 23.49 -5.04 -3.65
CA VAL E 139 23.50 -4.88 -5.10
C VAL E 139 22.08 -5.23 -5.53
N VAL E 140 21.29 -4.20 -5.81
CA VAL E 140 19.88 -4.37 -6.18
C VAL E 140 19.62 -4.49 -7.67
N GLY E 141 18.88 -5.51 -8.07
CA GLY E 141 18.65 -5.73 -9.47
C GLY E 141 17.24 -5.35 -9.86
N VAL E 142 17.09 -4.84 -11.08
CA VAL E 142 15.76 -4.54 -11.59
C VAL E 142 15.54 -5.29 -12.88
N ILE E 143 14.40 -5.96 -12.94
CA ILE E 143 14.05 -6.76 -14.09
C ILE E 143 12.61 -6.56 -14.52
N ASN E 144 12.29 -7.23 -15.62
CA ASN E 144 10.96 -7.32 -16.19
C ASN E 144 10.74 -8.82 -16.47
N THR E 145 9.76 -9.44 -15.81
CA THR E 145 9.57 -10.90 -15.88
C THR E 145 8.96 -11.33 -17.20
N ASP E 146 8.26 -10.40 -17.83
CA ASP E 146 7.57 -10.59 -19.11
C ASP E 146 8.53 -10.61 -20.30
N GLY E 147 9.40 -9.62 -20.36
CA GLY E 147 10.30 -9.46 -21.47
C GLY E 147 10.05 -8.15 -22.16
N THR E 148 9.17 -7.33 -21.57
CA THR E 148 8.71 -6.08 -22.19
C THR E 148 9.92 -5.17 -22.38
N MET E 149 11.06 -5.59 -21.85
CA MET E 149 12.29 -4.82 -21.97
C MET E 149 13.52 -5.71 -22.05
N THR E 150 14.52 -5.19 -22.74
CA THR E 150 15.83 -5.79 -22.81
C THR E 150 16.63 -5.10 -21.73
N GLN E 151 17.93 -5.36 -21.69
CA GLN E 151 18.83 -4.69 -20.76
C GLN E 151 18.78 -3.14 -20.82
N GLU E 152 18.99 -2.58 -22.00
CA GLU E 152 19.17 -1.14 -22.15
C GLU E 152 17.92 -0.35 -21.76
N ASP E 153 16.77 -0.97 -22.01
CA ASP E 153 15.49 -0.38 -21.69
C ASP E 153 15.35 -0.09 -20.21
N ILE E 154 15.43 -1.18 -19.46
CA ILE E 154 15.42 -1.17 -18.01
C ILE E 154 16.47 -0.19 -17.50
N SER E 155 17.74 -0.41 -17.86
CA SER E 155 18.84 0.47 -17.44
C SER E 155 18.45 1.93 -17.46
N ASP E 156 17.81 2.32 -18.56
CA ASP E 156 17.31 3.68 -18.60
C ASP E 156 16.18 3.98 -17.59
N TYR E 157 15.20 3.08 -17.45
CA TYR E 157 14.11 3.36 -16.47
C TYR E 157 14.62 3.58 -15.06
N VAL E 158 15.53 2.72 -14.61
CA VAL E 158 16.16 2.89 -13.30
C VAL E 158 16.88 4.22 -13.29
N ALA E 159 17.63 4.53 -14.33
CA ALA E 159 18.35 5.78 -14.33
C ALA E 159 17.40 6.96 -14.14
N ALA E 160 16.13 6.85 -14.51
CA ALA E 160 15.27 8.04 -14.44
C ALA E 160 14.16 8.04 -13.37
N ASN E 161 13.97 6.90 -12.70
CA ASN E 161 12.96 6.78 -11.62
C ASN E 161 13.54 6.48 -10.25
N MET E 162 14.63 5.71 -10.26
CA MET E 162 15.12 5.03 -9.09
C MET E 162 16.36 5.70 -8.57
N LYS E 163 17.45 5.70 -9.36
CA LYS E 163 18.74 6.28 -8.95
C LYS E 163 18.57 7.78 -8.60
N ASP E 164 17.44 8.06 -7.93
CA ASP E 164 16.98 9.39 -7.56
C ASP E 164 16.32 9.46 -6.15
N ALA E 165 15.24 8.72 -5.91
CA ALA E 165 14.60 8.74 -4.57
C ALA E 165 15.07 7.68 -3.55
N ILE E 166 15.47 6.50 -4.00
CA ILE E 166 16.17 5.53 -3.14
C ILE E 166 17.50 6.15 -2.77
N SER E 167 18.02 6.95 -3.68
CA SER E 167 19.29 7.64 -3.54
C SER E 167 19.16 8.83 -2.59
N ARG E 168 17.92 9.11 -2.18
CA ARG E 168 17.61 10.13 -1.18
C ARG E 168 17.49 9.50 0.20
N THR E 169 17.01 8.27 0.21
CA THR E 169 16.75 7.48 1.42
C THR E 169 17.82 7.62 2.52
N SER E 170 17.35 7.79 3.78
CA SER E 170 18.23 8.07 4.93
C SER E 170 19.20 6.92 5.19
N GLY E 171 20.49 7.18 5.00
CA GLY E 171 21.47 6.12 5.18
C GLY E 171 22.16 5.71 3.89
N VAL E 172 21.79 6.36 2.79
CA VAL E 172 22.35 6.00 1.51
C VAL E 172 23.47 6.94 1.06
N GLY E 173 24.61 6.35 0.74
CA GLY E 173 25.76 7.08 0.24
C GLY E 173 25.91 7.04 -1.26
N ASP E 174 26.78 6.14 -1.71
CA ASP E 174 27.13 5.98 -3.12
C ASP E 174 25.94 5.32 -3.82
N VAL E 175 25.54 5.84 -4.96
CA VAL E 175 24.55 5.14 -5.77
C VAL E 175 25.17 4.72 -7.11
N GLN E 176 25.04 3.45 -7.51
CA GLN E 176 25.57 3.00 -8.81
C GLN E 176 24.59 2.18 -9.68
N LEU E 177 24.46 2.54 -10.97
CA LEU E 177 23.67 1.74 -11.94
C LEU E 177 24.63 0.90 -12.84
N PHE E 178 24.31 -0.37 -13.04
CA PHE E 178 25.11 -1.25 -13.87
C PHE E 178 24.45 -1.40 -15.25
N GLY E 179 25.22 -1.57 -16.32
CA GLY E 179 24.58 -1.60 -17.63
C GLY E 179 25.00 -0.49 -18.57
N SER E 180 24.08 -0.03 -19.41
CA SER E 180 24.37 1.11 -20.28
C SER E 180 23.15 2.02 -20.37
N GLN E 181 23.41 3.32 -20.27
CA GLN E 181 22.38 4.33 -20.40
C GLN E 181 22.13 4.61 -21.88
N TYR E 182 20.95 5.14 -22.23
CA TYR E 182 20.62 5.46 -23.62
C TYR E 182 21.52 6.51 -24.25
N ALA E 183 22.01 6.18 -25.43
CA ALA E 183 22.62 7.13 -26.30
C ALA E 183 21.89 7.00 -27.64
N MET E 184 21.97 8.04 -28.46
CA MET E 184 21.46 8.00 -29.82
C MET E 184 22.44 7.19 -30.66
N ARG E 185 22.14 5.92 -30.85
CA ARG E 185 23.03 5.08 -31.64
C ARG E 185 22.63 5.13 -33.14
N ILE E 186 23.55 5.72 -33.92
CA ILE E 186 23.40 6.00 -35.36
C ILE E 186 24.42 5.17 -36.14
N TRP E 187 23.94 4.18 -36.88
CA TRP E 187 24.84 3.19 -37.49
C TRP E 187 25.05 3.38 -38.99
N MET E 188 26.20 3.93 -39.34
CA MET E 188 26.52 4.28 -40.71
C MET E 188 26.50 3.03 -41.57
N ASN E 189 26.13 3.19 -42.84
CA ASN E 189 26.22 2.12 -43.84
C ASN E 189 27.24 2.54 -44.90
N PRO E 190 28.31 1.74 -45.07
CA PRO E 190 29.50 2.01 -45.90
C PRO E 190 29.30 2.02 -47.41
N ASN E 191 28.47 1.09 -47.85
CA ASN E 191 27.98 1.04 -49.22
C ASN E 191 27.05 2.26 -49.42
N GLU E 192 26.01 2.33 -48.62
CA GLU E 192 25.03 3.42 -48.61
C GLU E 192 25.66 4.79 -48.33
N LEU E 193 26.98 4.81 -48.14
CA LEU E 193 27.79 6.04 -48.05
C LEU E 193 28.66 6.26 -49.30
N ASN E 194 29.12 5.16 -49.88
CA ASN E 194 29.92 5.20 -51.12
C ASN E 194 29.01 5.52 -52.27
N LYS E 195 27.76 5.11 -52.07
CA LYS E 195 26.64 5.40 -52.94
C LYS E 195 26.61 6.90 -53.26
N PHE E 196 26.17 7.71 -52.29
CA PHE E 196 25.99 9.15 -52.51
C PHE E 196 27.26 9.99 -52.31
N GLN E 197 28.41 9.33 -52.29
CA GLN E 197 29.70 10.01 -52.05
C GLN E 197 29.84 10.75 -50.69
N LEU E 198 29.63 10.03 -49.59
CA LEU E 198 29.72 10.60 -48.24
C LEU E 198 30.58 9.71 -47.34
N THR E 199 31.35 10.36 -46.48
CA THR E 199 32.18 9.65 -45.51
C THR E 199 31.68 9.95 -44.11
N PRO E 200 32.08 9.13 -43.12
CA PRO E 200 31.87 9.44 -41.71
C PRO E 200 32.09 10.91 -41.37
N VAL E 201 33.23 11.47 -41.80
CA VAL E 201 33.60 12.87 -41.57
C VAL E 201 32.45 13.83 -41.75
N ASP E 202 31.62 13.49 -42.73
CA ASP E 202 30.48 14.31 -43.12
C ASP E 202 29.35 14.12 -42.13
N VAL E 203 29.17 12.88 -41.68
CA VAL E 203 28.19 12.61 -40.65
C VAL E 203 28.56 13.47 -39.44
N ILE E 204 29.84 13.40 -39.07
CA ILE E 204 30.37 14.16 -37.93
C ILE E 204 30.17 15.67 -38.03
N THR E 205 30.71 16.33 -39.06
CA THR E 205 30.65 17.79 -39.10
C THR E 205 29.18 18.22 -39.26
N ALA E 206 28.38 17.34 -39.86
CA ALA E 206 26.95 17.58 -39.97
C ALA E 206 26.23 17.59 -38.63
N ILE E 207 26.34 16.48 -37.89
CA ILE E 207 25.63 16.35 -36.61
C ILE E 207 26.16 17.37 -35.59
N LYS E 208 27.45 17.71 -35.71
CA LYS E 208 28.08 18.78 -34.91
C LYS E 208 27.50 20.15 -35.21
N ALA E 209 27.41 20.50 -36.49
CA ALA E 209 26.86 21.80 -36.83
C ALA E 209 25.33 21.91 -36.52
N GLN E 210 24.58 20.87 -36.86
CA GLN E 210 23.12 20.93 -36.86
C GLN E 210 22.48 20.78 -35.49
N ASN E 211 23.17 20.12 -34.57
CA ASN E 211 22.63 19.80 -33.25
C ASN E 211 23.26 20.57 -32.12
N ALA E 212 22.64 21.69 -31.77
CA ALA E 212 23.13 22.52 -30.69
C ALA E 212 22.08 23.48 -30.19
N GLN E 213 22.37 24.08 -29.05
CA GLN E 213 21.62 25.23 -28.56
C GLN E 213 22.53 26.33 -29.07
N VAL E 214 22.07 27.57 -29.15
CA VAL E 214 22.98 28.65 -29.55
C VAL E 214 22.73 29.84 -28.70
N ALA E 215 23.84 30.48 -28.30
CA ALA E 215 23.87 31.74 -27.56
C ALA E 215 23.17 32.86 -28.31
N ALA E 216 21.96 33.19 -27.87
CA ALA E 216 21.06 34.01 -28.68
C ALA E 216 21.01 35.47 -28.25
N GLY E 217 20.54 35.75 -27.05
CA GLY E 217 20.45 37.14 -26.62
C GLY E 217 19.08 37.58 -26.13
N GLN E 218 18.94 38.89 -25.94
CA GLN E 218 17.70 39.44 -25.43
C GLN E 218 17.25 40.65 -26.26
N LEU E 219 15.95 40.65 -26.53
CA LEU E 219 15.26 41.79 -27.07
C LEU E 219 15.34 42.86 -26.00
N GLY E 220 15.67 44.09 -26.39
CA GLY E 220 15.68 45.16 -25.42
C GLY E 220 16.81 44.95 -24.41
N GLY E 221 17.89 44.31 -24.86
CA GLY E 221 18.99 43.94 -24.00
C GLY E 221 19.71 45.04 -23.24
N THR E 222 20.78 44.68 -22.54
CA THR E 222 21.55 45.68 -21.81
C THR E 222 22.82 46.07 -22.58
N PRO E 223 23.05 47.38 -22.77
CA PRO E 223 22.13 48.47 -22.38
C PRO E 223 21.04 48.71 -23.43
N PRO E 224 19.80 48.99 -23.00
CA PRO E 224 18.69 49.21 -23.93
C PRO E 224 18.62 50.65 -24.41
N VAL E 225 17.62 50.96 -25.22
CA VAL E 225 17.38 52.34 -25.63
C VAL E 225 16.27 52.99 -24.83
N LYS E 226 16.34 54.31 -24.71
CA LYS E 226 15.42 55.07 -23.87
C LYS E 226 13.98 54.96 -24.40
N GLY E 227 13.03 54.99 -23.47
CA GLY E 227 11.62 54.83 -23.78
C GLY E 227 11.23 53.38 -24.02
N GLN E 228 12.15 52.45 -23.74
CA GLN E 228 11.89 51.03 -23.95
C GLN E 228 10.77 50.58 -23.02
N GLN E 229 10.16 49.44 -23.32
CA GLN E 229 9.10 48.86 -22.48
C GLN E 229 9.04 47.34 -22.68
N LEU E 230 9.78 46.81 -23.66
CA LEU E 230 9.84 45.36 -23.84
C LEU E 230 11.25 44.74 -23.74
N ASN E 231 11.33 43.65 -22.98
CA ASN E 231 12.56 42.91 -22.69
C ASN E 231 12.19 41.41 -22.59
N ALA E 232 12.82 40.54 -23.40
CA ALA E 232 12.49 39.10 -23.46
C ALA E 232 13.58 38.22 -24.09
N SER E 233 13.39 36.91 -24.00
CA SER E 233 14.47 35.96 -24.32
C SER E 233 14.49 35.33 -25.70
N ILE E 234 15.52 35.64 -26.48
CA ILE E 234 15.65 35.07 -27.82
C ILE E 234 16.02 33.60 -27.73
N ILE E 235 15.14 32.74 -28.25
CA ILE E 235 15.45 31.32 -28.38
C ILE E 235 16.01 31.03 -29.78
N ALA E 236 17.21 30.48 -29.88
CA ALA E 236 17.81 30.19 -31.18
C ALA E 236 17.72 28.70 -31.43
N GLN E 237 18.76 28.13 -32.04
CA GLN E 237 18.81 26.71 -32.39
C GLN E 237 18.56 25.90 -31.13
N THR E 238 17.56 25.01 -31.17
CA THR E 238 17.29 24.17 -30.02
C THR E 238 17.86 22.80 -30.35
N ARG E 239 18.36 22.11 -29.35
CA ARG E 239 18.94 20.80 -29.61
C ARG E 239 17.89 19.85 -30.16
N LEU E 240 18.34 18.83 -30.89
CA LEU E 240 17.40 17.93 -31.55
C LEU E 240 16.90 16.94 -30.51
N THR E 241 15.68 17.14 -30.05
CA THR E 241 15.13 16.42 -28.90
C THR E 241 14.86 14.95 -29.19
N SER E 242 14.35 14.64 -30.37
CA SER E 242 13.84 13.29 -30.57
C SER E 242 14.71 12.40 -31.44
N THR E 243 14.26 11.15 -31.59
CA THR E 243 14.82 10.16 -32.51
C THR E 243 14.36 10.48 -33.93
N GLU E 244 13.19 11.09 -34.03
CA GLU E 244 12.60 11.52 -35.29
C GLU E 244 13.51 12.47 -36.04
N GLU E 245 13.75 13.61 -35.40
CA GLU E 245 14.52 14.72 -35.92
C GLU E 245 15.90 14.31 -36.39
N PHE E 246 16.29 13.13 -35.93
CA PHE E 246 17.61 12.60 -36.24
C PHE E 246 17.70 11.80 -37.53
N GLY E 247 16.63 11.13 -37.91
CA GLY E 247 16.67 10.50 -39.22
C GLY E 247 16.78 11.56 -40.31
N LYS E 248 15.99 12.60 -40.13
CA LYS E 248 15.86 13.68 -41.10
C LYS E 248 17.06 14.61 -41.30
N ILE E 249 18.17 14.42 -40.59
CA ILE E 249 19.23 15.43 -40.72
C ILE E 249 19.86 15.39 -42.11
N LEU E 250 20.09 16.58 -42.64
CA LEU E 250 20.39 16.78 -44.04
C LEU E 250 21.89 16.83 -44.35
N LEU E 251 22.36 15.81 -45.05
CA LEU E 251 23.80 15.60 -45.29
C LEU E 251 24.34 16.30 -46.54
N LYS E 252 23.53 16.31 -47.59
CA LYS E 252 23.88 16.89 -48.89
C LYS E 252 22.67 16.89 -49.84
N VAL E 253 22.53 17.96 -50.62
CA VAL E 253 21.52 18.00 -51.69
C VAL E 253 22.18 17.55 -53.02
N ASN E 254 21.55 16.59 -53.69
CA ASN E 254 22.01 16.15 -55.01
C ASN E 254 21.81 17.30 -55.96
N GLN E 255 22.49 17.25 -57.11
CA GLN E 255 22.49 18.36 -58.05
C GLN E 255 21.08 18.68 -58.57
N ASP E 256 20.19 17.69 -58.49
CA ASP E 256 18.82 17.79 -59.01
C ASP E 256 17.78 18.22 -57.96
N GLY E 257 18.26 18.39 -56.73
CA GLY E 257 17.49 18.85 -55.59
C GLY E 257 16.93 17.78 -54.64
N SER E 258 16.87 16.53 -55.09
CA SER E 258 16.50 15.42 -54.21
C SER E 258 17.70 15.13 -53.32
N ARG E 259 17.55 15.40 -52.03
CA ARG E 259 18.67 15.41 -51.08
C ARG E 259 19.02 14.05 -50.44
N VAL E 260 20.15 14.03 -49.75
CA VAL E 260 20.58 12.85 -49.00
C VAL E 260 20.51 13.13 -47.50
N LEU E 261 19.51 12.57 -46.83
CA LEU E 261 19.34 12.75 -45.38
C LEU E 261 20.10 11.68 -44.56
N LEU E 262 20.21 11.90 -43.25
CA LEU E 262 20.89 10.93 -42.41
C LEU E 262 20.20 9.57 -42.43
N ARG E 263 18.88 9.60 -42.42
CA ARG E 263 18.05 8.41 -42.49
C ARG E 263 18.50 7.39 -43.53
N ASP E 264 19.02 7.91 -44.63
CA ASP E 264 19.36 7.16 -45.83
C ASP E 264 20.70 6.44 -45.73
N VAL E 265 21.65 7.06 -45.04
CA VAL E 265 23.01 6.53 -45.04
C VAL E 265 23.25 5.60 -43.88
N ALA E 266 22.29 5.56 -42.95
CA ALA E 266 22.45 4.88 -41.65
C ALA E 266 21.15 4.43 -40.99
N LYS E 267 21.25 3.45 -40.11
CA LYS E 267 20.11 3.06 -39.30
C LYS E 267 20.03 3.91 -38.01
N ILE E 268 18.80 4.26 -37.60
CA ILE E 268 18.59 5.11 -36.42
C ILE E 268 17.89 4.39 -35.29
N GLU E 269 18.54 4.39 -34.12
CA GLU E 269 17.92 3.78 -32.94
C GLU E 269 18.43 4.30 -31.57
N LEU E 270 17.47 4.43 -30.65
CA LEU E 270 17.72 4.67 -29.23
C LEU E 270 18.37 3.42 -28.69
N GLY E 271 19.67 3.50 -28.38
CA GLY E 271 20.38 2.30 -27.97
C GLY E 271 21.24 2.52 -26.75
N GLY E 272 21.94 1.48 -26.31
CA GLY E 272 22.87 1.57 -25.19
C GLY E 272 24.07 2.44 -25.52
N GLU E 273 24.73 3.01 -24.51
CA GLU E 273 25.89 3.86 -24.77
C GLU E 273 27.10 2.99 -25.03
N ASN E 274 26.96 1.71 -24.70
CA ASN E 274 27.99 0.74 -24.99
C ASN E 274 27.46 -0.67 -24.74
N TYR E 275 28.00 -1.65 -25.46
CA TYR E 275 27.43 -2.99 -25.40
C TYR E 275 28.47 -4.06 -25.02
N ASP E 276 29.42 -3.73 -24.15
CA ASP E 276 30.45 -4.70 -23.72
C ASP E 276 29.99 -5.71 -22.67
N ILE E 277 29.08 -5.30 -21.81
CA ILE E 277 28.72 -6.10 -20.65
C ILE E 277 27.27 -6.50 -20.73
N ILE E 278 27.01 -7.76 -20.48
CA ILE E 278 25.64 -8.18 -20.47
C ILE E 278 25.30 -8.78 -19.15
N ALA E 279 24.24 -8.22 -18.60
CA ALA E 279 23.80 -8.52 -17.28
C ALA E 279 22.53 -9.33 -17.35
N GLU E 280 22.65 -10.60 -17.02
CA GLU E 280 21.45 -11.42 -16.97
C GLU E 280 21.23 -11.99 -15.56
N PHE E 281 19.96 -12.03 -15.18
CA PHE E 281 19.52 -12.60 -13.91
C PHE E 281 18.56 -13.77 -14.08
N ASN E 282 19.07 -15.00 -13.93
CA ASN E 282 18.27 -16.21 -14.13
C ASN E 282 17.75 -16.31 -15.56
N GLY E 283 18.56 -15.83 -16.50
CA GLY E 283 18.22 -15.85 -17.91
C GLY E 283 17.53 -14.58 -18.36
N GLN E 284 16.88 -13.91 -17.42
CA GLN E 284 16.10 -12.72 -17.68
C GLN E 284 16.98 -11.48 -17.89
N PRO E 285 16.56 -10.60 -18.80
CA PRO E 285 17.30 -9.38 -19.08
C PRO E 285 17.32 -8.55 -17.81
N ALA E 286 18.43 -7.93 -17.46
CA ALA E 286 18.49 -7.27 -16.17
C ALA E 286 19.39 -6.03 -16.07
N SER E 287 18.97 -5.14 -15.18
CA SER E 287 19.76 -3.99 -14.75
C SER E 287 20.05 -4.05 -13.27
N GLY E 288 21.27 -3.65 -12.89
CA GLY E 288 21.65 -3.75 -11.50
C GLY E 288 21.80 -2.43 -10.78
N LEU E 289 21.85 -2.48 -9.45
CA LEU E 289 22.07 -1.30 -8.62
C LEU E 289 22.94 -1.58 -7.40
N GLY E 290 24.07 -0.88 -7.31
CA GLY E 290 24.91 -0.91 -6.12
C GLY E 290 24.75 0.29 -5.19
N ILE E 291 23.95 0.12 -4.13
CA ILE E 291 23.70 1.16 -3.13
C ILE E 291 24.77 1.01 -2.04
N LYS E 292 25.43 2.09 -1.64
CA LYS E 292 26.40 2.00 -0.54
C LYS E 292 25.92 2.67 0.79
N LEU E 293 26.22 2.01 1.91
CA LEU E 293 25.90 2.50 3.25
C LEU E 293 26.60 3.83 3.42
N ALA E 294 25.87 4.84 3.91
CA ALA E 294 26.45 6.18 4.07
C ALA E 294 27.45 6.20 5.25
N THR E 295 28.44 7.10 5.18
CA THR E 295 29.52 7.13 6.18
C THR E 295 29.00 7.46 7.58
N GLY E 296 28.78 6.40 8.37
CA GLY E 296 28.31 6.52 9.75
C GLY E 296 26.82 6.25 9.94
N ALA E 297 26.25 5.46 9.05
CA ALA E 297 24.81 5.18 9.07
C ALA E 297 24.49 3.76 9.46
N ASN E 298 23.21 3.55 9.76
CA ASN E 298 22.66 2.25 10.15
C ASN E 298 22.37 1.38 8.92
N ALA E 299 22.99 0.21 8.84
CA ALA E 299 22.71 -0.76 7.78
C ALA E 299 21.22 -1.10 7.75
N LEU E 300 20.66 -1.43 8.91
CA LEU E 300 19.29 -1.89 9.02
C LEU E 300 18.29 -0.79 8.59
N ASP E 301 18.71 0.47 8.74
CA ASP E 301 17.86 1.60 8.36
C ASP E 301 18.03 2.06 6.90
N THR E 302 19.25 2.01 6.37
CA THR E 302 19.44 2.27 4.94
C THR E 302 18.65 1.23 4.17
N ALA E 303 18.75 -0.03 4.58
CA ALA E 303 18.02 -1.12 3.94
C ALA E 303 16.49 -1.10 4.09
N ALA E 304 15.97 -0.97 5.32
CA ALA E 304 14.51 -0.92 5.49
C ALA E 304 13.88 0.33 4.85
N ALA E 305 14.56 1.47 4.97
CA ALA E 305 14.08 2.72 4.37
C ALA E 305 14.15 2.70 2.84
N ILE E 306 15.21 2.12 2.28
CA ILE E 306 15.32 1.98 0.84
C ILE E 306 14.19 1.10 0.35
N ARG E 307 13.93 0.02 1.07
CA ARG E 307 12.80 -0.87 0.78
C ARG E 307 11.45 -0.13 0.86
N ALA E 308 11.37 0.86 1.75
CA ALA E 308 10.20 1.73 1.82
C ALA E 308 10.07 2.59 0.55
N GLU E 309 11.21 3.08 0.03
CA GLU E 309 11.23 3.83 -1.26
C GLU E 309 10.87 2.93 -2.46
N LEU E 310 11.27 1.67 -2.40
CA LEU E 310 10.82 0.70 -3.39
C LEU E 310 9.30 0.58 -3.29
N ALA E 311 8.77 0.59 -2.08
CA ALA E 311 7.32 0.55 -1.91
C ALA E 311 6.59 1.83 -2.38
N LYS E 312 7.26 2.99 -2.33
CA LYS E 312 6.69 4.25 -2.89
C LYS E 312 6.81 4.37 -4.42
N MET E 313 7.85 3.78 -4.99
CA MET E 313 8.01 3.77 -6.44
C MET E 313 7.30 2.59 -7.09
N GLU E 314 6.77 1.68 -6.27
CA GLU E 314 6.07 0.48 -6.76
C GLU E 314 4.82 0.82 -7.63
N PRO E 315 4.06 1.88 -7.29
CA PRO E 315 2.93 2.20 -8.19
C PRO E 315 3.30 2.89 -9.53
N PHE E 316 4.58 3.18 -9.77
CA PHE E 316 5.02 3.86 -11.01
C PHE E 316 5.93 2.95 -11.83
N PHE E 317 5.88 1.66 -11.52
CA PHE E 317 6.70 0.68 -12.21
C PHE E 317 6.07 0.31 -13.54
N PRO E 318 6.92 0.10 -14.55
CA PRO E 318 6.40 -0.30 -15.86
C PRO E 318 5.82 -1.71 -15.84
N SER E 319 5.48 -2.23 -17.01
CA SER E 319 4.82 -3.51 -17.11
C SER E 319 5.71 -4.66 -16.66
N GLY E 320 5.28 -5.36 -15.62
CA GLY E 320 5.96 -6.57 -15.14
C GLY E 320 7.31 -6.31 -14.53
N LEU E 321 7.52 -5.09 -14.04
CA LEU E 321 8.81 -4.68 -13.47
C LEU E 321 8.93 -4.96 -11.98
N LYS E 322 9.73 -5.97 -11.67
CA LYS E 322 9.92 -6.45 -10.31
C LYS E 322 11.19 -5.86 -9.74
N ILE E 323 11.15 -5.49 -8.47
CA ILE E 323 12.36 -5.06 -7.81
C ILE E 323 13.04 -6.32 -7.31
N VAL E 324 14.36 -6.36 -7.35
CA VAL E 324 15.05 -7.60 -6.98
C VAL E 324 16.33 -7.37 -6.20
N TYR E 325 16.61 -8.29 -5.28
CA TYR E 325 17.70 -8.18 -4.32
C TYR E 325 18.59 -9.41 -4.43
N PRO E 326 19.57 -9.37 -5.33
CA PRO E 326 20.52 -10.47 -5.54
C PRO E 326 21.54 -10.53 -4.43
N TYR E 327 21.71 -9.42 -3.71
CA TYR E 327 22.81 -9.26 -2.75
C TYR E 327 22.39 -8.45 -1.54
N ASP E 328 22.52 -9.05 -0.35
CA ASP E 328 22.07 -8.34 0.85
C ASP E 328 22.86 -8.70 2.13
N THR E 329 23.67 -7.74 2.59
CA THR E 329 24.45 -7.85 3.82
C THR E 329 23.50 -7.80 5.02
N THR E 330 22.26 -7.40 4.75
CA THR E 330 21.26 -7.06 5.76
C THR E 330 20.85 -8.25 6.64
N PRO E 331 20.47 -9.40 6.04
CA PRO E 331 20.12 -10.50 6.95
C PRO E 331 21.30 -11.00 7.81
N PHE E 332 22.51 -10.96 7.23
CA PHE E 332 23.77 -11.41 7.88
C PHE E 332 24.07 -10.58 9.14
N VAL E 333 23.97 -9.25 9.02
CA VAL E 333 24.08 -8.40 10.20
C VAL E 333 22.92 -8.59 11.20
N LYS E 334 21.67 -8.73 10.72
CA LYS E 334 20.49 -8.89 11.60
C LYS E 334 20.64 -10.10 12.52
N ILE E 335 21.02 -11.23 11.94
CA ILE E 335 21.13 -12.44 12.73
C ILE E 335 22.43 -12.44 13.52
N SER E 336 23.49 -11.84 12.97
CA SER E 336 24.72 -11.69 13.75
C SER E 336 24.46 -10.98 15.08
N ILE E 337 23.88 -9.80 15.00
CA ILE E 337 23.61 -9.02 16.19
C ILE E 337 22.53 -9.64 17.11
N HIS E 338 21.48 -10.21 16.51
CA HIS E 338 20.44 -10.89 17.30
C HIS E 338 21.09 -12.05 18.08
N GLU E 339 22.07 -12.72 17.47
CA GLU E 339 22.83 -13.79 18.12
C GLU E 339 23.90 -13.34 19.16
N VAL E 340 24.53 -12.18 18.98
CA VAL E 340 25.39 -11.68 20.05
C VAL E 340 24.54 -11.33 21.26
N VAL E 341 23.36 -10.79 21.03
CA VAL E 341 22.46 -10.49 22.14
C VAL E 341 22.11 -11.87 22.72
N LYS E 342 21.91 -12.86 21.85
CA LYS E 342 21.68 -14.24 22.32
C LYS E 342 22.75 -14.68 23.33
N THR E 343 24.01 -14.61 22.96
CA THR E 343 25.06 -14.98 23.90
C THR E 343 25.11 -14.15 25.17
N LEU E 344 25.21 -12.83 25.07
CA LEU E 344 25.29 -12.01 26.27
C LEU E 344 24.18 -12.41 27.25
N VAL E 345 22.94 -12.50 26.75
CA VAL E 345 21.86 -12.96 27.65
C VAL E 345 22.12 -14.36 28.21
N GLU E 346 22.65 -15.27 27.39
CA GLU E 346 22.96 -16.61 27.88
C GLU E 346 23.87 -16.50 29.09
N ALA E 347 24.99 -15.84 28.90
CA ALA E 347 25.94 -15.63 29.98
C ALA E 347 25.29 -15.09 31.26
N ILE E 348 24.53 -14.01 31.14
CA ILE E 348 23.83 -13.46 32.33
C ILE E 348 22.92 -14.46 33.07
N ILE E 349 21.99 -15.08 32.34
CA ILE E 349 21.02 -15.95 33.00
C ILE E 349 21.78 -17.11 33.62
N LEU E 350 22.73 -17.63 32.86
CA LEU E 350 23.58 -18.70 33.30
C LEU E 350 24.26 -18.39 34.62
N VAL E 351 24.88 -17.22 34.73
CA VAL E 351 25.49 -16.82 35.98
C VAL E 351 24.54 -16.91 37.13
N PHE E 352 23.37 -16.32 36.94
CA PHE E 352 22.31 -16.34 37.94
C PHE E 352 22.06 -17.80 38.32
N LEU E 353 22.14 -18.71 37.37
CA LEU E 353 22.13 -20.15 37.73
C LEU E 353 23.39 -20.55 38.52
N VAL E 354 24.53 -20.75 37.84
CA VAL E 354 25.78 -21.09 38.49
C VAL E 354 26.20 -20.03 39.55
N MET E 355 25.20 -19.57 40.29
CA MET E 355 25.44 -18.77 41.47
C MET E 355 24.36 -19.11 42.45
N TYR E 356 23.15 -19.32 41.97
CA TYR E 356 22.12 -19.71 42.91
C TYR E 356 22.44 -21.14 43.27
N LEU E 357 23.08 -21.84 42.33
CA LEU E 357 23.46 -23.24 42.52
C LEU E 357 24.67 -23.37 43.42
N PHE E 358 25.13 -22.26 44.02
CA PHE E 358 26.19 -22.30 45.05
C PHE E 358 25.85 -21.47 46.27
N LEU E 359 24.86 -20.60 46.16
CA LEU E 359 24.67 -19.59 47.18
C LEU E 359 23.25 -19.50 47.67
N GLN E 360 22.38 -20.29 47.07
CA GLN E 360 21.00 -20.40 47.51
C GLN E 360 20.27 -19.07 47.79
N ASN E 361 20.91 -17.92 47.53
CA ASN E 361 20.34 -16.65 47.97
C ASN E 361 19.88 -15.66 46.87
N PHE E 362 18.57 -15.48 46.81
CA PHE E 362 17.93 -14.68 45.78
C PHE E 362 18.49 -13.26 45.73
N ARG E 363 18.60 -12.58 46.87
CA ARG E 363 19.10 -11.21 46.80
C ARG E 363 20.59 -11.22 46.49
N ALA E 364 21.30 -12.26 46.90
CA ALA E 364 22.68 -12.35 46.51
C ALA E 364 22.69 -12.59 45.04
N THR E 365 21.74 -13.39 44.60
CA THR E 365 21.71 -13.82 43.23
C THR E 365 21.36 -12.64 42.31
N LEU E 366 20.58 -11.69 42.82
CA LEU E 366 20.25 -10.51 42.04
C LEU E 366 21.42 -9.55 41.83
N ILE E 367 22.45 -9.61 42.68
CA ILE E 367 23.50 -8.59 42.59
C ILE E 367 24.31 -8.62 41.30
N PRO E 368 24.88 -9.79 40.93
CA PRO E 368 25.71 -9.74 39.71
C PRO E 368 24.82 -9.46 38.53
N THR E 369 23.59 -9.84 38.77
CA THR E 369 22.52 -9.73 37.81
C THR E 369 22.25 -8.25 37.53
N ILE E 370 22.55 -7.35 38.49
CA ILE E 370 22.53 -5.89 38.26
C ILE E 370 23.92 -5.43 37.75
N ALA E 371 24.95 -6.20 38.11
CA ALA E 371 26.31 -5.82 37.81
C ALA E 371 26.61 -5.82 36.32
N VAL E 372 26.07 -6.77 35.56
CA VAL E 372 26.40 -6.79 34.12
C VAL E 372 25.57 -5.83 33.28
N PRO E 373 24.24 -5.75 33.53
CA PRO E 373 23.44 -4.74 32.85
C PRO E 373 24.06 -3.34 32.86
N VAL E 374 24.49 -2.89 34.04
CA VAL E 374 25.08 -1.57 34.19
C VAL E 374 26.48 -1.44 33.56
N VAL E 375 27.33 -2.46 33.68
CA VAL E 375 28.69 -2.35 33.13
C VAL E 375 28.66 -2.37 31.61
N LEU E 376 27.73 -3.14 31.09
CA LEU E 376 27.66 -3.30 29.66
C LEU E 376 27.32 -1.94 29.09
N LEU E 377 26.10 -1.48 29.35
CA LEU E 377 25.61 -0.20 28.82
C LEU E 377 26.67 0.89 28.78
N GLY E 378 27.37 1.09 29.88
CA GLY E 378 28.40 2.09 29.91
C GLY E 378 29.45 1.79 28.87
N THR E 379 29.75 0.52 28.71
CA THR E 379 30.77 0.14 27.76
C THR E 379 30.38 0.62 26.38
N PHE E 380 29.10 0.41 26.06
CA PHE E 380 28.46 0.90 24.84
C PHE E 380 28.63 2.43 24.78
N ALA E 381 28.52 3.05 25.96
CA ALA E 381 28.61 4.48 26.07
C ALA E 381 30.06 4.92 25.83
N VAL E 382 31.02 4.13 26.30
CA VAL E 382 32.43 4.42 25.99
C VAL E 382 32.67 4.21 24.52
N LEU E 383 32.00 3.21 23.96
CA LEU E 383 32.16 2.91 22.56
C LEU E 383 31.61 4.02 21.68
N ALA E 384 30.41 4.51 21.98
CA ALA E 384 29.87 5.65 21.24
C ALA E 384 30.76 6.89 21.37
N ALA E 385 31.29 7.09 22.57
CA ALA E 385 32.09 8.26 22.86
C ALA E 385 33.43 8.16 22.16
N PHE E 386 33.92 6.93 21.99
CA PHE E 386 35.21 6.75 21.33
C PHE E 386 35.15 6.64 19.79
N GLY E 387 33.93 6.73 19.22
CA GLY E 387 33.73 6.82 17.79
C GLY E 387 33.55 5.52 17.02
N PHE E 388 33.46 4.40 17.72
CA PHE E 388 33.37 3.10 17.07
C PHE E 388 31.92 2.77 16.81
N SER E 389 31.65 1.62 16.21
CA SER E 389 30.28 1.29 15.85
C SER E 389 29.80 -0.03 16.44
N ILE E 390 28.48 -0.20 16.49
CA ILE E 390 27.83 -1.47 16.83
C ILE E 390 27.85 -2.39 15.59
N ASN E 391 28.92 -3.16 15.47
CA ASN E 391 29.11 -4.10 14.36
C ASN E 391 29.36 -5.55 14.78
N THR E 392 29.89 -6.34 13.86
CA THR E 392 30.21 -7.73 14.14
C THR E 392 31.36 -7.88 15.13
N LEU E 393 32.49 -7.22 14.82
CA LEU E 393 33.71 -7.33 15.64
C LEU E 393 33.57 -6.88 17.08
N THR E 394 33.08 -5.68 17.28
CA THR E 394 33.06 -5.12 18.63
C THR E 394 32.03 -5.79 19.55
N MET E 395 30.89 -6.16 18.99
CA MET E 395 29.90 -6.92 19.73
C MET E 395 30.57 -8.24 20.19
N PHE E 396 31.39 -8.83 19.32
CA PHE E 396 32.15 -10.00 19.74
C PHE E 396 33.23 -9.70 20.72
N GLY E 397 33.74 -8.46 20.76
CA GLY E 397 34.61 -8.11 21.87
C GLY E 397 33.85 -8.15 23.21
N MET E 398 32.58 -7.75 23.23
CA MET E 398 31.79 -7.73 24.48
C MET E 398 31.43 -9.15 24.95
N VAL E 399 30.97 -9.98 24.01
CA VAL E 399 30.86 -11.41 24.32
C VAL E 399 32.20 -11.99 24.83
N LEU E 400 33.27 -11.59 24.15
CA LEU E 400 34.61 -12.04 24.47
C LEU E 400 34.99 -11.66 25.89
N ALA E 401 34.40 -10.59 26.38
CA ALA E 401 34.75 -10.10 27.71
C ALA E 401 33.65 -10.35 28.77
N ILE E 402 32.68 -11.19 28.43
CA ILE E 402 31.75 -11.61 29.49
C ILE E 402 32.50 -12.32 30.60
N GLY E 403 33.62 -12.96 30.25
CA GLY E 403 34.38 -13.68 31.25
C GLY E 403 34.93 -12.73 32.31
N LEU E 404 35.32 -11.56 31.84
CA LEU E 404 35.90 -10.57 32.73
C LEU E 404 34.83 -9.93 33.64
N LEU E 405 33.68 -9.55 33.06
CA LEU E 405 32.64 -8.90 33.92
C LEU E 405 32.02 -9.89 34.91
N VAL E 406 31.74 -11.08 34.40
CA VAL E 406 31.20 -12.12 35.24
C VAL E 406 32.15 -12.33 36.41
N ASP E 407 33.45 -12.47 36.11
CA ASP E 407 34.41 -12.68 37.20
C ASP E 407 34.31 -11.54 38.21
N ASP E 408 34.23 -10.29 37.74
CA ASP E 408 34.13 -9.14 38.67
C ASP E 408 33.02 -9.31 39.70
N ALA E 409 31.78 -9.35 39.21
CA ALA E 409 30.60 -9.51 40.08
C ALA E 409 30.66 -10.73 41.02
N ILE E 410 30.96 -11.89 40.44
CA ILE E 410 31.06 -13.11 41.23
C ILE E 410 32.12 -12.94 42.32
N VAL E 411 33.33 -12.49 41.97
CA VAL E 411 34.40 -12.34 42.95
C VAL E 411 34.03 -11.48 44.18
N VAL E 412 33.52 -10.28 43.89
CA VAL E 412 33.15 -9.30 44.93
C VAL E 412 31.98 -9.79 45.82
N VAL E 413 30.87 -10.23 45.20
CA VAL E 413 29.76 -10.80 45.98
C VAL E 413 30.26 -12.00 46.81
N GLU E 414 31.11 -12.82 46.21
CA GLU E 414 31.65 -13.98 46.89
C GLU E 414 32.31 -13.67 48.15
N ASN E 415 33.34 -12.84 48.04
CA ASN E 415 34.20 -12.56 49.17
C ASN E 415 33.35 -12.13 50.37
N VAL E 416 32.28 -11.38 50.09
CA VAL E 416 31.27 -11.00 51.08
C VAL E 416 30.56 -12.23 51.69
N GLU E 417 29.89 -13.02 50.85
CA GLU E 417 29.23 -14.27 51.29
C GLU E 417 30.20 -15.34 51.85
N ARG E 418 31.47 -14.97 51.99
CA ARG E 418 32.49 -15.83 52.56
C ARG E 418 32.90 -15.24 53.89
N VAL E 419 33.10 -13.93 53.89
CA VAL E 419 33.38 -13.18 55.11
C VAL E 419 32.24 -13.39 56.10
N MET E 420 31.04 -13.49 55.55
CA MET E 420 29.83 -13.61 56.34
C MET E 420 29.70 -14.97 57.00
N ALA E 421 30.02 -16.01 56.27
CA ALA E 421 29.93 -17.37 56.80
C ALA E 421 31.11 -17.72 57.71
N GLU E 422 32.14 -16.87 57.71
CA GLU E 422 33.35 -17.17 58.47
C GLU E 422 33.47 -16.41 59.80
N GLU E 423 32.98 -15.17 59.85
CA GLU E 423 33.13 -14.31 61.04
C GLU E 423 31.80 -13.82 61.59
N GLY E 424 30.73 -13.88 60.81
CA GLY E 424 29.44 -13.47 61.34
C GLY E 424 29.16 -11.98 61.28
N LEU E 425 30.06 -11.26 60.62
CA LEU E 425 29.87 -9.82 60.43
C LEU E 425 28.57 -9.45 59.75
N PRO E 426 28.02 -8.30 60.19
CA PRO E 426 26.86 -7.70 59.54
C PRO E 426 27.29 -7.25 58.15
N PRO E 427 26.29 -7.15 57.26
CA PRO E 427 26.56 -6.83 55.85
C PRO E 427 27.62 -5.74 55.63
N LYS E 428 27.46 -4.53 56.19
CA LYS E 428 28.43 -3.45 55.93
C LYS E 428 29.87 -3.83 56.30
N GLU E 429 30.10 -4.24 57.54
CA GLU E 429 31.47 -4.51 57.96
C GLU E 429 32.00 -5.78 57.28
N ALA E 430 31.09 -6.70 56.96
CA ALA E 430 31.52 -7.87 56.24
C ALA E 430 32.17 -7.40 54.93
N THR E 431 31.45 -6.50 54.25
CA THR E 431 31.81 -5.93 52.93
C THR E 431 33.11 -5.13 53.00
N ARG E 432 33.23 -4.33 54.06
CA ARG E 432 34.44 -3.56 54.29
C ARG E 432 35.66 -4.44 54.47
N LYS E 433 35.51 -5.54 55.21
CA LYS E 433 36.62 -6.45 55.40
C LYS E 433 37.02 -6.98 54.04
N SER E 434 35.99 -7.23 53.22
CA SER E 434 36.19 -7.81 51.88
C SER E 434 36.87 -6.92 50.81
N MET E 435 36.42 -5.66 50.74
CA MET E 435 37.01 -4.72 49.79
C MET E 435 38.45 -4.54 50.29
N GLY E 436 38.61 -4.58 51.63
CA GLY E 436 39.91 -4.59 52.29
C GLY E 436 40.87 -5.72 51.89
N GLN E 437 40.33 -6.89 51.63
CA GLN E 437 41.17 -7.98 51.16
C GLN E 437 41.55 -7.80 49.67
N ILE E 438 40.58 -7.44 48.84
CA ILE E 438 40.85 -7.44 47.40
C ILE E 438 41.10 -6.14 46.65
N GLN E 439 40.93 -4.98 47.27
CA GLN E 439 40.95 -3.72 46.52
C GLN E 439 42.15 -3.52 45.59
N GLY E 440 43.34 -3.55 46.17
CA GLY E 440 44.54 -3.36 45.40
C GLY E 440 44.64 -4.42 44.33
N ALA E 441 44.32 -5.65 44.72
CA ALA E 441 44.37 -6.78 43.82
C ALA E 441 43.55 -6.40 42.61
N LEU E 442 42.29 -6.02 42.79
CA LEU E 442 41.44 -5.64 41.66
C LEU E 442 42.02 -4.51 40.79
N VAL E 443 42.69 -3.53 41.39
CA VAL E 443 43.34 -2.50 40.55
C VAL E 443 44.55 -3.06 39.74
N GLY E 444 45.44 -3.81 40.38
CA GLY E 444 46.51 -4.52 39.68
C GLY E 444 45.96 -5.36 38.53
N ILE E 445 44.90 -6.11 38.79
CA ILE E 445 44.26 -6.91 37.75
C ILE E 445 43.80 -5.93 36.69
N ALA E 446 43.30 -4.76 37.06
CA ALA E 446 42.85 -3.80 36.03
C ALA E 446 44.00 -3.28 35.12
N MET E 447 45.17 -3.05 35.71
CA MET E 447 46.33 -2.51 35.00
C MET E 447 46.99 -3.61 34.19
N VAL E 448 46.82 -4.85 34.62
CA VAL E 448 47.33 -6.02 33.90
C VAL E 448 46.40 -6.49 32.79
N LEU E 449 45.11 -6.28 32.98
CA LEU E 449 44.10 -6.69 32.05
C LEU E 449 44.25 -5.71 30.90
N SER E 450 44.56 -4.48 31.25
CA SER E 450 44.89 -3.52 30.20
C SER E 450 46.29 -3.74 29.69
N ALA E 451 47.14 -4.40 30.47
CA ALA E 451 48.49 -4.71 30.01
C ALA E 451 48.43 -5.82 28.94
N VAL E 452 47.33 -6.56 28.87
CA VAL E 452 47.27 -7.52 27.81
C VAL E 452 46.48 -6.92 26.69
N PHE E 453 45.46 -6.14 27.03
CA PHE E 453 44.51 -5.67 26.02
C PHE E 453 44.90 -4.39 25.27
N VAL E 454 45.79 -3.60 25.85
CA VAL E 454 46.21 -2.37 25.20
C VAL E 454 47.30 -2.56 24.15
N PRO E 455 48.39 -3.30 24.44
CA PRO E 455 49.39 -3.36 23.38
C PRO E 455 48.85 -3.91 22.05
N MET E 456 47.87 -4.80 22.15
CA MET E 456 47.34 -5.43 20.95
C MET E 456 46.41 -4.52 20.13
N ALA E 457 46.27 -3.26 20.53
CA ALA E 457 45.48 -2.31 19.73
C ALA E 457 46.43 -1.54 18.83
N PHE E 458 47.72 -1.68 19.10
CA PHE E 458 48.66 -0.87 18.41
C PHE E 458 49.19 -1.67 17.25
N PHE E 459 48.49 -2.73 16.87
CA PHE E 459 48.95 -3.53 15.74
C PHE E 459 48.87 -2.66 14.49
N GLY E 460 49.57 -3.08 13.46
CA GLY E 460 49.73 -2.29 12.26
C GLY E 460 48.93 -2.85 11.12
N GLY E 461 48.52 -1.96 10.23
CA GLY E 461 47.78 -2.36 9.07
C GLY E 461 46.34 -2.61 9.40
N SER E 462 45.70 -3.35 8.49
CA SER E 462 44.31 -3.71 8.63
C SER E 462 44.17 -4.72 9.75
N THR E 463 45.24 -5.47 9.96
CA THR E 463 45.36 -6.37 11.10
C THR E 463 45.26 -5.54 12.35
N GLY E 464 46.01 -4.45 12.36
CA GLY E 464 45.97 -3.55 13.48
C GLY E 464 44.58 -3.05 13.74
N ALA E 465 43.84 -2.76 12.69
CA ALA E 465 42.45 -2.32 12.82
C ALA E 465 41.50 -3.36 13.44
N ILE E 466 41.47 -4.54 12.81
CA ILE E 466 40.64 -5.64 13.29
C ILE E 466 40.94 -5.89 14.77
N TYR E 467 42.20 -5.85 15.13
CA TYR E 467 42.58 -6.00 16.53
C TYR E 467 42.05 -4.83 17.36
N ARG E 468 42.10 -3.62 16.81
CA ARG E 468 41.75 -2.44 17.58
C ARG E 468 40.30 -2.44 18.05
N GLN E 469 39.37 -2.87 17.18
CA GLN E 469 37.95 -2.96 17.64
C GLN E 469 37.77 -3.80 18.91
N PHE E 470 38.40 -4.95 18.93
CA PHE E 470 38.41 -5.80 20.10
C PHE E 470 39.12 -5.15 21.27
N SER E 471 40.31 -4.61 21.05
CA SER E 471 41.02 -3.97 22.15
C SER E 471 40.19 -2.97 22.90
N ILE E 472 39.67 -1.98 22.20
CA ILE E 472 38.98 -0.89 22.89
C ILE E 472 37.67 -1.39 23.49
N THR E 473 36.95 -2.26 22.79
CA THR E 473 35.74 -2.81 23.39
C THR E 473 36.03 -3.51 24.71
N ILE E 474 37.05 -4.34 24.68
CA ILE E 474 37.31 -5.25 25.77
C ILE E 474 37.97 -4.53 26.96
N VAL E 475 38.90 -3.62 26.65
CA VAL E 475 39.53 -2.76 27.66
C VAL E 475 38.44 -1.90 28.32
N SER E 476 37.42 -1.56 27.53
CA SER E 476 36.30 -0.71 27.99
C SER E 476 35.34 -1.42 28.94
N ALA E 477 34.90 -2.61 28.53
CA ALA E 477 34.12 -3.46 29.40
C ALA E 477 34.91 -3.68 30.68
N MET E 478 36.22 -3.85 30.50
CA MET E 478 37.11 -4.09 31.63
C MET E 478 37.15 -2.90 32.59
N ALA E 479 37.32 -1.69 32.06
CA ALA E 479 37.34 -0.47 32.86
C ALA E 479 36.09 -0.31 33.68
N LEU E 480 34.96 -0.31 33.00
CA LEU E 480 33.67 -0.20 33.68
C LEU E 480 33.48 -1.30 34.69
N SER E 481 33.99 -2.49 34.39
CA SER E 481 33.82 -3.59 35.33
C SER E 481 34.60 -3.36 36.62
N VAL E 482 35.89 -2.99 36.56
CA VAL E 482 36.62 -2.77 37.81
C VAL E 482 36.07 -1.57 38.61
N LEU E 483 35.59 -0.55 37.89
CA LEU E 483 34.93 0.59 38.55
C LEU E 483 33.66 0.16 39.30
N VAL E 484 32.78 -0.59 38.65
CA VAL E 484 31.56 -1.06 39.32
C VAL E 484 31.96 -2.00 40.46
N ALA E 485 33.03 -2.76 40.22
CA ALA E 485 33.62 -3.58 41.25
C ALA E 485 33.95 -2.72 42.47
N LEU E 486 34.34 -1.47 42.25
CA LEU E 486 34.66 -0.56 43.37
C LEU E 486 33.60 0.44 43.89
N ILE E 487 32.52 0.68 43.14
CA ILE E 487 31.54 1.73 43.54
C ILE E 487 30.12 1.16 43.83
N LEU E 488 29.51 0.51 42.83
CA LEU E 488 28.15 -0.02 42.93
C LEU E 488 28.15 -1.44 43.57
N THR E 489 28.93 -2.38 43.02
CA THR E 489 28.87 -3.73 43.60
C THR E 489 29.20 -3.74 45.11
N PRO E 490 30.26 -3.03 45.56
CA PRO E 490 30.46 -3.13 47.00
C PRO E 490 29.29 -2.51 47.75
N ALA E 491 28.72 -1.48 47.14
CA ALA E 491 27.55 -0.82 47.69
C ALA E 491 26.37 -1.74 47.66
N LEU E 492 26.16 -2.44 46.54
CA LEU E 492 25.02 -3.35 46.50
C LEU E 492 25.37 -4.62 47.31
N CYS E 493 25.81 -4.41 48.55
CA CYS E 493 26.22 -5.48 49.44
C CYS E 493 26.14 -5.00 50.83
N ALA E 494 26.64 -3.80 51.06
CA ALA E 494 26.60 -3.29 52.40
C ALA E 494 25.17 -2.90 52.74
N THR E 495 24.32 -2.83 51.72
CA THR E 495 22.91 -2.45 51.89
C THR E 495 21.97 -3.41 51.15
N MET E 496 22.51 -4.50 50.60
CA MET E 496 21.69 -5.42 49.82
C MET E 496 21.74 -6.87 50.29
N LEU E 497 22.94 -7.34 50.53
CA LEU E 497 23.14 -8.68 50.98
C LEU E 497 22.65 -8.97 52.42
N LYS E 498 21.89 -10.05 52.59
CA LYS E 498 21.44 -10.50 53.92
C LYS E 498 22.55 -11.26 54.69
N PRO E 499 22.65 -11.02 56.05
CA PRO E 499 23.69 -11.53 56.97
C PRO E 499 23.59 -13.02 57.27
N ILE E 500 24.75 -13.66 57.34
CA ILE E 500 24.88 -15.12 57.51
C ILE E 500 25.48 -15.42 58.88
N ALA E 501 24.96 -16.44 59.56
CA ALA E 501 25.45 -16.80 60.91
C ALA E 501 26.88 -17.37 60.90
N LYS E 502 27.67 -16.94 61.88
CA LYS E 502 29.10 -17.25 61.94
C LYS E 502 29.47 -18.74 61.97
N GLY E 503 30.42 -19.13 61.13
CA GLY E 503 30.82 -20.52 61.01
C GLY E 503 29.70 -21.40 60.46
N ASP E 504 29.01 -20.92 59.44
CA ASP E 504 27.90 -21.71 58.91
C ASP E 504 28.35 -22.76 57.90
N HIS E 505 28.81 -22.33 56.72
CA HIS E 505 29.18 -23.24 55.62
C HIS E 505 27.98 -24.07 55.16
N GLY E 506 26.85 -23.91 55.84
CA GLY E 506 25.59 -24.51 55.45
C GLY E 506 25.65 -25.96 55.05
N GLU E 507 26.51 -26.75 55.69
CA GLU E 507 26.59 -28.17 55.31
C GLU E 507 25.21 -28.78 55.40
N GLY E 508 24.65 -29.08 54.23
CA GLY E 508 23.32 -29.62 54.08
C GLY E 508 22.17 -28.88 54.75
N LYS E 509 21.98 -29.13 56.05
CA LYS E 509 20.83 -28.64 56.79
C LYS E 509 19.53 -28.99 56.02
N LYS E 510 18.88 -27.98 55.43
CA LYS E 510 17.69 -28.19 54.63
C LYS E 510 17.98 -29.33 53.66
N GLY E 511 17.01 -30.21 53.42
CA GLY E 511 17.27 -31.36 52.57
C GLY E 511 17.07 -31.42 51.05
N PHE E 512 15.82 -31.29 50.56
CA PHE E 512 15.47 -31.66 49.16
C PHE E 512 16.32 -31.09 47.99
N PHE E 513 17.05 -29.99 48.20
CA PHE E 513 17.76 -29.35 47.09
C PHE E 513 19.24 -29.10 47.38
N GLY E 514 19.59 -28.94 48.65
CA GLY E 514 20.95 -28.68 49.03
C GLY E 514 21.53 -29.64 50.06
N TRP E 515 21.41 -30.94 49.81
CA TRP E 515 22.29 -31.89 50.47
C TRP E 515 23.63 -31.47 49.85
N PHE E 516 23.50 -30.91 48.65
CA PHE E 516 24.58 -30.27 47.87
C PHE E 516 25.71 -29.55 48.58
N ASN E 517 25.38 -28.67 49.50
CA ASN E 517 26.43 -27.92 50.16
C ASN E 517 27.41 -28.88 50.82
N ARG E 518 26.91 -29.88 51.54
CA ARG E 518 27.78 -30.94 52.08
C ARG E 518 28.56 -31.60 50.96
N MET E 519 27.81 -31.97 49.93
CA MET E 519 28.31 -32.62 48.71
C MET E 519 29.50 -31.84 48.17
N PHE E 520 29.56 -30.54 48.50
CA PHE E 520 30.65 -29.68 48.01
C PHE E 520 31.86 -29.79 48.93
N GLU E 521 31.61 -29.59 50.22
CA GLU E 521 32.67 -29.49 51.23
C GLU E 521 33.52 -30.74 51.44
N LYS E 522 32.85 -31.89 51.48
CA LYS E 522 33.54 -33.17 51.67
C LYS E 522 34.59 -33.18 50.57
N SER E 523 34.16 -32.79 49.37
CA SER E 523 35.05 -32.81 48.22
C SER E 523 36.19 -31.78 48.27
N THR E 524 35.90 -30.57 48.73
CA THR E 524 36.91 -29.52 48.64
C THR E 524 38.10 -29.75 49.54
N HIS E 525 37.83 -30.30 50.72
CA HIS E 525 38.90 -30.69 51.62
C HIS E 525 39.74 -31.75 50.97
N HIS E 526 39.11 -32.69 50.28
CA HIS E 526 39.90 -33.69 49.58
C HIS E 526 40.93 -32.93 48.79
N TYR E 527 40.43 -31.87 48.15
CA TYR E 527 41.22 -30.97 47.31
C TYR E 527 42.35 -30.25 48.09
N THR E 528 42.12 -29.75 49.29
CA THR E 528 43.23 -29.12 50.02
C THR E 528 44.17 -30.20 50.68
N ASP E 529 43.59 -31.30 51.21
CA ASP E 529 44.38 -32.48 51.64
C ASP E 529 45.33 -32.79 50.52
N SER E 530 44.79 -32.62 49.32
CA SER E 530 45.48 -32.91 48.09
C SER E 530 46.59 -31.93 47.80
N VAL E 531 46.22 -30.65 47.80
CA VAL E 531 47.15 -29.56 47.49
C VAL E 531 48.37 -29.64 48.45
N GLY E 532 48.11 -29.92 49.73
CA GLY E 532 49.20 -30.13 50.67
C GLY E 532 50.05 -31.34 50.29
N GLY E 533 49.39 -32.40 49.85
CA GLY E 533 50.12 -33.56 49.43
C GLY E 533 51.01 -33.18 48.27
N ILE E 534 50.48 -32.39 47.33
CA ILE E 534 51.25 -32.04 46.14
C ILE E 534 52.29 -31.01 46.51
N LEU E 535 52.14 -30.37 47.66
CA LEU E 535 53.24 -29.52 48.11
C LEU E 535 54.32 -30.48 48.63
N ARG E 536 54.03 -31.32 49.63
CA ARG E 536 55.04 -32.22 50.24
C ARG E 536 56.37 -32.24 49.54
N SER E 537 56.38 -32.65 48.28
CA SER E 537 57.57 -32.54 47.45
C SER E 537 57.17 -32.18 46.03
N THR E 538 57.48 -30.95 45.63
CA THR E 538 57.07 -30.36 44.35
C THR E 538 57.84 -30.81 43.07
N GLY E 539 59.09 -31.28 43.19
CA GLY E 539 59.94 -31.58 42.04
C GLY E 539 59.20 -32.16 40.83
N ARG E 540 58.48 -33.24 41.09
CA ARG E 540 57.72 -33.93 40.04
C ARG E 540 56.91 -32.93 39.25
N TYR E 541 56.30 -32.03 39.99
CA TYR E 541 55.33 -31.14 39.41
C TYR E 541 55.97 -30.07 38.54
N LEU E 542 57.23 -29.78 38.84
CA LEU E 542 58.01 -28.89 38.00
C LEU E 542 58.35 -29.58 36.67
N VAL E 543 58.73 -30.85 36.75
CA VAL E 543 58.90 -31.63 35.51
C VAL E 543 57.62 -31.61 34.70
N LEU E 544 56.53 -32.04 35.32
CA LEU E 544 55.24 -32.15 34.66
C LEU E 544 54.89 -30.82 34.01
N TYR E 545 55.29 -29.75 34.69
CA TYR E 545 55.16 -28.40 34.18
C TYR E 545 55.91 -28.20 32.86
N LEU E 546 57.23 -28.41 32.92
CA LEU E 546 58.09 -28.19 31.76
C LEU E 546 57.52 -28.93 30.61
N ILE E 547 57.13 -30.17 30.88
CA ILE E 547 56.50 -30.94 29.85
C ILE E 547 55.33 -30.17 29.30
N ILE E 548 54.42 -29.75 30.16
CA ILE E 548 53.24 -29.03 29.67
C ILE E 548 53.60 -27.85 28.78
N VAL E 549 54.62 -27.11 29.18
CA VAL E 549 55.05 -25.97 28.41
C VAL E 549 55.56 -26.35 27.04
N VAL E 550 56.52 -27.27 27.00
CA VAL E 550 57.09 -27.71 25.72
C VAL E 550 55.98 -28.22 24.83
N GLY E 551 55.18 -29.12 25.36
CA GLY E 551 54.03 -29.66 24.67
C GLY E 551 53.11 -28.57 24.13
N MET E 552 52.92 -27.53 24.94
CA MET E 552 52.15 -26.36 24.55
C MET E 552 52.79 -25.77 23.29
N ALA E 553 54.12 -25.64 23.32
CA ALA E 553 54.91 -25.04 22.25
C ALA E 553 54.77 -25.81 20.95
N TYR E 554 55.04 -27.11 21.01
CA TYR E 554 54.85 -28.00 19.88
C TYR E 554 53.47 -27.80 19.31
N LEU E 555 52.47 -28.05 20.16
CA LEU E 555 51.07 -27.89 19.82
C LEU E 555 50.82 -26.58 19.09
N PHE E 556 51.57 -25.57 19.52
CA PHE E 556 51.47 -24.23 18.98
C PHE E 556 52.11 -24.09 17.58
N VAL E 557 53.34 -24.60 17.39
CA VAL E 557 53.98 -24.54 16.08
C VAL E 557 53.17 -25.33 15.03
N ARG E 558 52.72 -26.51 15.42
CA ARG E 558 51.95 -27.35 14.54
C ARG E 558 50.47 -26.96 14.63
N LEU E 559 50.17 -25.73 14.26
CA LEU E 559 48.79 -25.21 14.24
C LEU E 559 48.72 -24.14 13.17
N PRO E 560 47.76 -24.30 12.23
CA PRO E 560 47.56 -23.42 11.08
C PRO E 560 47.32 -21.97 11.44
N SER E 561 47.57 -21.07 10.48
CA SER E 561 47.65 -19.65 10.78
C SER E 561 46.77 -18.81 9.85
N SER E 562 45.44 -18.96 9.90
CA SER E 562 44.56 -18.21 8.99
C SER E 562 44.46 -16.77 9.45
N PHE E 563 43.53 -16.02 8.87
CA PHE E 563 43.35 -14.60 9.17
C PHE E 563 41.97 -14.36 9.65
N LEU E 564 41.02 -15.10 9.14
CA LEU E 564 39.64 -14.96 9.59
C LEU E 564 38.84 -16.20 9.18
N PRO E 565 37.83 -16.58 9.98
CA PRO E 565 37.01 -17.73 9.61
C PRO E 565 36.16 -17.40 8.38
N ASP E 566 36.10 -18.36 7.46
CA ASP E 566 35.32 -18.23 6.24
C ASP E 566 33.86 -18.38 6.55
N GLU E 567 33.07 -17.40 6.15
CA GLU E 567 31.67 -17.41 6.52
C GLU E 567 30.73 -17.64 5.34
N ASP E 568 29.73 -18.48 5.57
CA ASP E 568 28.60 -18.58 4.69
C ASP E 568 27.83 -17.30 4.91
N GLN E 569 27.96 -16.37 3.99
CA GLN E 569 27.31 -15.09 4.12
C GLN E 569 26.02 -15.16 3.33
N GLY E 570 25.77 -16.35 2.75
CA GLY E 570 24.56 -16.62 1.98
C GLY E 570 24.74 -16.36 0.50
N VAL E 571 26.00 -16.25 0.11
CA VAL E 571 26.37 -15.66 -1.15
C VAL E 571 27.73 -16.15 -1.56
N PHE E 572 27.85 -16.63 -2.79
CA PHE E 572 29.18 -16.94 -3.28
C PHE E 572 29.29 -16.61 -4.76
N MET E 573 30.51 -16.64 -5.30
CA MET E 573 30.71 -16.20 -6.66
C MET E 573 31.51 -17.19 -7.47
N THR E 574 31.24 -17.23 -8.76
CA THR E 574 31.94 -18.15 -9.64
C THR E 574 32.34 -17.44 -10.93
N MET E 575 33.61 -17.54 -11.33
CA MET E 575 34.08 -16.76 -12.46
C MET E 575 34.57 -17.61 -13.62
N VAL E 576 34.45 -17.01 -14.82
CA VAL E 576 34.70 -17.64 -16.12
C VAL E 576 35.77 -16.95 -17.00
N GLN E 577 36.71 -17.73 -17.51
CA GLN E 577 37.64 -17.18 -18.49
C GLN E 577 37.71 -18.08 -19.73
N LEU E 578 37.41 -17.49 -20.89
CA LEU E 578 37.44 -18.19 -22.18
C LEU E 578 38.83 -18.11 -22.79
N PRO E 579 39.17 -19.00 -23.73
CA PRO E 579 40.50 -18.80 -24.31
C PRO E 579 40.54 -17.48 -25.07
N ALA E 580 41.73 -17.02 -25.45
CA ALA E 580 41.89 -15.75 -26.12
C ALA E 580 41.02 -15.63 -27.39
N GLY E 581 40.42 -14.47 -27.60
CA GLY E 581 39.67 -14.19 -28.81
C GLY E 581 38.24 -14.66 -28.91
N ALA E 582 37.72 -15.29 -27.86
CA ALA E 582 36.34 -15.77 -27.85
C ALA E 582 35.35 -14.62 -27.93
N THR E 583 34.07 -14.93 -28.08
CA THR E 583 33.09 -13.89 -28.37
C THR E 583 32.07 -13.76 -27.29
N GLN E 584 31.41 -12.61 -27.26
CA GLN E 584 30.29 -12.39 -26.37
C GLN E 584 29.34 -13.58 -26.34
N GLU E 585 29.16 -14.19 -27.49
CA GLU E 585 28.27 -15.31 -27.56
C GLU E 585 28.89 -16.55 -26.97
N ARG E 586 30.20 -16.75 -27.17
CA ARG E 586 30.84 -17.94 -26.62
C ARG E 586 30.80 -17.93 -25.08
N THR E 587 31.29 -16.83 -24.53
CA THR E 587 31.26 -16.60 -23.10
C THR E 587 29.82 -16.69 -22.57
N GLN E 588 28.90 -16.01 -23.26
CA GLN E 588 27.50 -16.11 -22.88
C GLN E 588 27.02 -17.56 -22.88
N LYS E 589 27.56 -18.38 -23.78
CA LYS E 589 27.27 -19.81 -23.77
C LYS E 589 27.70 -20.44 -22.45
N VAL E 590 28.96 -20.22 -22.07
CA VAL E 590 29.45 -20.85 -20.83
C VAL E 590 28.61 -20.46 -19.62
N LEU E 591 28.32 -19.17 -19.52
CA LEU E 591 27.50 -18.67 -18.43
C LEU E 591 26.13 -19.34 -18.44
N ASN E 592 25.59 -19.52 -19.64
CA ASN E 592 24.33 -20.24 -19.79
C ASN E 592 24.40 -21.60 -19.11
N GLU E 593 25.52 -22.28 -19.33
CA GLU E 593 25.74 -23.58 -18.69
C GLU E 593 25.74 -23.48 -17.16
N VAL E 594 26.53 -22.54 -16.64
CA VAL E 594 26.59 -22.31 -15.20
C VAL E 594 25.19 -22.08 -14.61
N THR E 595 24.44 -21.17 -15.21
CA THR E 595 23.11 -20.86 -14.74
C THR E 595 22.20 -22.07 -14.71
N HIS E 596 22.17 -22.86 -15.77
CA HIS E 596 21.31 -24.04 -15.76
C HIS E 596 21.72 -25.01 -14.63
N TYR E 597 23.01 -25.32 -14.56
CA TYR E 597 23.53 -26.19 -13.50
C TYR E 597 23.08 -25.78 -12.11
N TYR E 598 23.35 -24.53 -11.75
CA TYR E 598 22.99 -24.08 -10.41
C TYR E 598 21.50 -24.11 -10.21
N LEU E 599 20.76 -23.52 -11.13
CA LEU E 599 19.35 -23.32 -10.89
C LEU E 599 18.53 -24.59 -10.95
N THR E 600 19.14 -25.70 -11.35
CA THR E 600 18.37 -26.94 -11.37
C THR E 600 18.98 -27.90 -10.40
N LYS E 601 20.19 -28.35 -10.72
CA LYS E 601 20.88 -29.36 -9.95
C LYS E 601 21.29 -28.85 -8.57
N GLU E 602 20.75 -27.68 -8.20
CA GLU E 602 20.90 -27.05 -6.88
C GLU E 602 19.68 -26.19 -6.59
N LYS E 603 18.50 -26.72 -6.90
CA LYS E 603 17.26 -25.99 -6.74
C LYS E 603 16.88 -25.80 -5.28
N ASN E 604 17.36 -26.71 -4.44
CA ASN E 604 17.12 -26.64 -2.99
C ASN E 604 17.86 -25.48 -2.32
N ASN E 605 18.97 -25.07 -2.93
CA ASN E 605 19.84 -24.05 -2.37
C ASN E 605 19.82 -22.65 -3.02
N VAL E 606 20.16 -22.62 -4.31
CA VAL E 606 20.28 -21.37 -5.07
C VAL E 606 18.93 -20.66 -5.25
N GLU E 607 18.92 -19.32 -5.21
CA GLU E 607 17.70 -18.58 -5.61
C GLU E 607 18.10 -17.57 -6.69
N SER E 608 19.38 -17.22 -6.75
CA SER E 608 19.81 -16.21 -7.70
C SER E 608 21.22 -16.37 -8.28
N VAL E 609 21.26 -16.47 -9.61
CA VAL E 609 22.50 -16.32 -10.36
C VAL E 609 22.45 -15.05 -11.17
N PHE E 610 23.52 -14.29 -11.07
CA PHE E 610 23.67 -13.06 -11.82
C PHE E 610 24.84 -13.29 -12.78
N ALA E 611 24.55 -13.74 -13.99
CA ALA E 611 25.60 -13.87 -14.97
C ALA E 611 25.97 -12.49 -15.46
N VAL E 612 27.27 -12.21 -15.45
CA VAL E 612 27.81 -10.99 -16.05
C VAL E 612 28.91 -11.35 -17.04
N ASN E 613 28.61 -11.16 -18.31
CA ASN E 613 29.56 -11.42 -19.39
C ASN E 613 30.24 -10.10 -19.82
N GLY E 614 31.56 -10.13 -19.98
CA GLY E 614 32.29 -8.97 -20.45
C GLY E 614 33.20 -8.47 -19.37
N ALA E 615 32.68 -8.51 -18.16
CA ALA E 615 33.44 -8.23 -16.97
C ALA E 615 33.86 -9.54 -16.35
N GLY E 616 35.12 -9.62 -15.95
CA GLY E 616 35.54 -10.74 -15.15
C GLY E 616 36.38 -10.15 -14.04
N ALA E 617 36.73 -10.97 -13.07
CA ALA E 617 37.64 -10.51 -12.03
C ALA E 617 39.01 -10.35 -12.70
N ALA E 618 39.25 -11.19 -13.70
CA ALA E 618 40.51 -11.21 -14.44
C ALA E 618 40.80 -9.85 -15.06
N GLY E 619 39.75 -9.22 -15.58
CA GLY E 619 39.84 -7.92 -16.21
C GLY E 619 38.60 -7.71 -17.07
N ALA E 620 38.67 -6.77 -18.03
CA ALA E 620 37.54 -6.53 -18.96
C ALA E 620 37.72 -7.23 -20.32
N GLY E 621 36.59 -7.58 -20.96
CA GLY E 621 36.58 -8.22 -22.28
C GLY E 621 35.53 -9.30 -22.47
N GLN E 622 35.00 -9.43 -23.70
CA GLN E 622 34.02 -10.48 -24.06
C GLN E 622 34.58 -11.81 -23.66
N ASN E 623 35.90 -11.88 -23.78
CA ASN E 623 36.73 -12.99 -23.42
C ASN E 623 36.34 -13.56 -22.06
N THR E 624 36.21 -12.63 -21.10
CA THR E 624 36.04 -12.89 -19.67
C THR E 624 34.56 -12.89 -19.23
N GLY E 625 34.26 -13.56 -18.14
CA GLY E 625 32.91 -13.58 -17.60
C GLY E 625 32.93 -13.83 -16.10
N ILE E 626 31.87 -13.45 -15.40
CA ILE E 626 31.76 -13.64 -13.95
C ILE E 626 30.28 -13.76 -13.52
N ALA E 627 30.00 -14.60 -12.54
CA ALA E 627 28.63 -14.83 -12.09
C ALA E 627 28.50 -14.76 -10.58
N PHE E 628 27.63 -13.87 -10.13
CA PHE E 628 27.28 -13.71 -8.74
C PHE E 628 26.08 -14.60 -8.33
N VAL E 629 26.29 -15.52 -7.40
CA VAL E 629 25.24 -16.45 -6.93
C VAL E 629 24.72 -16.23 -5.50
N SER E 630 23.43 -15.94 -5.37
CA SER E 630 22.77 -15.89 -4.07
C SER E 630 22.13 -17.21 -3.72
N LEU E 631 22.38 -17.69 -2.51
CA LEU E 631 21.70 -18.90 -2.05
C LEU E 631 20.51 -18.41 -1.28
N LYS E 632 19.57 -19.30 -1.03
CA LYS E 632 18.36 -18.93 -0.30
C LYS E 632 18.62 -18.46 1.13
N ASP E 633 18.13 -19.23 2.09
CA ASP E 633 18.26 -18.86 3.50
C ASP E 633 18.51 -20.10 4.35
N TRP E 634 19.44 -19.94 5.28
CA TRP E 634 19.99 -21.01 6.12
C TRP E 634 18.94 -21.82 6.88
N ALA E 635 17.79 -21.21 7.13
CA ALA E 635 16.72 -21.89 7.84
C ALA E 635 15.96 -22.93 6.99
N ASP E 636 16.38 -23.14 5.75
CA ASP E 636 15.80 -24.19 4.92
C ASP E 636 16.91 -25.07 4.35
N ARG E 637 18.15 -24.79 4.76
CA ARG E 637 19.33 -25.52 4.31
C ARG E 637 20.08 -26.14 5.49
N PRO E 638 19.63 -27.31 5.95
CA PRO E 638 20.14 -27.87 7.19
C PRO E 638 21.61 -28.22 7.11
N GLY E 639 21.88 -29.23 6.29
CA GLY E 639 23.17 -29.89 6.30
C GLY E 639 24.27 -28.96 5.89
N GLU E 640 25.48 -29.50 5.80
CA GLU E 640 26.64 -28.75 5.34
C GLU E 640 26.70 -28.76 3.81
N GLU E 641 26.07 -29.77 3.22
CA GLU E 641 26.01 -29.88 1.78
C GLU E 641 24.85 -29.06 1.22
N ASN E 642 24.10 -28.42 2.12
CA ASN E 642 23.19 -27.32 1.75
C ASN E 642 23.84 -25.96 2.05
N LYS E 643 25.13 -25.99 2.38
CA LYS E 643 25.88 -24.78 2.76
C LYS E 643 27.02 -24.47 1.81
N VAL E 644 27.19 -23.17 1.58
CA VAL E 644 28.27 -22.59 0.76
C VAL E 644 29.50 -23.47 0.48
N GLU E 645 30.03 -24.12 1.51
CA GLU E 645 31.19 -24.99 1.32
C GLU E 645 30.99 -26.04 0.23
N ALA E 646 30.07 -26.97 0.47
CA ALA E 646 29.90 -28.11 -0.44
C ALA E 646 29.31 -27.70 -1.78
N ILE E 647 28.55 -26.61 -1.79
CA ILE E 647 28.03 -26.06 -3.03
C ILE E 647 29.19 -25.57 -3.90
N THR E 648 30.11 -24.80 -3.34
CA THR E 648 31.27 -24.36 -4.11
C THR E 648 32.09 -25.57 -4.58
N MET E 649 32.19 -26.59 -3.72
CA MET E 649 32.96 -27.81 -4.04
C MET E 649 32.40 -28.63 -5.21
N ARG E 650 31.08 -28.78 -5.24
CA ARG E 650 30.40 -29.55 -6.28
C ARG E 650 30.23 -28.73 -7.56
N ALA E 651 30.22 -27.41 -7.42
CA ALA E 651 30.19 -26.55 -8.59
C ALA E 651 31.53 -26.57 -9.31
N THR E 652 32.63 -26.39 -8.58
CA THR E 652 33.94 -26.51 -9.22
C THR E 652 34.19 -27.94 -9.66
N ARG E 653 33.59 -28.89 -8.93
CA ARG E 653 33.65 -30.30 -9.29
C ARG E 653 33.10 -30.45 -10.70
N ALA E 654 31.87 -29.96 -10.91
CA ALA E 654 31.26 -30.01 -12.24
C ALA E 654 32.09 -29.32 -13.31
N PHE E 655 32.43 -28.05 -13.05
CA PHE E 655 32.96 -27.18 -14.09
C PHE E 655 34.43 -27.43 -14.31
N SER E 656 34.92 -28.46 -13.64
CA SER E 656 36.26 -28.95 -13.83
C SER E 656 36.26 -29.74 -15.13
N GLN E 657 35.52 -30.85 -15.15
CA GLN E 657 35.56 -31.82 -16.24
C GLN E 657 34.72 -31.52 -17.51
N ILE E 658 33.77 -30.61 -17.45
CA ILE E 658 32.80 -30.51 -18.56
C ILE E 658 32.85 -29.23 -19.43
N LYS E 659 33.99 -28.58 -19.56
CA LYS E 659 34.09 -27.39 -20.44
C LYS E 659 35.36 -27.28 -21.29
N ASP E 660 35.32 -26.33 -22.22
CA ASP E 660 36.48 -26.00 -23.06
C ASP E 660 37.25 -24.78 -22.53
N ALA E 661 36.71 -24.13 -21.49
CA ALA E 661 37.33 -22.97 -20.87
C ALA E 661 37.34 -23.11 -19.35
N MET E 662 38.26 -22.41 -18.68
CA MET E 662 38.46 -22.60 -17.25
C MET E 662 37.41 -21.85 -16.43
N VAL E 663 36.68 -22.59 -15.60
CA VAL E 663 35.60 -22.04 -14.80
C VAL E 663 35.78 -22.40 -13.31
N PHE E 664 36.08 -21.38 -12.48
CA PHE E 664 36.38 -21.53 -11.04
C PHE E 664 35.22 -21.13 -10.17
N ALA E 665 34.98 -21.86 -9.09
CA ALA E 665 33.95 -21.40 -8.17
C ALA E 665 34.61 -21.08 -6.84
N PHE E 666 34.23 -19.96 -6.23
CA PHE E 666 34.76 -19.68 -4.90
C PHE E 666 33.84 -18.82 -4.02
N ASN E 667 34.16 -18.85 -2.72
CA ASN E 667 33.49 -18.05 -1.68
C ASN E 667 34.39 -16.93 -1.16
N LEU E 668 33.76 -15.79 -0.87
CA LEU E 668 34.46 -14.61 -0.35
C LEU E 668 34.76 -14.78 1.13
N PRO E 669 35.82 -14.13 1.61
CA PRO E 669 36.12 -14.16 3.04
C PRO E 669 35.04 -13.41 3.85
N ALA E 670 35.12 -13.39 5.18
CA ALA E 670 34.06 -12.69 5.91
C ALA E 670 34.24 -11.20 5.70
N ILE E 671 35.37 -10.66 6.14
CA ILE E 671 35.67 -9.27 5.88
C ILE E 671 35.96 -9.15 4.40
N VAL E 672 35.05 -8.44 3.74
CA VAL E 672 34.96 -8.33 2.29
C VAL E 672 36.07 -7.54 1.54
N GLU E 673 37.34 -7.86 1.83
CA GLU E 673 38.54 -7.32 1.18
C GLU E 673 39.83 -7.73 1.90
N LEU E 674 39.79 -8.92 2.52
CA LEU E 674 40.93 -9.54 3.23
C LEU E 674 42.19 -9.90 2.42
N GLY E 675 42.69 -11.11 2.69
CA GLY E 675 43.90 -11.64 2.09
C GLY E 675 44.05 -13.16 1.90
N THR E 676 44.88 -13.57 0.94
CA THR E 676 45.21 -14.98 0.84
C THR E 676 46.14 -15.14 2.04
N ALA E 677 45.86 -16.12 2.90
CA ALA E 677 46.59 -16.24 4.17
C ALA E 677 48.05 -16.60 3.96
N THR E 678 48.31 -17.87 3.64
CA THR E 678 49.66 -18.32 3.34
C THR E 678 50.02 -17.94 1.89
N GLY E 679 49.71 -16.70 1.49
CA GLY E 679 49.95 -16.22 0.12
C GLY E 679 50.35 -14.77 -0.13
N PHE E 680 50.67 -14.48 -1.40
CA PHE E 680 51.28 -13.20 -1.76
C PHE E 680 50.71 -12.58 -3.04
N ASP E 681 51.30 -11.43 -3.38
CA ASP E 681 50.94 -10.64 -4.56
C ASP E 681 52.20 -9.93 -5.11
N PHE E 682 52.92 -10.61 -5.99
CA PHE E 682 54.23 -10.17 -6.48
C PHE E 682 54.17 -9.29 -7.75
N GLU E 683 55.04 -8.29 -7.85
CA GLU E 683 55.06 -7.41 -9.02
C GLU E 683 56.42 -7.48 -9.72
N LEU E 684 56.44 -7.89 -10.98
CA LEU E 684 57.71 -7.90 -11.74
C LEU E 684 57.92 -6.58 -12.43
N ILE E 685 59.14 -6.06 -12.34
CA ILE E 685 59.42 -4.70 -12.69
C ILE E 685 60.46 -4.57 -13.81
N ASP E 686 60.23 -3.62 -14.72
CA ASP E 686 61.21 -3.27 -15.76
C ASP E 686 61.75 -1.84 -15.60
N GLN E 687 63.03 -1.71 -15.26
CA GLN E 687 63.64 -0.38 -15.07
C GLN E 687 64.42 0.09 -16.29
N ALA E 688 64.96 -0.84 -17.07
CA ALA E 688 65.74 -0.52 -18.26
C ALA E 688 64.83 -0.47 -19.48
N GLY E 689 65.43 -0.36 -20.67
CA GLY E 689 64.65 -0.25 -21.89
C GLY E 689 64.34 -1.51 -22.68
N LEU E 690 63.46 -2.34 -22.13
CA LEU E 690 63.04 -3.57 -22.81
C LEU E 690 61.55 -3.57 -23.09
N GLY E 691 61.20 -3.90 -24.33
CA GLY E 691 59.82 -4.00 -24.76
C GLY E 691 59.01 -5.09 -24.09
N HIS E 692 57.69 -4.96 -24.20
CA HIS E 692 56.72 -5.84 -23.56
C HIS E 692 57.11 -7.31 -23.78
N GLU E 693 57.69 -7.55 -24.95
CA GLU E 693 58.16 -8.86 -25.36
C GLU E 693 59.04 -9.43 -24.26
N LYS E 694 60.04 -8.65 -23.87
CA LYS E 694 61.03 -9.08 -22.88
C LYS E 694 60.45 -9.30 -21.49
N LEU E 695 59.47 -8.49 -21.11
CA LEU E 695 58.83 -8.66 -19.80
C LEU E 695 58.09 -9.98 -19.79
N THR E 696 57.25 -10.21 -20.80
CA THR E 696 56.56 -11.50 -20.88
C THR E 696 57.56 -12.65 -20.88
N GLN E 697 58.69 -12.49 -21.57
CA GLN E 697 59.69 -13.57 -21.63
C GLN E 697 60.30 -13.89 -20.26
N ALA E 698 60.70 -12.85 -19.54
CA ALA E 698 61.20 -13.02 -18.19
C ALA E 698 60.13 -13.65 -17.31
N ARG E 699 58.87 -13.34 -17.58
CA ARG E 699 57.76 -13.92 -16.83
C ARG E 699 57.66 -15.40 -17.11
N ASN E 700 57.88 -15.80 -18.36
CA ASN E 700 57.92 -17.22 -18.69
C ASN E 700 59.02 -17.89 -17.90
N GLN E 701 60.17 -17.20 -17.81
CA GLN E 701 61.31 -17.67 -17.03
C GLN E 701 61.03 -17.93 -15.55
N LEU E 702 60.55 -16.90 -14.87
CA LEU E 702 60.31 -17.02 -13.43
C LEU E 702 59.08 -17.92 -13.16
N LEU E 703 58.18 -18.03 -14.15
CA LEU E 703 56.98 -18.87 -14.03
C LEU E 703 57.35 -20.35 -14.07
N ALA E 704 58.27 -20.71 -14.96
CA ALA E 704 58.76 -22.07 -14.99
C ALA E 704 59.71 -22.35 -13.82
N GLU E 705 60.55 -21.36 -13.49
CA GLU E 705 61.52 -21.48 -12.38
C GLU E 705 60.87 -21.60 -11.02
N ALA E 706 59.60 -21.20 -10.93
CA ALA E 706 58.86 -21.34 -9.68
C ALA E 706 58.18 -22.71 -9.68
N ALA E 707 58.10 -23.33 -10.86
CA ALA E 707 57.65 -24.70 -10.96
C ALA E 707 58.82 -25.63 -10.62
N LYS E 708 60.03 -25.05 -10.53
CA LYS E 708 61.26 -25.79 -10.19
C LYS E 708 61.45 -25.96 -8.66
N HIS E 709 60.61 -25.30 -7.86
CA HIS E 709 60.49 -25.56 -6.43
C HIS E 709 59.01 -25.71 -6.08
N PRO E 710 58.42 -26.89 -6.35
CA PRO E 710 57.02 -27.23 -6.07
C PRO E 710 56.80 -27.61 -4.60
N ASP E 711 57.88 -27.52 -3.82
CA ASP E 711 57.89 -27.88 -2.41
C ASP E 711 57.66 -26.66 -1.47
N MET E 712 57.67 -25.46 -2.03
CA MET E 712 57.53 -24.22 -1.25
C MET E 712 56.37 -23.35 -1.74
N LEU E 713 56.31 -23.19 -3.05
CA LEU E 713 55.29 -22.39 -3.72
C LEU E 713 54.26 -23.40 -4.23
N THR E 714 53.02 -22.97 -4.45
CA THR E 714 52.02 -23.91 -4.92
C THR E 714 51.08 -23.26 -5.93
N SER E 715 51.01 -23.86 -7.13
CA SER E 715 50.18 -23.39 -8.25
C SER E 715 50.47 -21.92 -8.49
N VAL E 716 51.75 -21.58 -8.63
CA VAL E 716 52.12 -20.21 -8.87
C VAL E 716 51.74 -19.84 -10.29
N ARG E 717 50.73 -18.99 -10.37
CA ARG E 717 50.18 -18.53 -11.64
C ARG E 717 50.13 -16.99 -11.70
N PRO E 718 50.20 -16.42 -12.92
CA PRO E 718 49.99 -14.98 -13.10
C PRO E 718 48.52 -14.56 -13.27
N ASN E 719 48.22 -13.35 -12.80
CA ASN E 719 46.87 -12.81 -12.92
C ASN E 719 46.69 -11.77 -14.00
N GLY E 720 46.33 -12.23 -15.18
CA GLY E 720 46.09 -11.33 -16.26
C GLY E 720 45.59 -12.06 -17.48
N LEU E 721 45.64 -11.36 -18.60
CA LEU E 721 45.17 -11.87 -19.86
C LEU E 721 46.44 -12.00 -20.70
N GLU E 722 46.61 -13.16 -21.33
CA GLU E 722 47.82 -13.46 -22.08
C GLU E 722 47.94 -12.67 -23.40
N ASP E 723 49.17 -12.51 -23.91
CA ASP E 723 49.37 -11.84 -25.19
C ASP E 723 48.46 -12.51 -26.21
N THR E 724 47.59 -11.73 -26.84
CA THR E 724 46.75 -12.26 -27.90
C THR E 724 47.21 -11.73 -29.26
N PRO E 725 46.75 -12.36 -30.34
CA PRO E 725 47.15 -11.75 -31.61
C PRO E 725 46.23 -10.59 -32.01
N GLN E 726 46.83 -9.50 -32.49
CA GLN E 726 46.13 -8.31 -32.98
C GLN E 726 46.40 -8.00 -34.47
N PHE E 727 45.77 -6.94 -34.99
CA PHE E 727 45.74 -6.64 -36.44
C PHE E 727 46.20 -5.25 -36.88
N LYS E 728 47.41 -5.13 -37.41
CA LYS E 728 47.94 -3.83 -37.84
C LYS E 728 47.50 -3.44 -39.24
N ILE E 729 46.95 -2.23 -39.35
CA ILE E 729 46.60 -1.62 -40.62
C ILE E 729 47.58 -0.46 -40.89
N ASP E 730 48.72 -0.76 -41.51
CA ASP E 730 49.69 0.30 -41.82
C ASP E 730 49.27 1.08 -43.06
N ILE E 731 48.95 2.35 -42.84
CA ILE E 731 48.60 3.28 -43.90
C ILE E 731 49.91 3.80 -44.49
N ASP E 732 50.17 3.51 -45.75
CA ASP E 732 51.40 4.01 -46.37
C ASP E 732 51.14 5.44 -46.81
N GLN E 733 51.54 6.38 -45.96
CA GLN E 733 51.29 7.82 -46.14
C GLN E 733 51.58 8.39 -47.52
N GLU E 734 52.57 7.84 -48.22
CA GLU E 734 52.93 8.34 -49.55
C GLU E 734 51.73 8.17 -50.49
N LYS E 735 51.13 6.99 -50.45
CA LYS E 735 50.07 6.62 -51.39
C LYS E 735 48.90 7.60 -51.27
N ALA E 736 48.63 8.06 -50.05
CA ALA E 736 47.52 8.99 -49.84
C ALA E 736 47.93 10.44 -50.00
N GLN E 737 49.22 10.71 -49.83
CA GLN E 737 49.79 12.04 -50.11
C GLN E 737 49.70 12.29 -51.62
N ALA E 738 49.77 11.22 -52.38
CA ALA E 738 49.59 11.27 -53.82
C ALA E 738 48.11 11.35 -54.21
N LEU E 739 47.31 10.34 -53.82
CA LEU E 739 45.93 10.21 -54.33
C LEU E 739 45.07 11.41 -53.99
N GLY E 740 45.57 12.29 -53.13
CA GLY E 740 44.85 13.49 -52.81
C GLY E 740 43.88 13.30 -51.66
N VAL E 741 44.10 12.25 -50.85
CA VAL E 741 43.32 12.07 -49.61
C VAL E 741 44.09 12.70 -48.44
N SER E 742 43.35 13.17 -47.44
CA SER E 742 43.95 13.65 -46.20
C SER E 742 43.97 12.50 -45.22
N ILE E 743 45.13 12.26 -44.62
CA ILE E 743 45.29 11.14 -43.70
C ILE E 743 44.40 11.30 -42.46
N ASN E 744 44.18 12.54 -42.01
CA ASN E 744 43.23 12.81 -40.91
C ASN E 744 41.84 12.18 -41.13
N ASP E 745 41.16 12.53 -42.22
CA ASP E 745 39.81 12.04 -42.50
C ASP E 745 39.81 10.54 -42.72
N ILE E 746 40.98 10.03 -43.13
CA ILE E 746 41.19 8.59 -43.27
C ILE E 746 41.09 7.91 -41.93
N ASN E 747 41.86 8.44 -40.98
CA ASN E 747 41.85 7.99 -39.60
C ASN E 747 40.46 8.09 -39.00
N THR E 748 39.92 9.30 -38.93
CA THR E 748 38.68 9.51 -38.20
C THR E 748 37.54 8.71 -38.88
N THR E 749 37.71 8.32 -40.13
CA THR E 749 36.69 7.45 -40.68
C THR E 749 36.92 6.05 -40.14
N LEU E 750 38.18 5.62 -40.13
CA LEU E 750 38.54 4.28 -39.62
C LEU E 750 38.04 4.07 -38.21
N GLY E 751 38.23 5.13 -37.43
CA GLY E 751 37.68 5.30 -36.11
C GLY E 751 36.18 5.21 -36.18
N ALA E 752 35.50 6.35 -36.32
CA ALA E 752 34.05 6.41 -36.09
C ALA E 752 33.30 5.24 -36.74
N ALA E 753 33.93 4.59 -37.71
CA ALA E 753 33.42 3.35 -38.23
C ALA E 753 33.66 2.23 -37.23
N TRP E 754 34.93 1.93 -36.94
CA TRP E 754 35.26 0.72 -36.16
C TRP E 754 35.48 0.86 -34.63
N GLY E 755 35.81 2.06 -34.18
CA GLY E 755 35.91 2.32 -32.76
C GLY E 755 34.65 2.98 -32.28
N GLY E 756 34.14 3.90 -33.10
CA GLY E 756 32.94 4.66 -32.79
C GLY E 756 33.30 6.09 -32.55
N SER E 757 32.29 6.97 -32.50
CA SER E 757 32.56 8.36 -32.17
C SER E 757 31.48 9.01 -31.33
N TYR E 758 31.88 9.39 -30.12
CA TYR E 758 31.13 10.31 -29.31
C TYR E 758 31.38 11.63 -29.96
N VAL E 759 30.31 12.23 -30.45
CA VAL E 759 30.41 13.47 -31.20
C VAL E 759 29.73 14.62 -30.48
N ASN E 760 28.44 14.42 -30.17
CA ASN E 760 27.57 15.46 -29.63
C ASN E 760 26.50 14.92 -28.70
N ASP E 761 25.76 15.82 -28.04
CA ASP E 761 24.72 15.47 -27.02
C ASP E 761 23.27 15.84 -27.40
N PHE E 762 22.30 15.02 -27.02
CA PHE E 762 20.88 15.37 -27.18
C PHE E 762 20.06 15.30 -25.94
N ILE E 763 18.73 15.44 -26.07
CA ILE E 763 17.85 15.53 -24.88
C ILE E 763 16.73 14.48 -24.82
N ASP E 764 16.98 13.43 -24.03
CA ASP E 764 16.10 12.26 -23.96
C ASP E 764 15.09 12.33 -22.80
N ARG E 765 13.85 12.69 -23.14
CA ARG E 765 12.72 12.73 -22.20
C ARG E 765 12.96 13.65 -20.98
N GLY E 766 14.00 14.46 -21.04
CA GLY E 766 14.37 15.35 -19.95
C GLY E 766 15.80 15.18 -19.50
N ARG E 767 16.45 14.10 -19.94
CA ARG E 767 17.85 13.85 -19.53
C ARG E 767 18.82 13.92 -20.69
N VAL E 768 19.77 14.85 -20.57
CA VAL E 768 20.81 15.01 -21.55
C VAL E 768 21.58 13.69 -21.67
N LYS E 769 21.78 13.24 -22.91
CA LYS E 769 22.51 12.01 -23.20
C LYS E 769 23.42 12.11 -24.42
N LYS E 770 24.15 11.01 -24.67
CA LYS E 770 25.17 11.04 -25.71
C LYS E 770 24.60 10.72 -27.11
N VAL E 771 25.38 11.06 -28.14
CA VAL E 771 25.07 10.68 -29.52
C VAL E 771 26.29 10.04 -30.18
N TYR E 772 26.19 8.76 -30.50
CA TYR E 772 27.30 8.02 -31.12
C TYR E 772 26.99 7.65 -32.58
N VAL E 773 28.04 7.65 -33.42
CA VAL E 773 27.89 7.22 -34.80
C VAL E 773 28.94 6.17 -35.17
N MET E 774 28.49 4.93 -35.42
CA MET E 774 29.47 3.87 -35.63
C MET E 774 29.05 2.99 -36.78
N SER E 775 30.02 2.30 -37.38
CA SER E 775 29.68 1.34 -38.42
C SER E 775 28.72 0.27 -37.88
N GLU E 776 27.80 -0.17 -38.73
CA GLU E 776 26.79 -1.18 -38.41
C GLU E 776 27.41 -2.56 -38.11
N ALA E 777 26.54 -3.47 -37.69
CA ALA E 777 26.93 -4.81 -37.29
C ALA E 777 27.80 -5.49 -38.35
N LYS E 778 27.31 -5.48 -39.57
CA LYS E 778 27.82 -6.34 -40.63
C LYS E 778 29.07 -5.87 -41.36
N TYR E 779 29.52 -4.65 -41.08
CA TYR E 779 30.60 -4.06 -41.86
C TYR E 779 31.95 -4.01 -41.13
N ARG E 780 32.13 -4.85 -40.12
CA ARG E 780 33.38 -4.86 -39.35
C ARG E 780 33.68 -6.13 -38.51
N MET E 781 33.60 -7.33 -39.08
CA MET E 781 33.85 -8.53 -38.28
C MET E 781 35.15 -9.14 -38.74
N LEU E 782 35.25 -9.36 -40.05
CA LEU E 782 36.46 -9.88 -40.65
C LEU E 782 37.00 -8.82 -41.58
N PRO E 783 38.34 -8.73 -41.66
CA PRO E 783 39.11 -7.73 -42.39
C PRO E 783 38.68 -7.59 -43.87
N ASP E 784 37.83 -8.49 -44.34
CA ASP E 784 37.20 -8.33 -45.64
C ASP E 784 36.55 -6.95 -45.65
N ASP E 785 35.85 -6.66 -44.56
CA ASP E 785 35.15 -5.40 -44.36
C ASP E 785 36.10 -4.19 -44.33
N ILE E 786 37.39 -4.43 -44.09
CA ILE E 786 38.39 -3.36 -44.17
C ILE E 786 38.39 -2.73 -45.56
N GLY E 787 38.27 -3.57 -46.58
CA GLY E 787 38.19 -3.09 -47.95
C GLY E 787 36.97 -2.23 -48.21
N ASP E 788 35.83 -2.63 -47.64
CA ASP E 788 34.51 -2.05 -47.94
C ASP E 788 34.32 -0.59 -47.63
N TRP E 789 35.35 0.07 -47.12
CA TRP E 789 35.11 1.40 -46.61
C TRP E 789 35.89 2.41 -47.43
N TYR E 790 35.22 3.47 -47.86
CA TYR E 790 35.80 4.39 -48.82
C TYR E 790 35.89 5.78 -48.26
N VAL E 791 37.04 6.40 -48.49
CA VAL E 791 37.28 7.78 -48.12
C VAL E 791 37.36 8.63 -49.38
N ARG E 792 36.72 9.78 -49.36
CA ARG E 792 36.64 10.65 -50.54
C ARG E 792 37.77 11.69 -50.64
N ALA E 793 38.45 11.71 -51.77
CA ALA E 793 39.54 12.67 -51.98
C ALA E 793 39.01 14.03 -52.42
N ALA E 794 39.92 14.98 -52.51
CA ALA E 794 39.64 16.37 -52.89
C ALA E 794 39.17 16.55 -54.33
N ASP E 795 39.47 15.55 -55.18
CA ASP E 795 39.07 15.60 -56.58
C ASP E 795 37.62 15.13 -56.80
N GLY E 796 36.96 14.74 -55.71
CA GLY E 796 35.55 14.42 -55.73
C GLY E 796 35.24 12.94 -55.79
N GLN E 797 36.27 12.12 -55.98
CA GLN E 797 36.12 10.67 -56.17
C GLN E 797 36.50 9.85 -54.90
N MET E 798 35.66 8.89 -54.52
CA MET E 798 35.90 8.02 -53.36
C MET E 798 37.16 7.13 -53.58
N VAL E 799 37.77 6.60 -52.50
CA VAL E 799 38.94 5.70 -52.60
C VAL E 799 38.84 4.54 -51.58
N PRO E 800 39.08 3.27 -52.02
CA PRO E 800 38.99 2.14 -51.08
C PRO E 800 40.10 2.12 -50.03
N PHE E 801 39.97 1.27 -49.01
CA PHE E 801 41.05 1.22 -48.05
C PHE E 801 42.23 0.52 -48.68
N SER E 802 41.96 -0.57 -49.40
CA SER E 802 43.02 -1.36 -50.01
C SER E 802 43.88 -0.57 -51.00
N ALA E 803 43.50 0.69 -51.25
CA ALA E 803 44.30 1.60 -52.09
C ALA E 803 45.50 2.19 -51.34
N PHE E 804 45.40 2.21 -50.01
CA PHE E 804 46.50 2.66 -49.15
C PHE E 804 46.59 1.90 -47.84
N SER E 805 46.04 0.69 -47.78
CA SER E 805 46.05 -0.05 -46.54
C SER E 805 46.84 -1.33 -46.67
N SER E 806 48.03 -1.33 -46.11
CA SER E 806 48.75 -2.57 -45.94
C SER E 806 48.14 -3.19 -44.70
N SER E 807 47.95 -4.51 -44.70
CA SER E 807 47.26 -5.13 -43.57
C SER E 807 47.88 -6.45 -43.19
N ARG E 808 48.16 -6.63 -41.90
CA ARG E 808 48.67 -7.91 -41.41
C ARG E 808 48.21 -8.22 -40.01
N TRP E 809 48.49 -9.45 -39.58
CA TRP E 809 48.27 -9.89 -38.20
C TRP E 809 49.62 -9.97 -37.50
N GLU E 810 49.62 -9.70 -36.21
CA GLU E 810 50.84 -9.76 -35.44
C GLU E 810 50.42 -10.02 -34.01
N TYR E 811 51.34 -9.94 -33.05
CA TYR E 811 50.91 -10.12 -31.66
C TYR E 811 50.72 -8.80 -30.94
N GLY E 812 50.18 -8.88 -29.72
CA GLY E 812 50.05 -7.74 -28.84
C GLY E 812 49.52 -8.14 -27.47
N SER E 813 49.77 -7.33 -26.46
CA SER E 813 49.19 -7.58 -25.15
C SER E 813 47.89 -6.82 -24.94
N PRO E 814 46.87 -7.52 -24.44
CA PRO E 814 45.54 -6.97 -24.21
C PRO E 814 45.37 -6.30 -22.86
N ARG E 815 46.41 -6.36 -22.01
CA ARG E 815 46.28 -5.78 -20.70
C ARG E 815 47.66 -5.32 -20.21
N LEU E 816 47.86 -4.01 -20.29
CA LEU E 816 49.14 -3.36 -19.98
C LEU E 816 49.18 -2.66 -18.61
N GLU E 817 49.92 -3.24 -17.67
CA GLU E 817 50.04 -2.73 -16.31
C GLU E 817 51.29 -1.90 -16.02
N ARG E 818 51.17 -0.96 -15.08
CA ARG E 818 52.34 -0.23 -14.58
C ARG E 818 52.30 -0.16 -13.03
N TYR E 819 53.44 -0.40 -12.39
CA TYR E 819 53.54 -0.26 -10.93
C TYR E 819 54.63 0.73 -10.54
N ASN E 820 54.18 1.91 -10.07
CA ASN E 820 55.04 3.01 -9.64
C ASN E 820 55.92 3.59 -10.75
N GLY E 821 55.31 3.80 -11.92
CA GLY E 821 55.92 4.62 -12.96
C GLY E 821 56.54 3.88 -14.13
N LEU E 822 56.83 2.60 -13.91
CA LEU E 822 57.52 1.79 -14.88
C LEU E 822 56.71 0.55 -15.25
N PRO E 823 57.00 -0.04 -16.43
CA PRO E 823 56.28 -1.23 -16.92
C PRO E 823 56.41 -2.43 -15.99
N SER E 824 55.30 -3.11 -15.72
CA SER E 824 55.32 -4.22 -14.77
C SER E 824 54.36 -5.33 -15.14
N MET E 825 54.63 -6.53 -14.62
CA MET E 825 53.76 -7.69 -14.83
C MET E 825 53.52 -8.47 -13.53
N GLU E 826 52.26 -8.75 -13.24
CA GLU E 826 51.85 -9.32 -11.97
C GLU E 826 51.88 -10.81 -11.85
N ILE E 827 52.56 -11.27 -10.80
CA ILE E 827 52.64 -12.68 -10.48
C ILE E 827 51.96 -12.98 -9.13
N LEU E 828 50.88 -13.76 -9.15
CA LEU E 828 50.25 -14.23 -7.90
C LEU E 828 50.96 -15.48 -7.38
N GLY E 829 50.58 -15.94 -6.20
CA GLY E 829 51.14 -17.17 -5.67
C GLY E 829 50.84 -17.47 -4.21
N GLN E 830 50.92 -18.74 -3.84
CA GLN E 830 50.70 -19.17 -2.46
C GLN E 830 51.87 -20.04 -1.96
N ALA E 831 51.88 -20.35 -0.66
CA ALA E 831 52.94 -21.17 -0.07
C ALA E 831 52.45 -22.58 0.18
N ALA E 832 53.38 -23.55 0.08
CA ALA E 832 53.10 -24.97 0.36
C ALA E 832 52.39 -25.09 1.72
N PRO E 833 51.59 -26.16 1.92
CA PRO E 833 50.69 -26.28 3.08
C PRO E 833 51.19 -25.74 4.43
N GLY E 834 52.15 -26.38 5.06
CA GLY E 834 52.64 -25.85 6.32
C GLY E 834 53.90 -25.02 6.23
N LYS E 835 53.94 -24.11 5.25
CA LYS E 835 55.16 -23.35 4.96
C LYS E 835 54.94 -21.88 5.31
N SER E 836 55.94 -21.23 5.88
CA SER E 836 55.85 -19.80 6.16
C SER E 836 55.85 -18.98 4.88
N THR E 837 54.95 -18.00 4.80
CA THR E 837 54.82 -17.17 3.62
C THR E 837 56.12 -16.45 3.33
N GLY E 838 56.81 -16.00 4.37
CA GLY E 838 58.05 -15.24 4.24
C GLY E 838 59.30 -15.96 3.75
N GLU E 839 59.43 -17.22 4.13
CA GLU E 839 60.51 -18.03 3.59
C GLU E 839 60.24 -18.14 2.10
N ALA E 840 58.98 -18.42 1.75
CA ALA E 840 58.55 -18.50 0.36
C ALA E 840 58.80 -17.14 -0.32
N MET E 841 58.62 -16.05 0.41
CA MET E 841 58.86 -14.71 -0.11
C MET E 841 60.33 -14.57 -0.47
N GLU E 842 61.19 -15.17 0.35
CA GLU E 842 62.63 -15.22 0.13
C GLU E 842 62.90 -16.03 -1.14
N LEU E 843 62.15 -17.13 -1.28
CA LEU E 843 62.20 -18.01 -2.45
C LEU E 843 61.94 -17.20 -3.71
N MET E 844 60.92 -16.35 -3.68
CA MET E 844 60.62 -15.44 -4.78
C MET E 844 61.80 -14.49 -4.97
N GLU E 845 62.30 -13.96 -3.86
CA GLU E 845 63.44 -13.04 -3.85
C GLU E 845 64.73 -13.67 -4.32
N GLN E 846 64.89 -14.96 -4.07
CA GLN E 846 66.06 -15.68 -4.58
C GLN E 846 65.86 -16.15 -6.02
N LEU E 847 64.60 -16.29 -6.45
CA LEU E 847 64.27 -16.57 -7.85
C LEU E 847 64.28 -15.34 -8.78
N ALA E 848 63.63 -14.27 -8.35
CA ALA E 848 63.54 -13.09 -9.18
C ALA E 848 64.89 -12.36 -9.29
N SER E 849 65.84 -12.68 -8.41
CA SER E 849 67.19 -12.12 -8.48
C SER E 849 68.01 -12.93 -9.47
N LYS E 850 67.39 -14.01 -9.95
CA LYS E 850 67.98 -14.88 -10.96
C LYS E 850 67.37 -14.47 -12.32
N LEU E 851 67.12 -13.17 -12.49
CA LEU E 851 66.57 -12.61 -13.75
C LEU E 851 67.58 -11.67 -14.50
N PRO E 852 67.31 -11.36 -15.80
CA PRO E 852 68.15 -10.56 -16.71
C PRO E 852 68.60 -9.16 -16.24
N THR E 853 69.66 -8.63 -16.85
CA THR E 853 70.14 -7.27 -16.56
C THR E 853 69.06 -6.25 -16.87
N GLY E 854 68.68 -5.44 -15.88
CA GLY E 854 67.64 -4.47 -16.10
C GLY E 854 66.24 -4.87 -15.68
N VAL E 855 66.08 -6.06 -15.09
CA VAL E 855 64.77 -6.48 -14.57
C VAL E 855 64.78 -6.60 -13.03
N GLY E 856 63.79 -6.00 -12.38
CA GLY E 856 63.68 -6.00 -10.93
C GLY E 856 62.36 -6.57 -10.43
N TYR E 857 62.17 -6.49 -9.11
CA TYR E 857 60.98 -7.04 -8.43
C TYR E 857 60.43 -6.07 -7.38
N ASP E 858 59.18 -6.28 -6.96
CA ASP E 858 58.60 -5.50 -5.87
C ASP E 858 57.40 -6.18 -5.24
N TRP E 859 57.04 -5.73 -4.03
CA TRP E 859 55.92 -6.35 -3.32
C TRP E 859 54.81 -5.34 -3.12
N THR E 860 53.57 -5.80 -3.26
CA THR E 860 52.40 -4.93 -3.22
C THR E 860 51.22 -5.63 -2.56
N GLY E 861 50.16 -4.87 -2.30
CA GLY E 861 48.95 -5.41 -1.72
C GLY E 861 49.28 -6.19 -0.49
N MET E 862 48.91 -7.47 -0.49
CA MET E 862 49.15 -8.32 0.65
C MET E 862 50.61 -8.29 1.11
N SER E 863 51.54 -8.53 0.21
CA SER E 863 52.94 -8.66 0.60
C SER E 863 53.67 -7.38 1.06
N TYR E 864 53.05 -6.25 0.82
CA TYR E 864 53.58 -4.96 1.27
C TYR E 864 53.35 -4.89 2.75
N GLN E 865 52.07 -5.10 3.10
CA GLN E 865 51.60 -5.06 4.46
C GLN E 865 52.30 -6.12 5.29
N GLU E 866 52.44 -7.32 4.72
CA GLU E 866 53.06 -8.42 5.46
C GLU E 866 54.59 -8.46 5.50
N ARG E 867 55.30 -7.85 4.55
CA ARG E 867 56.75 -7.81 4.74
C ARG E 867 57.14 -6.55 5.54
N LEU E 868 56.25 -5.56 5.63
CA LEU E 868 56.54 -4.43 6.52
C LEU E 868 56.21 -4.63 8.02
N SER E 869 54.97 -5.06 8.31
CA SER E 869 54.54 -5.37 9.69
C SER E 869 54.45 -6.87 10.05
N GLY E 870 55.55 -7.49 10.43
CA GLY E 870 55.53 -8.89 10.84
C GLY E 870 56.51 -9.10 11.97
N ASN E 871 56.83 -8.01 12.65
CA ASN E 871 57.74 -8.00 13.78
C ASN E 871 57.01 -7.44 14.99
N GLN E 872 55.72 -7.17 14.82
CA GLN E 872 54.94 -6.49 15.85
C GLN E 872 54.36 -7.39 16.93
N ALA E 873 53.84 -8.57 16.59
CA ALA E 873 53.33 -9.49 17.63
C ALA E 873 54.37 -9.82 18.74
N PRO E 874 55.63 -10.15 18.36
CA PRO E 874 56.61 -10.50 19.41
C PRO E 874 56.96 -9.30 20.27
N SER E 875 57.21 -8.17 19.62
CA SER E 875 57.60 -6.96 20.31
C SER E 875 56.49 -6.41 21.23
N LEU E 876 55.24 -6.48 20.76
CA LEU E 876 54.07 -5.99 21.51
C LEU E 876 53.61 -6.95 22.63
N TYR E 877 53.84 -8.27 22.49
CA TYR E 877 53.49 -9.21 23.57
C TYR E 877 54.65 -9.45 24.52
N ALA E 878 55.83 -9.00 24.11
CA ALA E 878 56.98 -8.91 24.98
C ALA E 878 56.75 -7.68 25.84
N ILE E 879 56.36 -6.59 25.18
CA ILE E 879 55.97 -5.40 25.91
C ILE E 879 54.78 -5.70 26.82
N SER E 880 53.75 -6.37 26.31
CA SER E 880 52.58 -6.71 27.12
C SER E 880 52.89 -7.57 28.35
N LEU E 881 53.67 -8.64 28.17
CA LEU E 881 54.00 -9.47 29.33
C LEU E 881 54.93 -8.76 30.33
N ILE E 882 55.90 -8.01 29.82
CA ILE E 882 56.81 -7.28 30.70
C ILE E 882 56.11 -6.15 31.50
N VAL E 883 55.14 -5.49 30.88
CA VAL E 883 54.36 -4.46 31.57
C VAL E 883 53.43 -5.13 32.58
N VAL E 884 52.83 -6.26 32.21
CA VAL E 884 52.07 -7.04 33.17
C VAL E 884 52.91 -7.30 34.42
N PHE E 885 54.16 -7.74 34.21
CA PHE E 885 55.09 -8.02 35.31
C PHE E 885 55.36 -6.82 36.19
N LEU E 886 55.63 -5.67 35.59
CA LEU E 886 55.84 -4.49 36.38
C LEU E 886 54.64 -4.17 37.26
N CYS E 887 53.45 -4.18 36.66
CA CYS E 887 52.22 -3.95 37.47
C CYS E 887 52.13 -4.89 38.65
N LEU E 888 52.49 -6.14 38.40
CA LEU E 888 52.45 -7.11 39.45
C LEU E 888 53.49 -6.81 40.54
N ALA E 889 54.69 -6.41 40.13
CA ALA E 889 55.74 -6.05 41.07
C ALA E 889 55.30 -4.94 42.03
N ALA E 890 54.48 -4.02 41.52
CA ALA E 890 53.90 -2.92 42.32
C ALA E 890 52.79 -3.40 43.26
N LEU E 891 51.85 -4.20 42.74
CA LEU E 891 50.74 -4.74 43.52
C LEU E 891 51.20 -5.53 44.79
N TYR E 892 52.23 -6.36 44.63
CA TYR E 892 52.79 -7.09 45.75
C TYR E 892 53.77 -6.13 46.36
N GLU E 893 55.06 -6.28 46.09
CA GLU E 893 56.10 -5.31 46.47
C GLU E 893 57.31 -6.15 46.35
N SER E 894 57.43 -6.70 45.16
CA SER E 894 58.28 -7.84 44.96
C SER E 894 58.85 -7.83 43.59
N TRP E 895 60.02 -8.39 43.42
CA TRP E 895 60.42 -8.71 42.07
C TRP E 895 60.08 -10.20 41.80
N SER E 896 59.83 -10.99 42.85
CA SER E 896 59.68 -12.45 42.67
C SER E 896 58.25 -12.95 42.56
N ILE E 897 57.39 -12.45 43.43
CA ILE E 897 56.01 -12.91 43.52
C ILE E 897 55.19 -12.82 42.22
N PRO E 898 55.39 -11.76 41.40
CA PRO E 898 54.72 -11.77 40.09
C PRO E 898 54.90 -13.10 39.33
N PHE E 899 56.07 -13.72 39.39
CA PHE E 899 56.32 -14.97 38.65
C PHE E 899 55.37 -16.12 38.98
N SER E 900 54.98 -16.17 40.24
CA SER E 900 54.06 -17.15 40.69
C SER E 900 52.68 -16.97 40.10
N VAL E 901 52.41 -15.81 39.50
CA VAL E 901 51.13 -15.68 38.82
C VAL E 901 51.38 -15.70 37.31
N MET E 902 52.56 -15.26 36.85
CA MET E 902 52.87 -15.36 35.42
C MET E 902 53.10 -16.81 34.92
N LEU E 903 53.67 -17.70 35.75
CA LEU E 903 53.85 -19.12 35.36
C LEU E 903 52.56 -19.84 35.00
N VAL E 904 51.45 -19.19 35.35
CA VAL E 904 50.08 -19.63 35.08
C VAL E 904 49.74 -19.51 33.57
N VAL E 905 50.52 -18.73 32.81
CA VAL E 905 50.22 -18.52 31.37
C VAL E 905 50.16 -19.86 30.58
N PRO E 906 51.15 -20.76 30.72
CA PRO E 906 50.96 -22.02 29.99
C PRO E 906 49.62 -22.75 30.23
N LEU E 907 49.30 -22.94 31.51
CA LEU E 907 48.16 -23.73 31.96
C LEU E 907 46.80 -23.49 31.24
N GLY E 908 46.68 -22.39 30.51
CA GLY E 908 45.44 -22.09 29.82
C GLY E 908 45.64 -22.10 28.32
N VAL E 909 46.82 -21.63 27.92
CA VAL E 909 47.18 -21.61 26.51
C VAL E 909 47.13 -23.04 25.99
N ILE E 910 47.72 -23.95 26.75
CA ILE E 910 47.74 -25.36 26.36
C ILE E 910 46.34 -25.90 26.06
N GLY E 911 45.38 -25.61 26.93
CA GLY E 911 44.03 -26.09 26.69
C GLY E 911 43.37 -25.42 25.52
N ALA E 912 43.70 -24.16 25.28
CA ALA E 912 43.10 -23.46 24.16
C ALA E 912 43.61 -24.04 22.85
N LEU E 913 44.91 -24.30 22.78
CA LEU E 913 45.54 -24.88 21.58
C LEU E 913 45.14 -26.32 21.30
N LEU E 914 45.23 -27.13 22.34
CA LEU E 914 44.78 -28.51 22.33
C LEU E 914 43.37 -28.58 21.75
N ALA E 915 42.45 -27.85 22.39
CA ALA E 915 41.07 -27.82 21.94
C ALA E 915 40.95 -27.25 20.53
N ALA E 916 41.86 -26.35 20.17
CA ALA E 916 41.88 -25.74 18.83
C ALA E 916 42.18 -26.81 17.80
N THR E 917 43.12 -27.68 18.14
CA THR E 917 43.65 -28.68 17.24
C THR E 917 42.65 -29.79 17.03
N PHE E 918 41.96 -30.19 18.08
CA PHE E 918 41.06 -31.35 17.94
C PHE E 918 39.80 -31.01 17.17
N ARG E 919 39.58 -29.73 16.92
CA ARG E 919 38.53 -29.32 16.00
C ARG E 919 39.14 -28.77 14.72
N GLY E 920 40.48 -28.83 14.64
CA GLY E 920 41.21 -28.35 13.48
C GLY E 920 41.02 -26.90 13.07
N LEU E 921 40.79 -26.03 14.05
CA LEU E 921 40.47 -24.63 13.81
C LEU E 921 41.80 -23.94 13.61
N THR E 922 41.80 -22.62 13.49
CA THR E 922 43.03 -21.97 13.05
C THR E 922 43.47 -20.77 13.90
N ASN E 923 44.79 -20.56 13.98
CA ASN E 923 45.39 -19.52 14.81
C ASN E 923 45.05 -18.17 14.24
N ASP E 924 43.74 -17.87 14.19
CA ASP E 924 43.21 -16.60 13.67
C ASP E 924 42.90 -15.48 14.71
N VAL E 925 42.37 -14.36 14.22
CA VAL E 925 42.07 -13.24 15.08
C VAL E 925 41.15 -13.66 16.19
N TYR E 926 40.02 -14.27 15.86
CA TYR E 926 39.08 -14.67 16.89
C TYR E 926 39.78 -15.53 17.95
N PHE E 927 40.56 -16.49 17.49
CA PHE E 927 41.37 -17.29 18.41
C PHE E 927 42.36 -16.47 19.23
N GLN E 928 43.01 -15.47 18.66
CA GLN E 928 44.08 -14.76 19.38
C GLN E 928 43.58 -13.73 20.42
N VAL E 929 42.58 -12.95 20.04
CA VAL E 929 41.89 -12.10 21.00
C VAL E 929 41.38 -13.00 22.13
N GLY E 930 40.71 -14.09 21.79
CA GLY E 930 40.29 -15.03 22.82
C GLY E 930 41.43 -15.54 23.70
N LEU E 931 42.54 -15.88 23.06
CA LEU E 931 43.72 -16.39 23.73
C LEU E 931 44.09 -15.41 24.80
N LEU E 932 44.17 -14.14 24.40
CA LEU E 932 44.42 -13.07 25.36
C LEU E 932 43.40 -13.13 26.53
N THR E 933 42.09 -13.07 26.25
CA THR E 933 41.09 -13.21 27.32
C THR E 933 41.45 -14.34 28.31
N THR E 934 41.81 -15.50 27.81
CA THR E 934 42.13 -16.56 28.75
C THR E 934 43.43 -16.33 29.50
N ILE E 935 44.45 -15.82 28.83
CA ILE E 935 45.65 -15.53 29.59
C ILE E 935 45.29 -14.60 30.77
N GLY E 936 44.34 -13.70 30.48
CA GLY E 936 43.77 -12.68 31.36
C GLY E 936 43.02 -13.15 32.57
N LEU E 937 41.98 -13.95 32.36
CA LEU E 937 41.25 -14.56 33.48
C LEU E 937 42.23 -15.45 34.27
N SER E 938 43.03 -16.24 33.56
CA SER E 938 44.03 -17.07 34.18
C SER E 938 44.92 -16.30 35.15
N ALA E 939 45.44 -15.19 34.65
CA ALA E 939 46.27 -14.31 35.46
C ALA E 939 45.51 -13.63 36.62
N LYS E 940 44.29 -13.14 36.40
CA LYS E 940 43.54 -12.55 37.50
C LYS E 940 43.36 -13.57 38.61
N ASN E 941 42.77 -14.73 38.30
CA ASN E 941 42.61 -15.75 39.34
C ASN E 941 43.95 -16.12 39.98
N ALA E 942 45.01 -16.21 39.18
CA ALA E 942 46.31 -16.38 39.77
C ALA E 942 46.52 -15.28 40.80
N ILE E 943 46.24 -14.04 40.41
CA ILE E 943 46.54 -12.84 41.23
C ILE E 943 45.84 -12.83 42.57
N LEU E 944 44.54 -13.07 42.56
CA LEU E 944 43.77 -13.18 43.79
C LEU E 944 44.30 -14.32 44.71
N ILE E 945 44.58 -15.51 44.17
CA ILE E 945 45.15 -16.56 45.02
C ILE E 945 46.47 -16.17 45.68
N VAL E 946 47.39 -15.70 44.86
CA VAL E 946 48.72 -15.37 45.34
C VAL E 946 48.67 -14.26 46.43
N GLU E 947 47.87 -13.22 46.18
CA GLU E 947 47.66 -12.19 47.20
C GLU E 947 47.04 -12.74 48.48
N PHE E 948 45.91 -13.46 48.41
CA PHE E 948 45.29 -13.91 49.67
C PHE E 948 46.27 -14.71 50.50
N ALA E 949 47.05 -15.58 49.84
CA ALA E 949 48.08 -16.30 50.58
C ALA E 949 49.02 -15.33 51.25
N LYS E 950 49.63 -14.47 50.45
CA LYS E 950 50.60 -13.52 51.01
C LYS E 950 50.06 -12.61 52.16
N ASP E 951 48.91 -12.00 51.95
CA ASP E 951 48.29 -11.20 52.98
C ASP E 951 48.05 -12.02 54.24
N LEU E 952 47.89 -13.34 54.12
CA LEU E 952 47.90 -14.10 55.38
C LEU E 952 49.30 -14.04 55.96
N MET E 953 50.27 -14.38 55.14
CA MET E 953 51.65 -14.50 55.60
C MET E 953 52.21 -13.30 56.42
N ASP E 954 51.92 -12.10 55.93
CA ASP E 954 52.44 -10.85 56.46
C ASP E 954 51.49 -10.24 57.44
N LYS E 955 50.30 -9.89 56.97
CA LYS E 955 49.33 -9.20 57.80
C LYS E 955 48.56 -10.13 58.74
N GLU E 956 49.12 -11.32 59.00
CA GLU E 956 48.63 -12.24 60.02
C GLU E 956 49.77 -13.05 60.61
N GLY E 957 50.88 -13.17 59.90
CA GLY E 957 52.05 -13.81 60.46
C GLY E 957 52.09 -15.31 60.20
N LYS E 958 51.08 -15.79 59.49
CA LYS E 958 50.99 -17.21 59.19
C LYS E 958 52.17 -17.64 58.30
N GLY E 959 52.42 -18.96 58.28
CA GLY E 959 53.53 -19.47 57.51
C GLY E 959 53.12 -19.90 56.13
N LEU E 960 54.09 -20.05 55.22
CA LEU E 960 53.82 -20.30 53.81
C LEU E 960 52.84 -21.43 53.53
N ILE E 961 53.30 -22.64 53.82
CA ILE E 961 52.59 -23.84 53.43
C ILE E 961 51.15 -23.66 53.93
N GLU E 962 51.07 -23.27 55.19
CA GLU E 962 49.83 -23.08 55.93
C GLU E 962 48.83 -22.10 55.32
N ALA E 963 49.37 -20.95 54.91
CA ALA E 963 48.57 -19.83 54.41
C ALA E 963 48.19 -19.95 52.93
N THR E 964 49.08 -20.45 52.08
CA THR E 964 48.68 -20.70 50.70
C THR E 964 47.59 -21.74 50.81
N LEU E 965 47.71 -22.61 51.80
CA LEU E 965 46.66 -23.60 52.00
C LEU E 965 45.31 -22.96 52.36
N ASP E 966 45.30 -22.02 53.31
CA ASP E 966 44.03 -21.34 53.66
C ASP E 966 43.47 -20.52 52.54
N ALA E 967 44.36 -19.81 51.86
CA ALA E 967 44.04 -18.98 50.70
C ALA E 967 43.40 -19.79 49.59
N VAL E 968 44.15 -20.77 49.07
CA VAL E 968 43.70 -21.61 47.99
C VAL E 968 42.33 -22.14 48.39
N ARG E 969 42.18 -22.45 49.70
CA ARG E 969 40.92 -22.95 50.23
C ARG E 969 39.80 -21.92 50.03
N MET E 970 39.97 -20.67 50.46
CA MET E 970 38.84 -19.68 50.39
C MET E 970 38.66 -19.16 48.93
N ARG E 971 39.64 -19.45 48.07
CA ARG E 971 39.63 -18.96 46.71
C ARG E 971 39.15 -20.05 45.77
N LEU E 972 38.83 -21.22 46.31
CA LEU E 972 38.42 -22.26 45.40
C LEU E 972 37.02 -22.00 44.92
N ARG E 973 36.09 -21.84 45.86
CA ARG E 973 34.67 -21.61 45.54
C ARG E 973 34.36 -20.52 44.47
N PRO E 974 35.01 -19.34 44.54
CA PRO E 974 34.87 -18.32 43.47
C PRO E 974 35.55 -18.67 42.13
N ILE E 975 36.71 -19.33 42.14
CA ILE E 975 37.30 -19.78 40.88
C ILE E 975 36.28 -20.62 40.14
N LEU E 976 35.73 -21.58 40.86
CA LEU E 976 34.83 -22.53 40.27
C LEU E 976 33.54 -21.89 39.81
N MET E 977 33.05 -20.89 40.54
CA MET E 977 31.80 -20.25 40.13
C MET E 977 31.88 -19.46 38.82
N THR E 978 32.88 -18.58 38.70
CA THR E 978 33.10 -17.84 37.45
C THR E 978 33.27 -18.84 36.31
N SER E 979 34.20 -19.77 36.51
CA SER E 979 34.64 -20.63 35.44
C SER E 979 33.48 -21.43 34.90
N LEU E 980 32.65 -21.92 35.80
CA LEU E 980 31.44 -22.61 35.40
C LEU E 980 30.47 -21.64 34.72
N ALA E 981 30.19 -20.50 35.37
CA ALA E 981 29.34 -19.43 34.80
C ALA E 981 29.90 -19.01 33.47
N PHE E 982 31.21 -19.19 33.28
CA PHE E 982 31.84 -18.82 32.03
C PHE E 982 31.77 -19.94 31.01
N ILE E 983 32.37 -21.09 31.32
CA ILE E 983 32.40 -22.20 30.37
C ILE E 983 31.05 -22.55 29.81
N LEU E 984 30.04 -22.65 30.66
CA LEU E 984 28.71 -22.91 30.14
C LEU E 984 28.16 -21.72 29.37
N GLY E 985 28.68 -20.53 29.65
CA GLY E 985 28.34 -19.31 28.92
C GLY E 985 29.01 -19.23 27.54
N VAL E 986 30.28 -19.64 27.48
CA VAL E 986 31.04 -19.63 26.24
C VAL E 986 30.65 -20.79 25.34
N MET E 987 30.19 -21.86 25.98
CA MET E 987 30.05 -23.12 25.31
C MET E 987 29.18 -23.08 24.08
N PRO E 988 27.91 -22.67 24.20
CA PRO E 988 27.01 -22.78 23.04
C PRO E 988 27.62 -22.25 21.74
N LEU E 989 28.44 -21.22 21.86
CA LEU E 989 29.19 -20.73 20.72
C LEU E 989 30.00 -21.86 20.11
N VAL E 990 30.65 -22.65 20.97
CA VAL E 990 31.66 -23.60 20.50
C VAL E 990 31.11 -24.62 19.51
N ILE E 991 30.09 -25.38 19.89
CA ILE E 991 29.39 -26.19 18.91
C ILE E 991 28.16 -25.42 18.46
N SER E 992 28.10 -25.09 17.17
CA SER E 992 27.02 -24.26 16.67
C SER E 992 27.02 -24.04 15.17
N THR E 993 25.95 -24.43 14.49
CA THR E 993 25.77 -24.01 13.10
C THR E 993 25.23 -22.59 13.22
N GLY E 994 24.12 -22.32 12.53
CA GLY E 994 23.57 -20.98 12.37
C GLY E 994 24.48 -19.99 11.65
N ALA E 995 23.88 -18.89 11.20
CA ALA E 995 24.56 -17.90 10.37
C ALA E 995 25.81 -17.39 11.06
N GLY E 996 26.96 -17.42 10.40
CA GLY E 996 28.13 -16.85 11.02
C GLY E 996 28.80 -17.78 12.02
N SER E 997 28.53 -19.07 11.87
CA SER E 997 29.07 -20.07 12.79
C SER E 997 30.59 -20.23 12.80
N GLY E 998 31.23 -19.73 11.75
CA GLY E 998 32.68 -19.83 11.65
C GLY E 998 33.32 -19.08 12.78
N ALA E 999 32.84 -17.86 12.93
CA ALA E 999 33.22 -16.93 13.98
C ALA E 999 33.04 -17.53 15.37
N GLN E 1000 31.77 -17.74 15.67
CA GLN E 1000 31.34 -18.22 16.96
C GLN E 1000 32.20 -19.40 17.39
N ASN E 1001 32.38 -20.37 16.51
CA ASN E 1001 33.23 -21.51 16.85
C ASN E 1001 34.72 -21.13 17.02
N ALA E 1002 35.23 -20.29 16.14
CA ALA E 1002 36.65 -19.94 16.22
C ALA E 1002 36.95 -19.40 17.60
N VAL E 1003 36.00 -18.62 18.09
CA VAL E 1003 36.05 -17.99 19.42
C VAL E 1003 35.91 -18.98 20.57
N GLY E 1004 34.70 -19.56 20.61
CA GLY E 1004 34.29 -20.48 21.64
C GLY E 1004 35.35 -21.52 21.88
N THR E 1005 35.81 -22.20 20.84
CA THR E 1005 36.78 -23.26 21.08
C THR E 1005 37.98 -22.74 21.85
N GLY E 1006 38.72 -21.81 21.28
CA GLY E 1006 39.93 -21.34 21.94
C GLY E 1006 39.72 -20.93 23.38
N VAL E 1007 38.66 -20.16 23.60
CA VAL E 1007 38.39 -19.73 24.95
C VAL E 1007 38.18 -20.93 25.86
N MET E 1008 37.28 -21.83 25.48
CA MET E 1008 36.88 -22.97 26.31
C MET E 1008 37.98 -23.95 26.64
N GLY E 1009 38.72 -24.39 25.64
CA GLY E 1009 39.80 -25.32 25.90
C GLY E 1009 40.64 -24.59 26.90
N GLY E 1010 40.79 -23.29 26.63
CA GLY E 1010 41.50 -22.42 27.54
C GLY E 1010 41.00 -22.43 28.97
N MET E 1011 39.70 -22.25 29.17
CA MET E 1011 39.12 -22.16 30.51
C MET E 1011 39.16 -23.44 31.32
N VAL E 1012 38.77 -24.52 30.67
CA VAL E 1012 38.79 -25.84 31.28
C VAL E 1012 40.20 -26.11 31.80
N THR E 1013 41.18 -26.10 30.90
CA THR E 1013 42.53 -26.39 31.34
C THR E 1013 43.08 -25.29 32.24
N ALA E 1014 42.54 -24.09 32.10
CA ALA E 1014 42.94 -22.96 32.95
C ALA E 1014 42.66 -23.24 34.39
N THR E 1015 41.39 -23.42 34.71
CA THR E 1015 40.99 -23.64 36.09
C THR E 1015 41.59 -24.95 36.59
N VAL E 1016 41.26 -26.06 35.94
CA VAL E 1016 41.64 -27.38 36.47
C VAL E 1016 43.15 -27.59 36.47
N LEU E 1017 43.90 -26.69 35.88
CA LEU E 1017 45.31 -26.82 36.09
C LEU E 1017 45.70 -25.88 37.21
N ALA E 1018 45.14 -24.68 37.16
CA ALA E 1018 45.57 -23.60 38.05
C ALA E 1018 45.31 -23.83 39.53
N ILE E 1019 44.14 -24.35 39.89
CA ILE E 1019 43.84 -24.55 41.30
C ILE E 1019 44.71 -25.66 41.92
N PHE E 1020 45.58 -26.26 41.12
CA PHE E 1020 46.56 -27.20 41.64
C PHE E 1020 47.97 -26.73 41.36
N PHE E 1021 48.14 -25.82 40.41
CA PHE E 1021 49.48 -25.39 40.09
C PHE E 1021 49.92 -24.04 40.69
N VAL E 1022 49.00 -23.07 40.73
CA VAL E 1022 49.29 -21.75 41.26
C VAL E 1022 49.93 -21.91 42.65
N PRO E 1023 49.34 -22.72 43.57
CA PRO E 1023 50.01 -22.89 44.87
C PRO E 1023 51.33 -23.67 44.79
N VAL E 1024 51.68 -24.19 43.64
CA VAL E 1024 52.93 -24.86 43.60
C VAL E 1024 53.96 -23.79 43.40
N PHE E 1025 53.72 -22.97 42.39
CA PHE E 1025 54.54 -21.80 42.05
C PHE E 1025 54.88 -20.90 43.22
N PHE E 1026 53.83 -20.33 43.80
CA PHE E 1026 53.93 -19.39 44.94
C PHE E 1026 54.79 -19.97 46.04
N VAL E 1027 54.56 -21.23 46.38
CA VAL E 1027 55.40 -21.89 47.33
C VAL E 1027 56.85 -21.97 46.81
N VAL E 1028 57.05 -22.45 45.59
CA VAL E 1028 58.41 -22.57 45.03
C VAL E 1028 59.11 -21.21 44.82
N VAL E 1029 58.40 -20.28 44.16
CA VAL E 1029 58.86 -18.90 43.93
C VAL E 1029 59.28 -18.21 45.25
N ARG E 1030 58.51 -18.51 46.31
CA ARG E 1030 58.65 -17.93 47.65
C ARG E 1030 59.88 -18.45 48.38
N ARG E 1031 60.48 -19.54 47.89
CA ARG E 1031 61.63 -20.15 48.55
C ARG E 1031 62.99 -19.75 48.00
N ARG E 1032 63.00 -18.74 47.12
CA ARG E 1032 64.23 -18.04 46.75
C ARG E 1032 64.13 -16.56 47.10
N PHE E 1033 64.13 -16.33 48.40
CA PHE E 1033 64.05 -15.01 49.02
C PHE E 1033 64.24 -15.20 50.53
N SER E 1034 64.55 -14.12 51.25
CA SER E 1034 64.56 -14.07 52.72
C SER E 1034 65.35 -15.18 53.41
N ARG E 1035 64.90 -15.50 54.62
CA ARG E 1035 65.58 -16.39 55.56
C ARG E 1035 64.97 -16.25 56.95
N LYS E 1036 63.85 -15.53 57.02
CA LYS E 1036 63.25 -15.19 58.31
C LYS E 1036 61.73 -15.37 58.55
N ASN E 1037 61.11 -16.54 58.27
CA ASN E 1037 61.62 -17.70 57.53
C ASN E 1037 60.50 -18.62 57.10
N GLU E 1038 59.93 -19.35 58.06
CA GLU E 1038 58.86 -20.33 57.78
C GLU E 1038 57.53 -20.03 58.51
N ASP E 1039 57.59 -19.40 59.68
CA ASP E 1039 56.38 -18.95 60.42
C ASP E 1039 56.69 -17.92 61.51
N ILE E 1040 56.31 -16.68 61.25
CA ILE E 1040 56.73 -15.57 62.07
C ILE E 1040 55.78 -15.25 63.26
N GLU E 1041 55.28 -14.02 63.30
CA GLU E 1041 54.46 -13.47 64.38
C GLU E 1041 52.92 -13.72 64.29
N HIS E 1042 51.96 -13.07 64.98
CA HIS E 1042 51.93 -11.90 65.90
C HIS E 1042 52.05 -10.63 65.00
N SER E 1043 52.56 -9.51 65.51
CA SER E 1043 52.60 -8.29 64.70
C SER E 1043 53.83 -7.43 64.96
N PRO F 2 39.77 22.68 54.07
CA PRO F 2 39.69 23.40 52.80
C PRO F 2 39.61 24.86 53.09
N ASN F 3 38.39 25.26 53.38
CA ASN F 3 38.09 26.62 53.84
C ASN F 3 38.77 26.90 55.18
N PHE F 4 38.89 25.85 55.97
CA PHE F 4 39.50 25.95 57.27
C PHE F 4 40.92 26.45 57.03
N PHE F 5 41.46 26.07 55.88
CA PHE F 5 42.85 26.35 55.55
C PHE F 5 43.00 27.78 55.14
N ILE F 6 42.44 28.13 53.98
CA ILE F 6 42.75 29.43 53.39
C ILE F 6 42.14 30.57 54.21
N ASP F 7 42.40 30.48 55.52
CA ASP F 7 42.16 31.52 56.51
C ASP F 7 43.57 32.09 56.60
N ARG F 8 44.04 32.33 55.36
CA ARG F 8 45.37 32.71 54.96
C ARG F 8 45.09 33.77 53.95
N PRO F 9 44.81 34.99 54.45
CA PRO F 9 44.31 36.15 53.70
C PRO F 9 45.25 36.51 52.56
N ILE F 10 46.55 36.26 52.71
CA ILE F 10 47.45 36.57 51.63
C ILE F 10 47.43 35.42 50.58
N PHE F 11 47.52 34.15 50.97
CA PHE F 11 47.36 33.04 50.00
C PHE F 11 46.03 33.11 49.28
N ALA F 12 44.96 33.31 50.04
CA ALA F 12 43.63 33.51 49.45
C ALA F 12 43.56 34.71 48.46
N TRP F 13 43.97 35.88 48.95
CA TRP F 13 44.06 37.05 48.10
C TRP F 13 44.82 36.77 46.83
N VAL F 14 45.82 35.90 46.94
CA VAL F 14 46.67 35.57 45.82
C VAL F 14 45.96 34.70 44.80
N ILE F 15 45.24 33.69 45.26
CA ILE F 15 44.44 32.91 44.33
C ILE F 15 43.49 33.87 43.57
N ALA F 16 42.94 34.84 44.32
CA ALA F 16 42.07 35.87 43.74
C ALA F 16 42.75 36.77 42.70
N ILE F 17 43.79 37.50 43.08
CA ILE F 17 44.51 38.45 42.20
C ILE F 17 45.06 37.77 40.93
N ILE F 18 45.63 36.57 41.10
CA ILE F 18 46.09 35.79 39.96
C ILE F 18 44.93 35.43 39.04
N ILE F 19 43.81 34.98 39.62
CA ILE F 19 42.65 34.73 38.78
C ILE F 19 42.15 35.95 38.00
N MET F 20 42.11 37.10 38.68
CA MET F 20 41.65 38.37 38.08
C MET F 20 42.52 38.75 36.87
N LEU F 21 43.85 38.63 37.01
CA LEU F 21 44.75 38.90 35.87
C LEU F 21 44.67 37.84 34.77
N ALA F 22 44.49 36.58 35.16
CA ALA F 22 44.30 35.55 34.17
C ALA F 22 43.08 35.85 33.33
N GLY F 23 42.05 36.37 34.01
CA GLY F 23 40.84 36.72 33.31
C GLY F 23 40.97 37.89 32.38
N GLY F 24 41.25 39.06 32.93
CA GLY F 24 41.34 40.29 32.16
C GLY F 24 42.37 40.31 31.04
N LEU F 25 43.52 39.71 31.31
CA LEU F 25 44.53 39.59 30.26
C LEU F 25 43.97 38.60 29.25
N ALA F 26 43.22 37.60 29.70
CA ALA F 26 42.55 36.73 28.72
C ALA F 26 41.41 37.47 27.96
N ILE F 27 40.99 38.65 28.44
CA ILE F 27 39.98 39.42 27.70
C ILE F 27 40.57 40.42 26.71
N LEU F 28 41.75 40.95 27.00
CA LEU F 28 42.40 41.93 26.12
C LEU F 28 42.58 41.42 24.69
N LYS F 29 43.04 40.18 24.56
CA LYS F 29 43.29 39.64 23.25
C LYS F 29 42.21 38.61 23.06
N LEU F 30 40.98 39.11 23.03
CA LEU F 30 39.81 38.26 22.92
C LEU F 30 38.83 38.77 21.85
N PRO F 31 38.36 37.86 20.96
CA PRO F 31 37.48 38.17 19.83
C PRO F 31 36.20 38.91 20.24
N VAL F 32 35.59 39.63 19.31
CA VAL F 32 34.27 40.26 19.50
C VAL F 32 33.39 40.21 18.21
N ALA F 33 32.18 39.65 18.31
CA ALA F 33 31.23 39.58 17.18
C ALA F 33 29.79 39.88 17.61
N GLN F 34 28.85 39.98 16.68
CA GLN F 34 27.44 40.24 17.05
C GLN F 34 26.93 38.98 17.77
N TYR F 35 27.17 37.84 17.11
CA TYR F 35 26.86 36.51 17.62
C TYR F 35 28.08 35.65 17.34
N PRO F 36 28.15 34.48 17.96
CA PRO F 36 29.17 33.54 17.49
C PRO F 36 28.67 32.84 16.23
N THR F 37 29.48 32.03 15.53
CA THR F 37 28.95 31.26 14.41
C THR F 37 27.74 30.50 14.89
N ILE F 38 26.59 30.86 14.34
CA ILE F 38 25.31 30.34 14.78
C ILE F 38 24.66 29.69 13.58
N ALA F 39 25.15 30.11 12.44
CA ALA F 39 24.64 29.66 11.16
C ALA F 39 25.23 28.35 10.63
N PRO F 40 24.36 27.44 10.14
CA PRO F 40 24.75 26.28 9.36
C PRO F 40 25.54 26.68 8.12
N PRO F 41 26.59 25.93 7.78
CA PRO F 41 27.49 26.23 6.67
C PRO F 41 26.87 25.79 5.36
N ALA F 42 27.00 26.63 4.32
CA ALA F 42 26.46 26.30 3.01
C ALA F 42 27.53 26.42 1.93
N VAL F 43 27.67 25.39 1.09
CA VAL F 43 28.59 25.46 -0.07
C VAL F 43 27.93 25.71 -1.42
N THR F 44 28.54 26.54 -2.26
CA THR F 44 27.99 26.91 -3.57
C THR F 44 28.81 26.61 -4.81
N ILE F 45 28.19 25.95 -5.77
CA ILE F 45 28.74 25.82 -7.11
C ILE F 45 28.08 26.83 -8.05
N SER F 46 28.86 27.69 -8.70
CA SER F 46 28.29 28.67 -9.63
C SER F 46 28.91 28.56 -11.03
N ALA F 47 28.06 28.51 -12.05
CA ALA F 47 28.49 28.35 -13.44
C ALA F 47 27.79 29.28 -14.41
N SER F 48 28.48 29.69 -15.46
CA SER F 48 27.88 30.54 -16.49
C SER F 48 27.67 29.69 -17.76
N TYR F 49 26.40 29.64 -18.19
CA TYR F 49 25.90 28.88 -19.39
C TYR F 49 25.29 29.92 -20.36
N PRO F 50 26.13 30.82 -20.94
CA PRO F 50 25.63 32.07 -21.53
C PRO F 50 24.56 31.92 -22.58
N GLY F 51 23.40 32.52 -22.30
CA GLY F 51 22.23 32.45 -23.17
C GLY F 51 21.13 31.44 -22.85
N ALA F 52 21.49 30.28 -22.29
CA ALA F 52 20.54 29.19 -22.15
C ALA F 52 19.38 29.63 -21.28
N ASP F 53 18.22 29.02 -21.44
CA ASP F 53 17.07 29.39 -20.62
C ASP F 53 17.01 28.53 -19.38
N ALA F 54 16.07 28.83 -18.48
CA ALA F 54 15.97 28.17 -17.17
C ALA F 54 15.86 26.65 -17.23
N LYS F 55 15.02 26.12 -18.13
CA LYS F 55 14.84 24.67 -18.24
C LYS F 55 16.11 23.96 -18.78
N THR F 56 16.87 24.62 -19.67
CA THR F 56 18.11 24.05 -20.25
C THR F 56 19.29 24.07 -19.25
N VAL F 57 19.43 25.15 -18.48
CA VAL F 57 20.42 25.20 -17.42
C VAL F 57 20.03 24.21 -16.30
N GLN F 58 18.73 24.13 -15.95
CA GLN F 58 18.24 23.18 -14.91
C GLN F 58 18.32 21.68 -15.27
N ASP F 59 18.19 21.36 -16.56
CA ASP F 59 18.14 19.96 -16.99
C ASP F 59 19.45 19.45 -17.58
N THR F 60 20.29 20.36 -18.07
CA THR F 60 21.58 19.95 -18.64
C THR F 60 22.66 20.14 -17.58
N VAL F 61 22.52 21.18 -16.76
CA VAL F 61 23.53 21.45 -15.76
C VAL F 61 23.06 21.17 -14.31
N THR F 62 22.00 21.85 -13.86
CA THR F 62 21.56 21.76 -12.43
C THR F 62 21.28 20.35 -11.91
N GLN F 63 20.26 19.65 -12.40
CA GLN F 63 19.89 18.37 -11.79
C GLN F 63 20.89 17.24 -12.08
N VAL F 64 21.91 17.53 -12.89
CA VAL F 64 22.96 16.56 -13.20
C VAL F 64 23.92 16.47 -12.00
N ILE F 65 23.91 17.54 -11.21
CA ILE F 65 24.70 17.65 -9.99
C ILE F 65 23.97 17.25 -8.67
N GLU F 66 22.72 17.69 -8.50
CA GLU F 66 21.85 17.30 -7.37
C GLU F 66 21.64 15.80 -7.20
N GLN F 67 21.88 15.05 -8.27
CA GLN F 67 21.74 13.60 -8.31
C GLN F 67 23.04 12.92 -7.85
N ASN F 68 24.14 13.67 -7.90
CA ASN F 68 25.41 13.21 -7.34
C ASN F 68 25.58 13.76 -5.93
N MET F 69 24.70 14.68 -5.54
CA MET F 69 24.72 15.18 -4.17
C MET F 69 23.99 14.20 -3.24
N ASN F 70 24.70 13.12 -2.95
CA ASN F 70 24.28 12.11 -1.98
C ASN F 70 25.50 11.59 -1.22
N GLY F 71 25.31 11.17 0.03
CA GLY F 71 26.41 10.70 0.83
C GLY F 71 27.33 11.85 1.25
N ILE F 72 26.97 13.07 0.85
CA ILE F 72 27.70 14.24 1.30
C ILE F 72 27.21 14.56 2.68
N ASP F 73 28.17 14.72 3.59
CA ASP F 73 27.95 14.74 5.04
C ASP F 73 27.22 15.95 5.65
N ASN F 74 26.27 15.63 6.54
CA ASN F 74 25.59 16.63 7.34
C ASN F 74 24.78 17.53 6.46
N LEU F 75 24.02 16.96 5.55
CA LEU F 75 23.25 17.79 4.65
C LEU F 75 21.88 18.01 5.32
N MET F 76 21.64 19.25 5.76
CA MET F 76 20.35 19.61 6.37
C MET F 76 19.26 19.76 5.34
N TYR F 77 19.56 20.57 4.33
CA TYR F 77 18.76 20.61 3.10
C TYR F 77 19.57 21.15 1.93
N MET F 78 19.11 20.79 0.74
CA MET F 78 19.75 21.14 -0.51
C MET F 78 18.88 22.15 -1.25
N SER F 79 19.51 23.16 -1.84
CA SER F 79 18.80 24.16 -2.64
C SER F 79 19.51 24.54 -3.97
N SER F 80 18.79 24.59 -5.10
CA SER F 80 19.45 24.97 -6.37
C SER F 80 18.69 25.99 -7.27
N ASN F 81 19.42 27.01 -7.75
CA ASN F 81 19.01 28.02 -8.76
C ASN F 81 19.37 27.69 -10.21
N SER F 82 18.37 27.69 -11.08
CA SER F 82 18.66 27.52 -12.51
C SER F 82 18.20 28.78 -13.28
N ASP F 83 19.12 29.72 -13.51
CA ASP F 83 18.75 31.04 -14.03
C ASP F 83 18.83 31.15 -15.58
N SER F 84 17.93 31.95 -16.17
CA SER F 84 17.93 32.23 -17.61
C SER F 84 18.71 33.51 -17.89
N THR F 85 19.83 33.65 -17.21
CA THR F 85 20.80 34.66 -17.58
C THR F 85 22.09 33.89 -17.77
N GLY F 86 21.91 32.61 -18.06
CA GLY F 86 23.02 31.72 -18.28
C GLY F 86 23.59 31.16 -16.99
N THR F 87 23.17 31.70 -15.85
CA THR F 87 23.80 31.29 -14.62
C THR F 87 23.08 30.09 -14.02
N VAL F 88 23.87 29.12 -13.55
CA VAL F 88 23.34 27.99 -12.78
C VAL F 88 24.09 27.89 -11.44
N GLN F 89 23.33 27.86 -10.35
CA GLN F 89 23.87 27.92 -8.98
C GLN F 89 23.39 26.82 -8.04
N ILE F 90 24.23 25.92 -7.57
CA ILE F 90 23.73 25.01 -6.55
C ILE F 90 24.30 25.29 -5.16
N THR F 91 23.39 25.43 -4.19
CA THR F 91 23.70 25.75 -2.79
C THR F 91 23.31 24.64 -1.75
N LEU F 92 24.31 24.00 -1.13
CA LEU F 92 24.12 22.94 -0.12
C LEU F 92 24.16 23.45 1.32
N THR F 93 23.04 23.37 2.00
CA THR F 93 22.96 23.87 3.37
C THR F 93 23.14 22.72 4.39
N PHE F 94 24.12 22.89 5.29
CA PHE F 94 24.58 21.80 6.16
C PHE F 94 24.17 21.86 7.61
N GLU F 95 24.13 20.69 8.28
CA GLU F 95 23.96 20.62 9.73
C GLU F 95 24.93 21.48 10.47
N SER F 96 24.42 22.12 11.53
CA SER F 96 25.09 23.19 12.25
C SER F 96 26.36 22.70 12.93
N GLY F 97 27.41 23.52 12.89
CA GLY F 97 28.72 23.11 13.35
C GLY F 97 29.47 22.06 12.53
N THR F 98 28.98 21.66 11.34
CA THR F 98 29.71 20.76 10.47
C THR F 98 30.95 21.47 9.95
N ASP F 99 32.08 20.77 9.78
CA ASP F 99 33.31 21.40 9.27
C ASP F 99 33.22 21.85 7.81
N ALA F 100 33.27 23.15 7.55
CA ALA F 100 33.08 23.75 6.20
C ALA F 100 34.06 23.33 5.09
N ASP F 101 35.36 23.49 5.31
CA ASP F 101 36.35 23.12 4.30
C ASP F 101 36.03 21.72 3.86
N ILE F 102 35.67 20.91 4.85
CA ILE F 102 35.37 19.50 4.65
C ILE F 102 34.27 19.37 3.61
N ALA F 103 33.22 20.17 3.78
CA ALA F 103 32.12 20.22 2.82
C ALA F 103 32.54 20.66 1.40
N GLN F 104 33.34 21.73 1.29
CA GLN F 104 33.75 22.16 -0.04
C GLN F 104 34.44 21.00 -0.73
N VAL F 105 35.26 20.28 0.04
CA VAL F 105 36.03 19.17 -0.49
C VAL F 105 35.12 18.01 -0.98
N GLN F 106 34.16 17.59 -0.15
CA GLN F 106 33.21 16.49 -0.46
C GLN F 106 32.27 16.82 -1.63
N VAL F 107 31.75 18.04 -1.60
CA VAL F 107 30.87 18.61 -2.62
C VAL F 107 31.55 18.75 -3.99
N GLN F 108 32.76 19.35 -4.03
CA GLN F 108 33.48 19.46 -5.30
C GLN F 108 33.85 18.06 -5.79
N ASN F 109 33.96 17.12 -4.85
CA ASN F 109 34.24 15.74 -5.22
C ASN F 109 33.07 14.95 -5.85
N LYS F 110 31.82 15.26 -5.52
CA LYS F 110 30.69 14.65 -6.27
C LYS F 110 30.33 15.48 -7.55
N LEU F 111 30.64 16.77 -7.44
CA LEU F 111 30.54 17.74 -8.54
C LEU F 111 31.40 17.25 -9.70
N GLN F 112 32.55 16.65 -9.40
CA GLN F 112 33.33 16.00 -10.47
C GLN F 112 32.67 14.70 -10.97
N LEU F 113 31.65 14.17 -10.29
CA LEU F 113 30.94 13.02 -10.85
C LEU F 113 29.97 13.54 -11.88
N ALA F 114 29.51 14.77 -11.69
CA ALA F 114 28.67 15.40 -12.73
C ALA F 114 29.47 16.17 -13.81
N MET F 115 30.75 16.46 -13.55
CA MET F 115 31.58 17.35 -14.40
C MET F 115 31.76 16.92 -15.86
N PRO F 116 31.99 15.63 -16.12
CA PRO F 116 32.09 15.31 -17.55
C PRO F 116 30.70 15.33 -18.21
N LEU F 117 29.65 15.32 -17.38
CA LEU F 117 28.24 15.21 -17.80
C LEU F 117 27.52 16.56 -17.96
N LEU F 118 28.26 17.66 -17.97
CA LEU F 118 27.72 19.00 -18.21
C LEU F 118 28.18 19.53 -19.60
N PRO F 119 27.50 20.54 -20.17
CA PRO F 119 27.99 21.18 -21.40
C PRO F 119 29.40 21.77 -21.25
N GLN F 120 30.11 21.98 -22.36
CA GLN F 120 31.48 22.52 -22.30
C GLN F 120 31.59 24.05 -22.37
N GLU F 121 30.50 24.77 -22.70
CA GLU F 121 30.48 26.23 -22.53
C GLU F 121 30.65 26.57 -21.04
N VAL F 122 29.96 25.73 -20.26
CA VAL F 122 29.99 25.77 -18.81
C VAL F 122 31.44 25.47 -18.40
N GLN F 123 32.01 24.40 -18.97
CA GLN F 123 33.42 24.07 -18.75
C GLN F 123 34.41 25.19 -19.16
N GLN F 124 34.06 26.08 -20.10
CA GLN F 124 35.01 27.10 -20.55
C GLN F 124 34.92 28.50 -19.91
N GLN F 125 33.77 28.89 -19.39
CA GLN F 125 33.68 30.20 -18.73
C GLN F 125 34.10 30.16 -17.24
N GLY F 126 33.99 28.98 -16.64
CA GLY F 126 34.44 28.73 -15.29
C GLY F 126 33.31 28.49 -14.31
N VAL F 127 33.40 27.36 -13.62
CA VAL F 127 32.54 27.03 -12.49
C VAL F 127 33.33 27.21 -11.18
N SER F 128 32.75 27.88 -10.18
CA SER F 128 33.46 28.14 -8.94
C SER F 128 32.76 27.49 -7.77
N VAL F 129 33.53 26.81 -6.95
CA VAL F 129 32.99 26.29 -5.71
C VAL F 129 33.45 27.22 -4.64
N GLU F 130 32.50 27.69 -3.86
CA GLU F 130 32.79 28.67 -2.85
C GLU F 130 32.07 28.27 -1.57
N LYS F 131 32.46 28.90 -0.48
CA LYS F 131 31.76 28.70 0.77
C LYS F 131 30.89 29.92 0.84
N SER F 132 29.62 29.72 1.00
CA SER F 132 28.72 30.82 0.85
C SER F 132 28.32 31.35 2.18
N SER F 133 28.49 32.65 2.35
CA SER F 133 27.88 33.30 3.48
C SER F 133 26.40 33.41 3.15
N SER F 134 26.05 34.59 2.64
CA SER F 134 24.73 35.07 2.19
C SER F 134 24.34 36.25 3.07
N SER F 135 25.27 36.66 3.94
CA SER F 135 25.05 37.79 4.83
C SER F 135 25.98 38.89 4.42
N PHE F 136 25.46 40.08 4.20
CA PHE F 136 26.36 41.16 3.86
C PHE F 136 27.04 41.66 5.13
N LEU F 137 28.36 41.51 5.19
CA LEU F 137 29.12 42.10 6.28
C LEU F 137 28.92 43.58 6.31
N MET F 138 29.16 44.15 5.14
CA MET F 138 28.98 45.57 4.87
C MET F 138 28.95 45.85 3.35
N VAL F 139 28.30 46.95 2.98
CA VAL F 139 28.42 47.43 1.62
C VAL F 139 29.15 48.75 1.73
N VAL F 140 30.38 48.77 1.27
CA VAL F 140 31.13 50.01 1.35
C VAL F 140 30.80 50.72 0.09
N GLY F 141 30.51 52.00 0.20
CA GLY F 141 30.10 52.77 -0.94
C GLY F 141 31.17 53.74 -1.41
N VAL F 142 31.24 53.91 -2.73
CA VAL F 142 32.09 54.89 -3.41
C VAL F 142 31.21 55.75 -4.31
N ILE F 143 31.33 57.06 -4.19
CA ILE F 143 30.47 57.98 -4.92
C ILE F 143 31.32 59.06 -5.56
N ASN F 144 30.72 59.91 -6.41
CA ASN F 144 31.46 61.08 -6.89
C ASN F 144 30.64 62.40 -6.88
N THR F 145 31.13 63.40 -6.15
CA THR F 145 30.40 64.66 -5.95
C THR F 145 30.46 65.64 -7.13
N ASP F 146 31.61 66.27 -7.35
CA ASP F 146 31.68 67.33 -8.38
C ASP F 146 31.73 66.76 -9.81
N GLY F 147 32.91 66.74 -10.44
CA GLY F 147 33.07 66.24 -11.80
C GLY F 147 32.55 64.81 -11.91
N THR F 148 31.23 64.70 -11.78
CA THR F 148 30.50 63.47 -11.52
C THR F 148 30.69 62.35 -12.54
N MET F 149 31.66 61.47 -12.27
CA MET F 149 31.97 60.36 -13.17
C MET F 149 30.77 59.41 -13.22
N THR F 150 30.69 58.59 -14.25
CA THR F 150 29.53 57.73 -14.44
C THR F 150 29.59 56.50 -13.56
N GLN F 151 28.65 55.60 -13.76
CA GLN F 151 28.62 54.34 -13.04
C GLN F 151 29.93 53.61 -13.22
N GLU F 152 30.25 53.35 -14.48
CA GLU F 152 31.40 52.52 -14.87
C GLU F 152 32.77 53.13 -14.56
N ASP F 153 32.89 54.45 -14.50
CA ASP F 153 34.14 55.06 -14.08
C ASP F 153 34.48 54.63 -12.67
N ILE F 154 33.61 55.00 -11.74
CA ILE F 154 33.70 54.58 -10.34
C ILE F 154 33.92 53.07 -10.31
N SER F 155 33.00 52.32 -10.93
CA SER F 155 33.10 50.87 -11.07
C SER F 155 34.52 50.40 -11.39
N ASP F 156 35.18 51.10 -12.32
CA ASP F 156 36.59 50.85 -12.69
C ASP F 156 37.60 51.18 -11.59
N TYR F 157 37.47 52.34 -10.95
CA TYR F 157 38.44 52.64 -9.92
C TYR F 157 38.32 51.55 -8.85
N VAL F 158 37.07 51.18 -8.55
CA VAL F 158 36.76 50.12 -7.60
C VAL F 158 37.41 48.81 -8.00
N ALA F 159 37.06 48.33 -9.18
CA ALA F 159 37.51 47.05 -9.71
C ALA F 159 39.02 46.93 -9.99
N ALA F 160 39.69 48.06 -10.23
CA ALA F 160 41.07 48.02 -10.64
C ALA F 160 42.01 48.54 -9.57
N ASN F 161 41.45 49.05 -8.48
CA ASN F 161 42.27 49.56 -7.37
C ASN F 161 41.99 48.84 -6.04
N MET F 162 40.73 48.47 -5.81
CA MET F 162 40.31 47.98 -4.50
C MET F 162 39.86 46.51 -4.50
N LYS F 163 38.78 46.19 -5.21
CA LYS F 163 38.15 44.85 -5.24
C LYS F 163 39.11 43.64 -5.35
N ASP F 164 40.40 43.89 -5.53
CA ASP F 164 41.37 42.81 -5.66
C ASP F 164 42.06 42.61 -4.33
N ALA F 165 42.06 43.64 -3.50
CA ALA F 165 42.56 43.50 -2.13
C ALA F 165 41.42 43.10 -1.16
N ILE F 166 40.21 43.59 -1.44
CA ILE F 166 39.03 43.24 -0.65
C ILE F 166 38.63 41.77 -0.73
N SER F 167 38.80 41.14 -1.88
CA SER F 167 38.48 39.73 -1.99
C SER F 167 39.61 38.82 -1.48
N ARG F 168 40.77 39.39 -1.18
CA ARG F 168 41.83 38.59 -0.59
C ARG F 168 41.95 38.85 0.90
N THR F 169 41.76 40.13 1.28
CA THR F 169 41.85 40.62 2.67
C THR F 169 41.19 39.70 3.71
N SER F 170 41.89 39.49 4.82
CA SER F 170 41.50 38.51 5.82
C SER F 170 40.14 38.83 6.46
N GLY F 171 39.22 37.90 6.21
CA GLY F 171 37.85 37.93 6.70
C GLY F 171 36.73 38.05 5.65
N VAL F 172 37.09 38.27 4.38
CA VAL F 172 36.11 38.45 3.28
C VAL F 172 35.99 37.26 2.31
N GLY F 173 34.76 36.81 2.05
CA GLY F 173 34.53 35.74 1.10
C GLY F 173 34.13 36.22 -0.29
N ASP F 174 32.85 36.13 -0.66
CA ASP F 174 32.38 36.60 -1.99
C ASP F 174 32.06 38.09 -1.96
N VAL F 175 32.58 38.80 -2.97
CA VAL F 175 32.29 40.21 -3.19
C VAL F 175 31.41 40.32 -4.43
N GLN F 176 30.44 41.22 -4.35
CA GLN F 176 29.57 41.51 -5.48
C GLN F 176 29.74 42.99 -5.75
N LEU F 177 30.08 43.34 -7.00
CA LEU F 177 30.25 44.74 -7.37
C LEU F 177 28.96 45.19 -8.01
N PHE F 178 28.51 46.38 -7.67
CA PHE F 178 27.33 46.95 -8.31
C PHE F 178 27.82 47.89 -9.41
N GLY F 179 27.68 47.45 -10.65
CA GLY F 179 28.30 48.06 -11.82
C GLY F 179 29.20 47.01 -12.50
N SER F 180 30.19 47.45 -13.28
CA SER F 180 31.09 46.53 -14.02
C SER F 180 32.52 47.06 -14.20
N GLN F 181 33.51 46.16 -14.29
CA GLN F 181 34.90 46.59 -14.53
C GLN F 181 35.03 47.06 -15.99
N TYR F 182 35.95 47.98 -16.26
CA TYR F 182 36.12 48.46 -17.63
C TYR F 182 36.67 47.43 -18.60
N ALA F 183 35.92 47.22 -19.66
CA ALA F 183 36.30 46.38 -20.78
C ALA F 183 36.17 47.16 -22.07
N MET F 184 36.87 46.66 -23.07
CA MET F 184 36.81 47.20 -24.42
C MET F 184 35.50 46.85 -25.14
N ARG F 185 34.55 47.79 -25.03
CA ARG F 185 33.21 47.67 -25.63
C ARG F 185 33.14 48.28 -27.04
N ILE F 186 32.97 47.41 -28.05
CA ILE F 186 32.96 47.82 -29.46
C ILE F 186 31.62 47.51 -30.12
N TRP F 187 30.87 48.56 -30.42
CA TRP F 187 29.47 48.44 -30.78
C TRP F 187 29.26 48.58 -32.28
N MET F 188 29.07 47.42 -32.93
CA MET F 188 28.90 47.33 -34.37
C MET F 188 27.63 47.98 -34.91
N ASN F 189 27.75 48.51 -36.13
CA ASN F 189 26.65 49.11 -36.90
C ASN F 189 26.31 48.27 -38.12
N PRO F 190 25.02 47.86 -38.28
CA PRO F 190 24.51 46.94 -39.33
C PRO F 190 24.53 47.58 -40.73
N ASN F 191 24.30 48.89 -40.76
CA ASN F 191 24.50 49.70 -41.95
C ASN F 191 25.99 49.68 -42.34
N GLU F 192 26.84 50.26 -41.48
CA GLU F 192 28.31 50.29 -41.64
C GLU F 192 29.01 48.93 -41.65
N LEU F 193 28.25 47.84 -41.52
CA LEU F 193 28.76 46.48 -41.75
C LEU F 193 28.21 45.85 -43.05
N ASN F 194 26.98 46.21 -43.43
CA ASN F 194 26.45 45.73 -44.70
C ASN F 194 27.16 46.50 -45.81
N LYS F 195 27.53 47.75 -45.49
CA LYS F 195 28.29 48.64 -46.38
C LYS F 195 29.55 48.01 -46.96
N PHE F 196 30.58 47.80 -46.15
CA PHE F 196 31.81 47.24 -46.69
C PHE F 196 31.74 45.70 -46.78
N GLN F 197 30.53 45.14 -46.65
CA GLN F 197 30.24 43.69 -46.74
C GLN F 197 31.04 42.85 -45.74
N LEU F 198 30.81 43.14 -44.46
CA LEU F 198 31.55 42.52 -43.38
C LEU F 198 30.54 42.01 -42.34
N THR F 199 30.84 40.86 -41.75
CA THR F 199 30.02 40.29 -40.68
C THR F 199 30.79 40.31 -39.36
N PRO F 200 30.08 40.21 -38.23
CA PRO F 200 30.73 40.00 -36.95
C PRO F 200 31.95 39.06 -37.00
N VAL F 201 31.85 37.88 -37.61
CA VAL F 201 32.98 36.94 -37.69
C VAL F 201 34.32 37.55 -38.11
N ASP F 202 34.23 38.50 -39.02
CA ASP F 202 35.41 39.10 -39.60
C ASP F 202 35.98 40.16 -38.68
N VAL F 203 35.08 40.87 -38.00
CA VAL F 203 35.44 41.82 -36.97
C VAL F 203 36.25 41.05 -35.92
N ILE F 204 35.66 39.93 -35.52
CA ILE F 204 36.22 39.03 -34.53
C ILE F 204 37.63 38.57 -34.89
N THR F 205 37.79 37.91 -36.04
CA THR F 205 39.09 37.33 -36.37
C THR F 205 40.16 38.43 -36.54
N ALA F 206 39.71 39.63 -36.95
CA ALA F 206 40.61 40.78 -37.07
C ALA F 206 41.16 41.12 -35.71
N ILE F 207 40.24 41.33 -34.77
CA ILE F 207 40.60 41.71 -33.42
C ILE F 207 41.47 40.64 -32.70
N LYS F 208 41.25 39.36 -33.02
CA LYS F 208 42.15 38.31 -32.52
C LYS F 208 43.56 38.40 -33.08
N ALA F 209 43.69 38.48 -34.41
CA ALA F 209 45.00 38.49 -35.07
C ALA F 209 45.81 39.75 -34.71
N GLN F 210 45.18 40.92 -34.72
CA GLN F 210 45.96 42.13 -34.49
C GLN F 210 46.25 42.45 -33.02
N ASN F 211 45.34 42.05 -32.12
CA ASN F 211 45.45 42.49 -30.74
C ASN F 211 45.85 41.33 -29.88
N ALA F 212 47.15 41.07 -29.83
CA ALA F 212 47.64 39.95 -29.05
C ALA F 212 49.13 40.06 -28.74
N GLN F 213 49.60 39.15 -27.90
CA GLN F 213 51.02 38.98 -27.65
C GLN F 213 51.45 37.89 -28.60
N VAL F 214 52.75 37.68 -28.79
CA VAL F 214 53.17 36.57 -29.63
C VAL F 214 54.35 35.78 -29.02
N ALA F 215 54.27 34.44 -29.12
CA ALA F 215 55.37 33.54 -28.75
C ALA F 215 56.59 33.74 -29.61
N ALA F 216 57.55 34.50 -29.07
CA ALA F 216 58.65 35.01 -29.87
C ALA F 216 59.88 34.16 -29.70
N GLY F 217 60.99 34.79 -29.34
CA GLY F 217 62.23 34.04 -29.22
C GLY F 217 63.38 34.82 -28.61
N GLN F 218 64.57 34.25 -28.72
CA GLN F 218 65.74 34.92 -28.19
C GLN F 218 66.97 34.83 -29.09
N LEU F 219 67.65 35.95 -29.21
CA LEU F 219 68.98 36.00 -29.78
C LEU F 219 69.92 35.21 -28.91
N GLY F 220 70.79 34.41 -29.51
CA GLY F 220 71.87 33.79 -28.76
C GLY F 220 71.40 32.82 -27.69
N GLY F 221 70.20 32.29 -27.91
CA GLY F 221 69.59 31.37 -26.98
C GLY F 221 70.41 30.10 -26.87
N THR F 222 69.87 29.15 -26.14
CA THR F 222 70.51 27.86 -25.99
C THR F 222 69.85 26.86 -26.94
N PRO F 223 70.66 26.03 -27.62
CA PRO F 223 72.13 26.09 -27.58
C PRO F 223 72.69 27.06 -28.56
N PRO F 224 73.74 27.79 -28.15
CA PRO F 224 74.43 28.79 -28.96
C PRO F 224 75.58 28.27 -29.82
N VAL F 225 76.15 29.17 -30.61
CA VAL F 225 77.36 28.86 -31.33
C VAL F 225 78.51 29.53 -30.60
N LYS F 226 79.66 28.90 -30.69
CA LYS F 226 80.82 29.25 -29.89
C LYS F 226 81.32 30.67 -30.15
N GLY F 227 81.94 31.25 -29.12
CA GLY F 227 82.46 32.60 -29.16
C GLY F 227 81.36 33.63 -29.08
N GLN F 228 80.13 33.18 -28.83
CA GLN F 228 78.96 34.05 -28.76
C GLN F 228 79.11 35.06 -27.63
N GLN F 229 78.39 36.19 -27.71
CA GLN F 229 78.50 37.24 -26.71
C GLN F 229 77.27 38.15 -26.57
N LEU F 230 76.28 38.02 -27.45
CA LEU F 230 75.04 38.79 -27.26
C LEU F 230 73.78 37.92 -27.10
N ASN F 231 72.95 38.29 -26.10
CA ASN F 231 71.73 37.56 -25.75
C ASN F 231 70.59 38.50 -25.29
N ALA F 232 69.44 38.46 -25.98
CA ALA F 232 68.30 39.36 -25.69
C ALA F 232 66.94 38.89 -26.25
N SER F 233 65.87 39.53 -25.80
CA SER F 233 64.52 39.03 -26.05
C SER F 233 63.83 39.64 -27.24
N ILE F 234 63.40 38.77 -28.16
CA ILE F 234 62.62 39.19 -29.30
C ILE F 234 61.26 39.72 -28.87
N ILE F 235 61.02 41.01 -29.10
CA ILE F 235 59.74 41.63 -28.81
C ILE F 235 58.82 41.51 -30.01
N ALA F 236 57.66 40.92 -29.81
CA ALA F 236 56.75 40.73 -30.91
C ALA F 236 55.57 41.67 -30.82
N GLN F 237 54.43 41.17 -31.28
CA GLN F 237 53.17 41.91 -31.24
C GLN F 237 52.73 42.17 -29.82
N THR F 238 52.44 43.41 -29.49
CA THR F 238 51.93 43.67 -28.16
C THR F 238 50.43 43.95 -28.25
N ARG F 239 49.72 43.57 -27.20
CA ARG F 239 48.28 43.78 -27.13
C ARG F 239 47.99 45.29 -27.12
N LEU F 240 46.80 45.67 -27.58
CA LEU F 240 46.45 47.06 -27.86
C LEU F 240 45.98 47.91 -26.67
N THR F 241 46.76 48.94 -26.36
CA THR F 241 46.59 49.75 -25.16
C THR F 241 45.34 50.64 -25.15
N SER F 242 45.08 51.35 -26.25
CA SER F 242 44.02 52.37 -26.27
C SER F 242 42.84 52.08 -27.19
N THR F 243 41.88 53.00 -27.14
CA THR F 243 40.73 53.02 -28.02
C THR F 243 41.25 53.47 -29.38
N GLU F 244 42.33 54.24 -29.29
CA GLU F 244 43.02 54.71 -30.47
C GLU F 244 43.45 53.51 -31.31
N GLU F 245 44.36 52.68 -30.81
CA GLU F 245 44.79 51.53 -31.59
C GLU F 245 43.68 50.57 -31.96
N PHE F 246 42.53 50.71 -31.35
CA PHE F 246 41.44 49.85 -31.75
C PHE F 246 40.70 50.45 -32.95
N GLY F 247 40.67 51.78 -33.03
CA GLY F 247 40.14 52.45 -34.21
C GLY F 247 40.90 52.08 -35.46
N LYS F 248 42.21 51.94 -35.28
CA LYS F 248 43.15 51.61 -36.34
C LYS F 248 43.00 50.19 -36.87
N ILE F 249 42.05 49.41 -36.37
CA ILE F 249 41.96 48.01 -36.81
C ILE F 249 41.48 47.81 -38.24
N LEU F 250 42.25 47.06 -39.03
CA LEU F 250 42.01 46.94 -40.48
C LEU F 250 41.22 45.70 -40.86
N LEU F 251 39.98 45.91 -41.30
CA LEU F 251 39.13 44.76 -41.49
C LEU F 251 39.32 44.18 -42.87
N LYS F 252 39.40 45.07 -43.85
CA LYS F 252 39.48 44.73 -45.27
C LYS F 252 39.79 46.00 -46.08
N VAL F 253 40.64 45.89 -47.11
CA VAL F 253 40.91 47.02 -48.00
C VAL F 253 40.04 46.95 -49.27
N ASN F 254 39.43 48.08 -49.62
CA ASN F 254 38.70 48.21 -50.88
C ASN F 254 39.65 48.17 -52.08
N GLN F 255 39.08 47.88 -53.25
CA GLN F 255 39.85 47.63 -54.47
C GLN F 255 40.72 48.82 -54.91
N ASP F 256 40.33 50.03 -54.51
CA ASP F 256 41.04 51.22 -54.93
C ASP F 256 42.05 51.68 -53.90
N GLY F 257 42.16 50.92 -52.80
CA GLY F 257 43.13 51.26 -51.77
C GLY F 257 42.60 52.02 -50.56
N SER F 258 41.36 52.53 -50.65
CA SER F 258 40.71 53.16 -49.50
C SER F 258 40.37 52.08 -48.47
N ARG F 259 40.98 52.16 -47.28
CA ARG F 259 40.88 51.09 -46.30
C ARG F 259 39.64 51.23 -45.43
N VAL F 260 39.28 50.14 -44.75
CA VAL F 260 38.20 50.15 -43.77
C VAL F 260 38.74 49.83 -42.37
N LEU F 261 38.89 50.86 -41.54
CA LEU F 261 39.36 50.62 -40.17
C LEU F 261 38.15 50.33 -39.28
N LEU F 262 38.39 49.71 -38.11
CA LEU F 262 37.29 49.34 -37.23
C LEU F 262 36.50 50.58 -36.82
N ARG F 263 37.21 51.68 -36.61
CA ARG F 263 36.63 52.97 -36.31
C ARG F 263 35.44 53.29 -37.21
N ASP F 264 35.52 52.79 -38.44
CA ASP F 264 34.54 53.14 -39.46
C ASP F 264 33.24 52.31 -39.37
N VAL F 265 33.31 51.05 -38.97
CA VAL F 265 32.12 50.17 -39.01
C VAL F 265 31.35 50.06 -37.71
N ALA F 266 31.91 50.66 -36.65
CA ALA F 266 31.38 50.49 -35.31
C ALA F 266 31.86 51.60 -34.39
N LYS F 267 31.12 51.82 -33.30
CA LYS F 267 31.57 52.76 -32.29
C LYS F 267 32.46 52.06 -31.25
N ILE F 268 33.49 52.78 -30.79
CA ILE F 268 34.50 52.26 -29.87
C ILE F 268 34.51 52.98 -28.52
N GLU F 269 34.41 52.23 -27.42
CA GLU F 269 34.54 52.86 -26.09
C GLU F 269 35.03 51.94 -24.94
N LEU F 270 35.80 52.57 -24.05
CA LEU F 270 36.10 52.01 -22.75
C LEU F 270 34.80 52.00 -22.01
N GLY F 271 34.17 50.83 -21.89
CA GLY F 271 32.85 50.77 -21.29
C GLY F 271 32.77 49.60 -20.35
N GLY F 272 31.63 49.44 -19.69
CA GLY F 272 31.42 48.34 -18.76
C GLY F 272 31.45 46.97 -19.41
N GLU F 273 31.79 45.96 -18.61
CA GLU F 273 31.91 44.60 -19.12
C GLU F 273 30.54 43.97 -19.30
N ASN F 274 29.54 44.60 -18.69
CA ASN F 274 28.13 44.23 -18.86
C ASN F 274 27.30 45.32 -18.19
N TYR F 275 26.07 45.52 -18.63
CA TYR F 275 25.29 46.62 -18.10
C TYR F 275 24.00 46.14 -17.48
N ASP F 276 24.07 45.01 -16.77
CA ASP F 276 22.91 44.41 -16.11
C ASP F 276 22.44 45.15 -14.86
N ILE F 277 23.39 45.70 -14.09
CA ILE F 277 23.09 46.31 -12.79
C ILE F 277 23.50 47.79 -12.63
N ILE F 278 22.57 48.62 -12.17
CA ILE F 278 22.92 50.03 -11.89
C ILE F 278 22.67 50.45 -10.46
N ALA F 279 23.74 51.05 -9.93
CA ALA F 279 23.90 51.36 -8.53
C ALA F 279 23.75 52.83 -8.27
N GLU F 280 22.69 53.17 -7.57
CA GLU F 280 22.51 54.55 -7.18
C GLU F 280 22.56 54.76 -5.65
N PHE F 281 23.18 55.86 -5.27
CA PHE F 281 23.30 56.29 -3.88
C PHE F 281 22.64 57.63 -3.68
N ASN F 282 21.39 57.65 -3.24
CA ASN F 282 20.61 58.89 -3.10
C ASN F 282 20.45 59.63 -4.44
N GLY F 283 20.39 58.89 -5.53
CA GLY F 283 20.26 59.49 -6.85
C GLY F 283 21.60 59.73 -7.51
N GLN F 284 22.63 59.90 -6.69
CA GLN F 284 23.99 60.20 -7.16
C GLN F 284 24.71 58.97 -7.71
N PRO F 285 25.43 59.14 -8.83
CA PRO F 285 26.09 57.95 -9.35
C PRO F 285 27.13 57.46 -8.38
N ALA F 286 27.10 56.16 -8.15
CA ALA F 286 27.96 55.53 -7.19
C ALA F 286 28.14 54.05 -7.50
N SER F 287 29.29 53.51 -7.15
CA SER F 287 29.45 52.07 -7.12
C SER F 287 29.80 51.63 -5.74
N GLY F 288 29.64 50.34 -5.51
CA GLY F 288 29.85 49.80 -4.20
C GLY F 288 30.46 48.44 -4.23
N LEU F 289 30.65 47.93 -3.03
CA LEU F 289 31.05 46.56 -2.85
C LEU F 289 30.08 46.03 -1.83
N GLY F 290 29.34 45.01 -2.26
CA GLY F 290 28.48 44.26 -1.38
C GLY F 290 29.34 43.09 -0.95
N ILE F 291 29.87 43.23 0.26
CA ILE F 291 30.79 42.26 0.87
C ILE F 291 30.01 41.21 1.68
N LYS F 292 30.27 39.92 1.47
CA LYS F 292 29.69 38.93 2.35
C LYS F 292 30.74 38.40 3.33
N LEU F 293 30.43 38.38 4.63
CA LEU F 293 31.36 37.87 5.65
C LEU F 293 31.51 36.35 5.52
N ALA F 294 32.75 35.86 5.47
CA ALA F 294 33.02 34.45 5.17
C ALA F 294 32.56 33.50 6.27
N THR F 295 32.38 32.21 5.93
CA THR F 295 31.83 31.24 6.88
C THR F 295 32.72 31.11 8.13
N GLY F 296 32.36 31.82 9.20
CA GLY F 296 33.08 31.74 10.45
C GLY F 296 34.09 32.83 10.77
N ALA F 297 33.93 34.05 10.25
CA ALA F 297 34.95 35.09 10.49
C ALA F 297 34.49 36.17 11.45
N ASN F 298 35.45 36.94 11.94
CA ASN F 298 35.21 37.94 12.96
C ASN F 298 34.64 39.22 12.42
N ALA F 299 33.50 39.64 12.95
CA ALA F 299 32.85 40.88 12.52
C ALA F 299 33.68 42.20 12.63
N LEU F 300 34.06 42.60 13.84
CA LEU F 300 34.76 43.90 14.01
C LEU F 300 36.20 43.88 13.48
N ASP F 301 36.80 42.69 13.36
CA ASP F 301 38.16 42.54 12.83
C ASP F 301 38.23 42.39 11.29
N THR F 302 37.26 41.70 10.69
CA THR F 302 37.11 41.72 9.24
C THR F 302 36.80 43.17 8.84
N ALA F 303 35.95 43.82 9.63
CA ALA F 303 35.62 45.24 9.42
C ALA F 303 36.84 46.17 9.58
N ALA F 304 37.64 45.93 10.61
CA ALA F 304 38.87 46.69 10.81
C ALA F 304 39.87 46.45 9.67
N ALA F 305 39.95 45.22 9.15
CA ALA F 305 40.84 44.88 8.02
C ALA F 305 40.38 45.54 6.71
N ILE F 306 39.07 45.56 6.47
CA ILE F 306 38.55 46.25 5.29
C ILE F 306 38.74 47.76 5.43
N ARG F 307 38.47 48.26 6.64
CA ARG F 307 38.66 49.67 6.98
C ARG F 307 40.11 50.11 6.80
N ALA F 308 41.03 49.21 7.13
CA ALA F 308 42.45 49.41 6.91
C ALA F 308 42.85 49.36 5.44
N GLU F 309 42.23 48.46 4.68
CA GLU F 309 42.56 48.32 3.27
C GLU F 309 42.13 49.56 2.47
N LEU F 310 40.91 50.05 2.73
CA LEU F 310 40.44 51.31 2.15
C LEU F 310 41.17 52.55 2.69
N ALA F 311 41.50 52.55 3.99
CA ALA F 311 42.24 53.65 4.56
C ALA F 311 43.65 53.71 3.99
N LYS F 312 44.14 52.55 3.56
CA LYS F 312 45.42 52.44 2.85
C LYS F 312 45.29 52.87 1.37
N MET F 313 44.09 52.70 0.81
CA MET F 313 43.81 53.11 -0.56
C MET F 313 43.40 54.58 -0.63
N GLU F 314 43.30 55.22 0.54
CA GLU F 314 42.89 56.62 0.69
C GLU F 314 43.76 57.72 0.02
N PRO F 315 45.10 57.64 0.08
CA PRO F 315 45.87 58.72 -0.54
C PRO F 315 45.99 58.66 -2.07
N PHE F 316 45.40 57.66 -2.72
CA PHE F 316 45.52 57.50 -4.17
C PHE F 316 44.16 57.68 -4.81
N PHE F 317 43.23 58.25 -4.04
CA PHE F 317 41.88 58.47 -4.53
C PHE F 317 41.76 59.79 -5.32
N PRO F 318 41.04 59.75 -6.46
CA PRO F 318 40.74 60.88 -7.35
C PRO F 318 39.76 61.95 -6.83
N SER F 319 39.37 62.82 -7.77
CA SER F 319 38.54 64.00 -7.53
C SER F 319 37.09 63.77 -7.15
N GLY F 320 36.71 64.27 -5.97
CA GLY F 320 35.33 64.23 -5.53
C GLY F 320 34.93 62.81 -5.26
N LEU F 321 35.93 61.96 -5.02
CA LEU F 321 35.72 60.53 -4.82
C LEU F 321 35.51 60.28 -3.33
N LYS F 322 34.25 60.25 -2.92
CA LYS F 322 33.93 60.16 -1.50
C LYS F 322 33.38 58.74 -1.14
N ILE F 323 33.85 58.16 -0.02
CA ILE F 323 33.37 56.86 0.49
C ILE F 323 32.15 56.95 1.44
N VAL F 324 31.26 55.95 1.41
CA VAL F 324 30.05 55.89 2.25
C VAL F 324 29.69 54.47 2.70
N TYR F 325 28.96 54.38 3.82
CA TYR F 325 28.64 53.10 4.47
C TYR F 325 27.12 52.92 4.70
N PRO F 326 26.41 52.42 3.69
CA PRO F 326 24.96 52.18 3.67
C PRO F 326 24.54 50.94 4.45
N TYR F 327 25.47 50.04 4.70
CA TYR F 327 25.14 48.79 5.34
C TYR F 327 26.34 48.36 6.15
N ASP F 328 26.15 48.35 7.47
CA ASP F 328 27.22 48.18 8.44
C ASP F 328 26.70 47.49 9.69
N THR F 329 27.05 46.23 9.89
CA THR F 329 26.62 45.54 11.11
C THR F 329 27.40 46.07 12.34
N THR F 330 28.46 46.86 12.09
CA THR F 330 29.41 47.30 13.12
C THR F 330 28.84 48.26 14.18
N PRO F 331 28.17 49.34 13.74
CA PRO F 331 27.71 50.22 14.82
C PRO F 331 26.71 49.48 15.73
N PHE F 332 25.89 48.60 15.13
CA PHE F 332 24.93 47.81 15.87
C PHE F 332 25.64 46.92 16.83
N VAL F 333 26.69 46.25 16.38
CA VAL F 333 27.44 45.36 17.30
C VAL F 333 28.20 46.07 18.47
N LYS F 334 28.91 47.15 18.18
CA LYS F 334 29.58 47.88 19.27
C LYS F 334 28.58 48.44 20.28
N ILE F 335 27.51 49.04 19.77
CA ILE F 335 26.58 49.65 20.69
C ILE F 335 25.78 48.55 21.40
N SER F 336 25.57 47.41 20.74
CA SER F 336 24.97 46.25 21.39
C SER F 336 25.75 45.91 22.64
N ILE F 337 27.05 45.73 22.44
CA ILE F 337 27.86 45.38 23.58
C ILE F 337 27.90 46.49 24.64
N HIS F 338 27.94 47.77 24.27
CA HIS F 338 27.90 48.78 25.32
C HIS F 338 26.61 48.79 26.15
N GLU F 339 25.46 48.50 25.54
CA GLU F 339 24.24 48.43 26.36
C GLU F 339 24.32 47.20 27.25
N VAL F 340 24.97 46.14 26.81
CA VAL F 340 25.18 45.03 27.74
C VAL F 340 26.20 45.34 28.88
N VAL F 341 27.19 46.16 28.59
CA VAL F 341 28.10 46.57 29.65
C VAL F 341 27.32 47.37 30.66
N LYS F 342 26.59 48.37 30.16
CA LYS F 342 25.75 49.21 31.01
C LYS F 342 24.86 48.36 31.89
N THR F 343 24.21 47.37 31.28
CA THR F 343 23.38 46.50 32.06
C THR F 343 24.22 45.83 33.14
N LEU F 344 25.26 45.12 32.72
CA LEU F 344 26.10 44.36 33.63
C LEU F 344 26.49 45.20 34.86
N VAL F 345 26.95 46.42 34.60
CA VAL F 345 27.39 47.36 35.63
C VAL F 345 26.26 47.73 36.58
N GLU F 346 25.10 48.00 35.99
CA GLU F 346 23.91 48.30 36.77
C GLU F 346 23.61 47.12 37.72
N ALA F 347 23.57 45.92 37.14
CA ALA F 347 23.38 44.69 37.89
C ALA F 347 24.32 44.58 39.11
N ILE F 348 25.60 44.81 38.87
CA ILE F 348 26.62 44.83 39.92
C ILE F 348 26.25 45.77 41.04
N ILE F 349 25.97 47.02 40.68
CA ILE F 349 25.68 48.02 41.72
C ILE F 349 24.44 47.62 42.52
N LEU F 350 23.37 47.24 41.82
CA LEU F 350 22.14 46.84 42.49
C LEU F 350 22.40 45.72 43.46
N VAL F 351 23.09 44.68 43.01
CA VAL F 351 23.41 43.59 43.91
C VAL F 351 24.11 44.14 45.17
N PHE F 352 25.08 45.03 44.97
CA PHE F 352 25.76 45.63 46.13
C PHE F 352 24.83 46.36 47.09
N LEU F 353 23.92 47.15 46.54
CA LEU F 353 22.97 47.89 47.33
C LEU F 353 22.03 46.99 48.10
N VAL F 354 21.60 45.89 47.48
CA VAL F 354 20.85 44.95 48.27
C VAL F 354 21.70 44.55 49.46
N MET F 355 22.98 44.33 49.24
CA MET F 355 23.79 43.80 50.36
C MET F 355 24.19 44.79 51.45
N TYR F 356 24.29 46.05 51.09
CA TYR F 356 24.49 47.08 52.08
C TYR F 356 23.18 47.30 52.82
N LEU F 357 22.06 47.26 52.11
CA LEU F 357 20.79 47.45 52.82
C LEU F 357 20.40 46.16 53.54
N PHE F 358 21.32 45.21 53.63
CA PHE F 358 21.07 44.05 54.47
C PHE F 358 22.19 43.74 55.46
N LEU F 359 23.33 44.41 55.29
CA LEU F 359 24.49 44.11 56.13
C LEU F 359 25.08 45.39 56.70
N GLN F 360 24.50 46.52 56.26
CA GLN F 360 24.84 47.92 56.64
C GLN F 360 26.24 48.27 57.19
N ASN F 361 27.21 47.39 57.00
CA ASN F 361 28.59 47.61 57.38
C ASN F 361 29.40 47.61 56.07
N PHE F 362 29.96 48.77 55.67
CA PHE F 362 30.56 48.93 54.33
C PHE F 362 31.60 47.82 54.02
N ARG F 363 32.40 47.53 55.03
CA ARG F 363 33.38 46.48 54.95
C ARG F 363 32.71 45.10 54.95
N ALA F 364 31.55 44.97 55.61
CA ALA F 364 30.83 43.71 55.59
C ALA F 364 30.29 43.41 54.22
N THR F 365 29.82 44.48 53.58
CA THR F 365 29.19 44.41 52.26
C THR F 365 30.22 44.18 51.16
N LEU F 366 31.44 44.70 51.32
CA LEU F 366 32.48 44.48 50.29
C LEU F 366 32.93 43.02 50.17
N ILE F 367 32.71 42.27 51.22
CA ILE F 367 33.22 40.92 51.26
C ILE F 367 32.55 40.15 50.10
N PRO F 368 31.21 40.20 50.01
CA PRO F 368 30.62 39.52 48.86
C PRO F 368 30.85 40.22 47.52
N THR F 369 31.11 41.51 47.55
CA THR F 369 31.37 42.31 46.34
C THR F 369 32.66 41.95 45.62
N ILE F 370 33.66 41.45 46.32
CA ILE F 370 34.90 41.11 45.65
C ILE F 370 34.64 39.77 44.98
N ALA F 371 33.61 39.09 45.48
CA ALA F 371 33.24 37.80 44.97
C ALA F 371 32.85 37.97 43.53
N VAL F 372 32.50 39.20 43.12
CA VAL F 372 31.97 39.44 41.75
C VAL F 372 33.01 39.55 40.60
N PRO F 373 34.04 40.44 40.69
CA PRO F 373 35.05 40.39 39.62
C PRO F 373 35.71 39.02 39.37
N VAL F 374 36.11 38.34 40.44
CA VAL F 374 36.85 37.09 40.30
C VAL F 374 36.01 36.06 39.54
N VAL F 375 34.73 36.05 39.82
CA VAL F 375 33.92 35.09 39.14
C VAL F 375 33.78 35.49 37.70
N LEU F 376 33.71 36.79 37.44
CA LEU F 376 33.58 37.25 36.07
C LEU F 376 34.90 37.08 35.31
N LEU F 377 35.91 37.86 35.69
CA LEU F 377 37.22 37.76 35.06
C LEU F 377 37.58 36.32 34.88
N GLY F 378 37.44 35.54 35.94
CA GLY F 378 37.75 34.15 35.83
C GLY F 378 36.90 33.53 34.75
N THR F 379 35.62 33.88 34.72
CA THR F 379 34.72 33.32 33.72
C THR F 379 35.22 33.65 32.30
N PHE F 380 35.69 34.89 32.10
CA PHE F 380 36.32 35.29 30.83
C PHE F 380 37.53 34.42 30.51
N ALA F 381 38.37 34.13 31.52
CA ALA F 381 39.57 33.35 31.25
C ALA F 381 39.09 31.94 30.92
N VAL F 382 37.98 31.54 31.53
CA VAL F 382 37.39 30.27 31.20
C VAL F 382 37.00 30.35 29.75
N LEU F 383 36.47 31.50 29.38
CA LEU F 383 35.98 31.74 28.04
C LEU F 383 37.06 31.75 26.98
N ALA F 384 38.15 32.50 27.26
CA ALA F 384 39.30 32.60 26.36
C ALA F 384 39.86 31.20 26.07
N ALA F 385 39.83 30.37 27.11
CA ALA F 385 40.34 29.03 27.06
C ALA F 385 39.47 28.14 26.17
N PHE F 386 38.17 28.42 26.15
CA PHE F 386 37.29 27.57 25.38
C PHE F 386 37.12 28.00 23.92
N GLY F 387 37.69 29.14 23.53
CA GLY F 387 37.76 29.45 22.11
C GLY F 387 36.60 30.16 21.45
N PHE F 388 35.62 30.57 22.26
CA PHE F 388 34.40 31.19 21.77
C PHE F 388 34.64 32.69 21.70
N SER F 389 33.62 33.49 21.37
CA SER F 389 33.87 34.92 21.30
C SER F 389 32.98 35.70 22.28
N ILE F 390 33.42 36.92 22.64
CA ILE F 390 32.63 37.88 23.45
C ILE F 390 31.58 38.53 22.62
N ASN F 391 30.38 38.00 22.66
CA ASN F 391 29.30 38.58 21.89
C ASN F 391 28.21 39.00 22.84
N THR F 392 27.04 39.30 22.31
CA THR F 392 25.95 39.73 23.17
C THR F 392 25.56 38.58 24.12
N LEU F 393 25.48 37.34 23.62
CA LEU F 393 25.01 36.16 24.39
C LEU F 393 25.80 35.92 25.69
N THR F 394 27.12 35.98 25.62
CA THR F 394 27.87 35.65 26.81
C THR F 394 27.72 36.74 27.82
N MET F 395 27.70 37.98 27.32
CA MET F 395 27.43 39.16 28.14
C MET F 395 26.13 39.03 28.90
N PHE F 396 25.14 38.51 28.20
CA PHE F 396 23.87 38.28 28.80
C PHE F 396 23.94 37.15 29.84
N GLY F 397 24.81 36.16 29.62
CA GLY F 397 24.99 35.11 30.61
C GLY F 397 25.57 35.60 31.90
N MET F 398 26.46 36.58 31.74
CA MET F 398 27.15 37.16 32.86
C MET F 398 26.18 38.02 33.64
N VAL F 399 25.46 38.91 32.94
CA VAL F 399 24.40 39.68 33.62
C VAL F 399 23.47 38.67 34.31
N LEU F 400 23.23 37.57 33.62
CA LEU F 400 22.38 36.53 34.15
C LEU F 400 22.93 35.97 35.46
N ALA F 401 24.24 35.94 35.60
CA ALA F 401 24.70 35.34 36.81
C ALA F 401 25.34 36.28 37.78
N ILE F 402 25.24 37.59 37.57
CA ILE F 402 25.73 38.50 38.61
C ILE F 402 24.92 38.27 39.87
N GLY F 403 23.65 37.90 39.69
CA GLY F 403 22.80 37.55 40.81
C GLY F 403 23.30 36.25 41.41
N LEU F 404 23.81 35.35 40.57
CA LEU F 404 24.23 34.00 40.97
C LEU F 404 25.57 33.79 41.70
N LEU F 405 26.62 34.48 41.30
CA LEU F 405 27.91 34.29 41.95
C LEU F 405 27.88 34.77 43.40
N VAL F 406 27.20 35.88 43.65
CA VAL F 406 27.04 36.41 45.01
C VAL F 406 26.35 35.46 46.02
N ASP F 407 25.42 34.62 45.56
CA ASP F 407 24.61 33.80 46.46
C ASP F 407 25.37 33.16 47.61
N ASP F 408 26.40 32.46 47.18
CA ASP F 408 27.33 31.74 48.01
C ASP F 408 27.98 32.67 49.00
N ALA F 409 28.60 33.70 48.44
CA ALA F 409 29.27 34.74 49.24
C ALA F 409 28.37 35.24 50.36
N ILE F 410 27.13 35.57 49.99
CA ILE F 410 26.06 36.07 50.90
C ILE F 410 25.69 35.06 52.02
N VAL F 411 25.39 33.81 51.66
CA VAL F 411 25.06 32.76 52.64
C VAL F 411 26.12 32.71 53.72
N VAL F 412 27.37 32.74 53.26
CA VAL F 412 28.45 32.71 54.22
C VAL F 412 28.36 33.91 55.12
N VAL F 413 28.42 35.11 54.53
CA VAL F 413 28.51 36.33 55.34
C VAL F 413 27.38 36.49 56.36
N GLU F 414 26.15 36.22 55.92
CA GLU F 414 24.99 36.28 56.79
C GLU F 414 25.10 35.22 57.90
N ASN F 415 25.31 33.96 57.54
CA ASN F 415 25.39 32.92 58.58
C ASN F 415 26.42 33.24 59.65
N VAL F 416 27.54 33.78 59.20
CA VAL F 416 28.55 34.29 60.12
C VAL F 416 28.04 35.43 61.04
N GLU F 417 27.49 36.51 60.47
CA GLU F 417 26.92 37.57 61.33
C GLU F 417 25.82 37.03 62.29
N ARG F 418 25.15 35.95 61.90
CA ARG F 418 24.15 35.31 62.75
C ARG F 418 24.87 34.66 63.92
N VAL F 419 25.96 33.96 63.64
CA VAL F 419 26.73 33.36 64.71
C VAL F 419 27.26 34.41 65.69
N MET F 420 27.66 35.59 65.21
CA MET F 420 28.08 36.64 66.18
C MET F 420 26.96 37.34 66.97
N ALA F 421 25.84 37.67 66.33
CA ALA F 421 24.73 38.34 67.04
C ALA F 421 23.99 37.32 67.93
N GLU F 422 24.31 36.05 67.73
CA GLU F 422 23.68 34.95 68.43
C GLU F 422 24.50 34.62 69.65
N GLU F 423 25.80 34.65 69.47
CA GLU F 423 26.71 34.13 70.48
C GLU F 423 27.72 35.17 70.92
N GLY F 424 27.91 36.21 70.13
CA GLY F 424 28.84 37.22 70.58
C GLY F 424 30.28 36.81 70.34
N LEU F 425 30.46 35.68 69.63
CA LEU F 425 31.78 35.18 69.26
C LEU F 425 32.56 36.22 68.49
N PRO F 426 33.90 36.18 68.58
CA PRO F 426 34.71 37.06 67.74
C PRO F 426 34.64 36.66 66.23
N PRO F 427 34.78 37.65 65.32
CA PRO F 427 34.67 37.39 63.88
C PRO F 427 35.46 36.15 63.37
N LYS F 428 36.74 35.96 63.68
CA LYS F 428 37.42 34.77 63.17
C LYS F 428 36.65 33.58 63.64
N GLU F 429 36.48 33.55 64.95
CA GLU F 429 35.96 32.41 65.62
C GLU F 429 34.57 32.16 65.10
N ALA F 430 33.89 33.24 64.76
CA ALA F 430 32.58 33.17 64.10
C ALA F 430 32.64 32.54 62.69
N THR F 431 33.67 32.89 61.90
CA THR F 431 33.80 32.39 60.52
C THR F 431 34.12 30.91 60.54
N ARG F 432 35.11 30.58 61.34
CA ARG F 432 35.57 29.24 61.46
C ARG F 432 34.40 28.40 61.91
N LYS F 433 33.68 28.93 62.89
CA LYS F 433 32.55 28.24 63.51
C LYS F 433 31.42 27.95 62.52
N SER F 434 31.05 28.97 61.77
CA SER F 434 29.91 28.96 60.85
C SER F 434 30.18 28.07 59.60
N MET F 435 31.45 27.98 59.25
CA MET F 435 31.85 27.27 58.04
C MET F 435 31.30 25.85 58.02
N GLY F 436 31.29 25.18 59.17
CA GLY F 436 30.81 23.82 59.20
C GLY F 436 29.42 23.54 58.70
N GLN F 437 28.46 24.35 59.14
CA GLN F 437 27.08 24.18 58.70
C GLN F 437 26.82 24.72 57.31
N ILE F 438 27.33 25.92 56.99
CA ILE F 438 26.96 26.44 55.66
C ILE F 438 27.68 25.71 54.50
N GLN F 439 28.69 24.89 54.85
CA GLN F 439 29.48 24.18 53.85
C GLN F 439 28.61 23.37 52.88
N GLY F 440 27.72 22.55 53.41
CA GLY F 440 26.86 21.75 52.56
C GLY F 440 26.02 22.61 51.64
N ALA F 441 25.53 23.72 52.19
CA ALA F 441 24.72 24.75 51.51
C ALA F 441 25.37 25.41 50.28
N LEU F 442 26.60 25.89 50.42
CA LEU F 442 27.31 26.51 49.29
C LEU F 442 27.47 25.52 48.08
N VAL F 443 27.81 24.25 48.40
CA VAL F 443 27.91 23.19 47.39
C VAL F 443 26.59 22.99 46.77
N GLY F 444 25.54 22.94 47.59
CA GLY F 444 24.19 22.90 47.05
C GLY F 444 23.78 23.95 46.02
N ILE F 445 23.99 25.25 46.30
CA ILE F 445 23.61 26.33 45.35
C ILE F 445 24.37 26.25 44.05
N ALA F 446 25.69 26.20 44.16
CA ALA F 446 26.52 26.11 42.94
C ALA F 446 26.42 24.76 42.17
N MET F 447 26.21 23.64 42.88
CA MET F 447 26.16 22.30 42.28
C MET F 447 24.81 21.98 41.72
N VAL F 448 23.78 22.70 42.19
CA VAL F 448 22.46 22.64 41.56
C VAL F 448 22.21 23.63 40.38
N LEU F 449 22.83 24.82 40.42
CA LEU F 449 22.65 25.81 39.33
C LEU F 449 23.45 25.52 38.06
N SER F 450 24.64 24.95 38.16
CA SER F 450 25.34 24.56 36.94
C SER F 450 24.84 23.20 36.36
N ALA F 451 24.10 22.41 37.15
CA ALA F 451 23.66 21.09 36.68
C ALA F 451 22.60 21.06 35.56
N VAL F 452 21.88 22.15 35.33
CA VAL F 452 20.88 22.17 34.25
C VAL F 452 21.44 22.82 33.04
N PHE F 453 22.55 23.51 33.22
CA PHE F 453 23.13 24.25 32.12
C PHE F 453 23.98 23.30 31.30
N VAL F 454 24.15 22.09 31.80
CA VAL F 454 24.89 21.15 31.00
C VAL F 454 23.98 20.51 29.93
N PRO F 455 22.78 19.99 30.30
CA PRO F 455 22.02 19.25 29.29
C PRO F 455 21.73 20.00 27.98
N MET F 456 21.63 21.32 28.10
CA MET F 456 21.33 22.21 26.98
C MET F 456 22.47 22.55 26.02
N ALA F 457 23.68 22.08 26.30
CA ALA F 457 24.77 22.40 25.41
C ALA F 457 24.96 21.28 24.38
N PHE F 458 24.28 20.17 24.58
CA PHE F 458 24.47 19.02 23.73
C PHE F 458 23.40 18.99 22.64
N PHE F 459 22.61 20.05 22.58
CA PHE F 459 21.51 20.15 21.61
C PHE F 459 21.90 20.61 20.19
N GLY F 460 20.98 20.46 19.25
CA GLY F 460 21.29 20.67 17.85
C GLY F 460 20.82 21.97 17.22
N GLY F 461 21.59 22.42 16.23
CA GLY F 461 21.36 23.65 15.50
C GLY F 461 21.89 24.91 16.16
N SER F 462 21.38 26.02 15.64
CA SER F 462 21.77 27.34 16.08
C SER F 462 21.25 27.66 17.49
N THR F 463 20.13 27.04 17.84
CA THR F 463 19.60 27.07 19.19
C THR F 463 20.55 26.45 20.24
N GLY F 464 21.10 25.28 19.93
CA GLY F 464 22.11 24.67 20.76
C GLY F 464 23.29 25.61 20.85
N ALA F 465 23.62 26.26 19.73
CA ALA F 465 24.70 27.22 19.75
C ALA F 465 24.46 28.37 20.75
N ILE F 466 23.29 28.99 20.65
CA ILE F 466 22.81 30.06 21.54
C ILE F 466 22.84 29.66 23.01
N TYR F 467 22.41 28.42 23.27
CA TYR F 467 22.34 27.84 24.61
C TYR F 467 23.76 27.79 25.16
N ARG F 468 24.71 27.40 24.32
CA ARG F 468 26.07 27.14 24.76
C ARG F 468 26.85 28.33 25.35
N GLN F 469 26.68 29.53 24.80
CA GLN F 469 27.30 30.76 25.36
C GLN F 469 26.92 30.99 26.86
N PHE F 470 25.62 30.86 27.17
CA PHE F 470 25.13 30.87 28.56
C PHE F 470 25.65 29.68 29.38
N SER F 471 25.55 28.46 28.81
CA SER F 471 25.99 27.23 29.48
C SER F 471 27.36 27.44 30.05
N ILE F 472 28.24 27.86 29.17
CA ILE F 472 29.60 27.99 29.56
C ILE F 472 29.73 29.14 30.54
N THR F 473 29.07 30.27 30.25
CA THR F 473 29.28 31.44 31.09
C THR F 473 28.86 31.16 32.54
N ILE F 474 27.64 30.66 32.73
CA ILE F 474 27.08 30.44 34.06
C ILE F 474 27.64 29.17 34.76
N VAL F 475 27.86 28.06 34.06
CA VAL F 475 28.50 26.90 34.71
C VAL F 475 29.88 27.28 35.26
N SER F 476 30.60 28.08 34.48
CA SER F 476 31.94 28.40 34.90
C SER F 476 31.81 29.36 36.06
N ALA F 477 30.96 30.37 35.93
CA ALA F 477 30.73 31.34 37.02
C ALA F 477 30.33 30.72 38.39
N MET F 478 29.45 29.73 38.39
CA MET F 478 29.04 29.07 39.61
C MET F 478 30.22 28.30 40.18
N ALA F 479 30.95 27.63 39.29
CA ALA F 479 32.16 26.94 39.75
C ALA F 479 33.03 27.92 40.53
N LEU F 480 33.39 29.03 39.89
CA LEU F 480 34.20 30.06 40.54
C LEU F 480 33.65 30.63 41.86
N SER F 481 32.33 30.81 41.94
CA SER F 481 31.65 31.35 43.14
C SER F 481 31.75 30.37 44.35
N VAL F 482 31.54 29.05 44.19
CA VAL F 482 31.81 28.14 45.34
C VAL F 482 33.26 28.17 45.72
N LEU F 483 34.06 28.30 44.66
CA LEU F 483 35.48 28.36 44.87
C LEU F 483 35.82 29.54 45.79
N VAL F 484 35.38 30.74 45.42
CA VAL F 484 35.63 31.99 46.17
C VAL F 484 34.96 32.08 47.56
N ALA F 485 33.69 31.71 47.66
CA ALA F 485 33.00 31.69 48.95
C ALA F 485 33.75 30.84 49.92
N LEU F 486 34.35 29.77 49.42
CA LEU F 486 35.05 28.87 50.32
C LEU F 486 36.45 29.36 50.51
N ILE F 487 36.95 30.20 49.62
CA ILE F 487 38.37 30.52 49.60
C ILE F 487 38.73 31.95 50.03
N LEU F 488 38.26 32.99 49.34
CA LEU F 488 38.65 34.36 49.73
C LEU F 488 37.80 34.87 50.89
N THR F 489 36.49 34.82 50.70
CA THR F 489 35.59 35.37 51.70
C THR F 489 35.78 34.84 53.14
N PRO F 490 35.94 33.52 53.36
CA PRO F 490 36.05 33.10 54.76
C PRO F 490 37.22 33.77 55.43
N ALA F 491 38.23 34.05 54.61
CA ALA F 491 39.41 34.79 55.05
C ALA F 491 39.11 36.25 55.40
N LEU F 492 38.34 36.93 54.56
CA LEU F 492 38.02 38.34 54.79
C LEU F 492 36.97 38.53 55.89
N CYS F 493 36.54 37.45 56.50
CA CYS F 493 35.44 37.46 57.43
C CYS F 493 36.10 37.47 58.78
N ALA F 494 37.23 36.76 58.84
CA ALA F 494 38.14 36.78 59.98
C ALA F 494 38.99 38.05 60.00
N THR F 495 38.96 38.85 58.93
CA THR F 495 39.92 39.95 58.82
C THR F 495 39.34 41.34 58.83
N MET F 496 38.21 41.56 58.18
CA MET F 496 37.72 42.94 58.12
C MET F 496 36.34 43.04 58.72
N LEU F 497 35.71 41.88 58.96
CA LEU F 497 34.37 41.91 59.52
C LEU F 497 34.40 42.41 60.97
N LYS F 498 33.56 43.40 61.20
CA LYS F 498 33.48 44.16 62.43
C LYS F 498 32.99 43.25 63.56
N PRO F 499 33.54 43.45 64.78
CA PRO F 499 33.11 42.55 65.85
C PRO F 499 31.69 42.83 66.34
N ILE F 500 30.90 41.78 66.53
CA ILE F 500 29.50 41.92 66.93
C ILE F 500 29.25 41.41 68.34
N ALA F 501 28.62 42.28 69.14
CA ALA F 501 28.25 41.96 70.51
C ALA F 501 27.06 41.00 70.54
N LYS F 502 27.07 40.08 71.50
CA LYS F 502 26.01 39.06 71.65
C LYS F 502 24.62 39.67 71.69
N GLY F 503 23.73 39.13 70.86
CA GLY F 503 22.37 39.63 70.78
C GLY F 503 22.28 41.06 70.27
N ASP F 504 23.03 41.38 69.22
CA ASP F 504 22.95 42.74 68.70
C ASP F 504 21.74 42.81 67.81
N HIS F 505 21.78 42.17 66.64
CA HIS F 505 20.64 42.22 65.74
C HIS F 505 20.38 43.67 65.36
N GLY F 506 21.27 44.55 65.79
CA GLY F 506 21.34 45.96 65.43
C GLY F 506 20.08 46.79 65.45
N GLU F 507 19.16 46.39 66.31
CA GLU F 507 17.91 47.09 66.51
C GLU F 507 18.11 48.53 67.04
N GLY F 508 19.37 48.88 67.29
CA GLY F 508 19.84 50.17 67.80
C GLY F 508 19.75 51.37 66.86
N LYS F 509 18.52 51.73 66.51
CA LYS F 509 18.21 52.76 65.50
C LYS F 509 16.69 53.01 65.31
N LYS F 510 16.25 54.24 65.58
CA LYS F 510 14.86 54.63 65.33
C LYS F 510 14.83 55.44 64.03
N GLY F 511 13.69 56.06 63.74
CA GLY F 511 13.59 56.93 62.58
C GLY F 511 13.72 56.35 61.17
N PHE F 512 14.86 55.74 60.81
CA PHE F 512 15.17 55.39 59.40
C PHE F 512 16.15 54.20 59.07
N PHE F 513 17.01 53.71 59.98
CA PHE F 513 17.99 52.69 59.53
C PHE F 513 17.92 51.40 60.30
N GLY F 514 17.13 51.38 61.36
CA GLY F 514 16.88 50.18 62.12
C GLY F 514 15.37 50.05 62.22
N TRP F 515 14.68 50.95 61.50
CA TRP F 515 13.28 50.73 61.15
C TRP F 515 13.28 49.50 60.30
N PHE F 516 14.37 49.30 59.56
CA PHE F 516 14.53 48.06 58.82
C PHE F 516 14.93 46.86 59.68
N ASN F 517 15.94 47.02 60.52
CA ASN F 517 16.42 45.87 61.29
C ASN F 517 15.36 45.28 62.19
N ARG F 518 14.74 46.16 62.95
CA ARG F 518 13.63 45.80 63.81
C ARG F 518 12.50 45.19 62.99
N MET F 519 12.01 45.93 62.02
CA MET F 519 10.89 45.49 61.19
C MET F 519 11.17 44.15 60.55
N PHE F 520 12.44 43.87 60.27
CA PHE F 520 12.72 42.66 59.56
C PHE F 520 12.68 41.55 60.51
N GLU F 521 13.30 41.80 61.66
CA GLU F 521 13.45 40.72 62.64
C GLU F 521 12.09 40.37 63.18
N LYS F 522 11.20 41.35 63.32
CA LYS F 522 9.83 41.06 63.71
C LYS F 522 9.14 40.21 62.66
N SER F 523 9.13 40.72 61.43
CA SER F 523 8.40 40.11 60.30
C SER F 523 8.94 38.73 59.99
N THR F 524 10.20 38.51 60.27
CA THR F 524 10.71 37.22 60.00
C THR F 524 10.02 36.31 61.03
N HIS F 525 9.73 36.84 62.23
CA HIS F 525 8.94 36.03 63.15
C HIS F 525 7.50 35.86 62.70
N HIS F 526 6.84 36.93 62.26
CA HIS F 526 5.52 36.78 61.69
C HIS F 526 5.58 35.61 60.71
N TYR F 527 6.62 35.60 59.88
CA TYR F 527 6.75 34.59 58.86
C TYR F 527 6.79 33.24 59.51
N THR F 528 7.55 33.12 60.58
CA THR F 528 7.74 31.77 61.10
C THR F 528 6.53 31.25 61.89
N ASP F 529 5.91 32.11 62.70
CA ASP F 529 4.62 31.78 63.31
C ASP F 529 3.69 31.32 62.20
N SER F 530 3.79 31.96 61.04
CA SER F 530 2.90 31.68 59.91
C SER F 530 3.19 30.33 59.25
N VAL F 531 4.44 30.08 58.87
CA VAL F 531 4.80 28.87 58.18
C VAL F 531 4.31 27.76 59.09
N GLY F 532 4.60 27.97 60.37
CA GLY F 532 4.21 27.06 61.44
C GLY F 532 2.71 26.87 61.51
N GLY F 533 1.98 27.93 61.22
CA GLY F 533 0.54 27.86 61.17
C GLY F 533 0.02 26.98 60.04
N ILE F 534 0.58 27.12 58.84
CA ILE F 534 0.02 26.40 57.70
C ILE F 534 0.44 24.94 57.80
N LEU F 535 1.50 24.67 58.56
CA LEU F 535 1.96 23.30 58.70
C LEU F 535 0.97 22.50 59.51
N ARG F 536 0.19 23.20 60.32
CA ARG F 536 -0.77 22.55 61.18
C ARG F 536 -1.93 22.10 60.33
N SER F 537 -2.05 22.65 59.14
CA SER F 537 -3.07 22.16 58.23
C SER F 537 -2.55 22.07 56.80
N THR F 538 -2.15 20.85 56.44
CA THR F 538 -1.51 20.62 55.16
C THR F 538 -2.40 20.50 53.93
N GLY F 539 -3.57 19.86 54.06
CA GLY F 539 -4.43 19.52 52.94
C GLY F 539 -4.63 20.53 51.82
N ARG F 540 -5.14 21.68 52.26
CA ARG F 540 -5.51 22.78 51.37
C ARG F 540 -4.37 23.16 50.42
N TYR F 541 -3.16 23.23 50.95
CA TYR F 541 -2.02 23.74 50.19
C TYR F 541 -1.57 22.77 49.15
N LEU F 542 -1.85 21.50 49.40
CA LEU F 542 -1.59 20.52 48.36
C LEU F 542 -2.58 20.74 47.25
N VAL F 543 -3.84 20.92 47.61
CA VAL F 543 -4.81 21.23 46.56
C VAL F 543 -4.40 22.48 45.77
N LEU F 544 -4.12 23.57 46.48
CA LEU F 544 -3.74 24.84 45.86
C LEU F 544 -2.56 24.64 44.93
N TYR F 545 -1.66 23.75 45.33
CA TYR F 545 -0.54 23.36 44.48
C TYR F 545 -1.08 22.81 43.17
N LEU F 546 -1.96 21.83 43.28
CA LEU F 546 -2.52 21.18 42.11
C LEU F 546 -3.06 22.26 41.15
N ILE F 547 -3.71 23.25 41.75
CA ILE F 547 -4.13 24.43 41.00
C ILE F 547 -2.99 25.16 40.30
N ILE F 548 -1.94 25.59 41.04
CA ILE F 548 -0.79 26.30 40.42
C ILE F 548 -0.15 25.52 39.27
N VAL F 549 -0.06 24.20 39.45
CA VAL F 549 0.44 23.35 38.41
C VAL F 549 -0.43 23.49 37.19
N VAL F 550 -1.74 23.34 37.40
CA VAL F 550 -2.70 23.44 36.30
C VAL F 550 -2.54 24.78 35.54
N GLY F 551 -2.58 25.87 36.32
CA GLY F 551 -2.43 27.21 35.81
C GLY F 551 -1.17 27.30 34.98
N MET F 552 -0.10 26.70 35.49
CA MET F 552 1.16 26.66 34.77
C MET F 552 0.96 26.01 33.40
N ALA F 553 0.27 24.89 33.36
CA ALA F 553 0.15 24.15 32.12
C ALA F 553 -0.55 24.96 31.03
N TYR F 554 -1.78 25.35 31.36
CA TYR F 554 -2.61 26.11 30.42
C TYR F 554 -1.79 27.30 29.94
N LEU F 555 -1.31 28.08 30.90
CA LEU F 555 -0.47 29.24 30.63
C LEU F 555 0.67 28.95 29.63
N PHE F 556 1.25 27.77 29.71
CA PHE F 556 2.37 27.42 28.84
C PHE F 556 1.90 27.24 27.43
N VAL F 557 0.87 26.42 27.28
CA VAL F 557 0.35 26.12 25.95
C VAL F 557 -0.19 27.34 25.21
N ARG F 558 -0.79 28.26 25.95
CA ARG F 558 -1.46 29.45 25.39
C ARG F 558 -0.45 30.56 25.14
N LEU F 559 0.81 30.16 25.16
CA LEU F 559 1.93 31.04 24.88
C LEU F 559 2.52 30.68 23.50
N PRO F 560 2.59 31.68 22.60
CA PRO F 560 3.11 31.58 21.21
C PRO F 560 4.55 31.13 21.15
N SER F 561 4.97 30.49 20.07
CA SER F 561 6.16 29.63 20.14
C SER F 561 7.29 30.06 19.21
N SER F 562 7.93 31.19 19.58
CA SER F 562 8.96 31.87 18.78
C SER F 562 10.36 31.31 18.70
N PHE F 563 11.24 32.11 18.12
CA PHE F 563 12.60 31.70 18.05
C PHE F 563 13.61 32.71 18.46
N LEU F 564 13.51 33.91 17.93
CA LEU F 564 14.48 34.91 18.32
C LEU F 564 13.89 36.20 17.88
N PRO F 565 13.98 37.22 18.75
CA PRO F 565 13.35 38.50 18.44
C PRO F 565 13.94 39.21 17.22
N ASP F 566 13.05 39.75 16.39
CA ASP F 566 13.42 40.48 15.19
C ASP F 566 13.92 41.87 15.64
N GLU F 567 15.17 42.18 15.29
CA GLU F 567 15.87 43.29 15.90
C GLU F 567 16.08 44.49 14.99
N ASP F 568 15.83 45.69 15.52
CA ASP F 568 16.16 46.95 14.86
C ASP F 568 17.68 47.14 14.85
N GLN F 569 18.30 46.94 13.68
CA GLN F 569 19.76 47.03 13.55
C GLN F 569 20.31 48.36 12.96
N GLY F 570 19.46 49.36 12.70
CA GLY F 570 19.94 50.66 12.23
C GLY F 570 19.98 50.69 10.72
N VAL F 571 19.32 49.67 10.19
CA VAL F 571 19.48 49.19 8.84
C VAL F 571 18.28 48.36 8.44
N PHE F 572 17.57 48.73 7.39
CA PHE F 572 16.57 47.81 6.86
C PHE F 572 16.47 47.96 5.36
N MET F 573 15.74 47.07 4.70
CA MET F 573 15.72 47.16 3.24
C MET F 573 14.36 46.97 2.62
N THR F 574 14.22 47.49 1.42
CA THR F 574 12.97 47.35 0.72
C THR F 574 13.27 46.93 -0.68
N MET F 575 12.51 45.97 -1.13
CA MET F 575 12.78 45.33 -2.39
C MET F 575 11.64 45.59 -3.35
N VAL F 576 11.99 45.67 -4.64
CA VAL F 576 11.04 46.00 -5.68
C VAL F 576 11.02 44.90 -6.72
N GLN F 577 9.85 44.36 -7.04
CA GLN F 577 9.77 43.41 -8.13
C GLN F 577 8.70 43.83 -9.13
N LEU F 578 9.13 44.01 -10.37
CA LEU F 578 8.27 44.45 -11.49
C LEU F 578 7.55 43.27 -12.16
N PRO F 579 6.46 43.57 -12.87
CA PRO F 579 5.74 42.49 -13.58
C PRO F 579 6.63 41.84 -14.64
N ALA F 580 6.15 40.72 -15.18
CA ALA F 580 6.92 39.91 -16.13
C ALA F 580 7.45 40.65 -17.36
N GLY F 581 8.76 40.51 -17.60
CA GLY F 581 9.37 41.01 -18.81
C GLY F 581 9.65 42.51 -18.93
N ALA F 582 9.34 43.27 -17.88
CA ALA F 582 9.52 44.74 -17.89
C ALA F 582 10.99 45.15 -17.99
N THR F 583 11.25 46.45 -18.09
CA THR F 583 12.62 46.86 -18.41
C THR F 583 13.29 47.61 -17.33
N GLN F 584 14.60 47.66 -17.49
CA GLN F 584 15.50 48.44 -16.69
C GLN F 584 14.94 49.84 -16.39
N GLU F 585 14.20 50.39 -17.35
CA GLU F 585 13.66 51.75 -17.22
C GLU F 585 12.50 51.89 -16.25
N ARG F 586 11.59 50.93 -16.30
CA ARG F 586 10.43 50.93 -15.43
C ARG F 586 10.83 50.72 -13.94
N THR F 587 11.58 49.64 -13.70
CA THR F 587 12.09 49.33 -12.38
C THR F 587 12.92 50.48 -11.84
N GLN F 588 13.85 51.00 -12.64
CA GLN F 588 14.64 52.15 -12.19
C GLN F 588 13.80 53.34 -11.75
N LYS F 589 12.67 53.53 -12.45
CA LYS F 589 11.75 54.56 -12.01
C LYS F 589 11.31 54.26 -10.59
N VAL F 590 10.82 53.04 -10.37
CA VAL F 590 10.31 52.71 -9.03
C VAL F 590 11.37 52.91 -7.92
N LEU F 591 12.60 52.47 -8.18
CA LEU F 591 13.67 52.63 -7.20
C LEU F 591 13.92 54.08 -6.86
N ASN F 592 13.91 54.94 -7.87
CA ASN F 592 13.97 56.37 -7.59
C ASN F 592 12.84 56.85 -6.68
N GLU F 593 11.63 56.35 -6.93
CA GLU F 593 10.46 56.71 -6.11
C GLU F 593 10.61 56.34 -4.64
N VAL F 594 10.96 55.07 -4.41
CA VAL F 594 11.28 54.56 -3.07
C VAL F 594 12.35 55.41 -2.39
N THR F 595 13.44 55.68 -3.09
CA THR F 595 14.50 56.52 -2.57
C THR F 595 13.96 57.85 -2.11
N HIS F 596 13.10 58.46 -2.92
CA HIS F 596 12.49 59.74 -2.51
C HIS F 596 11.59 59.68 -1.27
N TYR F 597 10.64 58.74 -1.26
CA TYR F 597 9.80 58.51 -0.09
C TYR F 597 10.64 58.43 1.17
N TYR F 598 11.71 57.62 1.15
CA TYR F 598 12.55 57.51 2.34
C TYR F 598 13.22 58.79 2.72
N LEU F 599 13.99 59.34 1.79
CA LEU F 599 14.86 60.45 2.11
C LEU F 599 14.06 61.72 2.37
N THR F 600 12.75 61.64 2.13
CA THR F 600 11.92 62.81 2.32
C THR F 600 10.87 62.60 3.39
N LYS F 601 9.87 61.80 3.06
CA LYS F 601 8.70 61.55 3.91
C LYS F 601 9.08 60.73 5.14
N GLU F 602 10.39 60.62 5.36
CA GLU F 602 10.96 59.91 6.48
C GLU F 602 12.28 60.63 6.76
N LYS F 603 12.25 61.95 6.76
CA LYS F 603 13.48 62.74 6.82
C LYS F 603 14.23 62.74 8.15
N ASN F 604 13.50 62.56 9.25
CA ASN F 604 14.13 62.43 10.56
C ASN F 604 14.85 61.10 10.72
N ASN F 605 14.36 60.09 9.99
CA ASN F 605 14.83 58.73 10.17
C ASN F 605 15.93 58.32 9.18
N VAL F 606 15.61 58.40 7.90
CA VAL F 606 16.53 57.92 6.86
C VAL F 606 17.81 58.75 6.83
N GLU F 607 18.90 58.07 6.51
CA GLU F 607 20.21 58.67 6.33
C GLU F 607 20.75 58.38 4.94
N SER F 608 20.40 57.20 4.40
CA SER F 608 20.95 56.77 3.11
C SER F 608 20.09 55.71 2.38
N VAL F 609 19.80 55.95 1.11
CA VAL F 609 19.27 54.86 0.32
C VAL F 609 20.29 54.41 -0.75
N PHE F 610 20.50 53.10 -0.82
CA PHE F 610 21.35 52.48 -1.81
C PHE F 610 20.42 51.69 -2.70
N ALA F 611 19.94 52.33 -3.75
CA ALA F 611 19.10 51.65 -4.71
C ALA F 611 19.97 50.81 -5.60
N VAL F 612 19.57 49.57 -5.79
CA VAL F 612 20.22 48.69 -6.73
C VAL F 612 19.22 48.15 -7.74
N ASN F 613 19.44 48.50 -9.00
CA ASN F 613 18.61 47.98 -10.08
C ASN F 613 19.25 46.76 -10.75
N GLY F 614 18.45 45.70 -10.87
CA GLY F 614 18.81 44.46 -11.53
C GLY F 614 18.89 43.27 -10.60
N ALA F 615 19.47 43.48 -9.42
CA ALA F 615 19.52 42.41 -8.44
C ALA F 615 18.36 42.58 -7.50
N GLY F 616 17.65 41.49 -7.29
CA GLY F 616 16.58 41.47 -6.34
C GLY F 616 16.72 40.19 -5.55
N ALA F 617 15.88 40.02 -4.54
CA ALA F 617 15.88 38.75 -3.84
C ALA F 617 15.32 37.69 -4.76
N ALA F 618 14.38 38.09 -5.62
CA ALA F 618 13.68 37.16 -6.49
C ALA F 618 14.60 36.35 -7.40
N GLY F 619 15.60 37.01 -7.97
CA GLY F 619 16.56 36.39 -8.86
C GLY F 619 17.18 37.48 -9.71
N ALA F 620 17.82 37.11 -10.81
CA ALA F 620 18.38 38.15 -11.66
C ALA F 620 17.38 38.49 -12.74
N GLY F 621 17.44 39.71 -13.24
CA GLY F 621 16.53 40.21 -14.25
C GLY F 621 16.20 41.69 -14.05
N GLN F 622 16.03 42.38 -15.17
CA GLN F 622 15.79 43.82 -15.16
C GLN F 622 14.63 44.24 -14.25
N ASN F 623 13.55 43.46 -14.23
CA ASN F 623 12.40 43.74 -13.36
C ASN F 623 12.78 43.87 -11.87
N THR F 624 13.72 43.08 -11.39
CA THR F 624 13.95 43.03 -9.95
C THR F 624 14.85 44.19 -9.54
N GLY F 625 14.68 44.65 -8.31
CA GLY F 625 15.44 45.78 -7.79
C GLY F 625 15.50 45.67 -6.29
N ILE F 626 16.48 46.32 -5.67
CA ILE F 626 16.72 46.17 -4.24
C ILE F 626 17.24 47.47 -3.65
N ALA F 627 16.80 47.79 -2.44
CA ALA F 627 17.21 49.05 -1.82
C ALA F 627 17.67 48.84 -0.39
N PHE F 628 18.92 49.18 -0.11
CA PHE F 628 19.44 49.18 1.25
C PHE F 628 19.15 50.53 1.86
N VAL F 629 18.37 50.55 2.93
CA VAL F 629 18.08 51.84 3.58
C VAL F 629 18.77 51.91 4.94
N SER F 630 19.67 52.87 5.04
CA SER F 630 20.34 53.13 6.29
C SER F 630 19.60 54.23 7.08
N LEU F 631 19.38 53.96 8.36
CA LEU F 631 18.76 54.90 9.28
C LEU F 631 19.79 55.60 10.14
N LYS F 632 19.39 56.71 10.73
CA LYS F 632 20.21 57.48 11.65
C LYS F 632 20.52 56.69 12.93
N ASP F 633 21.27 57.33 13.82
CA ASP F 633 21.68 56.68 15.05
C ASP F 633 20.54 56.84 16.03
N TRP F 634 20.28 55.77 16.77
CA TRP F 634 19.13 55.58 17.65
C TRP F 634 18.95 56.70 18.68
N ALA F 635 20.00 57.45 18.96
CA ALA F 635 19.90 58.56 19.91
C ALA F 635 19.14 59.77 19.35
N ASP F 636 18.60 59.64 18.15
CA ASP F 636 17.74 60.65 17.52
C ASP F 636 16.43 60.07 16.97
N ARG F 637 16.19 58.81 17.28
CA ARG F 637 14.97 58.12 16.89
C ARG F 637 14.21 57.71 18.15
N PRO F 638 13.43 58.63 18.73
CA PRO F 638 12.74 58.37 19.99
C PRO F 638 11.63 57.31 19.94
N GLY F 639 10.55 57.65 19.24
CA GLY F 639 9.27 56.97 19.36
C GLY F 639 9.13 55.51 19.02
N GLU F 640 7.90 55.03 19.09
CA GLU F 640 7.61 53.66 18.72
C GLU F 640 7.46 53.69 17.20
N GLU F 641 7.04 54.84 16.69
CA GLU F 641 6.88 55.04 15.24
C GLU F 641 8.15 55.59 14.55
N ASN F 642 9.22 55.83 15.31
CA ASN F 642 10.53 56.12 14.75
C ASN F 642 11.49 54.91 14.74
N LYS F 643 10.92 53.73 14.93
CA LYS F 643 11.70 52.49 14.93
C LYS F 643 11.24 51.57 13.80
N VAL F 644 12.23 50.95 13.15
CA VAL F 644 12.07 49.96 12.08
C VAL F 644 10.73 49.20 11.98
N GLU F 645 10.12 48.89 13.12
CA GLU F 645 8.81 48.25 13.10
C GLU F 645 7.85 49.07 12.24
N ALA F 646 7.56 50.26 12.74
CA ALA F 646 6.60 51.17 12.14
C ALA F 646 7.13 51.84 10.87
N ILE F 647 8.44 52.00 10.76
CA ILE F 647 9.00 52.53 9.53
C ILE F 647 8.71 51.56 8.40
N THR F 648 9.06 50.30 8.58
CA THR F 648 8.81 49.30 7.54
C THR F 648 7.33 49.09 7.28
N MET F 649 6.55 49.09 8.34
CA MET F 649 5.12 48.90 8.18
C MET F 649 4.56 50.07 7.39
N ARG F 650 5.07 51.27 7.61
CA ARG F 650 4.54 52.42 6.89
C ARG F 650 5.11 52.56 5.48
N ALA F 651 6.27 52.00 5.23
CA ALA F 651 6.82 51.98 3.87
C ALA F 651 6.01 51.03 3.02
N THR F 652 5.68 49.86 3.58
CA THR F 652 4.76 48.93 2.91
C THR F 652 3.34 49.52 2.85
N ARG F 653 3.01 50.34 3.83
CA ARG F 653 1.72 51.02 3.86
C ARG F 653 1.59 51.91 2.62
N ALA F 654 2.58 52.80 2.44
CA ALA F 654 2.65 53.68 1.29
C ALA F 654 2.63 52.85 0.01
N PHE F 655 3.53 51.88 -0.05
CA PHE F 655 3.81 51.20 -1.30
C PHE F 655 2.82 50.10 -1.66
N SER F 656 1.78 49.92 -0.85
CA SER F 656 0.83 48.84 -1.12
C SER F 656 -0.10 49.14 -2.30
N GLN F 657 -1.05 50.04 -2.06
CA GLN F 657 -2.13 50.30 -3.00
C GLN F 657 -1.63 51.31 -4.02
N ILE F 658 -0.46 51.87 -3.74
CA ILE F 658 0.00 53.03 -4.47
C ILE F 658 1.12 52.65 -5.46
N LYS F 659 1.08 51.41 -5.95
CA LYS F 659 1.96 51.07 -7.06
C LYS F 659 1.33 50.05 -8.06
N ASP F 660 1.94 49.94 -9.24
CA ASP F 660 1.54 48.98 -10.29
C ASP F 660 2.41 47.71 -10.23
N ALA F 661 3.40 47.77 -9.36
CA ALA F 661 4.34 46.67 -9.14
C ALA F 661 4.56 46.40 -7.65
N MET F 662 4.97 45.17 -7.32
CA MET F 662 5.03 44.76 -5.94
C MET F 662 6.29 45.28 -5.31
N VAL F 663 6.12 46.13 -4.31
CA VAL F 663 7.24 46.73 -3.62
C VAL F 663 7.09 46.56 -2.12
N PHE F 664 7.90 45.69 -1.53
CA PHE F 664 7.77 45.39 -0.10
C PHE F 664 8.92 45.95 0.73
N ALA F 665 8.62 46.34 1.96
CA ALA F 665 9.64 46.82 2.88
C ALA F 665 9.76 45.86 4.03
N PHE F 666 10.96 45.58 4.50
CA PHE F 666 11.11 44.74 5.69
C PHE F 666 12.41 45.01 6.45
N ASN F 667 12.45 44.47 7.67
CA ASN F 667 13.63 44.43 8.52
C ASN F 667 14.26 43.06 8.53
N LEU F 668 15.57 43.02 8.59
CA LEU F 668 16.28 41.77 8.58
C LEU F 668 16.13 41.03 9.92
N PRO F 669 16.20 39.69 9.87
CA PRO F 669 16.11 38.86 11.06
C PRO F 669 17.33 39.03 11.96
N ALA F 670 17.35 38.35 13.11
CA ALA F 670 18.49 38.48 14.01
C ALA F 670 19.70 37.77 13.41
N ILE F 671 19.56 36.48 13.07
CA ILE F 671 20.67 35.80 12.38
C ILE F 671 20.77 36.41 10.99
N VAL F 672 21.77 37.24 10.78
CA VAL F 672 21.86 37.98 9.51
C VAL F 672 22.26 37.07 8.34
N GLU F 673 22.54 35.79 8.57
CA GLU F 673 22.82 34.91 7.45
C GLU F 673 22.05 33.60 7.45
N LEU F 674 20.88 33.59 8.06
CA LEU F 674 20.10 32.36 8.03
C LEU F 674 18.71 32.68 7.55
N GLY F 675 18.63 33.39 6.44
CA GLY F 675 17.36 33.78 5.87
C GLY F 675 17.41 35.26 5.50
N THR F 676 16.71 35.62 4.44
CA THR F 676 16.65 37.01 3.98
C THR F 676 15.67 37.93 4.78
N ALA F 677 14.54 37.38 5.25
CA ALA F 677 13.50 38.19 5.90
C ALA F 677 13.25 37.95 7.39
N THR F 678 12.35 38.77 7.93
CA THR F 678 11.90 38.70 9.32
C THR F 678 10.84 37.60 9.51
N GLY F 679 10.95 36.82 10.59
CA GLY F 679 9.97 35.77 10.88
C GLY F 679 10.25 34.40 10.30
N PHE F 680 9.61 34.09 9.16
CA PHE F 680 9.67 32.75 8.57
C PHE F 680 9.88 32.79 7.06
N ASP F 681 10.23 31.64 6.46
CA ASP F 681 10.40 31.57 5.00
C ASP F 681 10.07 30.13 4.60
N PHE F 682 8.83 30.00 4.14
CA PHE F 682 8.11 28.75 3.92
C PHE F 682 8.48 28.17 2.55
N GLU F 683 8.61 26.84 2.49
CA GLU F 683 9.10 26.19 1.29
C GLU F 683 8.00 25.33 0.69
N LEU F 684 7.54 25.66 -0.50
CA LEU F 684 6.53 24.84 -1.17
C LEU F 684 7.15 23.82 -2.13
N ILE F 685 6.83 22.54 -2.00
CA ILE F 685 7.57 21.51 -2.77
C ILE F 685 6.68 20.53 -3.55
N ASP F 686 7.21 20.06 -4.67
CA ASP F 686 6.62 19.01 -5.49
C ASP F 686 7.23 17.64 -5.20
N GLN F 687 6.38 16.65 -4.91
CA GLN F 687 6.85 15.29 -4.61
C GLN F 687 6.72 14.28 -5.77
N ALA F 688 5.49 13.88 -6.10
CA ALA F 688 5.30 12.84 -7.12
C ALA F 688 5.14 13.36 -8.54
N GLY F 689 6.04 14.27 -8.93
CA GLY F 689 6.03 14.86 -10.26
C GLY F 689 4.69 15.34 -10.76
N LEU F 690 4.21 16.49 -10.27
CA LEU F 690 2.92 17.07 -10.70
C LEU F 690 3.09 18.46 -11.39
N GLY F 691 3.85 18.51 -12.48
CA GLY F 691 4.36 19.69 -13.18
C GLY F 691 4.11 21.15 -12.81
N HIS F 692 5.02 22.01 -13.29
CA HIS F 692 5.11 23.41 -12.87
C HIS F 692 3.82 24.18 -12.84
N GLU F 693 2.98 23.95 -13.85
CA GLU F 693 1.72 24.65 -13.97
C GLU F 693 0.83 24.41 -12.74
N LYS F 694 0.61 23.14 -12.45
CA LYS F 694 -0.30 22.66 -11.42
C LYS F 694 0.21 23.13 -10.06
N LEU F 695 1.53 23.19 -9.96
CA LEU F 695 2.23 23.68 -8.78
C LEU F 695 1.95 25.16 -8.62
N THR F 696 2.13 25.93 -9.69
CA THR F 696 1.87 27.38 -9.68
C THR F 696 0.44 27.70 -9.25
N GLN F 697 -0.52 26.93 -9.78
CA GLN F 697 -1.94 27.09 -9.45
C GLN F 697 -2.23 26.68 -7.98
N ALA F 698 -1.64 25.57 -7.54
CA ALA F 698 -1.73 25.19 -6.13
C ALA F 698 -1.10 26.28 -5.23
N ARG F 699 -0.06 26.95 -5.73
CA ARG F 699 0.64 28.03 -4.97
C ARG F 699 -0.18 29.31 -4.82
N ASN F 700 -0.79 29.78 -5.89
CA ASN F 700 -1.72 30.92 -5.78
C ASN F 700 -2.91 30.49 -4.91
N GLN F 701 -3.26 29.22 -4.98
CA GLN F 701 -4.26 28.64 -4.09
C GLN F 701 -3.82 28.97 -2.64
N LEU F 702 -2.57 28.64 -2.31
CA LEU F 702 -2.03 28.95 -0.97
C LEU F 702 -1.82 30.43 -0.63
N LEU F 703 -1.47 31.24 -1.63
CA LEU F 703 -1.18 32.66 -1.44
C LEU F 703 -2.43 33.48 -1.21
N ALA F 704 -3.46 33.20 -1.98
CA ALA F 704 -4.75 33.84 -1.79
C ALA F 704 -5.43 33.32 -0.53
N GLU F 705 -5.33 32.00 -0.30
CA GLU F 705 -5.93 31.45 0.91
C GLU F 705 -5.18 31.92 2.15
N ALA F 706 -3.94 32.40 1.96
CA ALA F 706 -3.16 32.98 3.06
C ALA F 706 -3.33 34.51 3.20
N ALA F 707 -3.87 35.15 2.17
CA ALA F 707 -4.17 36.59 2.24
C ALA F 707 -5.47 36.84 3.00
N LYS F 708 -6.18 35.76 3.32
CA LYS F 708 -7.49 35.82 3.96
C LYS F 708 -7.43 36.12 5.47
N HIS F 709 -6.24 36.19 6.03
CA HIS F 709 -6.06 36.52 7.44
C HIS F 709 -5.14 37.71 7.62
N PRO F 710 -5.69 38.93 7.57
CA PRO F 710 -4.88 40.14 7.73
C PRO F 710 -4.52 40.47 9.19
N ASP F 711 -5.04 39.69 10.14
CA ASP F 711 -4.80 39.91 11.56
C ASP F 711 -3.66 39.02 12.10
N MET F 712 -3.16 38.11 11.28
CA MET F 712 -2.11 37.19 11.69
C MET F 712 -0.88 37.33 10.80
N LEU F 713 -1.10 37.31 9.49
CA LEU F 713 -0.02 37.40 8.50
C LEU F 713 0.05 38.80 7.84
N THR F 714 1.25 39.20 7.42
CA THR F 714 1.50 40.49 6.77
C THR F 714 2.68 40.40 5.80
N SER F 715 2.51 40.88 4.57
CA SER F 715 3.53 40.83 3.52
C SER F 715 3.95 39.41 3.13
N VAL F 716 2.97 38.53 2.88
CA VAL F 716 3.24 37.19 2.34
C VAL F 716 3.38 37.29 0.81
N ARG F 717 4.58 37.07 0.29
CA ARG F 717 4.81 37.18 -1.15
C ARG F 717 5.46 35.90 -1.67
N PRO F 718 5.39 35.65 -2.99
CA PRO F 718 6.22 34.54 -3.45
C PRO F 718 7.62 35.06 -3.70
N ASN F 719 8.63 34.23 -3.46
CA ASN F 719 10.01 34.66 -3.70
C ASN F 719 10.56 33.90 -4.93
N GLY F 720 10.18 34.38 -6.12
CA GLY F 720 10.63 33.80 -7.37
C GLY F 720 10.06 34.47 -8.61
N LEU F 721 10.28 33.84 -9.78
CA LEU F 721 9.80 34.36 -11.06
C LEU F 721 8.82 33.44 -11.82
N GLU F 722 7.68 34.01 -12.20
CA GLU F 722 6.68 33.28 -12.97
C GLU F 722 7.13 33.20 -14.42
N ASP F 723 6.58 32.25 -15.17
CA ASP F 723 6.89 32.10 -16.59
C ASP F 723 6.74 33.41 -17.41
N THR F 724 7.79 33.78 -18.15
CA THR F 724 7.74 34.93 -19.07
C THR F 724 7.71 34.44 -20.54
N PRO F 725 7.30 35.33 -21.45
CA PRO F 725 7.28 35.00 -22.88
C PRO F 725 8.64 35.13 -23.57
N GLN F 726 8.93 34.17 -24.47
CA GLN F 726 10.17 34.13 -25.24
C GLN F 726 9.94 34.38 -26.75
N PHE F 727 11.03 34.50 -27.50
CA PHE F 727 10.98 34.78 -28.94
C PHE F 727 11.84 33.78 -29.73
N LYS F 728 11.22 32.74 -30.27
CA LYS F 728 11.94 31.69 -30.97
C LYS F 728 12.24 32.04 -32.43
N ILE F 729 13.51 31.94 -32.79
CA ILE F 729 14.00 32.16 -34.15
C ILE F 729 14.43 30.85 -34.83
N ASP F 730 13.48 30.20 -35.52
CA ASP F 730 13.77 28.96 -36.23
C ASP F 730 14.48 29.24 -37.55
N ILE F 731 15.76 28.88 -37.65
CA ILE F 731 16.47 28.97 -38.91
C ILE F 731 16.28 27.67 -39.71
N ASP F 732 15.73 27.77 -40.92
CA ASP F 732 15.57 26.62 -41.81
C ASP F 732 16.88 26.35 -42.55
N GLN F 733 17.66 25.42 -42.03
CA GLN F 733 18.99 25.09 -42.53
C GLN F 733 19.04 24.96 -44.05
N GLU F 734 17.93 24.55 -44.65
CA GLU F 734 17.83 24.37 -46.09
C GLU F 734 18.07 25.69 -46.80
N LYS F 735 17.39 26.72 -46.35
CA LYS F 735 17.44 28.02 -46.99
C LYS F 735 18.84 28.64 -46.96
N ALA F 736 19.58 28.40 -45.88
CA ALA F 736 20.93 28.94 -45.71
C ALA F 736 21.96 28.02 -46.35
N GLN F 737 21.60 26.74 -46.53
CA GLN F 737 22.36 25.78 -47.34
C GLN F 737 22.30 26.20 -48.80
N ALA F 738 21.18 26.84 -49.15
CA ALA F 738 20.97 27.37 -50.49
C ALA F 738 21.73 28.68 -50.73
N LEU F 739 21.43 29.72 -49.95
CA LEU F 739 21.96 31.06 -50.22
C LEU F 739 23.50 31.15 -50.12
N GLY F 740 24.13 30.08 -49.64
CA GLY F 740 25.58 29.99 -49.65
C GLY F 740 26.24 30.59 -48.43
N VAL F 741 25.45 30.73 -47.36
CA VAL F 741 25.95 31.15 -46.06
C VAL F 741 26.28 29.92 -45.20
N SER F 742 27.23 30.09 -44.28
CA SER F 742 27.61 29.04 -43.32
C SER F 742 26.80 29.21 -42.03
N ILE F 743 26.18 28.12 -41.59
CA ILE F 743 25.24 28.16 -40.46
C ILE F 743 25.92 28.61 -39.18
N ASN F 744 27.18 28.18 -39.02
CA ASN F 744 28.00 28.62 -37.92
C ASN F 744 27.93 30.13 -37.85
N ASP F 745 28.25 30.76 -38.97
CA ASP F 745 28.36 32.20 -39.03
C ASP F 745 27.03 32.98 -38.86
N ILE F 746 25.91 32.38 -39.23
CA ILE F 746 24.58 33.00 -38.99
C ILE F 746 24.18 32.93 -37.52
N ASN F 747 24.29 31.73 -36.91
CA ASN F 747 24.08 31.59 -35.44
C ASN F 747 24.97 32.58 -34.71
N THR F 748 26.29 32.47 -34.91
CA THR F 748 27.24 33.34 -34.21
C THR F 748 27.20 34.88 -34.58
N THR F 749 26.63 35.29 -35.70
CA THR F 749 26.47 36.74 -35.91
C THR F 749 25.23 37.19 -35.12
N LEU F 750 24.17 36.37 -35.15
CA LEU F 750 22.98 36.64 -34.35
C LEU F 750 23.39 36.80 -32.89
N GLY F 751 24.27 35.90 -32.47
CA GLY F 751 24.95 36.00 -31.20
C GLY F 751 25.59 37.37 -31.05
N ALA F 752 26.84 37.52 -31.53
CA ALA F 752 27.67 38.70 -31.24
C ALA F 752 26.92 40.01 -31.39
N ALA F 753 25.84 39.98 -32.15
CA ALA F 753 24.95 41.12 -32.24
C ALA F 753 24.10 41.24 -30.97
N TRP F 754 23.30 40.21 -30.70
CA TRP F 754 22.28 40.34 -29.66
C TRP F 754 22.72 39.80 -28.27
N GLY F 755 23.63 38.83 -28.28
CA GLY F 755 24.20 38.36 -27.05
C GLY F 755 25.60 38.91 -26.82
N GLY F 756 26.44 38.88 -27.85
CA GLY F 756 27.80 39.40 -27.72
C GLY F 756 28.88 38.34 -27.78
N SER F 757 30.13 38.78 -27.90
CA SER F 757 31.23 37.83 -27.88
C SER F 757 32.43 38.41 -27.13
N TYR F 758 32.77 37.77 -26.01
CA TYR F 758 34.05 37.99 -25.37
C TYR F 758 35.03 37.31 -26.33
N VAL F 759 35.99 38.07 -26.87
CA VAL F 759 36.93 37.52 -27.84
C VAL F 759 38.35 37.44 -27.29
N ASN F 760 38.98 38.56 -26.87
CA ASN F 760 40.36 38.51 -26.30
C ASN F 760 40.63 39.65 -25.29
N ASP F 761 41.85 39.70 -24.76
CA ASP F 761 42.29 40.63 -23.66
C ASP F 761 43.18 41.81 -24.09
N PHE F 762 43.09 42.92 -23.37
CA PHE F 762 44.12 43.96 -23.51
C PHE F 762 44.76 44.42 -22.18
N ILE F 763 45.53 45.51 -22.23
CA ILE F 763 46.32 46.01 -21.09
C ILE F 763 45.94 47.45 -20.75
N ASP F 764 45.06 47.64 -19.78
CA ASP F 764 44.59 48.98 -19.48
C ASP F 764 45.41 49.55 -18.32
N ARG F 765 46.32 50.46 -18.62
CA ARG F 765 47.10 51.22 -17.63
C ARG F 765 47.94 50.35 -16.65
N GLY F 766 48.10 49.08 -16.99
CA GLY F 766 48.89 48.16 -16.17
C GLY F 766 48.08 46.94 -15.78
N ARG F 767 46.76 47.01 -15.97
CA ARG F 767 45.88 45.94 -15.58
C ARG F 767 45.14 45.30 -16.73
N VAL F 768 45.34 43.99 -16.86
CA VAL F 768 44.71 43.18 -17.87
C VAL F 768 43.21 43.30 -17.80
N LYS F 769 42.55 43.53 -18.94
CA LYS F 769 41.09 43.56 -18.95
C LYS F 769 40.49 42.97 -20.24
N LYS F 770 39.16 42.89 -20.27
CA LYS F 770 38.48 42.16 -21.32
C LYS F 770 38.28 43.03 -22.56
N VAL F 771 37.96 42.37 -23.68
CA VAL F 771 37.50 43.03 -24.93
C VAL F 771 36.23 42.41 -25.50
N TYR F 772 35.12 43.13 -25.44
CA TYR F 772 33.83 42.64 -25.94
C TYR F 772 33.37 43.35 -27.21
N VAL F 773 32.68 42.62 -28.09
CA VAL F 773 32.10 43.25 -29.26
C VAL F 773 30.60 42.93 -29.46
N MET F 774 29.75 43.93 -29.33
CA MET F 774 28.33 43.65 -29.39
C MET F 774 27.66 44.76 -30.20
N SER F 775 26.56 44.45 -30.88
CA SER F 775 25.85 45.45 -31.67
C SER F 775 25.38 46.65 -30.85
N GLU F 776 25.30 47.82 -31.48
CA GLU F 776 24.85 49.02 -30.75
C GLU F 776 23.41 48.91 -30.26
N ALA F 777 23.03 49.89 -29.45
CA ALA F 777 21.73 49.96 -28.77
C ALA F 777 20.55 49.86 -29.73
N LYS F 778 20.57 50.66 -30.79
CA LYS F 778 19.37 50.84 -31.58
C LYS F 778 19.13 49.71 -32.57
N TYR F 779 20.09 48.77 -32.65
CA TYR F 779 20.04 47.70 -33.65
C TYR F 779 19.76 46.33 -33.04
N ARG F 780 19.25 46.31 -31.81
CA ARG F 780 18.94 45.07 -31.11
C ARG F 780 17.95 45.28 -29.96
N MET F 781 16.89 46.02 -30.24
CA MET F 781 15.84 46.32 -29.26
C MET F 781 14.47 45.70 -29.55
N LEU F 782 13.96 45.95 -30.76
CA LEU F 782 12.64 45.45 -31.13
C LEU F 782 12.78 44.52 -32.30
N PRO F 783 11.93 43.48 -32.35
CA PRO F 783 12.09 42.37 -33.32
C PRO F 783 12.20 42.83 -34.78
N ASP F 784 11.75 44.04 -35.07
CA ASP F 784 11.97 44.65 -36.38
C ASP F 784 13.48 44.69 -36.71
N ASP F 785 14.29 44.98 -35.69
CA ASP F 785 15.74 45.07 -35.87
C ASP F 785 16.36 43.76 -36.36
N ILE F 786 15.61 42.65 -36.20
CA ILE F 786 16.04 41.35 -36.71
C ILE F 786 16.32 41.50 -38.20
N GLY F 787 15.48 42.31 -38.87
CA GLY F 787 15.66 42.59 -40.27
C GLY F 787 16.99 43.25 -40.63
N ASP F 788 17.46 44.26 -39.88
CA ASP F 788 18.67 45.01 -40.31
C ASP F 788 19.99 44.26 -40.36
N TRP F 789 19.95 42.93 -40.23
CA TRP F 789 21.19 42.17 -40.04
C TRP F 789 21.59 41.22 -41.19
N TYR F 790 22.85 41.33 -41.60
CA TYR F 790 23.33 40.68 -42.82
C TYR F 790 24.50 39.72 -42.65
N VAL F 791 24.35 38.57 -43.31
CA VAL F 791 25.38 37.53 -43.40
C VAL F 791 25.96 37.43 -44.83
N ARG F 792 27.29 37.39 -44.95
CA ARG F 792 27.95 37.39 -46.25
C ARG F 792 28.19 35.97 -46.72
N ALA F 793 27.75 35.64 -47.92
CA ALA F 793 27.88 34.27 -48.38
C ALA F 793 29.29 34.00 -48.84
N ALA F 794 29.57 32.75 -49.18
CA ALA F 794 30.90 32.42 -49.66
C ALA F 794 31.14 33.02 -51.05
N ASP F 795 30.06 33.22 -51.81
CA ASP F 795 30.12 33.74 -53.18
C ASP F 795 30.10 35.27 -53.26
N GLY F 796 30.03 35.93 -52.10
CA GLY F 796 30.12 37.38 -52.00
C GLY F 796 28.88 38.22 -51.73
N GLN F 797 27.69 37.62 -51.69
CA GLN F 797 26.44 38.39 -51.55
C GLN F 797 25.81 38.36 -50.13
N MET F 798 25.50 39.55 -49.59
CA MET F 798 24.89 39.67 -48.27
C MET F 798 23.49 39.05 -48.27
N VAL F 799 22.99 38.68 -47.09
CA VAL F 799 21.64 38.15 -46.94
C VAL F 799 21.02 38.69 -45.68
N PRO F 800 19.78 39.18 -45.78
CA PRO F 800 19.16 39.61 -44.52
C PRO F 800 18.79 38.37 -43.75
N PHE F 801 18.47 38.52 -42.48
CA PHE F 801 18.09 37.39 -41.66
C PHE F 801 16.72 36.91 -42.13
N SER F 802 15.83 37.86 -42.41
CA SER F 802 14.45 37.58 -42.84
C SER F 802 14.39 36.75 -44.10
N ALA F 803 15.55 36.56 -44.74
CA ALA F 803 15.64 35.71 -45.91
C ALA F 803 15.67 34.24 -45.50
N PHE F 804 16.03 33.97 -44.24
CA PHE F 804 16.02 32.60 -43.72
C PHE F 804 15.64 32.39 -42.24
N SER F 805 14.95 33.35 -41.63
CA SER F 805 14.62 33.25 -40.18
C SER F 805 13.12 33.32 -39.83
N SER F 806 12.52 32.20 -39.44
CA SER F 806 11.14 32.22 -38.92
C SER F 806 11.05 32.64 -37.45
N SER F 807 9.99 33.33 -37.07
CA SER F 807 9.92 33.90 -35.72
C SER F 807 8.57 33.82 -35.00
N ARG F 808 8.58 33.42 -33.74
CA ARG F 808 7.33 33.41 -32.96
C ARG F 808 7.52 33.76 -31.48
N TRP F 809 6.42 33.90 -30.76
CA TRP F 809 6.44 34.07 -29.30
C TRP F 809 5.98 32.82 -28.57
N GLU F 810 6.56 32.55 -27.40
CA GLU F 810 6.23 31.35 -26.64
C GLU F 810 6.32 31.67 -25.17
N TYR F 811 6.17 30.66 -24.33
CA TYR F 811 6.39 30.87 -22.90
C TYR F 811 7.69 30.19 -22.51
N GLY F 812 8.08 30.40 -21.27
CA GLY F 812 9.19 29.67 -20.70
C GLY F 812 9.30 30.13 -19.26
N SER F 813 9.94 29.34 -18.41
CA SER F 813 10.22 29.84 -17.09
C SER F 813 11.62 30.41 -17.23
N PRO F 814 11.84 31.64 -16.74
CA PRO F 814 13.18 32.22 -16.82
C PRO F 814 14.02 31.89 -15.57
N ARG F 815 13.41 31.26 -14.58
CA ARG F 815 14.10 30.95 -13.32
C ARG F 815 13.53 29.73 -12.64
N LEU F 816 14.32 28.67 -12.59
CA LEU F 816 13.91 27.43 -11.95
C LEU F 816 14.46 27.21 -10.53
N GLU F 817 13.55 27.25 -9.56
CA GLU F 817 13.92 27.07 -8.16
C GLU F 817 13.80 25.59 -7.86
N ARG F 818 14.71 25.07 -7.06
CA ARG F 818 14.59 23.69 -6.60
C ARG F 818 14.95 23.56 -5.12
N TYR F 819 14.12 22.82 -4.40
CA TYR F 819 14.36 22.50 -3.00
C TYR F 819 14.39 20.99 -2.82
N ASN F 820 15.56 20.47 -2.45
CA ASN F 820 15.78 19.07 -2.12
C ASN F 820 15.54 18.16 -3.32
N GLY F 821 15.91 18.62 -4.51
CA GLY F 821 15.96 17.77 -5.68
C GLY F 821 14.83 17.89 -6.69
N LEU F 822 13.66 18.36 -6.24
CA LEU F 822 12.45 18.47 -7.09
C LEU F 822 11.87 19.91 -7.13
N PRO F 823 11.10 20.25 -8.19
CA PRO F 823 10.64 21.64 -8.34
C PRO F 823 9.83 22.18 -7.16
N SER F 824 10.22 23.39 -6.75
CA SER F 824 9.67 24.03 -5.57
C SER F 824 9.63 25.56 -5.68
N MET F 825 8.80 26.19 -4.86
CA MET F 825 8.72 27.64 -4.79
C MET F 825 8.63 28.19 -3.36
N GLU F 826 9.48 29.18 -3.07
CA GLU F 826 9.63 29.76 -1.74
C GLU F 826 8.58 30.86 -1.52
N ILE F 827 7.80 30.75 -0.45
CA ILE F 827 6.82 31.77 -0.11
C ILE F 827 7.33 32.44 1.17
N LEU F 828 7.65 33.72 1.06
CA LEU F 828 8.10 34.53 2.19
C LEU F 828 6.93 35.08 3.01
N GLY F 829 7.22 35.68 4.15
CA GLY F 829 6.19 36.27 5.00
C GLY F 829 6.62 36.73 6.39
N GLN F 830 5.81 37.61 6.98
CA GLN F 830 6.04 38.13 8.33
C GLN F 830 4.82 37.96 9.20
N ALA F 831 4.93 38.33 10.48
CA ALA F 831 3.77 38.26 11.34
C ALA F 831 3.17 39.65 11.53
N ALA F 832 1.84 39.67 11.60
CA ALA F 832 1.03 40.87 11.80
C ALA F 832 1.45 41.74 12.98
N PRO F 833 1.04 43.04 12.97
CA PRO F 833 1.25 43.97 14.08
C PRO F 833 1.03 43.29 15.46
N GLY F 834 0.03 42.42 15.53
CA GLY F 834 -0.21 41.61 16.71
C GLY F 834 0.61 40.39 16.36
N LYS F 835 1.84 40.39 16.86
CA LYS F 835 2.91 39.55 16.34
C LYS F 835 3.31 38.34 17.16
N SER F 836 3.61 37.29 16.41
CA SER F 836 4.29 36.12 16.92
C SER F 836 4.59 35.27 15.70
N THR F 837 5.87 34.94 15.53
CA THR F 837 6.31 34.13 14.41
C THR F 837 5.73 32.69 14.50
N GLY F 838 5.60 32.16 15.72
CA GLY F 838 5.08 30.81 15.91
C GLY F 838 3.61 30.72 15.54
N GLU F 839 2.88 31.79 15.80
CA GLU F 839 1.49 31.89 15.40
C GLU F 839 1.34 31.85 13.87
N ALA F 840 2.10 32.72 13.18
CA ALA F 840 2.06 32.80 11.72
C ALA F 840 2.48 31.49 11.07
N MET F 841 3.49 30.82 11.64
CA MET F 841 3.88 29.50 11.15
C MET F 841 2.74 28.50 11.37
N GLU F 842 2.04 28.62 12.50
CA GLU F 842 0.92 27.72 12.80
C GLU F 842 -0.23 27.83 11.81
N LEU F 843 -0.67 29.07 11.59
CA LEU F 843 -1.73 29.40 10.61
C LEU F 843 -1.30 28.98 9.20
N MET F 844 -0.03 29.23 8.87
CA MET F 844 0.51 28.87 7.58
C MET F 844 0.44 27.36 7.31
N GLU F 845 0.93 26.54 8.25
CA GLU F 845 0.84 25.09 8.03
C GLU F 845 -0.62 24.59 8.11
N GLN F 846 -1.52 25.31 8.79
CA GLN F 846 -2.94 24.89 8.77
C GLN F 846 -3.63 25.28 7.46
N LEU F 847 -3.06 26.25 6.75
CA LEU F 847 -3.52 26.59 5.40
C LEU F 847 -3.02 25.58 4.39
N ALA F 848 -1.74 25.23 4.49
CA ALA F 848 -1.07 24.39 3.49
C ALA F 848 -1.62 22.96 3.38
N SER F 849 -2.48 22.59 4.31
CA SER F 849 -3.14 21.29 4.29
C SER F 849 -4.36 21.26 3.38
N LYS F 850 -4.76 22.41 2.85
CA LYS F 850 -5.92 22.51 1.96
C LYS F 850 -5.50 22.52 0.46
N LEU F 851 -4.38 21.85 0.17
CA LEU F 851 -3.85 21.78 -1.20
C LEU F 851 -3.95 20.36 -1.83
N PRO F 852 -3.83 20.25 -3.17
CA PRO F 852 -3.90 18.94 -3.86
C PRO F 852 -2.90 17.87 -3.36
N THR F 853 -3.25 16.58 -3.51
CA THR F 853 -2.38 15.47 -3.12
C THR F 853 -1.11 15.41 -3.94
N GLY F 854 0.03 15.39 -3.26
CA GLY F 854 1.32 15.38 -3.93
C GLY F 854 1.99 16.75 -4.00
N VAL F 855 1.34 17.77 -3.46
CA VAL F 855 1.96 19.10 -3.28
C VAL F 855 2.08 19.35 -1.77
N GLY F 856 3.30 19.59 -1.31
CA GLY F 856 3.53 19.71 0.13
C GLY F 856 4.20 20.96 0.65
N TYR F 857 4.45 20.95 1.97
CA TYR F 857 5.00 22.11 2.69
C TYR F 857 6.27 21.77 3.44
N ASP F 858 7.06 22.81 3.72
CA ASP F 858 8.27 22.64 4.50
C ASP F 858 8.74 23.96 5.02
N TRP F 859 9.62 23.89 6.01
CA TRP F 859 10.24 25.06 6.55
C TRP F 859 11.74 24.92 6.35
N THR F 860 12.39 26.05 6.09
CA THR F 860 13.83 26.08 5.85
C THR F 860 14.32 27.33 6.57
N GLY F 861 15.62 27.45 6.75
CA GLY F 861 16.25 28.62 7.35
C GLY F 861 15.69 29.07 8.69
N MET F 862 15.33 30.34 8.80
CA MET F 862 14.87 30.89 10.07
C MET F 862 13.77 30.04 10.67
N SER F 863 12.69 29.83 9.95
CA SER F 863 11.59 29.10 10.54
C SER F 863 11.85 27.61 10.72
N TYR F 864 12.92 27.09 10.10
CA TYR F 864 13.30 25.68 10.28
C TYR F 864 14.02 25.59 11.64
N GLN F 865 14.96 26.49 11.86
CA GLN F 865 15.70 26.57 13.11
C GLN F 865 14.71 26.85 14.25
N GLU F 866 13.65 27.56 13.90
CA GLU F 866 12.58 27.89 14.84
C GLU F 866 11.65 26.70 15.12
N ARG F 867 11.57 25.78 14.15
CA ARG F 867 10.78 24.56 14.30
C ARG F 867 11.63 23.54 15.11
N LEU F 868 12.95 23.76 15.11
CA LEU F 868 13.91 22.99 15.90
C LEU F 868 13.86 23.42 17.36
N SER F 869 13.93 24.73 17.59
CA SER F 869 13.81 25.28 18.95
C SER F 869 12.49 24.88 19.61
N GLY F 870 11.42 24.94 18.81
CA GLY F 870 10.12 24.49 19.24
C GLY F 870 10.11 23.01 19.61
N ASN F 871 10.43 22.12 18.66
CA ASN F 871 10.48 20.66 18.94
C ASN F 871 11.40 20.24 20.12
N GLN F 872 12.57 20.88 20.26
CA GLN F 872 13.56 20.51 21.29
C GLN F 872 13.38 21.08 22.70
N ALA F 873 12.80 22.27 22.83
CA ALA F 873 12.59 22.85 24.17
C ALA F 873 12.04 21.84 25.23
N PRO F 874 11.04 20.99 24.89
CA PRO F 874 10.57 20.06 25.95
C PRO F 874 11.57 18.96 26.42
N SER F 875 12.29 18.28 25.53
CA SER F 875 13.22 17.22 25.94
C SER F 875 14.32 17.78 26.85
N LEU F 876 14.60 19.08 26.68
CA LEU F 876 15.60 19.81 27.46
C LEU F 876 15.09 20.05 28.86
N TYR F 877 13.78 20.14 29.01
CA TYR F 877 13.22 20.36 30.32
C TYR F 877 13.07 19.01 31.00
N ALA F 878 13.14 17.95 30.20
CA ALA F 878 13.14 16.58 30.71
C ALA F 878 14.50 16.04 31.18
N ILE F 879 15.54 16.15 30.37
CA ILE F 879 16.89 15.73 30.81
C ILE F 879 17.44 16.59 31.95
N SER F 880 17.37 17.90 31.79
CA SER F 880 17.86 18.85 32.78
C SER F 880 17.21 18.70 34.18
N LEU F 881 15.90 18.48 34.22
CA LEU F 881 15.23 18.23 35.49
C LEU F 881 15.74 16.89 36.05
N ILE F 882 15.96 15.91 35.18
CA ILE F 882 16.52 14.62 35.59
C ILE F 882 17.96 14.78 36.08
N VAL F 883 18.71 15.70 35.46
CA VAL F 883 20.11 15.87 35.81
C VAL F 883 20.28 16.46 37.17
N VAL F 884 19.65 17.59 37.42
CA VAL F 884 19.66 18.18 38.76
C VAL F 884 19.17 17.20 39.84
N PHE F 885 18.09 16.47 39.54
CA PHE F 885 17.51 15.45 40.44
C PHE F 885 18.49 14.31 40.85
N LEU F 886 19.18 13.69 39.90
CA LEU F 886 20.25 12.76 40.33
C LEU F 886 21.39 13.50 41.04
N CYS F 887 21.81 14.65 40.51
CA CYS F 887 22.88 15.49 41.11
C CYS F 887 22.52 15.87 42.55
N LEU F 888 21.25 16.21 42.81
CA LEU F 888 20.81 16.43 44.18
C LEU F 888 20.62 15.12 44.98
N ALA F 889 20.04 14.08 44.37
CA ALA F 889 19.95 12.80 45.07
C ALA F 889 21.30 12.30 45.55
N ALA F 890 22.36 12.61 44.81
CA ALA F 890 23.73 12.21 45.15
C ALA F 890 24.41 12.99 46.28
N LEU F 891 24.49 14.31 46.17
CA LEU F 891 25.16 15.11 47.20
C LEU F 891 24.50 14.88 48.52
N TYR F 892 23.17 14.96 48.50
CA TYR F 892 22.35 14.78 49.69
C TYR F 892 21.89 13.34 49.98
N GLU F 893 22.27 12.37 49.15
CA GLU F 893 22.05 10.96 49.47
C GLU F 893 20.57 10.61 49.74
N SER F 894 19.67 10.92 48.81
CA SER F 894 18.26 10.79 49.16
C SER F 894 17.28 10.56 48.00
N TRP F 895 16.16 9.92 48.35
CA TRP F 895 14.95 9.91 47.52
C TRP F 895 14.03 11.03 47.97
N SER F 896 14.30 11.62 49.12
CA SER F 896 13.37 12.62 49.62
C SER F 896 13.74 14.04 49.27
N ILE F 897 15.02 14.42 49.48
CA ILE F 897 15.48 15.80 49.22
C ILE F 897 15.25 16.18 47.75
N PRO F 898 15.61 15.26 46.79
CA PRO F 898 15.24 15.54 45.41
C PRO F 898 13.76 15.83 45.24
N PHE F 899 12.85 14.98 45.75
CA PHE F 899 11.42 15.17 45.56
C PHE F 899 10.83 16.41 46.20
N SER F 900 11.23 16.68 47.42
CA SER F 900 10.76 17.89 48.07
C SER F 900 11.40 19.14 47.45
N VAL F 901 12.37 18.99 46.55
CA VAL F 901 12.89 20.17 45.83
C VAL F 901 12.23 20.20 44.45
N MET F 902 11.87 19.03 43.96
CA MET F 902 11.23 18.88 42.67
C MET F 902 9.86 19.49 42.65
N LEU F 903 9.14 19.37 43.75
CA LEU F 903 7.81 19.94 43.77
C LEU F 903 7.76 21.46 43.54
N VAL F 904 8.89 22.12 43.76
CA VAL F 904 8.98 23.58 43.61
C VAL F 904 9.12 24.17 42.19
N VAL F 905 9.68 23.41 41.25
CA VAL F 905 10.04 23.96 39.91
C VAL F 905 8.86 24.72 39.31
N PRO F 906 7.63 24.14 39.42
CA PRO F 906 6.50 24.94 38.97
C PRO F 906 6.50 26.37 39.56
N LEU F 907 6.61 26.52 40.87
CA LEU F 907 6.51 27.83 41.55
C LEU F 907 7.36 28.97 40.97
N GLY F 908 8.25 28.64 40.05
CA GLY F 908 9.03 29.65 39.37
C GLY F 908 8.59 29.70 37.92
N VAL F 909 8.29 28.54 37.35
CA VAL F 909 7.78 28.49 35.96
C VAL F 909 6.51 29.33 35.85
N ILE F 910 5.61 29.19 36.83
CA ILE F 910 4.34 29.90 36.82
C ILE F 910 4.54 31.39 36.59
N GLY F 911 5.51 31.97 37.28
CA GLY F 911 5.82 33.36 37.10
C GLY F 911 6.42 33.68 35.76
N ALA F 912 7.18 32.74 35.21
CA ALA F 912 7.82 32.99 33.93
C ALA F 912 6.76 33.07 32.89
N LEU F 913 5.83 32.10 32.95
CA LEU F 913 4.73 32.05 32.03
C LEU F 913 3.85 33.22 32.29
N LEU F 914 3.54 33.42 33.57
CA LEU F 914 2.80 34.59 33.99
C LEU F 914 3.44 35.84 33.38
N ALA F 915 4.71 36.10 33.64
CA ALA F 915 5.41 37.29 33.14
C ALA F 915 5.59 37.35 31.62
N ALA F 916 5.72 36.20 30.98
CA ALA F 916 5.89 36.20 29.52
C ALA F 916 4.65 36.80 28.94
N THR F 917 3.53 36.33 29.46
CA THR F 917 2.23 36.67 28.97
C THR F 917 1.76 38.05 29.43
N PHE F 918 2.13 38.49 30.62
CA PHE F 918 1.67 39.80 31.10
C PHE F 918 2.44 40.93 30.42
N ARG F 919 3.54 40.55 29.78
CA ARG F 919 4.29 41.43 28.89
C ARG F 919 3.87 40.79 27.60
N GLY F 920 4.30 41.24 26.44
CA GLY F 920 3.75 40.61 25.25
C GLY F 920 4.65 39.57 24.65
N LEU F 921 5.50 38.97 25.47
CA LEU F 921 6.59 38.14 24.94
C LEU F 921 6.30 36.70 24.63
N THR F 922 7.33 36.02 24.13
CA THR F 922 7.15 34.69 23.57
C THR F 922 8.21 33.60 23.87
N ASN F 923 7.77 32.33 23.86
CA ASN F 923 8.58 31.17 24.16
C ASN F 923 9.66 30.94 23.11
N ASP F 924 10.55 31.91 23.01
CA ASP F 924 11.67 31.81 22.09
C ASP F 924 12.83 31.25 22.85
N VAL F 925 13.98 31.18 22.19
CA VAL F 925 15.14 30.57 22.79
C VAL F 925 15.50 31.18 24.15
N TYR F 926 15.62 32.50 24.18
CA TYR F 926 16.02 33.18 25.38
C TYR F 926 15.12 32.85 26.57
N PHE F 927 13.80 32.91 26.36
CA PHE F 927 12.84 32.56 27.41
C PHE F 927 13.10 31.15 27.89
N GLN F 928 13.60 30.28 27.01
CA GLN F 928 13.80 28.89 27.41
C GLN F 928 14.99 28.77 28.32
N VAL F 929 16.05 29.47 27.94
CA VAL F 929 17.19 29.57 28.82
C VAL F 929 16.74 30.02 30.18
N GLY F 930 15.97 31.10 30.20
CA GLY F 930 15.42 31.62 31.44
C GLY F 930 14.65 30.62 32.27
N LEU F 931 13.76 29.90 31.62
CA LEU F 931 12.99 28.90 32.29
C LEU F 931 13.92 27.96 33.03
N LEU F 932 14.93 27.45 32.31
CA LEU F 932 15.93 26.60 32.97
C LEU F 932 16.57 27.29 34.18
N THR F 933 17.11 28.48 33.95
CA THR F 933 17.65 29.28 35.03
C THR F 933 16.72 29.22 36.24
N THR F 934 15.44 29.43 35.99
CA THR F 934 14.44 29.41 37.04
C THR F 934 14.38 28.06 37.71
N ILE F 935 14.52 26.99 36.96
CA ILE F 935 14.58 25.75 37.69
C ILE F 935 15.76 25.84 38.66
N GLY F 936 16.84 26.47 38.22
CA GLY F 936 18.03 26.54 39.06
C GLY F 936 17.72 27.23 40.38
N LEU F 937 17.28 28.48 40.28
CA LEU F 937 16.96 29.32 41.44
C LEU F 937 15.99 28.65 42.40
N SER F 938 14.93 28.11 41.81
CA SER F 938 13.94 27.38 42.58
C SER F 938 14.60 26.33 43.43
N ALA F 939 15.42 25.51 42.80
CA ALA F 939 16.09 24.48 43.55
C ALA F 939 16.96 25.14 44.63
N LYS F 940 17.62 26.26 44.31
CA LYS F 940 18.48 26.91 45.28
C LYS F 940 17.78 27.22 46.59
N ASN F 941 16.74 28.05 46.53
CA ASN F 941 15.98 28.38 47.74
C ASN F 941 15.49 27.11 48.41
N ALA F 942 15.01 26.18 47.58
CA ALA F 942 14.55 24.93 48.13
C ALA F 942 15.62 24.27 48.97
N ILE F 943 16.80 24.15 48.40
CA ILE F 943 17.92 23.44 48.98
C ILE F 943 18.39 24.06 50.30
N LEU F 944 18.41 25.39 50.30
CA LEU F 944 18.70 26.13 51.51
C LEU F 944 17.73 25.69 52.62
N ILE F 945 16.41 25.66 52.33
CA ILE F 945 15.44 25.20 53.37
C ILE F 945 15.65 23.74 53.78
N VAL F 946 15.60 22.92 52.74
CA VAL F 946 15.62 21.49 52.82
C VAL F 946 16.84 20.87 53.48
N GLU F 947 18.03 21.34 53.10
CA GLU F 947 19.25 20.78 53.67
C GLU F 947 19.30 20.99 55.20
N PHE F 948 19.14 22.23 55.65
CA PHE F 948 19.22 22.50 57.07
C PHE F 948 18.17 21.64 57.79
N ALA F 949 16.96 21.58 57.26
CA ALA F 949 15.98 20.70 57.90
C ALA F 949 16.42 19.23 58.01
N LYS F 950 16.73 18.58 56.91
CA LYS F 950 17.11 17.16 56.95
C LYS F 950 18.31 16.92 57.86
N ASP F 951 19.35 17.71 57.65
CA ASP F 951 20.58 17.60 58.43
C ASP F 951 20.35 17.74 59.92
N LEU F 952 19.42 18.62 60.30
CA LEU F 952 19.08 18.76 61.71
C LEU F 952 18.44 17.46 62.10
N MET F 953 17.48 17.03 61.30
CA MET F 953 16.75 15.81 61.63
C MET F 953 17.64 14.59 61.94
N ASP F 954 18.74 14.43 61.22
CA ASP F 954 19.58 13.26 61.44
C ASP F 954 20.67 13.52 62.47
N LYS F 955 21.55 14.44 62.09
CA LYS F 955 22.80 14.71 62.78
C LYS F 955 22.62 15.62 63.96
N GLU F 956 21.38 15.66 64.46
CA GLU F 956 21.02 16.28 65.73
C GLU F 956 19.88 15.49 66.34
N GLY F 957 19.18 14.76 65.48
CA GLY F 957 18.16 13.81 65.90
C GLY F 957 16.78 14.44 65.96
N LYS F 958 16.70 15.72 65.64
CA LYS F 958 15.47 16.51 65.76
C LYS F 958 14.29 15.93 65.00
N GLY F 959 13.10 16.44 65.30
CA GLY F 959 11.92 16.02 64.58
C GLY F 959 11.57 16.96 63.45
N LEU F 960 10.74 16.48 62.52
CA LEU F 960 10.41 17.25 61.33
C LEU F 960 9.93 18.67 61.61
N ILE F 961 8.71 18.78 62.10
CA ILE F 961 8.00 20.06 62.20
C ILE F 961 8.84 21.14 62.85
N GLU F 962 9.42 20.77 63.99
CA GLU F 962 10.25 21.65 64.80
C GLU F 962 11.42 22.18 63.97
N ALA F 963 12.02 21.29 63.20
CA ALA F 963 13.21 21.61 62.44
C ALA F 963 12.93 22.38 61.16
N THR F 964 11.86 22.03 60.46
CA THR F 964 11.57 22.74 59.25
C THR F 964 11.32 24.14 59.72
N LEU F 965 10.69 24.28 60.87
CA LEU F 965 10.47 25.64 61.38
C LEU F 965 11.79 26.33 61.72
N ASP F 966 12.74 25.65 62.34
CA ASP F 966 14.00 26.37 62.63
C ASP F 966 14.79 26.74 61.34
N ALA F 967 14.92 25.77 60.44
CA ALA F 967 15.64 25.95 59.21
C ALA F 967 15.03 27.13 58.51
N VAL F 968 13.76 26.98 58.21
CA VAL F 968 13.00 28.01 57.55
C VAL F 968 13.17 29.35 58.28
N ARG F 969 13.25 29.32 59.62
CA ARG F 969 13.42 30.56 60.38
C ARG F 969 14.72 31.27 60.15
N MET F 970 15.81 30.59 60.47
CA MET F 970 17.09 31.28 60.52
C MET F 970 17.67 31.49 59.14
N ARG F 971 17.28 30.63 58.23
CA ARG F 971 17.92 30.67 56.94
C ARG F 971 16.97 31.18 55.84
N LEU F 972 15.91 31.87 56.26
CA LEU F 972 14.99 32.55 55.34
C LEU F 972 15.64 33.74 54.69
N ARG F 973 16.21 34.58 55.53
CA ARG F 973 16.89 35.80 55.12
C ARG F 973 17.91 35.64 53.94
N PRO F 974 18.69 34.56 53.90
CA PRO F 974 19.53 34.46 52.70
C PRO F 974 18.75 34.26 51.40
N ILE F 975 17.67 33.51 51.49
CA ILE F 975 16.74 33.34 50.38
C ILE F 975 16.31 34.70 49.88
N LEU F 976 15.91 35.52 50.83
CA LEU F 976 15.44 36.86 50.47
C LEU F 976 16.50 37.78 49.88
N MET F 977 17.68 37.72 50.46
CA MET F 977 18.81 38.54 50.08
C MET F 977 19.23 38.24 48.67
N THR F 978 19.43 36.95 48.45
CA THR F 978 19.82 36.41 47.16
C THR F 978 18.88 36.79 46.03
N SER F 979 17.64 36.35 46.21
CA SER F 979 16.65 36.49 45.19
C SER F 979 16.47 37.97 44.93
N LEU F 980 16.63 38.81 45.95
CA LEU F 980 16.55 40.23 45.68
C LEU F 980 17.67 40.67 44.78
N ALA F 981 18.89 40.26 45.09
CA ALA F 981 20.01 40.61 44.19
C ALA F 981 19.72 40.17 42.77
N PHE F 982 18.90 39.14 42.61
CA PHE F 982 18.71 38.65 41.27
C PHE F 982 17.67 39.49 40.60
N ILE F 983 16.47 39.52 41.16
CA ILE F 983 15.39 40.30 40.57
C ILE F 983 15.90 41.71 40.24
N LEU F 984 16.61 42.33 41.18
CA LEU F 984 17.22 43.59 40.88
C LEU F 984 18.43 43.53 39.92
N GLY F 985 19.08 42.39 39.78
CA GLY F 985 20.18 42.37 38.83
C GLY F 985 19.67 42.34 37.40
N VAL F 986 18.70 41.45 37.19
CA VAL F 986 18.05 41.19 35.91
C VAL F 986 17.08 42.29 35.50
N MET F 987 16.59 43.05 36.45
CA MET F 987 15.59 44.06 36.14
C MET F 987 16.01 44.98 34.98
N PRO F 988 17.19 45.64 35.04
CA PRO F 988 17.58 46.51 33.92
C PRO F 988 17.41 45.91 32.50
N LEU F 989 17.64 44.61 32.34
CA LEU F 989 17.38 43.96 31.07
C LEU F 989 15.98 44.18 30.57
N VAL F 990 15.02 43.86 31.43
CA VAL F 990 13.63 43.85 31.01
C VAL F 990 13.15 45.27 30.72
N ILE F 991 13.60 46.22 31.55
CA ILE F 991 13.30 47.62 31.30
C ILE F 991 14.42 48.29 30.50
N SER F 992 14.57 47.86 29.27
CA SER F 992 15.63 48.40 28.45
C SER F 992 15.07 48.90 27.15
N THR F 993 15.22 50.19 26.89
CA THR F 993 14.95 50.71 25.57
C THR F 993 16.27 51.16 25.00
N GLY F 994 16.58 50.69 23.81
CA GLY F 994 17.90 50.88 23.28
C GLY F 994 18.24 49.60 22.57
N ALA F 995 19.30 49.66 21.77
CA ALA F 995 19.61 48.62 20.81
C ALA F 995 19.69 47.22 21.40
N GLY F 996 18.89 46.34 20.83
CA GLY F 996 18.90 44.93 21.16
C GLY F 996 18.11 44.58 22.40
N SER F 997 17.27 45.51 22.83
CA SER F 997 16.45 45.29 24.01
C SER F 997 15.45 44.18 23.72
N GLY F 998 15.35 43.78 22.47
CA GLY F 998 14.48 42.68 22.10
C GLY F 998 15.01 41.47 22.80
N ALA F 999 16.32 41.27 22.62
CA ALA F 999 17.04 40.21 23.32
C ALA F 999 16.90 40.34 24.85
N GLN F 1000 17.43 41.44 25.39
CA GLN F 1000 17.44 41.65 26.84
C GLN F 1000 16.08 41.37 27.46
N ASN F 1001 15.03 41.89 26.84
CA ASN F 1001 13.69 41.66 27.32
C ASN F 1001 13.28 40.18 27.29
N ALA F 1002 13.61 39.49 26.20
CA ALA F 1002 13.25 38.07 26.12
C ALA F 1002 13.85 37.36 27.33
N VAL F 1003 15.07 37.76 27.71
CA VAL F 1003 15.79 37.11 28.78
C VAL F 1003 15.17 37.39 30.16
N GLY F 1004 15.26 38.68 30.48
CA GLY F 1004 14.78 39.30 31.71
C GLY F 1004 13.37 38.93 32.11
N THR F 1005 12.44 38.92 31.16
CA THR F 1005 11.07 38.52 31.48
C THR F 1005 11.01 37.17 32.18
N GLY F 1006 11.39 36.13 31.44
CA GLY F 1006 11.32 34.79 31.96
C GLY F 1006 12.00 34.74 33.31
N VAL F 1007 13.20 35.31 33.39
CA VAL F 1007 13.88 35.27 34.66
C VAL F 1007 13.17 36.00 35.78
N MET F 1008 12.84 37.28 35.62
CA MET F 1008 12.28 38.06 36.73
C MET F 1008 10.95 37.50 37.23
N GLY F 1009 10.03 37.24 36.31
CA GLY F 1009 8.75 36.70 36.73
C GLY F 1009 9.00 35.40 37.47
N GLY F 1010 9.84 34.58 36.85
CA GLY F 1010 10.24 33.32 37.42
C GLY F 1010 10.81 33.41 38.82
N MET F 1011 11.74 34.32 39.00
CA MET F 1011 12.43 34.45 40.26
C MET F 1011 11.41 34.83 41.29
N VAL F 1012 10.64 35.87 40.97
CA VAL F 1012 9.64 36.40 41.88
C VAL F 1012 8.70 35.34 42.43
N THR F 1013 7.99 34.65 41.55
CA THR F 1013 7.07 33.71 42.11
C THR F 1013 7.82 32.57 42.77
N ALA F 1014 9.06 32.32 42.35
CA ALA F 1014 9.85 31.27 43.00
C ALA F 1014 10.13 31.57 44.47
N THR F 1015 10.80 32.68 44.75
CA THR F 1015 11.09 32.99 46.15
C THR F 1015 9.75 33.10 46.89
N VAL F 1016 8.90 34.02 46.44
CA VAL F 1016 7.71 34.34 47.21
C VAL F 1016 6.73 33.19 47.35
N LEU F 1017 6.84 32.14 46.55
CA LEU F 1017 5.94 31.03 46.81
C LEU F 1017 6.63 29.84 47.48
N ALA F 1018 7.87 29.61 47.10
CA ALA F 1018 8.61 28.49 47.64
C ALA F 1018 8.78 28.68 49.14
N ILE F 1019 9.05 29.91 49.60
CA ILE F 1019 9.31 30.08 51.03
C ILE F 1019 8.12 29.80 51.93
N PHE F 1020 6.99 29.40 51.33
CA PHE F 1020 5.82 28.89 52.03
C PHE F 1020 5.51 27.49 51.65
N PHE F 1021 5.98 27.08 50.49
CA PHE F 1021 5.55 25.79 50.00
C PHE F 1021 6.55 24.67 50.21
N VAL F 1022 7.84 24.97 50.07
CA VAL F 1022 8.90 23.96 50.23
C VAL F 1022 8.78 23.20 51.57
N PRO F 1023 8.55 23.94 52.69
CA PRO F 1023 8.39 23.26 53.98
C PRO F 1023 7.10 22.47 54.08
N VAL F 1024 6.23 22.58 53.09
CA VAL F 1024 5.02 21.75 53.11
C VAL F 1024 5.41 20.48 52.41
N PHE F 1025 5.97 20.70 51.24
CA PHE F 1025 6.48 19.66 50.41
C PHE F 1025 7.30 18.70 51.21
N PHE F 1026 8.40 19.22 51.73
CA PHE F 1026 9.38 18.47 52.51
C PHE F 1026 8.77 17.69 53.67
N VAL F 1027 7.89 18.38 54.40
CA VAL F 1027 7.13 17.81 55.51
C VAL F 1027 6.28 16.63 55.04
N VAL F 1028 5.47 16.84 54.03
CA VAL F 1028 4.66 15.77 53.45
C VAL F 1028 5.53 14.70 52.82
N VAL F 1029 6.51 15.15 52.04
CA VAL F 1029 7.43 14.24 51.35
C VAL F 1029 8.03 13.29 52.38
N ARG F 1030 8.35 13.83 53.57
CA ARG F 1030 8.96 13.06 54.65
C ARG F 1030 8.00 12.10 55.35
N ARG F 1031 6.68 12.24 55.18
CA ARG F 1031 5.78 11.31 55.85
C ARG F 1031 5.42 10.15 54.94
N ARG F 1032 6.10 10.09 53.81
CA ARG F 1032 6.23 8.90 53.00
C ARG F 1032 7.74 8.72 52.92
N PHE F 1033 8.32 8.43 54.07
CA PHE F 1033 9.78 8.36 54.23
C PHE F 1033 10.03 7.75 55.63
N SER F 1034 11.24 7.24 55.87
CA SER F 1034 11.61 6.62 57.15
C SER F 1034 10.66 5.43 57.40
N ARG F 1035 10.36 5.15 58.67
CA ARG F 1035 9.16 4.37 58.94
C ARG F 1035 8.46 4.74 60.25
N LYS F 1036 7.45 3.95 60.60
CA LYS F 1036 6.71 4.13 61.84
C LYS F 1036 6.91 2.84 62.64
N ASN F 1037 7.35 2.96 63.89
CA ASN F 1037 8.20 1.96 64.57
C ASN F 1037 9.62 1.80 63.97
N GLU F 1038 10.01 2.76 63.12
CA GLU F 1038 11.42 3.01 62.80
C GLU F 1038 11.65 4.53 62.81
N ASP F 1039 10.75 5.22 63.52
CA ASP F 1039 10.69 6.69 63.72
C ASP F 1039 11.98 7.50 63.52
N ILE F 1040 11.86 8.79 63.16
CA ILE F 1040 10.79 9.74 63.56
C ILE F 1040 9.54 9.69 62.64
N GLU F 1041 8.33 10.11 63.06
CA GLU F 1041 7.96 11.14 64.06
C GLU F 1041 8.33 12.52 63.44
N HIS F 1042 8.35 13.70 64.09
CA HIS F 1042 7.77 14.29 65.32
C HIS F 1042 8.97 14.86 66.07
N SER F 1043 9.74 14.03 66.78
CA SER F 1043 10.86 14.53 67.59
C SER F 1043 11.87 13.50 68.05
N HIS F 1044 11.82 13.21 69.34
CA HIS F 1044 12.65 12.20 69.99
C HIS F 1044 14.15 12.41 69.84
N THR F 1045 14.54 13.64 69.48
CA THR F 1045 15.93 14.05 69.26
C THR F 1045 16.95 12.91 69.21
N VAL F 1046 16.74 11.98 68.26
CA VAL F 1046 17.39 10.66 68.19
C VAL F 1046 18.71 10.51 68.96
N ASP F 1047 19.80 11.00 68.37
CA ASP F 1047 21.11 11.08 69.02
C ASP F 1047 21.53 9.73 69.57
C1B LMT G . -9.77 -50.02 -63.10
C2B LMT G . -9.52 -49.47 -64.50
C3B LMT G . -10.65 -49.68 -65.44
C4B LMT G . -11.27 -51.04 -65.38
C5B LMT G . -11.71 -51.37 -63.97
C6B LMT G . -12.30 -52.72 -63.97
O1B LMT G . -10.40 -49.09 -62.34
O2B LMT G . -9.20 -48.05 -64.42
O3B LMT G . -10.16 -49.47 -66.82
O4' LMT G . -12.42 -51.11 -66.26
O5B LMT G . -10.58 -51.28 -63.03
O6B LMT G . -12.94 -52.94 -62.70
C1' LMT G . -9.67 -47.55 -58.68
C2' LMT G . -8.59 -47.63 -59.66
C3' LMT G . -9.26 -47.64 -60.93
C4' LMT G . -9.76 -49.03 -61.11
C5' LMT G . -10.78 -49.44 -60.00
C6' LMT G . -10.90 -50.84 -59.92
O1' LMT G . -9.17 -47.13 -57.39
O2' LMT G . -7.66 -46.49 -59.57
O3' LMT G . -8.41 -47.17 -62.03
O5' LMT G . -10.35 -48.88 -58.62
O6' LMT G . -12.27 -51.18 -59.82
C1 LMT G . -10.17 -46.61 -56.48
C2 LMT G . -9.38 -45.85 -55.35
C3 LMT G . -9.65 -46.27 -53.86
C4 LMT G . -8.64 -45.64 -52.92
C5 LMT G . -7.53 -44.73 -53.71
C6 LMT G . -6.21 -44.62 -52.95
C7 LMT G . -5.50 -43.24 -53.19
C8 LMT G . -5.34 -42.39 -51.85
C9 LMT G . -6.24 -41.16 -51.81
C10 LMT G . -5.81 -40.18 -50.67
C11 LMT G . -6.72 -38.92 -50.51
C12 LMT G . -6.24 -37.97 -49.41
NI NI H . -7.52 -39.09 -67.88
C1B LMT I . -23.65 35.46 -48.75
C2B LMT I . -24.35 35.78 -50.08
C3B LMT I . -23.46 35.68 -51.25
C4B LMT I . -22.60 34.43 -51.27
C5B LMT I . -21.94 34.10 -49.93
C6B LMT I . -20.49 33.83 -50.18
O1B LMT I . -24.29 34.43 -48.10
O2B LMT I . -25.51 34.92 -50.31
O3B LMT I . -24.24 35.76 -52.52
O4' LMT I . -23.39 33.33 -51.71
O5B LMT I . -22.19 35.12 -48.90
O6B LMT I . -19.68 34.55 -49.25
C1' LMT I . -27.00 33.80 -45.04
C2' LMT I . -27.30 34.84 -46.04
C3' LMT I . -26.44 34.83 -47.21
C4' LMT I . -24.98 34.80 -46.92
C5' LMT I . -24.59 33.77 -45.83
C6' LMT I . -23.29 34.04 -45.38
O1' LMT I . -27.78 33.97 -43.81
O2' LMT I . -28.68 34.66 -46.55
O3' LMT I . -26.74 36.04 -48.01
O5' LMT I . -25.56 33.86 -44.65
O6' LMT I . -22.57 32.81 -45.35
C1 LMT I . -29.17 33.54 -43.76
C2 LMT I . -29.57 33.01 -42.33
C3 LMT I . -30.72 33.79 -41.61
C4 LMT I . -30.72 33.51 -40.10
C5 LMT I . -31.57 34.55 -39.18
C6 LMT I . -32.87 35.03 -39.79
C7 LMT I . -34.16 34.43 -39.13
C8 LMT I . -34.39 32.87 -39.46
C9 LMT I . -35.51 32.26 -38.61
C10 LMT I . -35.89 30.80 -38.99
C11 LMT I . -37.45 30.54 -39.01
C12 LMT I . -37.91 29.14 -38.57
C1B LMT J . -92.46 -18.35 -55.77
C2B LMT J . -92.64 -18.48 -57.28
C3B LMT J . -92.95 -17.22 -58.02
C4B LMT J . -93.18 -15.96 -57.25
C5B LMT J . -93.53 -16.12 -55.79
C6B LMT J . -94.89 -16.75 -55.59
O1B LMT J . -91.35 -19.02 -55.30
O2B LMT J . -91.52 -19.15 -57.92
O3B LMT J . -91.83 -16.93 -58.97
O4' LMT J . -91.95 -15.23 -57.31
O5B LMT J . -92.43 -16.93 -55.27
O6B LMT J . -95.76 -16.07 -54.67
C1' LMT J . -89.92 -21.05 -52.03
C2' LMT J . -90.57 -21.82 -53.10
C3' LMT J . -90.71 -21.04 -54.31
C4' LMT J . -91.57 -19.83 -54.15
C5' LMT J . -91.19 -18.99 -52.87
C6' LMT J . -92.27 -18.25 -52.38
O1' LMT J . -89.76 -21.86 -50.83
O2' LMT J . -89.74 -22.98 -53.44
O3' LMT J . -91.27 -21.98 -55.27
O5' LMT J . -90.76 -19.85 -51.69
O6' LMT J . -91.71 -17.02 -51.99
C1 LMT J . -88.42 -22.33 -50.55
C2 LMT J . -88.16 -22.18 -49.01
C3 LMT J . -87.87 -23.50 -48.24
C4 LMT J . -87.34 -23.23 -46.84
C5 LMT J . -87.85 -24.23 -45.67
C6 LMT J . -87.14 -25.57 -45.63
C7 LMT J . -87.71 -26.56 -46.70
C8 LMT J . -87.14 -28.03 -46.52
C9 LMT J . -86.04 -28.41 -47.52
C10 LMT J . -84.86 -29.17 -46.84
C11 LMT J . -83.45 -28.58 -47.29
C12 LMT J . -82.22 -29.39 -46.84
NI NI K . -85.83 -24.90 -62.95
C1B LMT L . 83.66 42.74 59.32
C2B LMT L . 83.60 42.25 60.74
C3B LMT L . 82.35 42.60 61.38
C4B LMT L . 82.04 44.09 61.37
C5B LMT L . 82.34 44.77 60.05
C6B LMT L . 82.65 46.19 60.32
O1B LMT L . 82.71 42.13 58.54
O2B LMT L . 83.64 40.80 60.79
O3B LMT L . 82.59 42.13 62.76
O4' LMT L . 80.64 44.29 61.71
O5B LMT L . 83.50 44.23 59.32
O6B LMT L . 81.45 46.90 60.09
C1' LMT L . 82.81 40.32 54.92
C2' LMT L . 83.92 40.02 55.83
C3' LMT L . 83.61 40.44 57.19
C4' LMT L . 83.25 41.88 57.29
C5' LMT L . 82.21 42.37 56.25
C6' LMT L . 82.28 43.77 56.17
O1' LMT L . 83.10 39.84 53.59
O2' LMT L . 84.11 38.56 55.85
O3' LMT L . 84.79 40.18 58.02
O5' LMT L . 82.52 41.79 54.87
O6' LMT L . 80.98 44.24 56.45
C1 LMT L . 82.03 39.07 52.94
C2 LMT L . 81.87 39.48 51.42
C3 LMT L . 82.76 38.72 50.41
C4 LMT L . 82.09 38.47 49.06
C5 LMT L . 83.14 38.39 47.82
C6 LMT L . 83.34 36.99 47.27
C7 LMT L . 84.59 36.26 47.87
C8 LMT L . 84.32 34.74 48.29
C9 LMT L . 84.52 33.68 47.20
C10 LMT L . 85.47 32.54 47.63
C11 LMT L . 84.95 31.11 47.23
C12 LMT L . 85.96 29.99 47.44
C1B LMT M . 50.70 -38.44 47.47
C2B LMT M . 50.53 -38.17 48.94
C3B LMT M . 51.49 -37.14 49.28
C4B LMT M . 52.92 -37.57 49.07
C5B LMT M . 53.18 -38.59 47.96
C6B LMT M . 53.83 -39.76 48.59
O1B LMT M . 50.60 -37.22 46.87
O2B LMT M . 49.19 -37.63 49.18
O3B LMT M . 51.26 -36.78 50.70
O4' LMT M . 53.70 -36.39 48.80
O5B LMT M . 52.03 -39.05 47.16
O6B LMT M . 55.23 -39.72 48.33
C1' LMT M . 48.25 -35.48 43.93
C2' LMT M . 47.61 -36.07 45.14
C3' LMT M . 48.52 -36.37 46.24
C4' LMT M . 49.67 -37.23 45.83
C5' LMT M . 50.44 -36.69 44.60
C6' LMT M . 51.32 -37.65 44.06
O1' LMT M . 47.30 -35.43 42.82
O2' LMT M . 46.60 -35.14 45.68
O3' LMT M . 47.75 -37.03 47.32
O5' LMT M . 49.49 -36.18 43.49
O6' LMT M . 52.48 -37.02 43.56
C1 LMT M . 46.85 -34.12 42.36
C2 LMT M . 45.56 -34.28 41.48
C3 LMT M . 44.31 -33.56 42.06
C4 LMT M . 43.15 -34.48 42.43
C5 LMT M . 42.08 -33.79 43.44
C6 LMT M . 40.80 -34.56 43.73
C7 LMT M . 39.65 -33.63 44.28
C8 LMT M . 39.67 -32.17 43.66
C9 LMT M . 38.34 -31.44 43.75
C10 LMT M . 38.39 -29.98 43.23
C11 LMT M . 36.96 -29.41 42.87
C12 LMT M . 36.17 -28.91 44.08
NI NI N . 41.74 -34.30 55.29
C1B LMT O . -4.13 29.43 60.07
C2B LMT O . -4.14 29.71 61.56
C3B LMT O . -3.54 28.58 62.26
C4B LMT O . -4.47 27.40 62.19
C5B LMT O . -4.84 27.02 60.76
C6B LMT O . -6.22 26.45 60.76
O1B LMT O . -2.87 29.55 59.54
O2B LMT O . -3.36 30.92 61.80
O3B LMT O . -3.27 28.92 63.68
O4' LMT O . -3.84 26.28 62.87
O5B LMT O . -4.74 28.08 59.74
O6B LMT O . -7.12 27.28 60.01
C1' LMT O . -1.01 31.61 56.42
C2' LMT O . -1.47 32.36 57.62
C3' LMT O . -1.73 31.47 58.76
C4' LMT O . -2.84 30.52 58.52
C5' LMT O . -2.73 29.74 57.17
C6' LMT O . -4.02 29.42 56.70
O1' LMT O . -0.75 32.49 55.27
O2' LMT O . -0.45 33.34 58.07
O3' LMT O . -2.00 32.33 59.91
O5' LMT O . -1.99 30.52 56.05
O6' LMT O . -4.02 28.03 56.41
C1 LMT O . 0.43 32.23 54.44
C2 LMT O . 0.14 32.67 52.95
C3 LMT O . 1.18 33.60 52.27
C4 LMT O . 0.87 35.10 52.32
C5 LMT O . 2.16 36.08 52.53
C6 LMT O . 2.21 36.86 53.84
C7 LMT O . 3.28 36.38 54.89
C8 LMT O . 3.29 37.10 56.34
C9 LMT O . 4.69 37.57 56.77
C10 LMT O . 5.65 37.70 55.55
C11 LMT O . 7.18 37.56 55.83
C12 LMT O . 7.97 38.71 55.22
#